data_8C0W
#
_entry.id   8C0W
#
_cell.length_a   1.00
_cell.length_b   1.00
_cell.length_c   1.00
_cell.angle_alpha   90.00
_cell.angle_beta   90.00
_cell.angle_gamma   90.00
#
_symmetry.space_group_name_H-M   'P 1'
#
loop_
_entity.id
_entity.type
_entity.pdbx_description
1 polymer 'Peroxisomal ATPase PEX6'
2 polymer 'Peroxisomal ATPase PEX1'
3 polymer 'unknown peptide'
4 non-polymer "ADENOSINE-5'-TRIPHOSPHATE"
5 non-polymer 'MAGNESIUM ION'
6 non-polymer "ADENOSINE-5'-DIPHOSPHATE"
#
loop_
_entity_poly.entity_id
_entity_poly.type
_entity_poly.pdbx_seq_one_letter_code
_entity_poly.pdbx_strand_id
1 'polypeptide(L)'
;MKASLTFSLSGIYAPCSISRDIYLEYGDKKAECLYGTIRLPQYGPGCTPGKIVHCVLDDSLPFCSIVVPSKLFGFMPTQP
TMDFCYFEPILDNVVPVLDSVTFLINEQLYSKLMDLPQEMQQIQFLHYKYNINSMETVVHSRDILTSGLCQILNCSPFPQ
GLVDFTETQLILVNDTEQKLSALKYANEDEEYALPKIGTNSALSIDLESLPCTISRDLLRPAPHINDDNSIYAFTDAETL
LRLDVTSGSFITVSNMGCVRLVKLFVLLLPNGFKKRTIYAPPKIIASFPDCSVVTISKSNIGHTDIPIANQVFISRVGGW
LQSQKCFQNIILTTLKKFFSESKRILCQNDLIPIAFDSSMADLNIAEENDESDDEDELGQYYKNDSLVWFFVTSAELDCF
SKDNSHFIIDPNRTKLITTNITNRRPLPLSRSNLQRYYGFAETFYYDLHIFPYVRQLVNILETSFNCSQRGITLNASVLL
HSTTNNVGKATMVRFASKYLGIHLLEIDCLSLTSNSRQLDSTSKIIGYIRAKCENVLPYASPAVIFLAHLDSILLDVNAN
QDPEAIKLQKSINFEMSKLLDDFTFKFPGTTFVGSVNNIDNVPSSFRSHMRFEILVPVPSEAQRLRIFQWYLSSHELNRD
VQQKVPVSYMDNISFSSLSSYSAGLTPLDIKSIVETARMTATARFYQESKKCGWLPQSILITQEDLSKATSKARNEFSVS
IGAPQIPNVTWDDIGGIDFVKGEILDTIDMPLKHPELFTSGMKKRSGILFYGPPGTGKTLMAKAIATNFSLNFFSVKGPE
LLNMYIGESEANVRRVFQKAREAKPCVIFFDQIDSVAPKRGNQGDSGGVMDRIVSQLLAELDGMSTDADGVFVIGATNRP
DLLDEALLRPGRFDKLLYLGIPDTDTKQLNILEALTRKFVLDNDVKLIELAKLCPFNYTGADFYALCSDAMLNAMSRIAR
MVEKKVSQHNELTGENISTRRWFDKIATKEDTKVVVKMEDFLKAQEQLTPSVSRAELNHYEAVRANFEGA
;
A,C,E
2 'polypeptide(L)'
;TILKNGAIQLLKKVILRSTVCKMDFPKDNLFVVYISDGAQLPSQKGYASIVKCSLRQSKKSDSDNKSVGIPSKKIGVFIK
CDSQIPENHIALSSHLWDAFFTHPMNGAKIKLEFLQMNQANIISGRNATVNIKYFGKDVPTKSGDQYSKLLGGSLLTNNL
ILPTEQIIIEIKKGESEQQLCNLNEISNESVQWKVTQMGKEEVKDIIERHLPKHYHVKETGEVSRTSKDEDDFITVNSIK
KEMVNYLTSPIIATPAIILDGKQGIGKTRLLKELINEVEKDHHIFVKYADCETLHETSNLDKTQKLIMEWCSFCYWYGPS
LIVLDNVEALFGKPQANDGDPSNNGQWDNASKLLNFFINQVTKIFNKDNKRIRVLFSGKQKTQINPLLFDKHFVSETWSL
RAPDKHARAKLLEYFFSKNQIMKLNRDLQFSDLSLETEGFSPLDLEIFTEKIFYDLQLERDCDNVVTRELFSKSLSAFTP
SALRGVKLTKETNIKWGDIGALANAKDVLLETLEWPTKYEPIFVNCPLRLRSGILLYGYPGCGKTLLASAVAQQCGLNFI
SVKGPEILNKFIGASEQNIRELFERAQSVKPCILFFDEFDSIAPKRGHDSTGVTDRVVNQLLTQMDGAEGLDGVYILAAT
SRPDLIDSALLRPGRLDKSVICNIPTESERLDILQAIVNSKDKDTGQKKFALEKNADLKLIAEKTAGFSGADLQGLCYNA
YLKSVHRWLSAADQSEVVPGNDNIEYFSINEHGRREENRLRLKTLLQQDVVHETKTSTSAASELTAVVTINDLLEACQET
KPSISTSELVKLRGIYDRFQKDR
;
B,D,F
3 'polypeptide(L)' (UNK)(UNK)(UNK)(UNK)(UNK)(UNK)(UNK)(UNK)(UNK) R
#
# COMPACT_ATOMS: atom_id res chain seq x y z
N MET A 1 18.57 -73.13 -13.41
CA MET A 1 18.04 -74.45 -13.08
C MET A 1 18.30 -74.78 -11.62
N LYS A 2 17.26 -75.25 -10.92
CA LYS A 2 17.38 -75.69 -9.54
C LYS A 2 17.97 -77.09 -9.48
N ALA A 3 19.25 -77.18 -9.85
CA ALA A 3 19.96 -78.45 -9.83
C ALA A 3 20.26 -78.87 -8.40
N SER A 4 20.20 -80.18 -8.14
CA SER A 4 20.61 -80.70 -6.85
C SER A 4 22.13 -80.73 -6.73
N LEU A 5 22.61 -80.54 -5.50
CA LEU A 5 23.99 -80.15 -5.24
C LEU A 5 24.63 -81.08 -4.23
N THR A 6 25.88 -81.45 -4.50
CA THR A 6 26.69 -82.27 -3.60
C THR A 6 28.14 -81.83 -3.72
N PHE A 7 28.90 -82.06 -2.66
CA PHE A 7 30.24 -81.51 -2.49
C PHE A 7 31.25 -82.64 -2.36
N SER A 8 32.50 -82.33 -2.70
CA SER A 8 33.57 -83.32 -2.64
C SER A 8 34.82 -82.69 -2.04
N LEU A 9 35.64 -83.55 -1.42
CA LEU A 9 36.95 -83.15 -0.90
C LEU A 9 37.93 -82.80 -2.01
N SER A 10 37.57 -83.06 -3.26
CA SER A 10 38.45 -82.81 -4.39
C SER A 10 38.82 -81.34 -4.48
N GLY A 11 40.00 -81.08 -5.05
CA GLY A 11 40.66 -79.81 -4.92
C GLY A 11 40.17 -78.74 -5.87
N ILE A 12 40.84 -77.58 -5.78
CA ILE A 12 40.45 -76.34 -6.44
C ILE A 12 40.52 -76.41 -7.95
N TYR A 13 41.15 -77.45 -8.52
CA TYR A 13 41.11 -77.65 -9.96
C TYR A 13 40.71 -79.10 -10.29
N ALA A 14 39.99 -79.75 -9.39
CA ALA A 14 39.24 -80.93 -9.79
C ALA A 14 37.97 -80.53 -10.55
N PRO A 15 37.56 -81.35 -11.52
CA PRO A 15 36.37 -81.01 -12.31
C PRO A 15 35.08 -81.15 -11.50
N CYS A 16 34.08 -80.39 -11.94
CA CYS A 16 32.69 -80.71 -11.63
C CYS A 16 32.22 -81.91 -12.46
N SER A 17 31.44 -82.79 -11.82
CA SER A 17 30.83 -83.93 -12.49
C SER A 17 29.33 -83.72 -12.55
N ILE A 18 28.78 -83.60 -13.76
CA ILE A 18 27.42 -83.13 -13.96
C ILE A 18 26.46 -84.31 -14.06
N SER A 19 25.19 -84.03 -13.78
CA SER A 19 24.16 -85.06 -13.74
C SER A 19 24.02 -85.79 -15.07
N ARG A 20 23.82 -87.11 -14.97
CA ARG A 20 23.81 -87.97 -16.15
C ARG A 20 22.65 -87.65 -17.10
N ASP A 21 21.55 -87.11 -16.57
CA ASP A 21 20.44 -86.69 -17.43
C ASP A 21 20.65 -85.30 -18.03
N ILE A 22 20.98 -84.30 -17.21
CA ILE A 22 21.11 -82.94 -17.70
C ILE A 22 22.21 -82.82 -18.74
N TYR A 23 23.13 -83.79 -18.79
CA TYR A 23 24.07 -83.87 -19.89
C TYR A 23 23.38 -83.87 -21.23
N LEU A 24 22.19 -84.45 -21.33
CA LEU A 24 21.43 -84.39 -22.58
C LEU A 24 21.02 -82.97 -22.94
N GLU A 25 20.99 -82.06 -21.97
CA GLU A 25 20.65 -80.67 -22.21
C GLU A 25 21.85 -79.79 -22.48
N TYR A 26 23.07 -80.32 -22.40
CA TYR A 26 24.26 -79.47 -22.38
C TYR A 26 25.43 -80.12 -23.10
N GLY A 27 25.65 -81.41 -22.85
CA GLY A 27 26.79 -82.10 -23.44
C GLY A 27 26.69 -82.19 -24.95
N ASP A 28 27.65 -81.60 -25.65
CA ASP A 28 27.68 -81.61 -27.10
C ASP A 28 29.12 -81.50 -27.58
N LYS A 29 29.35 -81.92 -28.81
CA LYS A 29 30.71 -82.11 -29.33
C LYS A 29 31.46 -80.80 -29.55
N LYS A 30 30.80 -79.64 -29.42
CA LYS A 30 31.42 -78.36 -29.71
C LYS A 30 32.56 -78.01 -28.74
N ALA A 31 32.54 -78.54 -27.53
CA ALA A 31 33.48 -78.14 -26.49
C ALA A 31 34.41 -79.29 -26.16
N GLU A 32 35.72 -78.99 -26.11
CA GLU A 32 36.69 -79.97 -25.62
C GLU A 32 36.58 -80.14 -24.11
N CYS A 33 36.32 -79.06 -23.38
CA CYS A 33 36.06 -79.12 -21.95
C CYS A 33 34.83 -78.29 -21.62
N LEU A 34 33.92 -78.85 -20.81
CA LEU A 34 32.73 -78.14 -20.38
C LEU A 34 33.06 -77.15 -19.27
N TYR A 35 32.41 -75.99 -19.32
CA TYR A 35 32.45 -75.00 -18.25
C TYR A 35 31.04 -74.52 -17.93
N GLY A 36 30.69 -74.55 -16.64
CA GLY A 36 29.33 -74.31 -16.20
C GLY A 36 29.29 -73.26 -15.11
N THR A 37 28.08 -72.75 -14.85
CA THR A 37 27.88 -71.57 -14.04
C THR A 37 27.49 -72.00 -12.63
N ILE A 38 28.30 -71.62 -11.65
CA ILE A 38 28.16 -72.06 -10.27
C ILE A 38 27.58 -70.91 -9.45
N ARG A 39 26.46 -71.19 -8.77
CA ARG A 39 25.70 -70.21 -7.99
C ARG A 39 25.00 -70.97 -6.87
N LEU A 40 25.78 -71.39 -5.87
CA LEU A 40 25.23 -72.05 -4.70
C LEU A 40 24.53 -71.03 -3.79
N PRO A 41 23.27 -71.26 -3.41
CA PRO A 41 22.54 -70.26 -2.62
C PRO A 41 23.07 -70.13 -1.21
N GLN A 42 23.75 -69.01 -0.94
CA GLN A 42 24.25 -68.69 0.40
C GLN A 42 23.16 -68.09 1.28
N TYR A 43 23.41 -68.10 2.58
CA TYR A 43 22.59 -67.33 3.51
C TYR A 43 22.70 -65.85 3.17
N GLY A 44 21.56 -65.22 2.90
CA GLY A 44 21.54 -63.83 2.53
C GLY A 44 20.30 -63.44 1.78
N PRO A 45 19.97 -62.15 1.79
CA PRO A 45 18.79 -61.70 1.05
C PRO A 45 19.06 -61.66 -0.44
N GLY A 46 20.30 -61.31 -0.80
CA GLY A 46 20.68 -61.25 -2.19
C GLY A 46 20.94 -62.61 -2.80
N CYS A 47 21.02 -62.62 -4.13
CA CYS A 47 21.39 -63.80 -4.88
C CYS A 47 22.90 -64.06 -4.79
N THR A 48 23.35 -65.10 -5.49
CA THR A 48 24.72 -65.60 -5.45
C THR A 48 25.56 -64.96 -6.56
N PRO A 49 26.75 -64.45 -6.26
CA PRO A 49 27.63 -63.98 -7.32
C PRO A 49 28.08 -65.14 -8.19
N GLY A 50 28.29 -64.84 -9.48
CA GLY A 50 28.56 -65.89 -10.45
C GLY A 50 29.95 -66.50 -10.27
N LYS A 51 30.02 -67.82 -10.36
CA LYS A 51 31.27 -68.54 -10.47
C LYS A 51 31.18 -69.56 -11.60
N ILE A 52 32.36 -69.95 -12.11
CA ILE A 52 32.47 -70.83 -13.28
C ILE A 52 33.58 -71.84 -13.04
N VAL A 53 33.34 -73.09 -13.45
CA VAL A 53 34.25 -74.20 -13.16
C VAL A 53 34.37 -75.11 -14.38
N HIS A 54 35.50 -75.81 -14.45
CA HIS A 54 35.66 -76.92 -15.38
C HIS A 54 34.76 -78.09 -15.00
N CYS A 55 34.12 -78.68 -16.00
CA CYS A 55 33.04 -79.64 -15.76
C CYS A 55 33.26 -80.91 -16.57
N VAL A 56 32.72 -82.02 -16.06
CA VAL A 56 32.66 -83.30 -16.74
C VAL A 56 31.31 -83.93 -16.46
N LEU A 57 30.95 -84.92 -17.28
CA LEU A 57 29.80 -85.76 -16.97
C LEU A 57 30.10 -86.65 -15.76
N ASP A 58 29.07 -86.86 -14.93
CA ASP A 58 29.07 -87.93 -13.94
C ASP A 58 28.25 -89.12 -14.43
N ASP A 59 28.84 -90.30 -14.35
CA ASP A 59 28.19 -91.53 -14.80
C ASP A 59 27.27 -92.12 -13.76
N SER A 60 27.22 -91.57 -12.54
CA SER A 60 26.66 -92.29 -11.41
C SER A 60 25.68 -91.44 -10.60
N LEU A 61 25.84 -90.12 -10.63
CA LEU A 61 25.00 -89.25 -9.83
C LEU A 61 23.53 -89.46 -10.13
N PRO A 62 22.66 -89.42 -9.12
CA PRO A 62 21.21 -89.39 -9.37
C PRO A 62 20.80 -88.23 -10.26
N PHE A 63 19.61 -88.39 -10.84
CA PHE A 63 19.06 -87.42 -11.79
C PHE A 63 19.05 -86.00 -11.23
N CYS A 64 19.45 -85.06 -12.09
CA CYS A 64 19.59 -83.64 -11.75
C CYS A 64 20.41 -83.40 -10.48
N SER A 65 21.48 -84.16 -10.29
CA SER A 65 22.32 -83.98 -9.12
C SER A 65 23.77 -83.82 -9.54
N ILE A 66 24.52 -83.03 -8.77
CA ILE A 66 25.83 -82.53 -9.19
C ILE A 66 26.83 -82.70 -8.05
N VAL A 67 28.07 -83.05 -8.41
CA VAL A 67 29.20 -83.04 -7.48
C VAL A 67 30.03 -81.80 -7.75
N VAL A 68 30.42 -81.10 -6.70
CA VAL A 68 31.33 -79.97 -6.88
C VAL A 68 32.57 -80.12 -6.00
N PRO A 69 33.71 -79.57 -6.43
CA PRO A 69 34.87 -79.46 -5.53
C PRO A 69 34.65 -78.42 -4.45
N SER A 70 34.89 -78.82 -3.20
CA SER A 70 34.62 -77.94 -2.06
C SER A 70 35.55 -76.73 -2.04
N LYS A 71 36.78 -76.88 -2.55
CA LYS A 71 37.82 -75.87 -2.34
C LYS A 71 37.44 -74.49 -2.87
N LEU A 72 36.63 -74.42 -3.93
CA LEU A 72 36.27 -73.10 -4.46
C LEU A 72 35.37 -72.31 -3.53
N PHE A 73 34.77 -72.95 -2.53
CA PHE A 73 33.88 -72.29 -1.60
C PHE A 73 34.57 -72.01 -0.27
N GLY A 74 35.88 -72.22 -0.22
CA GLY A 74 36.71 -71.94 0.93
C GLY A 74 36.58 -72.91 2.09
N PHE A 75 36.05 -74.11 1.85
CA PHE A 75 35.92 -75.09 2.92
C PHE A 75 36.17 -76.48 2.34
N MET A 76 36.58 -77.36 3.20
CA MET A 76 36.45 -78.81 3.15
C MET A 76 35.14 -79.26 3.79
N PRO A 77 34.60 -80.44 3.37
CA PRO A 77 33.25 -80.89 3.74
C PRO A 77 33.08 -81.42 5.16
N THR A 78 33.62 -80.69 6.14
CA THR A 78 33.64 -81.15 7.52
C THR A 78 32.28 -81.04 8.19
N GLN A 79 31.31 -80.37 7.57
CA GLN A 79 29.97 -80.24 8.10
C GLN A 79 28.98 -80.35 6.94
N PRO A 80 27.70 -80.59 7.22
CA PRO A 80 26.74 -80.76 6.12
C PRO A 80 26.61 -79.52 5.25
N THR A 81 26.09 -79.75 4.05
CA THR A 81 26.18 -78.80 2.95
C THR A 81 24.82 -78.64 2.28
N MET A 82 24.65 -77.51 1.59
CA MET A 82 23.42 -77.26 0.83
C MET A 82 23.29 -78.25 -0.32
N ASP A 83 22.07 -78.72 -0.54
CA ASP A 83 21.77 -79.79 -1.49
C ASP A 83 21.19 -79.29 -2.81
N PHE A 84 21.13 -77.98 -3.04
CA PHE A 84 20.77 -77.49 -4.36
C PHE A 84 21.61 -76.29 -4.77
N CYS A 85 21.74 -76.12 -6.09
CA CYS A 85 22.43 -75.00 -6.72
C CYS A 85 21.56 -74.44 -7.84
N TYR A 86 21.64 -73.14 -8.04
CA TYR A 86 21.10 -72.50 -9.24
C TYR A 86 22.07 -72.60 -10.43
N PHE A 87 22.43 -73.84 -10.78
CA PHE A 87 23.36 -74.03 -11.88
C PHE A 87 22.77 -73.55 -13.21
N GLU A 88 23.64 -73.10 -14.11
CA GLU A 88 23.30 -72.89 -15.51
C GLU A 88 24.41 -73.36 -16.43
N PRO A 89 24.08 -74.07 -17.51
CA PRO A 89 25.03 -74.23 -18.60
C PRO A 89 25.28 -72.92 -19.34
N ILE A 90 26.36 -72.90 -20.10
CA ILE A 90 26.82 -71.70 -20.80
C ILE A 90 26.70 -71.93 -22.30
N LEU A 91 25.99 -71.04 -22.97
CA LEU A 91 25.85 -71.11 -24.42
C LEU A 91 27.19 -70.91 -25.12
N ASP A 92 27.47 -71.77 -26.09
CA ASP A 92 28.76 -71.91 -26.78
C ASP A 92 29.94 -72.18 -25.84
N ASN A 93 29.70 -72.42 -24.56
CA ASN A 93 30.74 -72.73 -23.58
C ASN A 93 31.84 -71.65 -23.51
N VAL A 94 31.56 -70.43 -23.96
CA VAL A 94 32.61 -69.43 -24.10
C VAL A 94 33.05 -68.93 -22.73
N VAL A 95 34.33 -68.61 -22.61
CA VAL A 95 34.89 -68.04 -21.39
C VAL A 95 35.83 -66.87 -21.68
N PRO A 96 35.80 -65.81 -20.88
CA PRO A 96 36.75 -64.71 -21.06
C PRO A 96 38.15 -65.09 -20.61
N VAL A 97 39.14 -64.37 -21.15
CA VAL A 97 40.54 -64.58 -20.82
C VAL A 97 41.02 -63.45 -19.93
N LEU A 98 41.71 -63.80 -18.85
CA LEU A 98 42.29 -62.82 -17.94
C LEU A 98 43.53 -62.18 -18.55
N ASP A 99 43.66 -60.86 -18.33
CA ASP A 99 44.90 -60.12 -18.56
C ASP A 99 45.82 -60.09 -17.34
N SER A 100 45.25 -59.99 -16.14
CA SER A 100 46.02 -59.98 -14.89
C SER A 100 45.79 -61.28 -14.12
N VAL A 101 46.90 -61.94 -13.77
CA VAL A 101 46.89 -63.04 -12.81
C VAL A 101 47.96 -62.80 -11.76
N THR A 102 47.63 -63.14 -10.52
CA THR A 102 48.43 -62.77 -9.36
C THR A 102 48.32 -63.89 -8.33
N PHE A 103 49.38 -64.04 -7.53
CA PHE A 103 49.43 -65.11 -6.54
C PHE A 103 50.36 -64.79 -5.38
N LEU A 104 49.82 -64.90 -4.15
CA LEU A 104 50.54 -64.61 -2.92
C LEU A 104 51.02 -65.91 -2.22
N ILE A 105 52.33 -66.02 -2.00
CA ILE A 105 52.95 -67.19 -1.39
C ILE A 105 53.84 -66.76 -0.23
N ASN A 106 53.90 -67.61 0.80
CA ASN A 106 54.77 -67.36 1.96
C ASN A 106 56.24 -67.31 1.57
N GLU A 107 57.02 -66.59 2.39
CA GLU A 107 58.42 -66.27 2.09
C GLU A 107 59.28 -67.52 1.82
N GLN A 108 59.07 -68.59 2.58
CA GLN A 108 59.90 -69.79 2.37
C GLN A 108 59.66 -70.43 1.01
N LEU A 109 58.40 -70.64 0.62
CA LEU A 109 58.13 -71.15 -0.72
C LEU A 109 58.50 -70.13 -1.78
N TYR A 110 58.29 -68.84 -1.50
CA TYR A 110 58.69 -67.80 -2.44
C TYR A 110 60.19 -67.87 -2.74
N SER A 111 61.00 -68.21 -1.73
CA SER A 111 62.42 -68.42 -1.97
C SER A 111 62.66 -69.52 -3.00
N LYS A 112 61.84 -70.57 -2.98
CA LYS A 112 61.93 -71.62 -3.99
C LYS A 112 61.50 -71.10 -5.36
N LEU A 113 60.48 -70.24 -5.38
CA LEU A 113 60.07 -69.60 -6.63
C LEU A 113 61.18 -68.73 -7.22
N MET A 114 61.96 -68.08 -6.36
CA MET A 114 63.12 -67.31 -6.80
C MET A 114 64.29 -68.20 -7.19
N ASP A 115 64.43 -69.36 -6.54
CA ASP A 115 65.47 -70.31 -6.94
C ASP A 115 65.21 -70.90 -8.33
N LEU A 116 63.96 -70.98 -8.74
CA LEU A 116 63.65 -71.22 -10.15
C LEU A 116 64.02 -70.01 -11.00
N PRO A 117 65.03 -70.10 -11.86
CA PRO A 117 65.78 -68.90 -12.26
C PRO A 117 65.15 -68.10 -13.39
N GLN A 118 64.11 -68.60 -14.05
CA GLN A 118 63.55 -67.93 -15.22
C GLN A 118 62.03 -68.12 -15.23
N GLU A 119 61.35 -67.15 -15.85
CA GLU A 119 59.89 -67.19 -15.95
C GLU A 119 59.40 -68.46 -16.66
N MET A 120 60.02 -68.83 -17.77
CA MET A 120 59.61 -70.05 -18.46
C MET A 120 59.91 -71.31 -17.67
N GLN A 121 61.03 -71.31 -16.93
CA GLN A 121 61.33 -72.43 -16.03
C GLN A 121 60.39 -72.45 -14.83
N GLN A 122 60.07 -71.27 -14.29
CA GLN A 122 59.06 -71.19 -13.24
C GLN A 122 57.73 -71.75 -13.71
N ILE A 123 57.23 -71.29 -14.86
CA ILE A 123 55.97 -71.80 -15.37
C ILE A 123 56.01 -73.31 -15.56
N GLN A 124 57.05 -73.80 -16.26
CA GLN A 124 57.16 -75.22 -16.54
C GLN A 124 57.19 -76.07 -15.27
N PHE A 125 57.93 -75.65 -14.25
CA PHE A 125 57.95 -76.41 -13.01
C PHE A 125 56.63 -76.28 -12.26
N LEU A 126 56.17 -75.04 -12.04
CA LEU A 126 55.12 -74.78 -11.07
C LEU A 126 53.74 -75.20 -11.56
N HIS A 127 53.44 -75.04 -12.86
CA HIS A 127 52.13 -75.50 -13.33
C HIS A 127 51.98 -77.00 -13.10
N TYR A 128 53.03 -77.78 -13.37
CA TYR A 128 53.01 -79.21 -13.09
C TYR A 128 52.95 -79.49 -11.59
N LYS A 129 53.74 -78.75 -10.80
CA LYS A 129 53.69 -78.87 -9.35
C LYS A 129 52.28 -78.65 -8.80
N TYR A 130 51.54 -77.70 -9.36
CA TYR A 130 50.18 -77.41 -8.92
C TYR A 130 49.13 -78.15 -9.75
N ASN A 131 49.54 -79.10 -10.59
CA ASN A 131 48.63 -79.90 -11.40
C ASN A 131 47.73 -79.05 -12.28
N ILE A 132 48.17 -77.84 -12.62
CA ILE A 132 47.41 -76.96 -13.49
C ILE A 132 47.52 -77.47 -14.93
N ASN A 133 46.45 -77.29 -15.70
CA ASN A 133 46.46 -77.56 -17.14
C ASN A 133 46.57 -76.25 -17.91
N SER A 134 47.50 -76.22 -18.86
CA SER A 134 47.64 -75.09 -19.76
C SER A 134 46.36 -74.82 -20.56
N MET A 135 45.98 -73.55 -20.60
CA MET A 135 44.74 -73.02 -21.18
C MET A 135 43.46 -73.54 -20.55
N GLU A 136 43.43 -74.78 -20.09
CA GLU A 136 42.19 -75.38 -19.61
C GLU A 136 41.83 -74.96 -18.19
N THR A 137 42.57 -74.05 -17.59
CA THR A 137 42.35 -73.66 -16.20
C THR A 137 41.63 -72.31 -16.12
N VAL A 138 40.59 -72.25 -15.31
CA VAL A 138 39.75 -71.07 -15.17
C VAL A 138 39.63 -70.78 -13.68
N VAL A 139 39.86 -69.52 -13.30
CA VAL A 139 40.11 -69.15 -11.91
C VAL A 139 39.47 -67.80 -11.62
N HIS A 140 39.43 -67.47 -10.33
CA HIS A 140 38.85 -66.25 -9.82
C HIS A 140 39.82 -65.57 -8.87
N SER A 141 39.76 -64.25 -8.83
CA SER A 141 40.27 -63.52 -7.66
C SER A 141 39.62 -64.04 -6.39
N ARG A 142 40.42 -64.04 -5.31
CA ARG A 142 40.06 -64.64 -4.01
C ARG A 142 39.88 -66.16 -4.10
N ASP A 143 40.36 -66.80 -5.15
CA ASP A 143 40.75 -68.20 -5.07
C ASP A 143 41.98 -68.33 -4.19
N ILE A 144 41.97 -69.32 -3.29
CA ILE A 144 43.16 -69.65 -2.51
C ILE A 144 43.54 -71.10 -2.73
N LEU A 145 44.76 -71.32 -3.24
CA LEU A 145 45.15 -72.65 -3.69
C LEU A 145 45.24 -73.60 -2.50
N THR A 146 46.17 -73.31 -1.58
CA THR A 146 46.33 -74.00 -0.30
C THR A 146 46.83 -72.98 0.70
N SER A 147 46.79 -73.37 1.98
CA SER A 147 47.28 -72.51 3.06
C SER A 147 48.72 -72.09 2.85
N GLY A 148 48.96 -70.77 2.80
CA GLY A 148 50.29 -70.29 2.51
C GLY A 148 50.68 -70.24 1.05
N LEU A 149 49.79 -70.67 0.15
CA LEU A 149 50.04 -70.71 -1.28
C LEU A 149 48.95 -69.97 -2.05
N CYS A 150 49.37 -69.06 -2.93
CA CYS A 150 48.57 -68.63 -4.08
C CYS A 150 47.22 -68.06 -3.64
N GLN A 151 47.30 -66.97 -2.90
CA GLN A 151 46.19 -66.01 -2.85
C GLN A 151 46.10 -65.27 -4.17
N ILE A 152 44.95 -65.37 -4.83
CA ILE A 152 44.77 -64.67 -6.10
C ILE A 152 44.45 -63.21 -5.80
N LEU A 153 45.41 -62.32 -6.08
CA LEU A 153 45.29 -60.95 -5.58
C LEU A 153 44.31 -60.11 -6.40
N ASN A 154 44.67 -59.84 -7.65
CA ASN A 154 43.90 -59.00 -8.57
C ASN A 154 43.84 -59.61 -9.96
N CYS A 155 42.71 -59.46 -10.63
CA CYS A 155 42.56 -59.93 -12.01
C CYS A 155 41.84 -58.86 -12.82
N SER A 156 42.08 -58.88 -14.13
CA SER A 156 41.49 -57.92 -15.05
C SER A 156 41.53 -58.52 -16.45
N PRO A 157 40.69 -58.02 -17.38
CA PRO A 157 39.60 -57.04 -17.23
C PRO A 157 38.38 -57.62 -16.54
N PHE A 158 38.46 -58.89 -16.16
CA PHE A 158 37.44 -59.50 -15.35
C PHE A 158 38.04 -60.00 -14.05
N PRO A 159 37.25 -60.05 -12.97
CA PRO A 159 37.71 -60.76 -11.76
C PRO A 159 37.90 -62.26 -11.97
N GLN A 160 37.33 -62.85 -13.02
CA GLN A 160 37.47 -64.28 -13.27
C GLN A 160 37.55 -64.53 -14.77
N GLY A 161 38.21 -65.62 -15.15
CA GLY A 161 38.32 -65.97 -16.55
C GLY A 161 39.37 -67.03 -16.79
N LEU A 162 39.55 -67.31 -18.08
CA LEU A 162 40.61 -68.19 -18.56
C LEU A 162 41.97 -67.49 -18.55
N VAL A 163 43.02 -68.29 -18.39
CA VAL A 163 44.40 -67.80 -18.42
C VAL A 163 45.02 -68.21 -19.74
N ASP A 164 45.65 -67.26 -20.42
CA ASP A 164 46.50 -67.55 -21.57
C ASP A 164 47.92 -67.76 -21.08
N PHE A 165 48.35 -69.03 -21.05
CA PHE A 165 49.67 -69.41 -20.58
C PHE A 165 50.78 -68.94 -21.53
N THR A 166 50.43 -68.50 -22.73
CA THR A 166 51.40 -67.91 -23.65
C THR A 166 51.59 -66.41 -23.41
N GLU A 167 50.52 -65.71 -23.02
CA GLU A 167 50.57 -64.24 -22.94
C GLU A 167 49.55 -63.79 -21.90
N THR A 168 49.96 -63.87 -20.64
CA THR A 168 49.25 -63.27 -19.51
C THR A 168 50.29 -62.81 -18.50
N GLN A 169 49.97 -61.75 -17.76
CA GLN A 169 50.77 -61.36 -16.61
C GLN A 169 50.60 -62.35 -15.46
N LEU A 170 51.67 -63.09 -15.16
CA LEU A 170 51.73 -64.07 -14.09
C LEU A 170 52.62 -63.50 -12.99
N ILE A 171 52.02 -62.73 -12.08
CA ILE A 171 52.74 -61.77 -11.26
C ILE A 171 53.17 -62.42 -9.94
N LEU A 172 54.47 -62.45 -9.70
CA LEU A 172 55.01 -62.84 -8.40
C LEU A 172 54.66 -61.81 -7.33
N VAL A 173 54.22 -62.31 -6.16
CA VAL A 173 54.09 -61.48 -4.96
C VAL A 173 54.59 -62.28 -3.76
N ASN A 174 55.40 -61.65 -2.93
CA ASN A 174 55.99 -62.27 -1.74
C ASN A 174 55.21 -61.85 -0.50
N ASP A 175 54.70 -62.83 0.25
CA ASP A 175 53.97 -62.56 1.49
C ASP A 175 54.93 -62.29 2.65
N THR A 176 55.67 -61.19 2.52
CA THR A 176 56.62 -60.76 3.55
C THR A 176 55.96 -60.50 4.90
N GLU A 177 54.62 -60.40 4.96
CA GLU A 177 53.92 -60.16 6.21
C GLU A 177 53.14 -61.39 6.69
N GLN A 178 53.31 -62.54 6.02
CA GLN A 178 52.71 -63.81 6.44
C GLN A 178 51.20 -63.70 6.65
N LYS A 179 50.56 -62.81 5.90
CA LYS A 179 49.11 -62.65 5.96
C LYS A 179 48.39 -63.96 5.66
N LEU A 180 48.95 -64.79 4.79
CA LEU A 180 48.39 -66.10 4.48
C LEU A 180 48.17 -66.95 5.73
N SER A 181 48.99 -66.76 6.77
CA SER A 181 48.81 -67.52 8.00
C SER A 181 47.51 -67.19 8.72
N ALA A 182 46.89 -66.05 8.41
CA ALA A 182 45.57 -65.74 8.95
C ALA A 182 44.45 -66.48 8.22
N LEU A 183 44.72 -67.04 7.05
CA LEU A 183 43.69 -67.70 6.26
C LEU A 183 43.43 -69.11 6.75
N LYS A 184 42.17 -69.52 6.68
CA LYS A 184 41.75 -70.85 7.11
C LYS A 184 40.56 -71.29 6.28
N TYR A 185 40.43 -72.60 6.10
CA TYR A 185 39.27 -73.19 5.43
C TYR A 185 38.28 -73.78 6.42
N ALA A 186 38.10 -73.13 7.57
CA ALA A 186 37.16 -73.60 8.59
C ALA A 186 37.54 -74.90 9.30
N ASN A 187 38.48 -75.68 8.76
CA ASN A 187 38.85 -76.94 9.38
C ASN A 187 39.39 -76.73 10.79
N GLU A 188 38.92 -77.56 11.71
CA GLU A 188 39.42 -77.52 13.08
C GLU A 188 40.75 -78.25 13.17
N ASP A 189 41.66 -77.70 13.97
CA ASP A 189 42.93 -78.38 14.22
C ASP A 189 42.77 -79.55 15.18
N GLU A 190 41.81 -79.46 16.10
CA GLU A 190 41.64 -80.48 17.13
C GLU A 190 40.16 -80.56 17.49
N GLU A 191 39.79 -81.66 18.14
CA GLU A 191 38.48 -81.77 18.75
C GLU A 191 38.27 -80.65 19.77
N TYR A 192 37.07 -80.10 19.80
CA TYR A 192 36.78 -78.95 20.63
C TYR A 192 36.76 -79.33 22.11
N ALA A 193 36.99 -78.32 22.95
CA ALA A 193 37.13 -78.50 24.39
C ALA A 193 35.87 -79.07 25.02
N LEU A 194 36.06 -80.02 25.93
CA LEU A 194 35.10 -80.50 26.93
C LEU A 194 33.68 -80.69 26.43
N PRO A 195 33.44 -81.67 25.56
CA PRO A 195 32.05 -82.00 25.19
C PRO A 195 31.22 -82.37 26.41
N LYS A 196 29.96 -81.95 26.40
CA LYS A 196 29.08 -82.06 27.56
C LYS A 196 27.92 -83.00 27.32
N ILE A 197 28.01 -83.86 26.31
CA ILE A 197 26.96 -84.82 25.99
C ILE A 197 26.52 -85.58 27.24
N GLY A 198 25.21 -85.83 27.34
CA GLY A 198 24.61 -86.41 28.51
C GLY A 198 24.24 -85.45 29.62
N THR A 199 24.74 -84.22 29.60
CA THR A 199 24.29 -83.21 30.53
C THR A 199 22.93 -82.67 30.10
N ASN A 200 22.06 -82.41 31.08
CA ASN A 200 20.73 -81.89 30.80
C ASN A 200 20.77 -80.45 30.27
N SER A 201 21.86 -79.73 30.51
CA SER A 201 21.95 -78.32 30.14
C SER A 201 23.35 -78.05 29.61
N ALA A 202 23.48 -76.94 28.88
CA ALA A 202 24.79 -76.50 28.40
C ALA A 202 24.91 -74.99 28.55
N LEU A 203 26.16 -74.53 28.56
CA LEU A 203 26.52 -73.19 28.97
C LEU A 203 27.62 -72.67 28.04
N SER A 204 27.95 -71.38 28.21
CA SER A 204 29.06 -70.72 27.53
C SER A 204 28.88 -70.59 26.02
N ILE A 205 27.68 -70.87 25.49
CA ILE A 205 27.33 -70.50 24.13
C ILE A 205 26.39 -69.29 24.18
N ASP A 206 26.69 -68.28 23.37
CA ASP A 206 25.96 -67.03 23.37
C ASP A 206 24.71 -67.14 22.49
N LEU A 207 23.97 -66.04 22.40
CA LEU A 207 22.99 -65.82 21.36
C LEU A 207 23.28 -64.56 20.54
N GLU A 208 22.98 -64.63 19.24
CA GLU A 208 23.43 -63.64 18.27
C GLU A 208 22.37 -63.38 17.20
N SER A 209 21.97 -62.11 17.07
CA SER A 209 20.91 -61.75 16.13
C SER A 209 21.29 -62.07 14.68
N LEU A 210 20.33 -62.60 13.93
CA LEU A 210 20.53 -62.91 12.52
C LEU A 210 20.94 -61.68 11.71
N PRO A 211 21.89 -61.81 10.79
CA PRO A 211 22.10 -60.75 9.80
C PRO A 211 20.95 -60.61 8.81
N CYS A 212 20.14 -61.65 8.61
CA CYS A 212 18.96 -61.53 7.76
C CYS A 212 18.01 -62.68 8.06
N THR A 213 16.80 -62.57 7.50
CA THR A 213 15.85 -63.68 7.45
C THR A 213 16.29 -64.80 6.52
N ILE A 214 15.89 -66.01 6.86
CA ILE A 214 16.25 -67.22 6.12
C ILE A 214 14.97 -67.90 5.65
N SER A 215 15.01 -68.47 4.45
CA SER A 215 13.82 -69.01 3.80
C SER A 215 13.41 -70.34 4.41
N ARG A 216 12.15 -70.70 4.16
CA ARG A 216 11.67 -72.07 4.38
C ARG A 216 12.49 -73.11 3.63
N ASP A 217 13.03 -72.75 2.46
CA ASP A 217 13.74 -73.72 1.64
C ASP A 217 15.13 -74.04 2.17
N LEU A 218 15.79 -73.10 2.82
CA LEU A 218 17.20 -73.28 3.12
C LEU A 218 17.46 -74.25 4.27
N LEU A 219 16.51 -74.46 5.17
CA LEU A 219 16.65 -75.56 6.11
C LEU A 219 16.44 -76.89 5.40
N ARG A 220 17.32 -77.86 5.71
CA ARG A 220 17.19 -79.18 5.09
C ARG A 220 15.93 -79.91 5.55
N PRO A 221 15.69 -80.12 6.85
CA PRO A 221 14.37 -80.57 7.28
C PRO A 221 13.30 -79.56 6.90
N ALA A 222 12.16 -80.07 6.44
CA ALA A 222 11.04 -79.21 6.06
C ALA A 222 9.73 -79.96 6.22
N PRO A 223 9.36 -80.36 7.43
CA PRO A 223 8.14 -81.15 7.61
C PRO A 223 6.91 -80.38 7.19
N HIS A 224 5.97 -81.07 6.56
CA HIS A 224 4.75 -80.45 6.06
C HIS A 224 3.78 -80.29 7.22
N ILE A 225 3.88 -79.14 7.87
CA ILE A 225 2.83 -78.61 8.74
C ILE A 225 2.58 -77.17 8.36
N ASN A 226 1.31 -76.78 8.28
CA ASN A 226 0.96 -75.46 7.75
C ASN A 226 1.48 -74.34 8.63
N ASP A 227 1.56 -74.56 9.94
CA ASP A 227 2.07 -73.54 10.86
C ASP A 227 2.63 -74.26 12.09
N ASP A 228 3.96 -74.28 12.23
CA ASP A 228 4.56 -75.06 13.29
C ASP A 228 5.90 -74.54 13.81
N ASN A 229 6.56 -73.64 13.08
CA ASN A 229 7.99 -73.45 13.31
C ASN A 229 8.48 -72.00 13.20
N SER A 230 7.58 -71.02 13.21
CA SER A 230 7.94 -69.64 12.84
C SER A 230 9.17 -69.11 13.58
N ILE A 231 9.41 -69.56 14.81
CA ILE A 231 10.57 -69.08 15.56
C ILE A 231 11.88 -69.62 15.01
N TYR A 232 11.86 -70.81 14.40
CA TYR A 232 12.80 -71.21 13.36
C TYR A 232 14.27 -70.85 13.62
N ALA A 233 14.73 -71.02 14.86
CA ALA A 233 16.11 -70.72 15.20
C ALA A 233 17.04 -71.82 14.69
N PHE A 234 18.34 -71.54 14.68
CA PHE A 234 19.29 -72.54 14.21
C PHE A 234 20.67 -72.31 14.79
N THR A 235 21.48 -73.37 14.75
CA THR A 235 22.82 -73.41 15.34
C THR A 235 23.61 -74.47 14.59
N ASP A 236 24.93 -74.30 14.54
CA ASP A 236 25.82 -75.25 13.89
C ASP A 236 26.03 -76.52 14.72
N ALA A 237 26.72 -77.48 14.09
CA ALA A 237 26.95 -78.81 14.64
C ALA A 237 27.61 -78.81 16.01
N GLU A 238 28.19 -77.70 16.45
CA GLU A 238 28.63 -77.60 17.84
C GLU A 238 27.54 -78.01 18.81
N THR A 239 26.28 -77.74 18.47
CA THR A 239 25.17 -78.17 19.32
C THR A 239 25.18 -79.69 19.54
N LEU A 240 25.68 -80.46 18.59
CA LEU A 240 25.62 -81.91 18.69
C LEU A 240 26.53 -82.49 19.76
N LEU A 241 27.54 -81.75 20.22
CA LEU A 241 28.30 -82.16 21.38
C LEU A 241 27.89 -81.38 22.62
N ARG A 242 26.77 -80.66 22.53
CA ARG A 242 26.13 -79.96 23.63
C ARG A 242 24.74 -80.51 23.91
N LEU A 243 23.90 -80.57 22.89
CA LEU A 243 22.70 -81.40 22.91
C LEU A 243 23.07 -82.78 22.38
N ASP A 244 23.03 -83.77 23.27
CA ASP A 244 23.24 -85.16 22.87
C ASP A 244 22.06 -85.69 22.07
N VAL A 245 20.85 -85.17 22.30
CA VAL A 245 19.65 -85.70 21.68
C VAL A 245 19.53 -85.26 20.22
N THR A 246 20.25 -85.96 19.35
CA THR A 246 19.91 -86.13 17.93
C THR A 246 19.61 -84.82 17.19
N SER A 247 20.22 -83.71 17.63
CA SER A 247 19.90 -82.39 17.07
C SER A 247 18.40 -82.10 17.13
N GLY A 248 17.80 -82.36 18.30
CA GLY A 248 16.35 -82.29 18.43
C GLY A 248 15.73 -80.98 17.98
N SER A 249 14.55 -81.09 17.37
CA SER A 249 13.94 -79.97 16.64
C SER A 249 13.41 -78.86 17.53
N PHE A 250 13.18 -79.10 18.82
CA PHE A 250 12.84 -78.00 19.71
C PHE A 250 13.46 -78.18 21.08
N ILE A 251 13.88 -77.07 21.66
CA ILE A 251 14.66 -77.01 22.89
C ILE A 251 14.14 -75.80 23.66
N THR A 252 14.53 -75.70 24.94
CA THR A 252 13.98 -74.67 25.82
C THR A 252 15.06 -73.93 26.59
N VAL A 253 14.76 -72.68 26.91
CA VAL A 253 15.65 -71.79 27.65
C VAL A 253 14.83 -71.13 28.75
N SER A 254 15.41 -71.02 29.94
CA SER A 254 14.91 -70.09 30.95
C SER A 254 16.06 -69.37 31.63
N ASN A 255 15.91 -68.06 31.79
CA ASN A 255 16.76 -67.27 32.66
C ASN A 255 15.99 -66.02 33.06
N MET A 256 16.43 -65.39 34.15
CA MET A 256 15.87 -64.12 34.60
C MET A 256 14.37 -64.22 34.85
N GLY A 257 13.90 -65.43 35.17
CA GLY A 257 12.50 -65.71 35.38
C GLY A 257 11.67 -65.96 34.14
N CYS A 258 12.29 -65.98 32.96
CA CYS A 258 11.55 -66.15 31.72
C CYS A 258 11.37 -67.64 31.42
N VAL A 259 10.51 -67.93 30.44
CA VAL A 259 10.42 -69.24 29.82
C VAL A 259 10.54 -69.04 28.32
N ARG A 260 11.47 -69.75 27.69
CA ARG A 260 11.48 -69.82 26.23
C ARG A 260 11.63 -71.28 25.80
N LEU A 261 10.80 -71.71 24.85
CA LEU A 261 11.03 -72.94 24.10
C LEU A 261 11.21 -72.57 22.64
N VAL A 262 12.30 -73.05 22.04
CA VAL A 262 12.73 -72.57 20.74
C VAL A 262 12.99 -73.73 19.80
N LYS A 263 12.36 -73.70 18.63
CA LYS A 263 12.71 -74.56 17.50
C LYS A 263 14.13 -74.29 17.02
N LEU A 264 14.97 -75.32 17.03
CA LEU A 264 16.41 -75.18 16.84
C LEU A 264 16.90 -76.22 15.85
N PHE A 265 17.74 -75.80 14.89
CA PHE A 265 18.08 -76.61 13.73
C PHE A 265 19.55 -76.42 13.37
N VAL A 266 19.99 -77.22 12.40
CA VAL A 266 21.39 -77.30 11.95
C VAL A 266 21.83 -76.07 11.18
N LEU A 267 23.16 -75.94 10.97
CA LEU A 267 23.75 -74.93 10.09
C LEU A 267 24.84 -75.52 9.20
N LEU A 268 24.91 -75.04 7.96
CA LEU A 268 25.73 -75.62 6.90
C LEU A 268 27.04 -74.84 6.73
N LEU A 269 27.96 -75.47 6.00
CA LEU A 269 29.26 -74.86 5.72
C LEU A 269 29.21 -73.57 4.89
N PRO A 270 28.33 -73.41 3.88
CA PRO A 270 28.38 -72.18 3.07
C PRO A 270 27.94 -70.92 3.80
N ASN A 271 28.80 -70.39 4.66
CA ASN A 271 28.36 -69.60 5.80
C ASN A 271 29.40 -68.53 6.10
N GLY A 272 28.95 -67.50 6.83
CA GLY A 272 29.83 -66.47 7.36
C GLY A 272 29.77 -66.36 8.87
N PHE A 273 28.98 -67.21 9.50
CA PHE A 273 28.70 -67.11 10.92
C PHE A 273 29.84 -67.62 11.79
N LYS A 274 29.88 -67.13 13.03
CA LYS A 274 30.88 -67.51 14.01
C LYS A 274 30.40 -68.68 14.85
N LYS A 275 31.35 -69.38 15.46
CA LYS A 275 31.08 -70.54 16.29
C LYS A 275 30.38 -70.16 17.59
N ARG A 276 29.90 -71.19 18.28
CA ARG A 276 29.60 -71.16 19.71
C ARG A 276 28.55 -70.12 20.09
N THR A 277 27.54 -69.92 19.26
CA THR A 277 26.44 -69.05 19.64
C THR A 277 25.15 -69.50 18.98
N ILE A 278 24.05 -69.26 19.67
CA ILE A 278 22.73 -69.39 19.06
C ILE A 278 22.49 -68.20 18.16
N TYR A 279 22.29 -68.44 16.88
CA TYR A 279 21.90 -67.37 15.98
C TYR A 279 20.41 -67.10 16.11
N ALA A 280 20.06 -65.85 16.43
CA ALA A 280 18.83 -65.53 17.13
C ALA A 280 17.89 -64.73 16.25
N PRO A 281 16.67 -65.22 16.03
CA PRO A 281 15.66 -64.45 15.31
C PRO A 281 15.21 -63.24 16.12
N PRO A 282 14.56 -62.28 15.46
CA PRO A 282 14.19 -61.04 16.15
C PRO A 282 13.27 -61.26 17.32
N LYS A 283 12.27 -62.12 17.12
CA LYS A 283 11.28 -62.43 18.16
C LYS A 283 11.92 -63.05 19.39
N ILE A 284 13.09 -63.66 19.25
CA ILE A 284 13.82 -64.15 20.40
C ILE A 284 14.45 -63.01 21.18
N ILE A 285 15.29 -62.22 20.51
CA ILE A 285 16.01 -61.14 21.18
C ILE A 285 15.05 -60.14 21.79
N ALA A 286 13.91 -59.90 21.15
CA ALA A 286 12.95 -58.99 21.74
C ALA A 286 12.41 -59.52 23.07
N SER A 287 12.27 -60.84 23.19
CA SER A 287 11.73 -61.40 24.42
C SER A 287 12.74 -61.39 25.56
N PHE A 288 14.03 -61.53 25.27
CA PHE A 288 15.04 -61.32 26.28
C PHE A 288 15.33 -59.83 26.47
N PRO A 289 15.88 -59.45 27.61
CA PRO A 289 16.42 -58.10 27.75
C PRO A 289 17.68 -57.89 26.93
N ASP A 290 18.22 -56.67 27.03
CA ASP A 290 19.56 -56.41 26.55
C ASP A 290 20.62 -57.20 27.32
N CYS A 291 20.30 -57.70 28.51
CA CYS A 291 21.22 -58.57 29.22
C CYS A 291 21.33 -59.92 28.55
N SER A 292 22.56 -60.43 28.46
CA SER A 292 22.86 -61.66 27.76
C SER A 292 22.27 -62.88 28.44
N VAL A 293 21.95 -63.89 27.64
CA VAL A 293 21.54 -65.21 28.13
C VAL A 293 22.47 -66.23 27.51
N VAL A 294 22.92 -67.19 28.33
CA VAL A 294 24.04 -68.04 27.99
C VAL A 294 23.71 -69.46 28.44
N THR A 295 22.44 -69.86 28.32
CA THR A 295 22.02 -71.12 28.89
C THR A 295 20.98 -71.79 28.01
N ILE A 296 21.02 -73.12 28.02
CA ILE A 296 20.12 -73.95 27.22
C ILE A 296 19.83 -75.23 27.98
N SER A 297 18.64 -75.80 27.76
CA SER A 297 18.24 -77.02 28.46
C SER A 297 17.32 -77.85 27.57
N LYS A 298 17.50 -79.15 27.62
CA LYS A 298 16.72 -80.09 26.83
C LYS A 298 15.35 -80.31 27.46
N SER A 299 14.29 -80.23 26.64
CA SER A 299 12.99 -80.66 27.12
C SER A 299 12.11 -81.10 25.95
N ASN A 300 11.24 -82.07 26.22
CA ASN A 300 10.34 -82.67 25.25
C ASN A 300 8.88 -82.26 25.43
N ILE A 301 8.59 -81.34 26.34
CA ILE A 301 7.23 -81.10 26.81
C ILE A 301 6.35 -80.38 25.80
N GLY A 302 6.80 -80.30 24.54
CA GLY A 302 6.06 -79.55 23.54
C GLY A 302 4.61 -79.97 23.40
N HIS A 303 4.33 -81.26 23.61
CA HIS A 303 2.96 -81.77 23.59
C HIS A 303 2.09 -81.16 24.69
N THR A 304 2.70 -80.62 25.75
CA THR A 304 1.96 -79.94 26.81
C THR A 304 1.59 -78.50 26.45
N ASP A 305 2.11 -77.95 25.36
CA ASP A 305 1.65 -76.66 24.89
C ASP A 305 0.21 -76.77 24.39
N ILE A 306 -0.69 -76.08 25.08
CA ILE A 306 -2.11 -76.42 25.11
C ILE A 306 -2.77 -76.14 23.76
N PRO A 307 -3.31 -77.16 23.09
CA PRO A 307 -3.80 -76.97 21.71
C PRO A 307 -5.11 -76.21 21.65
N ILE A 308 -5.83 -76.10 22.77
CA ILE A 308 -6.96 -75.20 22.90
C ILE A 308 -6.58 -74.09 23.87
N ALA A 309 -6.68 -72.84 23.41
CA ALA A 309 -6.88 -71.68 24.27
C ALA A 309 -8.23 -71.06 23.94
N ASN A 310 -9.18 -71.15 24.86
CA ASN A 310 -10.55 -70.73 24.58
C ASN A 310 -10.69 -69.22 24.47
N GLN A 311 -9.71 -68.46 24.94
CA GLN A 311 -9.70 -67.01 24.79
C GLN A 311 -8.29 -66.54 24.43
N VAL A 312 -8.21 -65.30 23.96
CA VAL A 312 -6.96 -64.72 23.49
C VAL A 312 -6.83 -63.30 24.04
N PHE A 313 -5.65 -62.98 24.58
CA PHE A 313 -5.37 -61.66 25.13
C PHE A 313 -4.10 -61.10 24.53
N ILE A 314 -4.08 -59.79 24.28
CA ILE A 314 -2.98 -59.14 23.60
C ILE A 314 -3.03 -57.64 23.88
N SER A 315 -1.96 -56.92 23.59
CA SER A 315 -2.03 -55.47 23.50
C SER A 315 -0.95 -54.97 22.55
N ARG A 316 -1.23 -53.84 21.92
CA ARG A 316 -0.23 -53.14 21.13
C ARG A 316 0.75 -52.41 22.04
N VAL A 317 2.02 -52.45 21.70
CA VAL A 317 3.00 -51.61 22.35
C VAL A 317 2.86 -50.18 21.84
N GLY A 318 3.03 -49.22 22.75
CA GLY A 318 2.94 -47.83 22.37
C GLY A 318 4.03 -47.42 21.40
N GLY A 319 3.72 -46.39 20.62
CA GLY A 319 4.68 -45.79 19.73
C GLY A 319 4.05 -44.82 18.75
N TRP A 320 4.86 -43.97 18.11
CA TRP A 320 4.32 -43.00 17.18
C TRP A 320 3.57 -43.67 16.05
N LEU A 321 3.98 -44.89 15.71
CA LEU A 321 3.30 -45.70 14.72
C LEU A 321 1.83 -45.99 15.07
N GLN A 322 1.38 -45.74 16.29
CA GLN A 322 0.03 -46.13 16.68
C GLN A 322 -0.98 -45.00 16.73
N SER A 323 -0.56 -43.75 16.61
CA SER A 323 -1.42 -42.66 17.06
C SER A 323 -2.45 -42.22 16.04
N GLN A 324 -2.29 -42.58 14.77
CA GLN A 324 -2.94 -41.87 13.68
C GLN A 324 -4.08 -42.69 13.10
N LYS A 325 -5.24 -42.05 12.94
CA LYS A 325 -6.37 -42.66 12.24
C LYS A 325 -5.99 -43.11 10.84
N CYS A 326 -5.15 -42.32 10.16
CA CYS A 326 -4.69 -42.69 8.83
C CYS A 326 -3.77 -43.90 8.83
N PHE A 327 -3.47 -44.46 10.00
CA PHE A 327 -2.87 -45.78 10.08
C PHE A 327 -3.72 -46.81 10.80
N GLN A 328 -4.64 -46.39 11.67
CA GLN A 328 -5.38 -47.34 12.47
C GLN A 328 -6.08 -48.40 11.64
N ASN A 329 -6.63 -48.04 10.48
CA ASN A 329 -7.33 -49.01 9.64
C ASN A 329 -6.41 -50.12 9.15
N ILE A 330 -5.20 -49.77 8.71
CA ILE A 330 -4.25 -50.78 8.29
C ILE A 330 -3.77 -51.58 9.48
N ILE A 331 -3.56 -50.93 10.63
CA ILE A 331 -3.13 -51.66 11.80
C ILE A 331 -4.18 -52.68 12.23
N LEU A 332 -5.44 -52.24 12.30
CA LEU A 332 -6.54 -53.12 12.67
C LEU A 332 -6.65 -54.32 11.73
N THR A 333 -6.53 -54.09 10.41
CA THR A 333 -6.52 -55.25 9.52
C THR A 333 -5.22 -56.05 9.61
N THR A 334 -4.12 -55.39 9.96
CA THR A 334 -2.88 -56.11 10.22
C THR A 334 -3.02 -57.03 11.41
N LEU A 335 -3.95 -56.75 12.32
CA LEU A 335 -4.26 -57.74 13.34
C LEU A 335 -4.63 -59.08 12.71
N LYS A 336 -5.52 -59.02 11.71
CA LYS A 336 -5.94 -60.22 11.00
C LYS A 336 -4.78 -60.87 10.26
N LYS A 337 -4.01 -60.05 9.56
CA LYS A 337 -2.82 -60.55 8.86
C LYS A 337 -1.86 -61.23 9.81
N PHE A 338 -1.72 -60.73 11.02
CA PHE A 338 -0.93 -61.37 12.05
C PHE A 338 -1.53 -62.69 12.45
N PHE A 339 -2.69 -62.67 13.11
CA PHE A 339 -3.11 -63.87 13.81
C PHE A 339 -3.47 -64.99 12.84
N SER A 340 -3.83 -64.67 11.61
CA SER A 340 -3.93 -65.72 10.60
C SER A 340 -2.54 -66.28 10.35
N GLU A 341 -2.38 -67.59 10.59
CA GLU A 341 -1.10 -68.28 10.40
C GLU A 341 -0.02 -67.70 11.32
N SER A 342 -0.39 -67.42 12.57
CA SER A 342 0.53 -67.13 13.67
C SER A 342 0.17 -67.97 14.89
N LYS A 343 0.03 -69.28 14.70
CA LYS A 343 -0.26 -70.19 15.80
C LYS A 343 0.79 -70.11 16.90
N ARG A 344 0.40 -69.50 18.03
CA ARG A 344 1.34 -69.16 19.09
C ARG A 344 1.97 -70.39 19.71
N ILE A 345 3.19 -70.22 20.20
CA ILE A 345 4.01 -71.33 20.69
C ILE A 345 4.60 -71.06 22.07
N LEU A 346 4.34 -69.90 22.67
CA LEU A 346 5.25 -69.30 23.66
C LEU A 346 4.49 -68.79 24.87
N CYS A 347 5.27 -68.45 25.90
CA CYS A 347 4.82 -67.81 27.13
C CYS A 347 4.11 -66.49 26.87
N GLN A 348 3.29 -66.10 27.84
CA GLN A 348 2.70 -64.77 27.94
C GLN A 348 3.77 -63.69 28.11
N ASN A 349 3.31 -62.44 28.01
CA ASN A 349 4.13 -61.23 28.07
C ASN A 349 5.17 -61.18 26.96
N ASP A 350 4.97 -61.95 25.91
CA ASP A 350 5.91 -61.99 24.81
C ASP A 350 5.68 -60.82 23.85
N LEU A 351 6.73 -60.51 23.09
CA LEU A 351 6.75 -59.38 22.15
C LEU A 351 6.79 -59.95 20.74
N ILE A 352 5.62 -60.19 20.16
CA ILE A 352 5.55 -60.64 18.76
C ILE A 352 5.73 -59.43 17.84
N PRO A 353 6.67 -59.50 16.89
CA PRO A 353 6.79 -58.47 15.87
C PRO A 353 5.75 -58.64 14.77
N ILE A 354 5.32 -57.52 14.21
CA ILE A 354 4.52 -57.52 13.00
C ILE A 354 4.83 -56.26 12.21
N ALA A 355 4.69 -56.34 10.89
CA ALA A 355 5.15 -55.27 10.01
C ALA A 355 4.18 -55.10 8.86
N PHE A 356 4.21 -53.91 8.26
CA PHE A 356 3.27 -53.55 7.21
C PHE A 356 3.92 -52.56 6.26
N ASP A 357 3.22 -52.28 5.15
CA ASP A 357 3.69 -51.37 4.12
C ASP A 357 2.96 -50.03 4.22
N SER A 358 3.68 -48.99 4.60
CA SER A 358 3.05 -47.71 4.96
C SER A 358 2.37 -47.06 3.77
N SER A 359 2.73 -47.44 2.56
CA SER A 359 2.04 -46.95 1.38
C SER A 359 0.58 -47.38 1.32
N MET A 360 0.21 -48.44 2.01
CA MET A 360 -1.07 -49.10 1.79
C MET A 360 -2.25 -48.36 2.41
N ALA A 361 -1.99 -47.24 3.10
CA ALA A 361 -2.98 -46.61 3.97
C ALA A 361 -4.32 -46.37 3.28
N ASP A 362 -4.30 -45.76 2.09
CA ASP A 362 -5.55 -45.44 1.41
C ASP A 362 -6.17 -46.61 0.65
N LEU A 363 -5.60 -47.80 0.71
CA LEU A 363 -6.00 -48.87 -0.18
C LEU A 363 -6.90 -49.88 0.53
N ASN A 364 -7.96 -50.29 -0.17
CA ASN A 364 -8.62 -51.56 0.12
C ASN A 364 -7.68 -52.71 -0.14
N ILE A 365 -7.36 -53.49 0.89
CA ILE A 365 -6.46 -54.61 0.71
C ILE A 365 -7.19 -55.79 0.09
N ALA A 366 -8.40 -55.56 -0.42
CA ALA A 366 -9.11 -56.53 -1.25
C ALA A 366 -9.24 -57.90 -0.57
N GLU A 367 -9.71 -57.89 0.66
CA GLU A 367 -10.07 -59.14 1.32
C GLU A 367 -11.48 -59.10 1.91
N GLU A 368 -11.87 -58.01 2.54
CA GLU A 368 -13.24 -57.82 2.98
C GLU A 368 -14.18 -57.78 1.78
N ASN A 369 -15.23 -58.61 1.85
CA ASN A 369 -16.13 -58.92 0.72
C ASN A 369 -15.35 -59.29 -0.54
N ASP A 370 -14.30 -60.10 -0.36
CA ASP A 370 -13.65 -60.78 -1.48
C ASP A 370 -13.37 -62.23 -1.12
N GLU A 371 -12.93 -62.47 0.11
CA GLU A 371 -12.66 -63.79 0.67
C GLU A 371 -11.90 -64.70 -0.29
N SER A 372 -12.34 -65.96 -0.40
CA SER A 372 -11.74 -66.97 -1.28
C SER A 372 -10.30 -67.22 -0.85
N ASP A 373 -9.30 -66.96 -1.69
CA ASP A 373 -7.94 -67.40 -1.42
C ASP A 373 -6.93 -66.52 -2.13
N ASP A 374 -6.74 -65.29 -1.63
CA ASP A 374 -5.99 -64.26 -2.35
C ASP A 374 -4.97 -63.60 -1.42
N GLU A 375 -5.24 -63.64 -0.12
CA GLU A 375 -4.62 -62.73 0.83
C GLU A 375 -3.11 -62.94 0.93
N ASP A 376 -2.66 -64.19 0.97
CA ASP A 376 -1.23 -64.45 0.92
C ASP A 376 -0.64 -64.27 -0.45
N GLU A 377 -1.46 -64.22 -1.50
CA GLU A 377 -0.91 -63.89 -2.80
C GLU A 377 -0.61 -62.39 -2.91
N LEU A 378 -1.53 -61.55 -2.45
CA LEU A 378 -1.19 -60.14 -2.27
C LEU A 378 -0.02 -59.97 -1.32
N GLY A 379 0.03 -60.76 -0.24
CA GLY A 379 1.20 -60.75 0.62
C GLY A 379 2.47 -61.21 -0.07
N GLN A 380 2.34 -61.91 -1.19
CA GLN A 380 3.49 -62.21 -2.02
C GLN A 380 3.82 -61.05 -2.94
N TYR A 381 2.84 -60.19 -3.22
CA TYR A 381 3.14 -59.03 -4.05
C TYR A 381 3.70 -57.86 -3.23
N TYR A 382 3.09 -57.56 -2.08
CA TYR A 382 3.60 -56.56 -1.17
C TYR A 382 4.99 -56.92 -0.63
N LYS A 383 5.62 -55.91 -0.03
CA LYS A 383 6.68 -56.11 0.95
C LYS A 383 6.59 -55.01 1.99
N ASN A 384 6.93 -55.36 3.23
CA ASN A 384 6.67 -54.47 4.35
C ASN A 384 7.67 -53.32 4.40
N ASP A 385 7.32 -52.32 5.22
CA ASP A 385 8.06 -51.06 5.28
C ASP A 385 8.27 -50.52 6.68
N SER A 386 7.41 -50.85 7.64
CA SER A 386 7.56 -50.38 9.01
C SER A 386 6.96 -51.43 9.93
N LEU A 387 7.46 -51.49 11.16
CA LEU A 387 7.19 -52.62 12.03
C LEU A 387 6.75 -52.12 13.39
N VAL A 388 5.78 -52.82 13.96
CA VAL A 388 5.20 -52.50 15.25
C VAL A 388 5.32 -53.74 16.12
N TRP A 389 5.46 -53.53 17.42
CA TRP A 389 5.50 -54.62 18.39
C TRP A 389 4.14 -54.82 19.01
N PHE A 390 3.71 -56.09 19.06
CA PHE A 390 2.58 -56.50 19.87
C PHE A 390 3.04 -57.27 21.10
N PHE A 391 2.42 -56.94 22.23
CA PHE A 391 2.71 -57.51 23.53
C PHE A 391 1.67 -58.58 23.84
N VAL A 392 2.14 -59.79 24.18
CA VAL A 392 1.26 -60.91 24.44
C VAL A 392 0.68 -60.82 25.84
N THR A 393 -0.37 -60.02 25.99
CA THR A 393 -1.12 -59.94 27.24
C THR A 393 -1.57 -61.32 27.70
N SER A 394 -1.37 -61.60 28.99
CA SER A 394 -1.65 -62.91 29.53
C SER A 394 -3.10 -63.30 29.29
N ALA A 395 -3.32 -64.47 28.72
CA ALA A 395 -4.66 -64.96 28.46
C ALA A 395 -5.34 -65.38 29.76
N GLU A 396 -6.64 -65.12 29.84
CA GLU A 396 -7.49 -65.67 30.89
C GLU A 396 -8.29 -66.81 30.28
N LEU A 397 -8.18 -68.00 30.86
CA LEU A 397 -8.58 -69.22 30.20
C LEU A 397 -9.34 -70.12 31.16
N ASP A 398 -10.12 -71.04 30.58
CA ASP A 398 -10.89 -72.02 31.32
C ASP A 398 -10.75 -73.42 30.75
N CYS A 399 -10.10 -73.58 29.59
CA CYS A 399 -9.81 -74.90 29.05
C CYS A 399 -8.78 -75.63 29.89
N PHE A 400 -7.82 -74.91 30.49
CA PHE A 400 -6.78 -75.53 31.28
C PHE A 400 -6.39 -74.58 32.41
N SER A 401 -5.89 -75.17 33.50
CA SER A 401 -5.35 -74.39 34.61
C SER A 401 -3.98 -73.81 34.29
N LYS A 402 -3.20 -74.49 33.45
CA LYS A 402 -1.92 -73.95 33.00
C LYS A 402 -2.17 -72.94 31.89
N ASP A 403 -1.72 -71.69 32.12
CA ASP A 403 -2.05 -70.58 31.25
C ASP A 403 -0.84 -69.71 30.94
N ASN A 404 0.04 -69.58 31.93
CA ASN A 404 1.18 -68.66 31.85
C ASN A 404 2.35 -69.24 31.04
N SER A 405 2.72 -70.50 31.30
CA SER A 405 3.98 -71.02 30.77
C SER A 405 3.99 -71.09 29.24
N HIS A 406 2.89 -71.51 28.63
CA HIS A 406 2.75 -71.42 27.18
C HIS A 406 1.32 -71.77 26.77
N PHE A 407 0.88 -71.16 25.67
CA PHE A 407 -0.41 -71.50 25.09
C PHE A 407 -0.34 -71.37 23.57
N ILE A 408 -1.25 -72.07 22.90
CA ILE A 408 -1.43 -71.99 21.45
C ILE A 408 -2.72 -71.24 21.16
N ILE A 409 -2.63 -70.17 20.37
CA ILE A 409 -3.79 -69.67 19.65
C ILE A 409 -3.99 -70.52 18.40
N ASP A 410 -5.25 -70.73 18.03
CA ASP A 410 -5.59 -71.21 16.69
C ASP A 410 -6.66 -70.30 16.11
N PRO A 411 -6.52 -69.86 14.85
CA PRO A 411 -7.50 -68.93 14.27
C PRO A 411 -8.91 -69.50 14.19
N ASN A 412 -9.09 -70.79 14.45
CA ASN A 412 -10.42 -71.33 14.69
C ASN A 412 -11.04 -70.83 15.99
N ARG A 413 -10.27 -70.13 16.84
CA ARG A 413 -10.77 -69.61 18.09
C ARG A 413 -10.98 -68.10 17.98
N THR A 414 -12.16 -67.64 18.35
CA THR A 414 -12.64 -66.30 18.04
C THR A 414 -12.58 -65.45 19.31
N LYS A 415 -11.42 -64.85 19.56
CA LYS A 415 -11.34 -63.82 20.58
C LYS A 415 -10.14 -62.92 20.32
N LEU A 416 -10.20 -61.71 20.86
CA LEU A 416 -9.08 -60.79 20.93
C LEU A 416 -9.39 -59.76 22.00
N ILE A 417 -8.37 -59.00 22.43
CA ILE A 417 -8.57 -57.89 23.35
C ILE A 417 -7.67 -56.72 22.96
N THR A 418 -8.09 -55.52 23.37
CA THR A 418 -7.47 -54.25 22.97
C THR A 418 -7.38 -53.30 24.17
N THR A 419 -6.61 -53.69 25.18
CA THR A 419 -6.50 -52.91 26.41
C THR A 419 -5.65 -51.65 26.24
N ASN A 420 -6.07 -50.77 25.34
CA ASN A 420 -5.35 -49.55 24.97
C ASN A 420 -3.88 -49.78 24.62
N ILE A 421 -2.99 -49.41 25.54
CA ILE A 421 -1.55 -49.49 25.27
C ILE A 421 -0.82 -50.06 26.48
N THR A 422 0.29 -50.73 26.22
CA THR A 422 1.29 -51.06 27.22
C THR A 422 2.63 -50.46 26.81
N ASN A 423 3.46 -50.14 27.79
CA ASN A 423 4.73 -49.45 27.60
C ASN A 423 5.91 -50.39 27.88
N ARG A 424 6.86 -50.44 26.96
CA ARG A 424 8.00 -51.34 27.07
C ARG A 424 9.18 -50.74 26.31
N ARG A 425 10.37 -51.00 26.83
CA ARG A 425 11.60 -50.46 26.26
C ARG A 425 11.92 -51.07 24.89
N PRO A 426 12.35 -50.25 23.93
CA PRO A 426 12.77 -50.75 22.62
C PRO A 426 14.24 -51.13 22.58
N LEU A 427 14.53 -52.15 21.80
CA LEU A 427 15.81 -52.84 21.89
C LEU A 427 16.95 -51.97 21.39
N PRO A 428 18.14 -52.11 21.97
CA PRO A 428 19.30 -51.38 21.47
C PRO A 428 19.84 -51.98 20.17
N LEU A 429 20.26 -51.09 19.27
CA LEU A 429 20.70 -51.53 17.95
C LEU A 429 21.92 -52.43 18.03
N SER A 430 22.86 -52.13 18.94
CA SER A 430 24.12 -52.85 18.97
C SER A 430 23.91 -54.36 19.18
N ARG A 431 22.90 -54.74 19.94
CA ARG A 431 22.56 -56.16 20.03
C ARG A 431 21.56 -56.60 18.95
N SER A 432 20.50 -55.81 18.74
CA SER A 432 19.41 -56.29 17.88
C SER A 432 19.74 -56.18 16.40
N ASN A 433 20.40 -55.10 15.97
CA ASN A 433 20.56 -54.76 14.55
C ASN A 433 19.23 -54.77 13.79
N LEU A 434 18.13 -54.45 14.47
CA LEU A 434 16.80 -54.90 14.09
C LEU A 434 16.45 -54.55 12.65
N GLN A 435 16.91 -53.39 12.17
CA GLN A 435 16.48 -52.92 10.85
C GLN A 435 16.88 -53.87 9.75
N ARG A 436 18.12 -54.36 9.78
CA ARG A 436 18.66 -55.13 8.67
C ARG A 436 17.94 -56.47 8.47
N TYR A 437 17.25 -56.96 9.48
CA TYR A 437 16.49 -58.19 9.29
C TYR A 437 15.28 -57.96 8.39
N TYR A 438 14.52 -56.92 8.65
CA TYR A 438 13.33 -56.64 7.85
C TYR A 438 13.61 -55.75 6.65
N GLY A 439 14.83 -55.27 6.50
CA GLY A 439 15.26 -54.73 5.23
C GLY A 439 14.70 -53.37 4.88
N PHE A 440 14.29 -52.60 5.88
CA PHE A 440 13.86 -51.23 5.61
C PHE A 440 15.05 -50.39 5.18
N ALA A 441 14.77 -49.16 4.78
CA ALA A 441 15.83 -48.22 4.47
C ALA A 441 16.66 -47.96 5.70
N GLU A 442 17.79 -48.67 5.81
CA GLU A 442 18.59 -48.63 7.03
C GLU A 442 19.07 -47.20 7.30
N THR A 443 18.96 -46.80 8.56
CA THR A 443 19.70 -45.65 9.03
C THR A 443 21.20 -45.89 8.91
N PHE A 444 21.92 -44.85 8.59
CA PHE A 444 23.36 -44.90 8.61
C PHE A 444 23.87 -45.20 10.01
N TYR A 445 24.62 -46.29 10.14
CA TYR A 445 25.27 -46.62 11.40
C TYR A 445 26.47 -45.72 11.61
N TYR A 446 26.28 -44.64 12.36
CA TYR A 446 27.43 -43.85 12.84
C TYR A 446 28.32 -44.70 13.74
N ASP A 447 29.59 -44.33 13.79
CA ASP A 447 30.48 -44.74 14.87
C ASP A 447 30.47 -43.69 15.97
N LEU A 448 30.93 -44.10 17.15
CA LEU A 448 30.83 -43.24 18.32
C LEU A 448 32.02 -42.30 18.47
N HIS A 449 33.01 -42.41 17.59
CA HIS A 449 34.26 -41.66 17.70
C HIS A 449 34.35 -40.53 16.68
N ILE A 450 34.17 -40.85 15.40
CA ILE A 450 34.73 -40.03 14.33
C ILE A 450 33.83 -38.86 13.99
N PHE A 451 32.59 -38.88 14.44
CA PHE A 451 31.71 -37.72 14.36
C PHE A 451 31.46 -37.20 15.76
N PRO A 452 32.38 -36.43 16.35
CA PRO A 452 32.39 -36.31 17.81
C PRO A 452 31.12 -35.69 18.37
N TYR A 453 30.51 -34.77 17.60
CA TYR A 453 29.27 -34.17 18.04
C TYR A 453 28.17 -35.21 18.21
N VAL A 454 28.21 -36.30 17.44
CA VAL A 454 27.23 -37.35 17.67
C VAL A 454 27.44 -38.01 19.02
N ARG A 455 28.70 -38.23 19.41
CA ARG A 455 28.95 -38.71 20.76
C ARG A 455 28.42 -37.73 21.79
N GLN A 456 28.57 -36.43 21.52
CA GLN A 456 28.02 -35.42 22.41
C GLN A 456 26.52 -35.56 22.57
N LEU A 457 25.79 -35.61 21.47
CA LEU A 457 24.34 -35.69 21.55
C LEU A 457 23.88 -36.99 22.19
N VAL A 458 24.47 -38.11 21.79
CA VAL A 458 24.01 -39.37 22.36
C VAL A 458 24.31 -39.44 23.85
N ASN A 459 25.43 -38.88 24.31
CA ASN A 459 25.65 -38.78 25.74
C ASN A 459 24.64 -37.86 26.41
N ILE A 460 24.34 -36.71 25.79
CA ILE A 460 23.34 -35.80 26.34
C ILE A 460 22.00 -36.48 26.57
N LEU A 461 21.57 -37.31 25.62
CA LEU A 461 20.33 -38.05 25.85
C LEU A 461 20.54 -39.11 26.93
N GLU A 462 21.62 -39.89 26.83
CA GLU A 462 21.88 -40.97 27.79
C GLU A 462 21.93 -40.47 29.23
N THR A 463 22.29 -39.20 29.42
CA THR A 463 22.22 -38.60 30.75
C THR A 463 20.91 -38.92 31.44
N SER A 464 19.82 -38.92 30.71
CA SER A 464 18.49 -38.96 31.30
C SER A 464 17.94 -40.36 31.40
N PHE A 465 18.42 -41.27 30.55
CA PHE A 465 18.27 -42.69 30.81
C PHE A 465 18.98 -43.07 32.10
N ASN A 466 20.25 -42.66 32.23
CA ASN A 466 21.04 -43.04 33.41
C ASN A 466 20.56 -42.38 34.70
N CYS A 467 20.16 -41.12 34.65
CA CYS A 467 19.72 -40.42 35.85
C CYS A 467 18.38 -40.92 36.37
N SER A 468 17.66 -41.72 35.57
CA SER A 468 16.40 -42.29 36.04
C SER A 468 16.60 -43.12 37.31
N GLN A 469 17.74 -43.76 37.47
CA GLN A 469 18.03 -44.44 38.73
C GLN A 469 18.29 -43.43 39.85
N ARG A 470 18.89 -42.28 39.53
CA ARG A 470 19.08 -41.22 40.52
C ARG A 470 17.82 -40.42 40.77
N GLY A 471 16.76 -40.66 40.01
CA GLY A 471 15.47 -40.05 40.25
C GLY A 471 15.34 -38.60 39.86
N ILE A 472 16.45 -37.89 39.67
CA ILE A 472 16.36 -36.51 39.19
C ILE A 472 15.78 -36.49 37.79
N THR A 473 14.84 -35.58 37.56
CA THR A 473 14.33 -35.29 36.21
C THR A 473 15.21 -34.20 35.60
N LEU A 474 16.10 -34.60 34.70
CA LEU A 474 17.12 -33.67 34.22
C LEU A 474 16.59 -32.64 33.23
N ASN A 475 15.45 -32.90 32.59
CA ASN A 475 14.80 -32.01 31.59
C ASN A 475 15.70 -31.71 30.39
N ALA A 476 16.53 -32.66 30.00
CA ALA A 476 17.54 -32.45 28.96
C ALA A 476 16.90 -32.12 27.61
N SER A 477 17.51 -31.19 26.88
CA SER A 477 17.01 -30.73 25.60
C SER A 477 18.17 -30.20 24.77
N VAL A 478 17.96 -30.15 23.45
CA VAL A 478 19.01 -29.77 22.50
C VAL A 478 18.36 -29.16 21.26
N LEU A 479 19.14 -28.35 20.53
CA LEU A 479 18.61 -27.52 19.44
C LEU A 479 19.59 -27.48 18.28
N LEU A 480 19.41 -28.36 17.30
CA LEU A 480 20.41 -28.60 16.26
C LEU A 480 20.27 -27.58 15.14
N HIS A 481 21.40 -27.13 14.62
CA HIS A 481 21.39 -26.19 13.50
C HIS A 481 22.62 -26.41 12.63
N SER A 482 22.54 -25.90 11.40
CA SER A 482 23.65 -26.00 10.47
C SER A 482 23.66 -24.78 9.56
N THR A 483 24.86 -24.37 9.16
CA THR A 483 25.00 -23.28 8.21
C THR A 483 24.50 -23.62 6.82
N THR A 484 24.27 -24.89 6.51
CA THR A 484 23.78 -25.27 5.19
C THR A 484 22.81 -26.44 5.33
N ASN A 485 21.97 -26.57 4.31
CA ASN A 485 20.98 -27.64 4.23
C ASN A 485 21.65 -28.99 3.98
N ASN A 486 20.85 -30.04 4.11
CA ASN A 486 21.19 -31.39 3.65
C ASN A 486 22.30 -32.01 4.49
N VAL A 487 22.27 -31.78 5.79
CA VAL A 487 23.32 -32.30 6.68
C VAL A 487 22.83 -33.50 7.47
N GLY A 488 21.58 -33.90 7.29
CA GLY A 488 21.10 -35.16 7.84
C GLY A 488 20.85 -35.13 9.32
N LYS A 489 20.55 -33.96 9.87
CA LYS A 489 20.24 -33.84 11.30
C LYS A 489 19.28 -34.92 11.76
N ALA A 490 18.15 -35.04 11.05
CA ALA A 490 17.11 -35.99 11.46
C ALA A 490 17.61 -37.41 11.43
N THR A 491 18.30 -37.79 10.35
CA THR A 491 18.87 -39.13 10.29
C THR A 491 19.85 -39.37 11.43
N MET A 492 20.65 -38.36 11.77
CA MET A 492 21.60 -38.52 12.86
C MET A 492 20.91 -38.72 14.21
N VAL A 493 19.83 -37.98 14.45
CA VAL A 493 19.03 -38.23 15.65
C VAL A 493 18.41 -39.61 15.61
N ARG A 494 17.88 -40.02 14.46
CA ARG A 494 17.30 -41.36 14.33
C ARG A 494 18.31 -42.41 14.75
N PHE A 495 19.53 -42.28 14.23
CA PHE A 495 20.61 -43.18 14.62
C PHE A 495 20.78 -43.19 16.12
N ALA A 496 20.87 -42.00 16.71
CA ALA A 496 21.10 -41.96 18.14
C ALA A 496 20.00 -42.71 18.87
N SER A 497 18.77 -42.52 18.43
CA SER A 497 17.62 -43.18 19.06
C SER A 497 17.75 -44.69 18.99
N LYS A 498 18.00 -45.22 17.80
CA LYS A 498 18.10 -46.67 17.65
C LYS A 498 19.31 -47.23 18.39
N TYR A 499 20.44 -46.54 18.32
CA TYR A 499 21.63 -46.96 19.05
C TYR A 499 21.38 -47.03 20.54
N LEU A 500 20.71 -46.04 21.10
CA LEU A 500 20.56 -46.02 22.54
C LEU A 500 19.46 -46.96 23.02
N GLY A 501 18.57 -47.41 22.14
CA GLY A 501 17.45 -48.20 22.61
C GLY A 501 16.37 -47.36 23.25
N ILE A 502 16.04 -46.23 22.62
CA ILE A 502 15.17 -45.22 23.19
C ILE A 502 14.14 -44.87 22.14
N HIS A 503 12.88 -44.81 22.52
CA HIS A 503 11.83 -44.38 21.61
C HIS A 503 12.10 -43.00 21.06
N LEU A 504 11.55 -42.74 19.87
CA LEU A 504 11.55 -41.40 19.30
C LEU A 504 10.22 -41.07 18.66
N LEU A 505 9.77 -39.84 18.88
CA LEU A 505 8.61 -39.25 18.24
C LEU A 505 9.10 -38.25 17.22
N GLU A 506 8.54 -38.28 16.02
CA GLU A 506 8.93 -37.33 14.99
C GLU A 506 7.70 -36.70 14.34
N ILE A 507 7.80 -35.40 14.10
CA ILE A 507 6.81 -34.62 13.38
C ILE A 507 7.56 -33.63 12.50
N ASP A 508 7.10 -33.46 11.26
CA ASP A 508 7.76 -32.53 10.36
C ASP A 508 6.89 -31.29 10.18
N CYS A 509 7.42 -30.14 10.60
CA CYS A 509 6.69 -28.88 10.58
C CYS A 509 6.39 -28.37 9.17
N LEU A 510 7.11 -28.81 8.16
CA LEU A 510 6.65 -28.48 6.82
C LEU A 510 5.36 -29.19 6.48
N SER A 511 5.13 -30.35 7.10
CA SER A 511 3.87 -31.08 6.92
C SER A 511 2.76 -30.68 7.90
N LEU A 512 3.05 -30.27 9.13
CA LEU A 512 2.09 -30.53 10.20
C LEU A 512 0.80 -29.72 10.05
N THR A 513 0.79 -28.65 9.26
CA THR A 513 -0.22 -27.61 9.42
C THR A 513 -1.06 -27.45 8.18
N SER A 514 -2.33 -27.14 8.42
CA SER A 514 -3.24 -26.67 7.39
C SER A 514 -2.94 -25.26 6.92
N ASN A 515 -2.22 -24.46 7.70
CA ASN A 515 -1.76 -23.18 7.18
C ASN A 515 -0.52 -22.71 7.93
N SER A 516 0.24 -21.85 7.26
CA SER A 516 1.26 -21.06 7.91
C SER A 516 0.63 -20.07 8.89
N ARG A 517 1.49 -19.37 9.61
CA ARG A 517 1.05 -18.29 10.49
C ARG A 517 0.16 -17.29 9.76
N GLN A 518 -1.02 -17.07 10.32
CA GLN A 518 -2.11 -16.32 9.70
C GLN A 518 -3.01 -15.80 10.82
N LEU A 519 -3.91 -14.89 10.44
CA LEU A 519 -4.99 -14.48 11.32
C LEU A 519 -5.86 -15.66 11.76
N ASP A 520 -6.35 -15.55 13.00
CA ASP A 520 -7.31 -16.48 13.61
C ASP A 520 -6.92 -17.95 13.45
N SER A 521 -5.63 -18.26 13.48
CA SER A 521 -5.18 -19.60 13.13
C SER A 521 -4.14 -20.16 14.09
N THR A 522 -3.75 -19.40 15.11
CA THR A 522 -2.73 -19.87 16.04
C THR A 522 -3.19 -21.11 16.77
N SER A 523 -4.46 -21.15 17.16
CA SER A 523 -5.02 -22.35 17.76
C SER A 523 -4.93 -23.53 16.80
N LYS A 524 -5.25 -23.29 15.52
CA LYS A 524 -5.24 -24.34 14.52
C LYS A 524 -3.84 -24.89 14.29
N ILE A 525 -2.81 -24.08 14.51
CA ILE A 525 -1.45 -24.62 14.49
C ILE A 525 -1.15 -25.37 15.78
N ILE A 526 -1.26 -24.68 16.91
CA ILE A 526 -0.61 -25.11 18.15
C ILE A 526 -1.36 -26.26 18.81
N GLY A 527 -2.70 -26.23 18.77
CA GLY A 527 -3.44 -27.34 19.31
C GLY A 527 -3.09 -28.64 18.62
N TYR A 528 -2.71 -28.60 17.35
CA TYR A 528 -2.43 -29.83 16.63
C TYR A 528 -1.22 -30.55 17.22
N ILE A 529 -0.11 -29.83 17.39
CA ILE A 529 1.07 -30.40 18.03
C ILE A 529 0.78 -30.79 19.47
N ARG A 530 0.02 -29.96 20.19
CA ARG A 530 -0.41 -30.32 21.54
C ARG A 530 -1.13 -31.67 21.57
N ALA A 531 -2.15 -31.81 20.73
CA ALA A 531 -2.94 -33.04 20.69
C ALA A 531 -2.06 -34.23 20.35
N LYS A 532 -1.28 -34.13 19.28
CA LYS A 532 -0.51 -35.28 18.85
C LYS A 532 0.54 -35.69 19.87
N CYS A 533 1.13 -34.72 20.58
CA CYS A 533 1.97 -35.06 21.72
C CYS A 533 1.18 -35.80 22.80
N GLU A 534 0.10 -35.20 23.29
CA GLU A 534 -0.71 -35.78 24.36
C GLU A 534 -1.20 -37.20 24.04
N ASN A 535 -1.45 -37.49 22.76
CA ASN A 535 -1.94 -38.80 22.39
C ASN A 535 -0.98 -39.94 22.73
N VAL A 536 0.29 -39.66 23.01
CA VAL A 536 1.23 -40.75 23.22
C VAL A 536 2.17 -40.54 24.40
N LEU A 537 2.77 -39.35 24.51
CA LEU A 537 3.95 -39.17 25.37
C LEU A 537 3.67 -39.44 26.84
N PRO A 538 2.69 -38.80 27.49
CA PRO A 538 2.41 -39.13 28.89
C PRO A 538 1.93 -40.56 29.11
N TYR A 539 1.58 -41.29 28.05
CA TYR A 539 1.23 -42.69 28.23
C TYR A 539 2.48 -43.56 28.36
N ALA A 540 3.43 -43.43 27.45
CA ALA A 540 4.46 -44.45 27.33
C ALA A 540 5.81 -43.86 26.97
N SER A 541 6.84 -44.69 27.22
CA SER A 541 8.25 -44.53 26.89
C SER A 541 9.01 -43.41 27.61
N PRO A 542 10.34 -43.49 27.60
CA PRO A 542 11.16 -42.29 27.71
C PRO A 542 10.76 -41.23 26.70
N ALA A 543 10.80 -39.97 27.13
CA ALA A 543 10.18 -38.86 26.41
C ALA A 543 11.20 -38.25 25.45
N VAL A 544 10.97 -38.45 24.15
CA VAL A 544 11.83 -37.92 23.09
C VAL A 544 10.94 -37.39 21.97
N ILE A 545 10.91 -36.07 21.79
CA ILE A 545 10.06 -35.43 20.79
C ILE A 545 10.95 -34.65 19.83
N PHE A 546 10.88 -35.01 18.55
CA PHE A 546 11.72 -34.39 17.52
C PHE A 546 10.87 -33.53 16.60
N LEU A 547 11.24 -32.26 16.45
CA LEU A 547 10.51 -31.34 15.58
C LEU A 547 11.44 -30.86 14.47
N ALA A 548 11.08 -31.18 13.23
CA ALA A 548 11.85 -30.75 12.07
C ALA A 548 11.51 -29.32 11.67
N HIS A 549 12.53 -28.58 11.24
CA HIS A 549 12.35 -27.34 10.48
C HIS A 549 11.52 -26.30 11.22
N LEU A 550 11.79 -26.15 12.52
CA LEU A 550 10.96 -25.34 13.39
C LEU A 550 10.83 -23.89 12.89
N ASP A 551 11.83 -23.40 12.16
CA ASP A 551 11.80 -22.05 11.62
C ASP A 551 10.54 -21.76 10.83
N SER A 552 9.85 -22.78 10.33
CA SER A 552 8.55 -22.58 9.74
C SER A 552 7.58 -21.93 10.72
N ILE A 553 7.52 -22.44 11.94
CA ILE A 553 6.60 -21.93 12.94
C ILE A 553 7.21 -20.76 13.69
N LEU A 554 8.37 -20.98 14.28
CA LEU A 554 9.03 -19.98 15.13
C LEU A 554 9.84 -19.05 14.24
N LEU A 555 9.30 -17.84 14.01
CA LEU A 555 9.94 -16.86 13.15
C LEU A 555 9.84 -15.51 13.84
N ASP A 556 10.69 -14.57 13.41
CA ASP A 556 10.73 -13.22 13.94
C ASP A 556 10.75 -12.22 12.80
N VAL A 557 9.91 -11.19 12.89
CA VAL A 557 9.76 -10.17 11.85
C VAL A 557 10.36 -8.86 12.36
N ASN A 558 11.35 -8.33 11.64
CA ASN A 558 12.05 -7.10 11.99
C ASN A 558 11.36 -5.87 11.42
N ALA A 559 10.90 -5.95 10.18
CA ALA A 559 10.30 -4.84 9.46
C ALA A 559 9.21 -5.41 8.56
N ASN A 560 8.36 -4.52 8.01
CA ASN A 560 7.03 -4.91 7.56
C ASN A 560 6.22 -5.50 8.72
N GLN A 561 6.55 -5.06 9.93
CA GLN A 561 6.06 -5.60 11.19
C GLN A 561 4.70 -5.01 11.59
N ASP A 562 3.78 -4.91 10.65
CA ASP A 562 2.48 -4.30 10.90
C ASP A 562 1.65 -5.15 11.87
N PRO A 563 0.74 -4.52 12.62
CA PRO A 563 0.04 -5.24 13.71
C PRO A 563 -0.63 -6.54 13.28
N GLU A 564 -1.36 -6.52 12.16
CA GLU A 564 -2.08 -7.71 11.71
C GLU A 564 -1.15 -8.83 11.33
N ALA A 565 0.10 -8.52 11.01
CA ALA A 565 1.12 -9.56 10.87
C ALA A 565 1.72 -9.90 12.23
N ILE A 566 2.34 -8.91 12.87
CA ILE A 566 3.28 -9.19 13.96
C ILE A 566 2.56 -9.80 15.16
N LYS A 567 1.39 -9.28 15.52
CA LYS A 567 0.75 -9.71 16.75
C LYS A 567 0.47 -11.21 16.76
N LEU A 568 0.14 -11.79 15.61
CA LEU A 568 -0.11 -13.22 15.53
C LEU A 568 1.14 -14.04 15.80
N GLN A 569 2.20 -13.85 15.01
CA GLN A 569 3.47 -14.54 15.25
C GLN A 569 3.99 -14.33 16.66
N LYS A 570 3.93 -13.08 17.16
CA LYS A 570 4.42 -12.77 18.49
C LYS A 570 3.62 -13.49 19.56
N SER A 571 2.32 -13.69 19.33
CA SER A 571 1.57 -14.54 20.25
C SER A 571 1.95 -16.01 20.05
N ILE A 572 2.16 -16.42 18.81
CA ILE A 572 2.39 -17.82 18.47
C ILE A 572 3.61 -18.36 19.21
N ASN A 573 4.74 -17.66 19.10
CA ASN A 573 5.98 -18.20 19.66
C ASN A 573 5.89 -18.39 21.17
N PHE A 574 5.24 -17.46 21.86
CA PHE A 574 5.01 -17.63 23.29
C PHE A 574 3.99 -18.72 23.57
N GLU A 575 2.91 -18.76 22.81
CA GLU A 575 1.87 -19.76 23.01
C GLU A 575 2.39 -21.17 22.77
N MET A 576 3.43 -21.32 21.96
CA MET A 576 4.18 -22.57 21.93
C MET A 576 5.10 -22.74 23.13
N SER A 577 5.91 -21.71 23.45
CA SER A 577 6.89 -21.85 24.52
C SER A 577 6.23 -22.29 25.82
N LYS A 578 5.06 -21.71 26.13
CA LYS A 578 4.30 -22.12 27.31
C LYS A 578 3.92 -23.59 27.25
N LEU A 579 3.54 -24.09 26.08
CA LEU A 579 3.23 -25.51 25.95
C LEU A 579 4.48 -26.37 26.15
N LEU A 580 5.60 -25.94 25.59
CA LEU A 580 6.85 -26.65 25.78
C LEU A 580 7.21 -26.76 27.25
N ASP A 581 7.08 -25.65 27.97
CA ASP A 581 7.29 -25.68 29.42
C ASP A 581 6.28 -26.57 30.12
N ASP A 582 5.01 -26.51 29.72
CA ASP A 582 3.99 -27.37 30.32
C ASP A 582 4.32 -28.84 30.14
N PHE A 583 4.77 -29.22 28.94
CA PHE A 583 5.24 -30.58 28.70
C PHE A 583 6.41 -30.94 29.60
N THR A 584 7.33 -29.98 29.81
CA THR A 584 8.51 -30.29 30.59
C THR A 584 8.20 -30.36 32.08
N PHE A 585 7.19 -29.63 32.52
CA PHE A 585 6.70 -29.72 33.89
C PHE A 585 5.91 -30.99 34.14
N LYS A 586 4.97 -31.34 33.25
CA LYS A 586 4.06 -32.43 33.53
C LYS A 586 4.70 -33.80 33.33
N PHE A 587 5.42 -33.98 32.25
CA PHE A 587 5.90 -35.31 31.94
C PHE A 587 7.33 -35.52 32.44
N PRO A 588 7.75 -36.77 32.59
CA PRO A 588 9.16 -37.03 32.92
C PRO A 588 10.07 -36.83 31.72
N GLY A 589 11.16 -36.10 31.93
CA GLY A 589 12.25 -35.93 30.97
C GLY A 589 11.98 -34.97 29.83
N THR A 590 10.89 -35.20 29.09
CA THR A 590 10.40 -34.28 28.05
C THR A 590 11.55 -33.73 27.18
N THR A 591 12.33 -34.64 26.62
CA THR A 591 13.51 -34.20 25.86
C THR A 591 13.04 -33.62 24.54
N PHE A 592 12.93 -32.30 24.50
CA PHE A 592 12.75 -31.57 23.25
C PHE A 592 14.03 -31.66 22.42
N VAL A 593 13.88 -32.01 21.14
CA VAL A 593 15.02 -32.15 20.22
C VAL A 593 14.71 -31.34 18.97
N GLY A 594 15.15 -30.09 18.94
CA GLY A 594 14.85 -29.20 17.84
C GLY A 594 15.83 -29.26 16.68
N SER A 595 15.40 -28.73 15.53
CA SER A 595 16.25 -28.57 14.37
C SER A 595 15.82 -27.33 13.60
N VAL A 596 16.79 -26.65 12.99
CA VAL A 596 16.52 -25.44 12.21
C VAL A 596 17.65 -25.24 11.22
N ASN A 597 17.38 -24.48 10.16
CA ASN A 597 18.43 -24.10 9.22
C ASN A 597 19.21 -22.87 9.67
N ASN A 598 18.82 -21.70 9.17
CA ASN A 598 19.46 -20.44 9.55
C ASN A 598 19.19 -20.14 11.03
N ILE A 599 20.24 -20.17 11.84
CA ILE A 599 20.06 -20.10 13.30
C ILE A 599 19.70 -18.69 13.73
N ASP A 600 20.20 -17.68 13.01
CA ASP A 600 20.02 -16.29 13.37
C ASP A 600 18.58 -15.93 13.72
N ASN A 601 17.62 -16.44 12.97
CA ASN A 601 16.23 -16.01 13.10
C ASN A 601 15.38 -16.93 13.96
N VAL A 602 15.99 -17.89 14.65
CA VAL A 602 15.23 -18.57 15.69
C VAL A 602 14.85 -17.56 16.75
N PRO A 603 13.63 -17.59 17.32
CA PRO A 603 13.25 -16.56 18.29
C PRO A 603 14.10 -16.64 19.55
N SER A 604 14.80 -15.54 19.83
CA SER A 604 15.65 -15.49 21.02
C SER A 604 14.85 -15.73 22.29
N SER A 605 13.62 -15.20 22.34
CA SER A 605 12.75 -15.42 23.48
C SER A 605 12.43 -16.88 23.70
N PHE A 606 12.51 -17.71 22.66
CA PHE A 606 12.52 -19.16 22.84
C PHE A 606 13.92 -19.70 23.09
N ARG A 607 14.86 -19.39 22.21
CA ARG A 607 16.16 -20.05 22.20
C ARG A 607 16.91 -19.89 23.52
N SER A 608 16.69 -18.76 24.21
CA SER A 608 17.28 -18.56 25.53
C SER A 608 17.00 -19.74 26.45
N HIS A 609 15.83 -20.36 26.33
CA HIS A 609 15.55 -21.52 27.17
C HIS A 609 16.40 -22.72 26.81
N MET A 610 16.91 -22.80 25.59
CA MET A 610 17.71 -23.93 25.18
C MET A 610 19.18 -23.71 25.51
N ARG A 611 19.99 -24.76 25.27
CA ARG A 611 21.20 -24.95 26.05
C ARG A 611 22.43 -25.47 25.28
N PHE A 612 22.30 -26.52 24.48
CA PHE A 612 23.48 -27.14 23.89
C PHE A 612 23.85 -26.67 22.49
N GLU A 613 22.91 -26.11 21.73
CA GLU A 613 23.19 -25.35 20.50
C GLU A 613 24.18 -26.04 19.55
N ILE A 614 24.17 -27.37 19.51
CA ILE A 614 25.13 -28.13 18.71
C ILE A 614 25.15 -27.63 17.28
N LEU A 615 26.33 -27.30 16.78
CA LEU A 615 26.54 -27.01 15.37
C LEU A 615 27.15 -28.23 14.69
N VAL A 616 26.41 -28.81 13.75
CA VAL A 616 26.86 -30.00 13.02
C VAL A 616 27.53 -29.57 11.73
N PRO A 617 28.80 -29.89 11.52
CA PRO A 617 29.51 -29.42 10.32
C PRO A 617 29.08 -30.18 9.08
N VAL A 618 29.42 -29.61 7.93
CA VAL A 618 29.56 -30.40 6.71
C VAL A 618 30.69 -31.41 6.87
N PRO A 619 30.59 -32.62 6.32
CA PRO A 619 31.53 -33.67 6.67
C PRO A 619 32.93 -33.38 6.16
N SER A 620 33.92 -33.64 7.01
CA SER A 620 35.32 -33.54 6.60
C SER A 620 35.68 -34.65 5.60
N GLU A 621 36.90 -34.54 5.07
CA GLU A 621 37.42 -35.59 4.18
C GLU A 621 37.62 -36.89 4.93
N ALA A 622 37.97 -36.81 6.21
CA ALA A 622 38.06 -38.00 7.04
C ALA A 622 36.70 -38.61 7.29
N GLN A 623 35.67 -37.78 7.41
CA GLN A 623 34.33 -38.31 7.59
C GLN A 623 33.88 -39.09 6.35
N ARG A 624 33.98 -38.47 5.18
CA ARG A 624 33.26 -38.95 3.99
C ARG A 624 33.72 -40.32 3.54
N LEU A 625 34.92 -40.74 3.92
CA LEU A 625 35.32 -42.14 3.76
C LEU A 625 34.24 -43.09 4.26
N ARG A 626 33.76 -42.86 5.48
CA ARG A 626 32.74 -43.74 6.03
C ARG A 626 31.44 -43.66 5.23
N ILE A 627 31.13 -42.47 4.70
CA ILE A 627 29.93 -42.30 3.90
C ILE A 627 29.98 -43.19 2.65
N PHE A 628 31.05 -43.03 1.87
CA PHE A 628 31.20 -43.85 0.67
C PHE A 628 31.23 -45.33 1.03
N GLN A 629 31.96 -45.70 2.09
CA GLN A 629 31.98 -47.10 2.50
C GLN A 629 30.56 -47.62 2.70
N TRP A 630 29.73 -46.86 3.39
CA TRP A 630 28.35 -47.26 3.60
C TRP A 630 27.62 -47.43 2.27
N TYR A 631 27.55 -46.38 1.45
CA TYR A 631 26.74 -46.49 0.25
C TYR A 631 27.26 -47.52 -0.74
N LEU A 632 28.57 -47.73 -0.81
CA LEU A 632 29.07 -48.77 -1.70
C LEU A 632 28.97 -50.16 -1.08
N SER A 633 28.63 -50.26 0.20
CA SER A 633 28.43 -51.57 0.81
C SER A 633 27.35 -52.36 0.08
N SER A 634 27.61 -53.66 -0.06
CA SER A 634 26.75 -54.53 -0.85
C SER A 634 25.28 -54.45 -0.41
N HIS A 635 25.04 -54.35 0.91
CA HIS A 635 23.68 -54.20 1.37
C HIS A 635 22.96 -53.03 0.71
N GLU A 636 23.66 -51.90 0.53
CA GLU A 636 22.94 -50.71 0.12
C GLU A 636 22.71 -50.65 -1.38
N LEU A 637 23.44 -51.42 -2.17
CA LEU A 637 23.23 -51.44 -3.61
C LEU A 637 22.44 -52.65 -4.09
N ASN A 638 22.56 -53.80 -3.46
CA ASN A 638 21.75 -54.93 -3.92
C ASN A 638 20.36 -54.91 -3.28
N ARG A 639 19.71 -53.76 -3.36
CA ARG A 639 18.32 -53.61 -2.97
C ARG A 639 17.75 -52.45 -3.78
N ASP A 640 16.42 -52.39 -3.76
CA ASP A 640 15.40 -51.64 -4.53
C ASP A 640 15.39 -52.13 -5.98
N VAL A 641 16.54 -52.59 -6.46
CA VAL A 641 16.52 -53.43 -7.65
C VAL A 641 15.85 -54.76 -7.33
N GLN A 642 15.44 -55.45 -8.39
CA GLN A 642 14.82 -56.75 -8.28
C GLN A 642 15.21 -57.74 -9.37
N GLN A 643 15.79 -57.29 -10.49
CA GLN A 643 16.36 -58.23 -11.44
C GLN A 643 17.48 -59.03 -10.80
N LYS A 644 17.58 -60.29 -11.22
CA LYS A 644 18.37 -61.29 -10.50
C LYS A 644 19.85 -60.98 -10.52
N VAL A 645 20.31 -60.14 -11.43
CA VAL A 645 21.74 -59.80 -11.49
C VAL A 645 22.10 -58.96 -10.27
N PRO A 646 23.09 -59.37 -9.50
CA PRO A 646 23.57 -58.54 -8.39
C PRO A 646 24.55 -57.49 -8.86
N VAL A 647 24.82 -56.53 -7.98
CA VAL A 647 25.74 -55.44 -8.24
C VAL A 647 26.84 -55.46 -7.18
N SER A 648 28.06 -55.11 -7.61
CA SER A 648 29.13 -54.87 -6.66
C SER A 648 30.15 -53.91 -7.26
N TYR A 649 30.84 -53.20 -6.38
CA TYR A 649 32.14 -52.63 -6.68
C TYR A 649 33.20 -53.72 -6.74
N MET A 650 34.38 -53.34 -7.21
CA MET A 650 35.49 -54.26 -7.35
C MET A 650 36.80 -53.54 -7.06
N ASP A 651 37.85 -54.33 -6.87
CA ASP A 651 39.04 -53.95 -6.14
C ASP A 651 39.86 -52.83 -6.80
N ASN A 652 39.58 -52.48 -8.06
CA ASN A 652 40.27 -51.32 -8.64
C ASN A 652 39.87 -50.01 -7.99
N ILE A 653 38.70 -49.94 -7.35
CA ILE A 653 38.32 -48.72 -6.67
C ILE A 653 39.12 -48.58 -5.39
N SER A 654 39.29 -47.34 -4.94
CA SER A 654 39.81 -47.08 -3.61
C SER A 654 39.21 -45.78 -3.10
N PHE A 655 38.54 -45.87 -1.95
CA PHE A 655 37.83 -44.74 -1.38
C PHE A 655 38.72 -43.52 -1.22
N SER A 656 40.00 -43.73 -0.97
CA SER A 656 40.98 -42.65 -0.94
C SER A 656 40.89 -41.73 -2.14
N SER A 657 40.74 -42.29 -3.35
CA SER A 657 40.62 -41.47 -4.54
C SER A 657 39.42 -40.52 -4.45
N LEU A 658 38.25 -41.05 -4.10
CA LEU A 658 37.09 -40.20 -3.92
C LEU A 658 37.30 -39.18 -2.81
N SER A 659 37.95 -39.59 -1.72
CA SER A 659 38.26 -38.65 -0.65
C SER A 659 39.11 -37.50 -1.16
N SER A 660 39.95 -37.77 -2.16
CA SER A 660 40.73 -36.69 -2.76
C SER A 660 39.86 -35.83 -3.67
N TYR A 661 38.99 -36.46 -4.45
CA TYR A 661 38.18 -35.76 -5.44
C TYR A 661 36.86 -35.23 -4.91
N SER A 662 36.44 -35.62 -3.72
CA SER A 662 35.19 -35.14 -3.14
C SER A 662 35.46 -34.25 -1.94
N ALA A 663 34.98 -33.02 -2.01
CA ALA A 663 34.96 -32.08 -0.89
C ALA A 663 33.96 -30.99 -1.25
N GLY A 664 33.49 -30.28 -0.22
CA GLY A 664 32.45 -29.32 -0.48
C GLY A 664 31.14 -29.94 -0.90
N LEU A 665 30.92 -31.21 -0.59
CA LEU A 665 29.73 -31.93 -0.99
C LEU A 665 29.04 -32.50 0.23
N THR A 666 27.71 -32.51 0.21
CA THR A 666 26.92 -33.06 1.29
C THR A 666 26.71 -34.55 1.08
N PRO A 667 26.20 -35.25 2.09
CA PRO A 667 25.81 -36.65 1.88
C PRO A 667 24.84 -36.85 0.74
N LEU A 668 23.91 -35.93 0.51
CA LEU A 668 22.98 -36.09 -0.61
C LEU A 668 23.70 -36.10 -1.93
N ASP A 669 24.67 -35.20 -2.11
CA ASP A 669 25.50 -35.24 -3.30
C ASP A 669 26.23 -36.57 -3.41
N ILE A 670 26.77 -37.07 -2.31
CA ILE A 670 27.49 -38.35 -2.35
C ILE A 670 26.57 -39.47 -2.83
N LYS A 671 25.38 -39.56 -2.23
CA LYS A 671 24.41 -40.56 -2.67
C LYS A 671 24.08 -40.40 -4.15
N SER A 672 23.84 -39.17 -4.59
CA SER A 672 23.52 -38.93 -6.00
C SER A 672 24.65 -39.36 -6.91
N ILE A 673 25.89 -39.13 -6.48
CA ILE A 673 27.05 -39.62 -7.22
C ILE A 673 27.01 -41.13 -7.35
N VAL A 674 26.90 -41.82 -6.23
CA VAL A 674 26.94 -43.28 -6.28
C VAL A 674 25.81 -43.84 -7.14
N GLU A 675 24.62 -43.28 -7.03
CA GLU A 675 23.54 -43.77 -7.87
C GLU A 675 23.73 -43.42 -9.35
N THR A 676 24.29 -42.25 -9.64
CA THR A 676 24.61 -41.94 -11.03
C THR A 676 25.60 -42.95 -11.59
N ALA A 677 26.53 -43.37 -10.76
CA ALA A 677 27.44 -44.44 -11.16
C ALA A 677 26.67 -45.73 -11.43
N ARG A 678 25.83 -46.15 -10.48
CA ARG A 678 25.08 -47.38 -10.68
C ARG A 678 24.27 -47.35 -11.96
N MET A 679 23.71 -46.19 -12.30
CA MET A 679 22.99 -46.03 -13.57
C MET A 679 23.92 -46.23 -14.76
N THR A 680 25.09 -45.59 -14.73
CA THR A 680 26.02 -45.79 -15.84
C THR A 680 26.43 -47.24 -15.96
N ALA A 681 26.65 -47.90 -14.83
CA ALA A 681 27.04 -49.31 -14.85
C ALA A 681 25.96 -50.17 -15.47
N THR A 682 24.72 -50.03 -15.03
CA THR A 682 23.67 -50.87 -15.59
C THR A 682 23.48 -50.59 -17.08
N ALA A 683 23.61 -49.33 -17.49
CA ALA A 683 23.45 -49.00 -18.91
C ALA A 683 24.53 -49.68 -19.73
N ARG A 684 25.78 -49.59 -19.27
CA ARG A 684 26.89 -50.27 -19.92
C ARG A 684 26.66 -51.78 -19.97
N PHE A 685 26.16 -52.36 -18.88
CA PHE A 685 25.88 -53.79 -18.85
C PHE A 685 24.88 -54.20 -19.92
N TYR A 686 23.70 -53.59 -19.93
CA TYR A 686 22.69 -54.00 -20.91
C TYR A 686 23.13 -53.70 -22.33
N GLN A 687 23.80 -52.56 -22.54
CA GLN A 687 24.25 -52.25 -23.90
C GLN A 687 25.28 -53.26 -24.39
N GLU A 688 26.18 -53.71 -23.51
CA GLU A 688 27.08 -54.78 -23.93
C GLU A 688 26.31 -56.08 -24.15
N SER A 689 25.34 -56.39 -23.29
CA SER A 689 24.58 -57.62 -23.45
C SER A 689 23.87 -57.67 -24.79
N LYS A 690 23.60 -56.50 -25.38
CA LYS A 690 23.05 -56.47 -26.73
C LYS A 690 24.02 -57.04 -27.75
N LYS A 691 25.29 -57.20 -27.40
CA LYS A 691 26.27 -57.87 -28.25
C LYS A 691 26.61 -59.23 -27.66
N CYS A 692 26.57 -60.26 -28.51
CA CYS A 692 27.03 -61.59 -28.15
C CYS A 692 28.54 -61.61 -27.90
N GLY A 693 28.93 -62.15 -26.75
CA GLY A 693 30.31 -62.11 -26.33
C GLY A 693 30.40 -62.28 -24.83
N TRP A 694 31.64 -62.26 -24.34
CA TRP A 694 31.88 -62.43 -22.92
C TRP A 694 31.53 -61.15 -22.18
N LEU A 695 30.74 -61.29 -21.12
CA LEU A 695 30.52 -60.20 -20.18
C LEU A 695 30.19 -60.82 -18.83
N PRO A 696 30.44 -60.09 -17.74
CA PRO A 696 30.21 -60.66 -16.41
C PRO A 696 28.73 -60.83 -16.12
N GLN A 697 28.42 -61.85 -15.30
CA GLN A 697 27.07 -62.09 -14.82
C GLN A 697 26.79 -61.28 -13.56
N SER A 698 27.47 -60.15 -13.43
CA SER A 698 27.34 -59.19 -12.36
C SER A 698 27.74 -57.86 -12.97
N ILE A 699 27.25 -56.77 -12.40
CA ILE A 699 27.53 -55.45 -12.95
C ILE A 699 28.54 -54.73 -12.08
N LEU A 700 29.53 -54.12 -12.74
CA LEU A 700 30.77 -53.68 -12.14
C LEU A 700 30.95 -52.18 -12.35
N ILE A 701 31.74 -51.58 -11.46
CA ILE A 701 31.84 -50.14 -11.32
C ILE A 701 33.30 -49.73 -11.52
N THR A 702 33.52 -48.52 -12.03
CA THR A 702 34.87 -48.07 -12.37
C THR A 702 35.16 -46.72 -11.74
N GLN A 703 36.45 -46.47 -11.51
CA GLN A 703 36.90 -45.18 -10.99
C GLN A 703 36.63 -44.03 -11.96
N GLU A 704 36.85 -44.25 -13.26
CA GLU A 704 36.61 -43.17 -14.21
C GLU A 704 35.15 -42.78 -14.26
N ASP A 705 34.25 -43.75 -14.07
CA ASP A 705 32.83 -43.45 -13.94
C ASP A 705 32.56 -42.60 -12.72
N LEU A 706 33.06 -43.00 -11.56
CA LEU A 706 32.85 -42.23 -10.34
C LEU A 706 33.38 -40.82 -10.48
N SER A 707 34.60 -40.66 -10.99
CA SER A 707 35.14 -39.32 -11.21
C SER A 707 34.24 -38.48 -12.12
N LYS A 708 33.82 -39.06 -13.25
CA LYS A 708 32.93 -38.34 -14.16
C LYS A 708 31.66 -37.90 -13.45
N ALA A 709 31.05 -38.80 -12.70
CA ALA A 709 29.88 -38.44 -11.92
C ALA A 709 30.19 -37.31 -10.93
N THR A 710 31.35 -37.35 -10.27
CA THR A 710 31.70 -36.27 -9.36
C THR A 710 31.75 -34.93 -10.06
N SER A 711 32.31 -34.92 -11.27
CA SER A 711 32.33 -33.68 -12.04
C SER A 711 30.92 -33.24 -12.38
N LYS A 712 30.08 -34.18 -12.78
CA LYS A 712 28.67 -33.87 -13.05
C LYS A 712 28.00 -33.25 -11.83
N ALA A 713 28.16 -33.88 -10.67
CA ALA A 713 27.58 -33.38 -9.43
C ALA A 713 28.06 -31.99 -9.08
N ARG A 714 29.37 -31.77 -9.13
CA ARG A 714 29.89 -30.44 -8.84
C ARG A 714 29.38 -29.41 -9.83
N ASN A 715 29.16 -29.80 -11.08
CA ASN A 715 28.52 -28.89 -12.03
C ASN A 715 27.07 -28.61 -11.65
N GLU A 716 26.31 -29.63 -11.27
CA GLU A 716 24.93 -29.41 -10.85
C GLU A 716 24.84 -28.49 -9.64
N PHE A 717 25.74 -28.66 -8.67
CA PHE A 717 25.85 -27.73 -7.55
C PHE A 717 26.12 -26.31 -8.04
N SER A 718 27.11 -26.14 -8.90
CA SER A 718 27.45 -24.79 -9.38
C SER A 718 26.30 -24.17 -10.18
N VAL A 719 25.58 -24.97 -10.96
CA VAL A 719 24.46 -24.46 -11.73
C VAL A 719 23.30 -24.04 -10.83
N SER A 720 23.02 -24.82 -9.78
CA SER A 720 21.84 -24.51 -8.99
C SER A 720 22.13 -23.42 -7.95
N ILE A 721 23.29 -23.50 -7.29
CA ILE A 721 23.60 -22.65 -6.15
C ILE A 721 24.79 -21.73 -6.45
N GLY A 722 25.80 -22.25 -7.14
CA GLY A 722 26.98 -21.48 -7.46
C GLY A 722 26.79 -20.50 -8.60
N ALA A 723 27.90 -20.06 -9.17
CA ALA A 723 27.87 -19.20 -10.34
C ALA A 723 27.69 -19.99 -11.63
N PRO A 724 26.98 -19.42 -12.59
CA PRO A 724 27.14 -19.82 -13.99
C PRO A 724 28.57 -19.61 -14.50
N GLN A 725 28.87 -20.28 -15.61
CA GLN A 725 30.14 -20.14 -16.33
C GLN A 725 31.34 -20.48 -15.42
N ILE A 726 31.32 -21.71 -14.93
CA ILE A 726 32.33 -22.29 -14.05
C ILE A 726 33.73 -22.18 -14.66
N PRO A 727 34.80 -22.25 -13.84
CA PRO A 727 36.16 -22.34 -14.37
C PRO A 727 36.36 -23.47 -15.38
N ASN A 728 36.73 -23.12 -16.60
CA ASN A 728 36.56 -24.01 -17.75
C ASN A 728 37.55 -23.78 -18.88
N VAL A 729 38.79 -23.39 -18.56
CA VAL A 729 39.76 -23.05 -19.59
C VAL A 729 41.11 -23.67 -19.26
N THR A 730 41.84 -24.04 -20.31
CA THR A 730 43.22 -24.54 -20.21
C THR A 730 44.20 -23.41 -19.98
N TRP A 731 44.85 -23.42 -18.80
CA TRP A 731 45.92 -22.50 -18.49
C TRP A 731 47.00 -22.50 -19.56
N ASP A 732 47.17 -23.62 -20.27
CA ASP A 732 48.06 -23.70 -21.43
C ASP A 732 47.88 -22.58 -22.43
N ASP A 733 46.68 -22.02 -22.56
CA ASP A 733 46.41 -20.98 -23.55
C ASP A 733 46.83 -19.58 -23.14
N ILE A 734 47.15 -19.34 -21.87
CA ILE A 734 47.58 -18.01 -21.43
C ILE A 734 49.09 -17.93 -21.64
N GLY A 735 49.48 -17.67 -22.88
CA GLY A 735 50.87 -17.55 -23.27
C GLY A 735 51.52 -16.23 -22.88
N GLY A 736 52.84 -16.21 -22.98
CA GLY A 736 53.62 -14.99 -22.88
C GLY A 736 53.87 -14.40 -21.51
N ILE A 737 52.94 -14.59 -20.56
CA ILE A 737 53.20 -14.17 -19.19
C ILE A 737 54.27 -15.07 -18.58
N ASP A 738 55.14 -14.47 -17.77
CA ASP A 738 56.41 -15.09 -17.39
C ASP A 738 56.51 -15.32 -15.88
N PHE A 739 57.68 -15.10 -15.28
CA PHE A 739 57.79 -15.16 -13.84
C PHE A 739 56.77 -14.28 -13.12
N VAL A 740 56.19 -13.30 -13.81
CA VAL A 740 54.99 -12.64 -13.28
C VAL A 740 53.86 -13.66 -13.05
N LYS A 741 53.55 -14.48 -14.06
CA LYS A 741 52.59 -15.55 -13.80
C LYS A 741 53.13 -16.58 -12.82
N GLY A 742 54.44 -16.75 -12.76
CA GLY A 742 55.05 -17.57 -11.74
C GLY A 742 54.70 -17.13 -10.33
N GLU A 743 54.99 -15.87 -10.01
CA GLU A 743 54.72 -15.35 -8.67
C GLU A 743 53.23 -15.32 -8.37
N ILE A 744 52.40 -14.96 -9.37
CA ILE A 744 50.95 -15.02 -9.19
C ILE A 744 50.51 -16.45 -8.86
N LEU A 745 50.84 -17.38 -9.74
CA LEU A 745 50.35 -18.74 -9.61
C LEU A 745 50.84 -19.37 -8.31
N ASP A 746 52.13 -19.22 -8.00
CA ASP A 746 52.64 -19.71 -6.72
C ASP A 746 51.91 -19.08 -5.53
N THR A 747 51.56 -17.79 -5.64
CA THR A 747 50.86 -17.08 -4.57
C THR A 747 49.45 -17.62 -4.34
N ILE A 748 48.81 -18.13 -5.39
CA ILE A 748 47.50 -18.75 -5.22
C ILE A 748 47.57 -20.27 -5.07
N ASP A 749 48.67 -20.89 -5.50
CA ASP A 749 48.89 -22.32 -5.34
C ASP A 749 49.21 -22.70 -3.90
N MET A 750 50.23 -22.06 -3.31
CA MET A 750 50.81 -22.54 -2.06
C MET A 750 49.83 -22.55 -0.88
N PRO A 751 49.04 -21.51 -0.62
CA PRO A 751 48.04 -21.62 0.45
C PRO A 751 46.94 -22.62 0.16
N LEU A 752 46.82 -23.09 -1.07
CA LEU A 752 45.79 -24.05 -1.44
C LEU A 752 46.22 -25.50 -1.29
N LYS A 753 47.48 -25.83 -1.60
CA LYS A 753 47.90 -27.23 -1.65
C LYS A 753 49.12 -27.57 -0.80
N HIS A 754 49.71 -26.61 -0.09
CA HIS A 754 50.76 -26.92 0.88
C HIS A 754 50.40 -26.43 2.28
N PRO A 755 49.25 -26.86 2.81
CA PRO A 755 48.62 -26.12 3.92
C PRO A 755 49.41 -26.12 5.22
N GLU A 756 50.38 -27.04 5.39
CA GLU A 756 51.17 -27.05 6.62
C GLU A 756 51.92 -25.74 6.83
N LEU A 757 52.35 -25.08 5.76
CA LEU A 757 52.98 -23.77 5.89
C LEU A 757 51.96 -22.67 6.19
N PHE A 758 50.69 -22.95 5.98
CA PHE A 758 49.63 -21.95 5.95
C PHE A 758 48.50 -22.18 6.95
N THR A 759 48.46 -23.34 7.61
CA THR A 759 47.46 -23.60 8.63
C THR A 759 47.84 -22.87 9.92
N SER A 760 47.71 -21.55 9.87
CA SER A 760 48.19 -20.67 10.93
C SER A 760 47.34 -19.41 10.96
N GLY A 761 47.36 -18.75 12.12
CA GLY A 761 46.50 -17.62 12.42
C GLY A 761 46.89 -16.28 11.82
N MET A 762 48.08 -16.16 11.23
CA MET A 762 48.49 -14.87 10.69
C MET A 762 47.81 -14.63 9.33
N LYS A 763 47.88 -13.37 8.89
CA LYS A 763 47.42 -12.96 7.58
C LYS A 763 48.17 -13.68 6.48
N LYS A 764 47.48 -13.96 5.36
CA LYS A 764 48.02 -14.80 4.29
C LYS A 764 47.45 -14.36 2.94
N ARG A 765 47.93 -13.20 2.46
CA ARG A 765 47.78 -12.77 1.06
C ARG A 765 46.37 -12.99 0.51
N SER A 766 45.38 -12.48 1.25
CA SER A 766 43.99 -12.77 0.95
C SER A 766 43.44 -12.07 -0.30
N GLY A 767 44.14 -11.08 -0.87
CA GLY A 767 43.56 -10.36 -1.98
C GLY A 767 44.57 -9.66 -2.86
N ILE A 768 44.17 -9.45 -4.12
CA ILE A 768 45.02 -8.97 -5.20
C ILE A 768 44.14 -8.06 -6.07
N LEU A 769 44.78 -7.11 -6.77
CA LEU A 769 44.09 -6.39 -7.82
C LEU A 769 44.99 -6.23 -9.02
N PHE A 770 44.39 -5.86 -10.15
CA PHE A 770 45.08 -5.78 -11.43
C PHE A 770 44.75 -4.43 -12.06
N TYR A 771 45.77 -3.79 -12.65
CA TYR A 771 45.63 -2.44 -13.17
C TYR A 771 46.37 -2.23 -14.49
N GLY A 772 46.64 -3.29 -15.24
CA GLY A 772 47.21 -3.12 -16.56
C GLY A 772 46.24 -2.50 -17.56
N PRO A 773 46.80 -1.85 -18.58
CA PRO A 773 46.00 -1.38 -19.70
C PRO A 773 45.18 -2.48 -20.33
N PRO A 774 44.17 -2.12 -21.12
CA PRO A 774 43.35 -3.11 -21.81
C PRO A 774 44.11 -3.79 -22.93
N GLY A 775 43.74 -5.05 -23.19
CA GLY A 775 44.31 -5.83 -24.26
C GLY A 775 45.31 -6.90 -23.85
N THR A 776 45.87 -6.79 -22.65
CA THR A 776 46.45 -7.95 -22.00
C THR A 776 45.39 -8.60 -21.12
N GLY A 777 45.15 -9.90 -21.32
CA GLY A 777 43.99 -10.55 -20.72
C GLY A 777 44.10 -10.84 -19.24
N LYS A 778 43.49 -10.00 -18.41
CA LYS A 778 43.32 -10.31 -16.99
C LYS A 778 42.18 -11.29 -16.76
N THR A 779 41.00 -10.96 -17.29
CA THR A 779 39.80 -11.73 -16.98
C THR A 779 39.98 -13.19 -17.34
N LEU A 780 40.71 -13.47 -18.41
CA LEU A 780 40.99 -14.85 -18.78
C LEU A 780 41.86 -15.52 -17.72
N MET A 781 42.95 -14.86 -17.32
CA MET A 781 43.87 -15.51 -16.39
C MET A 781 43.22 -15.73 -15.03
N ALA A 782 42.25 -14.89 -14.65
CA ALA A 782 41.53 -15.13 -13.39
C ALA A 782 40.79 -16.46 -13.40
N LYS A 783 39.97 -16.71 -14.42
CA LYS A 783 39.29 -17.98 -14.53
C LYS A 783 40.27 -19.13 -14.73
N ALA A 784 41.41 -18.85 -15.36
CA ALA A 784 42.39 -19.90 -15.60
C ALA A 784 43.07 -20.35 -14.30
N ILE A 785 43.53 -19.40 -13.50
CA ILE A 785 44.13 -19.75 -12.21
C ILE A 785 43.09 -20.39 -11.30
N ALA A 786 41.83 -19.94 -11.39
CA ALA A 786 40.77 -20.65 -10.67
C ALA A 786 40.64 -22.10 -11.11
N THR A 787 40.75 -22.35 -12.42
CA THR A 787 40.73 -23.71 -12.94
C THR A 787 41.94 -24.52 -12.49
N ASN A 788 43.08 -23.86 -12.29
CA ASN A 788 44.31 -24.56 -11.92
C ASN A 788 44.24 -25.22 -10.55
N PHE A 789 43.33 -24.81 -9.67
CA PHE A 789 43.20 -25.44 -8.36
C PHE A 789 41.74 -25.72 -8.01
N SER A 790 40.85 -25.70 -8.99
CA SER A 790 39.43 -25.95 -8.80
C SER A 790 38.85 -25.05 -7.70
N LEU A 791 39.20 -23.76 -7.76
CA LEU A 791 38.58 -22.79 -6.87
C LEU A 791 37.09 -22.69 -7.15
N ASN A 792 36.31 -22.57 -6.09
CA ASN A 792 34.95 -22.06 -6.25
C ASN A 792 35.00 -20.63 -6.78
N PHE A 793 33.98 -20.26 -7.55
CA PHE A 793 34.07 -19.06 -8.37
C PHE A 793 32.77 -18.27 -8.29
N PHE A 794 32.89 -16.96 -8.04
CA PHE A 794 31.77 -16.03 -8.13
C PHE A 794 32.23 -14.77 -8.82
N SER A 795 31.53 -14.37 -9.88
CA SER A 795 31.83 -13.14 -10.59
C SER A 795 30.81 -12.08 -10.21
N VAL A 796 31.29 -10.98 -9.65
CA VAL A 796 30.55 -9.73 -9.63
C VAL A 796 30.69 -9.09 -11.00
N LYS A 797 29.63 -9.15 -11.80
CA LYS A 797 29.69 -8.66 -13.17
C LYS A 797 29.53 -7.15 -13.23
N GLY A 798 30.30 -6.44 -12.41
CA GLY A 798 30.28 -5.00 -12.37
C GLY A 798 29.20 -4.40 -11.48
N PRO A 799 28.29 -3.63 -12.08
CA PRO A 799 27.42 -2.76 -11.30
C PRO A 799 26.19 -3.43 -10.68
N GLU A 800 26.05 -4.74 -10.79
CA GLU A 800 24.82 -5.38 -10.30
C GLU A 800 24.67 -5.35 -8.79
N LEU A 801 25.62 -4.79 -8.05
CA LEU A 801 25.39 -4.47 -6.64
C LEU A 801 24.34 -3.38 -6.46
N LEU A 802 24.20 -2.47 -7.41
CA LEU A 802 23.26 -1.38 -7.27
C LEU A 802 21.82 -1.85 -7.36
N ASN A 803 20.92 -1.07 -6.76
CA ASN A 803 19.50 -1.36 -6.74
C ASN A 803 18.76 -0.05 -6.46
N MET A 804 17.43 -0.09 -6.63
CA MET A 804 16.61 1.08 -6.35
C MET A 804 16.55 1.43 -4.86
N TYR A 805 16.67 0.44 -3.99
CA TYR A 805 16.20 0.61 -2.61
C TYR A 805 17.35 1.06 -1.73
N ILE A 806 17.46 2.38 -1.55
CA ILE A 806 18.32 2.92 -0.50
C ILE A 806 17.85 2.40 0.85
N GLY A 807 18.79 1.81 1.61
CA GLY A 807 18.49 1.06 2.80
C GLY A 807 18.54 -0.45 2.64
N GLU A 808 18.59 -0.95 1.40
CA GLU A 808 18.71 -2.39 1.16
C GLU A 808 19.73 -2.75 0.09
N SER A 809 20.17 -1.81 -0.75
CA SER A 809 21.10 -2.13 -1.84
C SER A 809 22.41 -2.72 -1.34
N GLU A 810 22.81 -2.44 -0.10
CA GLU A 810 24.03 -3.04 0.44
C GLU A 810 23.90 -4.54 0.65
N ALA A 811 22.69 -5.08 0.64
CA ALA A 811 22.49 -6.49 0.96
C ALA A 811 23.33 -7.40 0.08
N ASN A 812 23.53 -7.03 -1.18
CA ASN A 812 24.39 -7.82 -2.07
C ASN A 812 25.83 -7.88 -1.59
N VAL A 813 26.26 -6.94 -0.76
CA VAL A 813 27.60 -7.02 -0.20
C VAL A 813 27.66 -8.12 0.85
N ARG A 814 26.74 -8.09 1.82
CA ARG A 814 26.71 -9.21 2.75
C ARG A 814 26.57 -10.53 2.02
N ARG A 815 25.72 -10.58 0.98
CA ARG A 815 25.59 -11.74 0.10
C ARG A 815 26.92 -12.24 -0.45
N VAL A 816 27.84 -11.34 -0.81
CA VAL A 816 29.11 -11.81 -1.39
C VAL A 816 29.88 -12.66 -0.38
N PHE A 817 29.97 -12.21 0.87
CA PHE A 817 30.63 -13.01 1.88
C PHE A 817 29.77 -14.17 2.37
N GLN A 818 28.45 -14.08 2.27
CA GLN A 818 27.62 -15.26 2.52
C GLN A 818 27.96 -16.39 1.55
N LYS A 819 27.94 -16.10 0.25
CA LYS A 819 28.26 -17.12 -0.75
C LYS A 819 29.72 -17.57 -0.67
N ALA A 820 30.65 -16.65 -0.42
CA ALA A 820 32.04 -17.04 -0.23
C ALA A 820 32.21 -17.99 0.96
N ARG A 821 31.64 -17.63 2.11
CA ARG A 821 31.72 -18.46 3.30
C ARG A 821 31.02 -19.81 3.08
N GLU A 822 29.97 -19.83 2.26
CA GLU A 822 29.35 -21.08 1.89
C GLU A 822 30.20 -21.92 0.94
N ALA A 823 31.21 -21.32 0.31
CA ALA A 823 32.04 -22.02 -0.67
C ALA A 823 33.52 -21.81 -0.35
N LYS A 824 33.92 -22.25 0.85
CA LYS A 824 35.12 -21.83 1.57
C LYS A 824 36.34 -21.65 0.67
N PRO A 825 36.76 -22.66 -0.13
CA PRO A 825 37.86 -22.39 -1.08
C PRO A 825 37.39 -21.69 -2.36
N CYS A 826 37.14 -20.39 -2.24
CA CYS A 826 36.55 -19.59 -3.31
C CYS A 826 37.46 -18.46 -3.75
N VAL A 827 37.37 -18.11 -5.03
CA VAL A 827 37.88 -16.86 -5.57
C VAL A 827 36.69 -15.96 -5.91
N ILE A 828 36.70 -14.75 -5.36
CA ILE A 828 35.70 -13.72 -5.67
C ILE A 828 36.32 -12.68 -6.59
N PHE A 829 35.69 -12.44 -7.73
CA PHE A 829 36.27 -11.58 -8.76
C PHE A 829 35.31 -10.42 -9.04
N PHE A 830 35.76 -9.21 -8.69
CA PHE A 830 35.13 -7.95 -9.11
C PHE A 830 35.74 -7.52 -10.43
N ASP A 831 35.12 -7.89 -11.53
CA ASP A 831 35.54 -7.31 -12.80
C ASP A 831 35.03 -5.87 -12.92
N GLN A 832 35.82 -5.04 -13.61
CA GLN A 832 35.56 -3.61 -13.75
C GLN A 832 35.26 -2.93 -12.42
N ILE A 833 36.13 -3.19 -11.42
CA ILE A 833 35.88 -2.74 -10.05
C ILE A 833 35.61 -1.25 -9.96
N ASP A 834 36.15 -0.45 -10.88
CA ASP A 834 35.81 0.97 -10.97
C ASP A 834 34.31 1.24 -10.86
N SER A 835 33.50 0.35 -11.44
CA SER A 835 32.05 0.47 -11.34
C SER A 835 31.54 0.57 -9.91
N VAL A 836 32.33 0.11 -8.94
CA VAL A 836 32.03 0.32 -7.53
C VAL A 836 33.30 0.74 -6.81
N ALA A 837 34.08 1.61 -7.45
CA ALA A 837 35.30 2.15 -6.85
C ALA A 837 35.70 3.45 -7.52
N PRO A 838 35.00 4.55 -7.20
CA PRO A 838 35.56 5.88 -7.46
C PRO A 838 36.77 6.18 -6.59
N LYS A 839 37.32 7.39 -6.70
CA LYS A 839 38.16 7.92 -5.63
C LYS A 839 37.46 7.77 -4.30
N ARG A 840 38.21 7.30 -3.30
CA ARG A 840 37.64 7.21 -1.95
C ARG A 840 37.41 8.59 -1.37
N GLY A 841 38.29 9.55 -1.68
CA GLY A 841 37.97 10.95 -1.54
C GLY A 841 37.18 11.47 -2.73
N ASN A 842 35.89 11.16 -2.76
CA ASN A 842 35.11 11.36 -3.97
C ASN A 842 34.81 12.83 -4.22
N GLN A 843 33.94 13.41 -3.40
CA GLN A 843 33.39 14.72 -3.73
C GLN A 843 33.02 15.46 -2.47
N GLY A 844 32.99 16.79 -2.59
CA GLY A 844 32.41 17.68 -1.61
C GLY A 844 30.93 17.90 -1.78
N ASP A 845 30.33 17.28 -2.79
CA ASP A 845 28.89 17.23 -2.94
C ASP A 845 28.30 16.25 -1.91
N SER A 846 27.04 15.88 -2.10
CA SER A 846 26.39 14.96 -1.19
C SER A 846 27.10 13.62 -1.16
N GLY A 847 27.06 12.97 0.01
CA GLY A 847 27.52 11.60 0.17
C GLY A 847 26.57 10.57 -0.40
N GLY A 848 26.41 10.56 -1.72
CA GLY A 848 25.44 9.71 -2.35
C GLY A 848 25.77 8.23 -2.24
N VAL A 849 24.82 7.42 -2.71
CA VAL A 849 24.88 5.96 -2.56
C VAL A 849 26.18 5.40 -3.10
N MET A 850 26.71 6.00 -4.17
CA MET A 850 27.97 5.53 -4.73
C MET A 850 29.12 5.52 -3.72
N ASP A 851 29.10 6.44 -2.75
CA ASP A 851 30.12 6.38 -1.70
C ASP A 851 29.76 5.37 -0.62
N ARG A 852 28.48 5.35 -0.21
CA ARG A 852 28.09 4.57 0.96
C ARG A 852 28.19 3.07 0.69
N ILE A 853 27.97 2.65 -0.55
CA ILE A 853 28.16 1.25 -0.89
C ILE A 853 29.64 0.89 -0.87
N VAL A 854 30.49 1.70 -1.51
CA VAL A 854 31.88 1.31 -1.73
C VAL A 854 32.68 1.37 -0.43
N SER A 855 32.49 2.39 0.39
CA SER A 855 33.24 2.46 1.63
C SER A 855 32.86 1.33 2.58
N GLN A 856 31.55 1.05 2.70
CA GLN A 856 31.11 -0.09 3.50
C GLN A 856 31.67 -1.40 2.96
N LEU A 857 31.66 -1.59 1.64
CA LEU A 857 32.22 -2.81 1.07
C LEU A 857 33.70 -2.94 1.40
N LEU A 858 34.48 -1.89 1.15
CA LEU A 858 35.90 -1.94 1.43
C LEU A 858 36.17 -2.23 2.91
N ALA A 859 35.41 -1.58 3.80
CA ALA A 859 35.56 -1.82 5.23
C ALA A 859 35.22 -3.26 5.60
N GLU A 860 34.16 -3.81 5.05
CA GLU A 860 33.76 -5.17 5.41
C GLU A 860 34.73 -6.20 4.84
N LEU A 861 35.19 -6.01 3.61
CA LEU A 861 36.19 -6.91 3.04
C LEU A 861 37.55 -6.72 3.71
N ASP A 862 37.74 -5.62 4.44
CA ASP A 862 38.88 -5.50 5.34
C ASP A 862 38.60 -6.16 6.68
N GLY A 863 37.37 -6.07 7.17
CA GLY A 863 37.05 -6.41 8.55
C GLY A 863 36.46 -7.79 8.79
N MET A 864 36.06 -8.48 7.73
CA MET A 864 35.49 -9.82 7.85
C MET A 864 36.12 -10.71 6.79
N SER A 865 36.08 -12.02 7.04
CA SER A 865 36.86 -13.03 6.34
C SER A 865 38.36 -12.83 6.52
N THR A 866 38.76 -11.70 7.12
CA THR A 866 40.14 -11.57 7.60
C THR A 866 40.40 -12.49 8.78
N ASP A 867 39.37 -12.86 9.53
CA ASP A 867 39.46 -13.90 10.55
C ASP A 867 39.07 -15.27 10.00
N ALA A 868 37.90 -15.37 9.37
CA ALA A 868 37.48 -16.61 8.71
C ALA A 868 38.28 -16.76 7.42
N ASP A 869 39.54 -17.15 7.58
CA ASP A 869 40.45 -17.34 6.46
C ASP A 869 39.89 -18.33 5.45
N GLY A 870 40.34 -18.20 4.21
CA GLY A 870 40.06 -19.20 3.19
C GLY A 870 39.68 -18.59 1.87
N VAL A 871 38.91 -17.49 1.92
CA VAL A 871 38.45 -16.86 0.70
C VAL A 871 39.59 -16.12 0.01
N PHE A 872 39.42 -15.89 -1.28
CA PHE A 872 40.28 -15.01 -2.05
C PHE A 872 39.43 -14.07 -2.88
N VAL A 873 39.91 -12.84 -3.06
CA VAL A 873 39.22 -11.85 -3.85
C VAL A 873 40.15 -11.27 -4.91
N ILE A 874 39.62 -11.04 -6.11
CA ILE A 874 40.38 -10.56 -7.26
C ILE A 874 39.65 -9.36 -7.85
N GLY A 875 40.40 -8.35 -8.27
CA GLY A 875 39.81 -7.23 -9.00
C GLY A 875 40.64 -6.71 -10.15
N ALA A 876 39.97 -6.28 -11.22
CA ALA A 876 40.64 -5.76 -12.40
C ALA A 876 39.93 -4.51 -12.89
N THR A 877 40.72 -3.51 -13.31
CA THR A 877 40.19 -2.29 -13.89
C THR A 877 41.30 -1.60 -14.67
N ASN A 878 41.04 -1.26 -15.93
CA ASN A 878 42.11 -0.86 -16.84
C ASN A 878 42.46 0.62 -16.73
N ARG A 879 42.34 1.18 -15.53
CA ARG A 879 42.59 2.60 -15.32
C ARG A 879 42.93 2.78 -13.84
N PRO A 880 44.18 3.03 -13.52
CA PRO A 880 44.64 2.91 -12.13
C PRO A 880 44.22 4.06 -11.22
N ASP A 881 44.29 5.29 -11.73
CA ASP A 881 44.31 6.47 -10.88
C ASP A 881 43.01 6.75 -10.14
N LEU A 882 41.91 6.10 -10.52
CA LEU A 882 40.67 6.27 -9.76
C LEU A 882 40.65 5.45 -8.49
N LEU A 883 41.33 4.30 -8.47
CA LEU A 883 41.52 3.52 -7.24
C LEU A 883 42.74 4.01 -6.46
N ASP A 884 42.66 5.27 -6.03
CA ASP A 884 43.81 5.99 -5.50
C ASP A 884 44.17 5.55 -4.07
N GLU A 885 43.22 5.66 -3.14
CA GLU A 885 43.51 5.43 -1.73
C GLU A 885 43.49 3.95 -1.35
N ALA A 886 42.61 3.16 -1.96
CA ALA A 886 42.47 1.76 -1.57
C ALA A 886 43.70 0.93 -1.90
N LEU A 887 44.70 1.51 -2.55
CA LEU A 887 45.99 0.85 -2.78
C LEU A 887 46.87 0.87 -1.54
N LEU A 888 46.51 1.64 -0.51
CA LEU A 888 47.18 1.60 0.78
C LEU A 888 46.58 0.49 1.66
N ARG A 889 47.35 0.09 2.67
CA ARG A 889 47.05 -0.98 3.63
C ARG A 889 45.60 -1.10 4.08
N PRO A 890 44.87 -0.01 4.38
CA PRO A 890 43.46 -0.22 4.75
C PRO A 890 42.65 -0.81 3.63
N GLY A 891 43.00 -0.55 2.37
CA GLY A 891 42.38 -1.31 1.29
C GLY A 891 43.05 -2.63 1.02
N ARG A 892 44.27 -2.81 1.56
CA ARG A 892 44.90 -4.10 1.78
C ARG A 892 45.30 -4.85 0.51
N PHE A 893 44.76 -4.47 -0.65
CA PHE A 893 45.08 -5.23 -1.86
C PHE A 893 46.57 -5.21 -2.18
N ASP A 894 47.20 -4.04 -2.08
CA ASP A 894 48.64 -3.90 -1.85
C ASP A 894 49.49 -4.74 -2.81
N LYS A 895 49.06 -4.91 -4.06
CA LYS A 895 49.81 -5.76 -4.95
C LYS A 895 49.87 -5.11 -6.32
N LEU A 896 51.07 -5.12 -6.90
CA LEU A 896 51.45 -4.22 -7.99
C LEU A 896 51.43 -4.91 -9.36
N LEU A 897 50.25 -5.35 -9.80
CA LEU A 897 50.15 -6.11 -11.04
C LEU A 897 50.07 -5.13 -12.22
N TYR A 898 51.22 -4.56 -12.56
CA TYR A 898 51.41 -3.97 -13.88
C TYR A 898 51.47 -5.05 -14.94
N LEU A 899 50.34 -5.73 -15.17
CA LEU A 899 50.20 -6.74 -16.20
C LEU A 899 50.02 -6.08 -17.57
N GLY A 900 51.06 -5.37 -18.00
CA GLY A 900 50.90 -4.41 -19.07
C GLY A 900 51.33 -4.85 -20.45
N ILE A 901 52.15 -4.04 -21.11
CA ILE A 901 52.68 -4.36 -22.43
C ILE A 901 53.69 -5.50 -22.32
N PRO A 902 53.84 -6.34 -23.35
CA PRO A 902 55.00 -7.25 -23.43
C PRO A 902 56.32 -6.50 -23.53
N ASP A 903 57.40 -7.27 -23.33
CA ASP A 903 58.75 -6.71 -23.26
C ASP A 903 59.79 -7.46 -24.08
N THR A 904 59.49 -8.66 -24.59
CA THR A 904 60.51 -9.51 -25.19
C THR A 904 59.95 -10.20 -26.42
N ASP A 905 60.78 -10.28 -27.46
CA ASP A 905 60.34 -10.76 -28.77
C ASP A 905 59.87 -12.21 -28.72
N THR A 906 60.59 -13.07 -28.00
CA THR A 906 60.13 -14.44 -27.83
C THR A 906 58.79 -14.51 -27.13
N LYS A 907 58.61 -13.70 -26.09
CA LYS A 907 57.34 -13.66 -25.37
C LYS A 907 56.16 -13.27 -26.27
N GLN A 908 56.35 -12.30 -27.16
CA GLN A 908 55.26 -11.97 -28.08
C GLN A 908 55.00 -13.11 -29.07
N LEU A 909 56.04 -13.82 -29.51
CA LEU A 909 55.79 -15.02 -30.30
C LEU A 909 55.00 -16.06 -29.50
N ASN A 910 55.30 -16.19 -28.20
CA ASN A 910 54.59 -17.13 -27.35
C ASN A 910 53.10 -16.83 -27.29
N ILE A 911 52.69 -15.62 -27.66
CA ILE A 911 51.28 -15.30 -27.72
C ILE A 911 50.60 -16.15 -28.78
N LEU A 912 50.97 -15.95 -30.05
CA LEU A 912 50.33 -16.69 -31.12
C LEU A 912 50.57 -18.19 -30.96
N GLU A 913 51.72 -18.57 -30.39
CA GLU A 913 51.98 -19.97 -30.09
C GLU A 913 50.97 -20.57 -29.11
N ALA A 914 50.48 -19.77 -28.17
CA ALA A 914 49.44 -20.24 -27.27
C ALA A 914 48.03 -20.08 -27.84
N LEU A 915 47.81 -19.06 -28.67
CA LEU A 915 46.48 -18.73 -29.15
C LEU A 915 46.06 -19.58 -30.35
N THR A 916 46.90 -19.69 -31.38
CA THR A 916 46.46 -20.24 -32.66
C THR A 916 46.18 -21.73 -32.60
N ARG A 917 46.58 -22.41 -31.53
CA ARG A 917 46.65 -23.87 -31.50
C ARG A 917 45.35 -24.55 -31.95
N LYS A 918 44.21 -23.90 -31.77
CA LYS A 918 42.93 -24.53 -32.07
C LYS A 918 42.65 -24.65 -33.57
N PHE A 919 43.22 -23.80 -34.41
CA PHE A 919 43.21 -24.07 -35.84
C PHE A 919 44.57 -24.58 -36.29
N VAL A 920 44.62 -25.04 -37.54
CA VAL A 920 45.86 -25.58 -38.10
C VAL A 920 46.83 -24.44 -38.37
N LEU A 921 47.97 -24.46 -37.68
CA LEU A 921 49.06 -23.54 -37.97
C LEU A 921 49.73 -23.91 -39.29
N ASP A 922 50.12 -22.88 -40.05
CA ASP A 922 51.12 -23.05 -41.08
C ASP A 922 52.51 -23.13 -40.45
N ASN A 923 53.35 -24.02 -41.00
CA ASN A 923 54.76 -24.06 -40.64
C ASN A 923 55.67 -24.19 -41.85
N ASP A 924 55.14 -24.05 -43.07
CA ASP A 924 55.96 -24.03 -44.26
C ASP A 924 56.85 -22.80 -44.33
N VAL A 925 56.49 -21.74 -43.62
CA VAL A 925 57.42 -20.71 -43.18
C VAL A 925 57.30 -20.58 -41.67
N LYS A 926 58.42 -20.32 -41.01
CA LYS A 926 58.49 -20.42 -39.55
C LYS A 926 58.06 -19.13 -38.86
N LEU A 927 57.51 -19.30 -37.66
CA LEU A 927 56.67 -18.29 -37.02
C LEU A 927 57.42 -17.02 -36.64
N ILE A 928 58.71 -17.14 -36.30
CA ILE A 928 59.43 -16.03 -35.67
C ILE A 928 59.45 -14.77 -36.55
N GLU A 929 59.43 -14.93 -37.87
CA GLU A 929 59.53 -13.73 -38.70
C GLU A 929 58.32 -12.82 -38.57
N LEU A 930 57.16 -13.35 -38.17
CA LEU A 930 56.04 -12.47 -37.87
C LEU A 930 56.36 -11.52 -36.71
N ALA A 931 56.96 -12.06 -35.64
CA ALA A 931 57.37 -11.24 -34.51
C ALA A 931 58.43 -10.23 -34.92
N LYS A 932 59.36 -10.65 -35.77
CA LYS A 932 60.34 -9.72 -36.32
C LYS A 932 59.68 -8.60 -37.11
N LEU A 933 58.66 -8.94 -37.90
CA LEU A 933 57.92 -7.96 -38.67
C LEU A 933 57.07 -7.03 -37.81
N CYS A 934 56.65 -7.47 -36.62
CA CYS A 934 55.78 -6.63 -35.80
C CYS A 934 56.54 -5.47 -35.17
N PRO A 935 56.06 -4.24 -35.31
CA PRO A 935 56.45 -3.16 -34.39
C PRO A 935 56.06 -3.53 -32.97
N PHE A 936 56.94 -3.19 -32.02
CA PHE A 936 56.84 -3.73 -30.67
C PHE A 936 55.83 -2.94 -29.83
N ASN A 937 54.56 -3.01 -30.26
CA ASN A 937 53.53 -2.15 -29.72
C ASN A 937 52.21 -2.88 -29.50
N TYR A 938 52.17 -4.19 -29.73
CA TYR A 938 50.94 -4.98 -29.76
C TYR A 938 50.76 -5.80 -28.49
N THR A 939 49.54 -6.32 -28.32
CA THR A 939 49.14 -7.09 -27.15
C THR A 939 48.35 -8.30 -27.64
N GLY A 940 48.01 -9.19 -26.70
CA GLY A 940 47.37 -10.44 -27.08
C GLY A 940 46.12 -10.27 -27.91
N ALA A 941 45.31 -9.25 -27.59
CA ALA A 941 44.17 -8.93 -28.44
C ALA A 941 44.60 -8.54 -29.85
N ASP A 942 45.74 -7.86 -29.97
CA ASP A 942 46.25 -7.52 -31.29
C ASP A 942 46.73 -8.75 -32.05
N PHE A 943 47.52 -9.60 -31.40
CA PHE A 943 47.97 -10.83 -32.04
C PHE A 943 46.79 -11.73 -32.39
N TYR A 944 45.78 -11.77 -31.51
CA TYR A 944 44.51 -12.40 -31.83
C TYR A 944 43.92 -11.81 -33.10
N ALA A 945 43.79 -10.49 -33.14
CA ALA A 945 43.18 -9.84 -34.30
C ALA A 945 43.93 -10.18 -35.59
N LEU A 946 45.27 -10.19 -35.52
CA LEU A 946 46.08 -10.59 -36.67
C LEU A 946 45.77 -12.01 -37.12
N CYS A 947 45.83 -12.98 -36.21
CA CYS A 947 45.60 -14.36 -36.62
C CYS A 947 44.17 -14.55 -37.09
N SER A 948 43.22 -13.85 -36.48
CA SER A 948 41.83 -13.88 -36.89
C SER A 948 41.66 -13.36 -38.31
N ASP A 949 42.26 -12.21 -38.61
CA ASP A 949 42.23 -11.66 -39.96
C ASP A 949 42.82 -12.63 -40.97
N ALA A 950 43.99 -13.18 -40.66
CA ALA A 950 44.63 -14.13 -41.57
C ALA A 950 43.75 -15.34 -41.85
N MET A 951 43.24 -15.98 -40.80
CA MET A 951 42.47 -17.20 -40.97
C MET A 951 41.11 -16.94 -41.61
N LEU A 952 40.46 -15.82 -41.28
CA LEU A 952 39.23 -15.45 -41.98
C LEU A 952 39.48 -15.15 -43.46
N ASN A 953 40.59 -14.49 -43.77
CA ASN A 953 40.96 -14.28 -45.16
C ASN A 953 41.18 -15.59 -45.89
N ALA A 954 41.86 -16.55 -45.26
CA ALA A 954 42.03 -17.86 -45.89
C ALA A 954 40.69 -18.59 -46.09
N MET A 955 39.78 -18.47 -45.13
CA MET A 955 38.41 -18.96 -45.35
C MET A 955 37.75 -18.29 -46.54
N SER A 956 37.90 -16.97 -46.68
CA SER A 956 37.38 -16.30 -47.87
C SER A 956 38.04 -16.78 -49.15
N ARG A 957 39.32 -17.17 -49.09
CA ARG A 957 39.99 -17.70 -50.26
C ARG A 957 39.44 -19.07 -50.66
N ILE A 958 39.28 -19.98 -49.70
CA ILE A 958 38.67 -21.27 -50.03
C ILE A 958 37.21 -21.11 -50.45
N ALA A 959 36.49 -20.15 -49.88
CA ALA A 959 35.15 -19.82 -50.36
C ALA A 959 35.17 -19.36 -51.81
N ARG A 960 36.06 -18.44 -52.16
CA ARG A 960 36.23 -17.99 -53.54
C ARG A 960 36.67 -19.10 -54.49
N MET A 961 37.31 -20.15 -53.98
CA MET A 961 37.56 -21.35 -54.79
C MET A 961 36.27 -22.16 -55.00
N VAL A 962 35.66 -22.60 -53.90
CA VAL A 962 34.54 -23.53 -54.04
C VAL A 962 33.35 -22.85 -54.71
N GLU A 963 33.17 -21.54 -54.54
CA GLU A 963 32.10 -20.85 -55.25
C GLU A 963 32.31 -20.90 -56.76
N LYS A 964 33.57 -20.90 -57.21
CA LYS A 964 33.87 -21.10 -58.62
C LYS A 964 33.56 -22.50 -59.08
N LYS A 965 33.93 -23.50 -58.27
CA LYS A 965 33.59 -24.88 -58.61
C LYS A 965 32.07 -25.12 -58.64
N VAL A 966 31.34 -24.53 -57.70
CA VAL A 966 29.88 -24.57 -57.73
C VAL A 966 29.32 -23.88 -58.97
N SER A 967 29.85 -22.71 -59.31
CA SER A 967 29.43 -22.03 -60.53
C SER A 967 29.66 -22.88 -61.78
N GLN A 968 30.84 -23.50 -61.88
CA GLN A 968 31.10 -24.42 -62.98
C GLN A 968 30.14 -25.60 -63.00
N HIS A 969 29.87 -26.21 -61.85
CA HIS A 969 28.91 -27.31 -61.78
C HIS A 969 27.51 -26.88 -62.19
N ASN A 970 27.09 -25.69 -61.75
CA ASN A 970 25.82 -25.13 -62.21
C ASN A 970 25.79 -24.94 -63.72
N GLU A 971 26.87 -24.40 -64.29
CA GLU A 971 26.93 -24.32 -65.75
C GLU A 971 26.93 -25.70 -66.39
N LEU A 972 27.41 -26.72 -65.67
CA LEU A 972 27.30 -28.11 -66.08
C LEU A 972 25.92 -28.69 -65.80
N THR A 973 25.00 -27.90 -65.27
CA THR A 973 23.60 -28.31 -65.15
C THR A 973 22.69 -27.15 -65.55
N GLY A 974 21.45 -27.14 -65.06
CA GLY A 974 20.54 -26.05 -65.37
C GLY A 974 20.89 -24.71 -64.77
N GLU A 975 22.03 -24.62 -64.09
CA GLU A 975 22.53 -23.38 -63.49
C GLU A 975 21.53 -22.78 -62.50
N ASN A 976 20.69 -23.62 -61.92
CA ASN A 976 19.56 -23.15 -61.13
C ASN A 976 19.30 -24.04 -59.93
N ILE A 977 20.19 -25.02 -59.65
CA ILE A 977 19.98 -25.92 -58.54
C ILE A 977 20.15 -25.19 -57.21
N SER A 978 19.53 -25.77 -56.19
CA SER A 978 19.67 -25.32 -54.81
C SER A 978 21.10 -25.47 -54.32
N THR A 979 21.63 -24.44 -53.67
CA THR A 979 23.06 -24.41 -53.37
C THR A 979 23.44 -25.58 -52.48
N ARG A 980 22.46 -26.15 -51.79
CA ARG A 980 22.66 -27.36 -51.02
C ARG A 980 22.92 -28.57 -51.91
N ARG A 981 22.37 -28.57 -53.13
CA ARG A 981 22.26 -29.85 -53.84
C ARG A 981 23.62 -30.37 -54.38
N TRP A 982 24.79 -29.86 -54.02
CA TRP A 982 26.03 -30.52 -54.40
C TRP A 982 27.06 -30.57 -53.28
N PHE A 983 27.93 -29.55 -53.24
CA PHE A 983 29.12 -29.58 -52.39
C PHE A 983 28.80 -29.76 -50.90
N ASP A 984 27.69 -29.19 -50.44
CA ASP A 984 27.27 -29.39 -49.05
C ASP A 984 26.79 -30.82 -48.78
N LYS A 985 25.92 -31.34 -49.64
CA LYS A 985 25.46 -32.73 -49.43
C LYS A 985 26.59 -33.73 -49.63
N ILE A 986 27.56 -33.43 -50.49
CA ILE A 986 28.77 -34.24 -50.57
C ILE A 986 29.68 -33.98 -49.38
N ALA A 987 29.49 -32.85 -48.69
CA ALA A 987 30.30 -32.49 -47.51
C ALA A 987 31.80 -32.53 -47.79
N THR A 988 32.20 -32.00 -48.95
CA THR A 988 33.59 -32.09 -49.39
C THR A 988 34.51 -31.34 -48.44
N LYS A 989 35.22 -32.10 -47.60
CA LYS A 989 36.28 -31.53 -46.76
C LYS A 989 37.27 -30.74 -47.61
N GLU A 990 37.74 -31.37 -48.69
CA GLU A 990 38.75 -30.78 -49.56
C GLU A 990 38.36 -29.40 -50.06
N ASP A 991 37.08 -29.18 -50.34
CA ASP A 991 36.61 -27.89 -50.85
C ASP A 991 36.06 -26.95 -49.79
N THR A 992 36.08 -27.32 -48.50
CA THR A 992 35.40 -26.49 -47.52
C THR A 992 36.15 -26.28 -46.21
N LYS A 993 36.88 -27.28 -45.73
CA LYS A 993 37.45 -27.18 -44.39
C LYS A 993 38.80 -26.45 -44.37
N VAL A 994 39.29 -26.27 -43.14
CA VAL A 994 40.36 -25.31 -42.80
C VAL A 994 41.54 -25.40 -43.75
N VAL A 995 41.98 -24.24 -44.23
CA VAL A 995 43.22 -24.06 -44.97
C VAL A 995 43.78 -22.70 -44.54
N VAL A 996 45.11 -22.59 -44.52
CA VAL A 996 45.76 -21.31 -44.28
C VAL A 996 47.20 -21.39 -44.77
N LYS A 997 47.79 -20.22 -45.04
CA LYS A 997 49.22 -20.11 -45.30
C LYS A 997 49.75 -18.79 -44.76
N MET A 998 51.04 -18.79 -44.40
CA MET A 998 51.64 -17.68 -43.68
C MET A 998 51.65 -16.37 -44.47
N GLU A 999 51.60 -16.43 -45.80
CA GLU A 999 51.48 -15.20 -46.59
C GLU A 999 50.18 -14.45 -46.31
N ASP A 1000 49.14 -15.14 -45.87
CA ASP A 1000 47.93 -14.46 -45.44
C ASP A 1000 48.08 -13.77 -44.09
N PHE A 1001 48.96 -14.28 -43.24
CA PHE A 1001 49.37 -13.51 -42.06
C PHE A 1001 50.14 -12.27 -42.46
N LEU A 1002 51.16 -12.41 -43.30
CA LEU A 1002 51.99 -11.25 -43.63
C LEU A 1002 51.16 -10.18 -44.35
N LYS A 1003 50.23 -10.61 -45.21
CA LYS A 1003 49.28 -9.69 -45.82
C LYS A 1003 48.30 -9.09 -44.82
N ALA A 1004 48.01 -9.78 -43.71
CA ALA A 1004 47.13 -9.22 -42.69
C ALA A 1004 47.86 -8.39 -41.64
N GLN A 1005 49.19 -8.40 -41.64
CA GLN A 1005 49.98 -7.83 -40.55
C GLN A 1005 49.98 -6.31 -40.52
N GLU A 1006 49.56 -5.62 -41.59
CA GLU A 1006 49.63 -4.17 -41.63
C GLU A 1006 48.42 -3.46 -41.02
N GLN A 1007 47.23 -4.06 -41.09
CA GLN A 1007 45.96 -3.33 -40.98
C GLN A 1007 45.36 -3.37 -39.56
N LEU A 1008 46.16 -3.65 -38.54
CA LEU A 1008 45.65 -3.63 -37.18
C LEU A 1008 45.38 -2.20 -36.70
N THR A 1009 44.78 -2.10 -35.50
CA THR A 1009 44.43 -0.82 -34.89
C THR A 1009 44.95 -0.71 -33.46
N PRO A 1010 46.12 -0.10 -33.28
CA PRO A 1010 46.73 0.11 -31.94
C PRO A 1010 46.08 1.29 -31.20
N SER A 1011 44.82 1.10 -30.82
CA SER A 1011 44.06 2.12 -30.11
C SER A 1011 44.65 2.51 -28.75
N VAL A 1012 45.43 1.64 -28.12
CA VAL A 1012 46.26 2.07 -27.00
C VAL A 1012 47.49 2.83 -27.49
N SER A 1013 47.31 4.12 -27.74
CA SER A 1013 48.44 4.96 -28.15
C SER A 1013 49.57 4.88 -27.15
N ARG A 1014 50.79 5.08 -27.64
CA ARG A 1014 51.97 5.12 -26.78
C ARG A 1014 51.88 6.23 -25.76
N ALA A 1015 51.19 7.32 -26.06
CA ALA A 1015 50.92 8.32 -25.03
C ALA A 1015 50.17 7.72 -23.85
N GLU A 1016 49.25 6.79 -24.12
CA GLU A 1016 48.52 6.13 -23.05
C GLU A 1016 49.43 5.25 -22.19
N LEU A 1017 50.27 4.45 -22.84
CA LEU A 1017 51.25 3.65 -22.11
C LEU A 1017 52.19 4.51 -21.29
N ASN A 1018 52.68 5.60 -21.88
CA ASN A 1018 53.54 6.52 -21.15
C ASN A 1018 52.84 7.09 -19.92
N HIS A 1019 51.59 7.53 -20.08
CA HIS A 1019 50.81 8.02 -18.94
C HIS A 1019 50.65 6.97 -17.85
N TYR A 1020 50.32 5.73 -18.25
CA TYR A 1020 50.18 4.65 -17.28
C TYR A 1020 51.49 4.34 -16.57
N GLU A 1021 52.61 4.33 -17.31
CA GLU A 1021 53.90 4.10 -16.67
C GLU A 1021 54.31 5.24 -15.75
N ALA A 1022 53.95 6.48 -16.11
CA ALA A 1022 54.18 7.61 -15.22
C ALA A 1022 53.38 7.48 -13.93
N VAL A 1023 52.16 6.96 -14.01
CA VAL A 1023 51.44 6.63 -12.78
C VAL A 1023 52.10 5.48 -12.04
N ARG A 1024 52.56 4.46 -12.77
CA ARG A 1024 53.32 3.35 -12.19
C ARG A 1024 54.51 3.83 -11.38
N ALA A 1025 55.16 4.89 -11.85
CA ALA A 1025 56.31 5.43 -11.12
C ALA A 1025 55.99 5.79 -9.67
N ASN A 1026 54.74 6.12 -9.37
CA ASN A 1026 54.36 6.42 -8.00
C ASN A 1026 53.46 5.38 -7.36
N PHE A 1027 52.67 4.65 -8.16
CA PHE A 1027 51.96 3.49 -7.65
C PHE A 1027 52.94 2.38 -7.27
N GLU A 1028 54.01 2.24 -8.06
CA GLU A 1028 54.83 1.03 -8.06
C GLU A 1028 56.33 1.29 -8.05
N GLY A 1029 56.80 2.42 -8.58
CA GLY A 1029 58.22 2.71 -8.51
C GLY A 1029 58.73 2.90 -7.10
N ALA A 1030 57.83 3.11 -6.14
CA ALA A 1030 58.16 3.16 -4.72
C ALA A 1030 59.30 4.13 -4.43
N THR B 1 -9.18 -80.99 -4.83
CA THR B 1 -10.35 -80.11 -4.74
C THR B 1 -11.29 -80.35 -5.92
N ILE B 2 -12.42 -80.99 -5.64
CA ILE B 2 -13.52 -81.12 -6.59
C ILE B 2 -14.62 -80.15 -6.19
N LEU B 3 -15.15 -79.41 -7.16
CA LEU B 3 -16.10 -78.34 -6.88
C LEU B 3 -17.50 -78.92 -6.68
N LYS B 4 -18.50 -78.04 -6.60
CA LYS B 4 -19.87 -78.49 -6.35
C LYS B 4 -20.37 -79.49 -7.38
N ASN B 5 -19.86 -79.43 -8.62
CA ASN B 5 -20.03 -80.52 -9.56
C ASN B 5 -18.75 -81.34 -9.67
N GLY B 6 -18.88 -82.66 -9.57
CA GLY B 6 -17.77 -83.58 -9.82
C GLY B 6 -17.17 -83.48 -11.20
N ALA B 7 -17.86 -82.80 -12.13
CA ALA B 7 -17.30 -82.48 -13.44
C ALA B 7 -16.12 -81.53 -13.39
N ILE B 8 -15.88 -80.85 -12.28
CA ILE B 8 -14.92 -79.75 -12.24
C ILE B 8 -13.96 -79.93 -11.07
N GLN B 9 -12.67 -79.76 -11.33
CA GLN B 9 -11.60 -79.88 -10.36
C GLN B 9 -10.70 -78.66 -10.45
N LEU B 10 -10.22 -78.17 -9.31
CA LEU B 10 -9.48 -76.91 -9.24
C LEU B 10 -7.99 -77.20 -9.03
N LEU B 11 -7.16 -76.59 -9.88
CA LEU B 11 -5.76 -76.97 -10.00
C LEU B 11 -4.81 -76.02 -9.26
N LYS B 12 -4.78 -74.74 -9.62
CA LYS B 12 -3.79 -73.83 -9.06
C LYS B 12 -4.30 -72.40 -9.14
N LYS B 13 -3.73 -71.55 -8.28
CA LYS B 13 -4.06 -70.14 -8.19
C LYS B 13 -2.82 -69.29 -8.36
N VAL B 14 -2.96 -68.18 -9.10
CA VAL B 14 -1.90 -67.18 -9.21
C VAL B 14 -2.57 -65.83 -9.40
N ILE B 15 -1.82 -64.77 -9.11
CA ILE B 15 -2.22 -63.40 -9.40
C ILE B 15 -1.26 -62.79 -10.40
N LEU B 16 -1.80 -62.03 -11.36
CA LEU B 16 -1.01 -61.49 -12.45
C LEU B 16 -1.46 -60.06 -12.71
N ARG B 17 -0.58 -59.30 -13.36
CA ARG B 17 -0.81 -57.88 -13.59
C ARG B 17 -1.27 -57.64 -15.01
N SER B 18 -2.39 -56.95 -15.16
CA SER B 18 -2.96 -56.69 -16.47
C SER B 18 -2.07 -55.77 -17.28
N THR B 19 -1.93 -56.07 -18.57
CA THR B 19 -1.23 -55.20 -19.51
C THR B 19 -1.98 -55.19 -20.83
N VAL B 20 -1.59 -54.26 -21.71
CA VAL B 20 -2.10 -54.19 -23.07
C VAL B 20 -1.02 -54.61 -24.05
N CYS B 21 -1.38 -55.46 -25.02
CA CYS B 21 -0.46 -55.88 -26.07
C CYS B 21 -1.10 -55.84 -27.45
N LYS B 22 -2.40 -55.50 -27.55
CA LYS B 22 -3.11 -55.39 -28.82
C LYS B 22 -3.01 -56.65 -29.67
N MET B 23 -3.08 -57.82 -29.03
CA MET B 23 -3.32 -59.07 -29.74
C MET B 23 -4.70 -59.59 -29.37
N ASP B 24 -5.53 -59.80 -30.39
CA ASP B 24 -6.88 -60.33 -30.24
C ASP B 24 -7.26 -61.05 -31.53
N PHE B 25 -8.22 -61.98 -31.42
CA PHE B 25 -8.76 -62.69 -32.58
C PHE B 25 -10.29 -62.70 -32.54
N PRO B 26 -10.92 -61.52 -32.62
CA PRO B 26 -12.37 -61.43 -32.36
C PRO B 26 -13.21 -62.28 -33.29
N LYS B 27 -12.73 -62.53 -34.52
CA LYS B 27 -13.39 -63.42 -35.46
C LYS B 27 -13.33 -64.87 -35.03
N ASP B 28 -12.56 -65.21 -34.00
CA ASP B 28 -12.42 -66.58 -33.54
C ASP B 28 -12.80 -66.75 -32.08
N ASN B 29 -12.32 -65.87 -31.19
CA ASN B 29 -12.55 -66.04 -29.77
C ASN B 29 -12.58 -64.69 -29.10
N LEU B 30 -13.29 -64.61 -27.97
CA LEU B 30 -13.39 -63.37 -27.21
C LEU B 30 -12.97 -63.53 -25.76
N PHE B 31 -13.68 -64.38 -25.01
CA PHE B 31 -13.54 -64.45 -23.56
C PHE B 31 -12.33 -65.31 -23.18
N VAL B 32 -11.16 -64.81 -23.54
CA VAL B 32 -9.93 -65.58 -23.57
C VAL B 32 -8.82 -64.63 -23.13
N VAL B 33 -7.73 -65.21 -22.60
CA VAL B 33 -6.55 -64.45 -22.21
C VAL B 33 -5.31 -65.23 -22.62
N TYR B 34 -4.19 -64.50 -22.70
CA TYR B 34 -2.94 -65.06 -23.18
C TYR B 34 -1.83 -64.79 -22.18
N ILE B 35 -0.97 -65.78 -21.99
CA ILE B 35 -0.04 -65.85 -20.87
C ILE B 35 1.32 -66.22 -21.43
N SER B 36 2.37 -65.77 -20.74
CA SER B 36 3.73 -65.95 -21.25
C SER B 36 4.10 -67.43 -21.32
N ASP B 37 4.91 -67.77 -22.32
CA ASP B 37 5.53 -69.08 -22.40
C ASP B 37 6.43 -69.38 -21.21
N GLY B 38 6.88 -68.35 -20.49
CA GLY B 38 7.62 -68.60 -19.26
C GLY B 38 6.74 -68.98 -18.09
N ALA B 39 5.50 -68.51 -18.09
CA ALA B 39 4.52 -68.88 -17.07
C ALA B 39 3.83 -70.18 -17.45
N GLN B 40 4.58 -71.28 -17.30
CA GLN B 40 4.18 -72.58 -17.82
C GLN B 40 2.78 -72.94 -17.34
N LEU B 41 1.94 -73.36 -18.28
CA LEU B 41 0.49 -73.28 -18.11
C LEU B 41 -0.06 -74.59 -17.57
N PRO B 42 -0.66 -74.61 -16.38
CA PRO B 42 -1.22 -75.87 -15.87
C PRO B 42 -2.46 -76.33 -16.61
N SER B 43 -3.29 -75.40 -17.10
CA SER B 43 -4.44 -75.75 -17.92
C SER B 43 -4.80 -74.56 -18.79
N GLN B 44 -5.31 -74.86 -19.99
CA GLN B 44 -5.80 -73.85 -20.92
C GLN B 44 -7.20 -73.34 -20.58
N LYS B 45 -7.78 -73.73 -19.46
CA LYS B 45 -9.07 -73.20 -19.05
C LYS B 45 -9.06 -72.89 -17.56
N GLY B 46 -9.78 -71.83 -17.19
CA GLY B 46 -9.67 -71.31 -15.84
C GLY B 46 -10.69 -70.24 -15.55
N TYR B 47 -10.57 -69.64 -14.37
CA TYR B 47 -11.36 -68.49 -13.96
C TYR B 47 -10.45 -67.30 -13.67
N ALA B 48 -10.96 -66.10 -13.92
CA ALA B 48 -10.23 -64.89 -13.59
C ALA B 48 -11.17 -63.82 -13.05
N SER B 49 -10.60 -62.87 -12.31
CA SER B 49 -11.34 -61.72 -11.82
C SER B 49 -10.37 -60.57 -11.55
N ILE B 50 -10.87 -59.34 -11.75
CA ILE B 50 -10.20 -58.17 -11.19
C ILE B 50 -10.11 -58.27 -9.68
N VAL B 51 -8.96 -57.91 -9.14
CA VAL B 51 -8.81 -57.64 -7.71
C VAL B 51 -9.29 -56.22 -7.44
N LYS B 52 -10.48 -56.09 -6.84
CA LYS B 52 -11.15 -54.80 -6.81
C LYS B 52 -10.26 -53.76 -6.13
N CYS B 53 -10.28 -52.53 -6.63
CA CYS B 53 -9.53 -51.45 -6.01
C CYS B 53 -10.43 -50.24 -5.84
N SER B 54 -10.35 -49.64 -4.65
CA SER B 54 -11.03 -48.39 -4.35
C SER B 54 -10.40 -47.80 -3.10
N LEU B 55 -10.70 -46.53 -2.86
CA LEU B 55 -10.18 -45.80 -1.72
C LEU B 55 -10.61 -46.42 -0.40
N ARG B 56 -9.81 -46.13 0.64
CA ARG B 56 -9.98 -46.69 1.98
C ARG B 56 -11.41 -46.65 2.50
N GLN B 57 -12.21 -45.69 2.04
CA GLN B 57 -13.40 -45.22 2.76
C GLN B 57 -12.97 -44.63 4.11
N SER B 58 -12.16 -43.58 4.02
CA SER B 58 -11.54 -42.91 5.17
C SER B 58 -12.49 -41.95 5.85
N LYS B 59 -13.75 -41.87 5.41
CA LYS B 59 -14.74 -40.98 5.99
C LYS B 59 -16.07 -41.70 6.02
N LYS B 60 -16.86 -41.40 7.05
CA LYS B 60 -18.13 -42.07 7.28
C LYS B 60 -19.06 -41.98 6.09
N SER B 61 -19.57 -43.14 5.66
CA SER B 61 -20.39 -43.33 4.47
C SER B 61 -19.68 -42.98 3.17
N ASP B 62 -18.37 -42.76 3.20
CA ASP B 62 -17.57 -42.36 2.04
C ASP B 62 -18.11 -41.10 1.37
N SER B 63 -18.99 -40.36 2.04
CA SER B 63 -19.75 -39.25 1.48
C SER B 63 -20.62 -39.64 0.29
N ASP B 64 -20.88 -40.93 0.08
CA ASP B 64 -21.76 -41.31 -1.03
C ASP B 64 -22.55 -42.56 -0.71
N ASN B 65 -23.54 -42.83 -1.57
CA ASN B 65 -24.65 -43.71 -1.22
C ASN B 65 -24.24 -45.18 -1.12
N LYS B 66 -23.40 -45.65 -2.04
CA LYS B 66 -23.12 -47.08 -2.16
C LYS B 66 -22.51 -47.68 -0.90
N SER B 67 -23.19 -48.67 -0.34
CA SER B 67 -22.86 -49.13 1.01
C SER B 67 -21.75 -50.18 1.02
N VAL B 68 -21.80 -51.15 0.10
CA VAL B 68 -20.89 -52.29 0.11
C VAL B 68 -20.45 -52.61 -1.33
N GLY B 69 -19.20 -53.05 -1.46
CA GLY B 69 -18.62 -53.44 -2.74
C GLY B 69 -19.24 -54.67 -3.40
N ILE B 70 -19.51 -54.56 -4.69
CA ILE B 70 -20.09 -55.69 -5.43
C ILE B 70 -19.06 -56.81 -5.56
N PRO B 71 -19.46 -58.07 -5.41
CA PRO B 71 -18.51 -59.19 -5.53
C PRO B 71 -17.82 -59.26 -6.89
N SER B 72 -16.85 -60.18 -6.96
CA SER B 72 -15.94 -60.27 -8.10
C SER B 72 -16.62 -60.82 -9.36
N LYS B 73 -17.62 -61.68 -9.21
CA LYS B 73 -18.35 -62.24 -10.35
C LYS B 73 -17.42 -62.89 -11.37
N LYS B 74 -16.41 -63.60 -10.87
CA LYS B 74 -15.28 -64.05 -11.68
C LYS B 74 -15.74 -64.84 -12.91
N ILE B 75 -15.05 -64.63 -14.02
CA ILE B 75 -15.43 -65.17 -15.31
C ILE B 75 -14.42 -66.23 -15.73
N GLY B 76 -14.94 -67.35 -16.26
CA GLY B 76 -14.09 -68.35 -16.88
C GLY B 76 -13.59 -67.91 -18.25
N VAL B 77 -12.35 -68.30 -18.56
CA VAL B 77 -11.69 -67.95 -19.82
C VAL B 77 -10.83 -69.12 -20.28
N PHE B 78 -10.63 -69.19 -21.61
CA PHE B 78 -9.51 -69.95 -22.16
C PHE B 78 -8.19 -69.22 -21.96
N ILE B 79 -7.13 -70.00 -21.79
CA ILE B 79 -5.76 -69.50 -21.69
C ILE B 79 -4.93 -70.08 -22.81
N LYS B 80 -4.27 -69.21 -23.58
CA LYS B 80 -3.41 -69.65 -24.67
C LYS B 80 -2.05 -68.95 -24.55
N CYS B 81 -1.00 -69.67 -24.92
CA CYS B 81 0.38 -69.22 -24.67
C CYS B 81 0.89 -68.28 -25.76
N ASP B 82 1.76 -67.36 -25.34
CA ASP B 82 2.55 -66.56 -26.26
C ASP B 82 3.86 -66.18 -25.59
N SER B 83 4.91 -66.01 -26.39
CA SER B 83 6.18 -65.50 -25.91
C SER B 83 6.23 -63.98 -25.84
N GLN B 84 5.31 -63.29 -26.50
CA GLN B 84 5.45 -61.87 -26.81
C GLN B 84 5.22 -60.96 -25.61
N ILE B 85 4.96 -61.49 -24.42
CA ILE B 85 4.67 -60.64 -23.27
C ILE B 85 5.64 -60.91 -22.14
N PRO B 86 5.98 -59.91 -21.33
CA PRO B 86 6.86 -60.13 -20.19
C PRO B 86 6.20 -61.00 -19.13
N GLU B 87 7.05 -61.52 -18.25
CA GLU B 87 6.63 -62.45 -17.22
C GLU B 87 5.58 -61.85 -16.27
N ASN B 88 4.69 -62.72 -15.81
CA ASN B 88 3.64 -62.40 -14.85
C ASN B 88 2.66 -61.33 -15.30
N HIS B 89 2.76 -60.87 -16.54
CA HIS B 89 1.72 -60.02 -17.09
C HIS B 89 0.71 -60.88 -17.86
N ILE B 90 -0.46 -60.30 -18.10
CA ILE B 90 -1.54 -60.99 -18.81
C ILE B 90 -2.07 -60.08 -19.92
N ALA B 91 -2.29 -60.66 -21.08
CA ALA B 91 -3.05 -60.01 -22.13
C ALA B 91 -4.53 -60.34 -21.99
N LEU B 92 -5.34 -59.31 -21.76
CA LEU B 92 -6.76 -59.48 -21.50
C LEU B 92 -7.54 -58.98 -22.71
N SER B 93 -8.41 -59.84 -23.26
CA SER B 93 -9.08 -59.58 -24.53
C SER B 93 -10.02 -58.39 -24.46
N SER B 94 -10.16 -57.72 -25.60
CA SER B 94 -10.97 -56.50 -25.70
C SER B 94 -12.38 -56.73 -25.20
N HIS B 95 -13.07 -57.71 -25.76
CA HIS B 95 -14.32 -58.17 -25.16
C HIS B 95 -14.03 -58.98 -23.92
N LEU B 96 -13.42 -58.34 -22.93
CA LEU B 96 -13.31 -58.91 -21.61
C LEU B 96 -13.09 -57.78 -20.62
N TRP B 97 -12.39 -56.73 -21.05
CA TRP B 97 -12.27 -55.52 -20.25
C TRP B 97 -13.64 -54.92 -19.94
N ASP B 98 -14.47 -54.82 -20.96
CA ASP B 98 -15.83 -54.32 -20.79
C ASP B 98 -16.64 -55.20 -19.86
N ALA B 99 -16.44 -56.52 -19.94
CA ALA B 99 -17.04 -57.41 -18.94
C ALA B 99 -16.52 -57.10 -17.55
N PHE B 100 -15.23 -56.85 -17.41
CA PHE B 100 -14.73 -56.35 -16.15
C PHE B 100 -15.06 -54.93 -15.88
N PHE B 101 -15.88 -54.31 -16.73
CA PHE B 101 -16.52 -53.04 -16.43
C PHE B 101 -15.50 -51.95 -16.05
N THR B 102 -14.44 -51.85 -16.84
CA THR B 102 -13.59 -50.67 -16.79
C THR B 102 -12.91 -50.53 -18.15
N HIS B 103 -12.61 -49.29 -18.53
CA HIS B 103 -11.99 -49.06 -19.82
C HIS B 103 -10.71 -49.90 -19.93
N PRO B 104 -10.42 -50.45 -21.11
CA PRO B 104 -9.23 -51.30 -21.23
C PRO B 104 -8.00 -50.49 -20.90
N MET B 105 -7.28 -50.91 -19.87
CA MET B 105 -6.08 -50.18 -19.48
C MET B 105 -5.16 -51.06 -18.66
N ASN B 106 -3.95 -51.25 -19.18
CA ASN B 106 -2.81 -51.71 -18.41
C ASN B 106 -2.81 -51.15 -17.00
N GLY B 107 -2.92 -52.03 -16.02
CA GLY B 107 -3.16 -51.57 -14.68
C GLY B 107 -3.44 -52.66 -13.67
N ALA B 108 -4.71 -52.76 -13.26
CA ALA B 108 -5.11 -53.57 -12.12
C ALA B 108 -4.66 -55.02 -12.26
N LYS B 109 -4.65 -55.71 -11.13
CA LYS B 109 -4.28 -57.11 -11.04
C LYS B 109 -5.46 -58.01 -11.39
N ILE B 110 -5.15 -59.17 -11.95
CA ILE B 110 -6.14 -60.21 -12.22
C ILE B 110 -5.89 -61.40 -11.30
N LYS B 111 -6.97 -61.99 -10.82
CA LYS B 111 -6.92 -63.36 -10.30
C LYS B 111 -6.82 -64.36 -11.45
N LEU B 112 -6.08 -65.45 -11.23
CA LEU B 112 -6.15 -66.56 -12.16
C LEU B 112 -6.21 -67.89 -11.45
N GLU B 113 -7.23 -68.68 -11.80
CA GLU B 113 -7.46 -70.04 -11.33
C GLU B 113 -7.31 -71.01 -12.49
N PHE B 114 -6.58 -72.10 -12.28
CA PHE B 114 -6.44 -73.14 -13.28
C PHE B 114 -7.35 -74.31 -12.94
N LEU B 115 -7.99 -74.87 -13.96
CA LEU B 115 -9.17 -75.71 -13.77
C LEU B 115 -9.13 -76.94 -14.65
N GLN B 116 -9.70 -78.04 -14.13
CA GLN B 116 -9.91 -79.27 -14.89
C GLN B 116 -11.42 -79.49 -15.07
N MET B 117 -11.84 -79.73 -16.31
CA MET B 117 -13.20 -80.17 -16.60
C MET B 117 -13.19 -81.64 -17.01
N ASN B 118 -13.95 -82.46 -16.29
CA ASN B 118 -13.93 -83.90 -16.49
C ASN B 118 -14.79 -84.32 -17.69
N GLN B 119 -14.71 -85.61 -18.01
CA GLN B 119 -15.49 -86.23 -19.08
C GLN B 119 -16.99 -86.08 -18.91
N ALA B 120 -17.46 -85.77 -17.69
CA ALA B 120 -18.86 -85.45 -17.41
C ALA B 120 -19.35 -84.17 -18.08
N ASN B 121 -18.49 -83.43 -18.79
CA ASN B 121 -18.88 -82.16 -19.40
C ASN B 121 -18.38 -82.06 -20.84
N ILE B 122 -18.26 -83.19 -21.53
CA ILE B 122 -17.89 -83.23 -22.95
C ILE B 122 -19.02 -82.77 -23.87
N ILE B 123 -18.76 -82.84 -25.17
CA ILE B 123 -19.68 -82.38 -26.21
C ILE B 123 -21.06 -83.03 -26.11
N SER B 124 -22.08 -82.21 -26.34
CA SER B 124 -23.49 -82.60 -26.40
C SER B 124 -24.03 -83.23 -25.12
N GLY B 125 -25.29 -83.70 -25.20
CA GLY B 125 -25.98 -84.30 -24.09
C GLY B 125 -26.69 -83.32 -23.17
N ARG B 126 -26.40 -82.02 -23.26
CA ARG B 126 -27.15 -80.97 -22.56
C ARG B 126 -27.39 -79.82 -23.53
N ASN B 127 -28.44 -79.95 -24.35
CA ASN B 127 -28.76 -78.98 -25.39
C ASN B 127 -29.44 -77.74 -24.77
N ALA B 128 -28.65 -77.04 -23.95
CA ALA B 128 -29.19 -75.93 -23.16
C ALA B 128 -29.47 -74.71 -24.03
N THR B 129 -30.53 -73.99 -23.68
CA THR B 129 -30.77 -72.65 -24.19
C THR B 129 -29.96 -71.63 -23.39
N VAL B 130 -29.87 -70.42 -23.94
CA VAL B 130 -29.38 -69.26 -23.19
C VAL B 130 -30.25 -68.05 -23.51
N ASN B 131 -30.57 -67.29 -22.46
CA ASN B 131 -31.17 -65.98 -22.66
C ASN B 131 -30.11 -65.00 -23.17
N ILE B 132 -30.45 -64.24 -24.20
CA ILE B 132 -29.71 -63.05 -24.57
C ILE B 132 -30.57 -61.83 -24.27
N LYS B 133 -30.62 -61.44 -23.00
CA LYS B 133 -31.43 -60.31 -22.58
C LYS B 133 -30.82 -59.01 -23.06
N TYR B 134 -31.63 -58.18 -23.72
CA TYR B 134 -31.24 -56.82 -24.07
C TYR B 134 -31.35 -55.92 -22.85
N PHE B 135 -30.19 -55.45 -22.38
CA PHE B 135 -30.09 -54.59 -21.22
C PHE B 135 -30.34 -53.13 -21.54
N GLY B 136 -30.29 -52.76 -22.82
CA GLY B 136 -30.70 -51.44 -23.25
C GLY B 136 -31.42 -51.47 -24.58
N LYS B 137 -32.06 -50.34 -24.87
CA LYS B 137 -32.93 -50.24 -26.05
C LYS B 137 -32.15 -50.52 -27.33
N ASP B 138 -32.85 -51.11 -28.31
CA ASP B 138 -32.20 -51.60 -29.51
C ASP B 138 -33.24 -51.73 -30.61
N VAL B 139 -32.74 -51.98 -31.83
CA VAL B 139 -33.52 -52.43 -32.97
C VAL B 139 -34.37 -53.64 -32.57
N PRO B 140 -35.56 -53.82 -33.15
CA PRO B 140 -36.26 -55.11 -32.99
C PRO B 140 -35.34 -56.27 -33.32
N THR B 141 -35.28 -57.23 -32.39
CA THR B 141 -34.09 -58.05 -32.21
C THR B 141 -33.68 -58.79 -33.48
N LYS B 142 -32.38 -58.81 -33.72
CA LYS B 142 -31.75 -59.75 -34.64
C LYS B 142 -31.85 -61.17 -34.09
N SER B 143 -31.61 -62.13 -34.97
CA SER B 143 -31.70 -63.54 -34.59
C SER B 143 -30.66 -63.88 -33.51
N GLY B 144 -31.04 -64.81 -32.63
CA GLY B 144 -30.08 -65.35 -31.67
C GLY B 144 -28.95 -66.13 -32.30
N ASP B 145 -29.21 -66.75 -33.46
CA ASP B 145 -28.21 -67.61 -34.10
C ASP B 145 -26.95 -66.83 -34.45
N GLN B 146 -27.10 -65.62 -35.00
CA GLN B 146 -25.94 -64.83 -35.39
C GLN B 146 -25.00 -64.58 -34.22
N TYR B 147 -25.52 -64.54 -32.99
CA TYR B 147 -24.64 -64.37 -31.83
C TYR B 147 -23.72 -65.56 -31.62
N SER B 148 -24.11 -66.75 -32.07
CA SER B 148 -23.21 -67.90 -32.03
C SER B 148 -21.95 -67.70 -32.87
N LYS B 149 -22.03 -66.88 -33.91
CA LYS B 149 -20.87 -66.48 -34.70
C LYS B 149 -20.19 -65.23 -34.13
N LEU B 150 -20.97 -64.18 -33.89
CA LEU B 150 -20.41 -62.88 -33.52
C LEU B 150 -19.83 -62.86 -32.11
N LEU B 151 -20.22 -63.78 -31.23
CA LEU B 151 -19.48 -63.95 -29.98
C LEU B 151 -18.22 -64.79 -30.16
N GLY B 152 -17.75 -64.96 -31.39
CA GLY B 152 -16.66 -65.85 -31.72
C GLY B 152 -17.01 -67.32 -31.71
N GLY B 153 -17.73 -67.76 -30.69
CA GLY B 153 -18.13 -69.14 -30.56
C GLY B 153 -17.17 -70.01 -29.77
N SER B 154 -16.21 -69.41 -29.08
CA SER B 154 -15.17 -70.19 -28.40
C SER B 154 -15.64 -70.71 -27.05
N LEU B 155 -16.23 -69.84 -26.24
CA LEU B 155 -16.50 -70.17 -24.85
C LEU B 155 -17.62 -69.29 -24.32
N LEU B 156 -18.29 -69.77 -23.28
CA LEU B 156 -19.28 -68.98 -22.56
C LEU B 156 -19.31 -69.43 -21.10
N THR B 157 -19.96 -68.61 -20.28
CA THR B 157 -20.20 -68.94 -18.88
C THR B 157 -21.49 -68.26 -18.44
N ASN B 158 -22.11 -68.81 -17.40
CA ASN B 158 -23.35 -68.28 -16.86
C ASN B 158 -23.22 -66.82 -16.43
N ASN B 159 -24.34 -66.09 -16.55
CA ASN B 159 -24.50 -64.73 -16.06
C ASN B 159 -23.50 -63.75 -16.67
N LEU B 160 -23.21 -63.92 -17.96
CA LEU B 160 -22.29 -63.02 -18.63
C LEU B 160 -23.02 -61.74 -19.01
N ILE B 161 -22.28 -60.63 -19.02
CA ILE B 161 -22.83 -59.34 -19.44
C ILE B 161 -21.88 -58.69 -20.44
N LEU B 162 -22.46 -57.95 -21.37
CA LEU B 162 -21.69 -57.25 -22.41
C LEU B 162 -22.26 -55.84 -22.59
N PRO B 163 -21.66 -54.84 -21.93
CA PRO B 163 -22.22 -53.47 -21.98
C PRO B 163 -22.06 -52.78 -23.33
N THR B 164 -21.23 -53.30 -24.24
CA THR B 164 -20.88 -52.57 -25.46
C THR B 164 -22.11 -52.12 -26.22
N GLU B 165 -23.12 -52.99 -26.29
CA GLU B 165 -24.47 -52.60 -26.68
C GLU B 165 -25.48 -53.20 -25.71
N GLN B 166 -25.07 -53.38 -24.46
CA GLN B 166 -25.94 -53.76 -23.35
C GLN B 166 -26.80 -54.98 -23.67
N ILE B 167 -26.18 -56.16 -23.66
CA ILE B 167 -26.89 -57.43 -23.70
C ILE B 167 -26.41 -58.27 -22.52
N ILE B 168 -27.30 -59.11 -22.01
CA ILE B 168 -26.98 -60.03 -20.93
C ILE B 168 -27.10 -61.46 -21.41
N ILE B 169 -26.05 -62.25 -21.20
CA ILE B 169 -25.99 -63.65 -21.59
C ILE B 169 -26.10 -64.47 -20.31
N GLU B 170 -27.24 -65.12 -20.12
CA GLU B 170 -27.58 -65.71 -18.83
C GLU B 170 -28.46 -66.94 -19.05
N ILE B 171 -28.31 -67.92 -18.16
CA ILE B 171 -29.20 -69.07 -18.12
C ILE B 171 -29.31 -69.53 -16.67
N LYS B 172 -30.48 -70.08 -16.32
CA LYS B 172 -30.71 -70.68 -15.01
C LYS B 172 -31.75 -71.79 -15.20
N LYS B 173 -31.31 -72.94 -15.70
CA LYS B 173 -32.24 -74.01 -16.05
C LYS B 173 -31.65 -75.37 -15.71
N GLY B 174 -32.51 -76.26 -15.25
CA GLY B 174 -32.17 -77.65 -15.05
C GLY B 174 -31.76 -78.36 -16.34
N GLU B 175 -31.16 -79.53 -16.14
CA GLU B 175 -30.53 -80.32 -17.21
C GLU B 175 -29.41 -79.54 -17.91
N SER B 176 -28.74 -78.66 -17.17
CA SER B 176 -27.54 -78.00 -17.65
C SER B 176 -26.60 -77.81 -16.46
N GLU B 177 -25.30 -77.79 -16.75
CA GLU B 177 -24.31 -77.74 -15.67
C GLU B 177 -24.30 -76.40 -14.95
N GLN B 178 -24.76 -75.33 -15.61
CA GLN B 178 -24.80 -74.00 -15.01
C GLN B 178 -23.41 -73.55 -14.54
N GLN B 179 -22.41 -73.84 -15.36
CA GLN B 179 -21.02 -73.53 -15.02
C GLN B 179 -20.34 -72.99 -16.28
N LEU B 180 -19.01 -73.03 -16.28
CA LEU B 180 -18.26 -73.00 -17.53
C LEU B 180 -18.80 -74.03 -18.51
N CYS B 181 -18.92 -73.62 -19.77
CA CYS B 181 -19.37 -74.50 -20.84
C CYS B 181 -18.43 -74.33 -22.03
N ASN B 182 -18.10 -75.46 -22.67
CA ASN B 182 -17.44 -75.42 -23.95
C ASN B 182 -18.38 -74.93 -25.05
N LEU B 183 -17.80 -74.35 -26.10
CA LEU B 183 -18.56 -73.94 -27.28
C LEU B 183 -17.77 -74.11 -28.57
N ASN B 184 -16.44 -74.02 -28.48
CA ASN B 184 -15.60 -74.02 -29.67
C ASN B 184 -15.86 -75.23 -30.56
N GLU B 185 -15.91 -76.42 -29.97
CA GLU B 185 -16.16 -77.64 -30.72
C GLU B 185 -17.65 -77.94 -30.89
N ILE B 186 -18.52 -77.24 -30.18
CA ILE B 186 -19.92 -77.65 -30.06
C ILE B 186 -20.69 -77.23 -31.31
N SER B 187 -21.51 -78.16 -31.83
CA SER B 187 -22.37 -77.86 -32.96
C SER B 187 -23.50 -76.92 -32.56
N ASN B 188 -23.87 -76.03 -33.49
CA ASN B 188 -24.98 -75.12 -33.29
C ASN B 188 -26.31 -75.83 -33.13
N GLU B 189 -26.38 -77.12 -33.49
CA GLU B 189 -27.55 -77.93 -33.18
C GLU B 189 -27.64 -78.24 -31.69
N SER B 190 -26.51 -78.20 -30.98
CA SER B 190 -26.42 -78.52 -29.56
C SER B 190 -26.66 -77.32 -28.66
N VAL B 191 -27.19 -76.21 -29.20
CA VAL B 191 -27.41 -75.00 -28.41
C VAL B 191 -28.66 -74.29 -28.92
N GLN B 192 -29.28 -73.52 -28.04
CA GLN B 192 -30.51 -72.79 -28.29
C GLN B 192 -30.37 -71.39 -27.69
N TRP B 193 -31.34 -70.52 -27.97
CA TRP B 193 -31.25 -69.15 -27.50
C TRP B 193 -32.64 -68.60 -27.23
N LYS B 194 -32.72 -67.66 -26.29
CA LYS B 194 -33.84 -66.74 -26.17
C LYS B 194 -33.34 -65.31 -26.33
N VAL B 195 -33.85 -64.61 -27.35
CA VAL B 195 -33.59 -63.18 -27.53
C VAL B 195 -34.53 -62.38 -26.64
N THR B 196 -34.34 -62.49 -25.33
CA THR B 196 -35.34 -62.03 -24.37
C THR B 196 -35.53 -60.51 -24.42
N GLN B 197 -36.79 -60.08 -24.44
CA GLN B 197 -37.18 -58.70 -24.68
C GLN B 197 -36.72 -57.80 -23.52
N MET B 198 -36.76 -56.50 -23.77
CA MET B 198 -36.52 -55.46 -22.77
C MET B 198 -37.42 -55.59 -21.54
N GLY B 199 -36.98 -55.03 -20.41
CA GLY B 199 -37.85 -54.88 -19.26
C GLY B 199 -37.21 -54.15 -18.09
N LYS B 200 -37.82 -53.00 -17.74
CA LYS B 200 -37.26 -52.12 -16.72
C LYS B 200 -37.18 -52.80 -15.36
N GLU B 201 -38.23 -53.54 -14.99
CA GLU B 201 -38.26 -54.21 -13.69
C GLU B 201 -37.15 -55.23 -13.54
N GLU B 202 -36.68 -55.80 -14.64
CA GLU B 202 -35.53 -56.70 -14.58
C GLU B 202 -34.22 -55.91 -14.48
N VAL B 203 -33.99 -54.97 -15.38
CA VAL B 203 -32.68 -54.33 -15.48
C VAL B 203 -32.39 -53.44 -14.28
N LYS B 204 -33.42 -52.82 -13.68
CA LYS B 204 -33.17 -51.85 -12.61
C LYS B 204 -32.50 -52.49 -11.40
N ASP B 205 -32.70 -53.79 -11.18
CA ASP B 205 -32.01 -54.47 -10.09
C ASP B 205 -30.52 -54.62 -10.35
N ILE B 206 -30.13 -54.83 -11.61
CA ILE B 206 -28.72 -54.89 -11.98
C ILE B 206 -28.09 -53.50 -11.91
N ILE B 207 -28.87 -52.47 -12.29
CA ILE B 207 -28.39 -51.09 -12.26
C ILE B 207 -28.11 -50.58 -10.84
N GLU B 208 -28.51 -51.33 -9.81
CA GLU B 208 -28.13 -51.02 -8.44
C GLU B 208 -26.64 -51.22 -8.16
N ARG B 209 -25.91 -51.91 -9.02
CA ARG B 209 -24.47 -52.06 -8.84
C ARG B 209 -23.75 -50.73 -9.04
N HIS B 210 -22.43 -50.76 -8.88
CA HIS B 210 -21.56 -49.64 -9.27
C HIS B 210 -21.60 -49.51 -10.79
N LEU B 211 -22.27 -48.46 -11.30
CA LEU B 211 -22.30 -48.20 -12.74
C LEU B 211 -21.82 -46.79 -13.07
N PRO B 212 -20.51 -46.53 -13.01
CA PRO B 212 -19.95 -45.35 -13.67
C PRO B 212 -19.95 -45.51 -15.17
N LYS B 213 -21.06 -45.13 -15.81
CA LYS B 213 -21.29 -45.40 -17.23
C LYS B 213 -20.12 -44.96 -18.09
N HIS B 214 -19.64 -45.89 -18.93
CA HIS B 214 -18.38 -45.71 -19.63
C HIS B 214 -18.49 -44.77 -20.83
N TYR B 215 -19.66 -44.72 -21.49
CA TYR B 215 -19.87 -43.87 -22.66
C TYR B 215 -21.07 -42.97 -22.45
N HIS B 216 -21.07 -42.31 -21.28
CA HIS B 216 -22.14 -41.39 -20.90
C HIS B 216 -22.18 -40.14 -21.79
N VAL B 217 -21.02 -39.66 -22.23
CA VAL B 217 -21.00 -38.62 -23.26
C VAL B 217 -21.37 -39.21 -24.61
N LYS B 218 -22.12 -38.44 -25.40
CA LYS B 218 -22.62 -38.91 -26.68
C LYS B 218 -21.50 -39.09 -27.69
N GLU B 219 -21.31 -40.34 -28.14
CA GLU B 219 -20.29 -40.67 -29.14
C GLU B 219 -20.71 -41.87 -29.96
N THR B 220 -22.02 -42.13 -30.07
CA THR B 220 -22.56 -43.33 -30.72
C THR B 220 -22.02 -44.58 -30.07
N GLY B 221 -21.81 -44.52 -28.75
CA GLY B 221 -21.31 -45.64 -27.96
C GLY B 221 -20.06 -46.31 -28.48
N GLU B 222 -19.87 -47.56 -28.09
CA GLU B 222 -18.86 -48.45 -28.67
C GLU B 222 -19.22 -48.86 -30.09
N VAL B 223 -20.45 -48.59 -30.54
CA VAL B 223 -20.87 -48.95 -31.89
C VAL B 223 -20.08 -48.19 -32.95
N SER B 224 -19.72 -46.93 -32.67
CA SER B 224 -18.97 -46.20 -33.69
C SER B 224 -17.94 -45.21 -33.14
N ARG B 225 -18.05 -44.84 -31.86
CA ARG B 225 -17.04 -44.00 -31.20
C ARG B 225 -16.73 -42.76 -32.02
N THR B 226 -17.78 -42.02 -32.37
CA THR B 226 -17.69 -40.86 -33.26
C THR B 226 -17.11 -39.63 -32.53
N SER B 227 -15.85 -39.78 -32.10
CA SER B 227 -15.28 -38.82 -31.17
C SER B 227 -13.77 -38.64 -31.34
N LYS B 228 -13.15 -39.19 -32.39
CA LYS B 228 -11.71 -39.07 -32.56
C LYS B 228 -11.30 -37.63 -32.81
N ASP B 229 -10.21 -37.22 -32.16
CA ASP B 229 -9.66 -35.87 -32.34
C ASP B 229 -8.15 -35.90 -32.10
N GLU B 230 -7.47 -36.90 -32.67
CA GLU B 230 -6.06 -37.11 -32.40
C GLU B 230 -5.41 -37.84 -33.57
N ASP B 231 -4.07 -37.81 -33.59
CA ASP B 231 -3.31 -38.43 -34.66
C ASP B 231 -1.90 -38.72 -34.13
N ASP B 232 -1.12 -39.40 -34.97
CA ASP B 232 0.34 -39.42 -34.85
C ASP B 232 0.98 -38.05 -34.93
N PHE B 233 2.28 -38.01 -34.73
CA PHE B 233 3.07 -36.79 -34.78
C PHE B 233 4.32 -37.03 -35.61
N ILE B 234 4.96 -35.94 -36.01
CA ILE B 234 5.78 -35.92 -37.20
C ILE B 234 7.27 -36.19 -36.90
N THR B 235 7.56 -36.71 -35.71
CA THR B 235 8.85 -37.37 -35.42
C THR B 235 10.03 -36.49 -35.81
N VAL B 236 9.95 -35.22 -35.44
CA VAL B 236 10.87 -34.23 -35.99
C VAL B 236 12.24 -34.25 -35.29
N ASN B 237 12.29 -34.50 -33.99
CA ASN B 237 13.48 -34.12 -33.24
C ASN B 237 14.18 -35.25 -32.49
N SER B 238 13.72 -36.49 -32.61
CA SER B 238 14.31 -37.65 -31.94
C SER B 238 14.29 -37.56 -30.41
N ILE B 239 13.85 -36.42 -29.88
CA ILE B 239 13.82 -36.27 -28.43
C ILE B 239 13.04 -37.41 -27.81
N LYS B 240 11.91 -37.74 -28.45
CA LYS B 240 11.14 -38.92 -28.09
C LYS B 240 12.03 -40.15 -28.07
N LYS B 241 12.86 -40.31 -29.09
CA LYS B 241 13.68 -41.52 -29.24
C LYS B 241 14.71 -41.66 -28.13
N GLU B 242 15.26 -40.55 -27.66
CA GLU B 242 16.12 -40.61 -26.48
C GLU B 242 15.32 -40.88 -25.21
N MET B 243 14.36 -40.01 -24.92
CA MET B 243 13.68 -40.04 -23.63
C MET B 243 12.95 -41.36 -23.39
N VAL B 244 12.28 -41.91 -24.42
CA VAL B 244 11.53 -43.14 -24.21
C VAL B 244 12.46 -44.28 -23.85
N ASN B 245 13.69 -44.27 -24.36
CA ASN B 245 14.67 -45.23 -23.88
C ASN B 245 15.05 -44.95 -22.45
N TYR B 246 15.45 -43.70 -22.17
CA TYR B 246 15.97 -43.37 -20.85
C TYR B 246 14.99 -43.66 -19.72
N LEU B 247 13.79 -43.17 -19.85
CA LEU B 247 12.74 -43.28 -18.85
C LEU B 247 12.18 -44.68 -18.72
N THR B 248 12.79 -45.66 -19.35
CA THR B 248 12.32 -47.02 -19.24
C THR B 248 13.48 -47.99 -19.01
N SER B 249 14.65 -47.48 -18.67
CA SER B 249 15.76 -48.27 -18.16
C SER B 249 15.30 -49.13 -16.99
N PRO B 250 15.95 -50.25 -16.74
CA PRO B 250 15.71 -50.96 -15.47
C PRO B 250 15.88 -50.09 -14.23
N ILE B 251 16.89 -49.22 -14.16
CA ILE B 251 17.05 -48.34 -13.01
C ILE B 251 17.58 -46.98 -13.42
N ILE B 252 17.29 -45.98 -12.59
CA ILE B 252 17.47 -44.58 -12.94
C ILE B 252 18.11 -43.87 -11.75
N ALA B 253 18.90 -42.85 -12.06
CA ALA B 253 19.61 -42.11 -11.00
C ALA B 253 18.64 -41.46 -10.01
N THR B 254 17.57 -40.86 -10.50
CA THR B 254 16.61 -40.21 -9.61
C THR B 254 15.23 -40.34 -10.22
N PRO B 255 14.18 -40.17 -9.40
CA PRO B 255 12.82 -40.38 -9.91
C PRO B 255 12.32 -39.36 -10.92
N ALA B 256 12.99 -38.23 -11.11
CA ALA B 256 12.36 -37.13 -11.82
C ALA B 256 13.12 -36.74 -13.08
N ILE B 257 12.36 -36.34 -14.10
CA ILE B 257 12.89 -35.76 -15.33
C ILE B 257 12.13 -34.47 -15.61
N ILE B 258 12.85 -33.46 -16.11
CA ILE B 258 12.27 -32.14 -16.37
C ILE B 258 12.33 -31.86 -17.88
N LEU B 259 11.22 -31.37 -18.42
CA LEU B 259 11.09 -31.08 -19.85
C LEU B 259 10.67 -29.62 -20.01
N ASP B 260 11.48 -28.83 -20.72
CA ASP B 260 11.27 -27.39 -20.83
C ASP B 260 11.49 -26.90 -22.25
N GLY B 261 11.20 -25.64 -22.45
CA GLY B 261 11.37 -24.99 -23.74
C GLY B 261 10.39 -23.84 -23.91
N LYS B 262 10.65 -23.04 -24.95
CA LYS B 262 9.87 -21.86 -25.23
C LYS B 262 8.38 -22.15 -25.33
N GLN B 263 7.58 -21.18 -24.89
CA GLN B 263 6.13 -21.29 -24.95
C GLN B 263 5.66 -21.65 -26.36
N GLY B 264 4.76 -22.62 -26.45
CA GLY B 264 4.28 -23.04 -27.73
C GLY B 264 5.22 -23.88 -28.58
N ILE B 265 6.40 -24.24 -28.08
CA ILE B 265 7.29 -25.12 -28.84
C ILE B 265 6.70 -26.53 -28.88
N GLY B 266 5.57 -26.73 -28.23
CA GLY B 266 4.91 -28.00 -28.34
C GLY B 266 5.29 -28.97 -27.24
N LYS B 267 5.12 -28.55 -26.00
CA LYS B 267 5.20 -29.51 -24.90
C LYS B 267 4.05 -30.50 -24.99
N THR B 268 2.83 -30.00 -25.09
CA THR B 268 1.65 -30.79 -24.76
C THR B 268 1.48 -31.98 -25.70
N ARG B 269 1.48 -31.71 -27.01
CA ARG B 269 1.34 -32.80 -27.98
C ARG B 269 2.45 -33.82 -27.82
N LEU B 270 3.68 -33.36 -27.61
CA LEU B 270 4.80 -34.28 -27.42
C LEU B 270 4.56 -35.16 -26.22
N LEU B 271 4.09 -34.59 -25.12
CA LEU B 271 3.81 -35.41 -23.95
C LEU B 271 2.72 -36.42 -24.24
N LYS B 272 1.67 -36.00 -24.96
CA LYS B 272 0.60 -36.93 -25.32
C LYS B 272 1.11 -38.12 -26.12
N GLU B 273 2.04 -37.89 -27.04
CA GLU B 273 2.55 -39.02 -27.82
C GLU B 273 3.63 -39.81 -27.12
N LEU B 274 4.36 -39.19 -26.18
CA LEU B 274 5.19 -39.94 -25.28
C LEU B 274 4.35 -40.86 -24.42
N ILE B 275 3.27 -40.34 -23.84
CA ILE B 275 2.31 -41.14 -23.12
C ILE B 275 1.87 -42.33 -23.96
N ASN B 276 1.36 -42.06 -25.16
CA ASN B 276 0.84 -43.14 -26.00
C ASN B 276 1.88 -44.21 -26.30
N GLU B 277 3.09 -43.80 -26.68
CA GLU B 277 4.13 -44.78 -26.97
C GLU B 277 4.52 -45.56 -25.73
N VAL B 278 4.71 -44.89 -24.61
CA VAL B 278 5.02 -45.61 -23.38
C VAL B 278 3.88 -46.55 -22.99
N GLU B 279 2.65 -46.13 -23.24
CA GLU B 279 1.44 -46.90 -22.98
C GLU B 279 1.27 -48.07 -23.95
N LYS B 280 2.11 -48.15 -24.98
CA LYS B 280 1.99 -49.20 -25.97
C LYS B 280 3.20 -50.12 -26.02
N ASP B 281 4.40 -49.63 -25.68
CA ASP B 281 5.62 -50.42 -25.82
C ASP B 281 5.95 -51.27 -24.60
N HIS B 282 6.02 -50.67 -23.41
CA HIS B 282 6.69 -51.30 -22.29
C HIS B 282 5.84 -51.31 -21.03
N HIS B 283 4.53 -51.25 -21.18
CA HIS B 283 3.57 -51.57 -20.13
C HIS B 283 3.57 -50.61 -18.96
N ILE B 284 4.09 -49.40 -19.12
CA ILE B 284 4.06 -48.41 -18.04
C ILE B 284 2.66 -47.80 -17.96
N PHE B 285 2.14 -47.68 -16.74
CA PHE B 285 0.90 -46.95 -16.48
C PHE B 285 1.16 -45.46 -16.45
N VAL B 286 0.11 -44.70 -16.75
CA VAL B 286 0.18 -43.24 -16.69
C VAL B 286 -1.02 -42.72 -15.92
N LYS B 287 -0.80 -41.68 -15.12
CA LYS B 287 -1.84 -40.75 -14.71
C LYS B 287 -1.39 -39.34 -15.00
N TYR B 288 -2.31 -38.53 -15.52
CA TYR B 288 -1.97 -37.25 -16.13
C TYR B 288 -2.95 -36.20 -15.62
N ALA B 289 -2.43 -35.01 -15.32
CA ALA B 289 -3.26 -33.96 -14.73
C ALA B 289 -2.73 -32.59 -15.14
N ASP B 290 -3.63 -31.63 -15.24
CA ASP B 290 -3.29 -30.25 -15.58
C ASP B 290 -3.42 -29.33 -14.38
N CYS B 291 -2.40 -28.51 -14.17
CA CYS B 291 -2.43 -27.47 -13.13
C CYS B 291 -3.61 -26.52 -13.26
N GLU B 292 -4.20 -26.39 -14.44
CA GLU B 292 -5.40 -25.57 -14.57
C GLU B 292 -6.55 -26.11 -13.72
N THR B 293 -6.70 -27.42 -13.65
CA THR B 293 -7.99 -28.01 -13.27
C THR B 293 -8.14 -28.25 -11.77
N LEU B 294 -7.09 -28.73 -11.10
CA LEU B 294 -7.16 -29.10 -9.69
C LEU B 294 -7.08 -27.85 -8.81
N HIS B 295 -8.15 -27.05 -8.88
CA HIS B 295 -8.20 -25.68 -8.37
C HIS B 295 -8.11 -25.58 -6.83
N GLU B 296 -7.79 -26.67 -6.14
CA GLU B 296 -7.51 -26.64 -4.71
C GLU B 296 -6.28 -25.83 -4.32
N THR B 297 -5.53 -25.31 -5.30
CA THR B 297 -4.26 -24.64 -5.04
C THR B 297 -4.39 -23.42 -4.13
N SER B 298 -5.60 -22.99 -3.79
CA SER B 298 -5.82 -22.00 -2.74
C SER B 298 -5.68 -22.57 -1.32
N ASN B 299 -5.69 -23.89 -1.14
CA ASN B 299 -5.68 -24.49 0.19
C ASN B 299 -4.63 -25.58 0.25
N LEU B 300 -4.26 -25.92 1.48
CA LEU B 300 -3.34 -27.04 1.69
C LEU B 300 -4.04 -28.39 1.77
N ASP B 301 -4.95 -28.58 2.73
CA ASP B 301 -5.36 -29.92 3.13
C ASP B 301 -5.90 -30.75 1.97
N LYS B 302 -6.83 -30.20 1.20
CA LYS B 302 -7.39 -30.97 0.09
C LYS B 302 -6.34 -31.24 -0.99
N THR B 303 -5.46 -30.28 -1.23
CA THR B 303 -4.35 -30.53 -2.14
C THR B 303 -3.48 -31.68 -1.66
N GLN B 304 -3.15 -31.69 -0.37
CA GLN B 304 -2.41 -32.80 0.21
C GLN B 304 -3.13 -34.11 -0.04
N LYS B 305 -4.45 -34.09 0.13
CA LYS B 305 -5.25 -35.27 -0.17
C LYS B 305 -5.06 -35.71 -1.62
N LEU B 306 -5.01 -34.76 -2.55
CA LEU B 306 -4.75 -35.13 -3.95
C LEU B 306 -3.37 -35.77 -4.14
N ILE B 307 -2.34 -35.19 -3.53
CA ILE B 307 -1.01 -35.77 -3.69
C ILE B 307 -0.95 -37.17 -3.11
N MET B 308 -1.53 -37.37 -1.92
CA MET B 308 -1.52 -38.72 -1.37
C MET B 308 -2.35 -39.67 -2.22
N GLU B 309 -3.42 -39.17 -2.85
CA GLU B 309 -4.17 -39.99 -3.78
C GLU B 309 -3.29 -40.48 -4.92
N TRP B 310 -2.62 -39.57 -5.61
CA TRP B 310 -1.76 -39.97 -6.72
C TRP B 310 -0.68 -40.95 -6.26
N CYS B 311 -0.04 -40.66 -5.13
CA CYS B 311 0.97 -41.56 -4.61
C CYS B 311 0.40 -42.97 -4.43
N SER B 312 -0.73 -43.06 -3.73
CA SER B 312 -1.29 -44.37 -3.42
C SER B 312 -1.70 -45.09 -4.70
N PHE B 313 -2.36 -44.38 -5.61
CA PHE B 313 -2.74 -44.97 -6.89
C PHE B 313 -1.53 -45.57 -7.57
N CYS B 314 -0.46 -44.78 -7.67
CA CYS B 314 0.72 -45.27 -8.36
C CYS B 314 1.23 -46.53 -7.69
N TYR B 315 1.37 -46.50 -6.36
CA TYR B 315 1.99 -47.63 -5.69
C TYR B 315 1.17 -48.89 -5.78
N TRP B 316 -0.15 -48.78 -5.98
CA TRP B 316 -0.93 -50.00 -6.15
C TRP B 316 -0.90 -50.55 -7.57
N TYR B 317 -0.80 -49.70 -8.57
CA TYR B 317 -0.68 -50.20 -9.92
C TYR B 317 0.76 -50.65 -10.16
N GLY B 318 1.07 -50.99 -11.41
CA GLY B 318 2.41 -51.35 -11.78
C GLY B 318 3.31 -50.14 -11.88
N PRO B 319 4.51 -50.34 -12.40
CA PRO B 319 5.39 -49.20 -12.71
C PRO B 319 4.64 -48.13 -13.48
N SER B 320 4.80 -46.88 -13.05
CA SER B 320 3.99 -45.80 -13.58
C SER B 320 4.84 -44.55 -13.76
N LEU B 321 4.31 -43.65 -14.58
CA LEU B 321 5.00 -42.41 -14.95
C LEU B 321 4.00 -41.27 -14.77
N ILE B 322 4.11 -40.53 -13.67
CA ILE B 322 3.34 -39.32 -13.45
C ILE B 322 3.88 -38.16 -14.29
N VAL B 323 2.96 -37.41 -14.91
CA VAL B 323 3.29 -36.30 -15.79
C VAL B 323 2.39 -35.11 -15.52
N LEU B 324 2.98 -33.92 -15.55
CA LEU B 324 2.32 -32.71 -15.09
C LEU B 324 2.56 -31.62 -16.11
N ASP B 325 1.53 -30.86 -16.41
CA ASP B 325 1.58 -29.83 -17.44
C ASP B 325 1.70 -28.45 -16.81
N ASN B 326 2.68 -27.68 -17.27
CA ASN B 326 2.89 -26.31 -16.81
C ASN B 326 3.02 -26.24 -15.30
N VAL B 327 3.96 -27.03 -14.77
CA VAL B 327 4.04 -27.24 -13.34
C VAL B 327 4.22 -25.93 -12.57
N GLU B 328 4.70 -24.87 -13.24
CA GLU B 328 4.94 -23.60 -12.57
C GLU B 328 3.72 -23.09 -11.81
N ALA B 329 2.52 -23.31 -12.36
CA ALA B 329 1.32 -22.81 -11.70
C ALA B 329 1.01 -23.56 -10.41
N LEU B 330 1.52 -24.78 -10.26
CA LEU B 330 1.32 -25.55 -9.04
C LEU B 330 2.48 -25.41 -8.07
N PHE B 331 3.70 -25.64 -8.52
CA PHE B 331 4.86 -25.68 -7.64
C PHE B 331 5.88 -24.59 -7.89
N GLY B 332 5.66 -23.69 -8.85
CA GLY B 332 6.63 -22.67 -9.11
C GLY B 332 6.76 -21.71 -7.94
N LYS B 333 7.93 -21.10 -7.83
CA LYS B 333 8.11 -20.05 -6.86
C LYS B 333 7.13 -18.92 -7.17
N PRO B 334 6.31 -18.50 -6.20
CA PRO B 334 5.11 -17.74 -6.57
C PRO B 334 5.41 -16.34 -7.05
N GLN B 335 6.51 -15.75 -6.59
CA GLN B 335 7.03 -14.52 -7.17
C GLN B 335 8.31 -14.86 -7.93
N ALA B 336 8.36 -14.46 -9.21
CA ALA B 336 9.55 -14.75 -9.99
C ALA B 336 10.75 -13.95 -9.48
N ASN B 337 10.52 -12.71 -9.08
CA ASN B 337 11.46 -12.00 -8.23
C ASN B 337 11.40 -12.55 -6.81
N ASP B 338 12.56 -12.59 -6.15
CA ASP B 338 12.58 -12.99 -4.74
C ASP B 338 11.97 -11.90 -3.86
N GLY B 339 12.17 -10.64 -4.23
CA GLY B 339 11.59 -9.53 -3.51
C GLY B 339 12.05 -9.46 -2.07
N ASP B 340 11.15 -9.04 -1.19
CA ASP B 340 11.20 -9.43 0.21
C ASP B 340 10.60 -10.82 0.37
N PRO B 341 11.41 -11.83 0.65
CA PRO B 341 10.93 -13.23 0.61
C PRO B 341 10.22 -13.62 1.90
N SER B 342 9.12 -12.92 2.17
CA SER B 342 8.39 -13.01 3.43
C SER B 342 9.34 -12.81 4.62
N ASN B 343 9.96 -11.63 4.64
CA ASN B 343 11.02 -11.32 5.60
C ASN B 343 12.13 -12.37 5.57
N ASN B 344 12.50 -12.79 4.37
CA ASN B 344 13.46 -13.86 4.11
C ASN B 344 13.03 -15.21 4.69
N GLY B 345 11.78 -15.36 5.12
CA GLY B 345 11.33 -16.68 5.52
C GLY B 345 11.32 -17.68 4.38
N GLN B 346 11.19 -17.20 3.15
CA GLN B 346 11.35 -17.97 1.92
C GLN B 346 10.32 -19.09 1.76
N TRP B 347 9.86 -19.68 2.86
CA TRP B 347 8.71 -20.59 2.80
C TRP B 347 7.45 -19.77 2.56
N ASP B 348 7.27 -19.37 1.31
CA ASP B 348 5.93 -19.04 0.82
C ASP B 348 5.08 -20.29 0.74
N ASN B 349 3.77 -20.07 0.52
CA ASN B 349 2.80 -21.15 0.56
C ASN B 349 3.16 -22.30 -0.36
N ALA B 350 3.63 -22.00 -1.57
CA ALA B 350 3.80 -23.02 -2.60
C ALA B 350 4.75 -24.13 -2.17
N SER B 351 5.95 -23.76 -1.71
CA SER B 351 7.02 -24.73 -1.54
C SER B 351 6.65 -25.86 -0.59
N LYS B 352 5.76 -25.62 0.37
CA LYS B 352 5.32 -26.70 1.24
C LYS B 352 4.79 -27.87 0.43
N LEU B 353 3.94 -27.57 -0.56
CA LEU B 353 3.33 -28.62 -1.35
C LEU B 353 4.41 -29.49 -1.99
N LEU B 354 5.33 -28.83 -2.68
CA LEU B 354 6.38 -29.53 -3.39
C LEU B 354 7.26 -30.34 -2.44
N ASN B 355 7.50 -29.82 -1.24
CA ASN B 355 8.29 -30.57 -0.27
C ASN B 355 7.57 -31.84 0.16
N PHE B 356 6.28 -31.73 0.45
CA PHE B 356 5.53 -32.94 0.81
C PHE B 356 5.57 -33.96 -0.31
N PHE B 357 5.41 -33.50 -1.55
CA PHE B 357 5.44 -34.39 -2.71
C PHE B 357 6.77 -35.11 -2.82
N ILE B 358 7.87 -34.35 -2.78
CA ILE B 358 9.20 -34.95 -2.89
C ILE B 358 9.47 -35.91 -1.73
N ASN B 359 9.05 -35.56 -0.52
CA ASN B 359 9.23 -36.48 0.60
C ASN B 359 8.52 -37.80 0.36
N GLN B 360 7.22 -37.74 0.04
CA GLN B 360 6.46 -38.97 -0.21
C GLN B 360 7.09 -39.81 -1.32
N VAL B 361 7.33 -39.18 -2.48
CA VAL B 361 7.89 -39.93 -3.59
C VAL B 361 9.23 -40.54 -3.23
N THR B 362 10.08 -39.79 -2.51
CA THR B 362 11.37 -40.34 -2.12
C THR B 362 11.19 -41.57 -1.24
N LYS B 363 10.29 -41.49 -0.27
CA LYS B 363 10.02 -42.65 0.58
C LYS B 363 9.60 -43.85 -0.26
N ILE B 364 8.80 -43.62 -1.28
CA ILE B 364 8.43 -44.70 -2.19
C ILE B 364 9.66 -45.21 -2.95
N PHE B 365 10.39 -44.31 -3.58
CA PHE B 365 11.47 -44.67 -4.49
C PHE B 365 12.57 -45.48 -3.79
N ASN B 366 12.87 -45.16 -2.54
CA ASN B 366 13.85 -45.97 -1.82
C ASN B 366 13.41 -47.42 -1.67
N LYS B 367 12.12 -47.70 -1.82
CA LYS B 367 11.66 -49.08 -1.74
C LYS B 367 12.06 -49.88 -2.96
N ASP B 368 11.71 -49.39 -4.16
CA ASP B 368 12.03 -50.11 -5.39
C ASP B 368 12.06 -49.14 -6.57
N ASN B 369 13.08 -49.29 -7.41
CA ASN B 369 13.41 -48.29 -8.42
C ASN B 369 12.33 -48.09 -9.47
N LYS B 370 11.47 -49.09 -9.68
CA LYS B 370 10.47 -48.94 -10.73
C LYS B 370 9.15 -48.37 -10.25
N ARG B 371 8.89 -48.38 -8.93
CA ARG B 371 7.53 -48.23 -8.43
C ARG B 371 6.89 -46.91 -8.83
N ILE B 372 7.67 -45.85 -9.04
CA ILE B 372 7.10 -44.61 -9.56
C ILE B 372 8.22 -43.78 -10.15
N ARG B 373 7.87 -42.94 -11.12
CA ARG B 373 8.74 -41.88 -11.62
C ARG B 373 7.88 -40.67 -11.89
N VAL B 374 8.50 -39.51 -12.04
CA VAL B 374 7.75 -38.30 -12.35
C VAL B 374 8.41 -37.52 -13.48
N LEU B 375 7.57 -36.90 -14.32
CA LEU B 375 8.00 -36.14 -15.48
C LEU B 375 7.38 -34.73 -15.49
N PHE B 376 8.13 -33.73 -15.07
CA PHE B 376 7.65 -32.36 -15.06
C PHE B 376 7.69 -31.74 -16.45
N SER B 377 6.87 -30.70 -16.65
CA SER B 377 6.98 -29.81 -17.79
C SER B 377 6.90 -28.37 -17.32
N GLY B 378 7.71 -27.50 -17.92
CA GLY B 378 7.69 -26.12 -17.51
C GLY B 378 8.33 -25.23 -18.56
N LYS B 379 8.40 -23.94 -18.24
CA LYS B 379 9.00 -22.97 -19.15
C LYS B 379 10.52 -23.04 -19.14
N GLN B 380 11.16 -22.95 -17.97
CA GLN B 380 12.62 -22.94 -17.93
C GLN B 380 13.14 -23.71 -16.72
N LYS B 381 14.23 -24.45 -16.94
CA LYS B 381 14.85 -25.24 -15.88
C LYS B 381 15.14 -24.41 -14.64
N THR B 382 15.70 -23.21 -14.82
CA THR B 382 16.09 -22.37 -13.71
C THR B 382 14.97 -21.53 -13.13
N GLN B 383 13.82 -21.47 -13.79
CA GLN B 383 12.72 -20.64 -13.30
C GLN B 383 11.79 -21.39 -12.36
N ILE B 384 11.68 -22.71 -12.52
CA ILE B 384 11.03 -23.53 -11.50
C ILE B 384 11.83 -23.48 -10.19
N ASN B 385 11.14 -23.74 -9.08
CA ASN B 385 11.65 -23.56 -7.73
C ASN B 385 12.97 -24.28 -7.51
N PRO B 386 14.03 -23.56 -7.18
CA PRO B 386 15.34 -24.20 -6.98
C PRO B 386 15.33 -25.31 -5.95
N LEU B 387 14.40 -25.30 -5.00
CA LEU B 387 14.31 -26.38 -4.04
C LEU B 387 14.10 -27.73 -4.73
N LEU B 388 13.58 -27.72 -5.96
CA LEU B 388 13.49 -28.95 -6.74
C LEU B 388 14.87 -29.51 -7.06
N PHE B 389 15.84 -28.65 -7.34
CA PHE B 389 17.21 -29.11 -7.56
C PHE B 389 17.97 -29.35 -6.27
N ASP B 390 17.68 -28.58 -5.22
CA ASP B 390 18.42 -28.69 -3.97
C ASP B 390 18.49 -30.12 -3.45
N LYS B 391 17.37 -30.82 -3.42
CA LYS B 391 17.32 -32.16 -2.87
C LYS B 391 17.80 -33.25 -3.83
N HIS B 392 18.38 -32.87 -4.97
CA HIS B 392 18.75 -33.81 -6.02
C HIS B 392 17.61 -34.73 -6.41
N PHE B 393 16.43 -34.12 -6.57
CA PHE B 393 15.26 -34.85 -7.04
C PHE B 393 15.31 -35.11 -8.54
N VAL B 394 15.91 -34.21 -9.30
CA VAL B 394 16.00 -34.29 -10.76
C VAL B 394 17.47 -34.33 -11.15
N SER B 395 17.77 -34.96 -12.28
CA SER B 395 19.13 -34.86 -12.79
C SER B 395 19.18 -34.77 -14.31
N GLU B 396 18.79 -35.82 -15.01
CA GLU B 396 18.78 -35.77 -16.47
C GLU B 396 17.65 -34.87 -16.96
N THR B 397 17.79 -34.40 -18.19
CA THR B 397 17.02 -33.25 -18.64
C THR B 397 17.02 -33.23 -20.16
N TRP B 398 15.99 -32.60 -20.74
CA TRP B 398 16.02 -32.26 -22.15
C TRP B 398 15.34 -30.91 -22.36
N SER B 399 15.72 -30.25 -23.44
CA SER B 399 15.04 -29.05 -23.89
C SER B 399 14.63 -29.23 -25.35
N LEU B 400 13.43 -28.79 -25.68
CA LEU B 400 13.07 -28.63 -27.08
C LEU B 400 13.66 -27.35 -27.63
N ARG B 401 13.82 -27.32 -28.94
CA ARG B 401 14.47 -26.22 -29.63
C ARG B 401 13.76 -25.99 -30.96
N ALA B 402 13.91 -24.77 -31.49
CA ALA B 402 13.31 -24.41 -32.75
C ALA B 402 13.69 -25.41 -33.84
N PRO B 403 12.71 -26.12 -34.40
CA PRO B 403 13.04 -27.25 -35.28
C PRO B 403 13.82 -26.79 -36.50
N ASP B 404 14.84 -27.57 -36.86
CA ASP B 404 15.72 -27.19 -37.97
C ASP B 404 14.98 -27.23 -39.31
N LYS B 405 15.32 -26.26 -40.16
CA LYS B 405 14.61 -25.98 -41.41
C LYS B 405 14.22 -27.24 -42.19
N HIS B 406 15.10 -28.23 -42.25
CA HIS B 406 14.81 -29.46 -42.98
C HIS B 406 13.62 -30.20 -42.38
N ALA B 407 13.72 -30.55 -41.10
CA ALA B 407 12.60 -31.18 -40.44
C ALA B 407 11.42 -30.24 -40.33
N ARG B 408 11.68 -28.96 -40.13
CA ARG B 408 10.60 -27.98 -40.09
C ARG B 408 9.74 -28.01 -41.35
N ALA B 409 10.38 -28.05 -42.51
CA ALA B 409 9.66 -28.21 -43.77
C ALA B 409 8.91 -29.54 -43.82
N LYS B 410 9.59 -30.62 -43.43
CA LYS B 410 8.93 -31.91 -43.41
C LYS B 410 7.72 -31.90 -42.49
N LEU B 411 7.73 -31.05 -41.46
CA LEU B 411 6.56 -30.84 -40.64
C LEU B 411 5.49 -30.05 -41.38
N LEU B 412 5.90 -28.96 -42.02
CA LEU B 412 4.96 -28.07 -42.70
C LEU B 412 4.11 -28.86 -43.69
N GLU B 413 4.72 -29.87 -44.32
CA GLU B 413 3.94 -30.73 -45.22
C GLU B 413 2.75 -31.33 -44.51
N TYR B 414 2.90 -31.66 -43.22
CA TYR B 414 1.80 -32.28 -42.52
C TYR B 414 0.64 -31.31 -42.38
N PHE B 415 0.92 -30.04 -42.06
CA PHE B 415 -0.17 -29.09 -41.89
C PHE B 415 -0.86 -28.80 -43.21
N PHE B 416 -0.11 -28.70 -44.31
CA PHE B 416 -0.78 -28.59 -45.59
C PHE B 416 -1.60 -29.82 -45.92
N SER B 417 -1.30 -30.96 -45.32
CA SER B 417 -2.19 -32.11 -45.49
C SER B 417 -3.43 -32.04 -44.59
N LYS B 418 -3.28 -31.56 -43.36
CA LYS B 418 -4.22 -31.92 -42.30
C LYS B 418 -5.59 -31.26 -42.38
N ASN B 419 -5.65 -29.95 -42.17
CA ASN B 419 -6.93 -29.30 -41.88
C ASN B 419 -7.87 -29.30 -43.09
N GLN B 420 -7.35 -29.13 -44.29
CA GLN B 420 -8.19 -29.15 -45.48
C GLN B 420 -7.38 -29.67 -46.66
N ILE B 421 -8.09 -30.17 -47.65
CA ILE B 421 -7.43 -30.68 -48.85
C ILE B 421 -6.71 -29.53 -49.53
N MET B 422 -5.49 -29.80 -49.98
CA MET B 422 -4.68 -28.73 -50.53
C MET B 422 -3.59 -29.34 -51.40
N LYS B 423 -2.99 -28.49 -52.24
CA LYS B 423 -1.82 -28.88 -53.02
C LYS B 423 -1.09 -27.61 -53.43
N LEU B 424 0.19 -27.51 -53.06
CA LEU B 424 1.14 -26.70 -53.81
C LEU B 424 1.57 -27.48 -55.05
N ASN B 425 1.31 -26.93 -56.23
CA ASN B 425 1.90 -27.49 -57.42
C ASN B 425 3.39 -27.14 -57.52
N ARG B 426 4.14 -27.98 -58.23
CA ARG B 426 5.60 -27.92 -58.28
C ARG B 426 6.13 -26.62 -58.88
N ASP B 427 5.24 -25.71 -59.24
CA ASP B 427 5.58 -24.30 -59.44
C ASP B 427 6.59 -23.78 -58.42
N LEU B 428 6.44 -24.19 -57.16
CA LEU B 428 7.57 -24.20 -56.23
C LEU B 428 7.83 -25.62 -55.73
N GLN B 429 9.11 -25.91 -55.49
CA GLN B 429 9.47 -27.12 -54.78
C GLN B 429 9.01 -27.00 -53.32
N PHE B 430 8.53 -28.12 -52.77
CA PHE B 430 7.90 -28.10 -51.46
C PHE B 430 8.92 -27.98 -50.33
N SER B 431 9.96 -28.79 -50.34
CA SER B 431 11.08 -28.53 -49.47
C SER B 431 11.78 -27.22 -49.87
N ASP B 432 12.70 -26.80 -49.00
CA ASP B 432 13.38 -25.51 -49.04
C ASP B 432 12.48 -24.31 -48.82
N LEU B 433 11.27 -24.29 -49.40
CA LEU B 433 10.49 -23.04 -49.37
C LEU B 433 10.32 -22.53 -47.95
N SER B 434 10.27 -23.46 -46.98
CA SER B 434 10.21 -23.09 -45.58
C SER B 434 11.26 -22.05 -45.20
N LEU B 435 12.46 -22.16 -45.77
CA LEU B 435 13.51 -21.23 -45.36
C LEU B 435 13.26 -19.82 -45.85
N GLU B 436 12.14 -19.55 -46.52
CA GLU B 436 11.73 -18.16 -46.71
C GLU B 436 11.57 -17.45 -45.38
N THR B 437 11.36 -18.20 -44.30
CA THR B 437 11.34 -17.67 -42.95
C THR B 437 11.88 -18.75 -42.03
N GLU B 438 12.11 -18.40 -40.77
CA GLU B 438 12.83 -19.35 -39.91
C GLU B 438 12.40 -19.27 -38.45
N GLY B 439 12.01 -18.08 -38.00
CA GLY B 439 11.74 -17.87 -36.59
C GLY B 439 10.49 -18.50 -36.04
N PHE B 440 10.00 -19.55 -36.70
CA PHE B 440 8.65 -20.06 -36.44
C PHE B 440 8.71 -21.27 -35.52
N SER B 441 7.82 -21.29 -34.54
CA SER B 441 7.50 -22.50 -33.83
C SER B 441 6.51 -23.33 -34.62
N PRO B 442 6.35 -24.60 -34.27
CA PRO B 442 5.24 -25.37 -34.82
C PRO B 442 3.88 -24.72 -34.66
N LEU B 443 3.61 -24.07 -33.52
CA LEU B 443 2.34 -23.37 -33.37
C LEU B 443 2.22 -22.26 -34.40
N ASP B 444 3.31 -21.58 -34.70
CA ASP B 444 3.30 -20.57 -35.75
C ASP B 444 2.93 -21.17 -37.10
N LEU B 445 3.45 -22.35 -37.42
CA LEU B 445 3.10 -22.97 -38.70
C LEU B 445 1.61 -23.25 -38.82
N GLU B 446 0.95 -23.67 -37.75
CA GLU B 446 -0.49 -23.90 -37.83
C GLU B 446 -1.24 -22.65 -38.26
N ILE B 447 -1.07 -21.57 -37.50
CA ILE B 447 -1.81 -20.34 -37.80
C ILE B 447 -1.35 -19.76 -39.12
N PHE B 448 -0.09 -19.90 -39.48
CA PHE B 448 0.39 -19.39 -40.75
C PHE B 448 -0.26 -20.10 -41.92
N THR B 449 -0.35 -21.43 -41.86
CA THR B 449 -1.00 -22.15 -42.94
C THR B 449 -2.50 -21.90 -42.98
N GLU B 450 -3.11 -21.60 -41.84
CA GLU B 450 -4.48 -21.09 -41.89
C GLU B 450 -4.56 -19.73 -42.58
N LYS B 451 -3.65 -18.82 -42.26
CA LYS B 451 -3.63 -17.53 -42.95
C LYS B 451 -3.49 -17.71 -44.45
N ILE B 452 -2.59 -18.59 -44.88
CA ILE B 452 -2.44 -18.90 -46.31
C ILE B 452 -3.77 -19.34 -46.90
N PHE B 453 -4.41 -20.32 -46.27
CA PHE B 453 -5.66 -20.84 -46.80
C PHE B 453 -6.69 -19.74 -46.92
N TYR B 454 -6.93 -19.00 -45.85
CA TYR B 454 -7.99 -17.99 -45.89
C TYR B 454 -7.66 -16.87 -46.88
N ASP B 455 -6.42 -16.38 -46.87
CA ASP B 455 -6.05 -15.27 -47.74
C ASP B 455 -6.24 -15.61 -49.21
N LEU B 456 -5.65 -16.72 -49.67
CA LEU B 456 -5.83 -17.01 -51.08
C LEU B 456 -7.25 -17.47 -51.36
N GLN B 457 -7.91 -18.10 -50.39
CA GLN B 457 -9.32 -18.41 -50.51
C GLN B 457 -10.16 -17.14 -50.64
N LEU B 458 -9.66 -16.02 -50.17
CA LEU B 458 -10.33 -14.74 -50.33
C LEU B 458 -9.93 -14.06 -51.64
N GLU B 459 -8.63 -14.02 -51.94
CA GLU B 459 -8.17 -13.28 -53.10
C GLU B 459 -8.46 -14.03 -54.39
N ARG B 460 -8.39 -15.36 -54.36
CA ARG B 460 -8.91 -16.14 -55.47
C ARG B 460 -10.41 -16.35 -55.30
N ASP B 461 -11.05 -16.72 -56.41
CA ASP B 461 -12.42 -17.19 -56.38
C ASP B 461 -12.52 -18.53 -55.65
N CYS B 462 -13.75 -18.87 -55.26
CA CYS B 462 -14.01 -19.99 -54.36
C CYS B 462 -13.86 -21.34 -55.06
N ASP B 463 -12.85 -21.46 -55.91
CA ASP B 463 -12.54 -22.66 -56.66
C ASP B 463 -11.28 -23.32 -56.09
N ASN B 464 -10.71 -24.26 -56.84
CA ASN B 464 -9.49 -24.90 -56.40
C ASN B 464 -8.33 -23.91 -56.33
N VAL B 465 -7.31 -24.30 -55.60
CA VAL B 465 -6.38 -23.38 -54.98
C VAL B 465 -4.95 -23.76 -55.28
N VAL B 466 -4.08 -22.76 -55.37
CA VAL B 466 -2.63 -22.97 -55.40
C VAL B 466 -1.96 -21.75 -54.79
N THR B 467 -0.84 -21.98 -54.11
CA THR B 467 -0.26 -21.02 -53.19
C THR B 467 0.77 -20.09 -53.81
N ARG B 468 1.20 -20.35 -55.04
CA ARG B 468 2.27 -19.57 -55.65
C ARG B 468 1.99 -18.08 -55.63
N GLU B 469 3.06 -17.30 -55.48
CA GLU B 469 3.05 -15.86 -55.26
C GLU B 469 2.37 -15.41 -53.97
N LEU B 470 1.11 -15.82 -53.77
CA LEU B 470 0.33 -15.32 -52.64
C LEU B 470 0.95 -15.70 -51.30
N PHE B 471 1.63 -16.83 -51.25
CA PHE B 471 2.46 -17.17 -50.10
C PHE B 471 3.51 -16.11 -49.82
N SER B 472 4.30 -15.77 -50.84
CA SER B 472 5.39 -14.81 -50.68
C SER B 472 4.88 -13.42 -50.35
N LYS B 473 3.71 -13.06 -50.88
CA LYS B 473 3.06 -11.82 -50.45
C LYS B 473 2.63 -11.89 -48.99
N SER B 474 1.79 -12.86 -48.64
CA SER B 474 1.14 -12.88 -47.34
C SER B 474 2.14 -13.02 -46.19
N LEU B 475 3.23 -13.75 -46.40
CA LEU B 475 4.25 -13.86 -45.36
C LEU B 475 4.77 -12.49 -44.92
N SER B 476 4.59 -11.46 -45.74
CA SER B 476 4.94 -10.10 -45.33
C SER B 476 4.12 -9.61 -44.15
N ALA B 477 2.92 -10.16 -43.97
CA ALA B 477 1.98 -9.67 -42.96
C ALA B 477 1.95 -10.52 -41.71
N PHE B 478 3.10 -11.01 -41.25
CA PHE B 478 3.12 -11.89 -40.09
C PHE B 478 4.44 -11.73 -39.34
N THR B 479 4.39 -12.00 -38.03
CA THR B 479 5.56 -12.20 -37.18
C THR B 479 5.26 -13.29 -36.16
N PRO B 480 6.28 -14.00 -35.71
CA PRO B 480 6.05 -15.11 -34.77
C PRO B 480 5.63 -14.62 -33.39
N SER B 481 4.91 -15.50 -32.69
CA SER B 481 4.37 -15.18 -31.37
C SER B 481 5.44 -14.72 -30.40
N ALA B 482 6.68 -15.19 -30.56
CA ALA B 482 7.78 -14.72 -29.73
C ALA B 482 8.09 -13.25 -29.97
N LEU B 483 7.84 -12.76 -31.17
CA LEU B 483 8.27 -11.41 -31.54
C LEU B 483 7.15 -10.38 -31.47
N ARG B 484 5.90 -10.79 -31.74
CA ARG B 484 4.84 -9.85 -32.07
C ARG B 484 4.64 -8.80 -31.00
N GLY B 485 4.90 -9.14 -29.74
CA GLY B 485 4.81 -8.15 -28.69
C GLY B 485 6.01 -7.23 -28.58
N VAL B 486 7.19 -7.75 -28.87
CA VAL B 486 8.40 -6.95 -28.75
C VAL B 486 8.53 -6.05 -29.97
N LYS B 487 9.13 -4.88 -29.77
CA LYS B 487 9.29 -3.90 -30.85
C LYS B 487 10.11 -4.47 -32.00
N LEU B 488 9.63 -4.21 -33.21
CA LEU B 488 10.37 -4.53 -34.42
C LEU B 488 9.87 -3.60 -35.52
N THR B 489 10.74 -3.29 -36.48
CA THR B 489 10.40 -2.41 -37.58
C THR B 489 11.04 -2.91 -38.86
N LYS B 490 10.46 -2.51 -39.99
CA LYS B 490 11.07 -2.69 -41.30
C LYS B 490 10.95 -1.37 -42.07
N GLU B 491 12.03 -0.98 -42.73
CA GLU B 491 12.08 0.30 -43.41
C GLU B 491 11.46 0.23 -44.80
N THR B 492 11.06 1.40 -45.30
CA THR B 492 10.96 1.63 -46.74
C THR B 492 12.29 1.35 -47.43
N ASN B 493 12.36 0.23 -48.17
CA ASN B 493 13.65 -0.36 -48.47
C ASN B 493 14.53 0.55 -49.30
N ILE B 494 15.55 1.11 -48.65
CA ILE B 494 16.66 1.77 -49.31
C ILE B 494 17.57 0.69 -49.87
N LYS B 495 17.22 0.14 -51.03
CA LYS B 495 17.94 -0.98 -51.60
C LYS B 495 19.42 -0.67 -51.81
N TRP B 496 20.20 -1.77 -51.89
CA TRP B 496 21.66 -1.70 -51.83
C TRP B 496 22.24 -0.59 -52.67
N GLY B 497 21.87 -0.54 -53.95
CA GLY B 497 22.39 0.46 -54.86
C GLY B 497 21.81 1.84 -54.68
N ASP B 498 20.71 1.98 -53.94
CA ASP B 498 20.16 3.32 -53.74
C ASP B 498 21.11 4.17 -52.93
N ILE B 499 21.68 3.62 -51.86
CA ILE B 499 22.75 4.24 -51.10
C ILE B 499 24.08 3.87 -51.75
N GLY B 500 24.02 3.28 -52.94
CA GLY B 500 25.10 2.42 -53.41
C GLY B 500 26.41 3.13 -53.65
N ALA B 501 26.40 4.45 -53.76
CA ALA B 501 27.64 5.19 -53.95
C ALA B 501 28.55 4.97 -52.74
N LEU B 502 29.85 4.96 -53.02
CA LEU B 502 30.86 4.54 -52.05
C LEU B 502 30.45 3.22 -51.40
N ALA B 503 30.25 2.23 -52.29
CA ALA B 503 29.77 0.91 -51.90
C ALA B 503 30.66 0.22 -50.89
N ASN B 504 31.91 0.66 -50.73
CA ASN B 504 32.86 0.05 -49.82
C ASN B 504 32.27 -0.30 -48.46
N ALA B 505 31.54 0.64 -47.86
CA ALA B 505 30.89 0.37 -46.57
C ALA B 505 29.83 -0.70 -46.67
N LYS B 506 28.89 -0.55 -47.62
CA LYS B 506 27.85 -1.55 -47.79
C LYS B 506 28.43 -2.94 -48.03
N ASP B 507 29.52 -3.02 -48.78
CA ASP B 507 30.19 -4.30 -49.02
C ASP B 507 30.79 -4.87 -47.74
N VAL B 508 31.43 -4.03 -46.94
CA VAL B 508 31.92 -4.50 -45.64
C VAL B 508 30.76 -5.03 -44.79
N LEU B 509 29.66 -4.28 -44.77
CA LEU B 509 28.48 -4.69 -43.99
C LEU B 509 27.92 -6.02 -44.49
N LEU B 510 27.58 -6.10 -45.78
CA LEU B 510 27.03 -7.33 -46.32
C LEU B 510 27.96 -8.50 -46.10
N GLU B 511 29.26 -8.31 -46.34
CA GLU B 511 30.22 -9.39 -46.16
C GLU B 511 30.19 -9.91 -44.73
N THR B 512 30.32 -9.00 -43.76
CA THR B 512 30.45 -9.41 -42.36
C THR B 512 29.14 -9.89 -41.77
N LEU B 513 27.99 -9.42 -42.27
CA LEU B 513 26.70 -9.88 -41.78
C LEU B 513 26.16 -11.14 -42.46
N GLU B 514 26.44 -11.35 -43.75
CA GLU B 514 25.89 -12.45 -44.51
C GLU B 514 26.54 -13.81 -44.20
N TRP B 515 27.62 -13.84 -43.43
CA TRP B 515 28.38 -15.07 -43.25
C TRP B 515 27.53 -16.30 -42.89
N PRO B 516 26.56 -16.23 -41.97
CA PRO B 516 25.70 -17.40 -41.73
C PRO B 516 24.80 -17.76 -42.91
N THR B 517 24.80 -16.97 -43.97
CA THR B 517 23.94 -17.17 -45.13
C THR B 517 24.74 -17.46 -46.40
N LYS B 518 26.07 -17.36 -46.35
CA LYS B 518 26.91 -17.72 -47.48
C LYS B 518 28.07 -18.64 -47.07
N TYR B 519 28.56 -18.52 -45.84
CA TYR B 519 29.74 -19.27 -45.42
C TYR B 519 29.41 -20.36 -44.41
N GLU B 520 28.13 -20.58 -44.12
CA GLU B 520 27.77 -21.63 -43.18
C GLU B 520 28.23 -23.04 -43.57
N PRO B 521 28.44 -23.39 -44.85
CA PRO B 521 29.13 -24.66 -45.13
C PRO B 521 30.62 -24.59 -44.86
N ILE B 522 31.19 -23.39 -44.81
CA ILE B 522 32.59 -23.21 -44.46
C ILE B 522 32.78 -23.16 -42.96
N PHE B 523 31.93 -22.40 -42.28
CA PHE B 523 32.09 -22.14 -40.85
C PHE B 523 31.57 -23.31 -40.01
N VAL B 524 31.94 -24.54 -40.39
CA VAL B 524 31.46 -25.71 -39.66
C VAL B 524 31.90 -25.67 -38.21
N ASN B 525 33.18 -25.35 -37.97
CA ASN B 525 33.63 -24.91 -36.65
C ASN B 525 34.86 -24.04 -36.84
N CYS B 526 34.64 -22.75 -36.99
CA CYS B 526 35.72 -21.79 -36.94
C CYS B 526 36.34 -21.81 -35.56
N PRO B 527 37.64 -22.13 -35.42
CA PRO B 527 38.23 -22.25 -34.09
C PRO B 527 38.44 -20.93 -33.37
N LEU B 528 38.16 -19.80 -34.03
CA LEU B 528 38.09 -18.50 -33.41
C LEU B 528 36.66 -17.97 -33.44
N ARG B 529 36.24 -17.31 -32.36
CA ARG B 529 34.93 -16.69 -32.32
C ARG B 529 34.82 -15.59 -33.36
N LEU B 530 33.68 -15.57 -34.06
CA LEU B 530 33.45 -14.66 -35.16
C LEU B 530 33.36 -13.20 -34.71
N ARG B 531 33.79 -12.31 -35.59
CA ARG B 531 33.86 -10.88 -35.28
C ARG B 531 32.48 -10.34 -34.92
N SER B 532 32.44 -9.49 -33.90
CA SER B 532 31.22 -9.20 -33.16
C SER B 532 30.57 -7.86 -33.47
N GLY B 533 31.18 -6.97 -34.23
CA GLY B 533 30.48 -5.72 -34.47
C GLY B 533 31.23 -4.72 -35.32
N ILE B 534 30.60 -3.56 -35.49
CA ILE B 534 30.94 -2.50 -36.41
C ILE B 534 30.44 -1.16 -35.87
N LEU B 535 31.35 -0.20 -35.68
CA LEU B 535 31.01 1.20 -35.46
C LEU B 535 31.33 2.02 -36.69
N LEU B 536 30.32 2.66 -37.27
CA LEU B 536 30.54 3.60 -38.35
C LEU B 536 30.77 5.00 -37.79
N TYR B 537 31.54 5.80 -38.51
CA TYR B 537 31.62 7.21 -38.17
C TYR B 537 31.80 8.03 -39.44
N GLY B 538 31.37 9.28 -39.38
CA GLY B 538 31.61 10.23 -40.44
C GLY B 538 31.77 11.61 -39.87
N TYR B 539 32.64 12.40 -40.50
CA TYR B 539 32.73 13.81 -40.12
C TYR B 539 31.46 14.59 -40.46
N PRO B 540 30.70 14.26 -41.54
CA PRO B 540 29.38 14.88 -41.68
C PRO B 540 28.37 14.31 -40.71
N GLY B 541 27.11 14.76 -40.82
CA GLY B 541 26.02 13.97 -40.31
C GLY B 541 26.09 12.60 -40.93
N CYS B 542 25.98 11.55 -40.14
CA CYS B 542 26.25 10.20 -40.62
C CYS B 542 25.19 9.79 -41.64
N GLY B 543 25.51 9.99 -42.92
CA GLY B 543 24.73 9.37 -43.99
C GLY B 543 24.63 7.86 -43.88
N LYS B 544 25.60 7.23 -43.22
CA LYS B 544 25.53 5.79 -42.95
C LYS B 544 24.49 5.41 -41.90
N THR B 545 23.82 6.37 -41.27
CA THR B 545 22.59 6.02 -40.56
C THR B 545 21.57 5.39 -41.50
N LEU B 546 21.41 5.98 -42.69
CA LEU B 546 20.58 5.37 -43.71
C LEU B 546 21.05 3.96 -44.05
N LEU B 547 22.37 3.77 -44.21
CA LEU B 547 22.94 2.44 -44.43
C LEU B 547 22.54 1.47 -43.33
N ALA B 548 22.68 1.90 -42.08
CA ALA B 548 22.33 1.05 -40.95
C ALA B 548 20.86 0.66 -40.97
N SER B 549 20.00 1.60 -41.35
CA SER B 549 18.60 1.27 -41.53
C SER B 549 18.36 0.34 -42.70
N ALA B 550 19.19 0.43 -43.73
CA ALA B 550 18.96 -0.30 -44.97
C ALA B 550 19.42 -1.75 -44.90
N VAL B 551 20.52 -2.01 -44.18
CA VAL B 551 21.10 -3.34 -44.17
C VAL B 551 20.14 -4.40 -43.64
N ALA B 552 19.13 -3.99 -42.88
CA ALA B 552 18.10 -4.92 -42.42
C ALA B 552 17.45 -5.56 -43.64
N GLN B 553 16.68 -4.79 -44.39
CA GLN B 553 16.00 -5.36 -45.54
C GLN B 553 17.00 -5.88 -46.57
N GLN B 554 18.15 -5.23 -46.69
CA GLN B 554 19.21 -5.70 -47.58
C GLN B 554 19.75 -7.08 -47.20
N CYS B 555 19.46 -7.56 -45.99
CA CYS B 555 20.06 -8.81 -45.52
C CYS B 555 19.07 -9.76 -44.87
N GLY B 556 17.86 -9.30 -44.52
CA GLY B 556 16.81 -10.17 -44.04
C GLY B 556 16.79 -10.37 -42.53
N LEU B 557 17.71 -9.76 -41.80
CA LEU B 557 17.76 -9.87 -40.36
C LEU B 557 16.75 -8.93 -39.71
N ASN B 558 16.37 -9.27 -38.49
CA ASN B 558 15.59 -8.35 -37.67
C ASN B 558 16.43 -7.15 -37.24
N PHE B 559 15.76 -6.11 -36.77
CA PHE B 559 16.44 -4.89 -36.36
C PHE B 559 15.86 -4.37 -35.06
N ILE B 560 16.73 -4.02 -34.11
CA ILE B 560 16.35 -3.46 -32.83
C ILE B 560 17.31 -2.31 -32.52
N SER B 561 16.77 -1.19 -32.05
CA SER B 561 17.50 0.08 -32.07
C SER B 561 17.53 0.73 -30.71
N VAL B 562 18.73 1.09 -30.26
CA VAL B 562 18.91 2.06 -29.19
C VAL B 562 18.87 3.46 -29.80
N LYS B 563 17.67 3.99 -30.00
CA LYS B 563 17.55 5.38 -30.41
C LYS B 563 17.99 6.31 -29.28
N GLY B 564 18.81 7.30 -29.63
CA GLY B 564 19.30 8.30 -28.70
C GLY B 564 19.89 7.81 -27.39
N PRO B 565 19.65 8.55 -26.32
CA PRO B 565 20.14 8.19 -24.99
C PRO B 565 19.23 7.28 -24.18
N GLU B 566 18.20 6.71 -24.79
CA GLU B 566 17.01 6.25 -24.07
C GLU B 566 17.33 5.20 -23.01
N ILE B 567 18.57 4.70 -22.94
CA ILE B 567 18.96 3.82 -21.84
C ILE B 567 18.87 4.55 -20.50
N LEU B 568 19.24 5.83 -20.47
CA LEU B 568 19.28 6.59 -19.22
C LEU B 568 17.91 6.68 -18.58
N ASN B 569 17.92 6.97 -17.27
CA ASN B 569 16.69 7.04 -16.50
C ASN B 569 16.86 8.01 -15.34
N LYS B 570 15.71 8.44 -14.80
CA LYS B 570 15.70 9.18 -13.55
C LYS B 570 16.22 8.34 -12.40
N PHE B 571 15.67 7.14 -12.21
CA PHE B 571 15.98 6.33 -11.05
C PHE B 571 17.34 5.64 -11.21
N ILE B 572 18.15 5.70 -10.16
CA ILE B 572 19.50 5.14 -10.19
C ILE B 572 19.49 3.62 -10.35
N GLY B 573 18.49 2.94 -9.79
CA GLY B 573 18.36 1.51 -9.96
C GLY B 573 17.94 1.07 -11.35
N ALA B 574 17.44 1.98 -12.18
CA ALA B 574 16.81 1.59 -13.43
C ALA B 574 17.77 1.48 -14.61
N SER B 575 18.84 2.29 -14.65
CA SER B 575 19.68 2.38 -15.85
C SER B 575 20.22 1.02 -16.28
N GLU B 576 20.85 0.32 -15.35
CA GLU B 576 21.48 -0.95 -15.70
C GLU B 576 20.43 -2.04 -15.90
N GLN B 577 19.34 -1.99 -15.15
CA GLN B 577 18.21 -2.88 -15.43
C GLN B 577 17.70 -2.70 -16.85
N ASN B 578 17.73 -1.45 -17.33
CA ASN B 578 17.28 -1.14 -18.67
C ASN B 578 18.22 -1.69 -19.73
N ILE B 579 19.51 -1.40 -19.63
CA ILE B 579 20.43 -1.91 -20.64
C ILE B 579 20.55 -3.44 -20.56
N ARG B 580 20.49 -4.02 -19.37
CA ARG B 580 20.48 -5.47 -19.23
C ARG B 580 19.27 -6.09 -19.94
N GLU B 581 18.09 -5.51 -19.73
CA GLU B 581 16.90 -6.00 -20.42
C GLU B 581 17.00 -5.77 -21.93
N LEU B 582 17.72 -4.73 -22.35
CA LEU B 582 17.99 -4.55 -23.77
C LEU B 582 18.79 -5.71 -24.34
N PHE B 583 19.90 -6.05 -23.72
CA PHE B 583 20.69 -7.17 -24.22
C PHE B 583 19.96 -8.50 -24.05
N GLU B 584 19.11 -8.62 -23.04
CA GLU B 584 18.23 -9.79 -22.93
C GLU B 584 17.29 -9.89 -24.13
N ARG B 585 16.63 -8.80 -24.49
CA ARG B 585 15.80 -8.80 -25.69
C ARG B 585 16.60 -9.21 -26.92
N ALA B 586 17.77 -8.61 -27.10
CA ALA B 586 18.58 -8.92 -28.27
C ALA B 586 18.96 -10.40 -28.32
N GLN B 587 19.48 -10.93 -27.23
CA GLN B 587 19.86 -12.34 -27.19
C GLN B 587 18.65 -13.27 -27.28
N SER B 588 17.46 -12.77 -26.98
CA SER B 588 16.25 -13.54 -27.24
C SER B 588 15.89 -13.55 -28.72
N VAL B 589 15.93 -12.40 -29.38
CA VAL B 589 15.63 -12.32 -30.81
C VAL B 589 16.88 -12.71 -31.59
N LYS B 590 17.23 -14.00 -31.53
CA LYS B 590 18.56 -14.47 -31.87
C LYS B 590 19.11 -13.90 -33.18
N PRO B 591 18.37 -13.89 -34.29
CA PRO B 591 18.88 -13.20 -35.49
C PRO B 591 18.42 -11.75 -35.60
N CYS B 592 19.14 -10.82 -34.98
CA CYS B 592 18.82 -9.41 -35.14
C CYS B 592 20.10 -8.57 -35.20
N ILE B 593 19.95 -7.37 -35.71
CA ILE B 593 20.94 -6.30 -35.59
C ILE B 593 20.57 -5.41 -34.42
N LEU B 594 21.52 -5.21 -33.51
CA LEU B 594 21.36 -4.29 -32.40
C LEU B 594 22.10 -2.99 -32.73
N PHE B 595 21.35 -1.91 -32.81
CA PHE B 595 21.82 -0.63 -33.33
C PHE B 595 21.94 0.40 -32.22
N PHE B 596 23.05 1.13 -32.20
CA PHE B 596 23.18 2.35 -31.42
C PHE B 596 23.05 3.56 -32.35
N ASP B 597 21.99 4.34 -32.13
CA ASP B 597 21.66 5.46 -33.02
C ASP B 597 22.68 6.59 -32.94
N GLU B 598 23.21 6.87 -31.76
CA GLU B 598 24.25 7.90 -31.64
C GLU B 598 25.10 7.54 -30.42
N PHE B 599 26.13 6.73 -30.67
CA PHE B 599 26.99 6.23 -29.61
C PHE B 599 27.61 7.36 -28.78
N ASP B 600 27.89 8.51 -29.41
CA ASP B 600 28.31 9.71 -28.69
C ASP B 600 27.41 10.06 -27.51
N SER B 601 26.12 9.73 -27.59
CA SER B 601 25.17 10.09 -26.54
C SER B 601 25.52 9.51 -25.16
N ILE B 602 26.22 8.39 -25.10
CA ILE B 602 26.21 7.61 -23.86
C ILE B 602 27.58 7.05 -23.50
N ALA B 603 28.49 6.99 -24.46
CA ALA B 603 29.78 6.35 -24.23
C ALA B 603 31.01 7.25 -24.26
N PRO B 604 30.96 8.51 -23.80
CA PRO B 604 32.17 9.34 -23.83
C PRO B 604 33.22 8.80 -22.88
N LYS B 605 34.43 9.37 -23.03
CA LYS B 605 35.60 8.97 -22.27
C LYS B 605 35.33 8.82 -20.77
N ARG B 606 35.82 7.73 -20.20
CA ARG B 606 35.72 7.45 -18.78
C ARG B 606 36.35 8.58 -17.97
N GLY B 607 35.83 8.78 -16.75
CA GLY B 607 36.48 9.67 -15.82
C GLY B 607 35.87 9.58 -14.45
N HIS B 608 36.34 10.46 -13.56
CA HIS B 608 35.83 10.57 -12.21
C HIS B 608 34.41 11.15 -12.19
N ASP B 609 33.45 10.36 -12.65
CA ASP B 609 32.06 10.79 -12.80
C ASP B 609 31.95 12.05 -13.66
N SER B 610 32.56 12.00 -14.85
CA SER B 610 32.32 13.08 -15.80
C SER B 610 30.84 13.15 -16.17
N THR B 611 30.14 12.02 -16.09
CA THR B 611 28.71 12.01 -15.83
C THR B 611 28.52 11.83 -14.32
N GLY B 612 27.89 12.81 -13.68
CA GLY B 612 27.92 12.87 -12.24
C GLY B 612 27.27 11.67 -11.56
N VAL B 613 26.33 11.02 -12.24
CA VAL B 613 25.61 9.88 -11.70
C VAL B 613 25.25 8.95 -12.86
N THR B 614 25.06 7.67 -12.53
CA THR B 614 24.62 6.62 -13.44
C THR B 614 25.54 6.38 -14.63
N ASP B 615 26.74 6.96 -14.65
CA ASP B 615 27.69 6.65 -15.71
C ASP B 615 28.04 5.17 -15.74
N ARG B 616 27.78 4.46 -14.64
CA ARG B 616 28.00 3.02 -14.54
C ARG B 616 27.51 2.26 -15.76
N VAL B 617 26.52 2.81 -16.49
CA VAL B 617 26.06 2.20 -17.73
C VAL B 617 27.23 1.89 -18.69
N VAL B 618 28.23 2.77 -18.74
CA VAL B 618 29.35 2.49 -19.64
C VAL B 618 30.14 1.26 -19.19
N ASN B 619 30.24 1.04 -17.88
CA ASN B 619 30.86 -0.18 -17.40
C ASN B 619 29.98 -1.41 -17.64
N GLN B 620 28.66 -1.28 -17.50
CA GLN B 620 27.79 -2.39 -17.85
C GLN B 620 27.94 -2.78 -19.32
N LEU B 621 28.06 -1.79 -20.20
CA LEU B 621 28.30 -2.06 -21.61
C LEU B 621 29.64 -2.76 -21.80
N LEU B 622 30.71 -2.18 -21.27
CA LEU B 622 32.03 -2.78 -21.40
C LEU B 622 32.01 -4.23 -20.89
N THR B 623 31.25 -4.50 -19.82
CA THR B 623 31.15 -5.86 -19.32
C THR B 623 30.46 -6.78 -20.31
N GLN B 624 29.43 -6.30 -21.00
CA GLN B 624 28.62 -7.23 -21.80
C GLN B 624 28.80 -7.10 -23.30
N MET B 625 29.65 -6.18 -23.77
CA MET B 625 29.86 -6.09 -25.21
C MET B 625 30.39 -7.40 -25.79
N ASP B 626 31.19 -8.14 -25.02
CA ASP B 626 31.55 -9.50 -25.39
C ASP B 626 31.64 -10.39 -24.16
N GLY B 627 32.24 -9.88 -23.09
CA GLY B 627 32.18 -10.51 -21.79
C GLY B 627 32.83 -11.88 -21.78
N ALA B 628 32.02 -12.91 -21.62
CA ALA B 628 32.45 -14.30 -21.73
C ALA B 628 31.71 -15.06 -22.81
N GLU B 629 30.49 -14.64 -23.16
CA GLU B 629 29.69 -15.32 -24.17
C GLU B 629 30.24 -15.07 -25.57
N GLY B 630 30.88 -13.93 -25.78
CA GLY B 630 31.50 -13.66 -27.07
C GLY B 630 30.52 -13.50 -28.21
N LEU B 631 30.39 -14.54 -29.03
CA LEU B 631 29.48 -14.49 -30.17
C LEU B 631 28.03 -14.59 -29.69
N ASP B 632 27.29 -13.50 -29.87
CA ASP B 632 25.86 -13.50 -29.61
C ASP B 632 25.07 -14.09 -30.77
N GLY B 633 25.65 -14.08 -31.97
CA GLY B 633 24.89 -14.27 -33.20
C GLY B 633 24.24 -12.98 -33.65
N VAL B 634 23.76 -12.19 -32.68
CA VAL B 634 23.58 -10.76 -32.90
C VAL B 634 24.93 -10.09 -33.07
N TYR B 635 24.93 -8.93 -33.72
CA TYR B 635 26.12 -8.11 -33.83
C TYR B 635 25.83 -6.72 -33.31
N ILE B 636 26.86 -6.08 -32.77
CA ILE B 636 26.78 -4.67 -32.40
C ILE B 636 26.94 -3.79 -33.63
N LEU B 637 25.96 -2.93 -33.87
CA LEU B 637 26.02 -1.89 -34.88
C LEU B 637 25.83 -0.52 -34.22
N ALA B 638 26.58 0.46 -34.71
CA ALA B 638 26.50 1.79 -34.14
C ALA B 638 26.90 2.81 -35.18
N ALA B 639 26.50 4.06 -34.94
CA ALA B 639 26.97 5.20 -35.72
C ALA B 639 27.25 6.35 -34.77
N THR B 640 28.17 7.22 -35.16
CA THR B 640 28.40 8.46 -34.42
C THR B 640 29.29 9.43 -35.19
N SER B 641 28.88 10.70 -35.23
CA SER B 641 29.76 11.81 -35.52
C SER B 641 30.44 12.31 -34.25
N ARG B 642 31.71 12.71 -34.39
CA ARG B 642 32.61 13.01 -33.27
C ARG B 642 32.94 11.80 -32.40
N PRO B 643 33.32 10.66 -32.99
CA PRO B 643 33.63 9.47 -32.16
C PRO B 643 34.91 9.61 -31.36
N ASP B 644 35.71 10.66 -31.61
CA ASP B 644 36.92 10.92 -30.83
C ASP B 644 36.63 11.16 -29.35
N LEU B 645 35.37 11.39 -28.99
CA LEU B 645 34.99 11.44 -27.58
C LEU B 645 34.89 10.05 -26.96
N ILE B 646 34.69 9.00 -27.77
CA ILE B 646 34.80 7.63 -27.28
C ILE B 646 36.27 7.39 -26.96
N ASP B 647 36.59 6.31 -26.27
CA ASP B 647 37.92 6.13 -25.72
C ASP B 647 38.49 4.73 -25.96
N SER B 648 39.81 4.66 -25.77
CA SER B 648 40.58 3.42 -25.93
C SER B 648 40.05 2.30 -25.04
N ALA B 649 39.43 2.65 -23.91
CA ALA B 649 38.82 1.68 -23.03
C ALA B 649 37.70 0.89 -23.69
N LEU B 650 37.24 1.31 -24.84
CA LEU B 650 36.10 0.63 -25.43
C LEU B 650 36.32 0.17 -26.87
N LEU B 651 37.06 0.93 -27.67
CA LEU B 651 37.48 0.48 -29.00
C LEU B 651 38.76 -0.34 -28.92
N ARG B 652 38.65 -1.65 -29.19
CA ARG B 652 39.71 -2.66 -29.20
C ARG B 652 39.28 -3.83 -30.05
N PRO B 653 40.18 -4.42 -30.85
CA PRO B 653 39.76 -5.51 -31.75
C PRO B 653 39.16 -6.70 -31.04
N GLY B 654 39.54 -6.95 -29.80
CA GLY B 654 38.87 -7.96 -29.00
C GLY B 654 37.54 -7.49 -28.49
N ARG B 655 37.22 -6.22 -28.73
CA ARG B 655 35.95 -5.62 -28.42
C ARG B 655 35.43 -5.05 -29.74
N LEU B 656 34.67 -3.97 -29.72
CA LEU B 656 34.24 -3.35 -30.97
C LEU B 656 35.40 -2.57 -31.60
N ASP B 657 35.53 -2.64 -32.93
CA ASP B 657 36.74 -2.04 -33.49
C ASP B 657 36.70 -1.51 -34.92
N LYS B 658 35.85 -2.05 -35.79
CA LYS B 658 36.15 -2.04 -37.21
C LYS B 658 36.25 -0.64 -37.82
N SER B 659 35.60 0.37 -37.22
CA SER B 659 35.89 1.79 -37.48
C SER B 659 35.96 2.14 -38.97
N VAL B 660 34.90 1.82 -39.70
CA VAL B 660 34.77 2.25 -41.09
C VAL B 660 34.52 3.76 -41.15
N ILE B 661 35.40 4.47 -41.85
CA ILE B 661 35.23 5.89 -42.15
C ILE B 661 34.30 6.10 -43.33
N CYS B 662 33.48 7.14 -43.24
CA CYS B 662 32.75 7.71 -44.38
C CYS B 662 33.28 9.08 -44.73
N ASN B 663 33.33 9.37 -46.04
CA ASN B 663 33.74 10.69 -46.54
C ASN B 663 32.77 11.13 -47.63
N ILE B 664 32.87 12.41 -47.99
CA ILE B 664 32.10 12.97 -49.10
C ILE B 664 32.32 12.20 -50.40
N PRO B 665 31.27 12.02 -51.20
CA PRO B 665 31.33 11.30 -52.50
C PRO B 665 31.96 12.12 -53.61
N THR B 666 33.29 12.14 -53.64
CA THR B 666 34.00 12.98 -54.58
C THR B 666 33.67 12.62 -56.03
N GLU B 667 33.70 13.65 -56.88
CA GLU B 667 33.58 13.52 -58.34
C GLU B 667 32.47 12.59 -58.83
N SER B 668 32.81 11.56 -59.61
CA SER B 668 31.80 10.67 -60.19
C SER B 668 30.93 9.98 -59.15
N GLU B 669 31.33 9.94 -57.89
CA GLU B 669 30.41 9.39 -56.90
C GLU B 669 29.22 10.31 -56.68
N ARG B 670 29.40 11.61 -56.91
CA ARG B 670 28.24 12.51 -57.01
C ARG B 670 27.29 12.01 -58.10
N LEU B 671 27.83 11.75 -59.29
CA LEU B 671 27.00 11.24 -60.39
C LEU B 671 26.33 9.94 -60.00
N ASP B 672 27.09 9.04 -59.39
CA ASP B 672 26.57 7.72 -59.03
C ASP B 672 25.38 7.83 -58.08
N ILE B 673 25.54 8.58 -56.99
CA ILE B 673 24.45 8.76 -56.05
C ILE B 673 23.28 9.51 -56.68
N LEU B 674 23.56 10.47 -57.56
CA LEU B 674 22.50 11.16 -58.27
C LEU B 674 21.71 10.19 -59.14
N GLN B 675 22.42 9.35 -59.91
CA GLN B 675 21.75 8.37 -60.75
C GLN B 675 20.91 7.41 -59.92
N ALA B 676 21.47 6.95 -58.80
CA ALA B 676 20.73 6.06 -57.90
C ALA B 676 19.44 6.70 -57.38
N ILE B 677 19.49 7.96 -56.94
CA ILE B 677 18.26 8.59 -56.48
C ILE B 677 17.29 8.85 -57.62
N VAL B 678 17.78 9.38 -58.75
CA VAL B 678 16.88 9.74 -59.85
C VAL B 678 16.29 8.53 -60.53
N ASN B 679 16.90 7.35 -60.41
CA ASN B 679 16.24 6.12 -60.83
C ASN B 679 14.90 5.94 -60.12
N SER B 680 14.84 6.26 -58.82
CA SER B 680 13.58 6.48 -58.10
C SER B 680 12.62 5.31 -58.29
N LYS B 681 13.12 4.09 -58.12
CA LYS B 681 12.35 2.89 -58.43
C LYS B 681 11.83 2.29 -57.13
N ASP B 682 10.52 2.06 -57.09
CA ASP B 682 9.88 1.46 -55.92
C ASP B 682 8.55 0.86 -56.34
N LYS B 683 8.02 -0.01 -55.47
CA LYS B 683 6.69 -0.58 -55.57
C LYS B 683 6.45 -1.29 -56.92
N ASP B 684 7.53 -1.60 -57.64
CA ASP B 684 7.48 -2.09 -59.02
C ASP B 684 6.54 -1.27 -59.91
N THR B 685 6.26 -0.03 -59.55
CA THR B 685 5.21 0.75 -60.20
C THR B 685 5.64 2.20 -60.29
N GLY B 686 5.32 2.84 -61.42
CA GLY B 686 5.82 4.17 -61.70
C GLY B 686 7.33 4.23 -61.62
N GLN B 687 7.99 3.28 -62.29
CA GLN B 687 9.30 2.82 -61.86
C GLN B 687 10.38 3.89 -61.95
N LYS B 688 10.13 5.00 -62.65
CA LYS B 688 10.92 6.22 -62.46
C LYS B 688 10.01 7.25 -61.80
N LYS B 689 9.94 7.21 -60.47
CA LYS B 689 8.88 7.93 -59.77
C LYS B 689 9.14 9.43 -59.82
N PHE B 690 10.41 9.83 -59.64
CA PHE B 690 10.90 11.07 -60.23
C PHE B 690 10.98 10.92 -61.74
N ALA B 691 10.34 11.83 -62.46
CA ALA B 691 10.40 11.82 -63.91
C ALA B 691 11.76 12.32 -64.37
N LEU B 692 12.72 11.41 -64.48
CA LEU B 692 14.10 11.77 -64.80
C LEU B 692 14.21 12.46 -66.16
N GLU B 693 15.22 13.31 -66.28
CA GLU B 693 15.44 14.08 -67.49
C GLU B 693 15.72 13.15 -68.67
N LYS B 694 15.01 13.37 -69.78
CA LYS B 694 14.95 12.40 -70.87
C LYS B 694 16.33 12.03 -71.40
N ASN B 695 17.25 13.00 -71.45
CA ASN B 695 18.59 12.73 -71.94
C ASN B 695 19.52 12.17 -70.87
N ALA B 696 19.13 12.23 -69.60
CA ALA B 696 20.02 11.95 -68.48
C ALA B 696 21.33 12.73 -68.58
N ASP B 697 21.22 14.03 -68.86
CA ASP B 697 22.39 14.87 -69.10
C ASP B 697 23.09 15.29 -67.82
N LEU B 698 23.29 14.33 -66.90
CA LEU B 698 23.74 14.63 -65.54
C LEU B 698 25.20 15.08 -65.49
N LYS B 699 26.01 14.67 -66.47
CA LYS B 699 27.45 14.96 -66.46
C LYS B 699 27.79 16.44 -66.44
N LEU B 700 26.90 17.29 -66.93
CA LEU B 700 27.05 18.72 -66.68
C LEU B 700 26.60 19.07 -65.26
N ILE B 701 25.37 18.71 -64.92
CA ILE B 701 24.71 19.21 -63.72
C ILE B 701 25.48 18.80 -62.46
N ALA B 702 26.00 17.58 -62.42
CA ALA B 702 26.56 17.01 -61.20
C ALA B 702 27.83 17.72 -60.72
N GLU B 703 28.54 18.39 -61.62
CA GLU B 703 29.76 19.08 -61.25
C GLU B 703 29.68 20.59 -61.40
N LYS B 704 28.75 21.10 -62.20
CA LYS B 704 28.34 22.48 -62.04
C LYS B 704 27.79 22.71 -60.64
N THR B 705 27.06 21.72 -60.12
CA THR B 705 26.83 21.63 -58.68
C THR B 705 28.12 21.21 -57.98
N ALA B 706 28.49 21.96 -56.94
CA ALA B 706 29.44 21.47 -55.94
C ALA B 706 28.67 20.70 -54.88
N GLY B 707 28.97 19.41 -54.74
CA GLY B 707 28.29 18.55 -53.79
C GLY B 707 29.02 18.46 -52.47
N PHE B 708 28.26 18.64 -51.38
CA PHE B 708 28.81 18.68 -50.03
C PHE B 708 28.30 17.54 -49.16
N SER B 709 27.31 16.79 -49.61
CA SER B 709 26.76 15.66 -48.88
C SER B 709 26.06 14.77 -49.90
N GLY B 710 25.12 13.94 -49.45
CA GLY B 710 24.14 13.41 -50.38
C GLY B 710 22.76 14.03 -50.21
N ALA B 711 22.39 14.31 -48.96
CA ALA B 711 21.07 14.86 -48.67
C ALA B 711 20.88 16.22 -49.31
N ASP B 712 21.96 16.98 -49.46
CA ASP B 712 21.93 18.20 -50.23
C ASP B 712 21.56 17.94 -51.69
N LEU B 713 22.22 16.98 -52.32
CA LEU B 713 21.91 16.63 -53.70
C LEU B 713 20.46 16.15 -53.84
N GLN B 714 19.99 15.36 -52.88
CA GLN B 714 18.60 14.93 -52.88
C GLN B 714 17.64 16.11 -52.74
N GLY B 715 17.94 17.03 -51.83
CA GLY B 715 17.08 18.19 -51.66
C GLY B 715 17.04 19.05 -52.92
N LEU B 716 18.20 19.29 -53.50
CA LEU B 716 18.30 19.97 -54.79
C LEU B 716 17.40 19.34 -55.84
N CYS B 717 17.50 18.02 -56.01
CA CYS B 717 16.68 17.36 -57.02
C CYS B 717 15.20 17.43 -56.69
N TYR B 718 14.84 17.25 -55.42
CA TYR B 718 13.46 17.37 -54.99
C TYR B 718 12.89 18.76 -55.24
N ASN B 719 13.66 19.79 -54.93
CA ASN B 719 13.21 21.15 -55.15
C ASN B 719 13.07 21.46 -56.64
N ALA B 720 13.96 20.91 -57.47
CA ALA B 720 13.79 21.04 -58.92
C ALA B 720 12.56 20.31 -59.42
N TYR B 721 12.24 19.14 -58.86
CA TYR B 721 10.94 18.52 -59.15
C TYR B 721 9.79 19.46 -58.76
N LEU B 722 9.88 20.07 -57.59
CA LEU B 722 8.83 21.01 -57.18
C LEU B 722 8.69 22.16 -58.17
N LYS B 723 9.81 22.70 -58.65
CA LYS B 723 9.77 23.75 -59.66
C LYS B 723 9.19 23.26 -60.98
N SER B 724 9.50 22.03 -61.35
CA SER B 724 8.85 21.41 -62.51
C SER B 724 7.34 21.35 -62.36
N VAL B 725 6.87 20.95 -61.18
CA VAL B 725 5.44 21.00 -60.89
C VAL B 725 4.90 22.42 -60.97
N HIS B 726 5.67 23.38 -60.49
CA HIS B 726 5.22 24.78 -60.55
C HIS B 726 5.04 25.25 -61.99
N ARG B 727 6.04 25.05 -62.84
CA ARG B 727 5.88 25.45 -64.23
C ARG B 727 4.76 24.67 -64.91
N TRP B 728 4.61 23.39 -64.55
CA TRP B 728 3.51 22.59 -65.09
C TRP B 728 2.16 23.10 -64.59
N LEU B 729 2.02 23.28 -63.28
CA LEU B 729 0.73 23.64 -62.70
C LEU B 729 0.29 25.04 -63.07
N SER B 730 1.21 26.00 -63.10
CA SER B 730 0.88 27.36 -63.52
C SER B 730 0.62 27.49 -65.01
N ALA B 731 1.29 26.71 -65.86
CA ALA B 731 1.00 26.74 -67.28
C ALA B 731 -0.32 26.07 -67.63
N ALA B 732 -0.70 25.02 -66.92
CA ALA B 732 -1.69 24.06 -67.43
C ALA B 732 -3.01 24.74 -67.81
N ASP B 733 -3.60 25.52 -66.89
CA ASP B 733 -4.86 26.19 -67.20
C ASP B 733 -4.70 27.31 -68.22
N GLN B 734 -3.71 28.20 -68.01
CA GLN B 734 -3.48 29.29 -68.94
C GLN B 734 -3.16 28.79 -70.35
N SER B 735 -2.52 27.62 -70.46
CA SER B 735 -2.24 27.05 -71.77
C SER B 735 -3.51 26.70 -72.55
N GLU B 736 -4.59 26.34 -71.85
CA GLU B 736 -5.90 26.27 -72.48
C GLU B 736 -6.49 27.66 -72.72
N VAL B 737 -6.38 28.57 -71.74
CA VAL B 737 -7.04 29.87 -71.82
C VAL B 737 -6.50 30.71 -72.97
N VAL B 738 -5.19 30.64 -73.24
CA VAL B 738 -4.60 31.46 -74.30
C VAL B 738 -5.19 31.19 -75.68
N PRO B 739 -5.32 29.94 -76.15
CA PRO B 739 -6.05 29.73 -77.41
C PRO B 739 -7.56 29.86 -77.29
N GLY B 740 -8.13 29.71 -76.10
CA GLY B 740 -9.57 29.92 -75.96
C GLY B 740 -10.08 30.02 -74.54
N ASN B 741 -10.59 31.19 -74.18
CA ASN B 741 -11.21 31.40 -72.88
C ASN B 741 -12.45 30.52 -72.72
N ASP B 742 -12.98 30.50 -71.50
CA ASP B 742 -14.17 29.72 -71.20
C ASP B 742 -15.02 30.43 -70.14
N ASN B 743 -16.28 29.99 -70.05
CA ASN B 743 -17.23 30.43 -69.03
C ASN B 743 -17.47 31.94 -69.01
N ILE B 744 -17.24 32.63 -70.13
CA ILE B 744 -17.52 34.06 -70.17
C ILE B 744 -19.02 34.26 -70.36
N GLU B 745 -19.78 34.17 -69.26
CA GLU B 745 -21.24 34.28 -69.30
C GLU B 745 -21.64 35.76 -69.28
N TYR B 746 -21.32 36.45 -70.38
CA TYR B 746 -21.74 37.83 -70.53
C TYR B 746 -23.25 37.93 -70.75
N PHE B 747 -23.84 39.00 -70.24
CA PHE B 747 -25.29 39.15 -70.30
C PHE B 747 -25.71 40.62 -70.49
N SER B 748 -24.83 41.46 -71.04
CA SER B 748 -24.98 42.92 -71.03
C SER B 748 -25.14 43.47 -69.61
N ILE B 749 -24.17 43.11 -68.76
CA ILE B 749 -24.24 43.42 -67.33
C ILE B 749 -24.47 44.91 -67.11
N ASN B 750 -25.25 45.22 -66.08
CA ASN B 750 -25.58 46.60 -65.77
C ASN B 750 -25.79 46.74 -64.27
N GLU B 751 -25.89 48.00 -63.84
CA GLU B 751 -26.03 48.40 -62.44
C GLU B 751 -24.82 48.09 -61.57
N HIS B 752 -24.29 46.86 -61.64
CA HIS B 752 -23.20 46.47 -60.75
C HIS B 752 -22.12 45.70 -61.50
N GLY B 753 -20.87 46.05 -61.22
CA GLY B 753 -19.71 45.51 -61.93
C GLY B 753 -19.33 44.09 -61.56
N ARG B 754 -20.31 43.19 -61.47
CA ARG B 754 -20.08 41.78 -61.11
C ARG B 754 -19.49 40.96 -62.24
N ARG B 755 -19.08 41.61 -63.33
CA ARG B 755 -18.87 40.95 -64.62
C ARG B 755 -17.98 39.71 -64.50
N GLU B 756 -16.91 39.78 -63.71
CA GLU B 756 -16.13 38.59 -63.39
C GLU B 756 -16.22 38.12 -61.95
N GLU B 757 -16.66 38.98 -61.03
CA GLU B 757 -16.83 38.54 -59.64
C GLU B 757 -17.87 37.43 -59.53
N ASN B 758 -18.84 37.41 -60.43
CA ASN B 758 -19.80 36.32 -60.54
C ASN B 758 -19.17 34.97 -60.89
N ARG B 759 -17.93 34.95 -61.39
CA ARG B 759 -17.36 33.74 -61.97
C ARG B 759 -17.34 32.55 -61.02
N LEU B 760 -17.01 32.77 -59.74
CA LEU B 760 -16.95 31.66 -58.79
C LEU B 760 -18.34 31.09 -58.46
N ARG B 761 -19.29 31.97 -58.13
CA ARG B 761 -20.66 31.53 -57.88
C ARG B 761 -21.30 30.92 -59.11
N LEU B 762 -20.85 31.29 -60.30
CA LEU B 762 -21.23 30.55 -61.50
C LEU B 762 -20.60 29.17 -61.53
N LYS B 763 -19.26 29.10 -61.61
CA LYS B 763 -18.55 27.84 -61.79
C LYS B 763 -18.98 26.77 -60.80
N THR B 764 -19.18 27.15 -59.53
CA THR B 764 -19.57 26.25 -58.45
C THR B 764 -20.96 25.64 -58.63
N LEU B 765 -21.73 26.08 -59.60
CA LEU B 765 -23.02 25.51 -59.92
C LEU B 765 -23.06 25.01 -61.35
N LEU B 766 -22.43 25.75 -62.25
CA LEU B 766 -22.44 25.46 -63.68
C LEU B 766 -21.73 24.15 -63.99
N GLN B 767 -20.69 23.78 -63.22
CA GLN B 767 -20.10 22.45 -63.34
C GLN B 767 -20.54 21.44 -62.28
N GLN B 768 -21.01 20.27 -62.76
CA GLN B 768 -21.47 19.17 -61.92
C GLN B 768 -21.20 17.80 -62.56
N ASP B 769 -20.26 17.69 -63.49
CA ASP B 769 -19.94 16.41 -64.07
C ASP B 769 -19.20 15.52 -63.08
N VAL B 770 -19.26 14.22 -63.33
CA VAL B 770 -18.52 13.21 -62.57
C VAL B 770 -17.97 12.16 -63.53
N VAL B 771 -16.76 11.67 -63.24
CA VAL B 771 -16.06 10.72 -64.10
C VAL B 771 -15.36 9.71 -63.22
N HIS B 772 -15.03 8.56 -63.81
CA HIS B 772 -14.38 7.48 -63.08
C HIS B 772 -13.43 6.73 -64.01
N GLU B 773 -12.42 6.10 -63.40
CA GLU B 773 -11.41 5.33 -64.12
C GLU B 773 -10.71 6.18 -65.18
N THR B 774 -10.40 7.43 -64.83
CA THR B 774 -9.76 8.36 -65.75
C THR B 774 -8.34 7.89 -66.08
N LYS B 775 -7.91 8.17 -67.31
CA LYS B 775 -6.60 7.77 -67.80
C LYS B 775 -5.91 8.97 -68.45
N THR B 776 -4.58 8.91 -68.50
CA THR B 776 -3.80 9.94 -69.17
C THR B 776 -2.52 9.34 -69.73
N SER B 777 -1.94 10.04 -70.71
CA SER B 777 -0.82 9.51 -71.49
C SER B 777 0.23 10.54 -71.86
N THR B 778 -0.14 11.80 -72.09
CA THR B 778 0.82 12.86 -72.46
C THR B 778 1.66 13.34 -71.29
N SER B 779 1.32 12.98 -70.06
CA SER B 779 2.19 13.24 -68.93
C SER B 779 3.50 12.49 -69.07
N ALA B 780 4.50 12.93 -68.30
CA ALA B 780 5.85 12.36 -68.35
C ALA B 780 5.93 11.00 -67.65
N ALA B 781 5.34 10.01 -68.31
CA ALA B 781 5.38 8.60 -67.92
C ALA B 781 4.72 8.31 -66.59
N SER B 782 4.09 9.30 -65.95
CA SER B 782 3.23 9.05 -64.82
C SER B 782 2.14 10.11 -64.77
N GLU B 783 1.03 9.77 -64.14
CA GLU B 783 -0.18 10.58 -64.20
C GLU B 783 0.08 12.03 -63.77
N LEU B 784 -0.11 12.95 -64.72
CA LEU B 784 0.00 14.40 -64.52
C LEU B 784 1.39 14.85 -64.05
N THR B 785 2.38 13.96 -63.97
CA THR B 785 3.67 14.36 -63.43
C THR B 785 4.44 15.26 -64.40
N ALA B 786 5.30 16.10 -63.82
CA ALA B 786 6.14 17.03 -64.56
C ALA B 786 7.58 16.55 -64.56
N VAL B 787 8.17 16.43 -65.76
CA VAL B 787 9.55 16.00 -65.89
C VAL B 787 10.49 17.02 -65.26
N VAL B 788 11.57 16.52 -64.66
CA VAL B 788 12.70 17.38 -64.31
C VAL B 788 13.49 17.73 -65.57
N THR B 789 14.24 18.84 -65.47
CA THR B 789 15.00 19.33 -66.61
C THR B 789 16.26 19.99 -66.11
N ILE B 790 17.33 19.87 -66.89
CA ILE B 790 18.68 20.18 -66.42
C ILE B 790 18.80 21.65 -66.01
N ASN B 791 18.12 22.54 -66.73
CA ASN B 791 18.13 23.95 -66.35
C ASN B 791 17.56 24.17 -64.95
N ASP B 792 16.50 23.44 -64.61
CA ASP B 792 15.87 23.59 -63.30
C ASP B 792 16.78 23.14 -62.16
N LEU B 793 17.74 22.26 -62.43
CA LEU B 793 18.79 21.94 -61.48
C LEU B 793 19.92 22.97 -61.51
N LEU B 794 20.39 23.32 -62.71
CA LEU B 794 21.52 24.22 -62.85
C LEU B 794 21.25 25.58 -62.21
N GLU B 795 20.03 26.09 -62.35
CA GLU B 795 19.70 27.37 -61.71
C GLU B 795 19.87 27.33 -60.19
N ALA B 796 19.75 26.15 -59.59
CA ALA B 796 19.95 25.99 -58.15
C ALA B 796 21.38 25.60 -57.79
N CYS B 797 22.34 25.69 -58.72
CA CYS B 797 23.73 25.44 -58.39
C CYS B 797 24.25 26.42 -57.35
N GLN B 798 23.77 27.66 -57.37
CA GLN B 798 24.06 28.62 -56.32
C GLN B 798 23.14 28.49 -55.12
N GLU B 799 21.95 27.92 -55.32
CA GLU B 799 21.07 27.58 -54.21
C GLU B 799 21.64 26.45 -53.34
N THR B 800 22.51 25.60 -53.91
CA THR B 800 23.21 24.56 -53.15
C THR B 800 24.17 25.19 -52.15
N LYS B 801 23.77 25.20 -50.85
CA LYS B 801 24.46 26.03 -49.85
C LYS B 801 25.44 25.17 -49.07
N PRO B 802 26.70 25.58 -48.97
CA PRO B 802 27.65 24.93 -48.05
C PRO B 802 27.38 25.26 -46.60
N SER B 803 28.13 24.56 -45.72
CA SER B 803 28.13 24.75 -44.26
C SER B 803 29.54 24.47 -43.75
N ILE B 804 30.39 25.50 -43.85
CA ILE B 804 31.84 25.32 -43.86
C ILE B 804 32.33 24.80 -42.51
N SER B 805 33.02 23.65 -42.55
CA SER B 805 33.49 23.04 -41.29
C SER B 805 34.71 22.15 -41.50
N THR B 806 35.51 22.37 -42.55
CA THR B 806 36.58 21.46 -42.94
C THR B 806 37.60 21.19 -41.83
N SER B 807 37.69 22.05 -40.81
CA SER B 807 38.47 21.72 -39.62
C SER B 807 38.09 20.37 -39.01
N GLU B 808 36.87 19.89 -39.23
CA GLU B 808 36.52 18.55 -38.79
C GLU B 808 37.41 17.48 -39.41
N LEU B 809 37.93 17.73 -40.61
CA LEU B 809 38.91 16.80 -41.17
C LEU B 809 40.18 16.75 -40.34
N VAL B 810 40.58 17.88 -39.74
CA VAL B 810 41.71 17.86 -38.82
C VAL B 810 41.30 17.16 -37.53
N LYS B 811 40.03 17.26 -37.16
CA LYS B 811 39.52 16.46 -36.05
C LYS B 811 39.55 14.98 -36.40
N LEU B 812 39.26 14.66 -37.65
CA LEU B 812 39.47 13.30 -38.16
C LEU B 812 40.93 12.90 -38.17
N ARG B 813 41.84 13.85 -38.37
CA ARG B 813 43.28 13.55 -38.43
C ARG B 813 43.83 12.94 -37.14
N GLY B 814 43.13 13.06 -36.02
CA GLY B 814 43.49 12.30 -34.83
C GLY B 814 43.46 10.78 -34.91
N ILE B 815 42.27 10.23 -35.17
CA ILE B 815 42.12 8.78 -35.35
C ILE B 815 42.90 8.26 -36.56
N TYR B 816 43.02 9.07 -37.61
CA TYR B 816 43.84 8.69 -38.76
C TYR B 816 45.34 8.79 -38.48
N ASP B 817 45.73 9.45 -37.40
CA ASP B 817 47.10 9.36 -36.90
C ASP B 817 47.26 8.19 -35.96
N ARG B 818 46.20 7.86 -35.21
CA ARG B 818 46.17 6.60 -34.48
C ARG B 818 46.28 5.42 -35.42
N PHE B 819 45.71 5.55 -36.62
CA PHE B 819 46.03 4.65 -37.72
C PHE B 819 47.49 4.82 -38.14
N GLN B 820 48.32 3.81 -37.83
CA GLN B 820 49.74 3.90 -38.20
C GLN B 820 49.95 4.01 -39.70
N LYS B 821 49.01 3.52 -40.50
CA LYS B 821 49.09 3.63 -41.95
C LYS B 821 48.83 5.07 -42.40
N MET C 1 -54.42 25.29 -44.09
CA MET C 1 -55.76 25.04 -44.59
C MET C 1 -55.75 23.86 -45.56
N LYS C 2 -56.80 23.02 -45.49
CA LYS C 2 -57.06 22.06 -46.55
C LYS C 2 -57.59 22.77 -47.79
N ALA C 3 -57.21 22.27 -48.96
CA ALA C 3 -57.77 22.75 -50.21
C ALA C 3 -57.84 21.61 -51.23
N SER C 4 -58.83 21.71 -52.12
CA SER C 4 -58.91 20.81 -53.27
C SER C 4 -58.04 21.32 -54.41
N LEU C 5 -57.45 20.40 -55.15
CA LEU C 5 -56.45 20.74 -56.15
C LEU C 5 -56.91 20.31 -57.53
N THR C 6 -56.47 21.07 -58.55
CA THR C 6 -56.64 20.71 -59.94
C THR C 6 -55.50 21.34 -60.74
N PHE C 7 -55.10 20.68 -61.83
CA PHE C 7 -54.03 21.18 -62.69
C PHE C 7 -54.62 21.73 -63.97
N SER C 8 -54.27 22.98 -64.28
CA SER C 8 -54.65 23.64 -65.51
C SER C 8 -53.71 23.24 -66.64
N LEU C 9 -54.21 23.36 -67.88
CA LEU C 9 -53.30 23.53 -69.01
C LEU C 9 -52.43 24.76 -68.75
N SER C 10 -51.15 24.65 -69.09
CA SER C 10 -50.11 25.41 -68.42
C SER C 10 -49.45 26.40 -69.37
N GLY C 11 -49.46 27.67 -68.97
CA GLY C 11 -48.60 28.69 -69.54
C GLY C 11 -47.28 28.82 -68.83
N ILE C 12 -47.12 28.14 -67.69
CA ILE C 12 -45.96 28.22 -66.81
C ILE C 12 -45.84 29.62 -66.22
N TYR C 13 -45.67 30.61 -67.09
CA TYR C 13 -45.68 32.00 -66.65
C TYR C 13 -47.08 32.48 -66.27
N ALA C 14 -48.11 31.80 -66.75
CA ALA C 14 -49.47 32.16 -66.38
C ALA C 14 -49.71 31.98 -64.89
N PRO C 15 -50.50 32.85 -64.27
CA PRO C 15 -50.76 32.75 -62.83
C PRO C 15 -51.59 31.53 -62.47
N CYS C 16 -51.53 31.16 -61.19
CA CYS C 16 -52.53 30.27 -60.61
C CYS C 16 -53.84 31.04 -60.46
N SER C 17 -54.83 30.41 -59.83
CA SER C 17 -56.07 31.09 -59.50
C SER C 17 -56.44 30.95 -58.03
N ILE C 18 -56.95 32.04 -57.46
CA ILE C 18 -57.52 32.05 -56.11
C ILE C 18 -59.03 32.03 -56.21
N SER C 19 -59.65 31.09 -55.49
CA SER C 19 -61.10 30.97 -55.48
C SER C 19 -61.75 32.13 -54.73
N ARG C 20 -62.92 32.53 -55.21
CA ARG C 20 -63.74 33.53 -54.51
C ARG C 20 -63.92 33.24 -53.02
N ASP C 21 -64.14 31.98 -52.65
CA ASP C 21 -64.37 31.67 -51.24
C ASP C 21 -63.14 31.93 -50.38
N ILE C 22 -61.97 31.53 -50.84
CA ILE C 22 -60.76 31.91 -50.11
C ILE C 22 -60.52 33.42 -50.22
N TYR C 23 -60.98 34.05 -51.30
CA TYR C 23 -60.98 35.51 -51.39
C TYR C 23 -62.16 36.16 -50.67
N LEU C 24 -62.82 35.42 -49.80
CA LEU C 24 -63.77 35.96 -48.84
C LEU C 24 -63.37 35.64 -47.41
N GLU C 25 -62.94 34.40 -47.17
CA GLU C 25 -62.40 34.02 -45.87
C GLU C 25 -61.08 34.75 -45.59
N TYR C 26 -60.33 35.07 -46.63
CA TYR C 26 -59.18 35.97 -46.54
C TYR C 26 -59.28 37.04 -47.63
N GLY C 27 -60.47 37.63 -47.75
CA GLY C 27 -60.68 38.65 -48.75
C GLY C 27 -60.02 39.96 -48.36
N ASP C 28 -59.40 40.61 -49.35
CA ASP C 28 -58.80 41.93 -49.13
C ASP C 28 -58.78 42.66 -50.46
N LYS C 29 -59.66 43.66 -50.59
CA LYS C 29 -59.76 44.51 -51.77
C LYS C 29 -58.50 45.32 -52.08
N LYS C 30 -57.65 45.62 -51.10
CA LYS C 30 -56.39 46.30 -51.44
C LYS C 30 -55.40 45.37 -52.14
N ALA C 31 -55.64 44.07 -52.18
CA ALA C 31 -54.66 43.08 -52.62
C ALA C 31 -55.41 41.99 -53.37
N GLU C 32 -56.06 42.39 -54.46
CA GLU C 32 -56.83 41.45 -55.28
C GLU C 32 -55.94 40.38 -55.91
N CYS C 33 -54.72 40.74 -56.30
CA CYS C 33 -53.69 39.75 -56.62
C CYS C 33 -53.13 39.11 -55.35
N LEU C 34 -54.00 38.37 -54.65
CA LEU C 34 -53.65 37.64 -53.44
C LEU C 34 -52.59 36.60 -53.76
N TYR C 35 -51.39 36.76 -53.20
CA TYR C 35 -50.34 35.75 -53.31
C TYR C 35 -50.63 34.62 -52.32
N GLY C 36 -51.00 33.45 -52.85
CA GLY C 36 -51.22 32.28 -52.03
C GLY C 36 -49.94 31.53 -51.68
N THR C 37 -50.09 30.56 -50.77
CA THR C 37 -49.06 29.56 -50.53
C THR C 37 -49.68 28.19 -50.43
N ILE C 38 -49.05 27.20 -51.07
CA ILE C 38 -49.57 25.85 -51.17
C ILE C 38 -48.51 24.87 -50.68
N ARG C 39 -48.95 23.84 -49.98
CA ARG C 39 -48.14 22.68 -49.64
C ARG C 39 -48.56 21.50 -50.52
N LEU C 40 -47.59 20.88 -51.17
CA LEU C 40 -47.89 19.83 -52.13
C LEU C 40 -47.71 18.47 -51.48
N PRO C 41 -48.78 17.69 -51.32
CA PRO C 41 -48.64 16.33 -50.81
C PRO C 41 -47.85 15.45 -51.76
N GLN C 42 -47.02 14.56 -51.19
CA GLN C 42 -46.00 13.88 -51.96
C GLN C 42 -45.60 12.60 -51.25
N TYR C 43 -44.93 11.72 -51.98
CA TYR C 43 -44.04 10.77 -51.35
C TYR C 43 -42.80 11.48 -50.83
N GLY C 44 -42.29 10.99 -49.71
CA GLY C 44 -41.14 11.59 -49.06
C GLY C 44 -41.31 11.67 -47.57
N PRO C 45 -40.24 12.04 -46.86
CA PRO C 45 -40.31 12.08 -45.39
C PRO C 45 -41.28 13.14 -44.89
N GLY C 46 -41.41 14.25 -45.61
CA GLY C 46 -42.33 15.31 -45.24
C GLY C 46 -42.51 16.23 -46.43
N CYS C 47 -43.51 17.10 -46.32
CA CYS C 47 -43.87 17.99 -47.42
C CYS C 47 -42.79 19.06 -47.62
N THR C 48 -42.12 19.01 -48.77
CA THR C 48 -41.11 19.97 -49.20
C THR C 48 -41.60 21.41 -49.12
N PRO C 49 -40.70 22.37 -48.91
CA PRO C 49 -41.13 23.76 -48.67
C PRO C 49 -42.15 24.25 -49.69
N GLY C 50 -43.22 24.86 -49.18
CA GLY C 50 -44.35 25.20 -50.02
C GLY C 50 -44.04 26.32 -50.99
N LYS C 51 -44.88 26.45 -52.01
CA LYS C 51 -44.68 27.41 -53.07
C LYS C 51 -45.59 28.63 -52.86
N ILE C 52 -44.97 29.80 -52.85
CA ILE C 52 -45.70 31.05 -53.08
C ILE C 52 -46.14 31.11 -54.53
N VAL C 53 -47.41 31.44 -54.76
CA VAL C 53 -47.97 31.47 -56.10
C VAL C 53 -48.71 32.78 -56.35
N HIS C 54 -48.42 33.41 -57.49
CA HIS C 54 -49.19 34.53 -58.00
C HIS C 54 -50.46 34.02 -58.64
N CYS C 55 -51.58 34.68 -58.37
CA CYS C 55 -52.88 34.11 -58.67
C CYS C 55 -53.84 35.19 -59.18
N VAL C 56 -54.85 34.74 -59.92
CA VAL C 56 -55.98 35.56 -60.34
C VAL C 56 -57.26 35.04 -59.70
N LEU C 57 -58.12 35.97 -59.29
CA LEU C 57 -59.40 35.60 -58.69
C LEU C 57 -60.28 34.88 -59.69
N ASP C 58 -60.98 33.84 -59.21
CA ASP C 58 -61.98 33.14 -60.00
C ASP C 58 -63.16 32.78 -59.10
N ASP C 59 -64.36 33.18 -59.55
CA ASP C 59 -65.60 32.90 -58.85
C ASP C 59 -66.19 31.54 -59.20
N SER C 60 -65.74 30.94 -60.30
CA SER C 60 -66.32 29.68 -60.78
C SER C 60 -65.85 28.47 -59.99
N LEU C 61 -64.78 28.59 -59.22
CA LEU C 61 -64.19 27.43 -58.57
C LEU C 61 -65.10 26.95 -57.44
N PRO C 62 -65.45 25.66 -57.40
CA PRO C 62 -66.19 25.12 -56.26
C PRO C 62 -65.47 25.32 -54.92
N PHE C 63 -66.23 25.04 -53.86
CA PHE C 63 -65.82 25.23 -52.48
C PHE C 63 -64.42 24.66 -52.21
N CYS C 64 -63.52 25.55 -51.78
CA CYS C 64 -62.13 25.25 -51.46
C CYS C 64 -61.36 24.62 -52.62
N SER C 65 -61.84 24.74 -53.85
CA SER C 65 -61.11 24.19 -55.00
C SER C 65 -60.20 25.25 -55.60
N ILE C 66 -59.02 24.81 -56.05
CA ILE C 66 -57.96 25.70 -56.52
C ILE C 66 -57.29 25.03 -57.70
N VAL C 67 -56.75 25.83 -58.61
CA VAL C 67 -56.18 25.34 -59.86
C VAL C 67 -54.79 25.95 -60.04
N VAL C 68 -53.84 25.12 -60.49
CA VAL C 68 -52.48 25.56 -60.77
C VAL C 68 -52.05 24.99 -62.12
N PRO C 69 -51.12 25.62 -62.82
CA PRO C 69 -50.65 25.06 -64.09
C PRO C 69 -49.94 23.73 -63.89
N SER C 70 -50.19 22.81 -64.83
CA SER C 70 -49.55 21.50 -64.84
C SER C 70 -48.05 21.59 -65.15
N LYS C 71 -47.73 21.93 -66.40
CA LYS C 71 -46.36 21.90 -66.90
C LYS C 71 -45.43 22.84 -66.16
N LEU C 72 -45.97 23.77 -65.36
CA LEU C 72 -45.14 24.49 -64.41
C LEU C 72 -44.36 23.55 -63.50
N PHE C 73 -44.84 22.32 -63.33
CA PHE C 73 -44.15 21.29 -62.58
C PHE C 73 -43.69 20.13 -63.46
N GLY C 74 -43.66 20.32 -64.77
CA GLY C 74 -43.19 19.29 -65.67
C GLY C 74 -44.15 18.13 -65.90
N PHE C 75 -45.12 17.96 -65.01
CA PHE C 75 -46.16 16.96 -65.23
C PHE C 75 -47.15 17.46 -66.28
N MET C 76 -47.82 16.51 -66.93
CA MET C 76 -48.81 16.84 -67.94
C MET C 76 -50.21 16.47 -67.47
N PRO C 77 -51.24 17.18 -67.98
CA PRO C 77 -52.62 16.85 -67.60
C PRO C 77 -53.12 15.51 -68.14
N THR C 78 -52.32 14.82 -68.96
CA THR C 78 -52.61 13.43 -69.28
C THR C 78 -52.41 12.52 -68.07
N GLN C 79 -51.58 12.93 -67.13
CA GLN C 79 -51.32 12.14 -65.94
C GLN C 79 -52.39 12.39 -64.88
N PRO C 80 -52.53 11.47 -63.92
CA PRO C 80 -53.62 11.58 -62.93
C PRO C 80 -53.51 12.84 -62.09
N THR C 81 -54.53 13.70 -62.19
CA THR C 81 -54.58 14.96 -61.47
C THR C 81 -54.91 14.72 -59.99
N MET C 82 -54.03 15.18 -59.11
CA MET C 82 -54.27 15.07 -57.68
C MET C 82 -55.36 16.05 -57.25
N ASP C 83 -56.30 15.56 -56.44
CA ASP C 83 -57.53 16.27 -56.12
C ASP C 83 -57.46 17.13 -54.87
N PHE C 84 -56.40 17.04 -54.07
CA PHE C 84 -56.33 17.85 -52.85
C PHE C 84 -54.90 18.32 -52.61
N CYS C 85 -54.79 19.35 -51.78
CA CYS C 85 -53.52 19.87 -51.28
C CYS C 85 -53.78 20.58 -49.96
N TYR C 86 -52.81 21.37 -49.52
CA TYR C 86 -53.02 22.32 -48.43
C TYR C 86 -52.59 23.71 -48.84
N PHE C 87 -53.30 24.71 -48.30
CA PHE C 87 -53.13 26.11 -48.65
C PHE C 87 -52.80 26.94 -47.41
N GLU C 88 -52.01 28.00 -47.62
CA GLU C 88 -51.76 29.01 -46.60
C GLU C 88 -51.91 30.40 -47.22
N PRO C 89 -52.70 31.28 -46.63
CA PRO C 89 -52.68 32.69 -47.03
C PRO C 89 -51.48 33.43 -46.47
N ILE C 90 -50.77 34.14 -47.35
CA ILE C 90 -49.58 34.89 -46.94
C ILE C 90 -50.02 36.12 -46.16
N LEU C 91 -49.51 36.25 -44.93
CA LEU C 91 -49.84 37.37 -44.07
C LEU C 91 -49.49 38.71 -44.72
N ASP C 92 -50.51 39.54 -44.93
CA ASP C 92 -50.43 40.84 -45.60
C ASP C 92 -49.70 40.78 -46.95
N ASN C 93 -49.65 39.61 -47.59
CA ASN C 93 -48.88 39.41 -48.82
C ASN C 93 -47.41 39.83 -48.68
N VAL C 94 -46.87 39.84 -47.46
CA VAL C 94 -45.51 40.31 -47.25
C VAL C 94 -44.53 39.36 -47.90
N VAL C 95 -43.80 39.83 -48.91
CA VAL C 95 -42.78 39.06 -49.59
C VAL C 95 -41.60 39.96 -49.93
N PRO C 96 -40.36 39.49 -49.80
CA PRO C 96 -39.22 40.29 -50.24
C PRO C 96 -39.00 40.18 -51.74
N VAL C 97 -38.43 41.23 -52.32
CA VAL C 97 -37.85 41.17 -53.65
C VAL C 97 -36.50 40.49 -53.61
N LEU C 98 -36.22 39.66 -54.62
CA LEU C 98 -34.98 38.91 -54.68
C LEU C 98 -33.78 39.82 -54.90
N ASP C 99 -32.70 39.54 -54.18
CA ASP C 99 -31.45 40.27 -54.37
C ASP C 99 -30.76 39.89 -55.68
N SER C 100 -30.82 38.62 -56.07
CA SER C 100 -30.22 38.23 -57.35
C SER C 100 -30.95 37.03 -57.94
N VAL C 101 -30.96 36.99 -59.27
CA VAL C 101 -31.49 35.87 -60.04
C VAL C 101 -30.58 35.63 -61.25
N THR C 102 -30.37 34.37 -61.60
CA THR C 102 -29.58 33.99 -62.77
C THR C 102 -30.39 33.05 -63.65
N PHE C 103 -30.26 33.21 -64.96
CA PHE C 103 -30.94 32.36 -65.93
C PHE C 103 -29.96 31.66 -66.85
N LEU C 104 -30.33 30.43 -67.24
CA LEU C 104 -29.64 29.64 -68.25
C LEU C 104 -30.47 29.58 -69.52
N ILE C 105 -29.81 29.73 -70.68
CA ILE C 105 -30.50 29.79 -71.95
C ILE C 105 -29.63 29.13 -73.02
N ASN C 106 -30.28 28.55 -74.02
CA ASN C 106 -29.56 27.89 -75.12
C ASN C 106 -28.79 28.88 -75.97
N GLU C 107 -27.64 28.42 -76.48
CA GLU C 107 -26.68 29.29 -77.16
C GLU C 107 -27.29 29.99 -78.37
N GLN C 108 -28.21 29.33 -79.09
CA GLN C 108 -28.85 29.98 -80.23
C GLN C 108 -29.65 31.20 -79.80
N LEU C 109 -30.64 31.00 -78.92
CA LEU C 109 -31.45 32.12 -78.45
C LEU C 109 -30.65 33.07 -77.58
N TYR C 110 -29.67 32.55 -76.82
CA TYR C 110 -28.73 33.40 -76.10
C TYR C 110 -28.05 34.41 -77.03
N SER C 111 -27.43 33.92 -78.10
CA SER C 111 -26.77 34.80 -79.06
C SER C 111 -27.76 35.72 -79.78
N LYS C 112 -28.91 35.18 -80.21
CA LYS C 112 -29.96 35.99 -80.81
C LYS C 112 -30.39 37.17 -79.93
N LEU C 113 -30.44 36.96 -78.61
CA LEU C 113 -30.73 38.07 -77.72
C LEU C 113 -29.53 38.99 -77.50
N MET C 114 -28.34 38.40 -77.31
CA MET C 114 -27.13 39.19 -77.13
C MET C 114 -26.71 39.93 -78.38
N ASP C 115 -27.24 39.55 -79.55
CA ASP C 115 -27.06 40.39 -80.74
C ASP C 115 -27.73 41.74 -80.59
N LEU C 116 -28.71 41.87 -79.70
CA LEU C 116 -29.34 43.17 -79.48
C LEU C 116 -28.48 44.01 -78.55
N PRO C 117 -27.99 45.16 -78.98
CA PRO C 117 -27.07 45.94 -78.14
C PRO C 117 -27.79 46.72 -77.05
N GLN C 118 -29.04 47.07 -77.30
CA GLN C 118 -29.90 47.81 -76.37
C GLN C 118 -30.58 46.85 -75.40
N GLU C 119 -30.07 46.78 -74.16
CA GLU C 119 -30.55 45.85 -73.14
C GLU C 119 -32.06 45.91 -72.92
N MET C 120 -32.65 47.11 -73.02
CA MET C 120 -34.11 47.24 -72.89
C MET C 120 -34.86 46.39 -73.92
N GLN C 121 -34.28 46.14 -75.11
CA GLN C 121 -34.95 45.27 -76.08
C GLN C 121 -35.08 43.85 -75.55
N GLN C 122 -34.06 43.35 -74.87
CA GLN C 122 -34.20 42.06 -74.19
C GLN C 122 -35.20 42.14 -73.04
N ILE C 123 -35.22 43.26 -72.30
CA ILE C 123 -36.23 43.39 -71.25
C ILE C 123 -37.66 43.34 -71.81
N GLN C 124 -37.94 44.07 -72.90
CA GLN C 124 -39.24 43.89 -73.56
C GLN C 124 -39.44 42.48 -74.10
N PHE C 125 -38.39 41.84 -74.62
CA PHE C 125 -38.52 40.45 -75.05
C PHE C 125 -38.94 39.51 -73.92
N LEU C 126 -38.52 39.79 -72.69
CA LEU C 126 -39.05 39.04 -71.56
C LEU C 126 -40.57 39.13 -71.46
N HIS C 127 -41.13 40.30 -71.79
CA HIS C 127 -42.58 40.51 -71.82
C HIS C 127 -43.24 39.90 -73.05
N TYR C 128 -42.66 40.12 -74.22
CA TYR C 128 -43.28 39.70 -75.47
C TYR C 128 -43.26 38.18 -75.60
N LYS C 129 -42.14 37.56 -75.27
CA LYS C 129 -42.04 36.10 -75.32
C LYS C 129 -42.62 35.46 -74.06
N TYR C 130 -42.12 35.87 -72.88
CA TYR C 130 -42.42 35.14 -71.65
C TYR C 130 -43.54 35.77 -70.83
N ASN C 131 -44.11 36.89 -71.27
CA ASN C 131 -45.20 37.57 -70.57
C ASN C 131 -44.84 37.91 -69.13
N ILE C 132 -43.53 38.05 -68.84
CA ILE C 132 -43.08 38.41 -67.50
C ILE C 132 -43.44 39.87 -67.23
N ASN C 133 -43.93 40.14 -66.03
CA ASN C 133 -44.13 41.51 -65.56
C ASN C 133 -43.62 41.60 -64.13
N SER C 134 -42.80 42.62 -63.88
CA SER C 134 -42.25 42.85 -62.56
C SER C 134 -43.32 43.07 -61.50
N MET C 135 -42.98 42.72 -60.26
CA MET C 135 -43.81 42.79 -59.06
C MET C 135 -45.01 41.87 -59.13
N GLU C 136 -45.62 41.69 -60.30
CA GLU C 136 -46.57 40.59 -60.49
C GLU C 136 -45.89 39.24 -60.36
N THR C 137 -44.76 39.07 -61.07
CA THR C 137 -44.10 37.78 -61.16
C THR C 137 -43.31 37.44 -59.90
N VAL C 138 -43.45 36.20 -59.44
CA VAL C 138 -42.56 35.61 -58.45
C VAL C 138 -41.82 34.47 -59.16
N VAL C 139 -40.53 34.31 -58.86
CA VAL C 139 -39.68 33.36 -59.55
C VAL C 139 -38.93 32.51 -58.53
N HIS C 140 -38.46 31.36 -59.00
CA HIS C 140 -38.01 30.28 -58.13
C HIS C 140 -36.68 29.73 -58.66
N SER C 141 -35.82 29.34 -57.72
CA SER C 141 -34.38 29.31 -57.95
C SER C 141 -33.97 28.55 -59.21
N ARG C 142 -34.46 27.32 -59.39
CA ARG C 142 -33.89 26.45 -60.41
C ARG C 142 -34.86 26.03 -61.50
N ASP C 143 -36.06 26.61 -61.54
CA ASP C 143 -37.13 26.01 -62.34
C ASP C 143 -36.80 26.13 -63.83
N ILE C 144 -36.91 25.01 -64.54
CA ILE C 144 -36.89 25.03 -66.00
C ILE C 144 -38.13 25.76 -66.52
N LEU C 145 -37.92 26.73 -67.39
CA LEU C 145 -39.01 27.57 -67.87
C LEU C 145 -39.55 27.15 -69.24
N THR C 146 -38.70 26.56 -70.08
CA THR C 146 -39.18 25.86 -71.27
C THR C 146 -38.15 24.80 -71.64
N SER C 147 -38.64 23.61 -71.98
CA SER C 147 -37.75 22.51 -72.36
C SER C 147 -36.90 22.92 -73.55
N GLY C 148 -35.60 22.63 -73.47
CA GLY C 148 -34.67 23.07 -74.49
C GLY C 148 -34.38 24.56 -74.50
N LEU C 149 -35.08 25.35 -73.70
CA LEU C 149 -34.95 26.80 -73.75
C LEU C 149 -34.70 27.42 -72.38
N CYS C 150 -35.35 28.53 -72.09
CA CYS C 150 -35.06 29.32 -70.89
C CYS C 150 -35.21 28.49 -69.62
N GLN C 151 -34.38 28.82 -68.64
CA GLN C 151 -34.43 28.26 -67.30
C GLN C 151 -33.91 29.31 -66.34
N ILE C 152 -34.45 29.33 -65.12
CA ILE C 152 -33.81 30.01 -64.00
C ILE C 152 -32.70 29.13 -63.44
N LEU C 153 -31.49 29.67 -63.39
CA LEU C 153 -30.34 28.94 -62.85
C LEU C 153 -30.21 29.07 -61.33
N ASN C 154 -30.40 30.27 -60.77
CA ASN C 154 -30.51 30.40 -59.32
C ASN C 154 -31.35 31.62 -58.98
N CYS C 155 -31.98 31.56 -57.81
CA CYS C 155 -32.36 32.72 -57.02
C CYS C 155 -31.47 32.77 -55.77
N SER C 156 -31.01 33.97 -55.43
CA SER C 156 -30.11 34.06 -54.28
C SER C 156 -30.22 35.39 -53.55
N PRO C 157 -30.09 35.39 -52.21
CA PRO C 157 -29.95 34.17 -51.40
C PRO C 157 -31.26 33.41 -51.16
N PHE C 158 -32.38 34.10 -51.35
CA PHE C 158 -33.68 33.47 -51.14
C PHE C 158 -34.03 32.50 -52.27
N PRO C 159 -34.76 31.42 -51.96
CA PRO C 159 -35.21 30.51 -53.03
C PRO C 159 -36.33 31.11 -53.86
N GLN C 160 -37.10 32.04 -53.30
CA GLN C 160 -38.27 32.63 -53.95
C GLN C 160 -38.35 34.09 -53.57
N GLY C 161 -38.92 34.89 -54.47
CA GLY C 161 -39.21 36.27 -54.15
C GLY C 161 -39.62 37.05 -55.37
N LEU C 162 -39.94 38.31 -55.13
CA LEU C 162 -40.34 39.23 -56.18
C LEU C 162 -39.13 39.66 -57.00
N VAL C 163 -39.40 40.22 -58.18
CA VAL C 163 -38.37 40.70 -59.10
C VAL C 163 -38.74 42.10 -59.56
N ASP C 164 -37.74 42.98 -59.63
CA ASP C 164 -37.80 44.17 -60.45
C ASP C 164 -36.40 44.48 -60.95
N PHE C 165 -36.28 44.67 -62.27
CA PHE C 165 -35.01 45.05 -62.88
C PHE C 165 -34.40 46.31 -62.27
N THR C 166 -35.21 47.15 -61.61
CA THR C 166 -34.66 48.27 -60.85
C THR C 166 -33.77 47.81 -59.71
N GLU C 167 -33.79 46.52 -59.38
CA GLU C 167 -32.88 45.95 -58.38
C GLU C 167 -32.36 44.57 -58.75
N THR C 168 -32.98 43.86 -59.70
CA THR C 168 -32.65 42.49 -60.03
C THR C 168 -31.79 42.47 -61.29
N GLN C 169 -30.58 41.91 -61.19
CA GLN C 169 -29.58 42.05 -62.23
C GLN C 169 -29.87 41.18 -63.44
N LEU C 170 -30.68 40.12 -63.27
CA LEU C 170 -31.09 39.25 -64.37
C LEU C 170 -29.90 38.67 -65.12
N ILE C 171 -29.04 37.98 -64.37
CA ILE C 171 -27.84 37.39 -64.94
C ILE C 171 -28.23 36.28 -65.91
N LEU C 172 -27.51 36.20 -67.03
CA LEU C 172 -27.75 35.19 -68.06
C LEU C 172 -26.51 34.34 -68.26
N VAL C 173 -26.74 33.06 -68.59
CA VAL C 173 -25.70 32.06 -68.77
C VAL C 173 -25.93 31.33 -70.09
N ASN C 174 -24.85 31.07 -70.81
CA ASN C 174 -24.90 30.41 -72.11
C ASN C 174 -24.71 28.91 -71.93
N ASP C 175 -25.70 28.14 -72.35
CA ASP C 175 -25.59 26.69 -72.50
C ASP C 175 -24.78 26.27 -73.72
N THR C 176 -23.46 26.47 -73.64
CA THR C 176 -22.58 25.99 -74.71
C THR C 176 -22.63 24.48 -74.84
N GLU C 177 -22.88 23.77 -73.74
CA GLU C 177 -22.80 22.31 -73.66
C GLU C 177 -24.08 21.59 -74.07
N GLN C 178 -25.13 22.32 -74.46
CA GLN C 178 -26.39 21.75 -74.96
C GLN C 178 -27.11 20.82 -73.97
N LYS C 179 -26.82 20.92 -72.67
CA LYS C 179 -27.45 20.04 -71.69
C LYS C 179 -28.96 20.26 -71.59
N LEU C 180 -29.47 21.40 -72.06
CA LEU C 180 -30.90 21.63 -72.21
C LEU C 180 -31.58 20.62 -73.12
N SER C 181 -30.84 19.90 -73.95
CA SER C 181 -31.41 18.77 -74.68
C SER C 181 -31.83 17.66 -73.72
N ALA C 182 -31.07 17.45 -72.66
CA ALA C 182 -31.40 16.49 -71.61
C ALA C 182 -32.28 17.07 -70.50
N LEU C 183 -32.02 18.33 -70.11
CA LEU C 183 -32.79 18.99 -69.04
C LEU C 183 -34.13 19.50 -69.56
N LYS C 184 -34.99 18.55 -69.93
CA LYS C 184 -36.39 18.83 -70.25
C LYS C 184 -37.29 18.37 -69.10
N TYR C 185 -38.26 19.21 -68.75
CA TYR C 185 -39.10 18.94 -67.59
C TYR C 185 -40.11 17.84 -67.81
N ALA C 186 -40.41 17.49 -69.06
CA ALA C 186 -41.57 16.65 -69.34
C ALA C 186 -41.38 15.27 -68.73
N ASN C 187 -42.17 14.98 -67.70
CA ASN C 187 -42.18 13.69 -67.00
C ASN C 187 -42.82 12.57 -67.79
N GLU C 188 -43.55 12.88 -68.87
CA GLU C 188 -44.15 11.86 -69.71
C GLU C 188 -43.89 12.16 -71.19
N ASP C 189 -43.58 11.11 -71.94
CA ASP C 189 -43.55 11.15 -73.39
C ASP C 189 -44.51 10.09 -73.94
N GLU C 190 -45.18 10.42 -75.05
CA GLU C 190 -46.19 9.54 -75.62
C GLU C 190 -45.55 8.28 -76.20
N GLU C 191 -46.00 7.12 -75.75
CA GLU C 191 -45.46 5.87 -76.23
C GLU C 191 -45.95 5.59 -77.65
N TYR C 192 -45.13 4.86 -78.42
CA TYR C 192 -45.47 4.58 -79.81
C TYR C 192 -46.74 3.76 -79.95
N ALA C 193 -47.06 2.94 -78.95
CA ALA C 193 -48.32 2.20 -78.95
C ALA C 193 -48.67 1.81 -77.52
N LEU C 194 -49.94 1.48 -77.31
CA LEU C 194 -50.36 0.78 -76.11
C LEU C 194 -50.52 -0.73 -76.34
N PRO C 195 -51.07 -1.17 -77.47
CA PRO C 195 -50.85 -2.56 -77.90
C PRO C 195 -49.38 -2.86 -78.16
N LYS C 196 -49.08 -4.17 -78.24
CA LYS C 196 -47.75 -4.70 -78.51
C LYS C 196 -46.74 -4.36 -77.41
N ILE C 197 -47.11 -3.50 -76.47
CA ILE C 197 -46.31 -3.32 -75.26
C ILE C 197 -46.47 -4.55 -74.38
N GLY C 198 -45.64 -5.57 -74.62
CA GLY C 198 -45.85 -6.87 -74.03
C GLY C 198 -47.15 -7.51 -74.52
N THR C 199 -47.70 -8.38 -73.66
CA THR C 199 -49.02 -8.94 -73.87
C THR C 199 -49.77 -8.91 -72.55
N ASN C 200 -51.06 -8.56 -72.63
CA ASN C 200 -51.90 -8.47 -71.44
C ASN C 200 -51.98 -9.78 -70.67
N SER C 201 -51.72 -10.91 -71.33
CA SER C 201 -51.64 -12.18 -70.63
C SER C 201 -50.40 -12.32 -69.76
N ALA C 202 -49.31 -11.61 -70.06
CA ALA C 202 -48.08 -11.81 -69.29
C ALA C 202 -47.14 -10.63 -69.47
N LEU C 203 -46.88 -9.91 -68.37
CA LEU C 203 -45.89 -8.85 -68.32
C LEU C 203 -44.80 -9.26 -67.34
N SER C 204 -43.58 -8.78 -67.59
CA SER C 204 -42.46 -9.00 -66.68
C SER C 204 -41.73 -7.69 -66.42
N ILE C 205 -41.59 -7.33 -65.15
CA ILE C 205 -40.97 -6.08 -64.73
C ILE C 205 -40.19 -6.34 -63.45
N ASP C 206 -39.13 -5.56 -63.23
CA ASP C 206 -38.42 -5.59 -61.97
C ASP C 206 -39.27 -5.01 -60.85
N LEU C 207 -39.51 -5.80 -59.80
CA LEU C 207 -40.06 -5.24 -58.56
C LEU C 207 -39.00 -4.42 -57.84
N GLU C 208 -39.47 -3.48 -57.02
CA GLU C 208 -38.57 -2.78 -56.12
C GLU C 208 -39.34 -2.45 -54.85
N SER C 209 -38.63 -2.43 -53.73
CA SER C 209 -39.18 -1.91 -52.49
C SER C 209 -39.32 -0.40 -52.53
N LEU C 210 -40.50 0.08 -52.15
CA LEU C 210 -40.77 1.51 -52.17
C LEU C 210 -39.83 2.26 -51.24
N PRO C 211 -39.10 3.27 -51.72
CA PRO C 211 -38.07 3.92 -50.90
C PRO C 211 -38.62 4.70 -49.72
N CYS C 212 -39.93 4.70 -49.50
CA CYS C 212 -40.51 5.51 -48.43
C CYS C 212 -41.75 4.81 -47.89
N THR C 213 -42.16 5.23 -46.69
CA THR C 213 -43.46 4.86 -46.17
C THR C 213 -44.57 5.53 -46.99
N ILE C 214 -45.76 4.91 -46.93
CA ILE C 214 -46.96 5.44 -47.54
C ILE C 214 -48.14 5.10 -46.63
N SER C 215 -49.22 5.87 -46.75
CA SER C 215 -50.26 5.84 -45.73
C SER C 215 -51.63 6.05 -46.35
N ARG C 216 -52.63 5.49 -45.65
CA ARG C 216 -54.01 5.40 -46.14
C ARG C 216 -54.62 6.77 -46.50
N ASP C 217 -54.12 7.85 -45.90
CA ASP C 217 -54.65 9.18 -46.21
C ASP C 217 -54.14 9.76 -47.53
N LEU C 218 -53.02 9.27 -48.06
CA LEU C 218 -52.49 9.77 -49.32
C LEU C 218 -53.08 9.08 -50.54
N LEU C 219 -53.42 7.80 -50.43
CA LEU C 219 -53.94 7.05 -51.56
C LEU C 219 -55.25 7.63 -52.09
N ARG C 220 -55.43 7.51 -53.41
CA ARG C 220 -56.65 8.01 -54.05
C ARG C 220 -57.89 7.21 -53.69
N PRO C 221 -57.88 5.87 -53.74
CA PRO C 221 -59.09 5.12 -53.40
C PRO C 221 -59.33 5.11 -51.90
N ALA C 222 -60.46 4.53 -51.50
CA ALA C 222 -60.96 4.58 -50.12
C ALA C 222 -61.13 3.18 -49.55
N PRO C 223 -60.03 2.47 -49.26
CA PRO C 223 -60.12 1.24 -48.48
C PRO C 223 -60.79 1.47 -47.13
N HIS C 224 -61.33 0.38 -46.59
CA HIS C 224 -61.78 0.38 -45.21
C HIS C 224 -60.61 0.50 -44.25
N ILE C 225 -60.93 0.68 -42.98
CA ILE C 225 -59.93 0.78 -41.91
C ILE C 225 -59.64 -0.58 -41.29
N ASN C 226 -60.67 -1.33 -40.89
CA ASN C 226 -60.43 -2.57 -40.17
C ASN C 226 -59.91 -3.66 -41.09
N ASP C 227 -60.61 -3.95 -42.17
CA ASP C 227 -60.03 -4.79 -43.22
C ASP C 227 -59.38 -3.93 -44.31
N ASP C 228 -58.85 -4.60 -45.33
CA ASP C 228 -58.07 -4.03 -46.43
C ASP C 228 -56.72 -3.49 -45.99
N ASN C 229 -56.34 -3.66 -44.73
CA ASN C 229 -55.21 -2.95 -44.15
C ASN C 229 -53.87 -3.47 -44.68
N SER C 230 -52.82 -2.69 -44.39
CA SER C 230 -51.42 -3.08 -44.44
C SER C 230 -50.81 -3.27 -45.83
N ILE C 231 -51.43 -4.06 -46.70
CA ILE C 231 -50.74 -4.61 -47.86
C ILE C 231 -51.22 -3.91 -49.12
N TYR C 232 -50.28 -3.30 -49.85
CA TYR C 232 -50.59 -2.44 -50.98
C TYR C 232 -49.47 -2.52 -52.00
N ALA C 233 -49.78 -2.12 -53.23
CA ALA C 233 -48.80 -2.11 -54.31
C ALA C 233 -49.05 -0.92 -55.22
N PHE C 234 -48.00 -0.51 -55.93
CA PHE C 234 -48.00 0.77 -56.62
C PHE C 234 -47.38 0.65 -58.00
N THR C 235 -48.02 1.25 -58.99
CA THR C 235 -47.65 1.08 -60.40
C THR C 235 -47.53 2.44 -61.07
N ASP C 236 -46.86 2.44 -62.23
CA ASP C 236 -46.14 3.61 -62.70
C ASP C 236 -46.76 4.30 -63.90
N ALA C 237 -47.45 3.58 -64.78
CA ALA C 237 -47.84 4.19 -66.06
C ALA C 237 -49.09 3.49 -66.56
N GLU C 238 -49.31 3.57 -67.89
CA GLU C 238 -50.32 2.80 -68.60
C GLU C 238 -50.16 1.30 -68.38
N THR C 239 -49.04 0.90 -67.78
CA THR C 239 -48.92 -0.38 -67.10
C THR C 239 -50.14 -0.69 -66.24
N LEU C 240 -50.71 0.33 -65.58
CA LEU C 240 -51.95 0.15 -64.83
C LEU C 240 -53.08 -0.42 -65.67
N LEU C 241 -53.03 -0.24 -67.00
CA LEU C 241 -54.06 -0.79 -67.87
C LEU C 241 -53.59 -1.99 -68.65
N ARG C 242 -52.27 -2.15 -68.83
CA ARG C 242 -51.75 -3.35 -69.46
C ARG C 242 -52.13 -4.60 -68.69
N LEU C 243 -52.31 -4.49 -67.38
CA LEU C 243 -52.81 -5.61 -66.58
C LEU C 243 -54.30 -5.88 -66.80
N ASP C 244 -54.96 -5.12 -67.67
CA ASP C 244 -56.41 -5.13 -67.87
C ASP C 244 -57.23 -4.74 -66.65
N VAL C 245 -56.73 -5.02 -65.44
CA VAL C 245 -57.40 -4.61 -64.21
C VAL C 245 -56.73 -3.36 -63.65
N THR C 246 -57.53 -2.32 -63.44
CA THR C 246 -57.02 -0.97 -63.22
C THR C 246 -56.36 -0.86 -61.85
N SER C 247 -55.85 0.33 -61.57
CA SER C 247 -55.65 0.77 -60.20
C SER C 247 -56.89 0.49 -59.35
N GLY C 248 -56.67 0.08 -58.12
CA GLY C 248 -57.73 -0.38 -57.25
C GLY C 248 -58.06 -1.85 -57.39
N SER C 249 -57.46 -2.55 -58.35
CA SER C 249 -57.69 -3.97 -58.49
C SER C 249 -56.74 -4.75 -57.59
N PHE C 250 -57.12 -5.99 -57.26
CA PHE C 250 -56.18 -6.96 -56.76
C PHE C 250 -55.46 -7.70 -57.89
N ILE C 251 -54.21 -8.07 -57.63
CA ILE C 251 -53.50 -9.09 -58.40
C ILE C 251 -52.76 -9.96 -57.39
N THR C 252 -52.28 -11.11 -57.86
CA THR C 252 -51.71 -12.08 -56.96
C THR C 252 -50.43 -12.75 -57.47
N VAL C 253 -49.95 -12.38 -58.66
CA VAL C 253 -48.93 -13.19 -59.33
C VAL C 253 -47.62 -13.19 -58.54
N SER C 254 -46.95 -14.33 -58.54
CA SER C 254 -45.64 -14.48 -57.95
C SER C 254 -44.77 -15.31 -58.88
N ASN C 255 -43.46 -15.13 -58.76
CA ASN C 255 -42.53 -15.85 -59.63
C ASN C 255 -42.46 -17.34 -59.29
N MET C 256 -42.71 -17.69 -58.03
CA MET C 256 -42.53 -19.07 -57.59
C MET C 256 -43.45 -19.33 -56.42
N GLY C 257 -43.71 -20.62 -56.19
CA GLY C 257 -44.49 -21.04 -55.05
C GLY C 257 -45.91 -20.51 -55.05
N CYS C 258 -46.40 -20.20 -53.85
CA CYS C 258 -47.76 -19.72 -53.68
C CYS C 258 -47.96 -18.33 -54.27
N VAL C 259 -49.21 -18.07 -54.67
CA VAL C 259 -49.65 -16.73 -55.04
C VAL C 259 -49.64 -15.81 -53.83
N ARG C 260 -49.55 -14.51 -54.08
CA ARG C 260 -49.61 -13.51 -53.03
C ARG C 260 -50.43 -12.31 -53.53
N LEU C 261 -51.69 -12.25 -53.09
CA LEU C 261 -52.60 -11.20 -53.52
C LEU C 261 -52.17 -9.86 -52.94
N VAL C 262 -52.25 -8.80 -53.75
CA VAL C 262 -51.97 -7.46 -53.27
C VAL C 262 -52.83 -6.45 -54.04
N LYS C 263 -53.21 -5.39 -53.34
CA LYS C 263 -53.92 -4.25 -53.94
C LYS C 263 -52.96 -3.30 -54.64
N LEU C 264 -53.20 -3.07 -55.92
CA LEU C 264 -52.31 -2.33 -56.79
C LEU C 264 -52.90 -0.95 -57.11
N PHE C 265 -52.10 0.09 -56.94
CA PHE C 265 -52.49 1.47 -57.17
C PHE C 265 -51.56 2.09 -58.20
N VAL C 266 -52.09 3.06 -58.95
CA VAL C 266 -51.19 3.97 -59.64
C VAL C 266 -50.45 4.83 -58.62
N LEU C 267 -49.19 5.10 -58.92
CA LEU C 267 -48.43 6.12 -58.20
C LEU C 267 -49.12 7.47 -58.28
N LEU C 268 -49.02 8.25 -57.19
CA LEU C 268 -49.40 9.65 -57.28
C LEU C 268 -48.56 10.36 -58.34
N LEU C 269 -49.20 11.31 -59.03
CA LEU C 269 -48.50 12.06 -60.07
C LEU C 269 -47.20 12.69 -59.61
N PRO C 270 -47.13 13.42 -58.48
CA PRO C 270 -45.84 13.93 -58.02
C PRO C 270 -44.95 12.86 -57.42
N ASN C 271 -44.23 12.12 -58.24
CA ASN C 271 -43.38 11.02 -57.77
C ASN C 271 -42.01 11.22 -58.40
N GLY C 272 -40.97 10.97 -57.62
CA GLY C 272 -39.60 11.01 -58.09
C GLY C 272 -39.00 9.67 -58.49
N PHE C 273 -39.66 8.58 -58.13
CA PHE C 273 -39.09 7.25 -58.28
C PHE C 273 -39.16 6.76 -59.73
N LYS C 274 -38.10 6.07 -60.15
CA LYS C 274 -37.96 5.66 -61.55
C LYS C 274 -39.10 4.77 -62.01
N LYS C 275 -39.65 5.12 -63.17
CA LYS C 275 -40.66 4.35 -63.89
C LYS C 275 -40.05 3.14 -64.59
N ARG C 276 -40.94 2.34 -65.20
CA ARG C 276 -40.68 0.97 -65.62
C ARG C 276 -40.38 0.07 -64.42
N THR C 277 -41.20 0.19 -63.39
CA THR C 277 -41.00 -0.49 -62.12
C THR C 277 -42.34 -0.80 -61.49
N ILE C 278 -42.36 -1.83 -60.65
CA ILE C 278 -43.47 -2.13 -59.76
C ILE C 278 -42.96 -2.05 -58.33
N TYR C 279 -43.49 -1.10 -57.56
CA TYR C 279 -43.01 -0.83 -56.21
C TYR C 279 -43.84 -1.56 -55.16
N ALA C 280 -43.18 -1.98 -54.09
CA ALA C 280 -43.82 -2.70 -53.02
C ALA C 280 -43.24 -2.28 -51.68
N PRO C 281 -44.00 -2.42 -50.60
CA PRO C 281 -43.44 -2.37 -49.26
C PRO C 281 -42.54 -3.56 -48.97
N PRO C 282 -41.68 -3.47 -47.96
CA PRO C 282 -40.81 -4.61 -47.60
C PRO C 282 -41.58 -5.89 -47.35
N LYS C 283 -42.82 -5.78 -46.87
CA LYS C 283 -43.63 -6.94 -46.55
C LYS C 283 -43.67 -7.96 -47.68
N ILE C 284 -43.85 -7.51 -48.90
CA ILE C 284 -43.93 -8.45 -50.02
C ILE C 284 -42.55 -8.99 -50.37
N ILE C 285 -41.61 -8.09 -50.65
CA ILE C 285 -40.30 -8.48 -51.16
C ILE C 285 -39.56 -9.39 -50.18
N ALA C 286 -39.86 -9.28 -48.89
CA ALA C 286 -39.26 -10.18 -47.90
C ALA C 286 -39.42 -11.65 -48.24
N SER C 287 -40.51 -12.03 -48.89
CA SER C 287 -40.71 -13.43 -49.24
C SER C 287 -40.01 -13.86 -50.52
N PHE C 288 -39.45 -12.95 -51.31
CA PHE C 288 -38.99 -13.28 -52.66
C PHE C 288 -37.54 -12.86 -52.84
N PRO C 289 -36.61 -13.66 -52.33
CA PRO C 289 -35.18 -13.38 -52.55
C PRO C 289 -34.81 -13.38 -54.03
N ASP C 290 -34.00 -12.40 -54.41
CA ASP C 290 -33.52 -12.22 -55.79
C ASP C 290 -34.69 -12.24 -56.77
N CYS C 291 -34.47 -12.77 -57.97
CA CYS C 291 -35.54 -13.04 -58.94
C CYS C 291 -36.29 -11.76 -59.31
N SER C 292 -35.55 -10.65 -59.39
CA SER C 292 -36.16 -9.32 -59.35
C SER C 292 -37.13 -9.08 -60.49
N VAL C 293 -36.95 -9.76 -61.62
CA VAL C 293 -37.99 -9.74 -62.64
C VAL C 293 -39.15 -10.60 -62.16
N VAL C 294 -40.29 -9.98 -61.94
CA VAL C 294 -41.47 -10.68 -61.44
C VAL C 294 -42.46 -10.93 -62.56
N THR C 295 -43.03 -12.14 -62.56
CA THR C 295 -44.15 -12.50 -63.43
C THR C 295 -45.41 -11.73 -63.02
N ILE C 296 -46.13 -11.20 -63.99
CA ILE C 296 -47.26 -10.32 -63.72
C ILE C 296 -48.39 -10.70 -64.68
N SER C 297 -49.62 -10.71 -64.16
CA SER C 297 -50.80 -10.93 -64.99
C SER C 297 -52.05 -10.48 -64.24
N LYS C 298 -53.15 -10.39 -65.01
CA LYS C 298 -54.44 -9.93 -64.49
C LYS C 298 -54.82 -10.59 -63.18
N SER C 299 -54.81 -11.93 -63.14
CA SER C 299 -54.79 -12.74 -61.92
C SER C 299 -55.88 -12.33 -60.91
N ASN C 300 -56.96 -11.72 -61.36
CA ASN C 300 -57.96 -11.20 -60.44
C ASN C 300 -58.74 -12.34 -59.78
N ILE C 301 -59.40 -12.01 -58.67
CA ILE C 301 -60.23 -12.97 -57.95
C ILE C 301 -61.41 -12.23 -57.33
N GLY C 302 -62.53 -12.94 -57.17
CA GLY C 302 -63.74 -12.38 -56.60
C GLY C 302 -63.78 -12.21 -55.09
N HIS C 303 -63.20 -11.12 -54.61
CA HIS C 303 -63.06 -10.82 -53.18
C HIS C 303 -62.32 -11.94 -52.44
N THR C 304 -62.52 -12.02 -51.13
CA THR C 304 -61.80 -12.97 -50.30
C THR C 304 -62.28 -14.40 -50.52
N ASP C 305 -61.33 -15.30 -50.82
CA ASP C 305 -61.70 -16.68 -51.12
C ASP C 305 -61.96 -17.51 -49.86
N ILE C 306 -61.26 -17.23 -48.77
CA ILE C 306 -61.42 -17.94 -47.51
C ILE C 306 -61.86 -16.97 -46.42
N PRO C 307 -62.99 -17.21 -45.75
CA PRO C 307 -63.43 -16.32 -44.67
C PRO C 307 -62.95 -16.72 -43.28
N ILE C 308 -62.35 -17.89 -43.09
CA ILE C 308 -61.95 -18.33 -41.76
C ILE C 308 -60.83 -19.35 -41.88
N ALA C 309 -59.82 -19.22 -41.01
CA ALA C 309 -58.92 -20.31 -40.65
C ALA C 309 -58.87 -20.42 -39.14
N ASN C 310 -59.35 -21.55 -38.60
CA ASN C 310 -59.90 -21.53 -37.25
C ASN C 310 -58.82 -21.49 -36.16
N GLN C 311 -57.57 -21.83 -36.49
CA GLN C 311 -56.45 -21.62 -35.59
C GLN C 311 -55.20 -21.34 -36.41
N VAL C 312 -54.25 -20.61 -35.81
CA VAL C 312 -52.98 -20.29 -36.44
C VAL C 312 -51.84 -20.46 -35.45
N PHE C 313 -50.69 -20.92 -35.95
CA PHE C 313 -49.62 -21.48 -35.13
C PHE C 313 -48.32 -20.73 -35.34
N ILE C 314 -48.37 -19.39 -35.28
CA ILE C 314 -47.27 -18.49 -35.67
C ILE C 314 -45.96 -18.79 -34.98
N SER C 315 -44.86 -18.32 -35.58
CA SER C 315 -43.54 -18.45 -35.01
C SER C 315 -42.71 -17.20 -35.26
N ARG C 316 -41.88 -16.86 -34.27
CA ARG C 316 -40.96 -15.74 -34.33
C ARG C 316 -39.66 -16.20 -34.99
N VAL C 317 -39.03 -15.29 -35.73
CA VAL C 317 -37.66 -15.55 -36.14
C VAL C 317 -36.73 -15.46 -34.94
N GLY C 318 -35.64 -16.23 -35.00
CA GLY C 318 -34.49 -15.95 -34.15
C GLY C 318 -33.80 -14.66 -34.53
N GLY C 319 -33.16 -14.06 -33.56
CA GLY C 319 -32.49 -12.79 -33.76
C GLY C 319 -32.32 -12.05 -32.45
N TRP C 320 -31.42 -11.06 -32.48
CA TRP C 320 -30.75 -10.63 -31.26
C TRP C 320 -31.74 -10.22 -30.18
N LEU C 321 -32.62 -9.27 -30.49
CA LEU C 321 -33.54 -8.80 -29.46
C LEU C 321 -34.76 -9.69 -29.30
N GLN C 322 -34.83 -10.82 -29.97
CA GLN C 322 -36.04 -11.62 -29.97
C GLN C 322 -36.01 -12.70 -28.88
N SER C 323 -35.07 -12.60 -27.96
CA SER C 323 -34.81 -13.68 -27.02
C SER C 323 -34.29 -13.09 -25.71
N GLN C 324 -35.04 -12.13 -25.16
CA GLN C 324 -34.67 -11.54 -23.89
C GLN C 324 -35.92 -11.33 -23.05
N LYS C 325 -35.78 -11.63 -21.76
CA LYS C 325 -36.87 -11.43 -20.80
C LYS C 325 -37.42 -10.01 -20.84
N CYS C 326 -36.55 -9.01 -20.92
CA CYS C 326 -37.01 -7.63 -20.90
C CYS C 326 -37.78 -7.23 -22.14
N PHE C 327 -37.60 -7.92 -23.26
CA PHE C 327 -38.45 -7.65 -24.41
C PHE C 327 -39.66 -8.57 -24.51
N GLN C 328 -39.58 -9.78 -23.94
CA GLN C 328 -40.64 -10.76 -24.12
C GLN C 328 -42.04 -10.17 -23.95
N ASN C 329 -42.27 -9.45 -22.85
CA ASN C 329 -43.59 -8.89 -22.59
C ASN C 329 -44.02 -7.88 -23.65
N ILE C 330 -43.15 -6.92 -23.97
CA ILE C 330 -43.50 -5.94 -24.99
C ILE C 330 -43.71 -6.62 -26.34
N ILE C 331 -42.95 -7.67 -26.62
CA ILE C 331 -43.10 -8.40 -27.88
C ILE C 331 -44.49 -9.02 -27.95
N LEU C 332 -44.88 -9.76 -26.93
CA LEU C 332 -46.20 -10.40 -26.96
C LEU C 332 -47.31 -9.37 -26.98
N THR C 333 -47.17 -8.28 -26.23
CA THR C 333 -48.24 -7.29 -26.17
C THR C 333 -48.41 -6.55 -27.49
N THR C 334 -47.31 -6.19 -28.15
CA THR C 334 -47.43 -5.59 -29.47
C THR C 334 -47.93 -6.58 -30.51
N LEU C 335 -47.56 -7.85 -30.39
CA LEU C 335 -48.14 -8.87 -31.26
C LEU C 335 -49.65 -8.90 -31.13
N LYS C 336 -50.12 -9.02 -29.89
CA LYS C 336 -51.56 -9.02 -29.61
C LYS C 336 -52.24 -7.79 -30.19
N LYS C 337 -51.70 -6.60 -29.89
CA LYS C 337 -52.23 -5.37 -30.46
C LYS C 337 -52.36 -5.45 -31.98
N PHE C 338 -51.23 -5.72 -32.65
CA PHE C 338 -51.19 -5.76 -34.10
C PHE C 338 -52.24 -6.68 -34.70
N PHE C 339 -52.30 -7.93 -34.21
CA PHE C 339 -53.27 -8.86 -34.77
C PHE C 339 -54.71 -8.55 -34.36
N SER C 340 -54.90 -7.95 -33.19
CA SER C 340 -56.25 -7.64 -32.73
C SER C 340 -56.85 -6.47 -33.49
N GLU C 341 -56.03 -5.47 -33.80
CA GLU C 341 -56.55 -4.18 -34.24
C GLU C 341 -57.07 -4.19 -35.67
N SER C 342 -56.79 -5.23 -36.45
CA SER C 342 -57.26 -5.29 -37.82
C SER C 342 -57.37 -6.73 -38.26
N LYS C 343 -58.18 -6.94 -39.31
CA LYS C 343 -58.32 -8.25 -39.95
C LYS C 343 -57.50 -8.29 -41.24
N ARG C 344 -56.83 -9.40 -41.45
CA ARG C 344 -55.92 -9.54 -42.58
C ARG C 344 -55.96 -10.98 -43.08
N ILE C 345 -55.66 -11.14 -44.36
CA ILE C 345 -55.31 -12.45 -44.90
C ILE C 345 -53.83 -12.74 -44.63
N LEU C 346 -53.54 -14.01 -44.38
CA LEU C 346 -52.18 -14.48 -44.13
C LEU C 346 -52.01 -15.84 -44.80
N CYS C 347 -50.76 -16.27 -44.93
CA CYS C 347 -50.49 -17.54 -45.60
C CYS C 347 -49.24 -18.17 -45.01
N GLN C 348 -49.23 -19.50 -45.01
CA GLN C 348 -48.01 -20.27 -44.79
C GLN C 348 -46.96 -19.89 -45.83
N ASN C 349 -45.68 -20.06 -45.45
CA ASN C 349 -44.55 -19.58 -46.24
C ASN C 349 -44.62 -18.07 -46.45
N ASP C 350 -44.85 -17.35 -45.36
CA ASP C 350 -44.88 -15.90 -45.44
C ASP C 350 -44.42 -15.31 -44.11
N LEU C 351 -43.94 -14.07 -44.17
CA LEU C 351 -43.42 -13.36 -43.01
C LEU C 351 -44.26 -12.13 -42.72
N ILE C 352 -44.40 -11.82 -41.44
CA ILE C 352 -45.01 -10.58 -40.99
C ILE C 352 -43.96 -9.75 -40.24
N PRO C 353 -43.66 -8.54 -40.69
CA PRO C 353 -42.83 -7.64 -39.88
C PRO C 353 -43.65 -6.95 -38.79
N ILE C 354 -43.03 -6.82 -37.62
CA ILE C 354 -43.60 -6.05 -36.51
C ILE C 354 -42.57 -5.03 -36.04
N ALA C 355 -43.03 -3.81 -35.78
CA ALA C 355 -42.17 -2.71 -35.36
C ALA C 355 -42.69 -2.09 -34.08
N PHE C 356 -41.77 -1.70 -33.21
CA PHE C 356 -42.09 -1.14 -31.91
C PHE C 356 -40.89 -0.32 -31.44
N ASP C 357 -41.10 0.49 -30.41
CA ASP C 357 -40.01 1.25 -29.80
C ASP C 357 -39.44 0.51 -28.61
N SER C 358 -38.18 0.07 -28.74
CA SER C 358 -37.46 -0.57 -27.65
C SER C 358 -37.26 0.32 -26.44
N SER C 359 -37.53 1.63 -26.57
CA SER C 359 -37.58 2.48 -25.38
C SER C 359 -38.75 2.13 -24.46
N MET C 360 -39.83 1.58 -25.00
CA MET C 360 -40.98 1.28 -24.14
C MET C 360 -40.60 0.32 -23.03
N ALA C 361 -39.86 -0.72 -23.38
CA ALA C 361 -39.04 -1.50 -22.46
C ALA C 361 -39.73 -1.83 -21.14
N ASP C 362 -39.06 -1.54 -20.03
CA ASP C 362 -39.56 -1.83 -18.69
C ASP C 362 -40.61 -0.85 -18.21
N LEU C 363 -41.42 -0.33 -19.12
CA LEU C 363 -42.74 0.19 -18.77
C LEU C 363 -43.80 -0.82 -19.23
N ASN C 364 -44.43 -1.49 -18.27
CA ASN C 364 -45.74 -2.07 -18.50
C ASN C 364 -46.81 -0.98 -18.49
N ILE C 365 -47.91 -1.25 -19.17
CA ILE C 365 -49.08 -0.39 -19.13
C ILE C 365 -50.30 -1.25 -18.78
N ALA C 366 -51.04 -0.84 -17.76
CA ALA C 366 -51.82 -1.77 -16.95
C ALA C 366 -53.22 -2.08 -17.48
N GLU C 367 -53.81 -1.18 -18.28
CA GLU C 367 -55.25 -1.19 -18.46
C GLU C 367 -55.72 -0.91 -19.89
N GLU C 368 -54.80 -0.68 -20.83
CA GLU C 368 -55.15 -0.16 -22.14
C GLU C 368 -55.89 -1.17 -23.03
N ASN C 369 -55.78 -2.47 -22.76
CA ASN C 369 -56.31 -3.48 -23.66
C ASN C 369 -57.00 -4.60 -22.88
N ASP C 370 -57.75 -5.40 -23.62
CA ASP C 370 -58.43 -6.62 -23.17
C ASP C 370 -59.56 -6.32 -22.19
N GLU C 371 -59.35 -5.38 -21.28
CA GLU C 371 -60.42 -4.80 -20.48
C GLU C 371 -60.84 -3.43 -20.97
N SER C 372 -60.51 -3.09 -22.22
CA SER C 372 -60.68 -1.74 -22.71
C SER C 372 -60.94 -1.79 -24.22
N ASP C 373 -61.45 -0.66 -24.74
CA ASP C 373 -61.95 -0.62 -26.10
C ASP C 373 -60.82 -0.79 -27.12
N ASP C 374 -61.23 -1.10 -28.35
CA ASP C 374 -60.31 -1.57 -29.38
C ASP C 374 -59.31 -0.49 -29.79
N GLU C 375 -59.78 0.69 -30.16
CA GLU C 375 -58.90 1.82 -30.41
C GLU C 375 -58.43 2.44 -29.10
N ASP C 376 -57.11 2.47 -28.91
CA ASP C 376 -56.54 2.55 -27.57
C ASP C 376 -55.48 3.63 -27.42
N GLU C 377 -54.74 3.95 -28.47
CA GLU C 377 -53.56 4.78 -28.28
C GLU C 377 -53.26 5.59 -29.54
N LEU C 378 -52.64 6.75 -29.32
CA LEU C 378 -51.99 7.53 -30.37
C LEU C 378 -50.49 7.19 -30.39
N GLY C 379 -50.09 6.36 -31.36
CA GLY C 379 -48.71 5.98 -31.55
C GLY C 379 -47.76 7.15 -31.75
N GLN C 380 -48.29 8.33 -32.05
CA GLN C 380 -47.52 9.57 -31.94
C GLN C 380 -46.72 9.64 -30.65
N TYR C 381 -47.31 9.18 -29.56
CA TYR C 381 -46.57 9.04 -28.31
C TYR C 381 -45.97 7.66 -28.15
N TYR C 382 -46.72 6.61 -28.49
CA TYR C 382 -46.22 5.24 -28.40
C TYR C 382 -45.46 4.91 -29.68
N LYS C 383 -44.24 5.44 -29.74
CA LYS C 383 -43.39 5.47 -30.93
C LYS C 383 -42.90 4.08 -31.31
N ASN C 384 -42.09 4.04 -32.36
CA ASN C 384 -41.47 2.84 -32.92
C ASN C 384 -39.97 3.06 -33.12
N ASP C 385 -39.18 1.99 -32.98
CA ASP C 385 -37.76 2.11 -33.29
C ASP C 385 -37.05 0.82 -33.71
N SER C 386 -37.71 -0.32 -33.56
CA SER C 386 -37.05 -1.61 -33.75
C SER C 386 -38.04 -2.59 -34.34
N LEU C 387 -37.53 -3.59 -35.04
CA LEU C 387 -38.38 -4.38 -35.92
C LEU C 387 -38.05 -5.86 -35.82
N VAL C 388 -39.09 -6.68 -35.98
CA VAL C 388 -39.08 -8.11 -35.72
C VAL C 388 -39.89 -8.78 -36.82
N TRP C 389 -39.55 -10.04 -37.10
CA TRP C 389 -40.29 -10.86 -38.05
C TRP C 389 -40.96 -12.04 -37.33
N PHE C 390 -42.26 -12.20 -37.58
CA PHE C 390 -42.99 -13.40 -37.22
C PHE C 390 -43.35 -14.21 -38.47
N PHE C 391 -42.98 -15.48 -38.48
CA PHE C 391 -43.41 -16.38 -39.54
C PHE C 391 -44.82 -16.88 -39.28
N VAL C 392 -45.67 -16.77 -40.30
CA VAL C 392 -47.09 -17.10 -40.14
C VAL C 392 -47.27 -18.55 -39.71
N THR C 393 -46.41 -19.44 -40.18
CA THR C 393 -46.39 -20.86 -39.81
C THR C 393 -47.73 -21.54 -40.17
N SER C 394 -47.96 -22.74 -39.65
CA SER C 394 -49.17 -23.49 -39.93
C SER C 394 -50.43 -22.77 -39.48
N ALA C 395 -51.54 -23.10 -40.14
CA ALA C 395 -52.88 -22.63 -39.82
C ALA C 395 -53.85 -23.78 -40.03
N GLU C 396 -54.91 -23.81 -39.23
CA GLU C 396 -55.95 -24.84 -39.37
C GLU C 396 -56.99 -24.39 -40.40
N LEU C 397 -56.81 -24.83 -41.64
CA LEU C 397 -57.78 -24.66 -42.71
C LEU C 397 -58.96 -25.63 -42.54
N ASP C 398 -60.08 -25.27 -43.16
CA ASP C 398 -61.27 -26.12 -43.17
C ASP C 398 -61.18 -27.25 -44.19
N CYS C 399 -62.33 -27.71 -44.68
CA CYS C 399 -62.37 -28.66 -45.78
C CYS C 399 -61.75 -28.09 -47.05
N PHE C 400 -61.89 -26.79 -47.27
CA PHE C 400 -61.26 -26.16 -48.43
C PHE C 400 -59.74 -26.24 -48.30
N SER C 401 -59.05 -26.22 -49.43
CA SER C 401 -57.63 -26.56 -49.43
C SER C 401 -56.90 -25.91 -50.60
N LYS C 402 -55.58 -25.99 -50.54
CA LYS C 402 -54.61 -25.49 -51.53
C LYS C 402 -54.59 -23.98 -51.67
N ASP C 403 -55.75 -23.32 -51.67
CA ASP C 403 -55.77 -21.87 -51.79
C ASP C 403 -55.50 -21.20 -50.44
N ASN C 404 -54.38 -21.55 -49.82
CA ASN C 404 -54.09 -21.17 -48.44
C ASN C 404 -53.91 -19.66 -48.27
N SER C 405 -53.69 -18.94 -49.36
CA SER C 405 -53.33 -17.52 -49.32
C SER C 405 -54.38 -16.64 -48.65
N HIS C 406 -55.60 -17.13 -48.45
CA HIS C 406 -56.69 -16.33 -47.90
C HIS C 406 -56.98 -16.57 -46.42
N PHE C 407 -56.15 -17.35 -45.71
CA PHE C 407 -56.41 -17.62 -44.30
C PHE C 407 -56.52 -16.33 -43.50
N ILE C 408 -57.44 -16.32 -42.55
CA ILE C 408 -57.83 -15.12 -41.80
C ILE C 408 -58.36 -15.56 -40.44
N ILE C 409 -58.22 -14.69 -39.44
CA ILE C 409 -58.42 -15.03 -38.04
C ILE C 409 -59.49 -14.13 -37.45
N ASP C 410 -60.71 -14.65 -37.35
CA ASP C 410 -61.77 -13.93 -36.66
C ASP C 410 -61.40 -13.80 -35.19
N PRO C 411 -61.58 -12.63 -34.59
CA PRO C 411 -61.05 -12.38 -33.24
C PRO C 411 -61.75 -13.16 -32.15
N ASN C 412 -62.86 -13.82 -32.45
CA ASN C 412 -63.62 -14.62 -31.49
C ASN C 412 -63.66 -16.09 -31.85
N ARG C 413 -63.72 -16.41 -33.14
CA ARG C 413 -63.74 -17.80 -33.61
C ARG C 413 -62.36 -18.46 -33.61
N THR C 414 -61.28 -17.69 -33.50
CA THR C 414 -59.94 -18.21 -33.74
C THR C 414 -58.99 -17.72 -32.64
N LYS C 415 -57.87 -18.42 -32.53
CA LYS C 415 -56.79 -18.01 -31.64
C LYS C 415 -55.46 -18.26 -32.34
N LEU C 416 -54.43 -17.57 -31.86
CA LEU C 416 -53.05 -17.74 -32.32
C LEU C 416 -52.24 -18.52 -31.29
N ILE C 417 -51.41 -19.43 -31.79
CA ILE C 417 -50.71 -20.41 -30.97
C ILE C 417 -49.21 -20.31 -31.26
N THR C 418 -48.42 -20.20 -30.19
CA THR C 418 -46.96 -20.15 -30.33
C THR C 418 -46.40 -21.53 -30.68
N THR C 419 -45.61 -21.59 -31.75
CA THR C 419 -44.55 -22.58 -31.90
C THR C 419 -43.20 -21.91 -31.77
N ASN C 420 -42.36 -22.47 -30.91
CA ASN C 420 -41.33 -21.71 -30.21
C ASN C 420 -40.47 -20.83 -31.13
N ILE C 421 -40.01 -21.36 -32.26
CA ILE C 421 -39.05 -20.63 -33.09
C ILE C 421 -38.97 -21.23 -34.49
N THR C 422 -38.44 -20.44 -35.44
CA THR C 422 -38.13 -20.85 -36.81
C THR C 422 -36.86 -20.14 -37.25
N ASN C 423 -36.27 -20.61 -38.35
CA ASN C 423 -35.05 -20.03 -38.91
C ASN C 423 -35.31 -19.48 -40.32
N ARG C 424 -35.01 -18.20 -40.52
CA ARG C 424 -35.00 -17.59 -41.85
C ARG C 424 -34.05 -16.40 -41.87
N ARG C 425 -33.46 -16.12 -43.08
CA ARG C 425 -32.40 -15.15 -43.39
C ARG C 425 -32.97 -13.84 -43.95
N PRO C 426 -32.54 -12.71 -43.41
CA PRO C 426 -33.08 -11.41 -43.84
C PRO C 426 -32.62 -10.98 -45.23
N LEU C 427 -33.33 -9.99 -45.76
CA LEU C 427 -33.07 -9.48 -47.10
C LEU C 427 -31.66 -8.90 -47.21
N PRO C 428 -31.07 -8.93 -48.41
CA PRO C 428 -29.83 -8.17 -48.65
C PRO C 428 -30.10 -6.69 -48.82
N LEU C 429 -29.37 -5.87 -48.07
CA LEU C 429 -29.57 -4.43 -48.08
C LEU C 429 -29.36 -3.84 -49.47
N SER C 430 -28.48 -4.44 -50.26
CA SER C 430 -28.16 -3.91 -51.59
C SER C 430 -29.38 -3.75 -52.47
N ARG C 431 -30.35 -4.65 -52.34
CA ARG C 431 -31.60 -4.55 -53.08
C ARG C 431 -32.65 -3.68 -52.40
N SER C 432 -32.58 -3.49 -51.09
CA SER C 432 -33.68 -2.86 -50.36
C SER C 432 -33.30 -2.38 -48.97
N ASN C 433 -33.59 -1.12 -48.67
CA ASN C 433 -33.51 -0.61 -47.31
C ASN C 433 -34.75 -1.00 -46.51
N LEU C 434 -34.53 -1.53 -45.31
CA LEU C 434 -35.57 -1.48 -44.29
C LEU C 434 -35.56 -0.14 -43.56
N GLN C 435 -34.38 0.27 -43.09
CA GLN C 435 -34.27 1.40 -42.17
C GLN C 435 -34.90 2.66 -42.73
N ARG C 436 -34.51 3.04 -43.96
CA ARG C 436 -35.04 4.23 -44.59
C ARG C 436 -36.56 4.17 -44.79
N TYR C 437 -37.15 2.99 -44.76
CA TYR C 437 -38.60 2.91 -44.80
C TYR C 437 -39.24 3.18 -43.44
N TYR C 438 -38.68 2.63 -42.39
CA TYR C 438 -39.25 2.81 -41.07
C TYR C 438 -38.72 4.03 -40.33
N GLY C 439 -37.71 4.70 -40.86
CA GLY C 439 -37.24 5.94 -40.25
C GLY C 439 -36.47 5.76 -38.96
N PHE C 440 -36.03 4.55 -38.65
CA PHE C 440 -35.26 4.26 -37.45
C PHE C 440 -33.92 4.96 -37.40
N ALA C 441 -33.21 4.76 -36.29
CA ALA C 441 -31.79 5.07 -36.21
C ALA C 441 -31.05 4.54 -37.43
N GLU C 442 -30.24 5.41 -38.02
CA GLU C 442 -29.64 5.20 -39.32
C GLU C 442 -28.37 4.36 -39.19
N THR C 443 -27.98 3.72 -40.29
CA THR C 443 -26.72 3.00 -40.40
C THR C 443 -26.00 3.43 -41.66
N PHE C 444 -24.98 4.27 -41.51
CA PHE C 444 -24.35 4.96 -42.63
C PHE C 444 -23.93 3.98 -43.72
N TYR C 445 -24.26 4.34 -44.97
CA TYR C 445 -24.01 3.51 -46.14
C TYR C 445 -22.60 3.74 -46.70
N TYR C 446 -21.70 2.80 -46.45
CA TYR C 446 -20.40 2.79 -47.11
C TYR C 446 -20.54 2.40 -48.58
N ASP C 447 -19.49 2.68 -49.36
CA ASP C 447 -19.32 2.05 -50.66
C ASP C 447 -17.88 1.58 -50.85
N LEU C 448 -17.73 0.34 -51.32
CA LEU C 448 -16.45 -0.37 -51.26
C LEU C 448 -15.43 0.21 -52.23
N HIS C 449 -15.83 1.20 -53.02
CA HIS C 449 -14.92 1.90 -53.89
C HIS C 449 -13.82 2.64 -53.14
N ILE C 450 -14.11 3.18 -51.95
CA ILE C 450 -13.21 4.13 -51.31
C ILE C 450 -12.94 3.85 -49.85
N PHE C 451 -13.43 2.74 -49.30
CA PHE C 451 -13.13 2.39 -47.90
C PHE C 451 -12.42 1.05 -47.88
N PRO C 452 -11.08 1.05 -47.95
CA PRO C 452 -10.36 -0.23 -48.13
C PRO C 452 -10.67 -1.26 -47.08
N TYR C 453 -10.71 -0.85 -45.80
CA TYR C 453 -10.97 -1.79 -44.72
C TYR C 453 -12.38 -2.38 -44.78
N VAL C 454 -13.34 -1.65 -45.32
CA VAL C 454 -14.66 -2.23 -45.53
C VAL C 454 -14.59 -3.31 -46.60
N ARG C 455 -13.93 -3.01 -47.72
CA ARG C 455 -13.76 -4.00 -48.76
C ARG C 455 -13.13 -5.27 -48.18
N GLN C 456 -12.15 -5.10 -47.30
CA GLN C 456 -11.55 -6.20 -46.57
C GLN C 456 -12.59 -7.01 -45.78
N LEU C 457 -13.24 -6.38 -44.82
CA LEU C 457 -14.08 -7.16 -43.91
C LEU C 457 -15.27 -7.76 -44.65
N VAL C 458 -15.84 -7.01 -45.59
CA VAL C 458 -16.95 -7.53 -46.35
C VAL C 458 -16.53 -8.77 -47.12
N ASN C 459 -15.32 -8.76 -47.71
CA ASN C 459 -14.87 -9.96 -48.41
C ASN C 459 -14.67 -11.12 -47.45
N ILE C 460 -14.18 -10.85 -46.24
CA ILE C 460 -14.01 -11.94 -45.26
C ILE C 460 -15.35 -12.59 -44.93
N LEU C 461 -16.35 -11.78 -44.59
CA LEU C 461 -17.66 -12.34 -44.27
C LEU C 461 -18.30 -13.00 -45.49
N GLU C 462 -18.17 -12.38 -46.66
CA GLU C 462 -18.73 -12.95 -47.88
C GLU C 462 -18.20 -14.36 -48.12
N THR C 463 -16.87 -14.54 -47.98
CA THR C 463 -16.30 -15.86 -48.19
C THR C 463 -16.72 -16.83 -47.09
N SER C 464 -16.70 -16.39 -45.82
CA SER C 464 -17.18 -17.24 -44.73
C SER C 464 -18.60 -17.74 -44.97
N PHE C 465 -19.47 -16.89 -45.48
CA PHE C 465 -20.79 -17.30 -45.92
C PHE C 465 -20.71 -18.31 -47.06
N ASN C 466 -20.28 -17.86 -48.24
CA ASN C 466 -20.51 -18.65 -49.44
C ASN C 466 -19.72 -19.95 -49.44
N CYS C 467 -18.52 -19.95 -48.83
CA CYS C 467 -17.72 -21.15 -48.73
C CYS C 467 -18.41 -22.23 -47.91
N SER C 468 -19.17 -21.85 -46.88
CA SER C 468 -19.91 -22.81 -46.09
C SER C 468 -21.31 -23.03 -46.59
N GLN C 469 -21.77 -22.21 -47.54
CA GLN C 469 -22.93 -22.59 -48.32
C GLN C 469 -22.56 -23.72 -49.28
N ARG C 470 -21.41 -23.59 -49.92
CA ARG C 470 -20.70 -24.74 -50.48
C ARG C 470 -20.18 -25.62 -49.33
N GLY C 471 -19.48 -26.68 -49.68
CA GLY C 471 -19.14 -27.74 -48.75
C GLY C 471 -18.07 -27.47 -47.72
N ILE C 472 -17.57 -26.25 -47.58
CA ILE C 472 -16.31 -26.01 -46.90
C ILE C 472 -16.56 -25.03 -45.75
N THR C 473 -16.68 -25.56 -44.54
CA THR C 473 -16.91 -24.77 -43.32
C THR C 473 -15.68 -23.94 -42.97
N LEU C 474 -15.87 -22.63 -42.80
CA LEU C 474 -14.80 -21.72 -42.43
C LEU C 474 -14.99 -21.21 -41.00
N ASN C 475 -13.94 -21.34 -40.20
CA ASN C 475 -13.86 -20.75 -38.86
C ASN C 475 -13.35 -19.31 -38.87
N ALA C 476 -13.74 -18.51 -39.86
CA ALA C 476 -13.21 -17.16 -39.99
C ALA C 476 -13.54 -16.33 -38.78
N SER C 477 -12.57 -15.54 -38.32
CA SER C 477 -12.75 -14.56 -37.26
C SER C 477 -11.82 -13.38 -37.53
N VAL C 478 -12.15 -12.23 -36.93
CA VAL C 478 -11.34 -11.04 -37.11
C VAL C 478 -11.43 -10.15 -35.87
N LEU C 479 -10.33 -9.46 -35.58
CA LEU C 479 -10.29 -8.39 -34.59
C LEU C 479 -10.08 -7.05 -35.28
N LEU C 480 -10.89 -6.05 -34.90
CA LEU C 480 -10.69 -4.66 -35.31
C LEU C 480 -9.97 -3.88 -34.22
N HIS C 481 -9.00 -3.06 -34.62
CA HIS C 481 -8.35 -2.14 -33.69
C HIS C 481 -8.02 -0.84 -34.38
N SER C 482 -7.73 0.19 -33.57
CA SER C 482 -7.47 1.53 -34.09
C SER C 482 -6.49 2.25 -33.18
N THR C 483 -5.78 3.22 -33.76
CA THR C 483 -4.89 4.06 -32.96
C THR C 483 -5.64 5.15 -32.19
N THR C 484 -6.67 5.75 -32.78
CA THR C 484 -7.47 6.73 -32.07
C THR C 484 -8.67 6.07 -31.39
N ASN C 485 -9.32 6.83 -30.52
CA ASN C 485 -10.68 6.52 -30.10
C ASN C 485 -11.68 6.74 -31.24
N ASN C 486 -12.91 6.33 -30.99
CA ASN C 486 -14.11 6.88 -31.63
C ASN C 486 -14.24 6.67 -33.13
N VAL C 487 -13.30 5.97 -33.77
CA VAL C 487 -13.54 5.53 -35.13
C VAL C 487 -14.64 4.47 -35.14
N GLY C 488 -15.39 4.43 -36.23
CA GLY C 488 -16.66 3.73 -36.27
C GLY C 488 -16.60 2.22 -36.29
N LYS C 489 -15.84 1.62 -35.37
CA LYS C 489 -15.64 0.17 -35.36
C LYS C 489 -16.95 -0.59 -35.47
N ALA C 490 -17.88 -0.34 -34.56
CA ALA C 490 -19.15 -1.08 -34.60
C ALA C 490 -19.92 -0.79 -35.88
N THR C 491 -19.86 0.45 -36.35
CA THR C 491 -20.61 0.82 -37.54
C THR C 491 -20.22 -0.05 -38.72
N MET C 492 -18.93 -0.33 -38.86
CA MET C 492 -18.47 -1.19 -39.96
C MET C 492 -19.13 -2.55 -39.89
N VAL C 493 -19.03 -3.21 -38.74
CA VAL C 493 -19.58 -4.55 -38.60
C VAL C 493 -21.06 -4.56 -38.90
N ARG C 494 -21.79 -3.57 -38.38
CA ARG C 494 -23.21 -3.48 -38.66
C ARG C 494 -23.49 -3.31 -40.14
N PHE C 495 -22.82 -2.34 -40.77
CA PHE C 495 -23.03 -2.10 -42.18
C PHE C 495 -22.79 -3.38 -42.97
N ALA C 496 -21.66 -4.02 -42.73
CA ALA C 496 -21.36 -5.25 -43.45
C ALA C 496 -22.46 -6.27 -43.26
N SER C 497 -22.93 -6.41 -42.02
CA SER C 497 -23.97 -7.38 -41.73
C SER C 497 -25.19 -7.13 -42.58
N LYS C 498 -25.58 -5.88 -42.74
CA LYS C 498 -26.73 -5.60 -43.59
C LYS C 498 -26.41 -5.76 -45.07
N TYR C 499 -25.24 -5.30 -45.49
CA TYR C 499 -24.83 -5.33 -46.89
C TYR C 499 -24.74 -6.75 -47.44
N LEU C 500 -24.42 -7.70 -46.58
CA LEU C 500 -24.33 -9.09 -46.98
C LEU C 500 -25.56 -9.91 -46.64
N GLY C 501 -26.52 -9.33 -45.92
CA GLY C 501 -27.65 -10.11 -45.44
C GLY C 501 -27.23 -11.20 -44.49
N ILE C 502 -26.52 -10.80 -43.44
CA ILE C 502 -25.95 -11.71 -42.47
C ILE C 502 -26.52 -11.34 -41.11
N HIS C 503 -26.83 -12.34 -40.29
CA HIS C 503 -27.34 -12.03 -38.96
C HIS C 503 -26.17 -11.69 -38.03
N LEU C 504 -26.50 -11.01 -36.94
CA LEU C 504 -25.52 -10.74 -35.91
C LEU C 504 -26.17 -10.78 -34.53
N LEU C 505 -25.36 -11.15 -33.56
CA LEU C 505 -25.56 -10.70 -32.19
C LEU C 505 -24.90 -9.34 -32.01
N GLU C 506 -25.55 -8.46 -31.24
CA GLU C 506 -24.91 -7.26 -30.74
C GLU C 506 -24.79 -7.34 -29.23
N ILE C 507 -23.57 -7.38 -28.73
CA ILE C 507 -23.29 -7.42 -27.31
C ILE C 507 -22.19 -6.41 -27.00
N ASP C 508 -22.32 -5.71 -25.88
CA ASP C 508 -21.22 -4.93 -25.33
C ASP C 508 -20.74 -5.53 -24.00
N CYS C 509 -19.42 -5.52 -23.80
CA CYS C 509 -18.87 -6.09 -22.57
C CYS C 509 -18.94 -5.14 -21.38
N LEU C 510 -18.91 -3.83 -21.61
CA LEU C 510 -18.92 -2.89 -20.49
C LEU C 510 -20.13 -3.09 -19.60
N SER C 511 -21.29 -3.33 -20.20
CA SER C 511 -22.51 -3.57 -19.46
C SER C 511 -22.55 -4.89 -18.76
N LEU C 512 -21.51 -5.72 -18.73
CA LEU C 512 -21.56 -6.93 -17.91
C LEU C 512 -21.75 -6.57 -16.44
N THR C 513 -22.58 -7.37 -15.77
CA THR C 513 -23.09 -7.15 -14.42
C THR C 513 -22.04 -7.27 -13.34
N SER C 514 -20.79 -7.59 -13.67
CA SER C 514 -19.72 -7.40 -12.71
C SER C 514 -18.43 -6.96 -13.41
N ASN C 515 -17.57 -6.32 -12.63
CA ASN C 515 -16.24 -5.90 -13.07
C ASN C 515 -15.28 -7.09 -13.09
N SER C 516 -13.99 -6.81 -13.27
CA SER C 516 -12.93 -7.72 -12.88
C SER C 516 -12.81 -7.81 -11.36
N ARG C 517 -13.91 -8.13 -10.69
CA ARG C 517 -13.99 -8.07 -9.24
C ARG C 517 -13.04 -9.07 -8.59
N GLN C 518 -12.52 -8.69 -7.42
CA GLN C 518 -11.44 -9.43 -6.79
C GLN C 518 -11.85 -10.85 -6.44
N LEU C 519 -12.96 -11.01 -5.73
CA LEU C 519 -13.46 -12.36 -5.46
C LEU C 519 -13.97 -12.96 -6.76
N ASP C 520 -13.48 -14.17 -7.06
CA ASP C 520 -13.61 -14.72 -8.40
C ASP C 520 -15.07 -14.97 -8.79
N SER C 521 -15.50 -14.24 -9.82
CA SER C 521 -16.75 -14.53 -10.52
C SER C 521 -16.55 -14.38 -12.03
N THR C 522 -15.32 -14.58 -12.48
CA THR C 522 -15.07 -14.71 -13.91
C THR C 522 -15.93 -15.82 -14.50
N SER C 523 -16.14 -16.88 -13.73
CA SER C 523 -17.18 -17.85 -14.03
C SER C 523 -18.52 -17.18 -14.26
N LYS C 524 -18.99 -16.40 -13.29
CA LYS C 524 -20.29 -15.73 -13.42
C LYS C 524 -20.39 -14.88 -14.69
N ILE C 525 -19.33 -14.12 -15.00
CA ILE C 525 -19.40 -13.24 -16.16
C ILE C 525 -19.28 -14.00 -17.47
N ILE C 526 -18.32 -14.91 -17.60
CA ILE C 526 -18.18 -15.64 -18.86
C ILE C 526 -19.36 -16.57 -19.07
N GLY C 527 -19.90 -17.13 -17.98
CA GLY C 527 -21.15 -17.86 -18.04
C GLY C 527 -22.29 -17.02 -18.58
N TYR C 528 -22.51 -15.84 -18.00
CA TYR C 528 -23.56 -14.98 -18.53
C TYR C 528 -23.31 -14.63 -19.99
N ILE C 529 -22.06 -14.42 -20.38
CA ILE C 529 -21.73 -14.14 -21.77
C ILE C 529 -22.20 -15.27 -22.67
N ARG C 530 -21.72 -16.48 -22.43
CA ARG C 530 -22.13 -17.61 -23.27
C ARG C 530 -23.63 -17.85 -23.18
N ALA C 531 -24.20 -17.80 -21.98
CA ALA C 531 -25.61 -18.12 -21.80
C ALA C 531 -26.51 -17.12 -22.52
N LYS C 532 -26.09 -15.86 -22.60
CA LYS C 532 -26.82 -14.89 -23.41
C LYS C 532 -26.61 -15.14 -24.89
N CYS C 533 -25.39 -15.53 -25.30
CA CYS C 533 -25.15 -15.74 -26.73
C CYS C 533 -25.95 -16.92 -27.26
N GLU C 534 -25.81 -18.08 -26.61
CA GLU C 534 -26.18 -19.36 -27.21
C GLU C 534 -27.63 -19.41 -27.66
N ASN C 535 -28.51 -18.72 -26.94
CA ASN C 535 -29.96 -18.94 -27.04
C ASN C 535 -30.51 -18.88 -28.47
N VAL C 536 -29.98 -17.99 -29.31
CA VAL C 536 -30.52 -17.88 -30.66
C VAL C 536 -29.88 -18.83 -31.66
N LEU C 537 -28.66 -19.27 -31.41
CA LEU C 537 -27.94 -20.04 -32.41
C LEU C 537 -28.63 -21.34 -32.85
N PRO C 538 -29.37 -22.08 -31.98
CA PRO C 538 -30.14 -23.24 -32.47
C PRO C 538 -31.05 -22.97 -33.65
N TYR C 539 -31.44 -21.72 -33.86
CA TYR C 539 -32.22 -21.34 -35.02
C TYR C 539 -31.65 -20.11 -35.71
N ALA C 540 -30.36 -19.85 -35.52
CA ALA C 540 -29.71 -18.75 -36.21
C ALA C 540 -29.50 -19.11 -37.68
N SER C 541 -29.76 -18.15 -38.55
CA SER C 541 -29.22 -18.14 -39.90
C SER C 541 -27.72 -17.91 -39.83
N PRO C 542 -26.98 -17.94 -40.95
CA PRO C 542 -25.54 -17.62 -40.88
C PRO C 542 -25.32 -16.29 -40.19
N ALA C 543 -24.50 -16.26 -39.14
CA ALA C 543 -24.49 -15.11 -38.25
C ALA C 543 -23.10 -14.90 -37.69
N VAL C 544 -22.89 -13.69 -37.18
CA VAL C 544 -21.65 -13.30 -36.52
C VAL C 544 -21.96 -12.88 -35.09
N ILE C 545 -20.99 -13.09 -34.21
CA ILE C 545 -21.02 -12.53 -32.87
C ILE C 545 -20.08 -11.34 -32.83
N PHE C 546 -20.63 -10.17 -32.51
CA PHE C 546 -19.88 -8.94 -32.37
C PHE C 546 -19.73 -8.55 -30.91
N LEU C 547 -18.49 -8.38 -30.46
CA LEU C 547 -18.18 -8.10 -29.06
C LEU C 547 -17.55 -6.72 -28.99
N ALA C 548 -18.22 -5.80 -28.31
CA ALA C 548 -17.73 -4.44 -28.10
C ALA C 548 -16.84 -4.31 -26.86
N HIS C 549 -15.66 -3.72 -27.05
CA HIS C 549 -14.73 -3.41 -25.96
C HIS C 549 -14.21 -4.65 -25.23
N LEU C 550 -13.68 -5.59 -25.99
CA LEU C 550 -13.01 -6.74 -25.39
C LEU C 550 -11.90 -6.29 -24.44
N ASP C 551 -11.26 -5.17 -24.72
CA ASP C 551 -10.23 -4.59 -23.87
C ASP C 551 -10.67 -4.39 -22.43
N SER C 552 -11.96 -4.24 -22.19
CA SER C 552 -12.43 -4.06 -20.82
C SER C 552 -12.28 -5.31 -19.98
N ILE C 553 -12.35 -6.49 -20.58
CA ILE C 553 -12.37 -7.75 -19.84
C ILE C 553 -11.08 -8.54 -20.04
N LEU C 554 -10.50 -8.52 -21.23
CA LEU C 554 -9.15 -9.05 -21.44
C LEU C 554 -8.09 -8.04 -20.96
N LEU C 555 -8.08 -7.81 -19.65
CA LEU C 555 -6.97 -7.13 -19.03
C LEU C 555 -5.68 -7.91 -19.29
N ASP C 556 -4.54 -7.29 -19.00
CA ASP C 556 -3.28 -7.97 -19.23
C ASP C 556 -2.33 -7.80 -18.04
N VAL C 557 -1.40 -8.74 -17.96
CA VAL C 557 -0.64 -9.03 -16.76
C VAL C 557 0.31 -7.88 -16.41
N ASN C 558 0.75 -7.89 -15.15
CA ASN C 558 1.85 -7.09 -14.62
C ASN C 558 1.58 -5.59 -14.56
N ALA C 559 1.02 -5.15 -13.43
CA ALA C 559 1.22 -3.78 -12.95
C ALA C 559 1.52 -3.88 -11.46
N ASN C 560 0.61 -4.54 -10.73
CA ASN C 560 0.94 -5.19 -9.46
C ASN C 560 -0.09 -6.28 -9.26
N GLN C 561 0.34 -7.53 -9.18
CA GLN C 561 -0.55 -8.68 -9.28
C GLN C 561 -0.82 -9.26 -7.90
N ASP C 562 -2.10 -9.36 -7.53
CA ASP C 562 -2.51 -10.28 -6.50
C ASP C 562 -2.48 -11.70 -7.04
N PRO C 563 -2.38 -12.70 -6.16
CA PRO C 563 -2.54 -14.09 -6.63
C PRO C 563 -3.85 -14.27 -7.37
N GLU C 564 -4.94 -13.74 -6.80
CA GLU C 564 -6.22 -13.76 -7.47
C GLU C 564 -6.17 -13.00 -8.79
N ALA C 565 -5.36 -11.95 -8.88
CA ALA C 565 -5.21 -11.26 -10.16
C ALA C 565 -4.69 -12.21 -11.22
N ILE C 566 -3.68 -13.01 -10.87
CA ILE C 566 -3.19 -14.05 -11.76
C ILE C 566 -4.30 -15.04 -12.11
N LYS C 567 -5.05 -15.48 -11.09
CA LYS C 567 -6.08 -16.49 -11.33
C LYS C 567 -7.17 -15.97 -12.25
N LEU C 568 -7.67 -14.77 -11.97
CA LEU C 568 -8.63 -14.12 -12.87
C LEU C 568 -8.08 -14.02 -14.28
N GLN C 569 -6.88 -13.45 -14.43
CA GLN C 569 -6.29 -13.30 -15.76
C GLN C 569 -6.28 -14.61 -16.54
N LYS C 570 -5.60 -15.62 -15.99
CA LYS C 570 -5.47 -16.89 -16.69
C LYS C 570 -6.83 -17.56 -16.92
N SER C 571 -7.69 -17.54 -15.89
CA SER C 571 -9.04 -18.07 -16.03
C SER C 571 -9.76 -17.44 -17.21
N ILE C 572 -9.72 -16.12 -17.29
CA ILE C 572 -10.40 -15.40 -18.36
C ILE C 572 -9.85 -15.79 -19.71
N ASN C 573 -8.52 -15.74 -19.86
CA ASN C 573 -7.92 -16.13 -21.13
C ASN C 573 -8.37 -17.52 -21.53
N PHE C 574 -8.30 -18.46 -20.59
CA PHE C 574 -8.62 -19.86 -20.86
C PHE C 574 -10.07 -20.02 -21.26
N GLU C 575 -10.98 -19.51 -20.43
CA GLU C 575 -12.40 -19.68 -20.69
C GLU C 575 -12.82 -19.01 -21.98
N MET C 576 -12.30 -17.82 -22.28
CA MET C 576 -12.60 -17.19 -23.57
C MET C 576 -12.09 -18.03 -24.73
N SER C 577 -10.84 -18.52 -24.63
CA SER C 577 -10.30 -19.37 -25.68
C SER C 577 -11.22 -20.57 -25.92
N LYS C 578 -11.60 -21.25 -24.84
CA LYS C 578 -12.48 -22.40 -24.96
C LYS C 578 -13.80 -21.99 -25.58
N LEU C 579 -14.44 -20.97 -25.03
CA LEU C 579 -15.73 -20.53 -25.53
C LEU C 579 -15.71 -20.31 -27.04
N LEU C 580 -14.74 -19.53 -27.52
CA LEU C 580 -14.65 -19.23 -28.95
C LEU C 580 -14.44 -20.49 -29.78
N ASP C 581 -13.40 -21.26 -29.43
CA ASP C 581 -13.10 -22.44 -30.22
C ASP C 581 -14.24 -23.43 -30.16
N ASP C 582 -14.84 -23.62 -28.99
CA ASP C 582 -16.02 -24.47 -28.92
C ASP C 582 -17.08 -23.98 -29.89
N PHE C 583 -17.35 -22.67 -29.92
CA PHE C 583 -18.40 -22.19 -30.84
C PHE C 583 -18.11 -22.64 -32.25
N THR C 584 -16.83 -22.61 -32.63
CA THR C 584 -16.48 -22.99 -33.99
C THR C 584 -16.91 -24.42 -34.34
N PHE C 585 -17.10 -25.29 -33.36
CA PHE C 585 -17.68 -26.60 -33.60
C PHE C 585 -19.14 -26.71 -33.19
N LYS C 586 -19.56 -25.96 -32.18
CA LYS C 586 -20.95 -25.94 -31.77
C LYS C 586 -21.85 -25.52 -32.92
N PHE C 587 -21.41 -24.56 -33.72
CA PHE C 587 -22.07 -24.24 -34.96
C PHE C 587 -21.03 -23.92 -36.03
N PRO C 588 -21.28 -24.32 -37.27
CA PRO C 588 -20.39 -23.97 -38.36
C PRO C 588 -20.54 -22.51 -38.76
N GLY C 589 -19.51 -22.00 -39.44
CA GLY C 589 -19.61 -20.77 -40.19
C GLY C 589 -19.98 -19.54 -39.40
N THR C 590 -19.77 -19.54 -38.09
CA THR C 590 -20.24 -18.50 -37.20
C THR C 590 -19.03 -17.75 -36.65
N THR C 591 -18.95 -16.45 -36.93
CA THR C 591 -17.69 -15.73 -36.91
C THR C 591 -17.60 -14.82 -35.70
N PHE C 592 -16.51 -14.96 -34.96
CA PHE C 592 -16.19 -14.06 -33.86
C PHE C 592 -15.61 -12.77 -34.43
N VAL C 593 -16.17 -11.63 -34.03
CA VAL C 593 -15.73 -10.32 -34.49
C VAL C 593 -15.54 -9.41 -33.28
N GLY C 594 -14.30 -9.24 -32.86
CA GLY C 594 -13.99 -8.50 -31.65
C GLY C 594 -13.69 -7.03 -31.92
N SER C 595 -13.52 -6.28 -30.84
CA SER C 595 -13.03 -4.91 -30.93
C SER C 595 -12.21 -4.61 -29.69
N VAL C 596 -11.19 -3.77 -29.87
CA VAL C 596 -10.23 -3.47 -28.82
C VAL C 596 -9.77 -2.03 -29.00
N ASN C 597 -9.16 -1.49 -27.96
CA ASN C 597 -8.76 -0.08 -27.95
C ASN C 597 -7.26 0.12 -27.85
N ASN C 598 -6.53 -0.81 -27.25
CA ASN C 598 -5.07 -0.72 -27.20
C ASN C 598 -4.51 -2.11 -27.51
N ILE C 599 -3.99 -2.28 -28.73
CA ILE C 599 -3.49 -3.58 -29.16
C ILE C 599 -2.31 -4.02 -28.31
N ASP C 600 -1.57 -3.08 -27.72
CA ASP C 600 -0.55 -3.46 -26.76
C ASP C 600 -1.13 -4.10 -25.51
N ASN C 601 -2.38 -3.84 -25.20
CA ASN C 601 -2.99 -4.27 -23.95
C ASN C 601 -3.71 -5.61 -24.05
N VAL C 602 -3.97 -6.11 -25.25
CA VAL C 602 -4.56 -7.45 -25.36
C VAL C 602 -3.52 -8.49 -24.98
N PRO C 603 -3.86 -9.46 -24.15
CA PRO C 603 -2.89 -10.45 -23.69
C PRO C 603 -2.38 -11.36 -24.79
N SER C 604 -1.13 -11.78 -24.62
CA SER C 604 -0.36 -12.41 -25.69
C SER C 604 -1.02 -13.67 -26.22
N SER C 605 -1.57 -14.50 -25.34
CA SER C 605 -2.22 -15.73 -25.78
C SER C 605 -3.35 -15.44 -26.75
N PHE C 606 -4.24 -14.52 -26.39
CA PHE C 606 -5.34 -14.17 -27.28
C PHE C 606 -4.81 -13.56 -28.57
N ARG C 607 -3.79 -12.71 -28.45
CA ARG C 607 -3.12 -12.12 -29.61
C ARG C 607 -2.51 -13.15 -30.54
N SER C 608 -2.29 -14.38 -30.09
CA SER C 608 -1.76 -15.42 -30.97
C SER C 608 -2.85 -16.24 -31.65
N HIS C 609 -3.87 -16.65 -30.92
CA HIS C 609 -4.90 -17.51 -31.50
C HIS C 609 -5.86 -16.75 -32.40
N MET C 610 -5.91 -15.43 -32.28
CA MET C 610 -6.75 -14.63 -33.16
C MET C 610 -6.31 -14.78 -34.61
N ARG C 611 -7.27 -14.68 -35.53
CA ARG C 611 -7.03 -14.90 -36.95
C ARG C 611 -6.59 -13.64 -37.69
N PHE C 612 -7.50 -13.06 -38.48
CA PHE C 612 -7.25 -11.84 -39.22
C PHE C 612 -7.04 -10.64 -38.31
N GLU C 613 -6.37 -9.62 -38.86
CA GLU C 613 -6.21 -8.33 -38.21
C GLU C 613 -6.60 -7.24 -39.20
N ILE C 614 -7.37 -6.24 -38.73
CA ILE C 614 -7.67 -5.06 -39.54
C ILE C 614 -7.42 -3.81 -38.71
N LEU C 615 -6.62 -2.90 -39.25
CA LEU C 615 -6.42 -1.57 -38.69
C LEU C 615 -7.31 -0.60 -39.46
N VAL C 616 -8.24 0.06 -38.78
CA VAL C 616 -9.10 1.06 -39.39
C VAL C 616 -8.59 2.44 -39.00
N PRO C 617 -8.27 3.31 -39.95
CA PRO C 617 -7.65 4.59 -39.64
C PRO C 617 -8.69 5.70 -39.49
N VAL C 618 -8.22 6.85 -39.03
CA VAL C 618 -8.97 8.11 -39.18
C VAL C 618 -9.17 8.41 -40.66
N PRO C 619 -10.34 8.84 -41.10
CA PRO C 619 -10.64 8.84 -42.52
C PRO C 619 -9.83 9.86 -43.31
N SER C 620 -9.72 9.59 -44.61
CA SER C 620 -9.07 10.50 -45.54
C SER C 620 -10.01 11.65 -45.92
N GLU C 621 -9.42 12.68 -46.52
CA GLU C 621 -10.20 13.77 -47.09
C GLU C 621 -11.18 13.27 -48.15
N ALA C 622 -10.75 12.31 -48.97
CA ALA C 622 -11.63 11.74 -49.98
C ALA C 622 -12.85 11.09 -49.35
N GLN C 623 -12.68 10.52 -48.16
CA GLN C 623 -13.80 9.92 -47.44
C GLN C 623 -14.67 10.98 -46.79
N ARG C 624 -14.05 12.00 -46.20
CA ARG C 624 -14.79 13.08 -45.54
C ARG C 624 -15.92 13.59 -46.42
N LEU C 625 -15.66 13.73 -47.73
CA LEU C 625 -16.67 14.17 -48.67
C LEU C 625 -17.97 13.39 -48.50
N ARG C 626 -17.88 12.07 -48.52
CA ARG C 626 -19.09 11.27 -48.36
C ARG C 626 -19.67 11.36 -46.96
N ILE C 627 -18.84 11.57 -45.94
CA ILE C 627 -19.37 11.72 -44.59
C ILE C 627 -20.29 12.92 -44.49
N PHE C 628 -19.82 14.09 -44.91
CA PHE C 628 -20.69 15.26 -44.95
C PHE C 628 -21.90 15.01 -45.82
N GLN C 629 -21.69 14.39 -46.98
CA GLN C 629 -22.79 14.11 -47.90
C GLN C 629 -23.90 13.31 -47.21
N TRP C 630 -23.54 12.49 -46.23
CA TRP C 630 -24.57 11.77 -45.48
C TRP C 630 -25.24 12.63 -44.42
N TYR C 631 -24.50 13.09 -43.42
CA TYR C 631 -25.15 13.78 -42.32
C TYR C 631 -25.69 15.15 -42.68
N LEU C 632 -25.38 15.68 -43.84
CA LEU C 632 -26.05 16.88 -44.29
C LEU C 632 -27.22 16.60 -45.22
N SER C 633 -27.53 15.32 -45.46
CA SER C 633 -28.66 14.97 -46.31
C SER C 633 -30.01 15.31 -45.69
N SER C 634 -31.00 15.42 -46.55
CA SER C 634 -32.36 15.76 -46.15
C SER C 634 -32.90 14.84 -45.06
N HIS C 635 -32.96 13.54 -45.34
CA HIS C 635 -33.44 12.59 -44.35
C HIS C 635 -32.65 12.65 -43.05
N GLU C 636 -31.36 12.92 -43.14
CA GLU C 636 -30.52 12.81 -41.96
C GLU C 636 -30.61 14.03 -41.06
N LEU C 637 -31.14 15.15 -41.54
CA LEU C 637 -31.62 16.18 -40.64
C LEU C 637 -33.09 16.05 -40.26
N ASN C 638 -33.96 15.67 -41.20
CA ASN C 638 -35.38 15.77 -40.94
C ASN C 638 -35.83 14.79 -39.87
N ARG C 639 -35.12 13.68 -39.69
CA ARG C 639 -35.54 12.65 -38.74
C ARG C 639 -35.71 13.21 -37.33
N ASP C 640 -34.79 14.08 -36.90
CA ASP C 640 -34.58 14.36 -35.49
C ASP C 640 -35.64 15.27 -34.88
N VAL C 641 -36.51 15.87 -35.67
CA VAL C 641 -37.09 17.14 -35.28
C VAL C 641 -38.61 17.09 -35.43
N GLN C 642 -39.30 17.79 -34.52
CA GLN C 642 -40.76 17.74 -34.49
C GLN C 642 -41.42 18.71 -35.48
N GLN C 643 -41.02 19.99 -35.47
CA GLN C 643 -41.85 21.00 -36.11
C GLN C 643 -41.97 20.74 -37.61
N LYS C 644 -43.17 20.98 -38.13
CA LYS C 644 -43.49 20.63 -39.50
C LYS C 644 -42.68 21.43 -40.51
N VAL C 645 -42.17 22.60 -40.14
CA VAL C 645 -41.24 23.32 -41.01
C VAL C 645 -39.98 22.49 -41.22
N PRO C 646 -39.70 22.05 -42.44
CA PRO C 646 -38.51 21.25 -42.70
C PRO C 646 -37.26 22.11 -42.76
N VAL C 647 -36.12 21.45 -42.97
CA VAL C 647 -34.84 22.12 -43.11
C VAL C 647 -34.11 21.55 -44.31
N SER C 648 -33.16 22.33 -44.81
CA SER C 648 -32.35 21.93 -45.96
C SER C 648 -31.03 22.68 -45.88
N TYR C 649 -30.06 22.24 -46.67
CA TYR C 649 -28.96 23.10 -47.05
C TYR C 649 -29.33 24.03 -48.21
N MET C 650 -28.64 25.16 -48.27
CA MET C 650 -28.48 25.91 -49.50
C MET C 650 -27.55 25.17 -50.45
N ASP C 651 -27.94 25.08 -51.73
CA ASP C 651 -27.13 24.37 -52.71
C ASP C 651 -25.79 25.05 -52.99
N ASN C 652 -25.47 26.15 -52.29
CA ASN C 652 -24.18 26.80 -52.45
C ASN C 652 -23.04 26.06 -51.75
N ILE C 653 -23.35 25.16 -50.81
CA ILE C 653 -22.35 24.63 -49.89
C ILE C 653 -21.19 23.97 -50.65
N SER C 654 -19.98 24.47 -50.40
CA SER C 654 -18.75 23.94 -50.98
C SER C 654 -18.28 22.73 -50.19
N PHE C 655 -18.56 21.53 -50.71
CA PHE C 655 -18.07 20.32 -50.06
C PHE C 655 -16.55 20.27 -49.97
N SER C 656 -15.86 20.88 -50.93
CA SER C 656 -14.41 21.06 -50.82
C SER C 656 -14.03 21.84 -49.57
N SER C 657 -14.74 22.94 -49.30
CA SER C 657 -14.43 23.77 -48.13
C SER C 657 -14.57 23.00 -46.83
N LEU C 658 -15.65 22.24 -46.67
CA LEU C 658 -15.82 21.45 -45.45
C LEU C 658 -14.72 20.40 -45.33
N SER C 659 -14.51 19.62 -46.38
CA SER C 659 -13.58 18.50 -46.34
C SER C 659 -12.17 18.94 -46.02
N SER C 660 -11.75 20.10 -46.53
CA SER C 660 -10.42 20.59 -46.18
C SER C 660 -10.39 21.14 -44.75
N TYR C 661 -11.37 21.97 -44.39
CA TYR C 661 -11.34 22.60 -43.08
C TYR C 661 -11.58 21.61 -41.94
N SER C 662 -12.30 20.52 -42.20
CA SER C 662 -12.52 19.49 -41.20
C SER C 662 -11.41 18.46 -41.11
N ALA C 663 -10.25 18.71 -41.71
CA ALA C 663 -9.18 17.73 -41.69
C ALA C 663 -8.79 17.34 -40.26
N GLY C 664 -8.44 16.07 -40.09
CA GLY C 664 -8.08 15.51 -38.81
C GLY C 664 -9.22 15.17 -37.87
N LEU C 665 -10.39 15.76 -38.03
CA LEU C 665 -11.52 15.40 -37.19
C LEU C 665 -12.06 14.01 -37.52
N THR C 666 -12.60 13.36 -36.51
CA THR C 666 -13.20 12.03 -36.64
C THR C 666 -14.67 12.15 -37.01
N PRO C 667 -15.29 11.05 -37.45
CA PRO C 667 -16.70 11.13 -37.87
C PRO C 667 -17.62 11.64 -36.79
N LEU C 668 -17.39 11.25 -35.55
CA LEU C 668 -18.24 11.71 -34.46
C LEU C 668 -18.17 13.22 -34.28
N ASP C 669 -17.01 13.81 -34.54
CA ASP C 669 -16.91 15.26 -34.57
C ASP C 669 -17.70 15.88 -35.72
N ILE C 670 -17.68 15.25 -36.90
CA ILE C 670 -18.46 15.76 -38.02
C ILE C 670 -19.95 15.81 -37.70
N LYS C 671 -20.46 14.82 -36.98
CA LYS C 671 -21.83 14.93 -36.49
C LYS C 671 -21.99 16.16 -35.62
N SER C 672 -21.09 16.31 -34.65
CA SER C 672 -21.16 17.44 -33.73
C SER C 672 -21.24 18.77 -34.45
N ILE C 673 -20.36 18.96 -35.44
CA ILE C 673 -20.33 20.22 -36.18
C ILE C 673 -21.65 20.42 -36.90
N VAL C 674 -22.14 19.41 -37.60
CA VAL C 674 -23.34 19.62 -38.38
C VAL C 674 -24.53 19.92 -37.47
N GLU C 675 -24.68 19.15 -36.40
CA GLU C 675 -25.81 19.40 -35.51
C GLU C 675 -25.71 20.76 -34.82
N THR C 676 -24.50 21.22 -34.51
CA THR C 676 -24.36 22.58 -33.99
C THR C 676 -24.84 23.59 -35.01
N ALA C 677 -24.46 23.41 -36.26
CA ALA C 677 -24.91 24.31 -37.31
C ALA C 677 -26.43 24.36 -37.36
N ARG C 678 -27.05 23.18 -37.34
CA ARG C 678 -28.51 23.11 -37.31
C ARG C 678 -29.08 23.93 -36.16
N MET C 679 -28.48 23.81 -34.98
CA MET C 679 -28.94 24.60 -33.84
C MET C 679 -28.84 26.09 -34.11
N THR C 680 -27.67 26.54 -34.53
CA THR C 680 -27.47 27.98 -34.74
C THR C 680 -28.42 28.53 -35.79
N ALA C 681 -28.64 27.77 -36.86
CA ALA C 681 -29.61 28.19 -37.86
C ALA C 681 -31.01 28.29 -37.26
N THR C 682 -31.39 27.34 -36.41
CA THR C 682 -32.74 27.44 -35.86
C THR C 682 -32.86 28.62 -34.90
N ALA C 683 -31.80 28.94 -34.18
CA ALA C 683 -31.80 30.14 -33.34
C ALA C 683 -31.98 31.38 -34.20
N ARG C 684 -31.33 31.44 -35.35
CA ARG C 684 -31.57 32.51 -36.30
C ARG C 684 -33.03 32.54 -36.77
N PHE C 685 -33.60 31.38 -37.04
CA PHE C 685 -35.01 31.29 -37.45
C PHE C 685 -35.94 31.91 -36.42
N TYR C 686 -35.80 31.51 -35.16
CA TYR C 686 -36.67 32.09 -34.14
C TYR C 686 -36.35 33.55 -33.85
N GLN C 687 -35.12 33.98 -34.07
CA GLN C 687 -34.85 35.42 -34.03
C GLN C 687 -35.61 36.14 -35.14
N GLU C 688 -35.66 35.55 -36.33
CA GLU C 688 -36.44 36.11 -37.42
C GLU C 688 -37.93 36.20 -37.07
N SER C 689 -38.44 35.16 -36.40
CA SER C 689 -39.86 35.10 -36.05
C SER C 689 -40.29 36.21 -35.11
N LYS C 690 -39.36 36.97 -34.53
CA LYS C 690 -39.75 38.07 -33.64
C LYS C 690 -40.54 39.15 -34.37
N LYS C 691 -40.30 39.33 -35.66
CA LYS C 691 -41.08 40.23 -36.49
C LYS C 691 -42.00 39.44 -37.41
N CYS C 692 -42.95 40.14 -38.03
CA CYS C 692 -43.79 39.50 -39.04
C CYS C 692 -42.93 38.92 -40.15
N GLY C 693 -41.94 39.67 -40.62
CA GLY C 693 -40.76 39.07 -41.18
C GLY C 693 -40.93 38.41 -42.55
N TRP C 694 -39.90 37.64 -42.89
CA TRP C 694 -39.77 37.00 -44.18
C TRP C 694 -38.98 35.71 -44.02
N LEU C 695 -38.94 34.93 -45.09
CA LEU C 695 -38.41 33.57 -45.14
C LEU C 695 -39.03 32.59 -44.13
N PRO C 696 -40.31 32.70 -43.77
CA PRO C 696 -40.84 31.81 -42.74
C PRO C 696 -40.93 30.36 -43.19
N GLN C 697 -40.83 30.10 -44.50
CA GLN C 697 -41.18 28.78 -45.03
C GLN C 697 -40.23 27.69 -44.55
N SER C 698 -38.94 28.00 -44.40
CA SER C 698 -37.98 27.00 -43.93
C SER C 698 -36.61 27.59 -43.67
N ILE C 699 -36.01 27.26 -42.53
CA ILE C 699 -34.62 27.59 -42.29
C ILE C 699 -33.71 26.68 -43.11
N LEU C 700 -32.62 27.24 -43.62
CA LEU C 700 -31.57 26.45 -44.25
C LEU C 700 -30.24 26.70 -43.55
N ILE C 701 -29.40 25.66 -43.56
CA ILE C 701 -28.00 25.78 -43.19
C ILE C 701 -27.28 26.65 -44.21
N THR C 702 -26.32 27.45 -43.74
CA THR C 702 -25.59 28.33 -44.65
C THR C 702 -24.11 28.27 -44.35
N GLN C 703 -23.33 28.65 -45.36
CA GLN C 703 -21.90 28.39 -45.37
C GLN C 703 -21.15 29.13 -44.27
N GLU C 704 -21.67 30.27 -43.82
CA GLU C 704 -20.97 31.05 -42.79
C GLU C 704 -20.89 30.32 -41.45
N ASP C 705 -22.04 30.02 -40.84
CA ASP C 705 -22.01 29.43 -39.51
C ASP C 705 -21.56 27.97 -39.54
N LEU C 706 -21.80 27.28 -40.66
CA LEU C 706 -21.18 25.97 -40.87
C LEU C 706 -19.65 26.06 -40.89
N SER C 707 -19.10 27.12 -41.48
CA SER C 707 -17.67 27.34 -41.35
C SER C 707 -17.29 27.60 -39.89
N LYS C 708 -17.97 28.56 -39.27
CA LYS C 708 -17.68 28.94 -37.89
C LYS C 708 -17.60 27.75 -36.95
N ALA C 709 -18.59 26.84 -37.04
CA ALA C 709 -18.66 25.73 -36.11
C ALA C 709 -17.40 24.86 -36.11
N THR C 710 -16.64 24.86 -37.20
CA THR C 710 -15.37 24.16 -37.22
C THR C 710 -14.47 24.62 -36.08
N SER C 711 -14.43 25.92 -35.83
CA SER C 711 -13.55 26.43 -34.78
C SER C 711 -13.92 25.87 -33.42
N LYS C 712 -15.21 25.82 -33.11
CA LYS C 712 -15.64 25.17 -31.87
C LYS C 712 -15.28 23.70 -31.85
N ALA C 713 -15.49 22.99 -32.96
CA ALA C 713 -15.10 21.58 -33.03
C ALA C 713 -13.62 21.39 -32.74
N ARG C 714 -12.77 22.25 -33.28
CA ARG C 714 -11.34 22.15 -33.02
C ARG C 714 -10.97 22.48 -31.59
N ASN C 715 -11.64 23.46 -30.98
CA ASN C 715 -11.37 23.75 -29.58
C ASN C 715 -11.86 22.65 -28.65
N GLU C 716 -13.04 22.09 -28.91
CA GLU C 716 -13.52 20.97 -28.09
C GLU C 716 -12.68 19.72 -28.28
N PHE C 717 -12.08 19.53 -29.45
CA PHE C 717 -10.99 18.57 -29.59
C PHE C 717 -9.81 18.92 -28.69
N SER C 718 -9.36 20.18 -28.77
CA SER C 718 -8.15 20.59 -28.07
C SER C 718 -8.28 20.46 -26.55
N VAL C 719 -9.47 20.71 -26.01
CA VAL C 719 -9.67 20.53 -24.57
C VAL C 719 -9.70 19.06 -24.17
N SER C 720 -9.95 18.15 -25.12
CA SER C 720 -9.77 16.73 -24.84
C SER C 720 -8.29 16.36 -24.82
N ILE C 721 -7.53 16.78 -25.82
CA ILE C 721 -6.10 16.52 -25.90
C ILE C 721 -5.42 17.79 -26.37
N GLY C 722 -4.34 18.17 -25.71
CA GLY C 722 -3.61 19.36 -26.10
C GLY C 722 -4.37 20.63 -25.75
N ALA C 723 -4.44 20.91 -24.45
CA ALA C 723 -5.30 21.98 -23.94
C ALA C 723 -5.10 23.37 -24.54
N PRO C 724 -3.91 23.82 -24.95
CA PRO C 724 -3.78 25.21 -25.35
C PRO C 724 -4.62 25.56 -26.57
N GLN C 725 -5.35 26.66 -26.44
CA GLN C 725 -6.03 27.33 -27.55
C GLN C 725 -5.20 28.54 -28.00
N ILE C 726 -5.58 29.08 -29.15
CA ILE C 726 -4.79 30.12 -29.81
C ILE C 726 -5.72 31.26 -30.24
N PRO C 727 -5.36 32.52 -30.02
CA PRO C 727 -6.16 33.62 -30.57
C PRO C 727 -6.02 33.69 -32.08
N ASN C 728 -7.11 34.11 -32.72
CA ASN C 728 -7.17 34.18 -34.19
C ASN C 728 -6.19 35.21 -34.74
N VAL C 729 -5.43 34.80 -35.77
CA VAL C 729 -4.60 35.69 -36.58
C VAL C 729 -4.79 35.35 -38.05
N THR C 730 -5.78 35.98 -38.69
CA THR C 730 -6.09 35.72 -40.09
C THR C 730 -4.96 36.22 -41.02
N TRP C 731 -4.89 35.61 -42.21
CA TRP C 731 -3.80 35.82 -43.16
C TRP C 731 -3.52 37.30 -43.43
N ASP C 732 -4.58 38.10 -43.62
CA ASP C 732 -4.38 39.51 -43.89
C ASP C 732 -3.94 40.29 -42.66
N ASP C 733 -4.03 39.70 -41.48
CA ASP C 733 -3.49 40.34 -40.29
C ASP C 733 -1.97 40.37 -40.29
N ILE C 734 -1.34 39.80 -41.31
CA ILE C 734 0.08 39.99 -41.60
C ILE C 734 0.23 40.37 -43.06
N GLY C 735 1.31 41.09 -43.36
CA GLY C 735 1.62 41.46 -44.73
C GLY C 735 3.06 41.87 -44.85
N GLY C 736 3.49 42.08 -46.09
CA GLY C 736 4.86 42.50 -46.36
C GLY C 736 5.86 41.38 -46.18
N ILE C 737 5.49 40.16 -46.56
CA ILE C 737 6.30 38.97 -46.34
C ILE C 737 6.33 38.14 -47.61
N ASP C 738 6.23 38.79 -48.76
CA ASP C 738 5.80 38.14 -49.99
C ASP C 738 6.60 36.88 -50.33
N PHE C 739 7.93 37.00 -50.39
CA PHE C 739 8.77 35.84 -50.64
C PHE C 739 8.55 34.75 -49.59
N VAL C 740 8.42 35.15 -48.32
CA VAL C 740 8.27 34.18 -47.24
C VAL C 740 6.95 33.43 -47.34
N LYS C 741 5.86 34.16 -47.58
CA LYS C 741 4.58 33.50 -47.85
C LYS C 741 4.67 32.59 -49.08
N GLY C 742 5.41 33.02 -50.08
CA GLY C 742 5.70 32.18 -51.23
C GLY C 742 6.26 30.83 -50.83
N GLU C 743 7.38 30.84 -50.12
CA GLU C 743 8.01 29.58 -49.73
C GLU C 743 7.14 28.79 -48.76
N ILE C 744 6.41 29.47 -47.88
CA ILE C 744 5.60 28.75 -46.92
C ILE C 744 4.45 28.03 -47.62
N LEU C 745 3.86 28.66 -48.64
CA LEU C 745 2.86 27.95 -49.43
C LEU C 745 3.49 26.85 -50.28
N ASP C 746 4.70 27.09 -50.81
CA ASP C 746 5.47 26.04 -51.47
C ASP C 746 5.86 24.89 -50.56
N THR C 747 5.64 25.01 -49.26
CA THR C 747 6.04 23.96 -48.34
C THR C 747 4.87 23.30 -47.61
N ILE C 748 3.89 24.09 -47.17
CA ILE C 748 2.81 23.59 -46.33
C ILE C 748 1.50 23.47 -47.08
N ASP C 749 1.34 24.15 -48.23
CA ASP C 749 0.12 24.08 -48.99
C ASP C 749 0.24 23.15 -50.20
N MET C 750 1.04 23.55 -51.19
CA MET C 750 1.07 22.80 -52.45
C MET C 750 1.57 21.37 -52.32
N PRO C 751 2.57 21.04 -51.49
CA PRO C 751 2.90 19.63 -51.30
C PRO C 751 1.87 18.90 -50.47
N LEU C 752 1.10 19.62 -49.66
CA LEU C 752 0.07 18.98 -48.84
C LEU C 752 -1.21 18.77 -49.63
N LYS C 753 -1.62 19.76 -50.41
CA LYS C 753 -2.73 19.60 -51.34
C LYS C 753 -2.30 18.80 -52.56
N HIS C 754 -3.30 18.40 -53.36
CA HIS C 754 -3.15 17.82 -54.69
C HIS C 754 -2.25 16.58 -54.81
N PRO C 755 -2.22 15.67 -53.83
CA PRO C 755 -1.41 14.45 -53.99
C PRO C 755 -1.90 13.55 -55.12
N GLU C 756 -3.04 13.86 -55.74
CA GLU C 756 -3.45 13.19 -56.97
C GLU C 756 -2.51 13.48 -58.13
N LEU C 757 -1.70 14.52 -58.02
CA LEU C 757 -0.76 14.93 -59.06
C LEU C 757 0.60 15.30 -58.52
N PHE C 758 0.70 15.77 -57.28
CA PHE C 758 1.99 15.81 -56.61
C PHE C 758 2.38 14.40 -56.23
N THR C 759 3.60 14.00 -56.62
CA THR C 759 3.99 12.60 -56.50
C THR C 759 4.03 12.13 -55.07
N SER C 760 4.07 13.04 -54.10
CA SER C 760 4.23 12.73 -52.68
C SER C 760 5.53 11.95 -52.45
N GLY C 761 6.61 12.58 -52.90
CA GLY C 761 7.89 11.91 -53.00
C GLY C 761 8.36 11.31 -51.69
N MET C 762 9.29 10.37 -51.82
CA MET C 762 9.65 9.45 -50.75
C MET C 762 10.36 10.16 -49.60
N LYS C 763 10.68 11.43 -49.74
CA LYS C 763 10.99 12.28 -48.61
C LYS C 763 10.42 13.67 -48.84
N LYS C 764 10.29 14.42 -47.74
CA LYS C 764 9.59 15.69 -47.73
C LYS C 764 10.35 16.72 -46.92
N ARG C 765 10.16 17.99 -47.29
CA ARG C 765 10.74 19.11 -46.55
C ARG C 765 10.12 19.16 -45.15
N SER C 766 10.95 19.03 -44.12
CA SER C 766 10.47 18.76 -42.78
C SER C 766 9.90 19.95 -42.03
N GLY C 767 10.06 21.18 -42.49
CA GLY C 767 9.94 22.28 -41.55
C GLY C 767 10.31 23.61 -42.13
N ILE C 768 10.39 24.60 -41.24
CA ILE C 768 10.68 25.99 -41.56
C ILE C 768 11.45 26.59 -40.38
N LEU C 769 12.55 27.27 -40.68
CA LEU C 769 13.33 27.98 -39.67
C LEU C 769 13.40 29.48 -39.98
N PHE C 770 12.81 30.30 -39.12
CA PHE C 770 12.84 31.75 -39.23
C PHE C 770 13.93 32.32 -38.34
N TYR C 771 14.73 33.23 -38.90
CA TYR C 771 15.84 33.82 -38.16
C TYR C 771 16.00 35.29 -38.50
N GLY C 772 16.45 36.07 -37.51
CA GLY C 772 16.61 37.49 -37.66
C GLY C 772 16.30 38.31 -36.42
N PRO C 773 16.39 39.63 -36.54
CA PRO C 773 16.10 40.51 -35.42
C PRO C 773 14.72 40.28 -34.86
N PRO C 774 14.52 40.53 -33.57
CA PRO C 774 13.20 40.44 -32.96
C PRO C 774 12.26 41.52 -33.48
N GLY C 775 10.96 41.23 -33.38
CA GLY C 775 9.96 42.16 -33.89
C GLY C 775 9.75 42.18 -35.39
N THR C 776 9.93 41.04 -36.06
CA THR C 776 9.75 40.96 -37.50
C THR C 776 8.70 39.89 -37.84
N GLY C 777 7.77 39.67 -36.91
CA GLY C 777 6.65 38.76 -37.12
C GLY C 777 6.96 37.29 -36.95
N LYS C 778 8.17 36.92 -36.54
CA LYS C 778 8.56 35.52 -36.56
C LYS C 778 7.86 34.72 -35.48
N THR C 779 7.33 35.37 -34.45
CA THR C 779 6.31 34.72 -33.63
C THR C 779 4.97 34.71 -34.37
N LEU C 780 4.59 35.84 -34.96
CA LEU C 780 3.24 36.01 -35.49
C LEU C 780 2.91 35.00 -36.58
N MET C 781 3.88 34.67 -37.43
CA MET C 781 3.65 33.66 -38.46
C MET C 781 3.07 32.38 -37.87
N ALA C 782 3.46 32.01 -36.65
CA ALA C 782 3.00 30.75 -36.10
C ALA C 782 1.55 30.83 -35.65
N LYS C 783 1.18 31.90 -34.95
CA LYS C 783 -0.23 32.11 -34.62
C LYS C 783 -1.08 32.22 -35.87
N ALA C 784 -0.55 32.79 -36.95
CA ALA C 784 -1.27 32.81 -38.22
C ALA C 784 -1.46 31.41 -38.78
N ILE C 785 -0.40 30.61 -38.78
CA ILE C 785 -0.53 29.22 -39.21
C ILE C 785 -1.61 28.51 -38.39
N ALA C 786 -1.56 28.69 -37.07
CA ALA C 786 -2.56 28.12 -36.18
C ALA C 786 -3.97 28.63 -36.48
N THR C 787 -4.08 29.84 -37.01
CA THR C 787 -5.41 30.38 -37.27
C THR C 787 -5.99 29.87 -38.58
N ASN C 788 -5.25 30.02 -39.68
CA ASN C 788 -5.90 29.98 -40.98
C ASN C 788 -6.00 28.56 -41.51
N PHE C 789 -4.93 27.79 -41.41
CA PHE C 789 -4.99 26.41 -41.85
C PHE C 789 -5.66 25.55 -40.78
N SER C 790 -6.07 24.35 -41.21
CA SER C 790 -6.68 23.37 -40.32
C SER C 790 -5.68 22.69 -39.39
N LEU C 791 -4.39 22.99 -39.53
CA LEU C 791 -3.39 22.32 -38.72
C LEU C 791 -3.58 22.61 -37.24
N ASN C 792 -3.45 21.57 -36.42
CA ASN C 792 -3.30 21.74 -34.99
C ASN C 792 -1.91 22.28 -34.66
N PHE C 793 -1.77 22.79 -33.42
CA PHE C 793 -0.61 23.60 -33.06
C PHE C 793 -0.07 23.21 -31.68
N PHE C 794 0.57 22.03 -31.59
CA PHE C 794 1.35 21.71 -30.41
C PHE C 794 2.65 22.51 -30.41
N SER C 795 3.18 22.75 -29.21
CA SER C 795 4.37 23.56 -29.10
C SER C 795 5.00 23.33 -27.73
N VAL C 796 6.28 23.71 -27.63
CA VAL C 796 6.93 23.90 -26.34
C VAL C 796 7.58 25.27 -26.33
N LYS C 797 7.42 25.98 -25.22
CA LYS C 797 7.92 27.34 -25.06
C LYS C 797 9.38 27.29 -24.61
N GLY C 798 10.32 27.40 -25.55
CA GLY C 798 11.73 27.33 -25.25
C GLY C 798 12.13 26.18 -24.34
N PRO C 799 12.88 26.49 -23.27
CA PRO C 799 13.30 25.45 -22.33
C PRO C 799 12.20 24.97 -21.41
N GLU C 800 11.01 24.76 -21.98
CA GLU C 800 9.96 23.98 -21.36
C GLU C 800 10.37 22.52 -21.14
N LEU C 801 11.42 22.07 -21.83
CA LEU C 801 11.81 20.66 -21.78
C LEU C 801 12.62 20.32 -20.53
N LEU C 802 13.67 21.09 -20.25
CA LEU C 802 14.60 20.73 -19.18
C LEU C 802 13.91 20.66 -17.82
N ASN C 803 14.40 19.77 -16.96
CA ASN C 803 13.70 19.45 -15.73
C ASN C 803 14.70 18.96 -14.69
N MET C 804 14.23 18.91 -13.45
CA MET C 804 15.11 18.83 -12.28
C MET C 804 15.96 17.57 -12.30
N TYR C 805 15.32 16.40 -12.35
CA TYR C 805 16.04 15.13 -12.24
C TYR C 805 17.02 14.95 -13.39
N ILE C 806 17.99 14.06 -13.18
CA ILE C 806 18.73 13.48 -14.30
C ILE C 806 17.77 12.65 -15.17
N GLY C 807 18.17 12.47 -16.43
CA GLY C 807 17.36 11.76 -17.39
C GLY C 807 16.21 12.58 -17.91
N GLU C 808 16.50 13.85 -18.23
CA GLU C 808 15.46 14.83 -18.48
C GLU C 808 14.56 14.44 -19.65
N SER C 809 15.09 13.73 -20.64
CA SER C 809 14.49 13.78 -21.97
C SER C 809 13.15 13.05 -21.99
N GLU C 810 13.09 11.86 -21.39
CA GLU C 810 11.87 11.09 -21.26
C GLU C 810 10.82 11.76 -20.38
N ALA C 811 11.24 12.65 -19.49
CA ALA C 811 10.25 13.36 -18.69
C ALA C 811 9.43 14.33 -19.52
N ASN C 812 9.99 14.86 -20.60
CA ASN C 812 9.23 15.74 -21.48
C ASN C 812 9.37 15.43 -22.96
N VAL C 813 10.53 15.78 -23.52
CA VAL C 813 10.64 15.96 -24.97
C VAL C 813 10.21 14.71 -25.73
N ARG C 814 10.51 13.53 -25.19
CA ARG C 814 10.07 12.31 -25.85
C ARG C 814 8.55 12.22 -25.86
N ARG C 815 7.93 12.44 -24.70
CA ARG C 815 6.50 12.25 -24.57
C ARG C 815 5.74 13.22 -25.47
N VAL C 816 6.17 14.47 -25.51
CA VAL C 816 5.50 15.47 -26.35
C VAL C 816 5.77 15.21 -27.84
N PHE C 817 7.04 14.99 -28.21
CA PHE C 817 7.35 14.83 -29.62
C PHE C 817 6.67 13.62 -30.22
N GLN C 818 6.66 12.49 -29.50
CA GLN C 818 5.86 11.36 -29.96
C GLN C 818 4.37 11.65 -29.90
N LYS C 819 3.92 12.49 -28.97
CA LYS C 819 2.51 12.87 -28.95
C LYS C 819 2.12 13.57 -30.25
N ALA C 820 3.04 14.32 -30.84
CA ALA C 820 2.79 14.91 -32.16
C ALA C 820 2.68 13.85 -33.25
N ARG C 821 3.44 12.76 -33.16
CA ARG C 821 3.18 11.63 -34.03
C ARG C 821 1.85 10.98 -33.68
N GLU C 822 1.51 10.96 -32.39
CA GLU C 822 0.24 10.39 -31.95
C GLU C 822 -0.94 11.22 -32.44
N ALA C 823 -0.81 12.54 -32.40
CA ALA C 823 -1.84 13.39 -32.96
C ALA C 823 -1.94 13.22 -34.46
N LYS C 824 -3.06 13.67 -35.01
CA LYS C 824 -3.25 13.81 -36.43
C LYS C 824 -2.33 14.93 -36.94
N PRO C 825 -2.25 15.14 -38.28
CA PRO C 825 -1.29 16.11 -38.80
C PRO C 825 -1.30 17.46 -38.11
N CYS C 826 -0.14 17.80 -37.53
CA CYS C 826 0.00 18.88 -36.56
C CYS C 826 1.42 19.39 -36.63
N VAL C 827 1.59 20.70 -36.45
CA VAL C 827 2.94 21.23 -36.29
C VAL C 827 3.43 21.02 -34.87
N ILE C 828 4.75 21.07 -34.71
CA ILE C 828 5.41 21.47 -33.48
C ILE C 828 6.07 22.82 -33.70
N PHE C 829 5.76 23.78 -32.83
CA PHE C 829 6.41 25.07 -32.86
C PHE C 829 7.50 25.16 -31.82
N PHE C 830 8.65 25.70 -32.22
CA PHE C 830 9.76 25.99 -31.31
C PHE C 830 10.08 27.47 -31.37
N ASP C 831 10.48 28.04 -30.23
CA ASP C 831 11.16 29.30 -30.22
C ASP C 831 12.45 29.19 -29.41
N GLN C 832 13.40 30.08 -29.72
CA GLN C 832 14.66 30.18 -29.00
C GLN C 832 15.46 28.87 -29.02
N ILE C 833 15.50 28.21 -30.19
CA ILE C 833 16.32 27.01 -30.34
C ILE C 833 17.77 27.26 -29.94
N ASP C 834 18.27 28.47 -30.20
CA ASP C 834 19.59 28.86 -29.73
C ASP C 834 19.74 28.75 -28.22
N SER C 835 18.64 28.63 -27.49
CA SER C 835 18.67 28.29 -26.08
C SER C 835 18.47 26.80 -25.80
N VAL C 836 17.77 26.09 -26.67
CA VAL C 836 17.41 24.71 -26.40
C VAL C 836 18.50 23.75 -26.86
N ALA C 837 19.17 24.03 -27.99
CA ALA C 837 20.15 23.11 -28.56
C ALA C 837 21.47 23.81 -28.77
N PRO C 838 22.24 24.02 -27.69
CA PRO C 838 23.60 24.53 -27.83
C PRO C 838 24.43 23.65 -28.75
N LYS C 839 25.32 24.29 -29.51
CA LYS C 839 26.23 23.55 -30.37
C LYS C 839 27.09 22.60 -29.53
N ARG C 840 26.96 21.30 -29.81
CA ARG C 840 27.48 20.28 -28.90
C ARG C 840 28.97 20.44 -28.66
N GLY C 841 29.70 20.93 -29.65
CA GLY C 841 31.14 21.15 -29.50
C GLY C 841 31.52 22.14 -28.41
N ASN C 842 30.61 23.06 -28.06
CA ASN C 842 30.81 23.96 -26.92
C ASN C 842 30.45 23.21 -25.63
N GLN C 843 31.29 22.23 -25.30
CA GLN C 843 30.99 21.29 -24.22
C GLN C 843 30.74 22.01 -22.91
N GLY C 844 29.77 21.52 -22.15
CA GLY C 844 29.35 22.12 -20.89
C GLY C 844 29.69 21.21 -19.72
N ASP C 845 30.11 21.83 -18.62
CA ASP C 845 30.31 21.13 -17.35
C ASP C 845 28.95 20.79 -16.74
N SER C 846 28.98 20.33 -15.48
CA SER C 846 27.81 20.26 -14.61
C SER C 846 26.72 19.35 -15.17
N GLY C 847 27.12 18.19 -15.66
CA GLY C 847 26.21 17.20 -16.20
C GLY C 847 25.91 17.27 -17.67
N GLY C 848 26.36 18.33 -18.36
CA GLY C 848 26.35 18.35 -19.82
C GLY C 848 24.98 18.15 -20.43
N VAL C 849 23.92 18.52 -19.70
CA VAL C 849 22.56 18.12 -20.04
C VAL C 849 22.20 18.54 -21.46
N MET C 850 22.76 19.66 -21.92
CA MET C 850 22.60 20.07 -23.30
C MET C 850 22.92 18.96 -24.29
N ASP C 851 23.88 18.09 -23.97
CA ASP C 851 24.17 16.98 -24.85
C ASP C 851 23.04 15.95 -24.83
N ARG C 852 22.37 15.83 -23.70
CA ARG C 852 21.29 14.85 -23.55
C ARG C 852 20.07 15.30 -24.34
N ILE C 853 19.66 16.55 -24.13
CA ILE C 853 18.57 17.12 -24.92
C ILE C 853 18.89 17.04 -26.40
N VAL C 854 20.04 17.55 -26.82
CA VAL C 854 20.31 17.65 -28.25
C VAL C 854 20.35 16.27 -28.90
N SER C 855 20.93 15.28 -28.22
CA SER C 855 20.93 13.93 -28.77
C SER C 855 19.53 13.36 -28.90
N GLN C 856 18.71 13.49 -27.86
CA GLN C 856 17.36 12.92 -27.95
C GLN C 856 16.53 13.65 -28.99
N LEU C 857 16.70 14.98 -29.09
CA LEU C 857 15.94 15.76 -30.05
C LEU C 857 16.29 15.38 -31.48
N LEU C 858 17.58 15.28 -31.80
CA LEU C 858 17.97 14.80 -33.13
C LEU C 858 17.43 13.40 -33.39
N ALA C 859 17.58 12.48 -32.43
CA ALA C 859 17.13 11.11 -32.64
C ALA C 859 15.63 11.02 -32.89
N GLU C 860 14.83 11.75 -32.11
CA GLU C 860 13.38 11.75 -32.34
C GLU C 860 13.00 12.49 -33.61
N LEU C 861 13.75 13.53 -33.98
CA LEU C 861 13.43 14.32 -35.15
C LEU C 861 13.77 13.59 -36.45
N ASP C 862 15.06 13.37 -36.68
CA ASP C 862 15.58 13.28 -38.03
C ASP C 862 15.50 11.85 -38.57
N GLY C 863 15.98 11.67 -39.80
CA GLY C 863 15.89 10.39 -40.48
C GLY C 863 14.50 10.17 -41.03
N MET C 864 13.50 10.23 -40.15
CA MET C 864 12.07 10.26 -40.52
C MET C 864 11.72 9.23 -41.60
N SER C 865 12.44 8.12 -41.62
CA SER C 865 12.08 7.03 -42.52
C SER C 865 10.77 6.38 -42.07
N THR C 866 9.89 6.13 -43.04
CA THR C 866 8.60 5.47 -42.79
C THR C 866 7.74 6.31 -41.84
N ASP C 867 7.93 7.64 -41.85
CA ASP C 867 7.45 8.46 -40.74
C ASP C 867 6.97 9.83 -41.22
N ALA C 868 6.67 9.98 -42.52
CA ALA C 868 6.24 11.25 -43.07
C ALA C 868 4.77 11.56 -42.73
N ASP C 869 4.48 11.59 -41.43
CA ASP C 869 3.13 11.79 -40.93
C ASP C 869 2.79 13.26 -40.73
N GLY C 870 3.32 14.15 -41.56
CA GLY C 870 2.95 15.55 -41.52
C GLY C 870 3.49 16.30 -40.32
N VAL C 871 4.50 15.76 -39.65
CA VAL C 871 5.02 16.37 -38.43
C VAL C 871 5.94 17.53 -38.77
N PHE C 872 5.39 18.59 -39.35
CA PHE C 872 6.18 19.79 -39.63
C PHE C 872 6.62 20.46 -38.34
N VAL C 873 7.93 20.62 -38.16
CA VAL C 873 8.46 21.39 -37.04
C VAL C 873 8.94 22.74 -37.55
N ILE C 874 8.41 23.81 -36.97
CA ILE C 874 8.61 25.17 -37.46
C ILE C 874 8.96 26.05 -36.28
N GLY C 875 9.85 27.02 -36.48
CA GLY C 875 10.26 27.76 -35.32
C GLY C 875 11.15 28.95 -35.65
N ALA C 876 11.48 29.67 -34.59
CA ALA C 876 12.15 30.96 -34.66
C ALA C 876 13.36 30.99 -33.74
N THR C 877 14.32 31.84 -34.09
CA THR C 877 15.56 31.99 -33.33
C THR C 877 15.98 33.45 -33.41
N ASN C 878 16.78 33.88 -32.43
CA ASN C 878 17.41 35.19 -32.53
C ASN C 878 18.66 35.16 -33.41
N ARG C 879 19.62 34.28 -33.10
CA ARG C 879 20.96 34.38 -33.67
C ARG C 879 21.49 32.98 -34.00
N PRO C 880 21.47 32.60 -35.27
CA PRO C 880 21.56 31.19 -35.65
C PRO C 880 22.95 30.58 -35.46
N ASP C 881 23.99 31.39 -35.26
CA ASP C 881 25.31 30.84 -34.97
C ASP C 881 25.30 29.92 -33.76
N LEU C 882 24.42 30.18 -32.79
CA LEU C 882 24.36 29.33 -31.61
C LEU C 882 23.58 28.04 -31.83
N LEU C 883 22.93 27.89 -32.97
CA LEU C 883 22.29 26.62 -33.28
C LEU C 883 23.33 25.52 -33.45
N ASP C 884 22.97 24.32 -33.02
CA ASP C 884 23.79 23.14 -33.24
C ASP C 884 23.84 22.76 -34.73
N GLU C 885 24.80 21.88 -35.06
CA GLU C 885 24.85 21.18 -36.33
C GLU C 885 23.62 20.30 -36.59
N ALA C 886 22.69 20.28 -35.64
CA ALA C 886 21.29 20.00 -35.97
C ALA C 886 20.88 20.74 -37.22
N LEU C 887 21.34 21.99 -37.36
CA LEU C 887 21.31 22.71 -38.64
C LEU C 887 22.60 22.45 -39.41
N LEU C 888 22.54 21.53 -40.40
CA LEU C 888 23.70 21.22 -41.22
C LEU C 888 23.28 20.86 -42.64
N ARG C 889 22.04 21.13 -43.00
CA ARG C 889 21.37 20.80 -44.26
C ARG C 889 21.33 19.30 -44.55
N PRO C 890 20.88 18.47 -43.61
CA PRO C 890 20.23 17.20 -44.02
C PRO C 890 18.79 17.40 -44.46
N GLY C 891 18.23 18.60 -44.31
CA GLY C 891 16.80 18.77 -44.43
C GLY C 891 16.00 18.32 -43.23
N ARG C 892 16.64 18.18 -42.07
CA ARG C 892 15.89 17.84 -40.86
C ARG C 892 15.26 19.05 -40.20
N PHE C 893 15.87 20.23 -40.30
CA PHE C 893 15.19 21.44 -39.85
C PHE C 893 15.60 22.65 -40.68
N ASP C 894 16.34 22.45 -41.76
CA ASP C 894 17.26 23.41 -42.35
C ASP C 894 16.66 24.27 -43.44
N LYS C 895 15.33 24.32 -43.54
CA LYS C 895 14.68 25.30 -44.39
C LYS C 895 14.79 26.71 -43.81
N LEU C 896 15.98 27.27 -43.92
CA LEU C 896 16.26 28.64 -43.51
C LEU C 896 15.51 29.65 -44.37
N LEU C 897 14.75 30.53 -43.72
CA LEU C 897 14.14 31.68 -44.36
C LEU C 897 14.39 32.92 -43.52
N TYR C 898 14.95 33.94 -44.13
CA TYR C 898 15.24 35.20 -43.45
C TYR C 898 14.03 36.13 -43.43
N LEU C 899 13.96 36.95 -42.39
CA LEU C 899 13.09 38.12 -42.32
C LEU C 899 13.90 39.29 -41.81
N GLY C 900 13.65 40.48 -42.34
CA GLY C 900 14.45 41.62 -41.99
C GLY C 900 13.79 42.95 -42.24
N ILE C 901 14.63 43.99 -42.24
CA ILE C 901 14.16 45.38 -42.45
C ILE C 901 13.50 45.49 -43.82
N PRO C 902 12.27 46.01 -43.89
CA PRO C 902 11.54 46.04 -45.16
C PRO C 902 12.20 46.92 -46.22
N ASP C 903 11.73 46.74 -47.44
CA ASP C 903 12.00 47.68 -48.52
C ASP C 903 11.35 49.03 -48.26
N THR C 904 12.09 50.09 -48.59
CA THR C 904 11.82 51.41 -48.04
C THR C 904 10.48 51.98 -48.53
N ASP C 905 10.03 51.59 -49.72
CA ASP C 905 9.16 52.48 -50.46
C ASP C 905 7.68 52.31 -50.13
N THR C 906 7.18 51.08 -50.04
CA THR C 906 5.75 50.88 -49.79
C THR C 906 5.47 49.71 -48.88
N LYS C 907 6.46 48.91 -48.52
CA LYS C 907 6.21 47.78 -47.63
C LYS C 907 5.92 48.22 -46.20
N GLN C 908 6.49 49.35 -45.77
CA GLN C 908 6.02 49.99 -44.55
C GLN C 908 4.54 50.36 -44.64
N LEU C 909 4.08 50.80 -45.81
CA LEU C 909 2.65 51.00 -46.00
C LEU C 909 1.88 49.70 -45.86
N ASN C 910 2.35 48.64 -46.51
CA ASN C 910 1.68 47.35 -46.37
C ASN C 910 1.62 46.90 -44.91
N ILE C 911 2.65 47.23 -44.15
CA ILE C 911 2.64 47.00 -42.71
C ILE C 911 1.53 47.80 -42.04
N LEU C 912 1.53 49.11 -42.27
CA LEU C 912 0.57 49.98 -41.60
C LEU C 912 -0.87 49.58 -41.93
N GLU C 913 -1.15 49.33 -43.21
CA GLU C 913 -2.48 48.87 -43.59
C GLU C 913 -2.83 47.53 -42.95
N ALA C 914 -1.88 46.59 -42.91
CA ALA C 914 -2.19 45.30 -42.28
C ALA C 914 -2.53 45.48 -40.81
N LEU C 915 -1.74 46.27 -40.09
CA LEU C 915 -2.07 46.58 -38.71
C LEU C 915 -3.29 47.51 -38.60
N THR C 916 -3.66 48.17 -39.69
CA THR C 916 -4.90 48.94 -39.75
C THR C 916 -6.12 48.08 -40.03
N ARG C 917 -5.94 46.78 -40.26
CA ARG C 917 -7.08 45.87 -40.36
C ARG C 917 -7.95 45.94 -39.11
N LYS C 918 -9.23 46.21 -39.33
CA LYS C 918 -10.24 46.45 -38.29
C LYS C 918 -9.96 47.70 -37.46
N PHE C 919 -8.86 48.39 -37.75
CA PHE C 919 -8.74 49.76 -37.29
C PHE C 919 -9.72 50.64 -38.09
N VAL C 920 -9.83 51.91 -37.70
CA VAL C 920 -10.76 52.81 -38.38
C VAL C 920 -10.09 54.16 -38.61
N LEU C 921 -10.30 54.71 -39.80
CA LEU C 921 -9.85 56.05 -40.18
C LEU C 921 -10.73 56.50 -41.33
N ASP C 922 -11.23 57.73 -41.26
CA ASP C 922 -12.35 58.13 -42.09
C ASP C 922 -12.20 59.58 -42.54
N ASN C 923 -11.09 59.89 -43.22
CA ASN C 923 -10.90 61.23 -43.77
C ASN C 923 -9.93 61.15 -44.94
N ASP C 924 -9.55 62.32 -45.46
CA ASP C 924 -8.60 62.46 -46.56
C ASP C 924 -7.16 62.16 -46.18
N VAL C 925 -6.85 61.85 -44.92
CA VAL C 925 -5.51 61.46 -44.56
C VAL C 925 -5.28 60.01 -44.98
N LYS C 926 -5.09 59.81 -46.28
CA LYS C 926 -4.79 58.49 -46.82
C LYS C 926 -3.50 57.92 -46.22
N LEU C 927 -3.47 56.59 -46.14
CA LEU C 927 -2.32 55.89 -45.55
C LEU C 927 -1.02 56.16 -46.28
N ILE C 928 -1.09 56.53 -47.56
CA ILE C 928 0.10 57.03 -48.27
C ILE C 928 0.74 58.20 -47.53
N GLU C 929 -0.09 59.12 -47.03
CA GLU C 929 0.44 60.28 -46.31
C GLU C 929 1.18 59.88 -45.04
N LEU C 930 0.59 59.00 -44.24
CA LEU C 930 1.27 58.48 -43.05
C LEU C 930 2.56 57.76 -43.42
N ALA C 931 2.50 56.86 -44.41
CA ALA C 931 3.66 56.08 -44.80
C ALA C 931 4.78 56.95 -45.39
N LYS C 932 4.45 58.11 -45.94
CA LYS C 932 5.50 59.03 -46.35
C LYS C 932 6.00 59.89 -45.19
N LEU C 933 5.10 60.30 -44.29
CA LEU C 933 5.50 61.11 -43.15
C LEU C 933 6.42 60.38 -42.18
N CYS C 934 6.22 59.08 -41.99
CA CYS C 934 7.14 58.31 -41.17
C CYS C 934 8.51 58.21 -41.82
N PRO C 935 9.58 58.59 -41.13
CA PRO C 935 10.93 58.35 -41.64
C PRO C 935 11.27 56.87 -41.60
N PHE C 936 12.31 56.52 -42.36
CA PHE C 936 12.76 55.14 -42.40
C PHE C 936 13.55 54.78 -41.14
N ASN C 937 14.07 53.55 -41.14
CA ASN C 937 14.78 52.88 -40.06
C ASN C 937 13.91 52.53 -38.86
N TYR C 938 12.73 53.13 -38.74
CA TYR C 938 11.65 52.47 -38.02
C TYR C 938 11.29 51.18 -38.74
N THR C 939 11.00 50.13 -37.98
CA THR C 939 10.86 48.82 -38.60
C THR C 939 9.84 47.97 -37.86
N GLY C 940 9.19 47.10 -38.62
CA GLY C 940 8.36 46.04 -38.09
C GLY C 940 7.42 46.45 -36.98
N ALA C 941 7.52 45.73 -35.86
CA ALA C 941 6.66 45.95 -34.71
C ALA C 941 6.77 47.36 -34.13
N ASP C 942 7.81 48.11 -34.45
CA ASP C 942 7.83 49.50 -33.99
C ASP C 942 6.75 50.33 -34.65
N PHE C 943 6.33 49.98 -35.86
CA PHE C 943 5.15 50.63 -36.42
C PHE C 943 3.87 50.22 -35.70
N TYR C 944 3.82 48.99 -35.17
CA TYR C 944 2.72 48.65 -34.28
C TYR C 944 2.78 49.46 -32.99
N ALA C 945 3.97 49.72 -32.49
CA ALA C 945 4.09 50.67 -31.39
C ALA C 945 3.58 52.06 -31.76
N LEU C 946 3.89 52.50 -32.98
CA LEU C 946 3.43 53.81 -33.45
C LEU C 946 1.91 53.89 -33.52
N CYS C 947 1.27 52.81 -33.97
CA CYS C 947 -0.19 52.77 -33.90
C CYS C 947 -0.66 52.64 -32.47
N SER C 948 0.09 51.93 -31.64
CA SER C 948 -0.35 51.65 -30.28
C SER C 948 -0.45 52.94 -29.49
N ASP C 949 0.62 53.74 -29.50
CA ASP C 949 0.61 55.00 -28.77
C ASP C 949 -0.18 56.10 -29.48
N ALA C 950 -0.33 56.06 -30.81
CA ALA C 950 -1.34 56.91 -31.43
C ALA C 950 -2.74 56.59 -30.93
N MET C 951 -3.08 55.30 -30.85
CA MET C 951 -4.37 54.88 -30.29
C MET C 951 -4.52 55.31 -28.85
N LEU C 952 -3.47 55.13 -28.05
CA LEU C 952 -3.47 55.59 -26.67
C LEU C 952 -3.77 57.08 -26.55
N ASN C 953 -3.12 57.91 -27.36
CA ASN C 953 -3.45 59.33 -27.30
C ASN C 953 -4.82 59.65 -27.90
N ALA C 954 -5.30 58.88 -28.86
CA ALA C 954 -6.66 59.05 -29.35
C ALA C 954 -7.70 58.74 -28.28
N MET C 955 -7.57 57.62 -27.60
CA MET C 955 -8.43 57.34 -26.47
C MET C 955 -8.23 58.33 -25.33
N SER C 956 -7.03 58.88 -25.16
CA SER C 956 -6.85 59.95 -24.17
C SER C 956 -7.66 61.19 -24.56
N ARG C 957 -7.63 61.56 -25.83
CA ARG C 957 -8.47 62.64 -26.33
C ARG C 957 -9.94 62.38 -26.04
N ILE C 958 -10.41 61.19 -26.35
CA ILE C 958 -11.80 60.82 -26.06
C ILE C 958 -12.08 60.84 -24.56
N ALA C 959 -11.14 60.35 -23.75
CA ALA C 959 -11.32 60.35 -22.31
C ALA C 959 -11.43 61.76 -21.73
N ARG C 960 -10.58 62.69 -22.17
CA ARG C 960 -10.71 64.07 -21.72
C ARG C 960 -11.95 64.77 -22.29
N MET C 961 -12.36 64.43 -23.50
CA MET C 961 -13.64 64.92 -24.01
C MET C 961 -14.80 64.42 -23.15
N VAL C 962 -14.77 63.14 -22.78
CA VAL C 962 -15.74 62.58 -21.84
C VAL C 962 -15.68 63.28 -20.50
N GLU C 963 -14.47 63.57 -20.01
CA GLU C 963 -14.33 64.29 -18.75
C GLU C 963 -14.98 65.67 -18.81
N LYS C 964 -14.77 66.39 -19.92
CA LYS C 964 -15.48 67.65 -20.14
C LYS C 964 -16.99 67.46 -20.17
N LYS C 965 -17.47 66.53 -21.00
CA LYS C 965 -18.91 66.37 -21.18
C LYS C 965 -19.60 65.91 -19.90
N VAL C 966 -18.97 65.01 -19.14
CA VAL C 966 -19.50 64.61 -17.85
C VAL C 966 -19.44 65.73 -16.82
N SER C 967 -18.41 66.58 -16.87
CA SER C 967 -18.41 67.75 -15.98
C SER C 967 -19.56 68.69 -16.31
N GLN C 968 -19.72 69.04 -17.59
CA GLN C 968 -20.81 69.90 -18.03
C GLN C 968 -22.18 69.29 -17.76
N HIS C 969 -22.28 67.96 -17.83
CA HIS C 969 -23.48 67.27 -17.35
C HIS C 969 -23.69 67.49 -15.86
N ASN C 970 -22.73 67.08 -15.03
CA ASN C 970 -22.89 67.14 -13.58
C ASN C 970 -23.18 68.56 -13.10
N GLU C 971 -22.69 69.57 -13.82
CA GLU C 971 -23.04 70.95 -13.52
C GLU C 971 -24.51 71.28 -13.74
N LEU C 972 -25.23 70.50 -14.55
CA LEU C 972 -26.59 70.85 -14.96
C LEU C 972 -27.65 69.83 -14.60
N THR C 973 -27.33 68.55 -14.56
CA THR C 973 -28.26 67.49 -14.21
C THR C 973 -27.44 66.33 -13.67
N GLY C 974 -28.05 65.54 -12.78
CA GLY C 974 -27.37 64.44 -12.14
C GLY C 974 -26.22 64.94 -11.29
N GLU C 975 -26.56 65.79 -10.32
CA GLU C 975 -25.55 66.46 -9.49
C GLU C 975 -24.72 65.49 -8.65
N ASN C 976 -25.21 64.27 -8.41
CA ASN C 976 -24.49 63.28 -7.61
C ASN C 976 -24.40 61.98 -8.40
N ILE C 977 -23.43 61.92 -9.30
CA ILE C 977 -23.28 60.81 -10.24
C ILE C 977 -21.80 60.66 -10.54
N SER C 978 -21.41 59.46 -10.99
CA SER C 978 -20.00 59.28 -11.34
C SER C 978 -19.77 58.38 -12.55
N THR C 979 -20.40 57.21 -12.59
CA THR C 979 -19.95 56.19 -13.53
C THR C 979 -21.08 55.36 -14.11
N ARG C 980 -21.54 54.34 -13.36
CA ARG C 980 -22.44 53.34 -13.92
C ARG C 980 -23.73 53.96 -14.43
N ARG C 981 -24.39 54.75 -13.59
CA ARG C 981 -25.58 55.49 -14.00
C ARG C 981 -25.30 56.41 -15.18
N TRP C 982 -24.13 57.07 -15.19
CA TRP C 982 -23.78 57.95 -16.29
C TRP C 982 -23.70 57.18 -17.61
N PHE C 983 -22.86 56.15 -17.66
CA PHE C 983 -22.73 55.36 -18.89
C PHE C 983 -24.05 54.69 -19.29
N ASP C 984 -24.84 54.24 -18.32
CA ASP C 984 -26.14 53.64 -18.62
C ASP C 984 -27.20 54.65 -18.99
N LYS C 985 -26.95 55.94 -18.84
CA LYS C 985 -27.93 56.93 -19.27
C LYS C 985 -27.48 57.77 -20.46
N ILE C 986 -26.19 57.82 -20.75
CA ILE C 986 -25.75 58.21 -22.09
C ILE C 986 -25.99 57.06 -23.07
N ALA C 987 -26.06 57.43 -24.35
CA ALA C 987 -26.39 56.47 -25.41
C ALA C 987 -25.65 56.83 -26.69
N THR C 988 -24.37 57.17 -26.57
CA THR C 988 -23.59 57.60 -27.71
C THR C 988 -23.41 56.49 -28.73
N LYS C 989 -23.49 56.86 -30.01
CA LYS C 989 -23.29 55.96 -31.15
C LYS C 989 -22.57 56.62 -32.32
N GLU C 990 -22.67 57.94 -32.49
CA GLU C 990 -21.81 58.69 -33.38
C GLU C 990 -20.39 58.79 -32.85
N ASP C 991 -20.23 59.10 -31.56
CA ASP C 991 -18.90 59.22 -30.97
C ASP C 991 -18.24 57.85 -30.76
N THR C 992 -19.02 56.81 -30.49
CA THR C 992 -18.47 55.58 -29.93
C THR C 992 -17.52 54.87 -30.89
N LYS C 993 -17.55 55.19 -32.18
CA LYS C 993 -16.52 54.69 -33.08
C LYS C 993 -15.17 55.32 -32.84
N VAL C 994 -15.12 56.44 -32.12
CA VAL C 994 -13.91 57.08 -31.58
C VAL C 994 -12.77 57.14 -32.59
N VAL C 995 -13.08 57.50 -33.84
CA VAL C 995 -12.10 57.50 -34.91
C VAL C 995 -11.10 58.62 -34.67
N VAL C 996 -9.81 58.30 -34.75
CA VAL C 996 -8.80 59.34 -34.81
C VAL C 996 -8.88 60.07 -36.14
N LYS C 997 -8.88 61.40 -36.07
CA LYS C 997 -8.84 62.20 -37.28
C LYS C 997 -7.40 62.38 -37.77
N MET C 998 -6.54 62.96 -36.93
CA MET C 998 -5.11 62.96 -37.19
C MET C 998 -4.38 63.29 -35.90
N GLU C 999 -3.20 63.91 -36.02
CA GLU C 999 -2.45 64.50 -34.91
C GLU C 999 -1.86 63.49 -33.94
N ASP C 1000 -2.63 62.47 -33.57
CA ASP C 1000 -2.06 61.34 -32.84
C ASP C 1000 -0.94 60.66 -33.61
N PHE C 1001 -1.04 60.60 -34.93
CA PHE C 1001 0.09 60.17 -35.74
C PHE C 1001 1.30 61.08 -35.60
N LEU C 1002 1.10 62.39 -35.65
CA LEU C 1002 2.25 63.28 -35.60
C LEU C 1002 2.96 63.22 -34.25
N LYS C 1003 2.20 63.22 -33.16
CA LYS C 1003 2.83 63.07 -31.85
C LYS C 1003 3.34 61.67 -31.56
N ALA C 1004 2.81 60.65 -32.23
CA ALA C 1004 3.49 59.36 -32.22
C ALA C 1004 4.83 59.41 -32.93
N GLN C 1005 4.90 60.07 -34.08
CA GLN C 1005 6.17 60.26 -34.77
C GLN C 1005 7.15 61.08 -33.96
N GLU C 1006 6.65 62.00 -33.14
CA GLU C 1006 7.54 62.72 -32.23
C GLU C 1006 8.00 61.84 -31.07
N GLN C 1007 7.09 61.09 -30.47
CA GLN C 1007 7.41 60.35 -29.25
C GLN C 1007 8.13 59.04 -29.51
N LEU C 1008 7.80 58.33 -30.60
CA LEU C 1008 8.46 57.06 -30.84
C LEU C 1008 9.85 57.23 -31.44
N THR C 1009 10.70 56.24 -31.20
CA THR C 1009 12.04 56.12 -31.76
C THR C 1009 12.27 54.66 -32.11
N PRO C 1010 13.17 54.39 -33.08
CA PRO C 1010 13.45 52.98 -33.43
C PRO C 1010 13.93 52.18 -32.22
N SER C 1011 13.30 51.02 -32.02
CA SER C 1011 13.58 50.21 -30.84
C SER C 1011 14.93 49.48 -30.90
N VAL C 1012 15.40 49.10 -32.08
CA VAL C 1012 16.78 48.69 -32.28
C VAL C 1012 17.51 49.69 -33.17
N SER C 1013 18.59 50.26 -32.65
CA SER C 1013 19.40 51.20 -33.40
C SER C 1013 20.33 50.47 -34.37
N ARG C 1014 20.85 51.24 -35.34
CA ARG C 1014 21.80 50.69 -36.30
C ARG C 1014 23.00 50.05 -35.61
N ALA C 1015 23.44 50.60 -34.47
CA ALA C 1015 24.50 49.96 -33.69
C ALA C 1015 24.04 48.64 -33.12
N GLU C 1016 22.74 48.45 -32.95
CA GLU C 1016 22.22 47.13 -32.62
C GLU C 1016 22.02 46.28 -33.87
N LEU C 1017 21.54 46.90 -34.96
CA LEU C 1017 21.39 46.17 -36.22
C LEU C 1017 22.69 45.52 -36.68
N ASN C 1018 23.84 46.19 -36.49
CA ASN C 1018 25.10 45.66 -36.98
C ASN C 1018 25.43 44.29 -36.39
N HIS C 1019 25.00 44.04 -35.16
CA HIS C 1019 25.24 42.77 -34.50
C HIS C 1019 24.44 41.64 -35.12
N TYR C 1020 23.27 41.96 -35.68
CA TYR C 1020 22.52 40.98 -36.45
C TYR C 1020 23.00 40.89 -37.90
N GLU C 1021 23.37 42.02 -38.47
CA GLU C 1021 23.82 42.08 -39.86
C GLU C 1021 25.12 41.30 -40.06
N ALA C 1022 25.95 41.19 -39.01
CA ALA C 1022 27.08 40.27 -39.05
C ALA C 1022 26.64 38.83 -39.30
N VAL C 1023 25.71 38.31 -38.49
CA VAL C 1023 25.30 36.91 -38.67
C VAL C 1023 24.52 36.75 -39.96
N ARG C 1024 23.75 37.75 -40.35
CA ARG C 1024 23.18 37.83 -41.70
C ARG C 1024 24.24 37.62 -42.77
N ALA C 1025 25.39 38.28 -42.61
CA ALA C 1025 26.49 38.15 -43.56
C ALA C 1025 27.28 36.86 -43.40
N ASN C 1026 27.04 36.08 -42.35
CA ASN C 1026 27.59 34.72 -42.32
C ASN C 1026 26.85 33.80 -43.27
N PHE C 1027 25.61 34.13 -43.63
CA PHE C 1027 24.75 33.27 -44.45
C PHE C 1027 24.76 31.83 -43.95
N GLU C 1028 24.86 31.68 -42.63
CA GLU C 1028 25.05 30.38 -41.99
C GLU C 1028 26.21 29.61 -42.59
N GLY C 1029 27.33 30.31 -42.78
CA GLY C 1029 28.53 29.64 -43.27
C GLY C 1029 28.64 29.50 -44.77
N ALA C 1030 28.29 30.52 -45.53
CA ALA C 1030 28.39 30.46 -46.99
C ALA C 1030 28.91 31.77 -47.56
N THR D 1 -76.03 -0.08 -15.79
CA THR D 1 -74.78 0.33 -16.41
C THR D 1 -74.90 1.73 -17.01
N ILE D 2 -75.68 1.85 -18.08
CA ILE D 2 -75.87 3.13 -18.73
C ILE D 2 -76.56 4.10 -17.77
N LEU D 3 -76.27 5.39 -17.94
CA LEU D 3 -76.91 6.43 -17.14
C LEU D 3 -78.42 6.36 -17.26
N LYS D 4 -79.10 6.75 -16.18
CA LYS D 4 -80.56 6.88 -16.25
C LYS D 4 -80.96 8.09 -17.09
N ASN D 5 -80.24 9.21 -16.95
CA ASN D 5 -80.44 10.35 -17.82
C ASN D 5 -79.74 10.13 -19.16
N GLY D 6 -80.34 10.67 -20.21
CA GLY D 6 -79.78 10.62 -21.56
C GLY D 6 -78.82 11.77 -21.82
N ALA D 7 -79.00 12.43 -22.96
CA ALA D 7 -78.17 13.59 -23.34
C ALA D 7 -76.69 13.23 -23.43
N ILE D 8 -76.39 12.09 -24.05
CA ILE D 8 -75.01 11.65 -24.23
C ILE D 8 -74.85 11.04 -25.62
N GLN D 9 -73.74 11.39 -26.29
CA GLN D 9 -73.20 10.60 -27.38
C GLN D 9 -71.68 10.72 -27.35
N LEU D 10 -70.99 9.65 -27.75
CA LEU D 10 -69.65 9.40 -27.24
C LEU D 10 -68.53 10.00 -28.10
N LEU D 11 -68.82 10.36 -29.35
CA LEU D 11 -67.85 10.95 -30.27
C LEU D 11 -66.52 10.22 -30.31
N LYS D 12 -65.47 10.81 -29.72
CA LYS D 12 -64.15 10.19 -29.73
C LYS D 12 -63.37 10.56 -28.48
N LYS D 13 -62.44 9.70 -28.10
CA LYS D 13 -61.40 9.99 -27.12
C LYS D 13 -60.28 10.83 -27.73
N VAL D 14 -59.56 11.55 -26.86
CA VAL D 14 -58.26 12.10 -27.16
C VAL D 14 -57.36 11.94 -25.94
N ILE D 15 -56.06 11.76 -26.19
CA ILE D 15 -55.02 11.79 -25.16
C ILE D 15 -54.22 13.07 -25.32
N LEU D 16 -54.10 13.84 -24.24
CA LEU D 16 -53.66 15.23 -24.33
C LEU D 16 -52.56 15.51 -23.32
N ARG D 17 -51.68 16.43 -23.68
CA ARG D 17 -50.52 16.78 -22.88
C ARG D 17 -50.94 17.43 -21.57
N SER D 18 -50.82 16.68 -20.48
CA SER D 18 -51.16 17.18 -19.17
C SER D 18 -50.17 18.25 -18.72
N THR D 19 -50.71 19.33 -18.13
CA THR D 19 -49.89 20.44 -17.65
C THR D 19 -50.48 20.97 -16.35
N VAL D 20 -49.59 21.35 -15.43
CA VAL D 20 -49.95 22.07 -14.21
C VAL D 20 -49.82 23.57 -14.40
N CYS D 21 -49.56 23.99 -15.64
CA CYS D 21 -48.83 25.22 -15.91
C CYS D 21 -49.74 26.46 -15.94
N LYS D 22 -50.81 26.48 -15.15
CA LYS D 22 -51.69 27.63 -15.13
C LYS D 22 -52.32 27.73 -13.75
N MET D 23 -52.56 28.97 -13.32
CA MET D 23 -53.03 29.25 -11.98
C MET D 23 -54.31 30.09 -11.92
N ASP D 24 -54.87 30.50 -13.05
CA ASP D 24 -55.93 31.49 -13.09
C ASP D 24 -57.33 30.87 -13.04
N PHE D 25 -57.46 29.61 -12.65
CA PHE D 25 -58.78 29.12 -12.27
C PHE D 25 -59.27 29.81 -11.01
N PRO D 26 -60.36 30.56 -11.07
CA PRO D 26 -60.90 31.18 -9.86
C PRO D 26 -61.65 30.15 -9.02
N LYS D 27 -61.76 30.46 -7.73
CA LYS D 27 -62.73 29.76 -6.89
C LYS D 27 -64.16 29.99 -7.39
N ASP D 28 -64.37 31.01 -8.22
CA ASP D 28 -65.66 31.26 -8.83
C ASP D 28 -66.13 30.13 -9.74
N ASN D 29 -65.22 29.26 -10.17
CA ASN D 29 -65.58 28.14 -11.02
C ASN D 29 -64.98 26.85 -10.51
N LEU D 30 -65.72 25.76 -10.65
CA LEU D 30 -65.34 24.45 -10.14
C LEU D 30 -65.47 23.40 -11.23
N PHE D 31 -64.57 22.43 -11.21
CA PHE D 31 -64.51 21.35 -12.20
C PHE D 31 -64.53 21.87 -13.65
N VAL D 32 -63.56 22.73 -13.95
CA VAL D 32 -63.33 23.18 -15.32
C VAL D 32 -61.84 23.02 -15.62
N VAL D 33 -61.53 22.78 -16.90
CA VAL D 33 -60.16 22.65 -17.38
C VAL D 33 -60.04 23.35 -18.73
N TYR D 34 -58.83 23.81 -19.04
CA TYR D 34 -58.59 24.64 -20.21
C TYR D 34 -58.00 23.81 -21.34
N ILE D 35 -58.49 24.04 -22.56
CA ILE D 35 -57.93 23.47 -23.79
C ILE D 35 -57.49 24.62 -24.68
N SER D 36 -56.43 24.38 -25.44
CA SER D 36 -55.92 25.37 -26.38
C SER D 36 -57.01 25.83 -27.34
N ASP D 37 -57.06 27.14 -27.57
CA ASP D 37 -57.76 27.68 -28.72
C ASP D 37 -57.13 27.14 -30.01
N GLY D 38 -57.96 27.00 -31.04
CA GLY D 38 -57.47 26.48 -32.30
C GLY D 38 -58.49 25.65 -33.05
N ALA D 39 -59.52 25.19 -32.35
CA ALA D 39 -60.64 24.54 -32.99
C ALA D 39 -61.92 24.85 -32.22
N GLN D 40 -63.04 24.84 -32.93
CA GLN D 40 -64.32 25.13 -32.32
C GLN D 40 -64.62 24.10 -31.25
N LEU D 41 -65.09 24.56 -30.10
CA LEU D 41 -65.16 23.70 -28.92
C LEU D 41 -66.21 22.61 -29.10
N PRO D 42 -65.88 21.35 -28.83
CA PRO D 42 -66.90 20.34 -28.54
C PRO D 42 -67.73 20.72 -27.33
N SER D 43 -68.81 19.98 -27.12
CA SER D 43 -69.68 20.24 -25.99
C SER D 43 -68.97 19.92 -24.67
N GLN D 44 -69.30 20.71 -23.65
CA GLN D 44 -68.55 20.76 -22.40
C GLN D 44 -68.93 19.58 -21.50
N LYS D 45 -68.36 18.41 -21.79
CA LYS D 45 -68.55 17.29 -20.87
C LYS D 45 -67.22 16.67 -20.46
N GLY D 46 -66.37 16.36 -21.44
CA GLY D 46 -65.00 15.97 -21.20
C GLY D 46 -64.72 14.55 -20.76
N TYR D 47 -65.49 14.03 -19.79
CA TYR D 47 -65.35 12.67 -19.28
C TYR D 47 -63.90 12.25 -19.12
N ALA D 48 -63.06 13.13 -18.57
CA ALA D 48 -61.61 12.93 -18.60
C ALA D 48 -61.13 12.15 -17.38
N SER D 49 -59.93 11.58 -17.52
CA SER D 49 -59.19 11.04 -16.39
C SER D 49 -57.71 10.95 -16.76
N ILE D 50 -56.87 10.88 -15.74
CA ILE D 50 -55.47 10.51 -15.94
C ILE D 50 -55.37 9.08 -16.46
N VAL D 51 -54.44 8.87 -17.39
CA VAL D 51 -54.09 7.51 -17.80
C VAL D 51 -53.36 6.81 -16.66
N LYS D 52 -53.57 5.51 -16.54
CA LYS D 52 -53.12 4.78 -15.36
C LYS D 52 -51.60 4.84 -15.23
N CYS D 53 -51.13 5.39 -14.11
CA CYS D 53 -49.73 5.35 -13.72
C CYS D 53 -49.23 3.92 -13.63
N SER D 54 -48.22 3.57 -14.43
CA SER D 54 -47.80 2.18 -14.61
C SER D 54 -46.29 2.12 -14.43
N LEU D 55 -45.79 0.96 -14.05
CA LEU D 55 -44.55 0.90 -13.28
C LEU D 55 -43.64 -0.21 -13.79
N ARG D 56 -42.67 -0.58 -12.95
CA ARG D 56 -41.68 -1.62 -13.21
C ARG D 56 -42.27 -3.02 -13.18
N GLN D 57 -41.40 -3.99 -13.50
CA GLN D 57 -41.73 -5.41 -13.38
C GLN D 57 -42.13 -5.77 -11.96
N SER D 58 -41.61 -5.07 -10.96
CA SER D 58 -42.10 -5.16 -9.60
C SER D 58 -42.96 -3.95 -9.30
N LYS D 59 -44.14 -4.19 -8.72
CA LYS D 59 -45.16 -3.15 -8.59
C LYS D 59 -46.07 -3.47 -7.42
N LYS D 60 -46.78 -2.43 -6.97
CA LYS D 60 -47.90 -2.55 -6.04
C LYS D 60 -49.12 -3.13 -6.76
N SER D 61 -50.12 -3.51 -5.96
CA SER D 61 -51.32 -4.17 -6.44
C SER D 61 -52.53 -3.61 -5.71
N ASP D 62 -53.70 -3.81 -6.31
CA ASP D 62 -54.95 -3.23 -5.84
C ASP D 62 -56.08 -4.24 -6.02
N SER D 63 -57.19 -4.00 -5.33
CA SER D 63 -58.23 -5.01 -5.15
C SER D 63 -59.60 -4.43 -5.46
N ASP D 64 -60.53 -5.33 -5.75
CA ASP D 64 -61.91 -4.99 -6.10
C ASP D 64 -62.74 -4.62 -4.87
N ASN D 65 -63.72 -3.76 -5.10
CA ASN D 65 -64.76 -3.47 -4.11
C ASN D 65 -66.02 -3.04 -4.87
N LYS D 66 -67.13 -2.97 -4.14
CA LYS D 66 -68.39 -2.52 -4.74
C LYS D 66 -68.33 -1.05 -5.14
N SER D 67 -68.87 -0.77 -6.32
CA SER D 67 -69.02 0.60 -6.85
C SER D 67 -67.72 1.39 -6.82
N VAL D 68 -66.61 0.73 -7.15
CA VAL D 68 -65.34 1.42 -7.36
C VAL D 68 -64.77 0.95 -8.69
N GLY D 69 -63.92 1.81 -9.27
CA GLY D 69 -63.21 1.43 -10.47
C GLY D 69 -61.87 2.12 -10.53
N ILE D 70 -60.82 1.34 -10.81
CA ILE D 70 -59.46 1.85 -10.67
C ILE D 70 -59.20 3.12 -11.47
N PRO D 71 -59.55 3.21 -12.76
CA PRO D 71 -59.41 4.49 -13.47
C PRO D 71 -60.49 5.50 -13.15
N SER D 72 -61.50 5.16 -12.35
CA SER D 72 -62.58 6.08 -11.99
C SER D 72 -63.08 6.83 -13.22
N LYS D 73 -63.57 6.06 -14.18
CA LYS D 73 -63.76 6.52 -15.54
C LYS D 73 -64.72 7.72 -15.62
N LYS D 74 -64.57 8.46 -16.71
CA LYS D 74 -65.57 9.44 -17.16
C LYS D 74 -65.94 10.46 -16.09
N ILE D 75 -64.93 11.03 -15.43
CA ILE D 75 -65.20 12.19 -14.59
C ILE D 75 -65.52 13.36 -15.52
N GLY D 76 -66.80 13.76 -15.55
CA GLY D 76 -67.19 14.95 -16.29
C GLY D 76 -66.67 16.21 -15.63
N VAL D 77 -66.01 17.06 -16.42
CA VAL D 77 -65.37 18.26 -15.90
C VAL D 77 -65.49 19.39 -16.92
N PHE D 78 -66.48 19.27 -17.80
CA PHE D 78 -66.70 20.23 -18.89
C PHE D 78 -65.46 20.43 -19.75
N ILE D 79 -65.37 21.58 -20.42
CA ILE D 79 -64.13 22.10 -20.98
C ILE D 79 -64.16 23.62 -20.92
N LYS D 80 -63.00 24.24 -21.10
CA LYS D 80 -62.97 25.67 -21.38
C LYS D 80 -61.82 26.00 -22.33
N CYS D 81 -62.05 26.99 -23.19
CA CYS D 81 -61.06 27.46 -24.15
C CYS D 81 -60.07 28.40 -23.48
N ASP D 82 -58.79 28.28 -23.86
CA ASP D 82 -57.80 29.30 -23.50
C ASP D 82 -56.74 29.40 -24.58
N SER D 83 -56.65 30.57 -25.21
CA SER D 83 -55.58 30.86 -26.17
C SER D 83 -54.21 30.92 -25.51
N GLN D 84 -54.15 31.19 -24.21
CA GLN D 84 -52.90 31.20 -23.45
C GLN D 84 -52.39 29.81 -23.14
N ILE D 85 -53.17 28.76 -23.42
CA ILE D 85 -52.68 27.39 -23.33
C ILE D 85 -52.13 26.99 -24.70
N PRO D 86 -50.83 26.71 -24.82
CA PRO D 86 -50.25 26.33 -26.11
C PRO D 86 -50.85 25.04 -26.66
N GLU D 87 -50.65 24.85 -27.96
CA GLU D 87 -51.38 23.83 -28.70
C GLU D 87 -51.12 22.42 -28.19
N ASN D 88 -52.18 21.63 -28.13
CA ASN D 88 -52.18 20.29 -27.56
C ASN D 88 -51.60 20.31 -26.15
N HIS D 89 -52.36 20.93 -25.26
CA HIS D 89 -52.11 20.82 -23.82
C HIS D 89 -53.43 20.81 -23.07
N ILE D 90 -53.42 20.21 -21.88
CA ILE D 90 -54.57 20.20 -20.98
C ILE D 90 -54.08 20.56 -19.59
N ALA D 91 -54.83 21.42 -18.88
CA ALA D 91 -54.38 21.99 -17.62
C ALA D 91 -55.49 21.95 -16.59
N LEU D 92 -55.10 21.92 -15.32
CA LEU D 92 -56.01 21.60 -14.22
C LEU D 92 -55.69 22.51 -13.04
N SER D 93 -56.73 22.88 -12.29
CA SER D 93 -56.53 23.46 -10.96
C SER D 93 -56.33 22.37 -9.91
N SER D 94 -55.88 22.81 -8.73
CA SER D 94 -55.75 21.89 -7.59
C SER D 94 -57.06 21.21 -7.28
N HIS D 95 -58.16 21.95 -7.39
CA HIS D 95 -59.49 21.40 -7.16
C HIS D 95 -59.79 20.25 -8.12
N LEU D 96 -59.42 20.40 -9.39
CA LEU D 96 -59.58 19.29 -10.32
C LEU D 96 -58.60 18.17 -9.99
N TRP D 97 -57.34 18.51 -9.74
CA TRP D 97 -56.32 17.49 -9.56
C TRP D 97 -56.63 16.58 -8.38
N ASP D 98 -57.23 17.11 -7.33
CA ASP D 98 -57.64 16.27 -6.22
C ASP D 98 -58.54 15.11 -6.63
N ALA D 99 -59.17 15.18 -7.81
CA ALA D 99 -59.88 14.00 -8.32
C ALA D 99 -58.97 12.80 -8.54
N PHE D 100 -57.66 13.01 -8.66
CA PHE D 100 -56.70 11.92 -8.72
C PHE D 100 -55.77 11.90 -7.50
N PHE D 101 -56.12 12.62 -6.44
CA PHE D 101 -55.29 12.76 -5.25
C PHE D 101 -53.82 13.03 -5.61
N THR D 102 -52.90 12.23 -5.09
CA THR D 102 -51.49 12.17 -5.54
C THR D 102 -50.91 13.59 -5.45
N HIS D 103 -50.27 14.10 -6.51
CA HIS D 103 -49.74 15.45 -6.50
C HIS D 103 -50.05 16.11 -7.84
N PRO D 104 -50.45 17.38 -7.84
CA PRO D 104 -50.43 18.16 -9.08
C PRO D 104 -49.03 18.18 -9.65
N MET D 105 -48.86 17.46 -10.75
CA MET D 105 -47.55 17.29 -11.34
C MET D 105 -47.67 17.32 -12.85
N ASN D 106 -46.63 17.86 -13.47
CA ASN D 106 -46.64 18.12 -14.90
C ASN D 106 -46.65 16.82 -15.70
N GLY D 107 -47.06 16.94 -16.95
CA GLY D 107 -46.92 15.86 -17.93
C GLY D 107 -47.89 14.70 -17.95
N ALA D 108 -48.16 14.09 -16.79
CA ALA D 108 -48.79 12.78 -16.73
C ALA D 108 -50.12 12.72 -17.47
N LYS D 109 -50.13 11.98 -18.58
CA LYS D 109 -51.11 12.19 -19.64
C LYS D 109 -52.54 12.01 -19.13
N ILE D 110 -53.47 12.67 -19.83
CA ILE D 110 -54.90 12.59 -19.53
C ILE D 110 -55.60 11.93 -20.70
N LYS D 111 -56.49 10.99 -20.40
CA LYS D 111 -57.53 10.57 -21.33
C LYS D 111 -58.71 11.52 -21.23
N LEU D 112 -59.21 11.98 -22.39
CA LEU D 112 -60.34 12.89 -22.43
C LEU D 112 -61.33 12.44 -23.49
N GLU D 113 -62.62 12.68 -23.22
CA GLU D 113 -63.69 12.29 -24.15
C GLU D 113 -64.80 13.34 -24.10
N PHE D 114 -64.73 14.31 -25.02
CA PHE D 114 -65.84 15.21 -25.24
C PHE D 114 -67.04 14.47 -25.84
N LEU D 115 -68.23 15.03 -25.64
CA LEU D 115 -69.48 14.35 -25.95
C LEU D 115 -70.39 15.25 -26.79
N GLN D 116 -71.47 14.64 -27.29
CA GLN D 116 -72.61 15.36 -27.85
C GLN D 116 -73.73 15.44 -26.83
N MET D 117 -74.22 16.66 -26.60
CA MET D 117 -75.33 16.92 -25.68
C MET D 117 -76.67 16.82 -26.39
N ASN D 118 -77.20 15.60 -26.47
CA ASN D 118 -78.54 15.41 -26.97
C ASN D 118 -79.57 16.01 -26.01
N GLN D 119 -80.81 16.14 -26.50
CA GLN D 119 -81.86 16.87 -25.81
C GLN D 119 -82.43 16.11 -24.61
N ALA D 120 -82.14 14.81 -24.47
CA ALA D 120 -82.82 13.93 -23.53
C ALA D 120 -82.40 14.14 -22.08
N ASN D 121 -82.44 15.37 -21.59
CA ASN D 121 -82.35 15.64 -20.16
C ASN D 121 -83.24 16.82 -19.81
N ILE D 122 -83.79 16.81 -18.59
CA ILE D 122 -84.91 17.66 -18.24
C ILE D 122 -84.91 17.90 -16.73
N ILE D 123 -85.63 18.95 -16.32
CA ILE D 123 -85.98 19.18 -14.91
C ILE D 123 -86.69 17.97 -14.30
N SER D 124 -86.50 17.80 -12.98
CA SER D 124 -86.73 16.55 -12.24
C SER D 124 -85.74 15.46 -12.62
N GLY D 125 -84.52 15.85 -13.01
CA GLY D 125 -83.52 14.89 -13.45
C GLY D 125 -82.87 14.10 -12.33
N ARG D 126 -83.00 14.54 -11.08
CA ARG D 126 -82.47 13.82 -9.93
C ARG D 126 -83.60 13.16 -9.14
N ASN D 127 -83.49 11.85 -8.94
CA ASN D 127 -84.53 11.05 -8.32
C ASN D 127 -83.96 10.19 -7.20
N ALA D 128 -84.80 9.90 -6.22
CA ALA D 128 -84.50 9.08 -5.04
C ALA D 128 -83.41 9.59 -4.11
N THR D 129 -82.97 8.71 -3.21
CA THR D 129 -82.05 9.03 -2.13
C THR D 129 -80.65 9.39 -2.61
N VAL D 130 -79.99 10.28 -1.85
CA VAL D 130 -78.55 10.42 -1.89
C VAL D 130 -78.11 11.10 -0.61
N ASN D 131 -76.84 10.93 -0.23
CA ASN D 131 -76.18 11.88 0.66
C ASN D 131 -74.68 11.84 0.43
N ILE D 132 -74.03 12.95 0.78
CA ILE D 132 -72.57 13.05 0.82
C ILE D 132 -72.00 12.33 2.04
N LYS D 133 -71.92 11.01 1.98
CA LYS D 133 -71.48 10.20 3.12
C LYS D 133 -70.08 10.56 3.58
N TYR D 134 -69.98 11.18 4.75
CA TYR D 134 -68.68 11.51 5.33
C TYR D 134 -68.07 10.30 6.00
N PHE D 135 -66.75 10.12 5.81
CA PHE D 135 -66.01 9.00 6.38
C PHE D 135 -64.68 9.45 7.00
N GLY D 136 -64.54 10.73 7.30
CA GLY D 136 -63.27 11.28 7.71
C GLY D 136 -62.79 10.84 9.09
N LYS D 137 -61.50 11.12 9.32
CA LYS D 137 -60.81 10.72 10.55
C LYS D 137 -61.30 11.47 11.77
N ASP D 138 -62.02 12.59 11.58
CA ASP D 138 -62.55 13.35 12.70
C ASP D 138 -63.94 13.83 12.33
N VAL D 139 -64.72 14.17 13.36
CA VAL D 139 -66.14 14.50 13.20
C VAL D 139 -66.29 15.67 12.23
N PRO D 140 -67.22 15.60 11.28
CA PRO D 140 -67.42 16.71 10.34
C PRO D 140 -67.83 17.98 11.08
N THR D 141 -67.01 19.02 10.93
CA THR D 141 -67.15 20.24 11.71
C THR D 141 -68.27 21.15 11.21
N LYS D 142 -68.85 20.86 10.06
CA LYS D 142 -69.83 21.75 9.44
C LYS D 142 -71.04 20.95 8.98
N SER D 143 -72.11 21.68 8.67
CA SER D 143 -73.32 21.08 8.13
C SER D 143 -73.12 20.59 6.70
N GLY D 144 -73.97 19.65 6.30
CA GLY D 144 -74.02 19.21 4.92
C GLY D 144 -74.38 20.30 3.95
N ASP D 145 -75.17 21.28 4.39
CA ASP D 145 -75.43 22.48 3.58
C ASP D 145 -74.14 23.24 3.30
N GLN D 146 -73.34 23.51 4.34
CA GLN D 146 -72.05 24.16 4.14
C GLN D 146 -71.16 23.37 3.19
N TYR D 147 -71.07 22.06 3.38
CA TYR D 147 -70.28 21.23 2.47
C TYR D 147 -70.84 21.25 1.05
N SER D 148 -72.15 21.46 0.90
CA SER D 148 -72.75 21.54 -0.43
C SER D 148 -72.24 22.74 -1.23
N LYS D 149 -71.79 23.79 -0.54
CA LYS D 149 -71.23 24.95 -1.25
C LYS D 149 -70.00 24.57 -2.06
N LEU D 150 -69.30 23.51 -1.66
CA LEU D 150 -68.14 23.01 -2.39
C LEU D 150 -68.51 22.24 -3.66
N LEU D 151 -69.78 21.89 -3.84
CA LEU D 151 -70.15 20.87 -4.81
C LEU D 151 -71.25 21.34 -5.75
N GLY D 152 -72.05 22.30 -5.30
CA GLY D 152 -73.15 22.79 -6.11
C GLY D 152 -72.69 23.40 -7.42
N GLY D 153 -73.65 23.56 -8.32
CA GLY D 153 -73.39 24.16 -9.61
C GLY D 153 -72.35 23.43 -10.45
N SER D 154 -72.19 22.13 -10.22
CA SER D 154 -71.07 21.37 -10.77
C SER D 154 -71.57 19.99 -11.18
N LEU D 155 -70.73 19.28 -11.93
CA LEU D 155 -70.93 17.86 -12.19
C LEU D 155 -69.92 17.05 -11.39
N LEU D 156 -70.42 16.02 -10.70
CA LEU D 156 -69.58 15.20 -9.83
C LEU D 156 -70.29 13.88 -9.57
N THR D 157 -69.52 12.91 -9.07
CA THR D 157 -69.94 11.51 -9.11
C THR D 157 -69.30 10.76 -7.96
N ASN D 158 -69.60 9.46 -7.89
CA ASN D 158 -68.99 8.49 -6.98
C ASN D 158 -67.48 8.65 -6.80
N ASN D 159 -67.02 8.32 -5.59
CA ASN D 159 -65.61 8.21 -5.22
C ASN D 159 -64.82 9.50 -5.42
N LEU D 160 -65.50 10.65 -5.51
CA LEU D 160 -64.79 11.92 -5.43
C LEU D 160 -64.28 12.12 -4.01
N ILE D 161 -63.24 11.38 -3.63
CA ILE D 161 -62.71 11.40 -2.27
C ILE D 161 -62.32 12.81 -1.85
N LEU D 162 -61.62 13.54 -2.73
CA LEU D 162 -61.11 14.87 -2.44
C LEU D 162 -60.53 14.93 -1.03
N PRO D 163 -59.42 14.21 -0.78
CA PRO D 163 -59.13 13.70 0.56
C PRO D 163 -58.95 14.78 1.63
N THR D 164 -59.09 16.05 1.27
CA THR D 164 -59.38 17.04 2.30
C THR D 164 -60.80 16.89 2.81
N GLU D 165 -61.77 16.66 1.92
CA GLU D 165 -63.17 16.70 2.29
C GLU D 165 -63.70 15.36 2.79
N GLN D 166 -63.11 14.26 2.32
CA GLN D 166 -63.34 12.93 2.88
C GLN D 166 -64.81 12.52 2.79
N ILE D 167 -65.39 12.71 1.60
CA ILE D 167 -66.80 12.42 1.35
C ILE D 167 -66.91 11.62 0.06
N ILE D 168 -68.08 11.00 -0.13
CA ILE D 168 -68.51 10.50 -1.43
C ILE D 168 -69.94 10.95 -1.64
N ILE D 169 -70.26 11.40 -2.86
CA ILE D 169 -71.58 11.95 -3.14
C ILE D 169 -72.56 10.88 -3.59
N GLU D 170 -72.21 10.04 -4.56
CA GLU D 170 -73.10 8.95 -4.95
C GLU D 170 -73.07 7.84 -3.91
N ILE D 171 -74.14 7.77 -3.12
CA ILE D 171 -74.16 6.96 -1.90
C ILE D 171 -74.04 5.48 -2.25
N LYS D 172 -72.95 4.86 -1.82
CA LYS D 172 -72.77 3.42 -1.91
C LYS D 172 -73.53 2.71 -0.78
N LYS D 173 -74.14 1.57 -1.11
CA LYS D 173 -75.06 0.87 -0.20
C LYS D 173 -76.18 1.76 0.30
N GLY D 174 -76.59 2.75 -0.50
CA GLY D 174 -77.70 3.59 -0.13
C GLY D 174 -78.99 3.15 -0.81
N GLU D 175 -78.95 1.92 -1.34
CA GLU D 175 -79.96 1.33 -2.22
C GLU D 175 -80.10 2.07 -3.55
N SER D 176 -80.05 3.40 -3.54
CA SER D 176 -80.14 4.15 -4.78
C SER D 176 -79.39 5.47 -4.63
N GLU D 177 -78.89 5.97 -5.75
CA GLU D 177 -78.17 7.24 -5.80
C GLU D 177 -78.81 8.14 -6.86
N GLN D 178 -78.98 9.41 -6.51
CA GLN D 178 -79.09 10.43 -7.55
C GLN D 178 -77.81 10.44 -8.38
N GLN D 179 -77.95 10.21 -9.69
CA GLN D 179 -76.77 10.06 -10.53
C GLN D 179 -76.07 11.41 -10.74
N LEU D 180 -74.87 11.34 -11.31
CA LEU D 180 -74.18 12.51 -11.84
C LEU D 180 -75.05 13.30 -12.81
N CYS D 181 -75.13 14.61 -12.55
CA CYS D 181 -75.76 15.57 -13.44
C CYS D 181 -75.11 16.93 -13.22
N ASN D 182 -75.15 17.78 -14.24
CA ASN D 182 -74.63 19.14 -14.12
C ASN D 182 -75.66 19.99 -13.39
N LEU D 183 -75.36 20.34 -12.13
CA LEU D 183 -76.22 21.17 -11.31
C LEU D 183 -76.37 22.61 -11.81
N ASN D 184 -75.53 23.08 -12.72
CA ASN D 184 -75.79 24.37 -13.37
C ASN D 184 -76.56 24.27 -14.66
N GLU D 185 -76.69 23.07 -15.24
CA GLU D 185 -77.50 22.89 -16.44
C GLU D 185 -78.96 22.60 -16.09
N ILE D 186 -79.19 21.67 -15.16
CA ILE D 186 -80.54 21.35 -14.73
C ILE D 186 -81.14 22.53 -13.98
N SER D 187 -82.45 22.72 -14.15
CA SER D 187 -83.18 23.70 -13.36
C SER D 187 -83.18 23.32 -11.88
N ASN D 188 -83.36 24.32 -11.03
CA ASN D 188 -83.28 24.16 -9.59
C ASN D 188 -84.30 23.13 -9.09
N GLU D 189 -83.81 22.14 -8.34
CA GLU D 189 -84.66 21.07 -7.84
C GLU D 189 -84.04 20.51 -6.57
N SER D 190 -84.86 19.75 -5.84
CA SER D 190 -84.51 19.30 -4.50
C SER D 190 -83.29 18.39 -4.50
N VAL D 191 -82.51 18.49 -3.43
CA VAL D 191 -81.32 17.69 -3.19
C VAL D 191 -81.39 17.11 -1.79
N GLN D 192 -80.80 15.93 -1.63
CA GLN D 192 -80.83 15.20 -0.36
C GLN D 192 -79.42 15.14 0.24
N TRP D 193 -79.32 15.50 1.52
CA TRP D 193 -78.06 15.50 2.25
C TRP D 193 -78.24 14.73 3.55
N LYS D 194 -77.15 14.15 4.04
CA LYS D 194 -77.15 13.55 5.37
C LYS D 194 -75.71 13.40 5.85
N VAL D 195 -75.40 14.05 6.98
CA VAL D 195 -74.08 13.96 7.59
C VAL D 195 -73.87 12.57 8.20
N THR D 196 -72.63 12.09 8.15
CA THR D 196 -72.27 10.74 8.58
C THR D 196 -71.07 10.81 9.51
N GLN D 197 -71.12 10.02 10.58
CA GLN D 197 -69.93 9.68 11.36
C GLN D 197 -69.67 8.19 11.22
N MET D 198 -68.49 7.84 10.71
CA MET D 198 -68.21 6.47 10.28
C MET D 198 -67.86 5.57 11.46
N GLY D 199 -68.24 4.30 11.33
CA GLY D 199 -67.88 3.31 12.33
C GLY D 199 -66.37 3.12 12.44
N LYS D 200 -65.90 2.92 13.66
CA LYS D 200 -64.47 2.96 13.97
C LYS D 200 -63.70 1.78 13.38
N GLU D 201 -64.39 0.70 13.00
CA GLU D 201 -63.77 -0.31 12.14
C GLU D 201 -63.80 0.12 10.69
N GLU D 202 -65.00 0.45 10.19
CA GLU D 202 -65.14 0.74 8.77
C GLU D 202 -64.33 1.97 8.38
N VAL D 203 -64.19 2.94 9.28
CA VAL D 203 -63.32 4.09 8.97
C VAL D 203 -61.90 3.63 8.66
N LYS D 204 -61.44 2.58 9.35
CA LYS D 204 -60.10 2.03 9.10
C LYS D 204 -60.05 1.26 7.79
N ASP D 205 -61.05 0.41 7.56
CA ASP D 205 -61.06 -0.43 6.36
C ASP D 205 -61.31 0.37 5.08
N ILE D 206 -62.25 1.31 5.12
CA ILE D 206 -62.67 2.03 3.91
C ILE D 206 -61.57 2.95 3.40
N ILE D 207 -60.84 3.60 4.30
CA ILE D 207 -59.71 4.43 3.89
C ILE D 207 -58.67 3.62 3.11
N GLU D 208 -58.43 2.39 3.54
CA GLU D 208 -57.49 1.51 2.83
C GLU D 208 -58.00 1.05 1.47
N ARG D 209 -59.15 1.51 1.00
CA ARG D 209 -59.53 1.34 -0.39
C ARG D 209 -59.89 2.65 -1.10
N HIS D 210 -60.36 3.67 -0.38
CA HIS D 210 -60.58 4.97 -0.99
C HIS D 210 -59.29 5.71 -1.29
N LEU D 211 -58.20 5.41 -0.58
CA LEU D 211 -56.86 5.60 -1.13
C LEU D 211 -56.41 4.33 -1.82
N PRO D 212 -56.35 4.29 -3.15
CA PRO D 212 -55.95 3.03 -3.82
C PRO D 212 -54.54 2.63 -3.47
N LYS D 213 -53.59 3.56 -3.55
CA LYS D 213 -52.25 3.39 -3.02
C LYS D 213 -51.66 4.78 -2.80
N HIS D 214 -50.61 4.82 -1.98
CA HIS D 214 -49.88 6.07 -1.78
C HIS D 214 -48.42 5.75 -1.51
N TYR D 215 -47.56 6.73 -1.78
CA TYR D 215 -46.16 6.62 -1.40
C TYR D 215 -46.01 6.62 0.12
N HIS D 216 -46.60 7.59 0.79
CA HIS D 216 -46.51 7.70 2.24
C HIS D 216 -47.67 8.55 2.73
N VAL D 217 -47.94 8.45 4.02
CA VAL D 217 -48.96 9.28 4.68
C VAL D 217 -48.30 10.51 5.29
N LYS D 218 -48.94 11.66 5.09
CA LYS D 218 -48.39 12.95 5.50
C LYS D 218 -49.51 13.81 6.06
N GLU D 219 -49.12 14.83 6.82
CA GLU D 219 -50.12 15.73 7.40
C GLU D 219 -50.84 16.52 6.31
N THR D 220 -50.21 16.71 5.16
CA THR D 220 -50.85 17.31 4.00
C THR D 220 -51.08 16.26 2.91
N GLY D 221 -50.94 14.98 3.25
CA GLY D 221 -51.07 13.92 2.28
C GLY D 221 -49.98 14.00 1.21
N GLU D 222 -50.34 13.51 0.03
CA GLU D 222 -49.43 13.48 -1.11
C GLU D 222 -49.17 14.86 -1.70
N VAL D 223 -49.95 15.88 -1.30
CA VAL D 223 -49.69 17.25 -1.71
C VAL D 223 -48.55 17.83 -0.86
N SER D 224 -47.67 18.57 -1.52
CA SER D 224 -46.45 19.10 -0.91
C SER D 224 -46.75 20.26 0.04
N ARG D 225 -45.84 20.44 1.00
CA ARG D 225 -45.93 21.51 1.99
C ARG D 225 -44.53 21.87 2.45
N THR D 226 -44.31 23.15 2.78
CA THR D 226 -43.04 23.59 3.32
C THR D 226 -43.22 24.95 3.99
N SER D 227 -42.73 25.06 5.23
CA SER D 227 -42.97 26.23 6.09
C SER D 227 -41.92 27.31 5.97
N LYS D 228 -40.78 27.04 5.31
CA LYS D 228 -39.64 27.95 5.35
C LYS D 228 -39.84 29.22 4.54
N ASP D 229 -40.77 29.25 3.59
CA ASP D 229 -40.88 30.33 2.62
C ASP D 229 -39.57 30.53 1.88
N GLU D 230 -38.93 29.42 1.53
CA GLU D 230 -37.71 29.39 0.73
C GLU D 230 -38.00 29.45 -0.77
N ASP D 231 -39.26 29.73 -1.14
CA ASP D 231 -39.68 30.01 -2.50
C ASP D 231 -39.17 31.37 -3.00
N ASP D 232 -37.86 31.59 -2.96
CA ASP D 232 -37.32 32.94 -3.01
C ASP D 232 -35.94 32.92 -3.64
N PHE D 233 -35.57 34.04 -4.26
CA PHE D 233 -34.36 34.17 -5.06
C PHE D 233 -34.16 35.65 -5.33
N ILE D 234 -32.97 36.02 -5.80
CA ILE D 234 -32.70 37.44 -5.99
C ILE D 234 -31.93 37.73 -7.27
N THR D 235 -31.92 36.78 -8.21
CA THR D 235 -31.54 37.04 -9.61
C THR D 235 -30.21 37.79 -9.72
N VAL D 236 -29.21 37.31 -9.00
CA VAL D 236 -27.91 37.98 -8.99
C VAL D 236 -27.36 38.13 -10.40
N ASN D 237 -27.50 37.09 -11.23
CA ASN D 237 -26.87 37.10 -12.53
C ASN D 237 -27.79 36.53 -13.60
N SER D 238 -27.48 36.90 -14.84
CA SER D 238 -28.11 36.45 -16.08
C SER D 238 -28.37 34.95 -16.14
N ILE D 239 -27.57 34.19 -15.39
CA ILE D 239 -27.36 32.79 -15.72
C ILE D 239 -28.69 32.05 -15.84
N LYS D 240 -29.61 32.28 -14.90
CA LYS D 240 -30.91 31.63 -15.00
C LYS D 240 -31.59 31.97 -16.31
N LYS D 241 -31.43 33.22 -16.76
CA LYS D 241 -32.04 33.63 -18.01
C LYS D 241 -31.40 32.94 -19.21
N GLU D 242 -30.07 32.85 -19.21
CA GLU D 242 -29.39 32.15 -20.31
C GLU D 242 -29.78 30.67 -20.35
N MET D 243 -29.84 30.02 -19.19
CA MET D 243 -30.30 28.64 -19.14
C MET D 243 -31.71 28.50 -19.70
N VAL D 244 -32.64 29.33 -19.24
CA VAL D 244 -34.00 29.19 -19.75
C VAL D 244 -34.06 29.45 -21.25
N ASN D 245 -33.33 30.47 -21.72
CA ASN D 245 -33.25 30.74 -23.15
C ASN D 245 -32.58 29.63 -23.94
N TYR D 246 -31.88 28.71 -23.28
CA TYR D 246 -31.27 27.58 -23.99
C TYR D 246 -32.10 26.30 -23.90
N LEU D 247 -32.40 25.86 -22.68
CA LEU D 247 -33.07 24.58 -22.43
C LEU D 247 -34.48 24.52 -22.98
N THR D 248 -35.10 25.65 -23.28
CA THR D 248 -36.43 25.63 -23.88
C THR D 248 -36.41 25.59 -25.39
N SER D 249 -35.25 25.74 -26.03
CA SER D 249 -35.21 25.86 -27.48
C SER D 249 -35.79 24.61 -28.15
N PRO D 250 -36.46 24.80 -29.29
CA PRO D 250 -36.93 23.64 -30.05
C PRO D 250 -35.82 22.72 -30.54
N ILE D 251 -34.62 23.25 -30.77
CA ILE D 251 -33.49 22.43 -31.18
C ILE D 251 -32.34 22.67 -30.23
N ILE D 252 -31.67 21.59 -29.84
CA ILE D 252 -30.51 21.66 -28.98
C ILE D 252 -29.41 20.79 -29.57
N ALA D 253 -28.17 21.29 -29.48
CA ALA D 253 -27.07 20.63 -30.17
C ALA D 253 -26.80 19.24 -29.62
N THR D 254 -26.98 19.05 -28.31
CA THR D 254 -26.59 17.81 -27.66
C THR D 254 -27.48 17.63 -26.44
N PRO D 255 -27.60 16.40 -25.95
CA PRO D 255 -28.49 16.14 -24.81
C PRO D 255 -28.11 16.84 -23.52
N ALA D 256 -26.92 17.41 -23.37
CA ALA D 256 -26.51 17.74 -22.02
C ALA D 256 -25.89 19.12 -21.87
N ILE D 257 -26.10 19.68 -20.68
CA ILE D 257 -25.66 21.01 -20.29
C ILE D 257 -24.97 20.86 -18.94
N ILE D 258 -23.88 21.59 -18.73
CA ILE D 258 -23.11 21.46 -17.51
C ILE D 258 -22.91 22.82 -16.87
N LEU D 259 -23.11 22.88 -15.55
CA LEU D 259 -23.03 24.10 -14.77
C LEU D 259 -22.10 23.84 -13.59
N ASP D 260 -21.18 24.75 -13.31
CA ASP D 260 -20.15 24.47 -12.33
C ASP D 260 -19.68 25.76 -11.68
N GLY D 261 -18.72 25.62 -10.78
CA GLY D 261 -18.16 26.75 -10.07
C GLY D 261 -17.55 26.30 -8.76
N LYS D 262 -16.78 27.21 -8.16
CA LYS D 262 -16.03 26.88 -6.97
C LYS D 262 -16.93 26.38 -5.83
N GLN D 263 -16.31 25.68 -4.90
CA GLN D 263 -17.00 25.16 -3.73
C GLN D 263 -17.76 26.25 -2.98
N GLY D 264 -19.00 25.95 -2.63
CA GLY D 264 -19.81 26.86 -1.84
C GLY D 264 -20.23 28.14 -2.51
N ILE D 265 -19.93 28.33 -3.80
CA ILE D 265 -20.70 29.29 -4.56
C ILE D 265 -22.11 28.76 -4.68
N GLY D 266 -23.07 29.66 -4.81
CA GLY D 266 -24.42 29.19 -5.05
C GLY D 266 -24.50 28.30 -6.26
N LYS D 267 -25.13 27.14 -6.11
CA LYS D 267 -25.51 26.29 -7.23
C LYS D 267 -26.85 25.63 -6.95
N THR D 268 -26.91 24.89 -5.86
CA THR D 268 -28.11 24.13 -5.54
C THR D 268 -29.35 25.01 -5.62
N ARG D 269 -29.28 26.21 -5.05
CA ARG D 269 -30.42 27.09 -5.13
C ARG D 269 -30.72 27.52 -6.56
N LEU D 270 -29.70 27.70 -7.40
CA LEU D 270 -29.98 27.99 -8.81
C LEU D 270 -30.66 26.84 -9.52
N LEU D 271 -30.32 25.61 -9.13
CA LEU D 271 -31.08 24.48 -9.66
C LEU D 271 -32.52 24.56 -9.22
N LYS D 272 -32.73 24.80 -7.93
CA LYS D 272 -34.08 24.93 -7.40
C LYS D 272 -34.85 26.02 -8.13
N GLU D 273 -34.20 27.15 -8.39
CA GLU D 273 -34.82 28.23 -9.17
C GLU D 273 -35.21 27.75 -10.56
N LEU D 274 -34.29 27.12 -11.29
CA LEU D 274 -34.61 26.66 -12.63
C LEU D 274 -35.80 25.73 -12.61
N ILE D 275 -35.81 24.79 -11.66
CA ILE D 275 -36.95 23.88 -11.55
C ILE D 275 -38.24 24.68 -11.35
N ASN D 276 -38.26 25.53 -10.33
CA ASN D 276 -39.45 26.29 -10.01
C ASN D 276 -39.87 27.24 -11.13
N GLU D 277 -38.95 27.61 -12.01
CA GLU D 277 -39.22 28.62 -13.03
C GLU D 277 -39.61 28.00 -14.36
N VAL D 278 -39.07 26.85 -14.68
CA VAL D 278 -39.51 26.13 -15.88
C VAL D 278 -40.84 25.46 -15.59
N GLU D 279 -41.03 24.99 -14.37
CA GLU D 279 -42.37 24.73 -13.86
C GLU D 279 -43.23 25.98 -13.96
N LYS D 280 -44.51 25.78 -14.30
CA LYS D 280 -45.51 26.82 -14.49
C LYS D 280 -45.19 27.80 -15.61
N ASP D 281 -44.23 27.50 -16.49
CA ASP D 281 -43.94 28.44 -17.57
C ASP D 281 -43.61 27.75 -18.89
N HIS D 282 -42.87 26.65 -18.86
CA HIS D 282 -42.47 26.00 -20.10
C HIS D 282 -42.80 24.52 -20.14
N HIS D 283 -43.64 24.04 -19.22
CA HIS D 283 -44.29 22.73 -19.32
C HIS D 283 -43.30 21.58 -19.31
N ILE D 284 -42.05 21.83 -18.98
CA ILE D 284 -41.06 20.77 -18.93
C ILE D 284 -41.24 19.98 -17.63
N PHE D 285 -41.13 18.65 -17.74
CA PHE D 285 -41.07 17.80 -16.56
C PHE D 285 -39.68 17.81 -15.95
N VAL D 286 -39.64 17.61 -14.63
CA VAL D 286 -38.38 17.53 -13.92
C VAL D 286 -38.41 16.30 -13.03
N LYS D 287 -37.26 15.63 -12.93
CA LYS D 287 -36.93 14.74 -11.83
C LYS D 287 -35.61 15.21 -11.23
N TYR D 288 -35.48 15.09 -9.91
CA TYR D 288 -34.32 15.59 -9.22
C TYR D 288 -33.72 14.49 -8.36
N ALA D 289 -32.40 14.37 -8.40
CA ALA D 289 -31.69 13.42 -7.54
C ALA D 289 -30.25 13.89 -7.38
N ASP D 290 -29.58 13.37 -6.35
CA ASP D 290 -28.22 13.81 -6.06
C ASP D 290 -27.45 12.72 -5.33
N CYS D 291 -26.14 12.97 -5.18
CA CYS D 291 -25.21 12.15 -4.42
C CYS D 291 -25.77 11.60 -3.12
N GLU D 292 -26.20 12.50 -2.24
CA GLU D 292 -26.51 12.11 -0.87
C GLU D 292 -27.81 11.33 -0.77
N THR D 293 -28.75 11.58 -1.69
CA THR D 293 -29.96 10.78 -1.72
C THR D 293 -29.71 9.38 -2.26
N LEU D 294 -28.92 9.26 -3.34
CA LEU D 294 -28.63 7.94 -3.89
C LEU D 294 -27.18 7.55 -3.66
N HIS D 295 -26.82 7.38 -2.38
CA HIS D 295 -25.45 7.12 -1.98
C HIS D 295 -24.89 5.83 -2.57
N GLU D 296 -25.74 4.91 -2.99
CA GLU D 296 -25.27 3.58 -3.31
C GLU D 296 -24.40 3.60 -4.56
N THR D 297 -23.41 2.71 -4.58
CA THR D 297 -22.51 2.61 -5.72
C THR D 297 -21.94 1.20 -5.82
N SER D 298 -21.39 0.90 -7.00
CA SER D 298 -20.78 -0.38 -7.33
C SER D 298 -21.76 -1.57 -7.29
N ASN D 299 -22.98 -1.35 -6.80
CA ASN D 299 -24.06 -2.30 -7.08
C ASN D 299 -24.57 -2.03 -8.49
N LEU D 300 -23.76 -2.48 -9.46
CA LEU D 300 -24.02 -2.18 -10.86
C LEU D 300 -25.42 -2.57 -11.27
N ASP D 301 -25.90 -3.72 -10.77
CA ASP D 301 -27.24 -4.16 -11.13
C ASP D 301 -28.30 -3.17 -10.66
N LYS D 302 -28.34 -2.93 -9.35
CA LYS D 302 -29.31 -2.02 -8.75
C LYS D 302 -29.14 -0.59 -9.26
N THR D 303 -27.91 -0.12 -9.40
CA THR D 303 -27.68 1.22 -9.93
C THR D 303 -28.10 1.35 -11.39
N GLN D 304 -27.82 0.35 -12.23
CA GLN D 304 -28.38 0.38 -13.58
C GLN D 304 -29.90 0.33 -13.55
N LYS D 305 -30.48 -0.44 -12.63
CA LYS D 305 -31.93 -0.41 -12.46
C LYS D 305 -32.41 1.01 -12.21
N LEU D 306 -31.75 1.71 -11.30
CA LEU D 306 -32.06 3.11 -11.03
C LEU D 306 -31.95 3.97 -12.28
N ILE D 307 -30.82 3.88 -12.98
CA ILE D 307 -30.58 4.73 -14.14
C ILE D 307 -31.62 4.46 -15.23
N MET D 308 -31.91 3.20 -15.49
CA MET D 308 -32.92 2.85 -16.49
C MET D 308 -34.30 3.33 -16.04
N GLU D 309 -34.57 3.27 -14.73
CA GLU D 309 -35.82 3.84 -14.23
C GLU D 309 -35.91 5.33 -14.54
N TRP D 310 -34.83 6.08 -14.32
CA TRP D 310 -34.83 7.50 -14.66
C TRP D 310 -35.10 7.71 -16.14
N CYS D 311 -34.37 7.00 -16.99
CA CYS D 311 -34.57 7.15 -18.43
C CYS D 311 -35.99 6.83 -18.83
N SER D 312 -36.50 5.69 -18.38
CA SER D 312 -37.84 5.26 -18.77
C SER D 312 -38.91 6.24 -18.31
N PHE D 313 -38.88 6.62 -17.03
CA PHE D 313 -39.83 7.61 -16.55
C PHE D 313 -39.76 8.89 -17.36
N CYS D 314 -38.56 9.41 -17.57
CA CYS D 314 -38.47 10.65 -18.33
C CYS D 314 -38.97 10.48 -19.75
N TYR D 315 -38.77 9.31 -20.34
CA TYR D 315 -39.31 9.07 -21.67
C TYR D 315 -40.82 9.07 -21.68
N TRP D 316 -41.44 8.56 -20.62
CA TRP D 316 -42.91 8.54 -20.60
C TRP D 316 -43.53 9.87 -20.23
N TYR D 317 -42.91 10.63 -19.33
CA TYR D 317 -43.46 11.93 -18.96
C TYR D 317 -43.23 13.01 -20.00
N GLY D 318 -42.87 12.68 -21.23
CA GLY D 318 -42.77 13.69 -22.26
C GLY D 318 -41.59 14.62 -22.03
N PRO D 319 -41.64 15.81 -22.62
CA PRO D 319 -40.49 16.72 -22.57
C PRO D 319 -40.04 16.99 -21.14
N SER D 320 -38.78 16.64 -20.85
CA SER D 320 -38.34 16.51 -19.48
C SER D 320 -36.88 16.91 -19.36
N LEU D 321 -36.51 17.29 -18.14
CA LEU D 321 -35.13 17.63 -17.81
C LEU D 321 -34.74 16.85 -16.56
N ILE D 322 -33.57 16.22 -16.60
CA ILE D 322 -33.02 15.52 -15.45
C ILE D 322 -31.96 16.39 -14.81
N VAL D 323 -32.03 16.56 -13.49
CA VAL D 323 -30.98 17.22 -12.72
C VAL D 323 -30.14 16.18 -12.01
N LEU D 324 -28.84 16.26 -12.17
CA LEU D 324 -27.88 15.46 -11.40
C LEU D 324 -26.95 16.42 -10.67
N ASP D 325 -26.83 16.26 -9.36
CA ASP D 325 -26.00 17.14 -8.56
C ASP D 325 -24.92 16.39 -7.79
N ASN D 326 -23.80 17.08 -7.57
CA ASN D 326 -22.57 16.51 -7.05
C ASN D 326 -22.12 15.31 -7.88
N VAL D 327 -22.05 15.53 -9.18
CA VAL D 327 -21.80 14.48 -10.17
C VAL D 327 -20.57 13.64 -9.85
N GLU D 328 -19.61 14.20 -9.13
CA GLU D 328 -18.38 13.48 -8.83
C GLU D 328 -18.64 12.14 -8.15
N ALA D 329 -19.65 12.06 -7.29
CA ALA D 329 -19.89 10.80 -6.59
C ALA D 329 -20.42 9.72 -7.51
N LEU D 330 -21.31 10.08 -8.43
CA LEU D 330 -21.94 9.10 -9.30
C LEU D 330 -21.20 8.91 -10.61
N PHE D 331 -20.40 9.90 -11.02
CA PHE D 331 -19.76 9.85 -12.33
C PHE D 331 -18.38 10.51 -12.34
N GLY D 332 -17.84 10.92 -11.19
CA GLY D 332 -16.53 11.50 -11.20
C GLY D 332 -15.43 10.46 -11.41
N LYS D 333 -14.33 10.91 -12.01
CA LYS D 333 -13.14 10.10 -12.08
C LYS D 333 -12.59 9.86 -10.67
N PRO D 334 -12.04 8.68 -10.40
CA PRO D 334 -11.38 8.46 -9.11
C PRO D 334 -10.08 9.24 -8.97
N GLN D 335 -10.23 10.52 -8.60
CA GLN D 335 -9.17 11.46 -8.26
C GLN D 335 -8.06 11.62 -9.30
N ALA D 336 -8.28 11.14 -10.52
CA ALA D 336 -7.28 11.24 -11.60
C ALA D 336 -5.89 10.81 -11.11
N ASN D 337 -5.83 9.70 -10.38
CA ASN D 337 -4.64 9.34 -9.64
C ASN D 337 -3.42 9.23 -10.54
N ASP D 338 -2.28 9.71 -10.04
CA ASP D 338 -1.01 9.62 -10.75
C ASP D 338 -0.44 8.21 -10.66
N GLY D 339 0.18 7.76 -11.75
CA GLY D 339 0.48 6.36 -11.94
C GLY D 339 -0.74 5.56 -12.34
N ASP D 340 -0.55 4.55 -13.19
CA ASP D 340 -1.68 3.93 -13.88
C ASP D 340 -1.97 2.47 -13.55
N PRO D 341 -1.71 1.96 -12.34
CA PRO D 341 -2.00 0.54 -12.08
C PRO D 341 -3.49 0.27 -12.22
N SER D 342 -3.83 -0.68 -13.09
CA SER D 342 -5.21 -0.94 -13.51
C SER D 342 -5.90 0.30 -14.09
N ASN D 343 -5.13 1.32 -14.45
CA ASN D 343 -5.70 2.59 -14.91
C ASN D 343 -5.13 3.05 -16.25
N ASN D 344 -4.18 2.31 -16.83
CA ASN D 344 -3.56 2.68 -18.09
C ASN D 344 -4.43 2.30 -19.27
N GLY D 345 -4.78 1.01 -19.36
CA GLY D 345 -5.64 0.49 -20.39
C GLY D 345 -7.01 0.03 -19.91
N GLN D 346 -7.39 0.37 -18.68
CA GLN D 346 -8.57 -0.16 -18.03
C GLN D 346 -9.31 0.98 -17.36
N TRP D 347 -10.59 0.77 -17.07
CA TRP D 347 -11.44 1.80 -16.51
C TRP D 347 -11.94 1.39 -15.13
N ASP D 348 -12.03 2.38 -14.24
CA ASP D 348 -12.79 2.23 -13.02
C ASP D 348 -14.28 2.06 -13.32
N ASN D 349 -14.98 1.40 -12.40
CA ASN D 349 -16.41 1.19 -12.51
C ASN D 349 -17.22 2.46 -12.72
N ALA D 350 -16.74 3.60 -12.23
CA ALA D 350 -17.46 4.86 -12.45
C ALA D 350 -17.71 5.11 -13.92
N SER D 351 -16.66 5.02 -14.74
CA SER D 351 -16.85 5.18 -16.16
C SER D 351 -17.78 4.11 -16.71
N LYS D 352 -17.77 2.92 -16.11
CA LYS D 352 -18.59 1.83 -16.64
C LYS D 352 -20.06 2.11 -16.42
N LEU D 353 -20.40 2.80 -15.33
CA LEU D 353 -21.72 3.40 -15.20
C LEU D 353 -21.95 4.43 -16.29
N LEU D 354 -21.02 5.38 -16.41
CA LEU D 354 -21.22 6.53 -17.27
C LEU D 354 -21.53 6.11 -18.70
N ASN D 355 -20.70 5.23 -19.26
CA ASN D 355 -20.87 4.85 -20.66
C ASN D 355 -22.23 4.19 -20.89
N PHE D 356 -22.69 3.38 -19.94
CA PHE D 356 -24.01 2.78 -20.05
C PHE D 356 -25.08 3.87 -20.11
N PHE D 357 -24.97 4.86 -19.24
CA PHE D 357 -25.92 5.95 -19.24
C PHE D 357 -25.89 6.70 -20.57
N ILE D 358 -24.69 7.00 -21.05
CA ILE D 358 -24.52 7.76 -22.28
C ILE D 358 -25.16 7.03 -23.45
N ASN D 359 -24.87 5.73 -23.60
CA ASN D 359 -25.45 4.98 -24.70
C ASN D 359 -26.96 5.00 -24.64
N GLN D 360 -27.53 4.66 -23.48
CA GLN D 360 -28.98 4.56 -23.40
C GLN D 360 -29.66 5.89 -23.71
N VAL D 361 -29.17 6.97 -23.10
CA VAL D 361 -29.79 8.24 -23.40
C VAL D 361 -29.53 8.66 -24.84
N THR D 362 -28.38 8.32 -25.40
CA THR D 362 -28.11 8.66 -26.80
C THR D 362 -29.11 8.00 -27.73
N LYS D 363 -29.43 6.72 -27.50
CA LYS D 363 -30.42 6.03 -28.31
C LYS D 363 -31.82 6.54 -28.04
N ILE D 364 -32.02 7.28 -26.95
CA ILE D 364 -33.23 8.08 -26.85
C ILE D 364 -33.12 9.34 -27.68
N PHE D 365 -32.01 10.05 -27.53
CA PHE D 365 -31.82 11.38 -28.09
C PHE D 365 -31.93 11.40 -29.61
N ASN D 366 -31.48 10.35 -30.27
CA ASN D 366 -31.64 10.28 -31.71
C ASN D 366 -33.06 9.99 -32.15
N LYS D 367 -33.95 9.59 -31.25
CA LYS D 367 -35.35 9.49 -31.62
C LYS D 367 -36.07 10.83 -31.59
N ASP D 368 -35.81 11.69 -30.60
CA ASP D 368 -36.48 12.99 -30.55
C ASP D 368 -35.63 13.99 -29.80
N ASN D 369 -35.14 15.00 -30.52
CA ASN D 369 -34.28 16.02 -29.95
C ASN D 369 -34.93 16.76 -28.79
N LYS D 370 -36.25 16.76 -28.71
CA LYS D 370 -36.95 17.43 -27.62
C LYS D 370 -37.13 16.57 -26.38
N ARG D 371 -37.11 15.25 -26.53
CA ARG D 371 -37.66 14.37 -25.49
C ARG D 371 -36.92 14.52 -24.17
N ILE D 372 -35.60 14.54 -24.17
CA ILE D 372 -34.85 14.52 -22.93
C ILE D 372 -33.63 15.42 -23.02
N ARG D 373 -33.33 16.11 -21.93
CA ARG D 373 -32.06 16.78 -21.73
C ARG D 373 -31.53 16.52 -20.33
N VAL D 374 -30.23 16.69 -20.16
CA VAL D 374 -29.55 16.37 -18.91
C VAL D 374 -28.75 17.57 -18.45
N LEU D 375 -28.84 17.88 -17.16
CA LEU D 375 -28.15 19.00 -16.54
C LEU D 375 -27.21 18.47 -15.48
N PHE D 376 -25.91 18.69 -15.67
CA PHE D 376 -24.90 18.34 -14.67
C PHE D 376 -24.45 19.59 -13.91
N SER D 377 -24.43 19.48 -12.59
CA SER D 377 -23.82 20.45 -11.72
C SER D 377 -22.60 19.85 -11.03
N GLY D 378 -21.49 20.55 -11.06
CA GLY D 378 -20.26 20.02 -10.52
C GLY D 378 -19.30 21.13 -10.16
N LYS D 379 -18.08 20.73 -9.81
CA LYS D 379 -17.11 21.68 -9.28
C LYS D 379 -16.48 22.51 -10.39
N GLN D 380 -15.85 21.86 -11.36
CA GLN D 380 -15.04 22.56 -12.36
C GLN D 380 -14.97 21.72 -13.62
N LYS D 381 -15.28 22.34 -14.75
CA LYS D 381 -15.52 21.65 -16.00
C LYS D 381 -14.47 20.59 -16.32
N THR D 382 -13.20 20.88 -16.08
CA THR D 382 -12.17 19.90 -16.40
C THR D 382 -12.15 18.72 -15.44
N GLN D 383 -12.63 18.88 -14.22
CA GLN D 383 -12.37 17.90 -13.18
C GLN D 383 -13.22 16.64 -13.34
N ILE D 384 -14.40 16.76 -13.95
CA ILE D 384 -15.24 15.59 -14.21
C ILE D 384 -14.56 14.65 -15.19
N ASN D 385 -15.04 13.41 -15.22
CA ASN D 385 -14.52 12.37 -16.09
C ASN D 385 -14.47 12.83 -17.54
N PRO D 386 -13.29 12.86 -18.16
CA PRO D 386 -13.17 13.43 -19.51
C PRO D 386 -13.93 12.66 -20.55
N LEU D 387 -14.32 11.41 -20.26
CA LEU D 387 -15.19 10.68 -21.16
C LEU D 387 -16.46 11.47 -21.46
N LEU D 388 -16.93 12.25 -20.49
CA LEU D 388 -18.12 13.08 -20.69
C LEU D 388 -17.91 14.13 -21.77
N PHE D 389 -16.66 14.54 -21.99
CA PHE D 389 -16.31 15.39 -23.13
C PHE D 389 -16.03 14.60 -24.42
N ASP D 390 -15.35 13.46 -24.34
CA ASP D 390 -14.80 12.84 -25.54
C ASP D 390 -15.88 12.31 -26.48
N LYS D 391 -17.06 11.99 -25.98
CA LYS D 391 -18.17 11.62 -26.85
C LYS D 391 -19.00 12.81 -27.31
N HIS D 392 -18.55 14.03 -27.03
CA HIS D 392 -19.31 15.25 -27.29
C HIS D 392 -20.70 15.19 -26.65
N PHE D 393 -20.70 14.88 -25.36
CA PHE D 393 -21.91 14.97 -24.56
C PHE D 393 -22.20 16.39 -24.09
N VAL D 394 -21.17 17.10 -23.61
CA VAL D 394 -21.34 18.50 -23.19
C VAL D 394 -21.57 19.40 -24.40
N SER D 395 -22.08 20.60 -24.11
CA SER D 395 -22.05 21.68 -25.10
C SER D 395 -22.12 23.08 -24.49
N GLU D 396 -21.73 23.28 -23.23
CA GLU D 396 -21.94 24.55 -22.56
C GLU D 396 -20.97 24.64 -21.40
N THR D 397 -20.81 25.87 -20.88
CA THR D 397 -19.93 26.08 -19.74
C THR D 397 -20.26 27.37 -19.00
N TRP D 398 -21.49 27.52 -18.54
CA TRP D 398 -21.80 28.59 -17.62
C TRP D 398 -21.12 28.34 -16.27
N SER D 399 -20.20 29.22 -15.91
CA SER D 399 -19.51 29.16 -14.63
C SER D 399 -19.92 30.36 -13.79
N LEU D 400 -20.50 30.09 -12.62
CA LEU D 400 -20.94 31.15 -11.73
C LEU D 400 -19.70 31.76 -11.07
N ARG D 401 -19.08 32.67 -11.81
CA ARG D 401 -17.73 33.12 -11.46
C ARG D 401 -17.70 33.82 -10.11
N ALA D 402 -18.57 34.80 -9.88
CA ALA D 402 -18.57 35.52 -8.62
C ALA D 402 -19.86 36.32 -8.50
N PRO D 403 -20.20 36.77 -7.30
CA PRO D 403 -21.05 37.95 -7.16
C PRO D 403 -20.31 39.20 -7.62
N ASP D 404 -21.07 40.29 -7.77
CA ASP D 404 -20.46 41.55 -8.18
C ASP D 404 -21.15 42.75 -7.53
N LYS D 405 -20.47 43.89 -7.64
CA LYS D 405 -20.64 45.05 -6.76
C LYS D 405 -22.09 45.47 -6.57
N HIS D 406 -22.81 45.73 -7.67
CA HIS D 406 -24.17 46.23 -7.55
C HIS D 406 -25.12 45.19 -6.99
N ALA D 407 -24.98 43.94 -7.42
CA ALA D 407 -25.94 42.93 -6.98
C ALA D 407 -25.75 42.59 -5.52
N ARG D 408 -24.49 42.49 -5.09
CA ARG D 408 -24.18 42.02 -3.74
C ARG D 408 -24.85 42.86 -2.68
N ALA D 409 -25.06 44.15 -2.94
CA ALA D 409 -25.80 44.99 -1.99
C ALA D 409 -27.26 44.55 -1.87
N LYS D 410 -27.94 44.38 -3.00
CA LYS D 410 -29.32 43.92 -2.96
C LYS D 410 -29.43 42.55 -2.27
N LEU D 411 -28.49 41.66 -2.59
CA LEU D 411 -28.40 40.36 -1.92
C LEU D 411 -28.23 40.52 -0.42
N LEU D 412 -27.30 41.37 -0.01
CA LEU D 412 -27.02 41.56 1.41
C LEU D 412 -28.23 42.14 2.14
N GLU D 413 -28.94 43.06 1.49
CA GLU D 413 -30.20 43.55 2.04
C GLU D 413 -31.22 42.43 2.21
N TYR D 414 -31.31 41.53 1.24
CA TYR D 414 -32.22 40.40 1.38
C TYR D 414 -31.85 39.53 2.57
N PHE D 415 -30.57 39.22 2.73
CA PHE D 415 -30.15 38.48 3.91
C PHE D 415 -30.48 39.22 5.19
N PHE D 416 -30.19 40.52 5.25
CA PHE D 416 -30.55 41.28 6.44
C PHE D 416 -32.03 41.16 6.76
N SER D 417 -32.88 41.17 5.74
CA SER D 417 -34.30 41.01 5.98
C SER D 417 -34.75 39.56 5.95
N LYS D 418 -33.83 38.61 6.01
CA LYS D 418 -34.18 37.21 5.78
C LYS D 418 -35.13 36.70 6.86
N ASN D 419 -34.66 36.64 8.09
CA ASN D 419 -35.45 36.15 9.22
C ASN D 419 -34.85 36.72 10.50
N GLN D 420 -35.63 36.65 11.58
CA GLN D 420 -35.27 37.30 12.84
C GLN D 420 -34.94 38.77 12.62
N ILE D 421 -35.88 39.46 11.98
CA ILE D 421 -35.66 40.73 11.28
C ILE D 421 -34.89 41.74 12.12
N MET D 422 -33.67 42.06 11.66
CA MET D 422 -32.79 43.03 12.30
C MET D 422 -33.12 44.46 11.89
N LYS D 423 -34.03 44.65 10.94
CA LYS D 423 -34.57 45.96 10.56
C LYS D 423 -33.47 46.96 10.20
N LEU D 424 -32.56 46.53 9.35
CA LEU D 424 -31.56 47.38 8.69
C LEU D 424 -30.70 48.12 9.73
N ASN D 425 -30.28 49.33 9.38
CA ASN D 425 -29.13 49.96 10.01
C ASN D 425 -29.35 51.46 10.07
N ARG D 426 -28.53 52.12 10.89
CA ARG D 426 -28.46 53.57 10.85
C ARG D 426 -27.76 54.09 9.60
N ASP D 427 -28.37 55.10 8.98
CA ASP D 427 -27.77 55.98 7.97
C ASP D 427 -27.33 55.33 6.66
N LEU D 428 -26.49 54.29 6.72
CA LEU D 428 -25.94 53.71 5.50
C LEU D 428 -26.99 52.97 4.68
N GLN D 429 -26.60 52.65 3.44
CA GLN D 429 -27.35 51.74 2.60
C GLN D 429 -26.37 50.81 1.88
N PHE D 430 -25.53 50.13 2.66
CA PHE D 430 -24.79 48.95 2.25
C PHE D 430 -23.74 49.17 1.17
N SER D 431 -23.86 50.25 0.39
CA SER D 431 -22.96 50.41 -0.75
C SER D 431 -21.52 50.51 -0.30
N ASP D 432 -21.23 51.43 0.61
CA ASP D 432 -19.91 51.47 1.21
C ASP D 432 -19.62 50.19 1.99
N LEU D 433 -20.65 49.65 2.65
CA LEU D 433 -20.51 48.46 3.48
C LEU D 433 -19.99 47.26 2.71
N SER D 434 -20.09 47.28 1.39
CA SER D 434 -19.43 46.28 0.55
C SER D 434 -17.93 46.23 0.74
N LEU D 435 -17.33 47.31 1.26
CA LEU D 435 -15.90 47.56 1.11
C LEU D 435 -15.02 46.37 1.48
N GLU D 436 -15.31 45.72 2.62
CA GLU D 436 -14.56 44.55 3.06
C GLU D 436 -15.07 43.22 2.49
N THR D 437 -16.26 43.18 1.90
CA THR D 437 -16.85 41.93 1.46
C THR D 437 -16.32 41.44 0.12
N GLU D 438 -15.30 42.11 -0.43
CA GLU D 438 -14.98 42.02 -1.84
C GLU D 438 -14.90 40.58 -2.33
N GLY D 439 -14.14 39.73 -1.63
CA GLY D 439 -13.98 38.37 -2.04
C GLY D 439 -15.03 37.38 -1.59
N PHE D 440 -16.05 37.85 -0.89
CA PHE D 440 -16.99 36.93 -0.24
C PHE D 440 -17.94 36.33 -1.27
N SER D 441 -18.80 35.44 -0.79
CA SER D 441 -19.65 34.60 -1.61
C SER D 441 -21.03 34.55 -0.95
N PRO D 442 -22.06 34.16 -1.69
CA PRO D 442 -23.42 34.29 -1.13
C PRO D 442 -23.63 33.56 0.19
N LEU D 443 -23.20 32.30 0.29
CA LEU D 443 -23.27 31.65 1.59
C LEU D 443 -22.44 32.39 2.62
N ASP D 444 -21.32 32.97 2.20
CA ASP D 444 -20.51 33.76 3.12
C ASP D 444 -21.27 34.96 3.64
N LEU D 445 -21.99 35.67 2.76
CA LEU D 445 -22.77 36.80 3.23
C LEU D 445 -23.94 36.38 4.12
N GLU D 446 -24.50 35.19 3.90
CA GLU D 446 -25.45 34.66 4.87
C GLU D 446 -24.82 34.53 6.24
N ILE D 447 -23.71 33.79 6.31
CA ILE D 447 -23.07 33.54 7.60
C ILE D 447 -22.69 34.86 8.26
N PHE D 448 -22.05 35.75 7.50
CA PHE D 448 -21.64 37.04 8.02
C PHE D 448 -22.81 37.85 8.54
N THR D 449 -23.94 37.82 7.82
CA THR D 449 -25.13 38.51 8.30
C THR D 449 -25.58 37.97 9.64
N GLU D 450 -25.67 36.65 9.75
CA GLU D 450 -26.09 36.08 11.03
C GLU D 450 -25.11 36.44 12.14
N LYS D 451 -23.82 36.37 11.85
CA LYS D 451 -22.80 36.76 12.83
C LYS D 451 -22.97 38.19 13.30
N ILE D 452 -23.15 39.11 12.36
CA ILE D 452 -23.41 40.51 12.71
C ILE D 452 -24.63 40.63 13.59
N PHE D 453 -25.70 39.90 13.27
CA PHE D 453 -26.89 39.98 14.10
C PHE D 453 -26.61 39.50 15.52
N TYR D 454 -25.97 38.34 15.66
CA TYR D 454 -25.70 37.81 16.99
C TYR D 454 -24.83 38.76 17.79
N ASP D 455 -23.73 39.21 17.20
CA ASP D 455 -22.80 40.03 17.95
C ASP D 455 -23.25 41.48 18.08
N LEU D 456 -24.33 41.87 17.40
CA LEU D 456 -25.10 43.02 17.86
C LEU D 456 -25.87 42.67 19.12
N GLN D 457 -26.67 41.61 19.08
CA GLN D 457 -27.77 41.45 20.00
C GLN D 457 -27.35 41.31 21.46
N LEU D 458 -26.06 41.08 21.75
CA LEU D 458 -25.60 41.13 23.13
C LEU D 458 -24.82 42.37 23.48
N GLU D 459 -24.10 42.96 22.54
CA GLU D 459 -23.22 44.08 22.88
C GLU D 459 -23.99 45.35 23.14
N ARG D 460 -25.20 45.46 22.61
CA ARG D 460 -26.24 46.32 23.15
C ARG D 460 -27.25 45.45 23.90
N ASP D 461 -27.74 45.97 25.02
CA ASP D 461 -28.93 45.38 25.64
C ASP D 461 -30.18 45.70 24.84
N CYS D 462 -30.26 46.87 24.24
CA CYS D 462 -31.28 47.14 23.23
C CYS D 462 -30.98 46.38 21.94
N ASP D 463 -32.03 46.18 21.15
CA ASP D 463 -31.96 45.28 20.00
C ASP D 463 -31.52 45.97 18.71
N ASN D 464 -32.46 46.15 17.78
CA ASN D 464 -32.15 46.39 16.37
C ASN D 464 -31.64 47.80 16.13
N VAL D 465 -30.34 48.00 16.24
CA VAL D 465 -29.62 49.09 15.59
C VAL D 465 -28.23 48.62 15.21
N VAL D 466 -27.97 48.47 13.91
CA VAL D 466 -26.61 48.29 13.42
C VAL D 466 -25.85 49.61 13.47
N THR D 467 -24.60 49.54 13.90
CA THR D 467 -23.73 50.71 13.99
C THR D 467 -22.44 50.42 13.24
N ARG D 468 -21.89 51.47 12.63
CA ARG D 468 -20.76 51.33 11.71
C ARG D 468 -19.60 50.57 12.35
N GLU D 469 -19.27 50.94 13.58
CA GLU D 469 -18.10 50.39 14.27
C GLU D 469 -18.32 48.94 14.70
N LEU D 470 -19.50 48.63 15.23
CA LEU D 470 -19.80 47.26 15.60
C LEU D 470 -19.81 46.34 14.38
N PHE D 471 -20.30 46.83 13.25
CA PHE D 471 -20.16 46.07 12.01
C PHE D 471 -18.69 45.89 11.64
N SER D 472 -17.93 46.99 11.61
CA SER D 472 -16.55 46.95 11.13
C SER D 472 -15.68 46.00 11.96
N LYS D 473 -15.82 46.04 13.28
CA LYS D 473 -15.01 45.19 14.14
C LYS D 473 -15.22 43.70 13.88
N SER D 474 -16.35 43.32 13.28
CA SER D 474 -16.58 41.91 12.97
C SER D 474 -15.61 41.42 11.90
N LEU D 475 -15.52 42.14 10.79
CA LEU D 475 -14.71 41.71 9.67
C LEU D 475 -13.22 41.72 9.99
N SER D 476 -12.81 42.42 11.04
CA SER D 476 -11.42 42.40 11.47
C SER D 476 -10.93 41.00 11.85
N ALA D 477 -11.84 40.10 12.22
CA ALA D 477 -11.43 38.76 12.65
C ALA D 477 -12.33 37.63 12.16
N PHE D 478 -13.62 37.86 11.95
CA PHE D 478 -14.51 36.75 11.58
C PHE D 478 -14.04 36.05 10.32
N THR D 479 -13.54 36.81 9.36
CA THR D 479 -12.78 36.33 8.21
C THR D 479 -13.39 35.07 7.61
N PRO D 480 -14.57 35.15 7.02
CA PRO D 480 -15.24 33.92 6.54
C PRO D 480 -14.39 33.16 5.54
N SER D 481 -13.93 33.84 4.49
CA SER D 481 -12.71 33.48 3.75
C SER D 481 -12.69 31.99 3.40
N ALA D 482 -13.86 31.45 3.07
CA ALA D 482 -14.05 30.00 3.06
C ALA D 482 -13.11 29.33 2.06
N LEU D 483 -12.79 30.02 0.98
CA LEU D 483 -11.86 29.53 -0.04
C LEU D 483 -10.40 29.85 0.29
N ARG D 484 -10.11 30.43 1.45
CA ARG D 484 -8.79 30.97 1.73
C ARG D 484 -8.05 30.19 2.81
N GLY D 485 -8.59 29.05 3.24
CA GLY D 485 -7.98 28.30 4.32
C GLY D 485 -8.01 29.03 5.65
N VAL D 486 -6.93 28.90 6.41
CA VAL D 486 -6.87 29.50 7.73
C VAL D 486 -6.48 30.98 7.68
N LYS D 487 -5.37 31.31 7.02
CA LYS D 487 -4.96 32.70 6.91
C LYS D 487 -3.93 32.85 5.78
N LEU D 488 -4.10 33.89 4.96
CA LEU D 488 -3.23 34.05 3.80
C LEU D 488 -3.00 35.54 3.50
N THR D 489 -2.92 36.38 4.53
CA THR D 489 -2.62 37.79 4.31
C THR D 489 -1.98 38.41 5.55
N LYS D 490 -1.15 39.43 5.30
CA LYS D 490 -0.50 40.20 6.36
C LYS D 490 -0.34 41.68 5.98
N GLU D 491 0.21 41.93 4.80
CA GLU D 491 0.48 43.29 4.33
C GLU D 491 -0.79 44.12 4.18
N THR D 492 -0.86 45.23 4.93
CA THR D 492 -2.00 46.13 4.89
C THR D 492 -1.57 47.59 5.10
N ASN D 493 -0.33 47.93 4.75
CA ASN D 493 0.28 49.17 5.22
C ASN D 493 -0.21 50.41 4.47
N ILE D 494 -0.05 50.44 3.15
CA ILE D 494 -0.15 51.70 2.39
C ILE D 494 -1.35 51.64 1.46
N LYS D 495 -2.27 52.59 1.62
CA LYS D 495 -3.43 52.70 0.76
C LYS D 495 -3.10 53.38 -0.57
N TRP D 496 -4.00 53.18 -1.54
CA TRP D 496 -3.88 53.80 -2.85
C TRP D 496 -3.76 55.31 -2.78
N GLY D 497 -4.56 55.95 -1.94
CA GLY D 497 -4.46 57.37 -1.71
C GLY D 497 -3.42 57.80 -0.70
N ASP D 498 -2.49 56.92 -0.34
CA ASP D 498 -1.42 57.22 0.60
C ASP D 498 -0.14 57.39 -0.19
N ILE D 499 -0.01 58.55 -0.83
CA ILE D 499 1.12 58.81 -1.73
C ILE D 499 2.33 59.19 -0.90
N GLY D 500 2.93 58.21 -0.23
CA GLY D 500 4.35 58.31 0.08
C GLY D 500 5.18 58.53 -1.16
N ALA D 501 6.32 59.19 -0.97
CA ALA D 501 7.20 59.62 -2.07
C ALA D 501 6.40 60.53 -3.01
N LEU D 502 6.62 60.44 -4.32
CA LEU D 502 6.28 61.49 -5.27
C LEU D 502 5.34 61.00 -6.37
N ALA D 503 4.47 61.91 -6.82
CA ALA D 503 3.56 61.67 -7.94
C ALA D 503 4.21 61.90 -9.30
N ASN D 504 5.51 62.19 -9.34
CA ASN D 504 6.15 62.85 -10.48
C ASN D 504 5.78 62.23 -11.82
N ALA D 505 5.70 60.89 -11.89
CA ALA D 505 5.22 60.21 -13.07
C ALA D 505 4.08 59.26 -12.73
N LYS D 506 3.56 59.32 -11.51
CA LYS D 506 2.40 58.53 -11.13
C LYS D 506 1.27 58.74 -12.12
N ASP D 507 1.21 59.91 -12.73
CA ASP D 507 0.34 60.16 -13.88
C ASP D 507 0.28 58.99 -14.87
N VAL D 508 1.43 58.51 -15.32
CA VAL D 508 1.45 57.45 -16.34
C VAL D 508 1.09 56.10 -15.74
N LEU D 509 1.53 55.83 -14.52
CA LEU D 509 1.15 54.60 -13.85
C LEU D 509 -0.37 54.50 -13.69
N LEU D 510 -0.98 55.56 -13.16
CA LEU D 510 -2.43 55.64 -13.07
C LEU D 510 -3.09 55.51 -14.44
N GLU D 511 -2.57 56.22 -15.45
CA GLU D 511 -3.11 56.16 -16.80
C GLU D 511 -3.08 54.75 -17.38
N THR D 512 -2.10 53.95 -16.98
CA THR D 512 -2.11 52.55 -17.38
C THR D 512 -3.05 51.74 -16.50
N LEU D 513 -3.08 52.04 -15.20
CA LEU D 513 -3.83 51.29 -14.22
C LEU D 513 -5.33 51.39 -14.41
N GLU D 514 -5.91 52.57 -14.17
CA GLU D 514 -7.35 52.63 -13.93
C GLU D 514 -8.18 52.70 -15.19
N TRP D 515 -7.62 53.16 -16.31
CA TRP D 515 -8.46 53.44 -17.47
C TRP D 515 -9.22 52.22 -17.95
N PRO D 516 -8.66 51.00 -17.97
CA PRO D 516 -9.48 49.82 -18.30
C PRO D 516 -10.58 49.51 -17.30
N THR D 517 -10.64 50.22 -16.17
CA THR D 517 -11.74 50.06 -15.22
C THR D 517 -12.46 51.39 -14.98
N LYS D 518 -12.16 52.41 -15.78
CA LYS D 518 -12.83 53.69 -15.71
C LYS D 518 -13.38 54.16 -17.04
N TYR D 519 -12.94 53.60 -18.16
CA TYR D 519 -13.45 53.94 -19.49
C TYR D 519 -13.79 52.68 -20.28
N GLU D 520 -14.11 51.61 -19.55
CA GLU D 520 -13.94 50.20 -19.94
C GLU D 520 -14.25 49.86 -21.40
N PRO D 521 -15.45 50.15 -21.92
CA PRO D 521 -15.76 49.71 -23.29
C PRO D 521 -14.96 50.42 -24.37
N ILE D 522 -14.28 51.52 -24.08
CA ILE D 522 -13.50 52.22 -25.11
C ILE D 522 -12.44 51.29 -25.69
N PHE D 523 -11.79 50.50 -24.85
CA PHE D 523 -10.73 49.60 -25.31
C PHE D 523 -11.27 48.51 -26.21
N VAL D 524 -12.54 48.13 -26.04
CA VAL D 524 -13.09 46.99 -26.78
C VAL D 524 -13.24 47.34 -28.25
N ASN D 525 -13.63 48.57 -28.56
CA ASN D 525 -13.93 48.92 -29.95
C ASN D 525 -12.69 49.20 -30.76
N CYS D 526 -11.52 49.29 -30.12
CA CYS D 526 -10.27 49.40 -30.85
C CYS D 526 -9.47 48.11 -30.70
N PRO D 527 -9.09 47.47 -31.79
CA PRO D 527 -8.40 46.18 -31.70
C PRO D 527 -6.95 46.29 -31.24
N LEU D 528 -6.64 47.18 -30.31
CA LEU D 528 -5.32 47.13 -29.70
C LEU D 528 -5.15 45.82 -28.92
N ARG D 529 -3.92 45.34 -28.90
CA ARG D 529 -3.48 44.54 -27.77
C ARG D 529 -3.24 45.47 -26.59
N LEU D 530 -3.79 45.10 -25.43
CA LEU D 530 -3.88 45.99 -24.29
C LEU D 530 -2.50 46.47 -23.86
N ARG D 531 -2.24 47.75 -24.10
CA ARG D 531 -0.96 48.34 -23.79
C ARG D 531 -0.70 48.28 -22.29
N SER D 532 0.48 47.77 -21.92
CA SER D 532 0.88 47.65 -20.52
C SER D 532 2.38 47.80 -20.37
N GLY D 533 2.93 47.25 -19.29
CA GLY D 533 4.35 47.00 -19.21
C GLY D 533 5.20 48.20 -18.86
N ILE D 534 5.69 48.25 -17.62
CA ILE D 534 6.42 49.41 -17.13
C ILE D 534 7.68 48.93 -16.42
N LEU D 535 8.78 49.62 -16.65
CA LEU D 535 10.00 49.50 -15.85
C LEU D 535 10.23 50.80 -15.10
N LEU D 536 10.38 50.71 -13.78
CA LEU D 536 10.79 51.88 -13.02
C LEU D 536 12.30 52.05 -13.04
N TYR D 537 12.73 53.32 -13.05
CA TYR D 537 14.13 53.64 -13.32
C TYR D 537 15.04 53.28 -12.16
N GLY D 538 14.54 53.34 -10.94
CA GLY D 538 15.17 52.68 -9.81
C GLY D 538 16.56 53.15 -9.42
N TYR D 539 17.04 54.27 -9.98
CA TYR D 539 18.43 54.67 -9.77
C TYR D 539 18.85 54.78 -8.29
N PRO D 540 18.01 55.23 -7.35
CA PRO D 540 18.49 55.33 -5.97
C PRO D 540 18.46 54.04 -5.20
N GLY D 541 18.06 52.94 -5.84
CA GLY D 541 17.77 51.73 -5.08
C GLY D 541 16.61 51.92 -4.13
N CYS D 542 15.59 52.67 -4.54
CA CYS D 542 14.47 53.00 -3.69
C CYS D 542 13.20 53.09 -4.53
N GLY D 543 12.06 53.20 -3.85
CA GLY D 543 10.82 53.51 -4.51
C GLY D 543 9.86 52.34 -4.64
N LYS D 544 10.18 51.39 -5.52
CA LYS D 544 9.13 50.54 -6.04
C LYS D 544 8.50 49.73 -4.93
N THR D 545 9.27 49.36 -3.90
CA THR D 545 8.72 48.54 -2.83
C THR D 545 7.46 49.20 -2.27
N LEU D 546 7.51 50.52 -2.10
CA LEU D 546 6.32 51.28 -1.71
C LEU D 546 5.34 51.37 -2.87
N LEU D 547 5.79 51.92 -3.99
CA LEU D 547 4.90 52.29 -5.08
C LEU D 547 4.05 51.13 -5.58
N ALA D 548 4.67 49.97 -5.79
CA ALA D 548 3.94 48.80 -6.28
C ALA D 548 2.93 48.29 -5.27
N SER D 549 3.31 48.23 -4.00
CA SER D 549 2.37 47.81 -2.97
C SER D 549 1.16 48.73 -2.94
N ALA D 550 1.40 50.03 -3.04
CA ALA D 550 0.31 51.00 -3.06
C ALA D 550 -0.59 50.81 -4.29
N VAL D 551 0.02 50.63 -5.46
CA VAL D 551 -0.76 50.39 -6.66
C VAL D 551 -1.60 49.11 -6.51
N ALA D 552 -1.03 48.10 -5.86
CA ALA D 552 -1.79 46.89 -5.55
C ALA D 552 -2.97 47.20 -4.65
N GLN D 553 -2.77 48.07 -3.68
CA GLN D 553 -3.89 48.53 -2.87
C GLN D 553 -4.89 49.42 -3.67
N GLN D 554 -4.84 49.43 -5.00
CA GLN D 554 -6.05 49.72 -5.78
C GLN D 554 -7.18 48.76 -5.46
N CYS D 555 -6.85 47.55 -4.98
CA CYS D 555 -7.81 46.55 -4.50
C CYS D 555 -8.71 45.97 -5.59
N GLY D 556 -8.79 46.64 -6.74
CA GLY D 556 -9.44 46.06 -7.90
C GLY D 556 -8.58 45.02 -8.59
N LEU D 557 -7.86 44.22 -7.81
CA LEU D 557 -6.83 43.36 -8.36
C LEU D 557 -6.50 42.25 -7.36
N ASN D 558 -5.74 41.26 -7.84
CA ASN D 558 -5.52 40.00 -7.13
C ASN D 558 -4.04 39.76 -6.90
N PHE D 559 -3.38 40.67 -6.19
CA PHE D 559 -1.93 40.76 -6.21
C PHE D 559 -1.24 39.48 -5.74
N ILE D 560 -0.08 39.21 -6.33
CA ILE D 560 0.73 38.03 -6.06
C ILE D 560 2.20 38.46 -5.99
N SER D 561 2.95 37.89 -5.06
CA SER D 561 4.27 38.38 -4.72
C SER D 561 5.37 37.48 -5.28
N VAL D 562 6.35 38.10 -5.95
CA VAL D 562 7.59 37.45 -6.37
C VAL D 562 8.71 38.46 -6.26
N LYS D 563 9.90 37.98 -5.91
CA LYS D 563 11.09 38.82 -5.85
C LYS D 563 12.26 38.12 -6.51
N GLY D 564 13.06 38.89 -7.26
CA GLY D 564 14.08 38.38 -8.14
C GLY D 564 15.05 37.35 -7.56
N PRO D 565 15.82 37.76 -6.56
CA PRO D 565 16.83 36.86 -5.97
C PRO D 565 16.29 35.61 -5.27
N GLU D 566 14.99 35.34 -5.38
CA GLU D 566 14.47 34.03 -5.01
C GLU D 566 14.83 32.95 -6.04
N ILE D 567 14.81 33.29 -7.33
CA ILE D 567 14.69 32.27 -8.37
C ILE D 567 16.03 31.70 -8.84
N LEU D 568 17.16 32.30 -8.47
CA LEU D 568 18.45 31.90 -9.05
C LEU D 568 19.04 30.63 -8.44
N ASN D 569 18.19 29.63 -8.18
CA ASN D 569 18.66 28.31 -7.73
C ASN D 569 19.73 27.78 -8.68
N LYS D 570 20.80 27.25 -8.11
CA LYS D 570 21.88 26.74 -8.94
C LYS D 570 21.61 25.35 -9.49
N PHE D 571 20.52 24.70 -9.10
CA PHE D 571 20.08 23.52 -9.83
C PHE D 571 19.73 23.90 -11.26
N ILE D 572 19.97 22.97 -12.19
CA ILE D 572 19.88 23.30 -13.61
C ILE D 572 18.49 23.76 -13.98
N GLY D 573 17.46 23.15 -13.40
CA GLY D 573 16.08 23.38 -13.77
C GLY D 573 15.41 24.62 -13.21
N ALA D 574 16.17 25.55 -12.64
CA ALA D 574 15.61 26.56 -11.75
C ALA D 574 14.54 27.41 -12.42
N SER D 575 14.57 27.55 -13.74
CA SER D 575 13.55 28.35 -14.40
C SER D 575 12.21 27.65 -14.40
N GLU D 576 12.16 26.43 -14.91
CA GLU D 576 10.99 25.59 -14.73
C GLU D 576 10.71 25.33 -13.24
N GLN D 577 9.45 25.01 -12.94
CA GLN D 577 8.96 24.87 -11.57
C GLN D 577 9.03 26.14 -10.73
N ASN D 578 9.63 27.21 -11.23
CA ASN D 578 9.50 28.52 -10.61
C ASN D 578 8.73 29.48 -11.53
N ILE D 579 9.32 29.91 -12.64
CA ILE D 579 8.71 30.96 -13.44
C ILE D 579 7.38 30.50 -14.02
N ARG D 580 7.39 29.34 -14.66
CA ARG D 580 6.15 28.74 -15.16
C ARG D 580 5.15 28.43 -14.04
N GLU D 581 5.64 28.02 -12.87
CA GLU D 581 4.75 27.84 -11.74
C GLU D 581 4.06 29.14 -11.34
N LEU D 582 4.83 30.21 -11.20
CA LEU D 582 4.26 31.47 -10.74
C LEU D 582 3.36 32.10 -11.79
N PHE D 583 3.66 31.93 -13.07
CA PHE D 583 2.71 32.41 -14.07
C PHE D 583 1.49 31.52 -14.29
N GLU D 584 1.56 30.21 -14.04
CA GLU D 584 0.31 29.46 -13.94
C GLU D 584 -0.51 29.95 -12.75
N ARG D 585 0.14 30.24 -11.64
CA ARG D 585 -0.53 30.91 -10.53
C ARG D 585 -1.18 32.23 -10.97
N ALA D 586 -0.47 33.01 -11.78
CA ALA D 586 -1.05 34.23 -12.35
C ALA D 586 -2.22 33.93 -13.28
N GLN D 587 -2.27 32.74 -13.87
CA GLN D 587 -3.48 32.37 -14.60
C GLN D 587 -4.58 31.93 -13.66
N SER D 588 -4.22 31.38 -12.51
CA SER D 588 -5.21 30.86 -11.58
C SER D 588 -5.95 31.99 -10.89
N VAL D 589 -5.22 33.06 -10.58
CA VAL D 589 -5.88 34.30 -10.19
C VAL D 589 -6.54 34.93 -11.41
N LYS D 590 -7.54 35.75 -11.16
CA LYS D 590 -7.99 36.67 -12.20
C LYS D 590 -6.83 37.61 -12.57
N PRO D 591 -6.69 37.96 -13.84
CA PRO D 591 -5.49 38.68 -14.29
C PRO D 591 -5.24 39.97 -13.51
N CYS D 592 -3.97 40.24 -13.25
CA CYS D 592 -3.55 41.12 -12.18
C CYS D 592 -2.14 41.63 -12.48
N ILE D 593 -1.72 42.64 -11.73
CA ILE D 593 -0.31 42.99 -11.69
C ILE D 593 0.50 41.87 -11.04
N LEU D 594 1.74 41.71 -11.52
CA LEU D 594 2.71 40.84 -10.89
C LEU D 594 4.02 41.62 -10.71
N PHE D 595 4.63 41.45 -9.56
CA PHE D 595 5.83 42.20 -9.19
C PHE D 595 7.08 41.42 -9.58
N PHE D 596 8.08 42.14 -10.10
CA PHE D 596 9.47 41.68 -10.14
C PHE D 596 10.40 42.82 -9.69
N ASP D 597 11.62 42.44 -9.31
CA ASP D 597 12.66 43.42 -9.01
C ASP D 597 14.03 42.82 -9.32
N GLU D 598 15.07 43.62 -9.07
CA GLU D 598 16.48 43.20 -9.17
C GLU D 598 16.87 42.70 -10.57
N PHE D 599 16.32 43.30 -11.63
CA PHE D 599 16.63 42.84 -12.97
C PHE D 599 18.12 42.88 -13.31
N ASP D 600 18.91 43.72 -12.64
CA ASP D 600 20.36 43.64 -12.79
C ASP D 600 20.89 42.24 -12.50
N SER D 601 20.21 41.48 -11.66
CA SER D 601 20.50 40.06 -11.50
C SER D 601 19.81 39.22 -12.56
N ILE D 602 18.52 39.45 -12.78
CA ILE D 602 17.71 38.51 -13.57
C ILE D 602 18.08 38.53 -15.05
N ALA D 603 18.49 39.66 -15.60
CA ALA D 603 18.50 39.73 -17.06
C ALA D 603 19.73 40.35 -17.72
N PRO D 604 20.95 40.04 -17.28
CA PRO D 604 22.13 40.58 -17.97
C PRO D 604 22.12 40.26 -19.45
N LYS D 605 22.52 41.24 -20.26
CA LYS D 605 22.49 41.15 -21.72
C LYS D 605 23.59 40.22 -22.22
N ARG D 606 23.32 38.92 -22.14
CA ARG D 606 24.34 37.92 -22.49
C ARG D 606 24.84 38.07 -23.92
N GLY D 607 24.05 38.71 -24.79
CA GLY D 607 24.56 39.21 -26.06
C GLY D 607 25.13 38.18 -26.99
N HIS D 608 24.80 36.91 -26.79
CA HIS D 608 25.40 35.70 -27.38
C HIS D 608 26.87 35.55 -27.05
N ASP D 609 27.41 36.36 -26.14
CA ASP D 609 28.79 36.19 -25.71
C ASP D 609 28.89 35.25 -24.51
N SER D 610 28.09 35.50 -23.47
CA SER D 610 28.22 34.79 -22.21
C SER D 610 27.43 33.49 -22.19
N THR D 611 26.18 33.51 -22.68
CA THR D 611 25.35 32.31 -22.90
C THR D 611 25.09 31.50 -21.63
N GLY D 612 25.32 32.07 -20.46
CA GLY D 612 25.30 31.32 -19.22
C GLY D 612 23.92 30.83 -18.81
N VAL D 613 23.84 30.33 -17.57
CA VAL D 613 22.59 29.94 -16.95
C VAL D 613 21.64 31.13 -16.82
N THR D 614 22.17 32.34 -16.89
CA THR D 614 21.35 33.52 -17.10
C THR D 614 20.39 33.34 -18.28
N ASP D 615 20.91 32.84 -19.40
CA ASP D 615 20.08 32.60 -20.57
C ASP D 615 19.04 31.49 -20.39
N ARG D 616 19.33 30.45 -19.61
CA ARG D 616 18.31 29.40 -19.41
C ARG D 616 17.11 29.87 -18.60
N VAL D 617 17.26 30.87 -17.74
CA VAL D 617 16.08 31.53 -17.18
C VAL D 617 15.53 32.60 -18.12
N VAL D 618 16.42 33.34 -18.80
CA VAL D 618 15.96 34.42 -19.67
C VAL D 618 14.99 33.90 -20.70
N ASN D 619 15.36 32.86 -21.46
CA ASN D 619 14.53 32.47 -22.59
C ASN D 619 13.14 32.03 -22.18
N GLN D 620 13.00 31.42 -21.01
CA GLN D 620 11.66 31.13 -20.48
C GLN D 620 10.90 32.41 -20.17
N LEU D 621 11.56 33.34 -19.45
CA LEU D 621 10.90 34.57 -19.05
C LEU D 621 10.56 35.47 -20.24
N LEU D 622 11.41 35.46 -21.26
CA LEU D 622 11.21 36.11 -22.54
C LEU D 622 10.11 35.47 -23.37
N THR D 623 9.39 34.49 -22.83
CA THR D 623 8.42 33.79 -23.64
C THR D 623 7.07 33.65 -22.98
N GLN D 624 7.05 33.08 -21.76
CA GLN D 624 5.79 32.54 -21.25
C GLN D 624 4.65 33.56 -21.23
N MET D 625 4.95 34.81 -20.87
CA MET D 625 3.90 35.81 -20.71
C MET D 625 3.41 36.39 -22.03
N ASP D 626 4.17 36.23 -23.11
CA ASP D 626 4.02 37.02 -24.32
C ASP D 626 3.91 36.12 -25.54
N GLY D 627 3.05 36.50 -26.47
CA GLY D 627 2.94 35.75 -27.72
C GLY D 627 2.32 34.38 -27.60
N ALA D 628 1.53 34.15 -26.56
CA ALA D 628 0.83 32.89 -26.36
C ALA D 628 -0.30 33.15 -25.37
N GLU D 629 -1.11 32.12 -25.13
CA GLU D 629 -2.01 32.09 -23.98
C GLU D 629 -1.27 32.37 -22.68
N GLY D 630 -1.58 33.49 -22.03
CA GLY D 630 -0.68 34.09 -21.07
C GLY D 630 -0.55 35.59 -21.27
N LEU D 631 -0.83 36.03 -22.50
CA LEU D 631 -1.02 37.44 -22.77
C LEU D 631 -2.14 38.05 -21.93
N ASP D 632 -3.16 37.26 -21.59
CA ASP D 632 -4.48 37.77 -21.23
C ASP D 632 -4.45 38.51 -19.89
N GLY D 633 -4.49 39.84 -19.96
CA GLY D 633 -4.80 40.68 -18.82
C GLY D 633 -3.78 40.81 -17.71
N VAL D 634 -2.67 40.10 -17.76
CA VAL D 634 -1.65 40.26 -16.72
C VAL D 634 -0.88 41.56 -16.97
N TYR D 635 -0.59 42.27 -15.88
CA TYR D 635 0.20 43.48 -15.95
C TYR D 635 1.51 43.28 -15.18
N ILE D 636 2.55 43.95 -15.65
CA ILE D 636 3.92 43.71 -15.20
C ILE D 636 4.62 45.02 -14.87
N LEU D 637 5.29 45.06 -13.71
CA LEU D 637 5.79 46.30 -13.13
C LEU D 637 7.14 45.99 -12.47
N ALA D 638 8.21 46.35 -13.17
CA ALA D 638 9.58 46.01 -12.77
C ALA D 638 10.28 47.19 -12.10
N ALA D 639 11.45 46.88 -11.53
CA ALA D 639 12.42 47.88 -11.10
C ALA D 639 13.81 47.37 -11.44
N THR D 640 14.75 48.31 -11.61
CA THR D 640 16.12 47.94 -11.90
C THR D 640 17.08 48.86 -11.16
N SER D 641 18.28 48.34 -10.92
CA SER D 641 19.41 49.20 -10.61
C SER D 641 19.97 49.89 -11.85
N ARG D 642 19.92 49.23 -13.01
CA ARG D 642 20.57 49.76 -14.22
C ARG D 642 19.82 49.41 -15.49
N PRO D 643 19.79 50.30 -16.47
CA PRO D 643 19.35 49.92 -17.83
C PRO D 643 20.34 49.06 -18.59
N ASP D 644 21.56 48.85 -18.06
CA ASP D 644 22.54 48.03 -18.74
C ASP D 644 22.24 46.53 -18.60
N LEU D 645 22.20 46.05 -17.37
CA LEU D 645 22.11 44.62 -17.08
C LEU D 645 20.70 44.05 -17.25
N ILE D 646 19.98 44.49 -18.28
CA ILE D 646 18.59 44.11 -18.50
C ILE D 646 18.39 43.78 -19.97
N ASP D 647 17.30 43.05 -20.24
CA ASP D 647 17.09 42.44 -21.55
C ASP D 647 16.92 43.48 -22.66
N SER D 648 17.53 43.18 -23.81
CA SER D 648 17.33 43.97 -25.02
C SER D 648 15.89 43.95 -25.49
N ALA D 649 15.08 43.03 -24.97
CA ALA D 649 13.65 42.95 -25.25
C ALA D 649 12.83 44.02 -24.55
N LEU D 650 13.46 45.08 -24.03
CA LEU D 650 12.73 46.31 -23.76
C LEU D 650 12.07 46.88 -25.01
N LEU D 651 11.14 47.81 -24.76
CA LEU D 651 10.59 48.72 -25.77
C LEU D 651 9.93 47.96 -26.94
N ARG D 652 9.18 46.92 -26.60
CA ARG D 652 8.26 46.26 -27.51
C ARG D 652 6.86 46.24 -26.92
N PRO D 653 5.83 46.42 -27.74
CA PRO D 653 4.46 46.29 -27.25
C PRO D 653 4.18 44.93 -26.64
N GLY D 654 4.87 43.90 -27.10
CA GLY D 654 4.78 42.60 -26.46
C GLY D 654 5.64 42.48 -25.23
N ARG D 655 6.11 43.59 -24.68
CA ARG D 655 7.12 43.55 -23.62
C ARG D 655 6.88 44.69 -22.63
N LEU D 656 7.82 44.84 -21.71
CA LEU D 656 7.95 46.05 -20.91
C LEU D 656 8.45 47.21 -21.77
N ASP D 657 7.75 48.35 -21.71
CA ASP D 657 7.86 49.29 -22.82
C ASP D 657 7.80 50.77 -22.42
N LYS D 658 6.97 51.14 -21.43
CA LYS D 658 6.70 52.56 -21.22
C LYS D 658 7.84 53.32 -20.55
N SER D 659 8.67 52.65 -19.75
CA SER D 659 9.88 53.24 -19.16
C SER D 659 9.60 54.60 -18.52
N VAL D 660 8.79 54.60 -17.46
CA VAL D 660 8.38 55.86 -16.83
C VAL D 660 9.54 56.51 -16.10
N ILE D 661 9.65 57.84 -16.26
CA ILE D 661 10.75 58.61 -15.68
C ILE D 661 10.61 58.71 -14.16
N CYS D 662 11.73 58.54 -13.47
CA CYS D 662 11.88 58.98 -12.08
C CYS D 662 12.98 60.02 -12.02
N ASN D 663 12.64 61.23 -11.58
CA ASN D 663 13.56 62.36 -11.58
C ASN D 663 14.52 62.34 -10.38
N ILE D 664 15.50 63.23 -10.45
CA ILE D 664 16.27 63.69 -9.29
C ILE D 664 15.46 64.69 -8.46
N PRO D 665 15.12 64.35 -7.22
CA PRO D 665 14.17 65.16 -6.44
C PRO D 665 14.81 66.45 -5.93
N THR D 666 14.27 67.59 -6.39
CA THR D 666 14.82 68.90 -6.03
C THR D 666 14.29 69.37 -4.67
N GLU D 667 14.64 70.60 -4.32
CA GLU D 667 13.99 71.30 -3.22
C GLU D 667 12.46 71.33 -3.36
N SER D 668 11.95 71.42 -4.59
CA SER D 668 10.51 71.31 -4.77
C SER D 668 10.00 69.94 -4.35
N GLU D 669 10.72 68.90 -4.72
CA GLU D 669 10.43 67.58 -4.20
C GLU D 669 10.73 67.45 -2.71
N ARG D 670 11.63 68.27 -2.15
CA ARG D 670 11.74 68.34 -0.70
C ARG D 670 10.43 68.84 -0.09
N LEU D 671 9.87 69.91 -0.66
CA LEU D 671 8.57 70.40 -0.23
C LEU D 671 7.53 69.29 -0.30
N ASP D 672 7.49 68.61 -1.44
CA ASP D 672 6.54 67.51 -1.65
C ASP D 672 6.72 66.42 -0.60
N ILE D 673 7.97 66.05 -0.31
CA ILE D 673 8.25 64.98 0.62
C ILE D 673 7.86 65.37 2.03
N LEU D 674 8.21 66.59 2.45
CA LEU D 674 7.80 67.04 3.78
C LEU D 674 6.28 67.18 3.89
N GLN D 675 5.62 67.67 2.83
CA GLN D 675 4.17 67.73 2.78
C GLN D 675 3.52 66.35 2.79
N ALA D 676 4.28 65.30 2.52
CA ALA D 676 3.84 63.94 2.82
C ALA D 676 4.19 63.50 4.24
N ILE D 677 5.40 63.82 4.70
CA ILE D 677 5.85 63.42 6.02
C ILE D 677 4.96 63.98 7.11
N VAL D 678 4.47 65.21 6.93
CA VAL D 678 3.57 65.85 7.89
C VAL D 678 2.23 65.14 8.03
N ASN D 679 1.97 64.12 7.23
CA ASN D 679 0.73 63.37 7.37
C ASN D 679 0.95 61.88 7.08
N SER D 680 0.92 61.09 8.16
CA SER D 680 0.70 59.65 8.07
C SER D 680 -0.79 59.37 7.82
N LYS D 681 -1.26 59.93 6.71
CA LYS D 681 -2.67 60.23 6.49
C LYS D 681 -3.60 59.07 6.84
N ASP D 682 -4.46 59.30 7.82
CA ASP D 682 -5.53 58.38 8.23
C ASP D 682 -5.02 57.00 8.64
N LYS D 683 -3.72 56.86 8.90
CA LYS D 683 -3.21 55.67 9.60
C LYS D 683 -3.55 55.81 11.07
N ASP D 684 -4.61 55.10 11.49
CA ASP D 684 -5.26 55.32 12.78
C ASP D 684 -5.63 56.79 12.97
N THR D 685 -6.75 57.18 12.32
CA THR D 685 -7.19 58.57 12.31
C THR D 685 -7.27 59.18 13.70
N GLY D 686 -7.52 58.35 14.72
CA GLY D 686 -7.61 58.84 16.09
C GLY D 686 -6.30 59.30 16.67
N GLN D 687 -5.17 58.94 16.08
CA GLN D 687 -3.89 59.46 16.54
C GLN D 687 -2.89 59.43 15.38
N LYS D 688 -2.69 60.58 14.75
CA LYS D 688 -1.68 60.68 13.70
C LYS D 688 -0.29 60.41 14.27
N LYS D 689 0.59 59.89 13.42
CA LYS D 689 2.01 59.92 13.72
C LYS D 689 2.49 61.36 13.67
N PHE D 690 3.15 61.82 14.74
CA PHE D 690 3.42 63.24 14.94
C PHE D 690 2.14 64.07 14.88
N ALA D 691 1.11 63.62 15.61
CA ALA D 691 -0.12 64.40 15.67
C ALA D 691 0.11 65.73 16.37
N LEU D 692 0.87 65.71 17.47
CA LEU D 692 1.12 66.91 18.27
C LEU D 692 2.50 67.42 17.92
N GLU D 693 2.57 68.61 17.31
CA GLU D 693 3.85 69.20 16.94
C GLU D 693 3.83 70.70 17.17
N LYS D 694 5.01 71.24 17.48
CA LYS D 694 5.33 72.62 17.19
C LYS D 694 5.54 72.82 15.69
N ASN D 695 5.91 74.06 15.32
CA ASN D 695 6.19 74.43 13.93
C ASN D 695 4.97 74.23 13.05
N ALA D 696 3.80 74.63 13.56
CA ALA D 696 2.63 74.79 12.69
C ALA D 696 2.87 75.88 11.66
N ASP D 697 3.56 76.95 12.04
CA ASP D 697 4.25 77.81 11.11
C ASP D 697 5.60 77.21 10.69
N LEU D 698 6.00 77.51 9.44
CA LEU D 698 7.14 76.88 8.78
C LEU D 698 6.92 75.37 8.62
N LYS D 699 5.80 75.02 8.01
CA LYS D 699 5.70 73.77 7.27
C LYS D 699 6.74 73.76 6.16
N LEU D 700 7.16 72.55 5.77
CA LEU D 700 8.47 72.33 5.13
C LEU D 700 9.58 72.76 6.09
N ILE D 701 9.66 72.03 7.20
CA ILE D 701 10.61 72.34 8.25
C ILE D 701 12.04 71.95 7.91
N ALA D 702 12.25 71.25 6.79
CA ALA D 702 13.56 70.64 6.54
C ALA D 702 14.02 70.85 5.11
N GLU D 703 13.67 72.00 4.50
CA GLU D 703 14.18 72.34 3.18
C GLU D 703 15.70 72.33 3.13
N LYS D 704 16.35 72.55 4.28
CA LYS D 704 17.80 72.39 4.41
C LYS D 704 18.30 71.06 3.87
N THR D 705 17.46 70.03 3.84
CA THR D 705 17.84 68.70 3.38
C THR D 705 17.88 68.57 1.86
N ALA D 706 17.93 69.68 1.12
CA ALA D 706 17.80 69.65 -0.34
C ALA D 706 18.81 68.72 -1.00
N GLY D 707 19.98 68.55 -0.40
CA GLY D 707 20.96 67.64 -0.94
C GLY D 707 20.76 66.17 -0.61
N PHE D 708 19.76 65.83 0.21
CA PHE D 708 19.66 64.50 0.77
C PHE D 708 19.28 63.43 -0.24
N SER D 709 18.88 63.83 -1.46
CA SER D 709 18.30 62.95 -2.47
C SER D 709 17.06 62.21 -1.98
N GLY D 710 16.49 62.63 -0.85
CA GLY D 710 15.35 61.93 -0.28
C GLY D 710 15.65 60.58 0.31
N ALA D 711 16.92 60.28 0.59
CA ALA D 711 17.32 58.93 1.00
C ALA D 711 16.72 58.57 2.35
N ASP D 712 15.68 57.73 2.33
CA ASP D 712 15.17 57.03 3.52
C ASP D 712 14.82 57.95 4.68
N LEU D 713 14.12 59.05 4.38
CA LEU D 713 13.85 60.05 5.41
C LEU D 713 13.04 59.51 6.58
N GLN D 714 12.45 58.31 6.46
CA GLN D 714 11.96 57.60 7.64
C GLN D 714 13.05 57.44 8.70
N GLY D 715 14.32 57.38 8.29
CA GLY D 715 15.41 57.35 9.25
C GLY D 715 15.51 58.64 10.07
N LEU D 716 15.48 59.79 9.40
CA LEU D 716 15.43 61.06 10.10
C LEU D 716 14.16 61.20 10.92
N CYS D 717 13.03 60.69 10.41
CA CYS D 717 11.80 60.69 11.18
C CYS D 717 11.92 59.85 12.46
N TYR D 718 12.59 58.70 12.39
CA TYR D 718 12.87 57.94 13.60
C TYR D 718 13.86 58.63 14.52
N ASN D 719 14.82 59.36 13.98
CA ASN D 719 15.70 60.17 14.83
C ASN D 719 14.92 61.25 15.58
N ALA D 720 14.06 61.97 14.87
CA ALA D 720 13.15 62.93 15.48
C ALA D 720 12.28 62.29 16.56
N TYR D 721 11.76 61.09 16.29
CA TYR D 721 10.99 60.37 17.29
C TYR D 721 11.83 60.03 18.53
N LEU D 722 13.03 59.48 18.31
CA LEU D 722 13.92 59.17 19.42
C LEU D 722 14.25 60.41 20.26
N LYS D 723 14.51 61.53 19.61
CA LYS D 723 14.75 62.78 20.31
C LYS D 723 13.54 63.23 21.13
N SER D 724 12.34 63.16 20.55
CA SER D 724 11.13 63.44 21.32
C SER D 724 10.98 62.50 22.51
N VAL D 725 11.26 61.22 22.32
CA VAL D 725 11.19 60.24 23.41
C VAL D 725 12.19 60.56 24.50
N HIS D 726 13.42 60.93 24.14
CA HIS D 726 14.40 61.31 25.14
C HIS D 726 14.07 62.62 25.85
N ARG D 727 13.44 63.57 25.16
CA ARG D 727 12.95 64.74 25.87
C ARG D 727 11.84 64.34 26.84
N TRP D 728 10.90 63.52 26.37
CA TRP D 728 9.81 63.03 27.19
C TRP D 728 10.32 62.22 28.37
N LEU D 729 11.28 61.33 28.12
CA LEU D 729 11.96 60.62 29.20
C LEU D 729 12.70 61.57 30.14
N SER D 730 13.27 62.66 29.59
CA SER D 730 13.91 63.65 30.44
C SER D 730 12.91 64.39 31.31
N ALA D 731 11.65 64.46 30.89
CA ALA D 731 10.58 64.91 31.78
C ALA D 731 10.17 63.84 32.77
N ALA D 732 10.06 62.59 32.33
CA ALA D 732 9.72 61.45 33.17
C ALA D 732 10.90 60.87 33.94
N ASP D 733 11.96 61.64 34.15
CA ASP D 733 13.27 61.12 34.52
C ASP D 733 13.37 60.69 35.97
N GLN D 734 12.33 60.86 36.78
CA GLN D 734 12.38 60.43 38.17
C GLN D 734 10.99 60.03 38.64
N SER D 735 10.97 59.27 39.73
CA SER D 735 9.72 59.00 40.47
C SER D 735 9.21 60.24 41.16
N GLU D 736 8.67 61.17 40.37
CA GLU D 736 8.27 62.49 40.87
C GLU D 736 7.19 62.39 41.95
N VAL D 737 6.37 61.34 41.93
CA VAL D 737 5.33 61.13 42.92
C VAL D 737 5.31 59.67 43.38
N VAL D 738 4.70 59.47 44.55
CA VAL D 738 4.61 58.19 45.25
C VAL D 738 5.98 57.57 45.48
N PRO D 739 6.84 58.21 46.28
CA PRO D 739 8.13 57.60 46.63
C PRO D 739 7.95 56.33 47.45
N GLY D 740 9.01 55.53 47.49
CA GLY D 740 9.04 54.32 48.29
C GLY D 740 8.90 54.53 49.79
N ASN D 741 7.98 53.78 50.40
CA ASN D 741 7.62 53.96 51.81
C ASN D 741 8.63 53.26 52.73
N ASP D 742 9.89 53.65 52.57
CA ASP D 742 11.02 52.98 53.24
C ASP D 742 11.17 53.34 54.71
N ASN D 743 10.06 53.41 55.45
CA ASN D 743 10.10 53.65 56.88
C ASN D 743 10.92 52.58 57.60
N ILE D 744 11.72 53.00 58.58
CA ILE D 744 12.56 52.09 59.35
C ILE D 744 11.97 51.97 60.75
N GLU D 745 11.71 50.73 61.16
CA GLU D 745 11.22 50.41 62.50
C GLU D 745 12.37 50.42 63.51
N TYR D 746 12.08 49.90 64.70
CA TYR D 746 13.08 49.71 65.75
C TYR D 746 14.30 48.96 65.23
N PHE D 747 15.47 49.37 65.70
CA PHE D 747 16.67 48.54 65.63
C PHE D 747 16.51 47.36 66.58
N SER D 748 16.13 46.22 66.04
CA SER D 748 15.86 45.04 66.85
C SER D 748 17.12 44.58 67.57
N ILE D 749 16.93 44.06 68.78
CA ILE D 749 18.03 43.61 69.63
C ILE D 749 18.80 42.49 68.94
N ASN D 750 19.97 42.83 68.41
CA ASN D 750 20.75 41.93 67.56
C ASN D 750 21.55 40.94 68.39
N GLU D 751 20.87 40.21 69.27
CA GLU D 751 21.52 39.12 70.00
C GLU D 751 22.03 38.05 69.05
N HIS D 752 21.35 37.85 67.92
CA HIS D 752 21.78 36.89 66.91
C HIS D 752 21.32 37.38 65.55
N GLY D 753 21.85 36.77 64.50
CA GLY D 753 21.53 37.15 63.14
C GLY D 753 22.32 38.38 62.69
N ARG D 754 22.12 38.73 61.41
CA ARG D 754 22.88 39.78 60.76
C ARG D 754 22.01 40.99 60.39
N ARG D 755 21.01 41.29 61.22
CA ARG D 755 20.14 42.47 61.11
C ARG D 755 19.60 42.66 59.69
N GLU D 756 19.33 41.56 58.99
CA GLU D 756 18.79 41.61 57.64
C GLU D 756 17.28 41.90 57.68
N GLU D 757 16.97 43.07 58.26
CA GLU D 757 15.58 43.51 58.45
C GLU D 757 14.85 43.70 57.13
N ASN D 758 15.57 43.97 56.04
CA ASN D 758 14.95 44.36 54.78
C ASN D 758 13.99 43.30 54.24
N ARG D 759 14.40 42.03 54.24
CA ARG D 759 13.54 40.98 53.72
C ARG D 759 12.26 40.82 54.55
N LEU D 760 12.38 40.87 55.87
CA LEU D 760 11.21 40.73 56.73
C LEU D 760 10.27 41.92 56.58
N ARG D 761 10.81 43.14 56.53
CA ARG D 761 10.01 44.33 56.27
C ARG D 761 9.29 44.24 54.93
N LEU D 762 9.99 43.81 53.89
CA LEU D 762 9.36 43.65 52.56
C LEU D 762 8.25 42.61 52.58
N LYS D 763 8.50 41.43 53.16
CA LYS D 763 7.44 40.43 53.30
C LYS D 763 6.24 40.96 54.08
N THR D 764 6.48 41.67 55.18
CA THR D 764 5.38 42.21 55.99
C THR D 764 4.56 43.23 55.20
N LEU D 765 5.24 44.19 54.56
CA LEU D 765 4.52 45.22 53.81
C LEU D 765 3.79 44.64 52.61
N LEU D 766 4.39 43.67 51.91
CA LEU D 766 3.69 42.99 50.82
C LEU D 766 2.44 42.27 51.32
N GLN D 767 2.55 41.57 52.44
CA GLN D 767 1.40 40.85 52.98
C GLN D 767 0.31 41.83 53.40
N GLN D 768 0.69 42.91 54.07
CA GLN D 768 -0.30 43.80 54.67
C GLN D 768 -0.97 44.70 53.63
N ASP D 769 -0.26 45.11 52.58
CA ASP D 769 -0.80 46.07 51.63
C ASP D 769 -1.19 45.48 50.28
N VAL D 770 -0.64 44.31 49.91
CA VAL D 770 -0.86 43.71 48.59
C VAL D 770 -0.53 44.73 47.51
N VAL D 771 0.72 45.22 47.53
CA VAL D 771 1.15 46.27 46.61
C VAL D 771 0.95 45.85 45.15
N HIS D 772 1.03 44.55 44.88
CA HIS D 772 0.84 43.98 43.54
C HIS D 772 -0.63 43.72 43.19
N GLU D 773 -1.57 44.35 43.90
CA GLU D 773 -3.00 44.15 43.64
C GLU D 773 -3.42 44.56 42.22
N THR D 774 -2.47 45.08 41.43
CA THR D 774 -2.68 45.35 40.00
C THR D 774 -3.77 46.39 39.80
N LYS D 775 -3.56 47.55 40.44
CA LYS D 775 -4.53 48.64 40.33
C LYS D 775 -3.85 50.00 40.46
N THR D 776 -2.95 50.14 41.43
CA THR D 776 -2.21 51.38 41.59
C THR D 776 -1.18 51.55 40.47
N SER D 777 -0.75 52.80 40.29
CA SER D 777 0.23 53.13 39.27
C SER D 777 1.07 54.31 39.76
N THR D 778 2.30 54.40 39.25
CA THR D 778 3.17 55.51 39.62
C THR D 778 2.74 56.80 38.94
N SER D 779 2.52 56.75 37.62
CA SER D 779 1.91 57.85 36.87
C SER D 779 2.63 59.17 37.10
N ALA D 780 3.96 59.11 37.18
CA ALA D 780 4.78 60.31 37.31
C ALA D 780 4.78 61.17 36.06
N ALA D 781 4.29 60.66 34.93
CA ALA D 781 4.16 61.45 33.72
C ALA D 781 2.90 61.03 32.96
N SER D 782 2.54 61.84 31.96
CA SER D 782 1.26 61.72 31.28
C SER D 782 1.11 60.39 30.54
N GLU D 783 2.21 59.73 30.18
CA GLU D 783 2.21 58.69 29.15
C GLU D 783 1.52 59.17 27.87
N LEU D 784 1.60 60.47 27.61
CA LEU D 784 0.96 61.08 26.46
C LEU D 784 1.79 62.29 26.03
N THR D 785 1.16 63.26 25.37
CA THR D 785 1.79 64.55 25.06
C THR D 785 3.16 64.38 24.42
N ALA D 786 3.21 63.53 23.39
CA ALA D 786 4.45 63.21 22.68
C ALA D 786 4.83 64.36 21.74
N VAL D 787 5.25 65.46 22.35
CA VAL D 787 5.53 66.69 21.62
C VAL D 787 6.59 66.47 20.54
N VAL D 788 6.44 67.17 19.43
CA VAL D 788 7.36 67.11 18.30
C VAL D 788 7.73 68.53 17.91
N THR D 789 9.00 68.74 17.53
CA THR D 789 9.49 70.10 17.35
C THR D 789 10.73 70.09 16.46
N ILE D 790 11.01 71.26 15.89
CA ILE D 790 12.27 71.52 15.18
C ILE D 790 13.49 71.25 16.06
N ASN D 791 13.35 71.38 17.38
CA ASN D 791 14.48 71.58 18.28
C ASN D 791 15.66 70.64 18.02
N ASP D 792 15.38 69.39 17.66
CA ASP D 792 16.43 68.42 17.42
C ASP D 792 16.50 67.92 15.98
N LEU D 793 15.60 68.38 15.11
CA LEU D 793 15.56 67.86 13.74
C LEU D 793 16.86 68.11 12.99
N LEU D 794 17.49 69.25 13.22
CA LEU D 794 18.75 69.61 12.57
C LEU D 794 19.93 68.75 12.99
N GLU D 795 19.75 67.81 13.93
CA GLU D 795 20.72 66.73 14.12
C GLU D 795 20.83 65.82 12.91
N ALA D 796 20.02 66.06 11.88
CA ALA D 796 20.32 65.55 10.55
C ALA D 796 21.77 65.81 10.13
N CYS D 797 22.34 66.92 10.57
CA CYS D 797 23.77 67.23 10.41
C CYS D 797 24.23 67.11 8.96
N GLN D 798 24.92 66.02 8.62
CA GLN D 798 25.09 65.63 7.22
C GLN D 798 24.72 64.16 7.04
N GLU D 799 23.94 63.86 6.00
CA GLU D 799 23.56 62.49 5.69
C GLU D 799 24.71 61.74 5.06
N THR D 800 24.85 60.47 5.42
CA THR D 800 25.84 59.59 4.81
C THR D 800 25.37 59.06 3.46
N LYS D 801 24.77 59.94 2.65
CA LYS D 801 24.16 59.52 1.40
C LYS D 801 25.16 58.96 0.40
N PRO D 802 24.72 58.06 -0.48
CA PRO D 802 25.44 57.79 -1.73
C PRO D 802 25.38 58.96 -2.72
N SER D 803 25.92 58.74 -3.91
CA SER D 803 25.93 59.71 -5.00
C SER D 803 26.73 60.97 -4.68
N ILE D 804 27.70 60.87 -3.77
CA ILE D 804 28.74 61.89 -3.68
C ILE D 804 29.61 61.85 -4.94
N SER D 805 30.05 60.66 -5.34
CA SER D 805 30.44 60.39 -6.71
C SER D 805 29.38 59.55 -7.39
N THR D 806 28.97 59.98 -8.60
CA THR D 806 27.75 59.48 -9.21
C THR D 806 27.89 59.26 -10.72
N SER D 807 29.13 59.23 -11.24
CA SER D 807 29.36 59.07 -12.68
C SER D 807 28.60 57.88 -13.24
N GLU D 808 28.53 56.79 -12.47
CA GLU D 808 27.76 55.62 -12.87
C GLU D 808 26.29 55.97 -13.10
N LEU D 809 25.73 56.79 -12.23
CA LEU D 809 24.30 57.08 -12.29
C LEU D 809 23.96 58.15 -13.31
N VAL D 810 24.88 59.08 -13.58
CA VAL D 810 24.66 60.00 -14.69
C VAL D 810 24.86 59.30 -16.03
N LYS D 811 25.70 58.25 -16.07
CA LYS D 811 25.70 57.38 -17.25
C LYS D 811 24.41 56.57 -17.35
N LEU D 812 23.82 56.20 -16.19
CA LEU D 812 22.47 55.64 -16.18
C LEU D 812 21.47 56.56 -16.86
N ARG D 813 21.46 57.84 -16.51
CA ARG D 813 20.64 58.80 -17.27
C ARG D 813 21.07 58.86 -18.73
N GLY D 814 22.37 58.84 -18.99
CA GLY D 814 22.86 58.86 -20.35
C GLY D 814 22.35 57.74 -21.25
N ILE D 815 21.98 56.59 -20.68
CA ILE D 815 21.32 55.56 -21.48
C ILE D 815 19.99 56.06 -22.04
N TYR D 816 19.25 56.85 -21.26
CA TYR D 816 18.01 57.44 -21.74
C TYR D 816 18.18 58.90 -22.14
N ASP D 817 19.34 59.26 -22.67
CA ASP D 817 19.53 60.63 -23.16
C ASP D 817 18.57 60.97 -24.30
N ARG D 818 18.41 60.06 -25.25
CA ARG D 818 17.25 60.02 -26.13
C ARG D 818 16.22 59.02 -25.63
N PHE D 819 15.06 59.03 -26.28
CA PHE D 819 13.94 58.18 -25.87
C PHE D 819 14.23 56.68 -25.97
N GLN D 820 15.33 56.28 -26.60
CA GLN D 820 15.62 54.86 -26.75
C GLN D 820 15.62 54.15 -25.40
N LYS D 821 14.99 52.98 -25.36
CA LYS D 821 14.80 52.19 -24.14
C LYS D 821 14.49 53.03 -22.91
N MET E 1 -8.48 14.57 73.24
CA MET E 1 -9.63 14.33 74.09
C MET E 1 -10.54 15.55 74.12
N LYS E 2 -11.76 15.36 74.65
CA LYS E 2 -12.73 16.43 74.75
C LYS E 2 -12.90 16.82 76.22
N ALA E 3 -12.92 18.12 76.49
CA ALA E 3 -13.11 18.63 77.84
C ALA E 3 -14.11 19.78 77.82
N SER E 4 -14.74 19.99 78.97
CA SER E 4 -15.78 21.00 79.11
C SER E 4 -15.16 22.40 79.07
N LEU E 5 -15.64 23.24 78.16
CA LEU E 5 -15.01 24.51 77.85
C LEU E 5 -15.82 25.66 78.45
N THR E 6 -15.12 26.55 79.16
CA THR E 6 -15.71 27.71 79.82
C THR E 6 -14.71 28.85 79.74
N PHE E 7 -15.17 30.06 80.06
CA PHE E 7 -14.40 31.26 79.75
C PHE E 7 -14.39 32.19 80.94
N SER E 8 -13.40 33.08 80.95
CA SER E 8 -13.30 34.15 81.91
C SER E 8 -12.92 35.44 81.22
N LEU E 9 -13.18 36.56 81.88
CA LEU E 9 -12.80 37.89 81.41
C LEU E 9 -11.34 38.22 81.71
N SER E 10 -10.56 37.24 82.14
CA SER E 10 -9.15 37.44 82.46
C SER E 10 -8.35 37.87 81.24
N GLY E 11 -7.20 38.50 81.53
CA GLY E 11 -6.30 38.93 80.47
C GLY E 11 -5.78 37.78 79.64
N ILE E 12 -5.56 38.08 78.36
CA ILE E 12 -5.14 37.07 77.37
C ILE E 12 -3.88 36.33 77.81
N TYR E 13 -2.93 37.03 78.44
CA TYR E 13 -1.67 36.39 78.82
C TYR E 13 -1.73 35.74 80.19
N ALA E 14 -2.85 35.80 80.88
CA ALA E 14 -2.99 35.05 82.13
C ALA E 14 -3.07 33.56 81.83
N PRO E 15 -2.64 32.72 82.79
CA PRO E 15 -2.83 31.28 82.66
C PRO E 15 -4.28 30.87 82.57
N CYS E 16 -4.55 29.83 81.78
CA CYS E 16 -5.78 29.08 81.91
C CYS E 16 -5.79 28.32 83.24
N SER E 17 -6.91 27.67 83.54
CA SER E 17 -6.98 26.86 84.75
C SER E 17 -7.88 25.66 84.51
N ILE E 18 -7.57 24.57 85.23
CA ILE E 18 -8.12 23.24 84.94
C ILE E 18 -8.73 22.65 86.20
N SER E 19 -9.78 21.86 86.01
CA SER E 19 -10.41 21.12 87.08
C SER E 19 -9.44 20.18 87.79
N ARG E 20 -9.70 19.99 89.08
CA ARG E 20 -8.76 19.27 89.96
C ARG E 20 -8.43 17.89 89.42
N ASP E 21 -9.41 17.20 88.83
CA ASP E 21 -9.15 15.88 88.25
C ASP E 21 -8.06 15.93 87.18
N ILE E 22 -8.13 16.90 86.27
CA ILE E 22 -7.12 17.03 85.24
C ILE E 22 -5.77 17.39 85.86
N TYR E 23 -5.76 18.30 86.83
CA TYR E 23 -4.52 18.75 87.43
C TYR E 23 -3.81 17.64 88.19
N LEU E 24 -4.54 16.88 88.99
CA LEU E 24 -3.98 15.73 89.69
C LEU E 24 -3.54 14.62 88.73
N GLU E 25 -4.37 14.32 87.72
CA GLU E 25 -4.07 13.19 86.85
C GLU E 25 -2.94 13.50 85.87
N TYR E 26 -2.82 14.74 85.42
CA TYR E 26 -1.91 15.10 84.35
C TYR E 26 -0.92 16.19 84.71
N GLY E 27 -1.01 16.76 85.92
CA GLY E 27 0.00 17.69 86.38
C GLY E 27 1.31 17.01 86.75
N ASP E 28 2.11 16.71 85.73
CA ASP E 28 3.40 16.08 85.94
C ASP E 28 4.33 17.02 86.70
N LYS E 29 4.78 16.58 87.88
CA LYS E 29 5.59 17.39 88.78
C LYS E 29 6.97 17.70 88.22
N LYS E 30 7.37 17.07 87.11
CA LYS E 30 8.59 17.46 86.42
C LYS E 30 8.51 18.87 85.86
N ALA E 31 7.32 19.43 85.71
CA ALA E 31 7.16 20.81 85.25
C ALA E 31 6.46 21.63 86.32
N GLU E 32 6.86 22.90 86.42
CA GLU E 32 6.20 23.81 87.35
C GLU E 32 4.77 24.09 86.93
N CYS E 33 4.51 24.17 85.64
CA CYS E 33 3.19 24.43 85.09
C CYS E 33 2.91 23.44 83.98
N LEU E 34 1.66 22.95 83.93
CA LEU E 34 1.26 22.02 82.90
C LEU E 34 0.99 22.77 81.60
N TYR E 35 1.80 22.48 80.58
CA TYR E 35 1.52 22.91 79.22
C TYR E 35 0.53 21.97 78.55
N GLY E 36 -0.24 22.51 77.60
CA GLY E 36 -1.23 21.74 76.89
C GLY E 36 -1.47 22.30 75.50
N THR E 37 -2.44 21.71 74.81
CA THR E 37 -2.87 22.21 73.51
C THR E 37 -4.39 22.18 73.43
N ILE E 38 -4.96 23.20 72.79
CA ILE E 38 -6.40 23.34 72.64
C ILE E 38 -6.77 23.41 71.16
N ARG E 39 -7.95 22.88 70.85
CA ARG E 39 -8.67 23.14 69.61
C ARG E 39 -10.14 23.31 69.93
N LEU E 40 -10.82 24.08 69.10
CA LEU E 40 -12.25 24.35 69.30
C LEU E 40 -13.09 23.59 68.28
N PRO E 41 -14.41 23.50 68.52
CA PRO E 41 -15.32 22.97 67.48
C PRO E 41 -15.56 23.98 66.36
N GLN E 42 -14.53 24.27 65.57
CA GLN E 42 -14.75 25.03 64.35
C GLN E 42 -15.72 24.31 63.44
N TYR E 43 -16.56 25.09 62.76
CA TYR E 43 -17.47 24.56 61.76
C TYR E 43 -16.70 23.98 60.56
N GLY E 44 -17.38 23.08 59.86
CA GLY E 44 -16.92 22.56 58.59
C GLY E 44 -15.79 21.55 58.67
N PRO E 45 -15.26 21.17 57.51
CA PRO E 45 -14.26 20.10 57.48
C PRO E 45 -12.93 20.48 58.11
N GLY E 46 -12.54 21.74 58.05
CA GLY E 46 -11.24 22.15 58.52
C GLY E 46 -11.14 22.14 60.03
N CYS E 47 -9.94 22.50 60.51
CA CYS E 47 -9.71 22.70 61.92
C CYS E 47 -8.68 23.81 62.10
N THR E 48 -8.80 24.54 63.20
CA THR E 48 -7.76 25.48 63.58
C THR E 48 -6.49 24.73 63.97
N PRO E 49 -5.32 25.30 63.70
CA PRO E 49 -4.09 24.75 64.26
C PRO E 49 -4.12 24.82 65.78
N GLY E 50 -3.82 23.69 66.41
CA GLY E 50 -3.90 23.57 67.85
C GLY E 50 -3.07 24.59 68.59
N LYS E 51 -3.69 25.33 69.51
CA LYS E 51 -3.02 26.42 70.20
C LYS E 51 -2.50 25.95 71.55
N ILE E 52 -1.22 26.22 71.79
CA ILE E 52 -0.61 25.87 73.06
C ILE E 52 -1.31 26.64 74.18
N VAL E 53 -1.42 26.02 75.35
CA VAL E 53 -2.02 26.66 76.51
C VAL E 53 -1.20 26.40 77.76
N HIS E 54 -1.31 27.32 78.72
CA HIS E 54 -0.65 27.28 80.02
C HIS E 54 -1.73 27.37 81.09
N CYS E 55 -1.68 26.46 82.07
CA CYS E 55 -2.80 26.32 82.99
C CYS E 55 -2.36 26.04 84.42
N VAL E 56 -3.29 26.24 85.34
CA VAL E 56 -3.11 26.05 86.78
C VAL E 56 -4.31 25.29 87.35
N LEU E 57 -4.10 24.71 88.53
CA LEU E 57 -5.19 24.07 89.26
C LEU E 57 -6.31 25.06 89.60
N ASP E 58 -7.55 24.60 89.53
CA ASP E 58 -8.65 25.23 90.27
C ASP E 58 -9.66 24.17 90.69
N ASP E 59 -9.68 23.85 91.99
CA ASP E 59 -10.61 22.84 92.52
C ASP E 59 -12.07 23.24 92.39
N SER E 60 -12.37 24.52 92.15
CA SER E 60 -13.76 24.95 92.01
C SER E 60 -14.38 24.51 90.69
N LEU E 61 -13.56 24.30 89.66
CA LEU E 61 -14.11 24.06 88.34
C LEU E 61 -14.72 22.66 88.26
N PRO E 62 -15.84 22.51 87.57
CA PRO E 62 -16.48 21.18 87.47
C PRO E 62 -15.54 20.16 86.86
N PHE E 63 -15.82 18.89 87.16
CA PHE E 63 -15.02 17.77 86.67
C PHE E 63 -14.76 17.85 85.17
N CYS E 64 -13.49 17.67 84.80
CA CYS E 64 -13.04 17.72 83.41
C CYS E 64 -13.47 19.02 82.72
N SER E 65 -12.98 20.14 83.22
CA SER E 65 -13.37 21.42 82.64
C SER E 65 -12.19 22.38 82.60
N ILE E 66 -12.31 23.38 81.72
CA ILE E 66 -11.27 24.37 81.45
C ILE E 66 -11.89 25.77 81.47
N VAL E 67 -11.19 26.72 82.10
CA VAL E 67 -11.43 28.14 81.89
C VAL E 67 -10.31 28.71 81.03
N VAL E 68 -10.69 29.47 80.01
CA VAL E 68 -9.71 30.14 79.14
C VAL E 68 -10.00 31.62 79.07
N PRO E 69 -9.00 32.49 78.93
CA PRO E 69 -9.26 33.93 78.87
C PRO E 69 -9.94 34.32 77.56
N SER E 70 -11.14 34.87 77.69
CA SER E 70 -11.99 35.14 76.53
C SER E 70 -11.27 35.91 75.44
N LYS E 71 -10.47 36.90 75.84
CA LYS E 71 -9.74 37.71 74.87
C LYS E 71 -8.62 36.96 74.17
N LEU E 72 -8.31 35.73 74.57
CA LEU E 72 -7.38 34.92 73.78
C LEU E 72 -7.97 34.61 72.40
N PHE E 73 -9.20 34.17 72.38
CA PHE E 73 -9.93 33.98 71.13
C PHE E 73 -10.65 35.24 70.69
N GLY E 74 -10.89 36.16 71.61
CA GLY E 74 -11.62 37.38 71.32
C GLY E 74 -13.10 37.28 71.60
N PHE E 75 -13.53 36.28 72.36
CA PHE E 75 -14.92 36.12 72.74
C PHE E 75 -15.35 37.22 73.71
N MET E 76 -16.66 37.36 73.85
CA MET E 76 -17.24 38.34 74.75
C MET E 76 -18.46 37.73 75.44
N PRO E 77 -18.81 38.23 76.62
CA PRO E 77 -20.03 37.77 77.29
C PRO E 77 -21.32 38.22 76.62
N THR E 78 -21.24 39.10 75.61
CA THR E 78 -22.42 39.62 74.94
C THR E 78 -23.15 38.58 74.09
N GLN E 79 -22.63 37.36 73.96
CA GLN E 79 -23.32 36.33 73.22
C GLN E 79 -23.13 34.98 73.92
N PRO E 80 -24.06 34.05 73.72
CA PRO E 80 -23.91 32.71 74.33
C PRO E 80 -22.65 32.01 73.83
N THR E 81 -21.98 31.33 74.75
CA THR E 81 -20.67 30.73 74.49
C THR E 81 -20.77 29.26 74.11
N MET E 82 -19.65 28.76 73.58
CA MET E 82 -19.35 27.35 73.45
C MET E 82 -19.34 26.65 74.81
N ASP E 83 -19.26 25.32 74.76
CA ASP E 83 -19.38 24.49 75.95
C ASP E 83 -18.37 23.35 76.04
N PHE E 84 -17.68 22.99 74.97
CA PHE E 84 -16.66 21.95 75.07
C PHE E 84 -15.53 22.27 74.11
N CYS E 85 -14.39 21.61 74.34
CA CYS E 85 -13.20 21.78 73.52
C CYS E 85 -12.56 20.44 73.22
N TYR E 86 -11.75 20.42 72.16
CA TYR E 86 -10.65 19.48 72.06
C TYR E 86 -9.45 20.01 72.85
N PHE E 87 -8.85 19.12 73.65
CA PHE E 87 -7.70 19.47 74.46
C PHE E 87 -6.71 18.32 74.47
N GLU E 88 -5.46 18.64 74.76
CA GLU E 88 -4.52 17.64 75.23
C GLU E 88 -3.57 18.30 76.20
N PRO E 89 -3.08 17.57 77.21
CA PRO E 89 -1.84 17.96 77.88
C PRO E 89 -0.62 17.73 76.99
N ILE E 90 0.35 18.63 77.10
CA ILE E 90 1.63 18.44 76.43
C ILE E 90 2.48 17.49 77.26
N LEU E 91 2.33 16.20 77.01
CA LEU E 91 3.19 15.18 77.59
C LEU E 91 4.64 15.38 77.15
N ASP E 92 5.55 14.93 78.00
CA ASP E 92 6.99 15.19 77.94
C ASP E 92 7.37 16.67 78.07
N ASN E 93 6.38 17.55 78.27
CA ASN E 93 6.64 18.91 78.73
C ASN E 93 7.45 19.78 77.78
N VAL E 94 8.17 19.19 76.82
CA VAL E 94 9.04 19.96 75.93
C VAL E 94 8.20 20.90 75.08
N VAL E 95 8.61 22.17 75.02
CA VAL E 95 8.01 23.18 74.16
C VAL E 95 9.09 24.08 73.57
N PRO E 96 8.98 24.49 72.30
CA PRO E 96 10.02 25.31 71.70
C PRO E 96 10.00 26.74 72.23
N VAL E 97 11.18 27.33 72.34
CA VAL E 97 11.36 28.77 72.54
C VAL E 97 11.59 29.44 71.19
N LEU E 98 10.89 30.55 70.96
CA LEU E 98 10.97 31.25 69.68
C LEU E 98 12.31 31.96 69.52
N ASP E 99 12.82 31.94 68.29
CA ASP E 99 14.01 32.72 67.95
C ASP E 99 13.76 34.22 67.95
N SER E 100 12.58 34.65 67.53
CA SER E 100 12.26 36.08 67.55
C SER E 100 10.75 36.27 67.56
N VAL E 101 10.34 37.48 67.94
CA VAL E 101 8.95 37.92 67.86
C VAL E 101 8.93 39.37 67.41
N THR E 102 7.94 39.73 66.60
CA THR E 102 7.67 41.10 66.17
C THR E 102 6.40 41.64 66.81
N PHE E 103 6.48 42.87 67.34
CA PHE E 103 5.35 43.56 67.94
C PHE E 103 5.10 44.88 67.22
N LEU E 104 3.82 45.21 67.05
CA LEU E 104 3.39 46.44 66.40
C LEU E 104 2.52 47.23 67.38
N ILE E 105 2.84 48.51 67.58
CA ILE E 105 2.29 49.29 68.68
C ILE E 105 1.90 50.67 68.17
N ASN E 106 0.84 51.23 68.76
CA ASN E 106 0.43 52.61 68.51
C ASN E 106 1.57 53.59 68.71
N GLU E 107 1.50 54.70 67.98
CA GLU E 107 2.57 55.70 67.94
C GLU E 107 2.95 56.21 69.32
N GLN E 108 1.97 56.43 70.20
CA GLN E 108 2.27 57.00 71.52
C GLN E 108 3.16 56.08 72.35
N LEU E 109 2.71 54.85 72.57
CA LEU E 109 3.51 53.90 73.34
C LEU E 109 4.76 53.45 72.58
N TYR E 110 4.66 53.35 71.26
CA TYR E 110 5.85 53.06 70.46
C TYR E 110 6.94 54.09 70.70
N SER E 111 6.63 55.37 70.50
CA SER E 111 7.60 56.44 70.75
C SER E 111 8.07 56.46 72.21
N LYS E 112 7.14 56.26 73.16
CA LYS E 112 7.49 56.19 74.57
C LYS E 112 8.47 55.06 74.87
N LEU E 113 8.48 54.01 74.06
CA LEU E 113 9.50 52.97 74.19
C LEU E 113 10.77 53.29 73.41
N MET E 114 10.62 53.80 72.19
CA MET E 114 11.76 54.02 71.32
C MET E 114 12.69 55.10 71.86
N ASP E 115 12.14 56.07 72.60
CA ASP E 115 12.97 57.10 73.18
C ASP E 115 13.65 56.69 74.48
N LEU E 116 13.37 55.47 74.97
CA LEU E 116 14.03 54.99 76.17
C LEU E 116 15.50 54.71 75.88
N PRO E 117 16.41 55.06 76.80
CA PRO E 117 17.84 54.94 76.52
C PRO E 117 18.38 53.52 76.61
N GLN E 118 17.63 52.57 77.15
CA GLN E 118 18.18 51.25 77.45
C GLN E 118 17.16 50.15 77.19
N GLU E 119 17.69 48.97 76.87
CA GLU E 119 16.86 47.82 76.48
C GLU E 119 16.00 47.30 77.62
N MET E 120 16.59 47.13 78.81
CA MET E 120 15.83 46.55 79.93
C MET E 120 14.69 47.45 80.38
N GLN E 121 14.79 48.76 80.18
CA GLN E 121 13.66 49.63 80.49
C GLN E 121 12.48 49.33 79.56
N GLN E 122 12.75 49.16 78.27
CA GLN E 122 11.73 48.73 77.32
C GLN E 122 11.14 47.39 77.72
N ILE E 123 12.02 46.41 78.01
CA ILE E 123 11.55 45.07 78.36
C ILE E 123 10.65 45.14 79.59
N GLN E 124 11.10 45.80 80.65
CA GLN E 124 10.35 45.82 81.89
C GLN E 124 9.02 46.56 81.74
N PHE E 125 9.00 47.64 80.95
CA PHE E 125 7.72 48.34 80.72
C PHE E 125 6.76 47.49 79.89
N LEU E 126 7.27 46.77 78.89
CA LEU E 126 6.41 45.82 78.16
C LEU E 126 5.88 44.73 79.07
N HIS E 127 6.74 44.17 79.92
CA HIS E 127 6.32 43.19 80.91
C HIS E 127 5.20 43.73 81.80
N TYR E 128 5.37 44.95 82.30
CA TYR E 128 4.31 45.57 83.11
C TYR E 128 3.03 45.74 82.30
N LYS E 129 3.14 46.26 81.08
CA LYS E 129 1.96 46.60 80.30
C LYS E 129 1.16 45.37 79.91
N TYR E 130 1.83 44.30 79.47
CA TYR E 130 1.15 43.15 78.90
C TYR E 130 1.21 41.89 79.76
N ASN E 131 1.82 41.96 80.95
CA ASN E 131 1.96 40.79 81.82
C ASN E 131 2.71 39.64 81.15
N ILE E 132 3.57 39.95 80.19
CA ILE E 132 4.38 38.95 79.53
C ILE E 132 5.51 38.53 80.48
N ASN E 133 5.64 37.23 80.70
CA ASN E 133 6.73 36.68 81.49
C ASN E 133 7.64 35.85 80.59
N SER E 134 8.94 36.09 80.69
CA SER E 134 9.93 35.33 79.93
C SER E 134 9.86 33.84 80.24
N MET E 135 10.27 33.05 79.24
CA MET E 135 10.22 31.59 79.23
C MET E 135 8.82 30.99 79.25
N GLU E 136 7.92 31.54 80.06
CA GLU E 136 6.63 30.90 80.30
C GLU E 136 5.52 31.34 79.37
N THR E 137 5.63 32.50 78.74
CA THR E 137 4.50 33.04 77.97
C THR E 137 4.37 32.35 76.61
N VAL E 138 3.19 31.75 76.39
CA VAL E 138 2.81 31.19 75.10
C VAL E 138 2.36 32.31 74.17
N VAL E 139 2.80 32.28 72.92
CA VAL E 139 2.44 33.31 71.94
C VAL E 139 2.22 32.66 70.58
N HIS E 140 1.38 33.30 69.76
CA HIS E 140 1.24 32.97 68.34
C HIS E 140 1.30 34.25 67.51
N SER E 141 1.71 34.10 66.26
CA SER E 141 1.56 35.16 65.27
C SER E 141 0.08 35.52 65.07
N ARG E 142 -0.16 36.81 64.81
CA ARG E 142 -1.47 37.46 64.78
C ARG E 142 -2.20 37.49 66.12
N ASP E 143 -1.55 37.10 67.21
CA ASP E 143 -2.20 37.26 68.51
C ASP E 143 -2.42 38.74 68.79
N ILE E 144 -3.53 39.07 69.44
CA ILE E 144 -3.79 40.45 69.83
C ILE E 144 -2.94 40.82 71.03
N LEU E 145 -2.56 42.08 71.11
CA LEU E 145 -2.05 42.70 72.32
C LEU E 145 -3.06 43.64 72.95
N THR E 146 -3.70 44.49 72.15
CA THR E 146 -4.87 45.26 72.58
C THR E 146 -5.58 45.74 71.33
N SER E 147 -6.90 45.54 71.28
CA SER E 147 -7.67 46.03 70.16
C SER E 147 -7.57 47.55 70.03
N GLY E 148 -7.54 48.02 68.78
CA GLY E 148 -7.25 49.41 68.47
C GLY E 148 -5.82 49.86 68.65
N LEU E 149 -4.95 49.08 69.27
CA LEU E 149 -3.75 49.68 69.83
C LEU E 149 -2.46 48.91 69.56
N CYS E 150 -2.51 47.58 69.58
CA CYS E 150 -1.31 46.80 69.37
C CYS E 150 -1.66 45.34 69.12
N GLN E 151 -0.75 44.63 68.46
CA GLN E 151 -0.94 43.24 68.07
C GLN E 151 0.43 42.58 67.90
N ILE E 152 0.41 41.25 67.87
CA ILE E 152 1.62 40.46 67.63
C ILE E 152 1.62 40.00 66.18
N LEU E 153 2.64 40.42 65.42
CA LEU E 153 2.64 40.14 63.99
C LEU E 153 3.07 38.72 63.67
N ASN E 154 4.35 38.41 63.83
CA ASN E 154 4.91 37.14 63.39
C ASN E 154 5.89 36.59 64.41
N CYS E 155 6.19 35.29 64.26
CA CYS E 155 7.02 34.57 65.21
C CYS E 155 8.01 33.71 64.41
N SER E 156 9.14 33.40 65.04
CA SER E 156 10.18 32.61 64.41
C SER E 156 10.80 31.64 65.41
N PRO E 157 11.22 30.44 64.96
CA PRO E 157 11.02 29.92 63.61
C PRO E 157 9.59 29.42 63.38
N PHE E 158 9.01 28.88 64.42
CA PHE E 158 7.65 28.40 64.38
C PHE E 158 6.68 29.57 64.53
N PRO E 159 5.46 29.44 64.02
CA PRO E 159 4.47 30.50 64.23
C PRO E 159 3.91 30.55 65.64
N GLN E 160 4.26 29.62 66.52
CA GLN E 160 3.94 29.71 67.93
C GLN E 160 5.07 29.15 68.77
N GLY E 161 5.19 29.64 70.00
CA GLY E 161 6.22 29.18 70.89
C GLY E 161 6.36 30.09 72.09
N LEU E 162 7.39 29.81 72.88
CA LEU E 162 7.71 30.57 74.08
C LEU E 162 8.64 31.74 73.76
N VAL E 163 8.56 32.79 74.58
CA VAL E 163 9.39 33.98 74.47
C VAL E 163 10.40 33.99 75.60
N ASP E 164 11.67 34.13 75.25
CA ASP E 164 12.75 34.38 76.21
C ASP E 164 13.30 35.78 75.93
N PHE E 165 13.12 36.69 76.90
CA PHE E 165 13.58 38.06 76.72
C PHE E 165 15.08 38.15 76.50
N THR E 166 15.83 37.11 76.85
CA THR E 166 17.29 37.12 76.70
C THR E 166 17.75 36.55 75.37
N GLU E 167 16.90 35.78 74.69
CA GLU E 167 17.29 35.10 73.45
C GLU E 167 16.25 35.18 72.34
N THR E 168 14.96 35.28 72.65
CA THR E 168 13.98 35.67 71.64
C THR E 168 14.22 37.12 71.27
N GLN E 169 14.77 37.34 70.08
CA GLN E 169 15.00 38.68 69.58
C GLN E 169 13.68 39.43 69.39
N LEU E 170 13.60 40.64 69.93
CA LEU E 170 12.38 41.43 69.95
C LEU E 170 12.42 42.49 68.86
N ILE E 171 11.36 42.54 68.05
CA ILE E 171 11.23 43.49 66.95
C ILE E 171 9.99 44.35 67.19
N LEU E 172 10.19 45.66 67.27
CA LEU E 172 9.12 46.60 67.61
C LEU E 172 8.82 47.48 66.40
N VAL E 173 7.53 47.63 66.08
CA VAL E 173 7.10 48.19 64.81
C VAL E 173 5.98 49.20 65.05
N ASN E 174 6.01 50.31 64.30
CA ASN E 174 4.84 51.16 64.16
C ASN E 174 4.88 51.83 62.80
N ASP E 175 3.68 52.11 62.27
CA ASP E 175 3.57 52.90 61.05
C ASP E 175 2.34 53.81 61.04
N THR E 176 1.69 54.01 62.19
CA THR E 176 0.43 54.76 62.29
C THR E 176 -0.68 54.13 61.46
N GLU E 177 -0.54 52.85 61.14
CA GLU E 177 -1.44 52.21 60.18
C GLU E 177 -2.85 52.09 60.74
N GLN E 178 -3.83 52.44 59.91
CA GLN E 178 -5.24 52.36 60.29
C GLN E 178 -5.68 50.94 60.60
N LYS E 179 -4.89 49.94 60.18
CA LYS E 179 -5.17 48.55 60.52
C LYS E 179 -5.28 48.33 62.02
N LEU E 180 -4.63 49.16 62.83
CA LEU E 180 -4.81 49.10 64.27
C LEU E 180 -6.28 49.27 64.65
N SER E 181 -7.00 50.15 63.95
CA SER E 181 -8.43 50.32 64.20
C SER E 181 -9.23 49.09 63.80
N ALA E 182 -8.71 48.25 62.92
CA ALA E 182 -9.37 47.00 62.56
C ALA E 182 -9.19 45.90 63.59
N LEU E 183 -8.27 46.07 64.53
CA LEU E 183 -8.16 45.19 65.70
C LEU E 183 -9.38 45.37 66.61
N LYS E 184 -10.25 44.36 66.65
CA LYS E 184 -11.54 44.46 67.32
C LYS E 184 -11.88 43.19 68.10
N TYR E 185 -10.86 42.48 68.57
CA TYR E 185 -11.00 41.13 69.11
C TYR E 185 -11.85 40.24 68.20
N ALA E 186 -12.68 39.39 68.78
CA ALA E 186 -13.80 38.84 68.03
C ALA E 186 -15.08 39.67 68.13
N ASN E 187 -15.26 40.42 69.22
CA ASN E 187 -16.38 41.34 69.31
C ASN E 187 -16.01 42.56 70.13
N GLU E 188 -16.64 43.70 69.82
CA GLU E 188 -16.44 44.89 70.64
C GLU E 188 -17.63 45.86 70.53
N ASP E 189 -18.80 45.39 70.08
CA ASP E 189 -19.80 46.22 69.43
C ASP E 189 -21.01 46.43 70.35
N GLU E 190 -21.47 47.66 70.43
CA GLU E 190 -22.73 48.00 71.09
C GLU E 190 -23.89 47.61 70.19
N GLU E 191 -24.65 46.59 70.61
CA GLU E 191 -25.83 46.13 69.87
C GLU E 191 -26.97 47.13 69.89
N TYR E 192 -27.05 48.00 70.90
CA TYR E 192 -28.11 49.00 70.95
C TYR E 192 -28.02 50.02 69.82
N ALA E 193 -26.98 49.94 68.97
CA ALA E 193 -27.01 50.62 67.68
C ALA E 193 -28.23 50.26 66.85
N LEU E 194 -28.83 49.09 67.09
CA LEU E 194 -30.24 48.85 66.78
C LEU E 194 -31.08 49.07 68.03
N PRO E 195 -31.68 50.24 68.23
CA PRO E 195 -32.37 50.52 69.48
C PRO E 195 -33.59 49.62 69.66
N LYS E 196 -33.91 49.36 70.93
CA LYS E 196 -34.96 48.40 71.27
C LYS E 196 -36.32 48.89 70.81
N ILE E 197 -37.13 47.97 70.31
CA ILE E 197 -38.48 48.24 69.86
C ILE E 197 -39.41 47.22 70.53
N GLY E 198 -40.62 47.68 70.86
CA GLY E 198 -41.49 46.87 71.71
C GLY E 198 -42.15 45.71 71.01
N THR E 199 -42.42 45.83 69.71
CA THR E 199 -42.97 44.73 68.95
C THR E 199 -42.63 44.92 67.47
N ASN E 200 -42.71 43.82 66.73
CA ASN E 200 -42.47 43.85 65.29
C ASN E 200 -43.31 42.76 64.63
N SER E 201 -43.64 42.98 63.36
CA SER E 201 -44.55 42.07 62.67
C SER E 201 -43.82 40.83 62.15
N ALA E 202 -42.67 41.01 61.53
CA ALA E 202 -41.98 39.88 60.89
C ALA E 202 -40.46 39.93 61.00
N LEU E 203 -39.85 41.07 61.35
CA LEU E 203 -38.40 41.19 61.45
C LEU E 203 -37.71 40.71 60.18
N SER E 204 -38.25 41.13 59.04
CA SER E 204 -37.69 40.73 57.75
C SER E 204 -36.23 41.16 57.66
N ILE E 205 -35.34 40.20 57.41
CA ILE E 205 -33.90 40.46 57.34
C ILE E 205 -33.26 39.41 56.43
N ASP E 206 -32.09 39.76 55.88
CA ASP E 206 -31.44 39.00 54.82
C ASP E 206 -31.25 37.53 55.19
N LEU E 207 -31.57 36.66 54.25
CA LEU E 207 -31.39 35.21 54.36
C LEU E 207 -30.24 34.76 53.47
N GLU E 208 -29.35 33.95 54.02
CA GLU E 208 -28.14 33.52 53.32
C GLU E 208 -27.89 32.06 53.66
N SER E 209 -26.84 31.49 53.07
CA SER E 209 -26.51 30.09 53.28
C SER E 209 -25.09 29.93 53.76
N LEU E 210 -24.85 28.84 54.49
CA LEU E 210 -23.55 28.56 55.06
C LEU E 210 -22.54 28.12 54.00
N PRO E 211 -21.25 28.26 54.31
CA PRO E 211 -20.22 27.61 53.48
C PRO E 211 -20.14 26.11 53.71
N CYS E 212 -20.86 25.55 54.68
CA CYS E 212 -20.64 24.17 55.08
C CYS E 212 -21.87 23.66 55.81
N THR E 213 -21.91 22.35 56.02
CA THR E 213 -22.82 21.72 56.99
C THR E 213 -22.36 21.97 58.43
N ILE E 214 -23.22 21.58 59.37
CA ILE E 214 -22.98 21.71 60.79
C ILE E 214 -23.02 20.34 61.45
N SER E 215 -21.93 19.98 62.13
CA SER E 215 -21.85 18.70 62.81
C SER E 215 -22.83 18.67 63.98
N ARG E 216 -23.52 17.53 64.13
CA ARG E 216 -24.64 17.43 65.06
C ARG E 216 -24.23 17.73 66.51
N ASP E 217 -23.02 17.36 66.90
CA ASP E 217 -22.56 17.65 68.25
C ASP E 217 -22.36 19.14 68.51
N LEU E 218 -22.32 19.97 67.47
CA LEU E 218 -22.31 21.41 67.68
C LEU E 218 -23.66 21.95 68.12
N LEU E 219 -24.74 21.20 67.90
CA LEU E 219 -26.09 21.71 68.05
C LEU E 219 -26.43 21.99 69.52
N ARG E 220 -25.83 23.06 70.05
CA ARG E 220 -25.75 23.34 71.48
C ARG E 220 -27.03 23.08 72.27
N PRO E 221 -28.21 23.54 71.86
CA PRO E 221 -29.41 23.24 72.65
C PRO E 221 -29.83 21.78 72.61
N ALA E 222 -29.30 21.00 71.67
CA ALA E 222 -29.43 19.54 71.60
C ALA E 222 -30.86 19.05 71.86
N PRO E 223 -31.80 19.31 70.96
CA PRO E 223 -33.11 18.64 71.06
C PRO E 223 -32.95 17.13 71.07
N HIS E 224 -33.74 16.47 71.91
CA HIS E 224 -33.58 15.04 72.13
C HIS E 224 -34.03 14.22 70.93
N ILE E 225 -35.04 14.68 70.20
CA ILE E 225 -35.55 13.93 69.06
C ILE E 225 -34.49 13.86 67.96
N ASN E 226 -34.38 12.68 67.35
CA ASN E 226 -33.56 12.50 66.16
C ASN E 226 -34.28 13.10 64.96
N ASP E 227 -33.74 14.20 64.43
CA ASP E 227 -34.38 14.97 63.38
C ASP E 227 -33.29 15.67 62.57
N ASP E 228 -33.68 16.26 61.45
CA ASP E 228 -32.77 16.56 60.35
C ASP E 228 -32.43 18.05 60.31
N ASN E 229 -31.13 18.33 60.20
CA ASN E 229 -30.60 19.63 59.79
C ASN E 229 -31.37 20.24 58.62
N SER E 230 -31.91 19.40 57.74
CA SER E 230 -32.67 19.89 56.60
C SER E 230 -33.84 20.75 57.04
N ILE E 231 -34.30 20.59 58.27
CA ILE E 231 -35.35 21.42 58.83
C ILE E 231 -34.75 22.55 59.67
N TYR E 232 -33.46 22.47 59.98
CA TYR E 232 -32.81 23.40 60.89
C TYR E 232 -32.30 24.62 60.14
N ALA E 233 -32.21 25.75 60.85
CA ALA E 233 -31.61 26.97 60.34
C ALA E 233 -30.93 27.71 61.49
N PHE E 234 -29.96 28.54 61.14
CA PHE E 234 -28.95 28.96 62.11
C PHE E 234 -28.69 30.45 61.97
N THR E 235 -28.57 31.13 63.12
CA THR E 235 -28.34 32.57 63.13
C THR E 235 -27.85 32.96 64.52
N ASP E 236 -27.42 34.21 64.64
CA ASP E 236 -27.01 34.74 65.95
C ASP E 236 -28.20 34.85 66.89
N ALA E 237 -27.88 35.11 68.17
CA ALA E 237 -28.87 35.56 69.14
C ALA E 237 -29.38 36.96 68.85
N GLU E 238 -28.55 37.80 68.24
CA GLU E 238 -29.02 39.05 67.66
C GLU E 238 -30.12 38.77 66.63
N THR E 239 -31.08 39.70 66.54
CA THR E 239 -32.37 39.54 65.89
C THR E 239 -33.23 38.50 66.60
N LEU E 240 -32.63 37.41 67.05
CA LEU E 240 -33.41 36.42 67.78
C LEU E 240 -33.98 37.03 69.05
N LEU E 241 -33.15 37.79 69.78
CA LEU E 241 -33.62 38.56 70.93
C LEU E 241 -34.51 39.72 70.54
N ARG E 242 -34.69 39.98 69.24
CA ARG E 242 -35.71 40.91 68.79
C ARG E 242 -37.01 40.20 68.47
N LEU E 243 -36.97 38.90 68.28
CA LEU E 243 -38.15 38.09 68.49
C LEU E 243 -38.31 37.79 69.98
N ASP E 244 -39.42 37.14 70.32
CA ASP E 244 -39.69 36.73 71.70
C ASP E 244 -39.42 35.25 71.92
N VAL E 245 -38.38 34.71 71.27
CA VAL E 245 -38.08 33.29 71.33
C VAL E 245 -36.57 33.12 71.24
N THR E 246 -36.08 32.00 71.75
CA THR E 246 -34.75 31.48 71.43
C THR E 246 -34.87 29.99 71.14
N SER E 247 -33.94 29.48 70.31
CA SER E 247 -33.97 28.07 69.90
C SER E 247 -35.34 27.71 69.33
N GLY E 248 -35.87 28.60 68.50
CA GLY E 248 -37.28 28.62 68.18
C GLY E 248 -37.88 27.30 67.74
N SER E 249 -38.95 26.94 68.42
CA SER E 249 -39.66 25.68 68.24
C SER E 249 -40.52 25.67 66.98
N PHE E 250 -40.94 26.84 66.50
CA PHE E 250 -41.85 26.92 65.36
C PHE E 250 -41.61 28.17 64.52
N ILE E 251 -41.10 27.99 63.31
CA ILE E 251 -40.89 29.09 62.37
C ILE E 251 -41.48 28.67 61.02
N THR E 252 -42.08 29.62 60.30
CA THR E 252 -42.59 29.39 58.97
C THR E 252 -42.18 30.54 58.05
N VAL E 253 -41.89 30.25 56.79
CA VAL E 253 -41.31 31.26 55.92
C VAL E 253 -42.01 31.26 54.58
N SER E 254 -42.22 32.45 54.04
CA SER E 254 -42.70 32.65 52.68
C SER E 254 -42.18 33.99 52.17
N ASN E 255 -41.97 34.07 50.86
CA ASN E 255 -41.38 35.27 50.26
C ASN E 255 -42.00 35.40 48.87
N MET E 256 -43.19 36.00 48.83
CA MET E 256 -43.98 36.20 47.61
C MET E 256 -44.14 34.88 46.84
N GLY E 257 -44.42 33.82 47.58
CA GLY E 257 -44.57 32.50 46.99
C GLY E 257 -45.14 31.48 47.96
N CYS E 258 -44.74 30.22 47.83
CA CYS E 258 -45.20 29.20 48.76
C CYS E 258 -44.57 29.41 50.13
N VAL E 259 -44.99 28.58 51.09
CA VAL E 259 -44.49 28.60 52.46
C VAL E 259 -43.53 27.44 52.69
N ARG E 260 -42.50 27.69 53.49
CA ARG E 260 -41.67 26.63 54.05
C ARG E 260 -41.77 26.65 55.57
N LEU E 261 -41.54 25.48 56.18
CA LEU E 261 -41.40 25.34 57.62
C LEU E 261 -39.94 25.10 57.97
N VAL E 262 -39.47 25.72 59.05
CA VAL E 262 -38.06 25.66 59.41
C VAL E 262 -37.90 25.75 60.92
N LYS E 263 -36.76 25.28 61.40
CA LYS E 263 -36.39 25.28 62.81
C LYS E 263 -35.11 26.10 62.98
N LEU E 264 -35.02 26.87 64.06
CA LEU E 264 -33.96 27.87 64.22
C LEU E 264 -33.04 27.54 65.39
N PHE E 265 -31.76 27.81 65.19
CA PHE E 265 -30.69 27.57 66.17
C PHE E 265 -29.72 28.74 66.16
N VAL E 266 -28.92 28.83 67.21
CA VAL E 266 -28.05 29.98 67.42
C VAL E 266 -26.62 29.63 67.04
N LEU E 267 -25.99 30.52 66.26
CA LEU E 267 -24.58 30.42 65.91
C LEU E 267 -23.70 31.15 66.94
N LEU E 268 -22.53 30.59 67.19
CA LEU E 268 -21.67 31.00 68.29
C LEU E 268 -20.50 31.83 67.81
N LEU E 269 -19.83 32.46 68.77
CA LEU E 269 -18.83 33.52 68.58
C LEU E 269 -17.67 33.25 67.62
N PRO E 270 -17.15 32.02 67.51
CA PRO E 270 -15.94 31.82 66.69
C PRO E 270 -16.12 32.09 65.20
N ASN E 271 -17.34 32.26 64.71
CA ASN E 271 -17.56 32.43 63.28
C ASN E 271 -16.95 33.73 62.76
N GLY E 272 -16.74 33.75 61.44
CA GLY E 272 -16.36 34.93 60.70
C GLY E 272 -17.47 35.43 59.81
N PHE E 273 -18.71 35.13 60.18
CA PHE E 273 -19.87 35.36 59.32
C PHE E 273 -20.29 36.83 59.30
N LYS E 274 -21.28 37.10 58.44
CA LYS E 274 -21.87 38.43 58.39
C LYS E 274 -22.45 38.83 59.74
N LYS E 275 -22.30 40.11 60.05
CA LYS E 275 -22.87 40.70 61.26
C LYS E 275 -24.40 40.63 61.28
N ARG E 276 -25.06 40.39 60.14
CA ARG E 276 -26.52 40.47 60.11
C ARG E 276 -27.06 39.62 58.98
N THR E 277 -27.64 38.48 59.31
CA THR E 277 -28.38 37.62 58.39
C THR E 277 -28.94 36.44 59.16
N ILE E 278 -29.77 35.66 58.50
CA ILE E 278 -30.01 34.27 58.86
C ILE E 278 -29.28 33.38 57.86
N TYR E 279 -28.57 32.37 58.38
CA TYR E 279 -27.88 31.39 57.55
C TYR E 279 -28.68 30.11 57.51
N ALA E 280 -28.84 29.54 56.31
CA ALA E 280 -29.69 28.38 56.10
C ALA E 280 -28.95 27.33 55.27
N PRO E 281 -29.36 26.08 55.36
CA PRO E 281 -28.89 25.09 54.40
C PRO E 281 -29.48 25.35 53.02
N PRO E 282 -28.81 24.87 51.98
CA PRO E 282 -29.30 25.09 50.61
C PRO E 282 -30.69 24.54 50.36
N LYS E 283 -31.14 23.58 51.15
CA LYS E 283 -32.50 23.08 51.02
C LYS E 283 -33.54 24.20 51.06
N ILE E 284 -33.27 25.25 51.84
CA ILE E 284 -34.13 26.43 51.80
C ILE E 284 -34.01 27.14 50.46
N ILE E 285 -32.77 27.44 50.05
CA ILE E 285 -32.51 28.31 48.91
C ILE E 285 -32.84 27.60 47.60
N ALA E 286 -33.28 26.34 47.67
CA ALA E 286 -33.93 25.77 46.50
C ALA E 286 -35.28 26.44 46.23
N SER E 287 -35.97 26.87 47.28
CA SER E 287 -37.03 27.86 47.15
C SER E 287 -36.42 29.26 47.06
N PHE E 288 -37.28 30.25 46.85
CA PHE E 288 -36.84 31.64 46.74
C PHE E 288 -35.73 31.85 45.72
N PRO E 289 -35.79 31.21 44.55
CA PRO E 289 -34.61 31.17 43.67
C PRO E 289 -34.13 32.57 43.31
N ASP E 290 -32.84 32.81 43.59
CA ASP E 290 -32.12 34.03 43.24
C ASP E 290 -32.81 35.32 43.68
N CYS E 291 -33.80 35.23 44.56
CA CYS E 291 -34.57 36.40 44.94
C CYS E 291 -35.21 36.12 46.30
N SER E 292 -36.28 36.86 46.61
CA SER E 292 -37.18 36.52 47.72
C SER E 292 -36.39 36.42 49.03
N VAL E 293 -35.59 37.46 49.29
CA VAL E 293 -34.39 37.32 50.11
C VAL E 293 -34.56 37.65 51.59
N VAL E 294 -35.77 37.96 52.08
CA VAL E 294 -35.75 38.79 53.27
C VAL E 294 -36.82 38.53 54.33
N THR E 295 -37.87 37.74 54.04
CA THR E 295 -39.02 37.70 54.94
C THR E 295 -39.23 36.31 55.54
N ILE E 296 -39.65 36.31 56.82
CA ILE E 296 -39.81 35.12 57.65
C ILE E 296 -41.04 35.35 58.55
N SER E 297 -41.47 34.28 59.21
CA SER E 297 -42.52 34.42 60.22
C SER E 297 -42.40 33.30 61.25
N LYS E 298 -42.84 33.61 62.48
CA LYS E 298 -42.79 32.66 63.59
C LYS E 298 -44.11 32.69 64.34
N SER E 299 -44.68 31.50 64.57
CA SER E 299 -45.93 31.38 65.31
C SER E 299 -46.06 29.93 65.77
N ASN E 300 -46.95 29.72 66.74
CA ASN E 300 -47.16 28.40 67.34
C ASN E 300 -47.96 27.45 66.44
N ILE E 301 -47.36 27.13 65.30
CA ILE E 301 -48.05 26.32 64.29
C ILE E 301 -48.44 24.96 64.85
N GLY E 302 -47.56 24.34 65.62
CA GLY E 302 -47.90 23.11 66.32
C GLY E 302 -46.69 22.24 66.55
N HIS E 303 -46.75 21.44 67.62
CA HIS E 303 -45.67 20.52 67.99
C HIS E 303 -45.64 19.26 67.13
N THR E 304 -46.77 18.64 66.85
CA THR E 304 -46.81 17.40 66.07
C THR E 304 -48.05 17.36 65.19
N ASP E 305 -48.26 18.42 64.42
CA ASP E 305 -49.32 18.51 63.43
C ASP E 305 -48.92 17.81 62.14
N ILE E 306 -49.81 17.87 61.16
CA ILE E 306 -49.66 17.41 59.77
C ILE E 306 -49.03 16.03 59.62
N PRO E 307 -49.43 15.03 60.40
CA PRO E 307 -48.54 13.91 60.71
C PRO E 307 -48.43 12.88 59.59
N ILE E 308 -49.04 13.14 58.43
CA ILE E 308 -49.22 12.12 57.41
C ILE E 308 -49.43 12.83 56.08
N ALA E 309 -49.13 12.14 54.98
CA ALA E 309 -49.73 12.37 53.67
C ALA E 309 -50.38 11.07 53.19
N ASN E 310 -51.65 11.15 52.81
CA ASN E 310 -52.33 9.94 52.37
C ASN E 310 -51.84 9.48 51.00
N GLN E 311 -51.51 10.43 50.11
CA GLN E 311 -50.79 10.12 48.89
C GLN E 311 -49.99 11.34 48.46
N VAL E 312 -48.88 11.08 47.76
CA VAL E 312 -48.08 12.14 47.14
C VAL E 312 -47.46 11.58 45.86
N PHE E 313 -47.15 12.48 44.93
CA PHE E 313 -46.24 12.20 43.83
C PHE E 313 -44.91 12.91 44.08
N ILE E 314 -43.81 12.19 43.88
CA ILE E 314 -42.46 12.70 44.02
C ILE E 314 -41.73 12.50 42.71
N SER E 315 -40.83 13.41 42.38
CA SER E 315 -40.45 13.60 40.98
C SER E 315 -38.96 13.79 40.83
N ARG E 316 -38.43 13.20 39.77
CA ARG E 316 -37.11 13.54 39.25
C ARG E 316 -37.12 14.97 38.73
N VAL E 317 -36.26 15.82 39.29
CA VAL E 317 -36.07 17.14 38.71
C VAL E 317 -35.38 17.04 37.35
N GLY E 318 -34.72 15.93 37.09
CA GLY E 318 -34.12 15.72 35.79
C GLY E 318 -32.84 16.50 35.57
N GLY E 319 -31.96 15.94 34.76
CA GLY E 319 -30.63 16.47 34.58
C GLY E 319 -29.64 15.36 34.31
N TRP E 320 -28.57 15.72 33.58
CA TRP E 320 -27.66 14.72 33.05
C TRP E 320 -27.03 13.91 34.18
N LEU E 321 -26.77 14.56 35.30
CA LEU E 321 -26.28 13.90 36.50
C LEU E 321 -27.34 13.05 37.18
N GLN E 322 -28.59 13.12 36.72
CA GLN E 322 -29.69 12.30 37.24
C GLN E 322 -30.18 11.27 36.25
N SER E 323 -30.49 11.67 35.02
CA SER E 323 -31.40 10.91 34.19
C SER E 323 -30.73 9.79 33.42
N GLN E 324 -29.41 9.69 33.47
CA GLN E 324 -28.75 8.56 32.84
C GLN E 324 -29.10 7.26 33.56
N LYS E 325 -29.19 6.17 32.79
CA LYS E 325 -29.86 4.94 33.22
C LYS E 325 -29.11 4.22 34.35
N CYS E 326 -27.79 4.15 34.29
CA CYS E 326 -27.05 3.23 35.15
C CYS E 326 -26.99 3.64 36.62
N PHE E 327 -27.24 4.90 36.94
CA PHE E 327 -27.22 5.35 38.32
C PHE E 327 -28.49 5.02 39.09
N GLN E 328 -29.54 4.59 38.40
CA GLN E 328 -30.89 4.56 38.97
C GLN E 328 -30.95 3.80 40.30
N ASN E 329 -30.29 2.65 40.39
CA ASN E 329 -30.46 1.79 41.56
C ASN E 329 -30.05 2.51 42.85
N ILE E 330 -28.86 3.10 42.86
CA ILE E 330 -28.41 3.77 44.08
C ILE E 330 -29.25 5.00 44.39
N ILE E 331 -29.64 5.77 43.37
CA ILE E 331 -30.39 6.98 43.67
C ILE E 331 -31.74 6.63 44.27
N LEU E 332 -32.44 5.67 43.68
CA LEU E 332 -33.71 5.24 44.26
C LEU E 332 -33.52 4.65 45.66
N THR E 333 -32.41 3.93 45.88
CA THR E 333 -32.16 3.34 47.19
C THR E 333 -31.94 4.40 48.26
N THR E 334 -31.04 5.35 47.99
CA THR E 334 -30.78 6.39 48.97
C THR E 334 -31.99 7.32 49.11
N LEU E 335 -32.75 7.49 48.04
CA LEU E 335 -34.02 8.20 48.13
C LEU E 335 -34.97 7.57 49.13
N LYS E 336 -35.23 6.27 49.00
CA LYS E 336 -36.07 5.63 50.00
C LYS E 336 -35.45 5.66 51.38
N LYS E 337 -34.11 5.62 51.46
CA LYS E 337 -33.44 5.75 52.75
C LYS E 337 -33.75 7.08 53.41
N PHE E 338 -33.74 8.15 52.63
CA PHE E 338 -34.06 9.49 53.12
C PHE E 338 -35.43 9.57 53.79
N PHE E 339 -36.40 8.80 53.31
CA PHE E 339 -37.70 8.75 53.98
C PHE E 339 -37.77 7.70 55.08
N SER E 340 -37.02 6.61 54.94
CA SER E 340 -37.07 5.53 55.92
C SER E 340 -36.39 5.90 57.23
N GLU E 341 -35.36 6.75 57.18
CA GLU E 341 -34.51 6.91 58.36
C GLU E 341 -35.22 7.65 59.49
N SER E 342 -36.12 8.58 59.18
CA SER E 342 -36.84 9.28 60.23
C SER E 342 -38.10 9.91 59.65
N LYS E 343 -39.01 10.30 60.54
CA LYS E 343 -40.00 11.31 60.20
C LYS E 343 -39.31 12.61 59.81
N ARG E 344 -39.91 13.33 58.87
CA ARG E 344 -39.40 14.64 58.48
C ARG E 344 -40.54 15.49 57.95
N ILE E 345 -40.34 16.81 58.02
CA ILE E 345 -41.35 17.77 57.62
C ILE E 345 -41.10 18.18 56.17
N LEU E 346 -42.16 18.21 55.38
CA LEU E 346 -42.10 18.58 53.98
C LEU E 346 -43.13 19.66 53.71
N CYS E 347 -42.90 20.44 52.66
CA CYS E 347 -43.89 21.37 52.16
C CYS E 347 -44.32 20.98 50.75
N GLN E 348 -45.47 21.50 50.35
CA GLN E 348 -45.90 21.38 48.96
C GLN E 348 -45.01 22.23 48.05
N ASN E 349 -44.82 21.75 46.83
CA ASN E 349 -43.96 22.40 45.83
C ASN E 349 -42.57 22.65 46.41
N ASP E 350 -41.91 21.55 46.77
CA ASP E 350 -40.71 21.60 47.59
C ASP E 350 -39.66 20.64 47.07
N LEU E 351 -38.40 20.96 47.39
CA LEU E 351 -37.23 20.33 46.79
C LEU E 351 -36.39 19.72 47.91
N ILE E 352 -36.00 18.46 47.72
CA ILE E 352 -35.09 17.78 48.64
C ILE E 352 -33.76 17.55 47.94
N PRO E 353 -32.64 17.92 48.56
CA PRO E 353 -31.33 17.49 48.06
C PRO E 353 -31.01 16.06 48.41
N ILE E 354 -30.51 15.33 47.43
CA ILE E 354 -30.00 13.97 47.62
C ILE E 354 -28.69 13.82 46.88
N ALA E 355 -27.72 13.18 47.53
CA ALA E 355 -26.38 12.99 46.98
C ALA E 355 -25.96 11.54 47.16
N PHE E 356 -25.00 11.11 46.34
CA PHE E 356 -24.59 9.72 46.31
C PHE E 356 -23.12 9.63 45.93
N ASP E 357 -22.56 8.42 46.03
CA ASP E 357 -21.22 8.14 45.54
C ASP E 357 -21.27 7.57 44.14
N SER E 358 -20.59 8.22 43.20
CA SER E 358 -20.38 7.62 41.90
C SER E 358 -19.52 6.36 42.04
N SER E 359 -19.46 5.60 40.95
CA SER E 359 -18.74 4.33 40.87
C SER E 359 -19.23 3.28 41.87
N MET E 360 -20.37 3.51 42.51
CA MET E 360 -21.03 2.43 43.25
C MET E 360 -21.70 1.40 42.35
N ALA E 361 -21.54 1.52 41.04
CA ALA E 361 -22.02 0.53 40.10
C ALA E 361 -21.59 -0.88 40.51
N ASP E 362 -22.46 -1.84 40.20
CA ASP E 362 -22.35 -3.25 40.57
C ASP E 362 -22.43 -3.56 42.06
N LEU E 363 -21.97 -2.68 42.93
CA LEU E 363 -21.92 -2.97 44.35
C LEU E 363 -23.24 -2.62 45.00
N ASN E 364 -24.05 -3.64 45.32
CA ASN E 364 -25.22 -3.50 46.15
C ASN E 364 -24.93 -4.18 47.49
N ILE E 365 -25.16 -3.46 48.57
CA ILE E 365 -24.66 -3.84 49.89
C ILE E 365 -25.80 -4.32 50.79
N ALA E 366 -26.86 -3.53 50.91
CA ALA E 366 -27.91 -3.77 51.90
C ALA E 366 -28.88 -4.86 51.46
N GLU E 367 -28.33 -6.01 51.06
CA GLU E 367 -29.16 -7.08 50.50
C GLU E 367 -30.17 -7.61 51.52
N GLU E 368 -29.77 -7.71 52.79
CA GLU E 368 -30.71 -8.11 53.83
C GLU E 368 -31.50 -6.91 54.32
N ASN E 369 -32.82 -7.07 54.37
CA ASN E 369 -33.73 -6.03 54.83
C ASN E 369 -33.78 -5.92 56.35
N ASP E 370 -34.09 -4.72 56.83
CA ASP E 370 -34.23 -4.39 58.25
C ASP E 370 -32.97 -4.77 59.01
N GLU E 371 -33.06 -5.58 60.07
CA GLU E 371 -31.95 -5.94 60.96
C GLU E 371 -31.27 -4.72 61.58
N SER E 372 -30.12 -4.94 62.23
CA SER E 372 -29.41 -3.87 62.91
C SER E 372 -28.81 -2.87 61.94
N ASP E 373 -28.57 -1.66 62.46
CA ASP E 373 -28.16 -0.53 61.64
C ASP E 373 -26.83 -0.81 60.95
N ASP E 374 -26.70 -0.32 59.72
CA ASP E 374 -25.51 -0.53 58.91
C ASP E 374 -25.33 0.61 57.92
N GLU E 375 -26.46 1.10 57.40
CA GLU E 375 -26.48 2.18 56.42
C GLU E 375 -25.67 3.40 56.86
N ASP E 376 -25.75 3.78 58.14
CA ASP E 376 -24.98 4.93 58.61
C ASP E 376 -23.49 4.67 58.69
N GLU E 377 -23.07 3.44 58.94
CA GLU E 377 -21.64 3.17 58.96
C GLU E 377 -21.06 3.20 57.56
N LEU E 378 -21.72 2.56 56.60
CA LEU E 378 -21.34 2.78 55.21
C LEU E 378 -21.39 4.26 54.86
N GLY E 379 -22.44 4.96 55.30
CA GLY E 379 -22.58 6.39 55.14
C GLY E 379 -21.53 7.24 55.82
N GLN E 380 -20.62 6.59 56.54
CA GLN E 380 -19.42 7.28 56.98
C GLN E 380 -18.15 6.62 56.44
N TYR E 381 -18.27 5.53 55.71
CA TYR E 381 -17.21 5.08 54.82
C TYR E 381 -17.38 5.60 53.40
N TYR E 382 -18.64 5.76 52.97
CA TYR E 382 -18.96 6.69 51.89
C TYR E 382 -18.60 8.12 52.26
N LYS E 383 -18.43 8.94 51.22
CA LYS E 383 -18.69 10.38 51.30
C LYS E 383 -19.09 10.85 49.92
N ASN E 384 -20.19 11.59 49.85
CA ASN E 384 -20.88 11.81 48.60
C ASN E 384 -20.06 12.65 47.62
N ASP E 385 -20.40 12.52 46.34
CA ASP E 385 -19.62 13.17 45.29
C ASP E 385 -20.40 13.54 44.04
N SER E 386 -21.69 13.21 43.94
CA SER E 386 -22.57 13.80 42.94
C SER E 386 -23.95 14.04 43.56
N LEU E 387 -24.61 15.09 43.10
CA LEU E 387 -25.76 15.64 43.80
C LEU E 387 -26.89 15.89 42.82
N VAL E 388 -28.12 15.53 43.23
CA VAL E 388 -29.30 15.66 42.40
C VAL E 388 -30.49 16.08 43.26
N TRP E 389 -31.48 16.65 42.61
CA TRP E 389 -32.67 17.17 43.27
C TRP E 389 -33.86 16.24 43.04
N PHE E 390 -34.66 16.03 44.08
CA PHE E 390 -35.97 15.43 43.93
C PHE E 390 -37.08 16.38 44.40
N PHE E 391 -38.20 16.36 43.69
CA PHE E 391 -39.29 17.31 43.88
C PHE E 391 -40.56 16.56 44.27
N VAL E 392 -41.25 17.06 45.30
CA VAL E 392 -42.47 16.45 45.81
C VAL E 392 -43.66 17.36 45.55
N THR E 393 -44.74 16.78 45.02
CA THR E 393 -46.00 17.48 44.85
C THR E 393 -46.67 17.75 46.19
N SER E 394 -47.81 18.43 46.14
CA SER E 394 -48.69 18.56 47.29
C SER E 394 -49.21 17.19 47.73
N ALA E 395 -49.41 17.06 49.04
CA ALA E 395 -50.08 15.89 49.60
C ALA E 395 -51.59 15.92 49.37
N GLU E 396 -52.14 14.75 49.02
CA GLU E 396 -53.57 14.57 48.83
C GLU E 396 -54.28 14.28 50.16
N LEU E 397 -54.19 15.23 51.08
CA LEU E 397 -54.63 15.00 52.45
C LEU E 397 -56.12 14.70 52.52
N ASP E 398 -56.48 13.73 53.35
CA ASP E 398 -57.86 13.35 53.56
C ASP E 398 -58.65 14.41 54.33
N CYS E 399 -59.95 14.46 54.06
CA CYS E 399 -60.91 15.38 54.66
C CYS E 399 -60.57 16.84 54.40
N PHE E 400 -61.36 17.75 54.98
CA PHE E 400 -61.02 19.16 54.97
C PHE E 400 -59.95 19.48 56.01
N SER E 401 -59.14 20.50 55.72
CA SER E 401 -58.10 20.92 56.65
C SER E 401 -57.77 22.39 56.36
N LYS E 402 -57.53 23.15 57.43
CA LYS E 402 -56.94 24.47 57.28
C LYS E 402 -55.47 24.38 56.89
N ASP E 403 -54.75 23.41 57.43
CA ASP E 403 -53.39 23.11 57.00
C ASP E 403 -53.42 22.40 55.65
N ASN E 404 -52.96 23.09 54.60
CA ASN E 404 -53.07 22.57 53.24
C ASN E 404 -51.85 22.98 52.43
N SER E 405 -50.66 22.90 53.04
CA SER E 405 -49.46 23.46 52.43
C SER E 405 -48.20 22.73 52.88
N HIS E 406 -48.34 21.85 53.87
CA HIS E 406 -47.21 21.15 54.45
C HIS E 406 -47.67 19.88 55.13
N PHE E 407 -46.76 18.90 55.21
CA PHE E 407 -47.12 17.57 55.70
C PHE E 407 -45.86 16.86 56.16
N ILE E 408 -46.06 15.82 56.98
CA ILE E 408 -45.00 14.94 57.44
C ILE E 408 -45.08 13.61 56.71
N ILE E 409 -43.91 13.06 56.36
CA ILE E 409 -43.76 11.70 55.88
C ILE E 409 -42.90 10.93 56.88
N ASP E 410 -43.12 9.63 56.95
CA ASP E 410 -42.39 8.78 57.87
C ASP E 410 -42.29 7.38 57.28
N PRO E 411 -41.49 6.49 57.88
CA PRO E 411 -41.36 5.13 57.32
C PRO E 411 -42.65 4.35 57.26
N ASN E 412 -43.63 4.65 58.10
CA ASN E 412 -44.92 3.98 58.02
C ASN E 412 -45.81 4.63 56.97
N ARG E 413 -46.96 4.00 56.73
CA ARG E 413 -47.96 4.48 55.78
C ARG E 413 -47.44 4.73 54.36
N THR E 414 -47.86 5.85 53.76
CA THR E 414 -47.86 6.00 52.31
C THR E 414 -46.46 5.88 51.68
N LYS E 415 -46.42 5.18 50.56
CA LYS E 415 -45.23 4.92 49.75
C LYS E 415 -44.94 6.05 48.77
N LEU E 416 -43.70 6.06 48.26
CA LEU E 416 -43.30 6.98 47.20
C LEU E 416 -43.89 6.58 45.85
N ILE E 417 -44.46 7.56 45.15
CA ILE E 417 -44.91 7.41 43.78
C ILE E 417 -44.09 8.33 42.88
N THR E 418 -43.37 7.73 41.93
CA THR E 418 -42.53 8.47 40.99
C THR E 418 -43.32 9.06 39.83
N THR E 419 -42.85 10.19 39.32
CA THR E 419 -43.44 10.80 38.12
C THR E 419 -42.34 11.39 37.25
N ASN E 420 -42.70 11.63 35.97
CA ASN E 420 -41.73 11.63 34.88
C ASN E 420 -40.74 12.79 34.97
N ILE E 421 -41.21 14.03 34.91
CA ILE E 421 -40.35 15.20 35.01
C ILE E 421 -41.08 16.30 35.76
N THR E 422 -40.32 17.09 36.53
CA THR E 422 -40.78 18.39 37.01
C THR E 422 -39.65 19.40 36.83
N ASN E 423 -39.71 20.15 35.75
CA ASN E 423 -38.61 21.02 35.33
C ASN E 423 -38.39 22.17 36.32
N ARG E 424 -37.13 22.45 36.64
CA ARG E 424 -36.82 23.52 37.58
C ARG E 424 -35.45 24.11 37.29
N ARG E 425 -35.32 25.41 37.55
CA ARG E 425 -34.08 26.14 37.32
C ARG E 425 -33.01 25.79 38.35
N PRO E 426 -31.80 25.43 37.93
CA PRO E 426 -30.68 25.29 38.88
C PRO E 426 -30.28 26.62 39.50
N LEU E 427 -29.88 26.55 40.76
CA LEU E 427 -29.56 27.75 41.52
C LEU E 427 -28.30 28.41 40.97
N PRO E 428 -28.26 29.75 40.97
CA PRO E 428 -27.02 30.44 40.62
C PRO E 428 -26.01 30.42 41.76
N LEU E 429 -24.77 30.08 41.41
CA LEU E 429 -23.73 29.85 42.41
C LEU E 429 -23.53 31.07 43.30
N SER E 430 -23.81 32.27 42.77
CA SER E 430 -23.66 33.46 43.59
C SER E 430 -24.80 33.66 44.58
N ARG E 431 -25.98 33.09 44.32
CA ARG E 431 -27.00 33.06 45.35
C ARG E 431 -26.62 32.13 46.49
N SER E 432 -26.17 30.93 46.15
CA SER E 432 -25.63 29.99 47.12
C SER E 432 -24.84 28.93 46.37
N ASN E 433 -23.67 28.58 46.88
CA ASN E 433 -23.01 27.39 46.41
C ASN E 433 -23.77 26.13 46.82
N LEU E 434 -23.39 25.01 46.21
CA LEU E 434 -23.81 23.70 46.67
C LEU E 434 -22.61 22.79 46.92
N GLN E 435 -21.69 22.75 45.97
CA GLN E 435 -20.49 21.93 46.08
C GLN E 435 -19.78 22.14 47.41
N ARG E 436 -19.62 23.39 47.81
CA ARG E 436 -18.99 23.69 49.09
C ARG E 436 -19.74 23.05 50.25
N TYR E 437 -21.07 23.15 50.26
CA TYR E 437 -21.80 22.54 51.37
C TYR E 437 -21.55 21.06 51.45
N TYR E 438 -21.59 20.38 50.32
CA TYR E 438 -21.30 18.96 50.28
C TYR E 438 -19.82 18.66 50.13
N GLY E 439 -18.97 19.68 50.09
CA GLY E 439 -17.53 19.44 50.02
C GLY E 439 -17.06 18.69 48.80
N PHE E 440 -17.81 18.74 47.71
CA PHE E 440 -17.45 17.97 46.53
C PHE E 440 -16.17 18.49 45.90
N ALA E 441 -15.59 17.65 45.06
CA ALA E 441 -14.53 18.10 44.16
C ALA E 441 -15.02 19.31 43.41
N GLU E 442 -14.32 20.42 43.59
CA GLU E 442 -14.92 21.73 43.45
C GLU E 442 -14.63 22.33 42.09
N THR E 443 -15.69 22.77 41.44
CA THR E 443 -15.65 23.76 40.39
C THR E 443 -14.80 24.94 40.79
N PHE E 444 -13.71 25.15 40.08
CA PHE E 444 -12.88 26.34 40.24
C PHE E 444 -13.71 27.60 40.11
N TYR E 445 -13.18 28.74 40.57
CA TYR E 445 -13.95 29.97 40.63
C TYR E 445 -13.11 31.13 40.10
N TYR E 446 -13.80 32.14 39.55
CA TYR E 446 -13.14 33.25 38.88
C TYR E 446 -13.57 34.58 39.49
N ASP E 447 -12.68 35.57 39.38
CA ASP E 447 -13.04 36.99 39.40
C ASP E 447 -12.91 37.56 37.99
N LEU E 448 -13.99 38.15 37.51
CA LEU E 448 -14.18 38.41 36.09
C LEU E 448 -13.32 39.54 35.55
N HIS E 449 -12.52 40.21 36.37
CA HIS E 449 -11.63 41.23 35.85
C HIS E 449 -10.33 40.65 35.29
N ILE E 450 -9.82 39.60 35.92
CA ILE E 450 -8.48 39.15 35.62
C ILE E 450 -8.44 38.18 34.45
N PHE E 451 -9.48 37.37 34.29
CA PHE E 451 -9.60 36.51 33.13
C PHE E 451 -10.60 37.11 32.15
N PRO E 452 -10.17 37.49 30.96
CA PRO E 452 -11.09 38.15 30.02
C PRO E 452 -12.10 37.16 29.48
N TYR E 453 -11.60 36.02 29.04
CA TYR E 453 -12.39 35.20 28.15
C TYR E 453 -13.47 34.42 28.88
N VAL E 454 -13.31 34.13 30.17
CA VAL E 454 -14.47 33.67 30.93
C VAL E 454 -15.58 34.70 30.85
N ARG E 455 -15.24 36.00 30.96
CA ARG E 455 -16.25 37.03 30.87
C ARG E 455 -16.90 37.04 29.50
N GLN E 456 -16.10 36.81 28.46
CA GLN E 456 -16.64 36.70 27.11
C GLN E 456 -17.70 35.60 27.03
N LEU E 457 -17.33 34.38 27.43
CA LEU E 457 -18.25 33.25 27.37
C LEU E 457 -19.47 33.49 28.24
N VAL E 458 -19.27 34.08 29.42
CA VAL E 458 -20.39 34.48 30.26
C VAL E 458 -21.30 35.42 29.49
N ASN E 459 -20.75 36.46 28.88
CA ASN E 459 -21.59 37.44 28.20
C ASN E 459 -22.38 36.81 27.07
N ILE E 460 -21.81 35.82 26.40
CA ILE E 460 -22.58 35.04 25.43
C ILE E 460 -23.77 34.35 26.09
N LEU E 461 -23.49 33.47 27.05
CA LEU E 461 -24.56 32.60 27.54
C LEU E 461 -25.59 33.38 28.34
N GLU E 462 -25.14 34.37 29.10
CA GLU E 462 -26.04 35.14 29.96
C GLU E 462 -27.09 35.86 29.14
N THR E 463 -26.71 36.33 27.96
CA THR E 463 -27.66 37.06 27.13
C THR E 463 -28.52 36.10 26.33
N SER E 464 -27.92 35.05 25.76
CA SER E 464 -28.63 34.26 24.76
C SER E 464 -29.92 33.66 25.30
N PHE E 465 -30.00 33.40 26.61
CA PHE E 465 -31.28 32.93 27.14
C PHE E 465 -32.05 33.99 27.90
N ASN E 466 -31.75 34.16 29.19
CA ASN E 466 -32.58 34.96 30.08
C ASN E 466 -32.92 36.31 29.50
N CYS E 467 -31.91 37.06 29.05
CA CYS E 467 -32.13 38.39 28.50
C CYS E 467 -32.74 38.36 27.11
N SER E 468 -32.66 37.24 26.41
CA SER E 468 -33.23 37.14 25.07
C SER E 468 -34.71 36.78 25.08
N GLN E 469 -35.12 35.85 25.94
CA GLN E 469 -36.44 35.23 25.81
C GLN E 469 -37.59 36.19 26.04
N ARG E 470 -37.32 37.38 26.59
CA ARG E 470 -38.31 38.45 26.54
C ARG E 470 -38.64 38.83 25.11
N GLY E 471 -37.72 38.56 24.17
CA GLY E 471 -37.95 38.76 22.76
C GLY E 471 -37.87 37.46 21.98
N ILE E 472 -37.62 37.56 20.68
CA ILE E 472 -37.58 36.38 19.85
C ILE E 472 -36.41 35.49 20.24
N THR E 473 -36.60 34.18 20.04
CA THR E 473 -35.60 33.18 20.41
C THR E 473 -34.30 33.38 19.65
N LEU E 474 -33.22 32.90 20.26
CA LEU E 474 -31.90 32.84 19.62
C LEU E 474 -31.15 31.65 20.19
N ASN E 475 -30.85 30.66 19.36
CA ASN E 475 -29.91 29.62 19.76
C ASN E 475 -28.49 30.18 19.80
N ALA E 476 -27.57 29.40 20.35
CA ALA E 476 -26.16 29.73 20.28
C ALA E 476 -25.31 28.50 20.12
N SER E 477 -24.20 28.65 19.41
CA SER E 477 -23.17 27.63 19.32
C SER E 477 -21.81 28.30 19.48
N VAL E 478 -20.91 27.65 20.23
CA VAL E 478 -19.55 28.16 20.41
C VAL E 478 -18.56 27.01 20.30
N LEU E 479 -17.41 27.33 19.74
CA LEU E 479 -16.27 26.42 19.65
C LEU E 479 -15.13 26.96 20.50
N LEU E 480 -14.59 26.10 21.37
CA LEU E 480 -13.43 26.46 22.19
C LEU E 480 -12.22 25.69 21.73
N HIS E 481 -11.11 26.39 21.53
CA HIS E 481 -9.87 25.74 21.12
C HIS E 481 -8.69 26.49 21.67
N SER E 482 -7.54 25.83 21.67
CA SER E 482 -6.33 26.38 22.25
C SER E 482 -5.12 25.79 21.56
N THR E 483 -4.06 26.59 21.45
CA THR E 483 -2.82 26.10 20.90
C THR E 483 -2.20 25.07 21.84
N THR E 484 -2.07 25.43 23.11
CA THR E 484 -1.62 24.50 24.12
C THR E 484 -2.77 23.58 24.50
N ASN E 485 -2.44 22.37 24.94
CA ASN E 485 -3.37 21.26 24.92
C ASN E 485 -3.78 20.78 26.31
N ASN E 486 -3.51 21.56 27.35
CA ASN E 486 -3.96 21.18 28.69
C ASN E 486 -4.57 22.34 29.44
N VAL E 487 -5.20 23.27 28.72
CA VAL E 487 -5.45 24.59 29.28
C VAL E 487 -6.66 24.63 30.19
N GLY E 488 -7.33 23.52 30.41
CA GLY E 488 -8.49 23.56 31.28
C GLY E 488 -9.78 23.97 30.59
N LYS E 489 -9.80 23.98 29.26
CA LYS E 489 -10.90 24.58 28.53
C LYS E 489 -12.22 23.92 28.85
N ALA E 490 -12.23 22.61 29.11
CA ALA E 490 -13.45 21.97 29.55
C ALA E 490 -13.94 22.53 30.87
N THR E 491 -13.01 22.79 31.80
CA THR E 491 -13.40 23.31 33.10
C THR E 491 -14.14 24.64 32.99
N MET E 492 -13.85 25.42 31.95
CA MET E 492 -14.58 26.65 31.69
C MET E 492 -16.09 26.44 31.69
N VAL E 493 -16.56 25.41 30.99
CA VAL E 493 -17.98 25.14 30.96
C VAL E 493 -18.49 24.77 32.35
N ARG E 494 -17.74 23.90 33.04
CA ARG E 494 -18.13 23.48 34.38
C ARG E 494 -18.31 24.68 35.29
N PHE E 495 -17.49 25.71 35.09
CA PHE E 495 -17.67 26.96 35.81
C PHE E 495 -18.91 27.70 35.35
N ALA E 496 -18.90 28.15 34.10
CA ALA E 496 -19.86 29.13 33.65
C ALA E 496 -21.28 28.59 33.80
N SER E 497 -21.47 27.30 33.62
CA SER E 497 -22.76 26.67 33.83
C SER E 497 -23.31 26.97 35.22
N LYS E 498 -22.57 26.57 36.25
CA LYS E 498 -23.04 26.82 37.62
C LYS E 498 -23.12 28.31 37.92
N TYR E 499 -22.21 29.12 37.35
CA TYR E 499 -22.26 30.56 37.61
C TYR E 499 -23.55 31.17 37.09
N LEU E 500 -24.01 30.76 35.92
CA LEU E 500 -25.22 31.30 35.32
C LEU E 500 -26.44 30.43 35.56
N GLY E 501 -26.32 29.39 36.39
CA GLY E 501 -27.42 28.49 36.60
C GLY E 501 -27.83 27.73 35.36
N ILE E 502 -26.94 27.60 34.39
CA ILE E 502 -27.25 26.88 33.17
C ILE E 502 -27.21 25.39 33.46
N HIS E 503 -28.28 24.70 33.11
CA HIS E 503 -28.28 23.25 33.24
C HIS E 503 -27.37 22.64 32.18
N LEU E 504 -26.46 21.79 32.63
CA LEU E 504 -25.41 21.26 31.79
C LEU E 504 -25.69 19.81 31.43
N LEU E 505 -25.43 19.47 30.18
CA LEU E 505 -25.15 18.11 29.77
C LEU E 505 -23.76 18.05 29.17
N GLU E 506 -23.05 16.95 29.42
CA GLU E 506 -21.69 16.84 28.96
C GLU E 506 -21.43 15.40 28.51
N ILE E 507 -20.59 15.28 27.48
CA ILE E 507 -20.52 14.09 26.65
C ILE E 507 -19.08 13.63 26.56
N ASP E 508 -18.83 12.37 26.91
CA ASP E 508 -17.48 11.83 26.95
C ASP E 508 -17.21 10.96 25.74
N CYS E 509 -17.63 11.44 24.57
CA CYS E 509 -17.44 10.76 23.30
C CYS E 509 -15.99 10.76 22.86
N LEU E 510 -15.06 11.12 23.74
CA LEU E 510 -13.66 10.86 23.46
C LEU E 510 -13.37 9.37 23.35
N SER E 511 -13.95 8.56 24.23
CA SER E 511 -13.64 7.15 24.22
C SER E 511 -14.82 6.26 24.60
N LEU E 512 -15.82 6.82 25.28
CA LEU E 512 -17.00 6.05 25.67
C LEU E 512 -17.95 6.03 24.49
N THR E 513 -17.62 5.18 23.50
CA THR E 513 -18.05 5.40 22.13
C THR E 513 -18.36 4.12 21.34
N SER E 514 -18.59 3.01 22.01
CA SER E 514 -18.83 1.72 21.35
C SER E 514 -17.65 1.41 20.42
N ASN E 515 -17.91 0.66 19.34
CA ASN E 515 -16.83 0.16 18.49
C ASN E 515 -15.96 1.31 17.98
N SER E 516 -16.57 2.43 17.60
CA SER E 516 -15.89 3.71 17.46
C SER E 516 -14.71 3.69 16.49
N ARG E 517 -14.53 2.61 15.74
CA ARG E 517 -13.41 2.56 14.81
C ARG E 517 -13.68 3.50 13.66
N GLN E 518 -12.92 4.61 13.62
CA GLN E 518 -13.12 5.65 12.62
C GLN E 518 -13.23 5.09 11.22
N LEU E 519 -12.35 4.16 10.86
CA LEU E 519 -12.31 3.59 9.52
C LEU E 519 -13.31 2.44 9.30
N ASP E 520 -14.21 2.17 10.25
CA ASP E 520 -15.11 1.03 10.08
C ASP E 520 -16.50 1.27 10.67
N SER E 521 -16.57 1.65 11.95
CA SER E 521 -17.86 1.78 12.63
C SER E 521 -18.69 2.89 12.01
N THR E 522 -19.72 2.50 11.26
CA THR E 522 -20.22 3.35 10.18
C THR E 522 -20.94 4.59 10.71
N SER E 523 -22.03 4.40 11.47
CA SER E 523 -22.87 5.51 11.88
C SER E 523 -23.29 5.47 13.34
N LYS E 524 -22.87 4.45 14.10
CA LYS E 524 -23.34 4.26 15.47
C LYS E 524 -23.15 5.50 16.32
N ILE E 525 -22.08 6.27 16.05
CA ILE E 525 -21.79 7.47 16.84
C ILE E 525 -22.99 8.42 16.86
N ILE E 526 -23.57 8.67 15.68
CA ILE E 526 -24.68 9.60 15.58
C ILE E 526 -25.88 9.11 16.35
N GLY E 527 -26.21 7.83 16.23
CA GLY E 527 -27.26 7.29 17.07
C GLY E 527 -26.94 7.45 18.54
N TYR E 528 -25.68 7.25 18.92
CA TYR E 528 -25.27 7.37 20.30
C TYR E 528 -25.50 8.76 20.86
N ILE E 529 -25.23 9.80 20.07
CA ILE E 529 -25.52 11.15 20.53
C ILE E 529 -27.02 11.44 20.49
N ARG E 530 -27.68 11.14 19.37
CA ARG E 530 -29.07 11.51 19.19
C ARG E 530 -29.97 10.86 20.24
N ALA E 531 -29.96 9.53 20.30
CA ALA E 531 -30.89 8.83 21.18
C ALA E 531 -30.61 9.14 22.64
N LYS E 532 -29.35 9.38 22.98
CA LYS E 532 -29.02 9.81 24.34
C LYS E 532 -29.64 11.16 24.66
N CYS E 533 -29.38 12.18 23.83
CA CYS E 533 -29.90 13.51 24.11
C CYS E 533 -31.42 13.54 24.12
N GLU E 534 -32.05 12.87 23.15
CA GLU E 534 -33.51 12.92 23.02
C GLU E 534 -34.22 12.46 24.28
N ASN E 535 -33.62 11.55 25.04
CA ASN E 535 -34.24 11.07 26.26
C ASN E 535 -34.15 12.04 27.43
N VAL E 536 -33.45 13.17 27.29
CA VAL E 536 -33.15 13.99 28.46
C VAL E 536 -33.25 15.49 28.18
N LEU E 537 -33.02 15.89 26.93
CA LEU E 537 -33.20 17.30 26.57
C LEU E 537 -34.60 17.85 26.80
N PRO E 538 -35.70 17.15 26.48
CA PRO E 538 -37.02 17.76 26.66
C PRO E 538 -37.33 18.05 28.12
N TYR E 539 -37.96 19.21 28.33
CA TYR E 539 -38.31 19.70 29.66
C TYR E 539 -37.09 19.91 30.55
N ALA E 540 -36.00 20.37 29.95
CA ALA E 540 -34.98 21.13 30.67
C ALA E 540 -35.05 22.57 30.21
N SER E 541 -35.22 23.50 31.15
CA SER E 541 -35.63 24.86 30.79
C SER E 541 -34.54 25.60 30.01
N PRO E 542 -33.40 25.99 30.60
CA PRO E 542 -32.22 26.21 29.77
C PRO E 542 -31.62 24.88 29.35
N ALA E 543 -30.71 24.97 28.39
CA ALA E 543 -29.91 23.81 28.04
C ALA E 543 -28.62 24.27 27.38
N VAL E 544 -27.49 23.81 27.93
CA VAL E 544 -26.23 23.78 27.20
C VAL E 544 -25.83 22.31 27.05
N ILE E 545 -25.49 21.92 25.82
CA ILE E 545 -24.88 20.63 25.53
C ILE E 545 -23.41 20.87 25.23
N PHE E 546 -22.54 20.11 25.90
CA PHE E 546 -21.09 20.27 25.77
C PHE E 546 -20.44 18.98 25.31
N LEU E 547 -19.71 19.04 24.19
CA LEU E 547 -18.96 17.89 23.68
C LEU E 547 -17.47 18.10 23.92
N ALA E 548 -16.85 17.13 24.60
CA ALA E 548 -15.41 17.04 24.71
C ALA E 548 -14.76 16.47 23.46
N HIS E 549 -13.60 17.01 23.09
CA HIS E 549 -12.67 16.40 22.14
C HIS E 549 -13.31 16.04 20.80
N LEU E 550 -13.77 17.08 20.09
CA LEU E 550 -14.35 16.85 18.77
C LEU E 550 -13.39 16.20 17.78
N ASP E 551 -12.08 16.35 17.99
CA ASP E 551 -11.11 15.63 17.18
C ASP E 551 -11.24 14.11 17.25
N SER E 552 -11.89 13.58 18.28
CA SER E 552 -12.22 12.17 18.30
C SER E 552 -13.16 11.78 17.17
N ILE E 553 -14.02 12.69 16.73
CA ILE E 553 -15.09 12.39 15.79
C ILE E 553 -14.78 12.94 14.40
N LEU E 554 -14.56 14.24 14.31
CA LEU E 554 -14.31 14.86 13.02
C LEU E 554 -12.85 14.69 12.63
N LEU E 555 -12.61 14.62 11.32
CA LEU E 555 -11.26 14.51 10.82
C LEU E 555 -11.21 15.09 9.42
N ASP E 556 -10.00 15.40 8.96
CA ASP E 556 -9.80 15.92 7.62
C ASP E 556 -10.03 14.84 6.56
N VAL E 557 -9.97 15.27 5.30
CA VAL E 557 -10.02 14.39 4.15
C VAL E 557 -8.72 14.55 3.36
N ASN E 558 -8.15 13.40 2.95
CA ASN E 558 -6.79 13.38 2.43
C ASN E 558 -6.70 12.29 1.35
N ALA E 559 -5.67 12.40 0.53
CA ALA E 559 -5.39 11.39 -0.48
C ALA E 559 -4.97 10.05 0.12
N ASN E 560 -4.55 10.06 1.38
CA ASN E 560 -3.93 8.91 2.04
C ASN E 560 -4.93 7.83 2.45
N GLN E 561 -6.23 8.09 2.36
CA GLN E 561 -7.23 7.21 2.96
C GLN E 561 -8.24 6.76 1.91
N ASP E 562 -8.88 5.63 2.22
CA ASP E 562 -9.87 5.04 1.33
C ASP E 562 -11.08 5.97 1.15
N PRO E 563 -11.47 6.27 -0.07
CA PRO E 563 -12.71 7.04 -0.31
C PRO E 563 -13.94 6.47 0.38
N GLU E 564 -14.00 5.15 0.60
CA GLU E 564 -15.08 4.58 1.39
C GLU E 564 -15.07 5.13 2.81
N ALA E 565 -13.92 5.06 3.47
CA ALA E 565 -13.80 5.64 4.80
C ALA E 565 -14.07 7.14 4.75
N ILE E 566 -13.59 7.81 3.71
CA ILE E 566 -13.85 9.23 3.56
C ILE E 566 -15.35 9.52 3.47
N LYS E 567 -16.12 8.68 2.77
CA LYS E 567 -17.57 8.82 2.76
C LYS E 567 -18.21 8.49 4.11
N LEU E 568 -17.57 7.63 4.91
CA LEU E 568 -17.98 7.50 6.31
C LEU E 568 -17.81 8.82 7.05
N GLN E 569 -16.64 9.44 6.90
CA GLN E 569 -16.43 10.76 7.48
C GLN E 569 -17.49 11.75 7.01
N LYS E 570 -17.75 11.77 5.70
CA LYS E 570 -18.78 12.64 5.14
C LYS E 570 -20.12 12.44 5.82
N SER E 571 -20.54 11.17 5.96
CA SER E 571 -21.81 10.86 6.59
C SER E 571 -21.85 11.38 8.01
N ILE E 572 -20.79 11.13 8.78
CA ILE E 572 -20.75 11.59 10.16
C ILE E 572 -20.78 13.11 10.25
N ASN E 573 -19.97 13.79 9.42
CA ASN E 573 -20.00 15.25 9.37
C ASN E 573 -21.41 15.76 9.13
N PHE E 574 -22.06 15.23 8.09
CA PHE E 574 -23.34 15.77 7.68
C PHE E 574 -24.40 15.54 8.74
N GLU E 575 -24.50 14.31 9.24
CA GLU E 575 -25.49 14.00 10.25
C GLU E 575 -25.23 14.80 11.53
N MET E 576 -23.97 15.00 11.89
CA MET E 576 -23.66 15.85 13.04
C MET E 576 -24.16 17.28 12.84
N SER E 577 -23.86 17.88 11.69
CA SER E 577 -24.33 19.24 11.40
C SER E 577 -25.84 19.34 11.43
N LYS E 578 -26.51 18.32 10.90
CA LYS E 578 -27.96 18.32 10.91
C LYS E 578 -28.50 18.17 12.32
N LEU E 579 -27.97 17.24 13.11
CA LEU E 579 -28.45 17.11 14.49
C LEU E 579 -28.20 18.38 15.28
N LEU E 580 -27.06 19.02 15.02
CA LEU E 580 -26.75 20.32 15.63
C LEU E 580 -27.85 21.34 15.38
N ASP E 581 -28.35 21.39 14.15
CA ASP E 581 -29.50 22.28 13.92
C ASP E 581 -30.81 21.67 14.42
N ASP E 582 -30.92 20.35 14.39
CA ASP E 582 -32.16 19.70 14.77
C ASP E 582 -32.51 19.98 16.21
N PHE E 583 -31.50 20.04 17.09
CA PHE E 583 -31.74 20.52 18.44
C PHE E 583 -32.34 21.93 18.44
N THR E 584 -31.91 22.78 17.52
CA THR E 584 -32.47 24.12 17.40
C THR E 584 -33.89 24.11 16.86
N PHE E 585 -34.30 23.01 16.25
CA PHE E 585 -35.70 22.84 15.84
C PHE E 585 -36.58 22.20 16.92
N LYS E 586 -36.14 21.07 17.46
CA LYS E 586 -36.92 20.29 18.41
C LYS E 586 -36.94 20.88 19.80
N PHE E 587 -35.86 21.56 20.21
CA PHE E 587 -35.61 21.88 21.61
C PHE E 587 -35.20 23.33 21.73
N PRO E 588 -36.17 24.25 21.81
CA PRO E 588 -35.86 25.68 21.74
C PRO E 588 -34.94 26.11 22.85
N GLY E 589 -34.07 27.07 22.53
CA GLY E 589 -33.11 27.61 23.48
C GLY E 589 -31.93 26.72 23.80
N THR E 590 -31.79 25.60 23.11
CA THR E 590 -30.59 24.78 23.26
C THR E 590 -29.38 25.60 22.83
N THR E 591 -28.26 25.37 23.50
CA THR E 591 -27.01 25.99 23.11
C THR E 591 -25.91 24.95 23.11
N PHE E 592 -24.96 25.13 22.20
CA PHE E 592 -23.98 24.10 21.90
C PHE E 592 -22.59 24.67 22.17
N VAL E 593 -21.77 23.93 22.91
CA VAL E 593 -20.36 24.25 23.12
C VAL E 593 -19.51 23.13 22.55
N GLY E 594 -18.66 23.47 21.61
CA GLY E 594 -17.65 22.55 21.12
C GLY E 594 -16.28 22.81 21.70
N SER E 595 -15.45 21.76 21.71
CA SER E 595 -14.07 21.88 22.14
C SER E 595 -13.18 21.10 21.18
N VAL E 596 -12.07 21.69 20.79
CA VAL E 596 -11.13 21.07 19.86
C VAL E 596 -9.72 21.37 20.34
N ASN E 597 -8.85 20.37 20.27
CA ASN E 597 -7.47 20.57 20.66
C ASN E 597 -6.58 21.07 19.52
N ASN E 598 -7.03 20.99 18.26
CA ASN E 598 -6.27 21.61 17.17
C ASN E 598 -7.22 22.05 16.06
N ILE E 599 -7.40 23.37 15.93
CA ILE E 599 -8.48 23.96 15.15
C ILE E 599 -8.44 23.53 13.68
N ASP E 600 -7.24 23.30 13.14
CA ASP E 600 -7.13 22.99 11.72
C ASP E 600 -7.82 21.70 11.34
N ASN E 601 -7.92 20.74 12.25
CA ASN E 601 -8.38 19.42 11.87
C ASN E 601 -9.89 19.33 11.64
N VAL E 602 -10.68 20.22 12.25
CA VAL E 602 -12.08 20.30 11.87
C VAL E 602 -12.21 21.02 10.54
N PRO E 603 -12.79 20.39 9.52
CA PRO E 603 -12.95 21.05 8.22
C PRO E 603 -13.90 22.23 8.32
N SER E 604 -13.70 23.19 7.41
CA SER E 604 -14.59 24.35 7.31
C SER E 604 -16.05 23.95 7.11
N SER E 605 -16.29 22.78 6.52
CA SER E 605 -17.65 22.23 6.43
C SER E 605 -18.39 22.20 7.76
N PHE E 606 -17.70 22.05 8.89
CA PHE E 606 -18.34 22.22 10.18
C PHE E 606 -18.13 23.60 10.79
N ARG E 607 -16.93 24.16 10.65
CA ARG E 607 -16.57 25.42 11.28
C ARG E 607 -17.48 26.59 10.90
N SER E 608 -18.09 26.54 9.71
CA SER E 608 -19.06 27.56 9.31
C SER E 608 -20.28 27.66 10.21
N HIS E 609 -20.58 26.63 11.00
CA HIS E 609 -21.75 26.61 11.86
C HIS E 609 -21.43 27.00 13.29
N MET E 610 -20.24 27.58 13.51
CA MET E 610 -20.02 28.42 14.66
C MET E 610 -20.89 29.66 14.69
N ARG E 611 -21.12 30.15 15.90
CA ARG E 611 -21.47 31.54 16.12
C ARG E 611 -20.32 32.35 16.70
N PHE E 612 -19.46 31.72 17.50
CA PHE E 612 -18.25 32.35 18.04
C PHE E 612 -17.16 31.31 18.19
N GLU E 613 -15.91 31.75 18.28
CA GLU E 613 -14.88 30.88 18.81
C GLU E 613 -13.96 31.69 19.71
N ILE E 614 -13.31 31.01 20.65
CA ILE E 614 -12.40 31.67 21.57
C ILE E 614 -11.07 30.95 21.60
N LEU E 615 -9.99 31.69 21.36
CA LEU E 615 -8.67 31.21 21.71
C LEU E 615 -8.47 31.37 23.20
N VAL E 616 -8.34 30.27 23.93
CA VAL E 616 -7.93 30.30 25.33
C VAL E 616 -6.41 30.17 25.39
N PRO E 617 -5.69 31.19 25.82
CA PRO E 617 -4.24 31.09 25.96
C PRO E 617 -3.88 30.41 27.28
N VAL E 618 -2.60 30.13 27.43
CA VAL E 618 -2.05 29.80 28.74
C VAL E 618 -2.12 31.05 29.62
N PRO E 619 -2.27 30.89 30.94
CA PRO E 619 -2.43 32.05 31.81
C PRO E 619 -1.16 32.87 31.91
N SER E 620 -1.32 34.09 32.41
CA SER E 620 -0.18 34.97 32.69
C SER E 620 -0.14 35.34 34.17
N GLU E 621 0.79 36.24 34.47
CA GLU E 621 1.26 36.43 35.85
C GLU E 621 0.13 36.74 36.81
N ALA E 622 -0.74 37.66 36.42
CA ALA E 622 -1.86 38.01 37.30
C ALA E 622 -2.82 36.85 37.47
N GLN E 623 -3.06 36.08 36.41
CA GLN E 623 -3.87 34.88 36.56
C GLN E 623 -3.18 33.87 37.47
N ARG E 624 -1.89 33.64 37.27
CA ARG E 624 -1.18 32.66 38.07
C ARG E 624 -1.20 33.02 39.54
N LEU E 625 -1.07 34.31 39.85
CA LEU E 625 -1.19 34.76 41.23
C LEU E 625 -2.54 34.40 41.83
N ARG E 626 -3.61 34.57 41.05
CA ARG E 626 -4.91 34.10 41.52
C ARG E 626 -4.96 32.59 41.68
N ILE E 627 -4.37 31.86 40.73
CA ILE E 627 -4.53 30.41 40.75
C ILE E 627 -3.76 29.75 41.88
N PHE E 628 -2.56 30.23 42.19
CA PHE E 628 -1.86 29.70 43.36
C PHE E 628 -2.64 29.97 44.63
N GLN E 629 -3.23 31.17 44.75
CA GLN E 629 -4.05 31.48 45.91
C GLN E 629 -5.14 30.44 46.11
N TRP E 630 -5.79 30.02 45.02
CA TRP E 630 -6.78 28.96 45.11
C TRP E 630 -6.20 27.68 45.69
N TYR E 631 -5.15 27.15 45.06
CA TYR E 631 -4.62 25.86 45.49
C TYR E 631 -4.05 25.89 46.90
N LEU E 632 -3.62 27.04 47.39
CA LEU E 632 -3.06 27.11 48.71
C LEU E 632 -4.02 27.66 49.76
N SER E 633 -5.22 28.04 49.37
CA SER E 633 -6.26 28.30 50.35
C SER E 633 -6.57 27.04 51.15
N SER E 634 -6.98 27.24 52.39
CA SER E 634 -6.99 26.15 53.37
C SER E 634 -7.88 24.99 52.94
N HIS E 635 -9.18 25.26 52.72
CA HIS E 635 -10.15 24.18 52.63
C HIS E 635 -9.90 23.27 51.44
N GLU E 636 -9.48 23.83 50.31
CA GLU E 636 -9.20 22.95 49.17
C GLU E 636 -7.90 22.17 49.37
N LEU E 637 -6.93 22.72 50.08
CA LEU E 637 -5.70 21.99 50.32
C LEU E 637 -5.89 20.83 51.28
N ASN E 638 -6.88 20.92 52.16
CA ASN E 638 -7.07 19.96 53.24
C ASN E 638 -7.94 18.78 52.83
N ARG E 639 -9.10 19.07 52.23
CA ARG E 639 -10.26 18.19 52.31
C ARG E 639 -9.99 16.74 51.92
N ASP E 640 -9.01 16.50 51.07
CA ASP E 640 -8.77 15.13 50.62
C ASP E 640 -7.83 14.35 51.53
N VAL E 641 -7.01 15.02 52.33
CA VAL E 641 -6.16 14.36 53.30
C VAL E 641 -7.01 13.99 54.51
N GLN E 642 -7.30 12.70 54.67
CA GLN E 642 -8.08 12.28 55.83
C GLN E 642 -7.29 12.38 57.12
N GLN E 643 -5.97 12.54 57.04
CA GLN E 643 -5.15 12.64 58.25
C GLN E 643 -5.59 13.79 59.13
N LYS E 644 -5.77 13.47 60.42
CA LYS E 644 -6.37 14.43 61.35
C LYS E 644 -5.53 15.69 61.48
N VAL E 645 -4.21 15.59 61.41
CA VAL E 645 -3.40 16.81 61.53
C VAL E 645 -3.65 17.70 60.32
N PRO E 646 -4.05 18.96 60.52
CA PRO E 646 -4.33 19.84 59.39
C PRO E 646 -3.07 20.21 58.62
N VAL E 647 -3.30 20.83 57.48
CA VAL E 647 -2.24 21.28 56.58
C VAL E 647 -2.44 22.75 56.30
N SER E 648 -1.35 23.51 56.26
CA SER E 648 -1.41 24.88 55.79
C SER E 648 -0.05 25.30 55.26
N TYR E 649 -0.08 26.28 54.35
CA TYR E 649 1.03 27.18 54.13
C TYR E 649 1.16 28.17 55.27
N MET E 650 2.16 29.04 55.17
CA MET E 650 2.29 30.15 56.09
C MET E 650 2.56 31.43 55.32
N ASP E 651 2.00 32.54 55.82
CA ASP E 651 1.83 33.78 55.07
C ASP E 651 3.13 34.53 54.79
N ASN E 652 4.27 33.98 55.17
CA ASN E 652 5.54 34.45 54.62
C ASN E 652 5.77 34.03 53.18
N ILE E 653 4.92 33.19 52.61
CA ILE E 653 5.02 32.89 51.18
C ILE E 653 4.95 34.16 50.35
N SER E 654 5.74 34.19 49.28
CA SER E 654 5.72 35.28 48.31
C SER E 654 4.95 34.83 47.06
N PHE E 655 3.66 35.15 47.03
CA PHE E 655 2.87 34.84 45.85
C PHE E 655 3.43 35.50 44.61
N SER E 656 4.05 36.68 44.77
CA SER E 656 4.69 37.33 43.63
C SER E 656 5.94 36.58 43.16
N SER E 657 6.73 36.05 44.09
CA SER E 657 7.91 35.30 43.66
C SER E 657 7.55 33.96 43.02
N LEU E 658 6.45 33.35 43.45
CA LEU E 658 5.89 32.24 42.68
C LEU E 658 5.47 32.69 41.28
N SER E 659 4.64 33.74 41.23
CA SER E 659 3.92 34.15 40.03
C SER E 659 4.77 34.19 38.77
N SER E 660 6.03 34.56 38.89
CA SER E 660 6.83 34.61 37.68
C SER E 660 8.05 33.73 37.82
N TYR E 661 8.94 34.08 38.75
CA TYR E 661 10.18 33.33 38.90
C TYR E 661 9.91 31.84 39.06
N SER E 662 8.88 31.48 39.81
CA SER E 662 8.63 30.06 40.01
C SER E 662 7.79 29.44 38.91
N ALA E 663 7.23 30.21 37.97
CA ALA E 663 6.14 29.68 37.16
C ALA E 663 6.32 29.82 35.66
N GLY E 664 7.10 30.77 35.18
CA GLY E 664 7.52 30.79 33.79
C GLY E 664 6.41 30.66 32.75
N LEU E 665 6.47 29.58 31.96
CA LEU E 665 5.43 29.21 31.02
C LEU E 665 4.50 28.12 31.52
N THR E 666 4.73 27.62 32.73
CA THR E 666 4.33 26.26 33.08
C THR E 666 2.84 26.03 32.78
N PRO E 667 2.49 24.90 32.16
CA PRO E 667 1.26 24.78 31.37
C PRO E 667 0.03 24.43 32.20
N LEU E 668 -0.25 25.23 33.22
CA LEU E 668 -1.15 24.84 34.29
C LEU E 668 -0.71 23.50 34.86
N ASP E 669 -1.67 22.78 35.45
CA ASP E 669 -1.38 21.67 36.35
C ASP E 669 -0.39 22.10 37.43
N ILE E 670 -0.50 23.36 37.86
CA ILE E 670 0.13 23.81 39.08
C ILE E 670 -0.24 22.90 40.23
N LYS E 671 -1.42 22.29 40.16
CA LYS E 671 -1.78 21.18 41.03
C LYS E 671 -0.61 20.24 41.27
N SER E 672 0.08 19.86 40.19
CA SER E 672 1.24 18.99 40.34
C SER E 672 2.28 19.60 41.28
N ILE E 673 2.51 20.90 41.16
CA ILE E 673 3.44 21.58 42.06
C ILE E 673 2.95 21.46 43.50
N VAL E 674 1.72 21.88 43.75
CA VAL E 674 1.26 21.99 45.12
C VAL E 674 1.21 20.63 45.77
N GLU E 675 0.81 19.60 45.03
CA GLU E 675 0.86 18.25 45.56
C GLU E 675 2.29 17.79 45.81
N THR E 676 3.22 18.08 44.91
CA THR E 676 4.61 17.68 45.15
C THR E 676 5.15 18.29 46.42
N ALA E 677 4.82 19.56 46.66
CA ALA E 677 5.18 20.21 47.92
C ALA E 677 4.51 19.52 49.10
N ARG E 678 3.20 19.31 49.01
CA ARG E 678 2.47 18.73 50.12
C ARG E 678 3.04 17.37 50.52
N MET E 679 3.46 16.57 49.56
CA MET E 679 4.18 15.35 49.88
C MET E 679 5.46 15.64 50.66
N THR E 680 6.32 16.51 50.12
CA THR E 680 7.62 16.72 50.74
C THR E 680 7.48 17.32 52.14
N ALA E 681 6.61 18.31 52.29
CA ALA E 681 6.35 18.87 53.61
C ALA E 681 5.85 17.81 54.58
N THR E 682 4.96 16.94 54.13
CA THR E 682 4.48 15.88 55.00
C THR E 682 5.61 14.92 55.38
N ALA E 683 6.54 14.69 54.46
CA ALA E 683 7.66 13.79 54.76
C ALA E 683 8.51 14.32 55.91
N ARG E 684 8.91 15.59 55.88
CA ARG E 684 9.67 16.14 56.99
C ARG E 684 8.86 16.12 58.29
N PHE E 685 7.54 16.30 58.20
CA PHE E 685 6.72 16.16 59.40
C PHE E 685 6.78 14.75 59.97
N TYR E 686 6.58 13.74 59.13
CA TYR E 686 6.73 12.39 59.63
C TYR E 686 8.17 12.06 59.96
N GLN E 687 9.13 12.76 59.37
CA GLN E 687 10.51 12.62 59.79
C GLN E 687 10.68 12.98 61.27
N GLU E 688 10.25 14.20 61.64
CA GLU E 688 10.35 14.63 63.04
C GLU E 688 9.39 13.88 63.94
N SER E 689 8.35 13.29 63.38
CA SER E 689 7.39 12.49 64.14
C SER E 689 8.06 11.32 64.87
N LYS E 690 9.27 10.94 64.49
CA LYS E 690 9.99 9.86 65.15
C LYS E 690 10.59 10.30 66.48
N LYS E 691 9.76 10.94 67.32
CA LYS E 691 10.16 11.45 68.64
C LYS E 691 11.37 12.38 68.54
N CYS E 692 11.41 13.18 67.49
CA CYS E 692 12.44 14.19 67.34
C CYS E 692 12.13 15.40 68.22
N GLY E 693 12.97 16.43 68.10
CA GLY E 693 13.04 17.47 69.12
C GLY E 693 11.74 18.20 69.38
N TRP E 694 10.88 18.33 68.37
CA TRP E 694 9.58 18.95 68.60
C TRP E 694 8.61 18.50 67.51
N LEU E 695 7.32 18.69 67.79
CA LEU E 695 6.24 18.35 66.86
C LEU E 695 5.33 19.56 66.70
N PRO E 696 5.50 20.36 65.65
CA PRO E 696 4.70 21.58 65.48
C PRO E 696 3.21 21.34 65.31
N GLN E 697 2.78 20.08 65.32
CA GLN E 697 1.36 19.72 65.35
C GLN E 697 0.60 20.25 64.12
N SER E 698 1.30 20.66 63.08
CA SER E 698 0.67 20.90 61.79
C SER E 698 1.69 20.75 60.68
N ILE E 699 1.23 20.23 59.54
CA ILE E 699 2.07 20.20 58.35
C ILE E 699 2.21 21.62 57.83
N LEU E 700 3.45 22.09 57.68
CA LEU E 700 3.69 23.45 57.26
C LEU E 700 4.55 23.50 56.01
N ILE E 701 3.98 24.02 54.93
CA ILE E 701 4.69 24.15 53.67
C ILE E 701 5.73 25.27 53.78
N THR E 702 6.75 25.22 52.94
CA THR E 702 7.78 26.25 52.97
C THR E 702 8.30 26.57 51.57
N GLN E 703 8.75 27.81 51.41
CA GLN E 703 9.20 28.31 50.11
C GLN E 703 10.29 27.45 49.50
N GLU E 704 11.16 26.88 50.34
CA GLU E 704 12.23 26.04 49.83
C GLU E 704 11.68 24.80 49.13
N ASP E 705 10.64 24.20 49.69
CA ASP E 705 10.02 23.06 49.03
C ASP E 705 9.28 23.46 47.76
N LEU E 706 8.72 24.66 47.69
CA LEU E 706 8.18 25.14 46.42
C LEU E 706 9.27 25.34 45.36
N SER E 707 10.41 25.89 45.75
CA SER E 707 11.51 26.06 44.82
C SER E 707 12.02 24.71 44.30
N LYS E 708 12.26 23.78 45.22
CA LYS E 708 12.63 22.41 44.85
C LYS E 708 11.57 21.79 43.94
N ALA E 709 10.30 21.93 44.31
CA ALA E 709 9.22 21.35 43.53
C ALA E 709 9.24 21.88 42.10
N THR E 710 9.29 23.19 41.93
CA THR E 710 9.23 23.76 40.59
C THR E 710 10.45 23.36 39.77
N SER E 711 11.63 23.40 40.38
CA SER E 711 12.82 22.93 39.66
C SER E 711 12.71 21.47 39.26
N LYS E 712 12.17 20.62 40.14
CA LYS E 712 11.91 19.25 39.74
C LYS E 712 10.91 19.17 38.59
N ALA E 713 9.84 19.95 38.65
CA ALA E 713 8.83 19.94 37.60
C ALA E 713 9.38 20.35 36.27
N ARG E 714 10.49 21.09 36.25
CA ARG E 714 11.10 21.44 34.96
C ARG E 714 11.97 20.32 34.37
N ASN E 715 12.20 19.22 35.10
CA ASN E 715 13.18 18.23 34.66
C ASN E 715 12.65 16.81 34.72
N GLU E 716 11.70 16.56 35.61
CA GLU E 716 10.91 15.33 35.56
C GLU E 716 10.22 15.19 34.21
N PHE E 717 9.74 16.30 33.65
CA PHE E 717 9.36 16.38 32.25
C PHE E 717 10.62 16.44 31.38
N SER E 718 11.41 15.37 31.47
CA SER E 718 12.76 15.36 30.94
C SER E 718 12.80 15.54 29.43
N VAL E 719 11.73 15.16 28.74
CA VAL E 719 11.66 15.37 27.29
C VAL E 719 11.58 16.86 26.95
N SER E 720 11.18 17.69 27.91
CA SER E 720 10.94 19.09 27.62
C SER E 720 12.19 19.78 27.11
N ILE E 721 12.01 20.63 26.11
CA ILE E 721 13.11 21.38 25.50
C ILE E 721 13.52 22.57 26.36
N GLY E 722 12.66 23.02 27.26
CA GLY E 722 12.87 24.25 28.00
C GLY E 722 14.04 24.20 28.96
N ALA E 723 14.22 25.33 29.65
CA ALA E 723 15.31 25.55 30.57
C ALA E 723 14.85 26.45 31.69
N PRO E 724 15.45 26.36 32.88
CA PRO E 724 15.13 27.30 33.94
C PRO E 724 15.68 28.70 33.66
N GLN E 725 15.19 29.64 34.46
CA GLN E 725 15.54 31.05 34.37
C GLN E 725 16.90 31.42 34.96
N ILE E 726 17.50 30.58 35.81
CA ILE E 726 18.65 31.02 36.59
C ILE E 726 19.88 30.14 36.39
N PRO E 727 20.33 29.91 35.14
CA PRO E 727 21.64 29.28 34.94
C PRO E 727 22.85 30.19 35.17
N ASN E 728 22.74 31.22 36.01
CA ASN E 728 23.76 32.25 36.07
C ASN E 728 24.03 32.72 37.50
N VAL E 729 25.30 32.88 37.81
CA VAL E 729 25.81 33.23 39.14
C VAL E 729 27.10 34.03 38.97
N THR E 730 27.33 34.99 39.87
CA THR E 730 28.48 35.90 39.87
C THR E 730 28.54 36.85 38.68
N TRP E 731 27.68 36.65 37.70
CA TRP E 731 27.73 37.39 36.45
C TRP E 731 26.48 38.23 36.25
N ASP E 732 25.93 38.74 37.35
CA ASP E 732 24.66 39.47 37.34
C ASP E 732 24.79 40.83 36.67
N ASP E 733 24.83 40.80 35.33
CA ASP E 733 24.57 41.99 34.49
C ASP E 733 25.44 43.18 34.90
N ILE E 734 26.76 42.95 34.93
CA ILE E 734 27.66 44.00 35.39
C ILE E 734 27.80 45.05 34.29
N GLY E 735 26.80 45.93 34.19
CA GLY E 735 26.68 46.94 33.14
C GLY E 735 27.78 47.98 33.13
N GLY E 736 28.64 48.01 34.15
CA GLY E 736 29.78 48.91 34.17
C GLY E 736 31.09 48.32 33.71
N ILE E 737 31.14 47.01 33.49
CA ILE E 737 32.40 46.38 33.14
C ILE E 737 32.84 46.81 31.74
N ASP E 738 31.91 47.10 30.83
CA ASP E 738 32.26 47.77 29.59
C ASP E 738 31.05 48.47 29.01
N PHE E 739 31.33 49.35 28.04
CA PHE E 739 30.29 50.13 27.36
C PHE E 739 29.25 49.22 26.71
N VAL E 740 29.69 48.10 26.14
CA VAL E 740 28.72 47.26 25.45
C VAL E 740 27.74 46.67 26.46
N LYS E 741 28.25 46.22 27.61
CA LYS E 741 27.37 45.82 28.72
C LYS E 741 26.46 46.97 29.13
N GLY E 742 27.00 48.19 29.13
CA GLY E 742 26.20 49.38 29.35
C GLY E 742 25.14 49.63 28.29
N GLU E 743 25.16 48.87 27.19
CA GLU E 743 24.10 49.01 26.18
C GLU E 743 23.19 47.79 25.96
N ILE E 744 23.62 46.57 26.30
CA ILE E 744 22.66 45.44 26.29
C ILE E 744 21.38 45.80 27.03
N LEU E 745 21.49 46.47 28.17
CA LEU E 745 20.31 46.83 28.95
C LEU E 745 19.30 47.66 28.18
N ASP E 746 19.71 48.39 27.14
CA ASP E 746 18.77 49.17 26.35
C ASP E 746 17.61 48.32 25.83
N THR E 747 17.92 47.17 25.25
CA THR E 747 16.90 46.36 24.57
C THR E 747 15.91 45.71 25.52
N ILE E 748 16.20 45.68 26.81
CA ILE E 748 15.32 45.10 27.82
C ILE E 748 14.64 46.17 28.66
N ASP E 749 15.42 47.17 29.11
CA ASP E 749 14.87 48.27 29.91
C ASP E 749 13.74 49.00 29.19
N MET E 750 13.90 49.26 27.89
CA MET E 750 12.85 49.95 27.15
C MET E 750 11.55 49.16 27.10
N PRO E 751 11.51 47.92 26.59
CA PRO E 751 10.22 47.21 26.53
C PRO E 751 9.70 46.80 27.89
N LEU E 752 10.51 46.89 28.93
CA LEU E 752 10.02 46.86 30.30
C LEU E 752 9.15 48.09 30.61
N LYS E 753 8.97 48.98 29.64
CA LYS E 753 8.15 50.18 29.68
C LYS E 753 8.63 51.22 30.69
N HIS E 754 9.86 51.09 31.20
CA HIS E 754 10.33 52.05 32.18
C HIS E 754 10.46 53.45 31.59
N PRO E 755 10.91 53.63 30.34
CA PRO E 755 10.82 54.97 29.73
C PRO E 755 9.40 55.39 29.41
N GLU E 756 8.59 54.49 28.86
CA GLU E 756 7.19 54.81 28.59
C GLU E 756 6.39 53.52 28.42
N LEU E 757 5.08 53.64 28.60
CA LEU E 757 4.12 52.65 28.12
C LEU E 757 4.05 52.75 26.60
N PHE E 758 5.05 52.18 25.95
CA PHE E 758 5.22 52.29 24.51
C PHE E 758 3.96 51.85 23.77
N THR E 759 3.80 52.40 22.56
CA THR E 759 2.57 52.21 21.78
C THR E 759 2.39 50.77 21.33
N SER E 760 3.46 49.97 21.36
CA SER E 760 3.50 48.64 20.73
C SER E 760 3.18 48.69 19.24
N GLY E 761 3.45 49.82 18.59
CA GLY E 761 3.01 50.01 17.22
C GLY E 761 3.66 51.17 16.49
N MET E 762 4.94 51.43 16.75
CA MET E 762 5.67 52.40 15.94
C MET E 762 7.12 52.02 15.69
N LYS E 763 8.00 52.41 16.60
CA LYS E 763 9.43 52.19 16.44
C LYS E 763 9.79 50.71 16.41
N LYS E 764 10.59 50.32 15.43
CA LYS E 764 11.12 48.96 15.36
C LYS E 764 11.97 48.66 16.57
N ARG E 765 11.88 47.43 17.07
CA ARG E 765 12.62 47.04 18.26
C ARG E 765 14.13 46.98 18.01
N SER E 766 14.89 47.53 18.97
CA SER E 766 16.34 47.41 19.03
C SER E 766 16.82 46.02 19.45
N GLY E 767 16.31 44.97 18.79
CA GLY E 767 16.89 43.66 18.99
C GLY E 767 18.36 43.60 18.59
N ILE E 768 19.11 42.76 19.31
CA ILE E 768 20.56 42.75 19.26
C ILE E 768 21.03 41.52 18.49
N LEU E 769 21.96 41.73 17.57
CA LEU E 769 22.62 40.67 16.80
C LEU E 769 24.11 40.71 17.16
N PHE E 770 24.53 39.77 18.00
CA PHE E 770 25.72 39.93 18.84
C PHE E 770 26.94 39.29 18.15
N TYR E 771 27.80 40.12 17.54
CA TYR E 771 29.21 39.72 17.40
C TYR E 771 29.89 39.58 18.75
N GLY E 772 29.74 40.58 19.61
CA GLY E 772 30.28 40.55 20.95
C GLY E 772 31.77 40.33 20.99
N PRO E 773 32.23 39.59 22.00
CA PRO E 773 33.54 38.96 21.95
C PRO E 773 33.54 37.74 21.04
N PRO E 774 34.16 37.84 19.85
CA PRO E 774 33.86 36.83 18.83
C PRO E 774 34.36 35.44 19.19
N GLY E 775 35.56 35.35 19.76
CA GLY E 775 36.15 34.05 20.01
C GLY E 775 35.39 33.25 21.05
N THR E 776 35.18 33.83 22.24
CA THR E 776 34.45 33.17 23.32
C THR E 776 33.71 34.20 24.16
N GLY E 777 32.63 33.73 24.79
CA GLY E 777 31.81 34.56 25.67
C GLY E 777 30.32 34.32 25.49
N LYS E 778 29.91 33.99 24.27
CA LYS E 778 28.52 34.20 23.89
C LYS E 778 27.60 33.22 24.59
N THR E 779 28.02 31.96 24.66
CA THR E 779 27.42 30.92 25.48
C THR E 779 27.01 31.42 26.86
N LEU E 780 27.86 32.20 27.50
CA LEU E 780 27.47 32.79 28.78
C LEU E 780 26.60 34.03 28.59
N MET E 781 26.99 34.92 27.69
CA MET E 781 26.48 36.29 27.68
C MET E 781 24.96 36.34 27.77
N ALA E 782 24.28 35.66 26.84
CA ALA E 782 22.81 35.74 26.80
C ALA E 782 22.19 35.18 28.07
N LYS E 783 22.71 34.06 28.56
CA LYS E 783 22.24 33.51 29.82
C LYS E 783 22.40 34.50 30.95
N ALA E 784 23.55 35.18 31.01
CA ALA E 784 23.83 36.10 32.10
C ALA E 784 22.81 37.22 32.19
N ILE E 785 22.54 37.90 31.08
CA ILE E 785 21.52 38.94 31.09
C ILE E 785 20.13 38.33 31.31
N ALA E 786 19.85 37.19 30.66
CA ALA E 786 18.52 36.60 30.71
C ALA E 786 18.08 36.29 32.13
N THR E 787 18.96 35.73 32.96
CA THR E 787 18.60 35.51 34.36
C THR E 787 18.37 36.82 35.10
N ASN E 788 19.24 37.80 34.90
CA ASN E 788 19.37 38.87 35.87
C ASN E 788 18.54 40.11 35.54
N PHE E 789 18.12 40.28 34.30
CA PHE E 789 17.22 41.37 33.96
C PHE E 789 16.02 40.87 33.18
N SER E 790 15.87 39.55 33.04
CA SER E 790 14.72 38.94 32.39
C SER E 790 14.40 37.65 33.15
N LEU E 791 13.56 36.78 32.56
CA LEU E 791 12.83 35.83 33.39
C LEU E 791 12.77 34.39 32.86
N ASN E 792 13.34 34.08 31.70
CA ASN E 792 13.36 32.68 31.25
C ASN E 792 14.40 32.53 30.15
N PHE E 793 14.68 31.29 29.78
CA PHE E 793 15.65 31.07 28.71
C PHE E 793 15.20 30.01 27.71
N PHE E 794 13.89 29.73 27.63
CA PHE E 794 13.38 28.78 26.66
C PHE E 794 13.81 29.20 25.26
N SER E 795 14.59 28.37 24.58
CA SER E 795 15.38 28.83 23.45
C SER E 795 15.24 27.87 22.28
N VAL E 796 15.56 28.38 21.09
CA VAL E 796 15.14 27.74 19.85
C VAL E 796 15.88 26.44 19.57
N LYS E 797 16.99 26.18 20.26
CA LYS E 797 17.73 24.95 20.07
C LYS E 797 18.08 24.77 18.59
N GLY E 798 18.47 25.87 17.96
CA GLY E 798 18.31 26.09 16.54
C GLY E 798 18.66 24.97 15.56
N PRO E 799 19.72 24.19 15.82
CA PRO E 799 20.04 23.07 14.92
C PRO E 799 18.97 22.00 14.83
N GLU E 800 18.27 21.70 15.92
CA GLU E 800 17.32 20.60 15.93
C GLU E 800 15.98 21.00 15.32
N LEU E 801 15.07 20.03 15.26
CA LEU E 801 13.63 20.21 15.12
C LEU E 801 13.23 20.74 13.74
N LEU E 802 14.13 20.73 12.77
CA LEU E 802 13.74 20.78 11.36
C LEU E 802 13.20 19.42 10.95
N ASN E 803 11.89 19.34 10.72
CA ASN E 803 11.29 18.12 10.19
C ASN E 803 11.62 17.95 8.71
N MET E 804 12.00 16.73 8.33
CA MET E 804 12.24 16.39 6.93
C MET E 804 10.94 16.27 6.14
N TYR E 805 9.86 15.84 6.79
CA TYR E 805 8.66 15.39 6.09
C TYR E 805 8.07 16.50 5.21
N ILE E 806 7.49 16.07 4.10
CA ILE E 806 7.10 16.96 3.00
C ILE E 806 6.16 18.06 3.50
N GLY E 807 6.62 19.31 3.40
CA GLY E 807 5.80 20.45 3.76
C GLY E 807 5.39 20.54 5.21
N GLU E 808 6.06 19.82 6.10
CA GLU E 808 5.67 19.80 7.50
C GLU E 808 6.30 20.92 8.31
N SER E 809 7.59 21.21 8.08
CA SER E 809 8.42 21.84 9.10
C SER E 809 8.05 23.29 9.40
N GLU E 810 7.27 23.96 8.55
CA GLU E 810 6.72 25.26 8.95
C GLU E 810 5.95 25.15 10.25
N ALA E 811 5.37 23.97 10.51
CA ALA E 811 4.69 23.69 11.77
C ALA E 811 5.61 23.89 12.97
N ASN E 812 6.86 23.46 12.87
CA ASN E 812 7.76 23.59 14.01
C ASN E 812 8.18 25.03 14.28
N VAL E 813 8.38 25.84 13.24
CA VAL E 813 8.63 27.26 13.46
C VAL E 813 7.43 27.94 14.10
N ARG E 814 6.24 27.71 13.55
CA ARG E 814 5.04 28.31 14.12
C ARG E 814 4.80 27.86 15.56
N ARG E 815 5.12 26.60 15.87
CA ARG E 815 5.00 26.12 17.24
C ARG E 815 6.05 26.75 18.14
N VAL E 816 7.31 26.84 17.70
CA VAL E 816 8.33 27.32 18.62
C VAL E 816 8.07 28.77 18.98
N PHE E 817 7.74 29.61 17.98
CA PHE E 817 7.41 30.99 18.33
C PHE E 817 6.12 31.12 19.11
N GLN E 818 5.12 30.25 18.87
CA GLN E 818 3.96 30.24 19.76
C GLN E 818 4.34 29.91 21.19
N LYS E 819 5.13 28.87 21.41
CA LYS E 819 5.54 28.48 22.76
C LYS E 819 6.41 29.54 23.41
N ALA E 820 7.23 30.24 22.62
CA ALA E 820 7.97 31.38 23.13
C ALA E 820 7.04 32.49 23.61
N ARG E 821 6.22 33.02 22.71
CA ARG E 821 5.31 34.09 23.07
C ARG E 821 4.38 33.69 24.22
N GLU E 822 4.08 32.40 24.35
CA GLU E 822 3.24 31.93 25.44
C GLU E 822 3.81 32.22 26.82
N ALA E 823 5.12 32.38 26.96
CA ALA E 823 5.65 33.12 28.10
C ALA E 823 5.80 34.58 27.71
N LYS E 824 5.10 35.46 28.44
CA LYS E 824 5.06 36.86 28.05
C LYS E 824 6.42 37.57 28.01
N PRO E 825 7.31 37.43 28.99
CA PRO E 825 8.31 38.49 29.20
C PRO E 825 9.72 38.29 28.67
N CYS E 826 10.07 37.19 28.01
CA CYS E 826 11.48 36.84 28.00
C CYS E 826 11.97 36.41 26.62
N VAL E 827 13.30 36.46 26.46
CA VAL E 827 13.97 36.31 25.17
C VAL E 827 13.95 34.88 24.65
N ILE E 828 14.37 34.71 23.38
CA ILE E 828 14.82 33.43 22.82
C ILE E 828 16.26 33.57 22.34
N PHE E 829 17.14 32.69 22.84
CA PHE E 829 18.49 32.56 22.32
C PHE E 829 18.49 31.74 21.03
N PHE E 830 19.44 32.05 20.14
CA PHE E 830 19.34 31.63 18.74
C PHE E 830 20.61 31.02 18.17
N ASP E 831 21.60 30.66 19.00
CA ASP E 831 22.85 30.08 18.52
C ASP E 831 23.52 31.02 17.51
N GLN E 832 24.52 30.54 16.78
CA GLN E 832 24.81 31.10 15.47
C GLN E 832 23.62 30.98 14.55
N ILE E 833 23.40 32.01 13.74
CA ILE E 833 22.37 31.95 12.71
C ILE E 833 22.73 30.94 11.63
N ASP E 834 24.00 30.52 11.58
CA ASP E 834 24.38 29.30 10.86
C ASP E 834 23.63 28.05 11.31
N SER E 835 22.96 28.09 12.46
CA SER E 835 21.99 27.04 12.77
C SER E 835 20.87 27.00 11.74
N VAL E 836 20.51 28.15 11.18
CA VAL E 836 19.61 28.23 10.04
C VAL E 836 20.38 28.30 8.73
N ALA E 837 21.51 28.99 8.75
CA ALA E 837 22.37 29.17 7.58
C ALA E 837 21.62 29.57 6.30
N PRO E 838 20.76 30.59 6.36
CA PRO E 838 20.14 31.10 5.13
C PRO E 838 21.22 31.70 4.22
N LYS E 839 21.24 31.26 2.95
CA LYS E 839 22.45 31.44 2.16
C LYS E 839 22.15 31.70 0.68
N ARG E 840 20.99 32.30 0.39
CA ARG E 840 20.62 32.83 -0.93
C ARG E 840 20.84 31.83 -2.07
N GLY E 841 20.33 30.61 -1.88
CA GLY E 841 20.02 29.81 -3.04
C GLY E 841 21.16 29.11 -3.74
N ASN E 842 22.37 29.11 -3.18
CA ASN E 842 23.50 28.56 -3.92
C ASN E 842 24.48 27.86 -2.97
N GLN E 843 25.25 26.93 -3.56
CA GLN E 843 26.37 26.26 -2.90
C GLN E 843 25.95 25.65 -1.57
N GLY E 844 24.75 25.06 -1.54
CA GLY E 844 24.22 24.50 -0.33
C GLY E 844 22.79 24.02 -0.45
N ASP E 845 21.97 24.30 0.57
CA ASP E 845 20.56 23.98 0.50
C ASP E 845 19.90 24.60 -0.73
N SER E 846 20.45 25.71 -1.21
CA SER E 846 20.12 26.29 -2.50
C SER E 846 18.65 26.68 -2.61
N GLY E 847 17.95 26.77 -1.49
CA GLY E 847 16.63 27.35 -1.42
C GLY E 847 15.53 26.56 -2.09
N GLY E 848 15.84 25.40 -2.65
CA GLY E 848 14.88 24.66 -3.45
C GLY E 848 14.16 23.54 -2.71
N VAL E 849 14.87 22.44 -2.47
CA VAL E 849 14.32 21.35 -1.68
C VAL E 849 14.09 21.74 -0.23
N MET E 850 14.72 22.82 0.24
CA MET E 850 14.36 23.42 1.52
C MET E 850 14.23 24.93 1.38
N ASP E 851 13.11 25.48 1.86
CA ASP E 851 13.02 26.90 2.15
C ASP E 851 12.24 27.16 3.43
N ARG E 852 11.70 26.13 4.06
CA ARG E 852 10.50 26.23 4.88
C ARG E 852 10.73 27.00 6.16
N ILE E 853 11.95 26.95 6.72
CA ILE E 853 12.25 27.70 7.92
C ILE E 853 12.37 29.19 7.63
N VAL E 854 13.33 29.54 6.78
CA VAL E 854 13.62 30.95 6.50
C VAL E 854 12.41 31.65 5.88
N SER E 855 11.68 30.97 4.98
CA SER E 855 10.51 31.57 4.37
C SER E 855 9.41 31.90 5.37
N GLN E 856 9.46 31.34 6.58
CA GLN E 856 8.58 31.79 7.66
C GLN E 856 9.23 32.83 8.57
N LEU E 857 10.50 32.59 8.91
CA LEU E 857 11.22 33.44 9.87
C LEU E 857 11.44 34.85 9.35
N LEU E 858 11.61 35.01 8.03
CA LEU E 858 11.69 36.35 7.46
C LEU E 858 10.45 37.18 7.81
N ALA E 859 9.30 36.53 7.89
CA ALA E 859 8.04 37.24 8.07
C ALA E 859 7.66 37.32 9.54
N GLU E 860 7.19 36.22 10.10
CA GLU E 860 6.25 36.31 11.22
C GLU E 860 6.92 36.83 12.49
N LEU E 861 8.14 36.40 12.79
CA LEU E 861 8.82 36.93 13.96
C LEU E 861 9.27 38.36 13.76
N ASP E 862 9.45 38.79 12.50
CA ASP E 862 9.69 40.20 12.22
C ASP E 862 8.43 41.04 12.41
N GLY E 863 7.26 40.48 12.11
CA GLY E 863 6.01 41.15 12.48
C GLY E 863 5.93 41.43 13.97
N MET E 864 6.16 40.40 14.79
CA MET E 864 6.24 40.59 16.24
C MET E 864 7.31 41.61 16.62
N SER E 865 8.51 41.49 16.04
CA SER E 865 9.59 42.42 16.34
C SER E 865 9.24 43.86 16.01
N THR E 866 8.39 44.09 14.99
CA THR E 866 8.03 45.46 14.65
C THR E 866 6.94 46.00 15.57
N ASP E 867 6.02 45.15 16.03
CA ASP E 867 5.18 45.56 17.15
C ASP E 867 6.00 45.72 18.42
N ALA E 868 7.16 45.07 18.51
CA ALA E 868 8.18 45.36 19.52
C ALA E 868 7.64 45.21 20.94
N ASP E 869 7.20 44.00 21.26
CA ASP E 869 6.75 43.72 22.63
C ASP E 869 7.09 42.28 23.01
N GLY E 870 7.27 42.08 24.32
CA GLY E 870 7.32 40.77 24.94
C GLY E 870 8.50 39.85 24.68
N VAL E 871 8.94 39.74 23.44
CA VAL E 871 9.85 38.67 23.04
C VAL E 871 10.96 39.27 22.17
N PHE E 872 12.19 38.83 22.38
CA PHE E 872 13.33 39.54 21.85
C PHE E 872 14.42 38.56 21.44
N VAL E 873 15.25 38.98 20.49
CA VAL E 873 16.26 38.12 19.89
C VAL E 873 17.65 38.56 20.33
N ILE E 874 18.53 37.57 20.50
CA ILE E 874 19.84 37.76 21.12
C ILE E 874 20.83 36.80 20.44
N GLY E 875 20.72 36.70 19.11
CA GLY E 875 21.54 35.76 18.38
C GLY E 875 23.03 36.06 18.44
N ALA E 876 23.81 35.02 18.18
CA ALA E 876 25.23 34.97 18.48
C ALA E 876 26.09 34.68 17.25
N THR E 877 25.74 35.31 16.13
CA THR E 877 26.42 35.06 14.86
C THR E 877 27.92 35.33 14.93
N ASN E 878 28.70 34.50 14.22
CA ASN E 878 30.13 34.71 14.00
C ASN E 878 30.52 34.72 12.53
N ARG E 879 29.77 34.04 11.67
CA ARG E 879 30.16 33.79 10.28
C ARG E 879 29.15 34.36 9.29
N PRO E 880 28.99 35.69 9.25
CA PRO E 880 28.00 36.27 8.34
C PRO E 880 28.27 35.97 6.88
N ASP E 881 29.50 35.63 6.52
CA ASP E 881 29.81 35.19 5.17
C ASP E 881 28.99 33.97 4.75
N LEU E 882 28.52 33.18 5.70
CA LEU E 882 27.68 32.03 5.42
C LEU E 882 26.20 32.38 5.31
N LEU E 883 25.83 33.64 5.54
CA LEU E 883 24.44 34.04 5.66
C LEU E 883 24.09 35.00 4.53
N ASP E 884 22.80 35.05 4.20
CA ASP E 884 22.34 35.84 3.04
C ASP E 884 22.23 37.33 3.32
N GLU E 885 22.26 37.75 4.59
CA GLU E 885 21.96 39.13 4.97
C GLU E 885 20.58 39.58 4.51
N ALA E 886 19.62 38.66 4.41
CA ALA E 886 18.24 39.09 4.27
C ALA E 886 17.61 39.46 5.60
N LEU E 887 18.10 38.86 6.68
CA LEU E 887 18.07 39.43 8.02
C LEU E 887 19.40 40.17 8.25
N LEU E 888 19.69 40.52 9.51
CA LEU E 888 20.98 41.14 9.86
C LEU E 888 21.14 42.49 9.15
N ARG E 889 20.06 43.26 9.08
CA ARG E 889 20.01 44.45 8.25
C ARG E 889 19.13 45.49 8.91
N PRO E 890 19.30 46.77 8.58
CA PRO E 890 18.47 47.83 9.20
C PRO E 890 16.98 47.67 8.96
N GLY E 891 16.59 47.07 7.84
CA GLY E 891 15.19 46.84 7.57
C GLY E 891 14.54 45.80 8.45
N ARG E 892 15.33 44.84 8.95
CA ARG E 892 14.82 43.80 9.84
C ARG E 892 15.97 43.28 10.69
N PHE E 893 15.80 43.33 12.01
CA PHE E 893 16.80 42.89 12.97
C PHE E 893 18.15 43.56 12.73
N ASP E 894 18.26 44.81 13.18
CA ASP E 894 19.47 45.62 13.12
C ASP E 894 20.30 45.41 14.38
N LYS E 895 21.15 46.40 14.72
CA LYS E 895 22.02 46.37 15.90
C LYS E 895 23.02 45.21 15.84
N LEU E 896 23.76 45.14 14.73
CA LEU E 896 24.90 44.26 14.61
C LEU E 896 25.96 44.69 15.61
N LEU E 897 26.00 44.02 16.76
CA LEU E 897 26.68 44.50 17.96
C LEU E 897 27.97 43.73 18.19
N TYR E 898 29.07 44.46 18.32
CA TYR E 898 30.41 43.91 18.46
C TYR E 898 31.07 44.44 19.73
N LEU E 899 31.92 43.60 20.33
CA LEU E 899 32.75 43.99 21.47
C LEU E 899 34.25 43.73 21.24
N GLY E 900 34.60 42.67 20.53
CA GLY E 900 35.99 42.23 20.46
C GLY E 900 36.47 41.56 21.73
N ILE E 901 37.74 41.19 21.72
CA ILE E 901 38.41 40.53 22.84
C ILE E 901 39.38 41.51 23.48
N PRO E 902 39.34 41.68 24.80
CA PRO E 902 40.26 42.63 25.46
C PRO E 902 41.72 42.28 25.20
N ASP E 903 42.53 43.31 24.94
CA ASP E 903 43.90 43.07 24.49
C ASP E 903 44.77 42.49 25.60
N THR E 904 44.86 43.18 26.74
CA THR E 904 45.57 42.64 27.89
C THR E 904 45.13 43.29 29.20
N ASP E 905 44.75 44.56 29.15
CA ASP E 905 44.26 45.29 30.32
C ASP E 905 42.86 44.79 30.67
N THR E 906 42.76 43.93 31.67
CA THR E 906 41.48 43.33 32.01
C THR E 906 41.29 43.31 33.51
N LYS E 907 40.08 43.67 33.93
CA LYS E 907 39.55 43.22 35.21
C LYS E 907 39.13 41.75 35.14
N GLN E 908 38.91 41.23 33.95
CA GLN E 908 38.54 39.82 33.78
C GLN E 908 39.61 38.86 34.28
N LEU E 909 40.87 39.28 34.36
CA LEU E 909 41.87 38.50 35.11
C LEU E 909 41.52 38.44 36.60
N ASN E 910 41.13 39.56 37.19
CA ASN E 910 40.65 39.55 38.57
C ASN E 910 39.38 38.71 38.72
N ILE E 911 38.49 38.75 37.73
CA ILE E 911 37.27 37.94 37.81
C ILE E 911 37.59 36.47 37.57
N LEU E 912 38.64 36.19 36.81
CA LEU E 912 39.21 34.85 36.75
C LEU E 912 39.61 34.37 38.15
N GLU E 913 40.43 35.15 38.84
CA GLU E 913 40.76 34.80 40.23
C GLU E 913 39.50 34.63 41.09
N ALA E 914 38.57 35.59 40.99
CA ALA E 914 37.32 35.57 41.72
C ALA E 914 36.44 34.36 41.43
N LEU E 915 36.69 33.66 40.33
CA LEU E 915 35.94 32.45 40.02
C LEU E 915 36.78 31.19 40.11
N THR E 916 38.10 31.31 40.26
CA THR E 916 38.84 30.23 40.88
C THR E 916 38.51 30.13 42.36
N ARG E 917 38.12 31.26 42.95
CA ARG E 917 37.51 31.29 44.27
C ARG E 917 36.23 30.44 44.26
N LYS E 918 35.70 30.19 45.47
CA LYS E 918 34.90 29.06 45.95
C LYS E 918 35.81 27.87 46.23
N PHE E 919 37.03 27.89 45.70
CA PHE E 919 38.08 26.97 46.12
C PHE E 919 39.28 27.75 46.59
N VAL E 920 39.96 27.22 47.60
CA VAL E 920 40.87 28.02 48.42
C VAL E 920 42.18 28.24 47.67
N LEU E 921 42.69 29.47 47.76
CA LEU E 921 44.09 29.81 47.55
C LEU E 921 44.72 30.11 48.90
N ASP E 922 45.75 29.35 49.27
CA ASP E 922 46.31 29.49 50.60
C ASP E 922 47.13 30.77 50.76
N ASN E 923 47.62 31.35 49.66
CA ASN E 923 48.50 32.50 49.75
C ASN E 923 47.76 33.73 50.29
N ASP E 924 48.49 34.58 51.00
CA ASP E 924 47.99 35.90 51.35
C ASP E 924 48.02 36.86 50.16
N VAL E 925 49.07 36.80 49.35
CA VAL E 925 49.17 37.57 48.12
C VAL E 925 48.29 36.93 47.05
N LYS E 926 47.64 37.79 46.25
CA LYS E 926 46.71 37.30 45.23
C LYS E 926 47.45 36.72 44.02
N LEU E 927 48.66 37.20 43.75
CA LEU E 927 49.58 36.66 42.74
C LEU E 927 48.95 36.54 41.34
N ILE E 928 47.85 37.24 41.08
CA ILE E 928 47.17 37.08 39.80
C ILE E 928 47.97 37.69 38.65
N GLU E 929 48.65 38.81 38.91
CA GLU E 929 49.10 39.68 37.83
C GLU E 929 50.16 39.03 36.95
N LEU E 930 50.90 38.06 37.49
CA LEU E 930 51.90 37.34 36.71
C LEU E 930 51.30 36.62 35.50
N ALA E 931 50.00 36.31 35.52
CA ALA E 931 49.36 35.75 34.34
C ALA E 931 49.50 36.65 33.12
N LYS E 932 49.60 37.97 33.33
CA LYS E 932 49.82 38.90 32.23
C LYS E 932 51.18 38.74 31.55
N LEU E 933 52.02 37.83 32.03
CA LEU E 933 53.18 37.39 31.25
C LEU E 933 52.77 36.70 29.95
N CYS E 934 51.52 36.27 29.84
CA CYS E 934 51.00 35.81 28.56
C CYS E 934 51.15 36.90 27.50
N PRO E 935 51.60 36.57 26.29
CA PRO E 935 51.57 37.54 25.20
C PRO E 935 50.15 38.04 24.91
N PHE E 936 50.07 39.33 24.61
CA PHE E 936 48.81 40.06 24.56
C PHE E 936 47.94 39.60 23.40
N ASN E 937 46.66 39.97 23.47
CA ASN E 937 45.56 39.34 22.72
C ASN E 937 45.47 37.84 23.03
N TYR E 938 44.82 37.50 24.14
CA TYR E 938 44.83 36.14 24.64
C TYR E 938 43.63 35.82 25.52
N THR E 939 42.80 36.84 25.81
CA THR E 939 41.97 36.81 27.01
C THR E 939 40.68 36.01 26.84
N GLY E 940 40.77 34.82 26.24
CA GLY E 940 39.61 34.01 25.98
C GLY E 940 39.22 33.14 27.15
N ALA E 941 38.21 32.30 26.90
CA ALA E 941 37.68 31.38 27.90
C ALA E 941 38.75 30.45 28.49
N ASP E 942 39.87 30.29 27.79
CA ASP E 942 41.00 29.54 28.30
C ASP E 942 41.49 30.03 29.66
N PHE E 943 41.13 31.23 30.09
CA PHE E 943 41.26 31.59 31.50
C PHE E 943 40.79 30.48 32.44
N TYR E 944 39.60 29.93 32.19
CA TYR E 944 39.13 28.85 33.02
C TYR E 944 39.62 27.47 32.61
N ALA E 945 40.12 27.30 31.39
CA ALA E 945 40.90 26.10 31.14
C ALA E 945 42.17 26.08 31.98
N LEU E 946 42.83 27.23 32.12
CA LEU E 946 43.96 27.35 33.02
C LEU E 946 43.60 27.15 34.49
N CYS E 947 42.42 27.62 34.92
CA CYS E 947 42.02 27.29 36.30
C CYS E 947 41.79 25.78 36.45
N SER E 948 41.24 25.15 35.41
CA SER E 948 41.09 23.70 35.40
C SER E 948 42.45 22.99 35.48
N ASP E 949 43.43 23.47 34.72
CA ASP E 949 44.76 22.86 34.77
C ASP E 949 45.42 23.06 36.13
N ALA E 950 45.27 24.23 36.74
CA ALA E 950 45.77 24.43 38.10
C ALA E 950 45.11 23.49 39.09
N MET E 951 43.78 23.36 39.02
CA MET E 951 43.07 22.41 39.88
C MET E 951 43.53 20.97 39.67
N LEU E 952 43.70 20.55 38.41
CA LEU E 952 44.25 19.22 38.13
C LEU E 952 45.66 19.04 38.64
N ASN E 953 46.47 20.10 38.65
CA ASN E 953 47.79 20.01 39.26
C ASN E 953 47.70 19.80 40.76
N ALA E 954 46.80 20.52 41.43
CA ALA E 954 46.55 20.26 42.85
C ALA E 954 46.06 18.84 43.10
N MET E 955 45.17 18.34 42.24
CA MET E 955 44.74 16.96 42.29
C MET E 955 45.90 15.99 42.13
N SER E 956 46.82 16.27 41.20
CA SER E 956 47.98 15.40 41.00
C SER E 956 48.89 15.41 42.23
N ARG E 957 49.05 16.58 42.85
CA ARG E 957 49.82 16.66 44.09
C ARG E 957 49.21 15.80 45.19
N ILE E 958 47.91 15.99 45.47
CA ILE E 958 47.29 15.20 46.53
C ILE E 958 47.20 13.71 46.15
N ALA E 959 47.08 13.39 44.86
CA ALA E 959 47.14 12.01 44.41
C ALA E 959 48.50 11.35 44.70
N ARG E 960 49.60 12.03 44.37
CA ARG E 960 50.90 11.46 44.74
C ARG E 960 51.15 11.48 46.24
N MET E 961 50.55 12.41 46.98
CA MET E 961 50.62 12.37 48.44
C MET E 961 49.91 11.14 49.02
N VAL E 962 48.70 10.86 48.56
CA VAL E 962 48.01 9.63 49.00
C VAL E 962 48.72 8.38 48.50
N GLU E 963 49.36 8.43 47.32
CA GLU E 963 50.20 7.32 46.88
C GLU E 963 51.39 7.10 47.82
N LYS E 964 52.00 8.17 48.30
CA LYS E 964 53.04 8.07 49.33
C LYS E 964 52.49 7.47 50.62
N LYS E 965 51.34 7.96 51.08
CA LYS E 965 50.70 7.39 52.25
C LYS E 965 50.39 5.90 52.08
N VAL E 966 49.91 5.50 50.91
CA VAL E 966 49.74 4.08 50.61
C VAL E 966 51.06 3.33 50.69
N SER E 967 52.12 3.91 50.09
CA SER E 967 53.44 3.27 50.12
C SER E 967 53.95 3.05 51.54
N GLN E 968 53.64 3.97 52.46
CA GLN E 968 54.01 3.81 53.86
C GLN E 968 52.88 3.27 54.75
N HIS E 969 51.78 2.82 54.15
CA HIS E 969 50.62 2.37 54.91
C HIS E 969 50.96 1.24 55.88
N ASN E 970 52.05 0.51 55.64
CA ASN E 970 52.62 -0.40 56.63
C ASN E 970 52.87 0.22 57.99
N GLU E 971 52.97 1.56 58.07
CA GLU E 971 53.08 2.24 59.36
C GLU E 971 51.84 2.10 60.24
N LEU E 972 50.69 1.74 59.68
CA LEU E 972 49.49 1.61 60.50
C LEU E 972 48.59 0.44 60.08
N THR E 973 48.97 -0.34 59.08
CA THR E 973 48.26 -1.56 58.71
C THR E 973 49.30 -2.64 58.44
N GLY E 974 48.90 -3.89 58.68
CA GLY E 974 49.82 -5.01 58.51
C GLY E 974 50.35 -5.15 57.09
N GLU E 975 49.67 -4.58 56.11
CA GLU E 975 50.14 -4.60 54.73
C GLU E 975 49.75 -3.29 54.05
N ASN E 976 50.48 -2.96 52.99
CA ASN E 976 50.11 -1.85 52.10
C ASN E 976 48.97 -2.30 51.20
N ILE E 977 47.81 -2.52 51.81
CA ILE E 977 46.70 -3.21 51.17
C ILE E 977 45.40 -2.47 51.50
N SER E 978 44.36 -2.79 50.72
CA SER E 978 42.97 -2.37 50.97
C SER E 978 42.79 -0.86 50.83
N THR E 979 43.52 -0.26 49.89
CA THR E 979 43.50 1.20 49.70
C THR E 979 42.07 1.71 49.58
N ARG E 980 41.26 1.02 48.77
CA ARG E 980 39.85 1.33 48.54
C ARG E 980 39.00 1.20 49.79
N ARG E 981 39.50 0.55 50.83
CA ARG E 981 38.88 0.59 52.15
C ARG E 981 39.58 1.59 53.06
N TRP E 982 40.91 1.63 52.97
CA TRP E 982 41.72 2.48 53.83
C TRP E 982 41.32 3.95 53.78
N PHE E 983 41.17 4.53 52.59
CA PHE E 983 40.91 5.98 52.54
C PHE E 983 39.61 6.34 53.25
N ASP E 984 38.62 5.44 53.17
CA ASP E 984 37.30 5.65 53.79
C ASP E 984 37.33 5.44 55.29
N LYS E 985 38.09 4.47 55.77
CA LYS E 985 38.14 4.18 57.20
C LYS E 985 39.14 5.04 57.95
N ILE E 986 40.10 5.66 57.25
CA ILE E 986 40.88 6.73 57.86
C ILE E 986 40.15 8.07 57.78
N ALA E 987 39.92 8.57 56.55
CA ALA E 987 39.08 9.75 56.31
C ALA E 987 39.40 10.90 57.27
N THR E 988 40.68 11.14 57.51
CA THR E 988 41.13 12.22 58.41
C THR E 988 41.02 13.60 57.76
N LYS E 989 39.79 13.96 57.37
CA LYS E 989 39.49 15.16 56.57
C LYS E 989 40.39 15.15 55.33
N GLU E 990 41.15 16.22 55.06
CA GLU E 990 42.03 16.30 53.89
C GLU E 990 41.26 16.00 52.61
N ASP E 991 39.99 16.43 52.58
CA ASP E 991 39.03 16.02 51.55
C ASP E 991 39.22 16.82 50.26
N THR E 992 40.35 16.57 49.59
CA THR E 992 40.72 17.24 48.35
C THR E 992 40.77 18.78 48.52
N LYS E 993 41.14 19.24 49.71
CA LYS E 993 41.26 20.68 49.95
C LYS E 993 42.30 21.26 48.99
N VAL E 994 41.93 22.34 48.33
CA VAL E 994 42.57 22.74 47.08
C VAL E 994 43.91 23.41 47.35
N VAL E 995 44.80 23.35 46.36
CA VAL E 995 46.21 23.66 46.53
C VAL E 995 46.64 24.65 45.43
N VAL E 996 45.83 25.68 45.19
CA VAL E 996 46.14 26.68 44.16
C VAL E 996 47.45 27.40 44.47
N LYS E 997 47.95 27.29 45.70
CA LYS E 997 49.24 27.83 46.09
C LYS E 997 50.39 27.47 45.14
N MET E 998 50.30 26.34 44.44
CA MET E 998 51.36 25.99 43.51
C MET E 998 51.30 26.75 42.18
N GLU E 999 50.38 27.71 42.04
CA GLU E 999 50.39 28.69 40.96
C GLU E 999 50.48 28.05 39.57
N ASP E 1000 50.07 26.79 39.45
CA ASP E 1000 50.35 25.99 38.26
C ASP E 1000 49.54 26.44 37.03
N PHE E 1001 48.72 27.48 37.16
CA PHE E 1001 48.13 28.14 36.00
C PHE E 1001 49.17 28.74 35.06
N LEU E 1002 50.22 29.36 35.60
CA LEU E 1002 51.32 29.77 34.73
C LEU E 1002 52.05 28.56 34.15
N LYS E 1003 52.26 27.53 34.97
CA LYS E 1003 52.94 26.31 34.50
C LYS E 1003 52.20 25.66 33.35
N ALA E 1004 50.88 25.81 33.29
CA ALA E 1004 50.13 25.47 32.09
C ALA E 1004 50.32 26.52 31.00
N GLN E 1005 50.06 27.79 31.32
CA GLN E 1005 50.07 28.87 30.32
C GLN E 1005 51.38 28.94 29.54
N GLU E 1006 52.51 28.73 30.22
CA GLU E 1006 53.80 28.80 29.54
C GLU E 1006 53.97 27.73 28.46
N GLN E 1007 53.12 26.71 28.45
CA GLN E 1007 53.11 25.73 27.36
C GLN E 1007 52.50 26.30 26.07
N LEU E 1008 51.91 27.50 26.13
CA LEU E 1008 51.10 28.06 25.04
C LEU E 1008 49.98 27.11 24.63
N THR E 1009 49.10 26.85 25.60
CA THR E 1009 47.98 25.92 25.50
C THR E 1009 47.14 26.19 24.25
N PRO E 1010 47.29 25.39 23.20
CA PRO E 1010 46.92 25.83 21.85
C PRO E 1010 45.42 25.78 21.56
N SER E 1011 44.60 25.45 22.56
CA SER E 1011 43.16 25.64 22.45
C SER E 1011 42.75 27.11 22.45
N VAL E 1012 43.65 28.00 22.85
CA VAL E 1012 43.45 29.43 22.59
C VAL E 1012 43.48 29.68 21.09
N SER E 1013 42.75 30.71 20.65
CA SER E 1013 42.83 31.19 19.28
C SER E 1013 43.45 32.58 19.27
N ARG E 1014 44.50 32.75 18.46
CA ARG E 1014 45.23 34.00 18.35
C ARG E 1014 45.60 34.33 16.90
N ALA E 1015 45.19 33.51 15.94
CA ALA E 1015 45.65 33.64 14.56
C ALA E 1015 45.05 34.88 13.88
N GLU E 1016 45.43 35.04 12.61
CA GLU E 1016 44.85 36.03 11.72
C GLU E 1016 43.34 35.91 11.57
N LEU E 1017 42.76 34.75 11.87
CA LEU E 1017 41.30 34.64 11.88
C LEU E 1017 40.66 35.58 12.90
N ASN E 1018 41.30 35.77 14.05
CA ASN E 1018 40.82 36.76 15.01
C ASN E 1018 40.94 38.18 14.45
N HIS E 1019 42.01 38.45 13.69
CA HIS E 1019 42.16 39.76 13.08
C HIS E 1019 41.12 39.95 11.98
N TYR E 1020 40.83 38.88 11.25
CA TYR E 1020 39.76 38.86 10.25
C TYR E 1020 38.41 39.25 10.85
N GLU E 1021 38.03 38.59 11.93
CA GLU E 1021 36.79 38.98 12.64
C GLU E 1021 36.86 40.42 13.14
N ALA E 1022 37.96 40.80 13.79
CA ALA E 1022 38.10 42.14 14.34
C ALA E 1022 37.97 43.23 13.28
N VAL E 1023 38.53 43.03 12.09
CA VAL E 1023 38.39 44.03 11.04
C VAL E 1023 37.01 43.97 10.38
N ARG E 1024 36.52 42.78 10.03
CA ARG E 1024 35.26 42.72 9.29
C ARG E 1024 34.08 43.13 10.15
N ALA E 1025 34.18 42.99 11.47
CA ALA E 1025 33.14 43.52 12.35
C ALA E 1025 32.89 45.01 12.11
N ASN E 1026 33.96 45.78 11.88
CA ASN E 1026 33.75 47.17 11.53
C ASN E 1026 33.42 47.32 10.05
N PHE E 1027 34.18 46.63 9.20
CA PHE E 1027 34.11 46.90 7.76
C PHE E 1027 32.80 46.40 7.15
N GLU E 1028 32.23 45.32 7.68
CA GLU E 1028 30.98 44.80 7.13
C GLU E 1028 29.95 44.53 8.21
N GLY E 1029 30.40 44.27 9.44
CA GLY E 1029 29.50 43.98 10.52
C GLY E 1029 28.84 45.20 11.15
N ALA E 1030 28.66 46.25 10.36
CA ALA E 1030 28.05 47.48 10.87
C ALA E 1030 27.19 48.16 9.81
N THR F 1 -33.39 -2.18 71.21
CA THR F 1 -34.31 -3.15 71.79
C THR F 1 -33.62 -4.48 72.06
N ILE F 2 -33.82 -5.02 73.26
CA ILE F 2 -33.20 -6.30 73.61
C ILE F 2 -33.83 -7.41 72.79
N LEU F 3 -33.01 -8.39 72.42
CA LEU F 3 -33.48 -9.50 71.59
C LEU F 3 -34.56 -10.29 72.32
N LYS F 4 -35.38 -10.99 71.53
CA LYS F 4 -36.40 -11.85 72.11
C LYS F 4 -35.80 -13.03 72.87
N ASN F 5 -34.56 -13.41 72.56
CA ASN F 5 -33.92 -14.50 73.29
C ASN F 5 -33.72 -14.10 74.75
N GLY F 6 -33.81 -15.09 75.63
CA GLY F 6 -33.57 -14.90 77.05
C GLY F 6 -32.10 -14.93 77.42
N ALA F 7 -31.23 -14.79 76.43
CA ALA F 7 -29.81 -15.06 76.56
C ALA F 7 -28.96 -13.93 75.99
N ILE F 8 -28.95 -13.84 74.66
CA ILE F 8 -28.07 -12.93 73.94
C ILE F 8 -28.63 -11.51 73.98
N GLN F 9 -27.73 -10.53 74.09
CA GLN F 9 -28.10 -9.12 74.00
C GLN F 9 -27.07 -8.34 73.19
N LEU F 10 -27.56 -7.47 72.32
CA LEU F 10 -26.70 -6.55 71.57
C LEU F 10 -26.20 -5.43 72.47
N LEU F 11 -24.89 -5.14 72.41
CA LEU F 11 -24.36 -3.89 72.98
C LEU F 11 -24.25 -2.77 71.94
N LYS F 12 -23.28 -2.88 71.03
CA LYS F 12 -22.93 -1.80 70.12
C LYS F 12 -22.45 -2.35 68.79
N LYS F 13 -22.65 -1.56 67.73
CA LYS F 13 -22.26 -1.94 66.39
C LYS F 13 -21.06 -1.13 65.94
N VAL F 14 -20.08 -1.82 65.34
CA VAL F 14 -19.03 -1.20 64.51
C VAL F 14 -18.71 -2.24 63.44
N ILE F 15 -18.17 -1.78 62.31
CA ILE F 15 -17.73 -2.66 61.22
C ILE F 15 -16.34 -2.24 60.71
N LEU F 16 -15.46 -3.22 60.50
CA LEU F 16 -14.02 -2.98 60.36
C LEU F 16 -13.46 -3.86 59.26
N ARG F 17 -12.28 -3.47 58.76
CA ARG F 17 -11.59 -4.17 57.68
C ARG F 17 -10.73 -5.31 58.18
N SER F 18 -10.68 -6.38 57.41
CA SER F 18 -9.82 -7.53 57.67
C SER F 18 -8.33 -7.16 57.55
N THR F 19 -7.49 -8.02 58.12
CA THR F 19 -6.06 -7.81 58.17
C THR F 19 -5.38 -9.18 58.28
N VAL F 20 -4.17 -9.28 57.78
CA VAL F 20 -3.46 -10.56 57.73
C VAL F 20 -2.22 -10.60 58.61
N CYS F 21 -1.76 -9.47 59.14
CA CYS F 21 -0.43 -9.41 59.75
C CYS F 21 -0.29 -10.30 60.99
N LYS F 22 -1.20 -10.21 61.94
CA LYS F 22 -1.16 -11.09 63.11
C LYS F 22 -1.73 -12.47 62.77
N MET F 23 -0.88 -13.29 62.16
CA MET F 23 -1.07 -14.72 62.24
C MET F 23 -1.00 -15.18 63.69
N ASP F 24 -1.91 -16.07 64.06
CA ASP F 24 -1.96 -16.63 65.41
C ASP F 24 -2.40 -18.08 65.37
N PHE F 25 -1.90 -18.87 66.30
CA PHE F 25 -2.05 -20.31 66.24
C PHE F 25 -2.44 -20.89 67.61
N PRO F 26 -3.49 -20.38 68.26
CA PRO F 26 -4.03 -21.10 69.41
C PRO F 26 -4.59 -22.45 68.98
N LYS F 27 -4.32 -23.47 69.79
CA LYS F 27 -5.02 -24.74 69.68
C LYS F 27 -5.95 -25.00 70.84
N ASP F 28 -5.80 -24.28 71.95
CA ASP F 28 -6.76 -24.34 73.04
C ASP F 28 -8.03 -23.55 72.72
N ASN F 29 -8.01 -22.71 71.68
CA ASN F 29 -9.14 -21.91 71.28
C ASN F 29 -9.05 -21.70 69.77
N LEU F 30 -10.18 -21.35 69.17
CA LEU F 30 -10.20 -20.98 67.76
C LEU F 30 -10.96 -19.70 67.42
N PHE F 31 -11.83 -19.19 68.29
CA PHE F 31 -12.86 -18.24 67.88
C PHE F 31 -12.65 -16.84 68.44
N VAL F 32 -11.42 -16.47 68.76
CA VAL F 32 -11.12 -15.09 69.15
C VAL F 32 -10.92 -14.26 67.89
N VAL F 33 -11.31 -13.00 67.95
CA VAL F 33 -10.88 -11.99 66.98
C VAL F 33 -10.21 -10.86 67.75
N TYR F 34 -9.22 -10.24 67.13
CA TYR F 34 -8.37 -9.28 67.81
C TYR F 34 -8.62 -7.88 67.27
N ILE F 35 -8.93 -6.96 68.17
CA ILE F 35 -9.27 -5.59 67.85
C ILE F 35 -8.15 -4.68 68.34
N SER F 36 -8.01 -3.52 67.71
CA SER F 36 -6.98 -2.57 68.11
C SER F 36 -7.19 -2.10 69.54
N ASP F 37 -6.09 -2.13 70.31
CA ASP F 37 -6.05 -1.59 71.67
C ASP F 37 -6.26 -0.09 71.73
N GLY F 38 -6.22 0.60 70.57
CA GLY F 38 -6.75 1.96 70.51
C GLY F 38 -8.23 2.06 70.80
N ALA F 39 -8.95 0.94 70.78
CA ALA F 39 -10.34 0.87 71.21
C ALA F 39 -10.44 -0.11 72.37
N GLN F 40 -11.06 0.31 73.46
CA GLN F 40 -11.32 -0.59 74.57
C GLN F 40 -12.54 -1.44 74.24
N LEU F 41 -12.40 -2.76 74.33
CA LEU F 41 -13.50 -3.65 74.01
C LEU F 41 -14.64 -3.51 75.01
N PRO F 42 -15.86 -3.23 74.55
CA PRO F 42 -17.02 -3.31 75.44
C PRO F 42 -17.36 -4.73 75.89
N SER F 43 -17.03 -5.76 75.11
CA SER F 43 -17.33 -7.12 75.51
C SER F 43 -16.34 -8.11 74.93
N GLN F 44 -16.13 -9.20 75.67
CA GLN F 44 -15.30 -10.32 75.27
C GLN F 44 -16.00 -11.27 74.29
N LYS F 45 -17.27 -11.04 73.96
CA LYS F 45 -17.96 -11.93 73.03
C LYS F 45 -18.81 -11.14 72.05
N GLY F 46 -19.06 -11.73 70.89
CA GLY F 46 -19.71 -11.00 69.82
C GLY F 46 -20.16 -11.89 68.68
N TYR F 47 -20.72 -11.25 67.65
CA TYR F 47 -21.12 -11.84 66.38
C TYR F 47 -20.51 -11.10 65.21
N ALA F 48 -20.27 -11.84 64.12
CA ALA F 48 -19.61 -11.27 62.97
C ALA F 48 -20.09 -11.93 61.69
N SER F 49 -19.86 -11.24 60.57
CA SER F 49 -20.18 -11.74 59.23
C SER F 49 -19.47 -10.84 58.23
N ILE F 50 -19.56 -11.22 56.95
CA ILE F 50 -18.92 -10.47 55.87
C ILE F 50 -19.90 -10.31 54.71
N VAL F 51 -19.90 -9.14 54.07
CA VAL F 51 -20.81 -8.85 52.97
C VAL F 51 -20.37 -9.59 51.73
N LYS F 52 -21.32 -10.21 51.04
CA LYS F 52 -21.10 -10.74 49.70
C LYS F 52 -21.14 -9.58 48.71
N CYS F 53 -20.01 -9.29 48.07
CA CYS F 53 -19.99 -8.31 47.00
C CYS F 53 -20.72 -8.85 45.76
N SER F 54 -21.09 -7.94 44.86
CA SER F 54 -22.17 -8.20 43.93
C SER F 54 -21.84 -7.62 42.55
N LEU F 55 -22.63 -8.04 41.56
CA LEU F 55 -22.50 -7.63 40.18
C LEU F 55 -23.86 -7.31 39.60
N ARG F 56 -23.97 -6.17 38.93
CA ARG F 56 -25.13 -5.79 38.13
C ARG F 56 -26.48 -6.09 38.76
N GLN F 57 -27.35 -6.77 38.02
CA GLN F 57 -28.71 -7.11 38.44
C GLN F 57 -28.80 -8.39 39.25
N SER F 58 -27.67 -8.98 39.65
CA SER F 58 -27.68 -10.32 40.22
C SER F 58 -28.46 -10.36 41.53
N LYS F 59 -29.53 -11.16 41.55
CA LYS F 59 -30.39 -11.28 42.72
C LYS F 59 -30.96 -12.70 42.76
N LYS F 60 -31.23 -13.18 43.97
CA LYS F 60 -31.93 -14.44 44.20
C LYS F 60 -32.80 -14.32 45.44
N SER F 61 -33.86 -15.12 45.47
CA SER F 61 -34.81 -15.09 46.58
C SER F 61 -35.56 -16.41 46.61
N ASP F 62 -36.24 -16.66 47.73
CA ASP F 62 -37.03 -17.88 47.90
C ASP F 62 -38.25 -17.57 48.75
N SER F 63 -39.26 -18.42 48.63
CA SER F 63 -40.50 -18.24 49.37
C SER F 63 -40.34 -18.57 50.84
N ASP F 64 -41.33 -18.12 51.63
CA ASP F 64 -41.39 -18.43 53.06
C ASP F 64 -41.65 -19.92 53.28
N ASN F 65 -40.76 -20.58 54.00
CA ASN F 65 -40.87 -22.02 54.22
C ASN F 65 -40.31 -22.36 55.59
N LYS F 66 -40.77 -23.48 56.13
CA LYS F 66 -40.24 -24.05 57.37
C LYS F 66 -38.95 -24.81 57.10
N SER F 67 -38.01 -24.17 56.41
CA SER F 67 -36.76 -24.82 56.03
C SER F 67 -35.89 -25.09 57.25
N VAL F 68 -35.03 -26.10 57.12
CA VAL F 68 -34.14 -26.53 58.19
C VAL F 68 -32.78 -26.82 57.57
N GLY F 69 -31.70 -26.48 58.30
CA GLY F 69 -30.37 -26.87 57.91
C GLY F 69 -29.70 -26.00 56.87
N ILE F 70 -30.32 -24.92 56.45
CA ILE F 70 -29.66 -23.96 55.57
C ILE F 70 -28.66 -23.15 56.40
N PRO F 71 -27.41 -23.02 55.94
CA PRO F 71 -26.43 -22.20 56.68
C PRO F 71 -26.83 -20.73 56.73
N SER F 72 -27.05 -20.25 57.95
CA SER F 72 -27.16 -18.81 58.20
C SER F 72 -25.78 -18.17 58.25
N LYS F 73 -25.69 -16.94 57.73
CA LYS F 73 -24.39 -16.30 57.56
C LYS F 73 -23.74 -15.96 58.89
N LYS F 74 -24.52 -15.56 59.89
CA LYS F 74 -23.95 -15.04 61.13
C LYS F 74 -23.23 -16.13 61.93
N ILE F 75 -22.10 -15.75 62.55
CA ILE F 75 -21.37 -16.60 63.47
C ILE F 75 -20.80 -15.77 64.61
N GLY F 76 -20.72 -16.39 65.81
CA GLY F 76 -20.19 -15.75 67.00
C GLY F 76 -18.70 -15.99 67.23
N VAL F 77 -18.08 -15.10 68.02
CA VAL F 77 -16.64 -15.10 68.26
C VAL F 77 -16.34 -14.55 69.65
N PHE F 78 -15.16 -14.90 70.16
CA PHE F 78 -14.52 -14.19 71.26
C PHE F 78 -13.76 -12.96 70.76
N ILE F 79 -13.45 -12.06 71.70
CA ILE F 79 -12.84 -10.77 71.41
C ILE F 79 -11.67 -10.53 72.36
N LYS F 80 -10.57 -9.99 71.82
CA LYS F 80 -9.49 -9.43 72.62
C LYS F 80 -8.94 -8.20 71.91
N CYS F 81 -8.39 -7.28 72.70
CA CYS F 81 -7.76 -6.06 72.17
C CYS F 81 -6.25 -6.11 72.30
N ASP F 82 -5.56 -5.86 71.19
CA ASP F 82 -4.12 -6.05 71.07
C ASP F 82 -3.49 -4.80 70.47
N SER F 83 -2.28 -4.47 70.92
CA SER F 83 -1.62 -3.24 70.46
C SER F 83 -1.20 -3.32 69.00
N GLN F 84 -0.86 -4.52 68.50
CA GLN F 84 -0.20 -4.63 67.20
C GLN F 84 -1.12 -4.24 66.04
N ILE F 85 -2.41 -4.50 66.16
CA ILE F 85 -3.36 -4.18 65.08
C ILE F 85 -3.68 -2.68 65.08
N PRO F 86 -3.46 -1.99 63.97
CA PRO F 86 -3.79 -0.56 63.91
C PRO F 86 -5.30 -0.33 64.04
N GLU F 87 -5.62 0.89 64.42
CA GLU F 87 -7.00 1.27 64.73
C GLU F 87 -7.95 1.05 63.56
N ASN F 88 -9.13 0.51 63.88
CA ASN F 88 -10.18 0.15 62.93
C ASN F 88 -9.84 -1.01 62.03
N HIS F 89 -8.75 -1.70 62.28
CA HIS F 89 -8.48 -2.98 61.62
C HIS F 89 -8.90 -4.15 62.49
N ILE F 90 -9.09 -5.30 61.84
CA ILE F 90 -9.37 -6.56 62.55
C ILE F 90 -8.51 -7.65 61.94
N ALA F 91 -7.94 -8.48 62.80
CA ALA F 91 -7.47 -9.80 62.41
C ALA F 91 -8.57 -10.83 62.65
N LEU F 92 -9.08 -11.43 61.57
CA LEU F 92 -9.88 -12.63 61.72
C LEU F 92 -8.97 -13.84 61.89
N SER F 93 -9.35 -14.73 62.81
CA SER F 93 -8.64 -15.97 63.04
C SER F 93 -8.51 -16.81 61.77
N SER F 94 -7.28 -17.24 61.48
CA SER F 94 -6.93 -17.77 60.17
C SER F 94 -7.76 -19.00 59.80
N HIS F 95 -8.04 -19.86 60.77
CA HIS F 95 -8.92 -21.00 60.51
C HIS F 95 -10.37 -20.57 60.32
N LEU F 96 -10.84 -19.62 61.13
CA LEU F 96 -12.25 -19.26 61.11
C LEU F 96 -12.69 -18.79 59.72
N TRP F 97 -11.81 -18.09 59.01
CA TRP F 97 -12.03 -17.70 57.63
C TRP F 97 -12.68 -18.76 56.75
N ASP F 98 -12.28 -20.02 56.89
CA ASP F 98 -12.79 -21.04 56.00
C ASP F 98 -14.29 -21.29 56.16
N ALA F 99 -14.92 -20.74 57.20
CA ALA F 99 -16.38 -20.69 57.26
C ALA F 99 -16.96 -19.85 56.12
N PHE F 100 -16.41 -18.66 55.92
CA PHE F 100 -16.82 -17.81 54.82
C PHE F 100 -16.25 -18.30 53.50
N PHE F 101 -15.13 -18.99 53.56
CA PHE F 101 -14.57 -19.82 52.51
C PHE F 101 -14.04 -19.03 51.32
N THR F 102 -13.91 -17.72 51.43
CA THR F 102 -12.90 -17.04 50.64
C THR F 102 -11.52 -17.46 51.13
N HIS F 103 -10.51 -17.20 50.32
CA HIS F 103 -9.19 -17.04 50.89
C HIS F 103 -9.24 -15.95 51.96
N PRO F 104 -8.33 -15.96 52.90
CA PRO F 104 -8.39 -14.93 53.96
C PRO F 104 -7.89 -13.58 53.45
N MET F 105 -8.57 -13.08 52.42
CA MET F 105 -8.05 -11.95 51.66
C MET F 105 -8.07 -10.68 52.51
N ASN F 106 -6.98 -9.95 52.46
CA ASN F 106 -6.77 -8.79 53.31
C ASN F 106 -7.79 -7.69 53.02
N GLY F 107 -8.08 -6.91 54.06
CA GLY F 107 -8.81 -5.66 53.94
C GLY F 107 -10.30 -5.74 53.70
N ALA F 108 -10.87 -6.93 53.55
CA ALA F 108 -12.32 -7.03 53.40
C ALA F 108 -13.02 -6.60 54.69
N LYS F 109 -14.20 -6.01 54.53
CA LYS F 109 -14.96 -5.54 55.67
C LYS F 109 -15.50 -6.71 56.48
N ILE F 110 -15.58 -6.50 57.79
CA ILE F 110 -16.19 -7.45 58.72
C ILE F 110 -17.24 -6.74 59.56
N LYS F 111 -18.43 -7.35 59.66
CA LYS F 111 -19.46 -6.92 60.60
C LYS F 111 -19.10 -7.40 62.00
N LEU F 112 -19.23 -6.52 62.99
CA LEU F 112 -19.01 -6.90 64.37
C LEU F 112 -20.05 -6.27 65.29
N GLU F 113 -20.51 -7.05 66.27
CA GLU F 113 -21.32 -6.54 67.37
C GLU F 113 -20.76 -7.01 68.70
N PHE F 114 -20.57 -6.09 69.64
CA PHE F 114 -20.28 -6.48 71.02
C PHE F 114 -21.55 -6.97 71.69
N LEU F 115 -21.43 -8.05 72.48
CA LEU F 115 -22.59 -8.72 73.05
C LEU F 115 -22.55 -8.84 74.58
N GLN F 116 -23.73 -8.86 75.19
CA GLN F 116 -23.94 -9.22 76.58
C GLN F 116 -24.69 -10.55 76.64
N MET F 117 -24.52 -11.29 77.74
CA MET F 117 -25.07 -12.64 77.82
C MET F 117 -25.67 -12.90 79.19
N ASN F 118 -26.77 -13.64 79.21
CA ASN F 118 -27.39 -14.10 80.46
C ASN F 118 -26.49 -15.14 81.15
N GLN F 119 -25.94 -14.75 82.30
CA GLN F 119 -25.06 -15.63 83.08
C GLN F 119 -25.77 -16.89 83.55
N ALA F 120 -27.11 -16.86 83.68
CA ALA F 120 -27.86 -18.04 84.09
C ALA F 120 -27.94 -19.11 83.01
N ASN F 121 -27.86 -18.74 81.74
CA ASN F 121 -27.95 -19.74 80.68
C ASN F 121 -26.64 -20.50 80.51
N ILE F 122 -25.50 -19.84 80.68
CA ILE F 122 -24.19 -20.38 80.35
C ILE F 122 -23.65 -21.29 81.46
N ILE F 123 -24.50 -21.67 82.41
CA ILE F 123 -24.07 -22.62 83.43
C ILE F 123 -23.72 -23.96 82.77
N SER F 124 -22.76 -24.66 83.40
CA SER F 124 -22.42 -26.04 83.03
C SER F 124 -23.34 -27.09 83.62
N GLY F 125 -24.16 -26.73 84.62
CA GLY F 125 -25.11 -27.67 85.17
C GLY F 125 -26.21 -28.10 84.22
N ARG F 126 -26.34 -27.44 83.08
CA ARG F 126 -27.12 -27.94 81.95
C ARG F 126 -26.17 -28.38 80.84
N ASN F 127 -26.27 -29.64 80.45
CA ASN F 127 -25.31 -30.24 79.53
C ASN F 127 -25.71 -29.99 78.09
N ALA F 128 -24.71 -30.01 77.21
CA ALA F 128 -24.91 -29.76 75.79
C ALA F 128 -24.80 -31.06 75.00
N THR F 129 -25.77 -31.29 74.11
CA THR F 129 -25.74 -32.40 73.17
C THR F 129 -25.39 -31.85 71.79
N VAL F 130 -24.31 -32.37 71.21
CA VAL F 130 -23.81 -31.90 69.92
C VAL F 130 -23.81 -33.06 68.94
N ASN F 131 -24.31 -32.81 67.73
CA ASN F 131 -24.14 -33.72 66.62
C ASN F 131 -23.04 -33.21 65.70
N ILE F 132 -22.09 -34.07 65.37
CA ILE F 132 -21.07 -33.80 64.37
C ILE F 132 -21.45 -34.60 63.13
N LYS F 133 -21.69 -33.90 62.02
CA LYS F 133 -22.09 -34.51 60.76
C LYS F 133 -20.90 -34.46 59.80
N TYR F 134 -20.14 -35.54 59.75
CA TYR F 134 -19.08 -35.67 58.76
C TYR F 134 -19.68 -35.84 57.37
N PHE F 135 -19.33 -34.93 56.45
CA PHE F 135 -19.85 -34.96 55.09
C PHE F 135 -18.82 -35.46 54.08
N GLY F 136 -17.67 -35.94 54.54
CA GLY F 136 -16.76 -36.65 53.66
C GLY F 136 -17.37 -37.95 53.16
N LYS F 137 -16.90 -38.37 51.99
CA LYS F 137 -17.39 -39.59 51.37
C LYS F 137 -16.58 -40.83 51.74
N ASP F 138 -15.38 -40.65 52.27
CA ASP F 138 -14.71 -41.77 52.92
C ASP F 138 -15.31 -42.01 54.31
N VAL F 139 -14.85 -43.09 54.95
CA VAL F 139 -15.22 -43.34 56.34
C VAL F 139 -14.60 -42.26 57.23
N PRO F 140 -15.32 -41.73 58.21
CA PRO F 140 -14.70 -40.84 59.20
C PRO F 140 -13.67 -41.57 60.06
N THR F 141 -12.38 -41.33 59.81
CA THR F 141 -11.32 -41.97 60.56
C THR F 141 -11.09 -41.30 61.92
N LYS F 142 -11.14 -39.97 61.96
CA LYS F 142 -10.88 -39.25 63.19
C LYS F 142 -12.00 -39.46 64.21
N SER F 143 -11.61 -39.48 65.49
CA SER F 143 -12.51 -39.83 66.57
C SER F 143 -13.18 -38.59 67.16
N GLY F 144 -14.26 -38.85 67.91
CA GLY F 144 -14.89 -37.81 68.71
C GLY F 144 -13.99 -37.12 69.71
N ASP F 145 -12.99 -37.84 70.23
CA ASP F 145 -11.98 -37.20 71.08
C ASP F 145 -11.14 -36.18 70.30
N GLN F 146 -10.67 -36.56 69.12
CA GLN F 146 -9.87 -35.63 68.31
C GLN F 146 -10.68 -34.40 67.89
N TYR F 147 -11.92 -34.60 67.46
CA TYR F 147 -12.80 -33.48 67.15
C TYR F 147 -13.03 -32.60 68.38
N SER F 148 -13.39 -33.21 69.51
CA SER F 148 -13.71 -32.42 70.70
C SER F 148 -12.51 -31.66 71.25
N LYS F 149 -11.32 -32.25 71.16
CA LYS F 149 -10.09 -31.53 71.49
C LYS F 149 -9.82 -30.38 70.54
N LEU F 150 -9.96 -30.60 69.23
CA LEU F 150 -9.82 -29.52 68.26
C LEU F 150 -10.81 -28.39 68.53
N LEU F 151 -12.07 -28.72 68.79
CA LEU F 151 -13.12 -27.78 69.14
C LEU F 151 -13.02 -27.27 70.58
N GLY F 152 -11.98 -27.67 71.32
CA GLY F 152 -11.88 -27.25 72.71
C GLY F 152 -11.90 -25.73 72.87
N GLY F 153 -12.36 -25.29 74.03
CA GLY F 153 -12.32 -23.88 74.39
C GLY F 153 -12.87 -22.93 73.33
N SER F 154 -14.01 -23.28 72.73
CA SER F 154 -14.50 -22.59 71.55
C SER F 154 -15.99 -22.30 71.69
N LEU F 155 -16.38 -21.08 71.32
CA LEU F 155 -17.77 -20.66 71.27
C LEU F 155 -18.42 -21.15 69.98
N LEU F 156 -18.70 -22.45 69.95
CA LEU F 156 -19.36 -23.00 68.78
C LEU F 156 -20.77 -22.45 68.64
N THR F 157 -21.28 -22.48 67.41
CA THR F 157 -22.60 -21.98 67.08
C THR F 157 -23.35 -23.08 66.34
N ASN F 158 -24.67 -23.07 66.47
CA ASN F 158 -25.47 -24.00 65.68
C ASN F 158 -25.27 -23.76 64.20
N ASN F 159 -25.43 -24.84 63.42
CA ASN F 159 -25.21 -24.84 61.98
C ASN F 159 -23.83 -24.32 61.60
N LEU F 160 -22.86 -24.52 62.48
CA LEU F 160 -21.48 -24.16 62.16
C LEU F 160 -20.90 -25.13 61.13
N ILE F 161 -20.00 -24.61 60.28
CA ILE F 161 -19.36 -25.40 59.24
C ILE F 161 -17.85 -25.23 59.38
N LEU F 162 -17.11 -26.31 59.16
CA LEU F 162 -15.66 -26.31 59.30
C LEU F 162 -15.06 -27.19 58.20
N PRO F 163 -14.76 -26.62 57.04
CA PRO F 163 -14.38 -27.45 55.89
C PRO F 163 -13.09 -28.21 56.07
N THR F 164 -12.17 -27.73 56.92
CA THR F 164 -10.89 -28.39 57.12
C THR F 164 -11.04 -29.84 57.56
N GLU F 165 -12.10 -30.15 58.32
CA GLU F 165 -12.35 -31.52 58.77
C GLU F 165 -13.49 -32.19 58.02
N GLN F 166 -14.09 -31.51 57.04
CA GLN F 166 -15.34 -31.95 56.41
C GLN F 166 -16.43 -32.24 57.44
N ILE F 167 -16.63 -31.30 58.35
CA ILE F 167 -17.63 -31.49 59.38
C ILE F 167 -18.64 -30.34 59.35
N ILE F 168 -19.88 -30.68 59.70
CA ILE F 168 -20.94 -29.74 60.04
C ILE F 168 -21.32 -30.01 61.49
N ILE F 169 -21.73 -28.97 62.21
CA ILE F 169 -21.97 -29.09 63.64
C ILE F 169 -23.37 -28.57 63.97
N GLU F 170 -24.11 -29.35 64.75
CA GLU F 170 -25.43 -28.98 65.26
C GLU F 170 -25.40 -29.14 66.77
N ILE F 171 -26.06 -28.22 67.48
CA ILE F 171 -25.85 -28.05 68.91
C ILE F 171 -27.19 -28.05 69.63
N LYS F 172 -27.27 -28.80 70.72
CA LYS F 172 -28.41 -28.84 71.61
C LYS F 172 -27.93 -28.68 73.04
N LYS F 173 -28.74 -28.05 73.88
CA LYS F 173 -28.55 -28.07 75.32
C LYS F 173 -29.69 -28.83 75.97
N GLY F 174 -29.34 -29.86 76.76
CA GLY F 174 -30.24 -30.98 76.93
C GLY F 174 -30.54 -31.60 75.58
N GLU F 175 -31.84 -31.75 75.30
CA GLU F 175 -32.28 -32.05 73.94
C GLU F 175 -32.65 -30.81 73.15
N SER F 176 -32.84 -29.68 73.82
CA SER F 176 -33.31 -28.48 73.14
C SER F 176 -32.21 -27.87 72.27
N GLU F 177 -32.59 -27.47 71.06
CA GLU F 177 -31.64 -26.85 70.14
C GLU F 177 -31.15 -25.53 70.70
N GLN F 178 -29.84 -25.34 70.68
CA GLN F 178 -29.20 -24.19 71.32
C GLN F 178 -28.30 -23.50 70.30
N GLN F 179 -28.50 -22.20 70.12
CA GLN F 179 -27.77 -21.46 69.10
C GLN F 179 -26.29 -21.31 69.45
N LEU F 180 -25.94 -21.24 70.73
CA LEU F 180 -24.58 -20.87 71.11
C LEU F 180 -24.13 -21.63 72.36
N CYS F 181 -22.86 -22.03 72.35
CA CYS F 181 -22.27 -22.86 73.39
C CYS F 181 -20.78 -22.57 73.46
N ASN F 182 -20.30 -22.21 74.65
CA ASN F 182 -18.88 -21.94 74.85
C ASN F 182 -18.24 -23.14 75.55
N LEU F 183 -17.30 -23.78 74.87
CA LEU F 183 -16.55 -24.93 75.37
C LEU F 183 -15.38 -24.55 76.27
N ASN F 184 -15.26 -23.28 76.68
CA ASN F 184 -14.53 -22.96 77.91
C ASN F 184 -15.44 -22.98 79.13
N GLU F 185 -16.52 -22.21 79.10
CA GLU F 185 -17.37 -22.07 80.28
C GLU F 185 -18.19 -23.33 80.58
N ILE F 186 -18.41 -24.20 79.59
CA ILE F 186 -18.97 -25.52 79.80
C ILE F 186 -17.86 -26.55 79.67
N SER F 187 -17.76 -27.44 80.65
CA SER F 187 -16.75 -28.48 80.65
C SER F 187 -17.06 -29.57 79.62
N ASN F 188 -16.01 -30.25 79.18
CA ASN F 188 -16.16 -31.40 78.28
C ASN F 188 -16.98 -32.51 78.91
N GLU F 189 -16.94 -32.64 80.24
CA GLU F 189 -17.80 -33.61 80.92
C GLU F 189 -19.28 -33.25 80.77
N SER F 190 -19.60 -31.96 80.66
CA SER F 190 -20.95 -31.49 80.39
C SER F 190 -21.30 -31.49 78.90
N VAL F 191 -20.54 -32.18 78.04
CA VAL F 191 -20.84 -32.23 76.62
C VAL F 191 -20.74 -33.67 76.14
N GLN F 192 -21.57 -34.01 75.17
CA GLN F 192 -21.54 -35.29 74.47
C GLN F 192 -21.67 -35.05 72.96
N TRP F 193 -20.86 -35.77 72.19
CA TRP F 193 -20.80 -35.60 70.74
C TRP F 193 -21.30 -36.87 70.06
N LYS F 194 -22.34 -36.72 69.24
CA LYS F 194 -22.78 -37.77 68.32
C LYS F 194 -22.04 -37.61 66.99
N VAL F 195 -20.98 -38.40 66.81
CA VAL F 195 -20.29 -38.43 65.53
C VAL F 195 -21.15 -39.19 64.52
N THR F 196 -21.40 -38.54 63.37
CA THR F 196 -22.29 -39.08 62.34
C THR F 196 -21.75 -38.73 60.97
N GLN F 197 -22.09 -39.54 59.98
CA GLN F 197 -21.75 -39.30 58.59
C GLN F 197 -23.00 -38.93 57.79
N MET F 198 -22.90 -37.87 56.99
CA MET F 198 -23.98 -37.47 56.11
C MET F 198 -24.08 -38.40 54.91
N GLY F 199 -25.31 -38.63 54.45
CA GLY F 199 -25.51 -39.40 53.24
C GLY F 199 -25.10 -38.64 51.99
N LYS F 200 -24.62 -39.39 51.00
CA LYS F 200 -24.10 -38.80 49.77
C LYS F 200 -25.13 -37.90 49.08
N GLU F 201 -26.41 -38.28 49.16
CA GLU F 201 -27.47 -37.42 48.65
C GLU F 201 -27.63 -36.15 49.48
N GLU F 202 -27.49 -36.25 50.80
CA GLU F 202 -27.52 -35.06 51.65
C GLU F 202 -26.36 -34.11 51.33
N VAL F 203 -25.18 -34.66 51.10
CA VAL F 203 -24.03 -33.84 50.70
C VAL F 203 -24.25 -33.21 49.33
N LYS F 204 -24.79 -33.97 48.37
CA LYS F 204 -25.14 -33.41 47.07
C LYS F 204 -26.16 -32.29 47.18
N ASP F 205 -27.19 -32.46 48.00
CA ASP F 205 -28.16 -31.40 48.25
C ASP F 205 -27.51 -30.17 48.87
N ILE F 206 -26.64 -30.35 49.86
CA ILE F 206 -25.88 -29.22 50.40
C ILE F 206 -25.08 -28.51 49.32
N ILE F 207 -24.34 -29.27 48.53
CA ILE F 207 -23.51 -28.73 47.45
C ILE F 207 -24.33 -27.90 46.47
N GLU F 208 -25.51 -28.39 46.09
CA GLU F 208 -26.34 -27.65 45.14
C GLU F 208 -27.07 -26.47 45.79
N ARG F 209 -27.50 -26.62 47.03
CA ARG F 209 -28.34 -25.61 47.68
C ARG F 209 -27.55 -24.53 48.40
N HIS F 210 -26.34 -24.84 48.86
CA HIS F 210 -25.62 -23.96 49.77
C HIS F 210 -24.34 -23.47 49.11
N LEU F 211 -23.94 -22.25 49.49
CA LEU F 211 -22.99 -21.40 48.77
C LEU F 211 -21.67 -22.08 48.44
N PRO F 212 -21.43 -22.40 47.17
CA PRO F 212 -20.17 -23.03 46.78
C PRO F 212 -19.11 -21.99 46.45
N LYS F 213 -17.88 -22.48 46.26
CA LYS F 213 -16.78 -21.66 45.78
C LYS F 213 -15.94 -22.44 44.77
N HIS F 214 -15.12 -21.70 44.01
CA HIS F 214 -14.18 -22.26 43.06
C HIS F 214 -13.00 -22.97 43.72
N TYR F 215 -12.94 -23.01 45.05
CA TYR F 215 -11.91 -23.74 45.76
C TYR F 215 -11.87 -25.20 45.30
N HIS F 216 -10.67 -25.79 45.29
CA HIS F 216 -10.53 -27.19 44.88
C HIS F 216 -9.22 -27.75 45.44
N VAL F 217 -9.07 -29.07 45.26
CA VAL F 217 -7.85 -29.85 45.50
C VAL F 217 -7.52 -30.05 46.98
N LYS F 218 -7.40 -28.97 47.73
CA LYS F 218 -6.69 -29.03 49.02
C LYS F 218 -7.33 -30.04 49.97
N GLU F 219 -8.58 -29.80 50.36
CA GLU F 219 -9.43 -30.73 51.09
C GLU F 219 -8.77 -31.38 52.30
N THR F 220 -9.07 -32.67 52.54
CA THR F 220 -8.97 -33.25 53.87
C THR F 220 -8.56 -34.72 53.76
N GLY F 221 -7.89 -35.21 54.81
CA GLY F 221 -7.47 -36.60 54.87
C GLY F 221 -6.59 -36.95 56.05
N GLU F 222 -5.60 -37.81 55.85
CA GLU F 222 -4.54 -37.98 56.84
C GLU F 222 -3.72 -36.70 56.99
N VAL F 223 -2.89 -36.69 58.03
CA VAL F 223 -2.05 -35.53 58.32
C VAL F 223 -1.04 -35.34 57.20
N SER F 224 -1.13 -34.20 56.52
CA SER F 224 -0.18 -33.82 55.47
C SER F 224 0.08 -32.32 55.57
N ARG F 225 1.20 -31.89 55.01
CA ARG F 225 1.57 -30.49 55.04
C ARG F 225 2.14 -30.07 53.70
N THR F 226 1.97 -28.78 53.39
CA THR F 226 2.51 -28.15 52.20
C THR F 226 3.06 -26.78 52.56
N SER F 227 4.24 -26.45 52.03
CA SER F 227 4.82 -25.14 52.27
C SER F 227 5.67 -24.72 51.09
N LYS F 228 5.75 -23.41 50.87
CA LYS F 228 6.58 -22.81 49.82
C LYS F 228 8.02 -22.67 50.30
N ASP F 229 8.83 -23.67 50.03
CA ASP F 229 10.29 -23.55 50.06
C ASP F 229 10.83 -22.85 48.81
N GLU F 230 10.20 -21.74 48.41
CA GLU F 230 10.42 -21.13 47.11
C GLU F 230 10.36 -19.62 47.24
N ASP F 231 10.76 -18.94 46.16
CA ASP F 231 10.71 -17.49 45.99
C ASP F 231 11.48 -16.72 47.07
N ASP F 232 12.47 -17.37 47.67
CA ASP F 232 13.32 -16.71 48.64
C ASP F 232 14.07 -15.58 47.94
N PHE F 233 13.78 -14.34 48.31
CA PHE F 233 14.36 -13.17 47.68
C PHE F 233 15.75 -12.89 48.25
N ILE F 234 16.40 -11.86 47.74
CA ILE F 234 17.86 -11.81 47.78
C ILE F 234 18.40 -10.42 48.09
N THR F 235 17.51 -9.43 48.17
CA THR F 235 17.91 -8.02 48.32
C THR F 235 19.01 -7.64 47.34
N VAL F 236 18.74 -7.88 46.07
CA VAL F 236 19.69 -7.54 45.02
C VAL F 236 20.04 -6.05 45.07
N ASN F 237 19.07 -5.21 45.42
CA ASN F 237 19.32 -3.79 45.56
C ASN F 237 18.27 -3.18 46.49
N SER F 238 18.55 -1.94 46.91
CA SER F 238 17.74 -1.24 47.89
C SER F 238 16.31 -0.97 47.44
N ILE F 239 16.03 -1.09 46.15
CA ILE F 239 14.80 -0.53 45.58
C ILE F 239 13.57 -1.00 46.35
N LYS F 240 13.54 -2.28 46.73
CA LYS F 240 12.45 -2.79 47.55
C LYS F 240 12.17 -1.90 48.75
N LYS F 241 13.22 -1.39 49.39
CA LYS F 241 13.05 -0.55 50.57
C LYS F 241 12.24 0.69 50.23
N GLU F 242 12.69 1.41 49.19
CA GLU F 242 12.04 2.67 48.86
C GLU F 242 10.59 2.43 48.47
N MET F 243 10.33 1.39 47.68
CA MET F 243 8.97 1.09 47.28
C MET F 243 8.09 0.83 48.50
N VAL F 244 8.56 0.00 49.42
CA VAL F 244 7.77 -0.33 50.60
C VAL F 244 7.49 0.90 51.46
N ASN F 245 8.44 1.84 51.51
CA ASN F 245 8.14 3.10 52.16
C ASN F 245 7.11 3.92 51.37
N TYR F 246 7.42 4.23 50.12
CA TYR F 246 6.68 5.22 49.34
C TYR F 246 5.23 4.83 49.13
N LEU F 247 4.99 3.58 48.78
CA LEU F 247 3.63 3.09 48.63
C LEU F 247 2.86 3.09 49.93
N THR F 248 3.55 3.00 51.06
CA THR F 248 2.89 3.00 52.35
C THR F 248 2.64 4.41 52.89
N SER F 249 3.25 5.43 52.29
CA SER F 249 3.17 6.78 52.81
C SER F 249 1.71 7.21 53.01
N PRO F 250 1.43 7.98 54.06
CA PRO F 250 0.08 8.52 54.24
C PRO F 250 -0.34 9.56 53.21
N ILE F 251 0.56 9.97 52.31
CA ILE F 251 0.19 10.86 51.23
C ILE F 251 1.06 10.57 50.03
N ILE F 252 0.54 10.83 48.84
CA ILE F 252 1.21 10.46 47.60
C ILE F 252 0.99 11.57 46.59
N ALA F 253 2.05 11.91 45.85
CA ALA F 253 2.01 13.03 44.93
C ALA F 253 1.01 12.78 43.81
N THR F 254 1.13 11.63 43.15
CA THR F 254 0.25 11.26 42.06
C THR F 254 0.04 9.76 42.11
N PRO F 255 -1.03 9.25 41.50
CA PRO F 255 -1.42 7.86 41.71
C PRO F 255 -0.41 6.81 41.24
N ALA F 256 0.53 7.12 40.35
CA ALA F 256 1.11 6.07 39.53
C ALA F 256 2.63 6.05 39.55
N ILE F 257 3.17 4.84 39.49
CA ILE F 257 4.60 4.57 39.56
C ILE F 257 4.95 3.63 38.42
N ILE F 258 6.11 3.84 37.80
CA ILE F 258 6.63 2.92 36.79
C ILE F 258 7.85 2.19 37.34
N LEU F 259 7.94 0.90 37.04
CA LEU F 259 9.19 0.15 37.16
C LEU F 259 9.74 -0.12 35.76
N ASP F 260 10.95 0.35 35.50
CA ASP F 260 11.53 0.32 34.16
C ASP F 260 12.86 -0.41 34.18
N GLY F 261 13.23 -0.98 33.05
CA GLY F 261 14.56 -1.52 32.89
C GLY F 261 14.61 -2.56 31.80
N LYS F 262 15.85 -2.93 31.44
CA LYS F 262 16.11 -3.93 30.42
C LYS F 262 15.33 -5.21 30.67
N GLN F 263 15.04 -5.93 29.60
CA GLN F 263 14.37 -7.22 29.72
C GLN F 263 15.25 -8.22 30.46
N GLY F 264 14.60 -9.14 31.17
CA GLY F 264 15.32 -10.16 31.92
C GLY F 264 15.72 -9.79 33.32
N ILE F 265 15.43 -8.56 33.76
CA ILE F 265 15.89 -8.10 35.06
C ILE F 265 14.86 -8.48 36.13
N GLY F 266 13.87 -9.28 35.75
CA GLY F 266 13.12 -10.02 36.73
C GLY F 266 11.91 -9.31 37.27
N LYS F 267 11.35 -8.37 36.52
CA LYS F 267 10.34 -7.47 37.05
C LYS F 267 9.14 -8.23 37.59
N THR F 268 8.73 -9.30 36.91
CA THR F 268 7.60 -10.08 37.40
C THR F 268 7.85 -10.58 38.82
N ARG F 269 9.05 -11.13 39.06
CA ARG F 269 9.38 -11.54 40.41
C ARG F 269 9.40 -10.37 41.38
N LEU F 270 10.08 -9.29 41.00
CA LEU F 270 10.23 -8.18 41.92
C LEU F 270 8.88 -7.63 42.34
N LEU F 271 7.93 -7.60 41.42
CA LEU F 271 6.57 -7.23 41.77
C LEU F 271 5.93 -8.26 42.69
N LYS F 272 6.08 -9.54 42.37
CA LYS F 272 5.51 -10.58 43.22
C LYS F 272 6.00 -10.45 44.65
N GLU F 273 7.29 -10.20 44.81
CA GLU F 273 7.88 -9.99 46.12
C GLU F 273 7.36 -8.72 46.76
N LEU F 274 7.25 -7.64 45.99
CA LEU F 274 6.70 -6.40 46.52
C LEU F 274 5.28 -6.60 47.01
N ILE F 275 4.49 -7.39 46.28
CA ILE F 275 3.18 -7.78 46.78
C ILE F 275 3.32 -8.51 48.11
N ASN F 276 4.21 -9.51 48.15
CA ASN F 276 4.43 -10.29 49.36
C ASN F 276 4.89 -9.44 50.54
N GLU F 277 5.68 -8.40 50.30
CA GLU F 277 6.07 -7.51 51.38
C GLU F 277 4.89 -6.74 51.93
N VAL F 278 4.11 -6.09 51.06
CA VAL F 278 3.08 -5.20 51.55
C VAL F 278 1.91 -6.00 52.12
N GLU F 279 1.57 -7.11 51.48
CA GLU F 279 0.34 -7.82 51.79
C GLU F 279 0.33 -8.37 53.21
N LYS F 280 1.50 -8.63 53.78
CA LYS F 280 1.59 -9.27 55.09
C LYS F 280 1.69 -8.31 56.26
N ASP F 281 1.92 -7.01 56.05
CA ASP F 281 2.19 -6.17 57.21
C ASP F 281 1.73 -4.72 57.04
N HIS F 282 1.32 -4.33 55.85
CA HIS F 282 0.98 -2.94 55.59
C HIS F 282 -0.45 -2.78 55.10
N HIS F 283 -1.28 -3.80 55.24
CA HIS F 283 -2.72 -3.73 55.06
C HIS F 283 -3.14 -3.43 53.62
N ILE F 284 -2.19 -3.18 52.71
CA ILE F 284 -2.54 -2.94 51.33
C ILE F 284 -3.16 -4.19 50.72
N PHE F 285 -4.32 -4.02 50.10
CA PHE F 285 -4.88 -5.00 49.18
C PHE F 285 -4.27 -4.86 47.79
N VAL F 286 -4.29 -5.95 47.03
CA VAL F 286 -3.87 -5.93 45.64
C VAL F 286 -4.84 -6.75 44.79
N LYS F 287 -5.12 -6.24 43.59
CA LYS F 287 -5.85 -6.95 42.56
C LYS F 287 -4.89 -7.07 41.37
N TYR F 288 -3.99 -8.05 41.46
CA TYR F 288 -3.02 -8.27 40.40
C TYR F 288 -3.74 -8.70 39.13
N ALA F 289 -3.20 -8.30 37.98
CA ALA F 289 -3.74 -8.69 36.68
C ALA F 289 -2.60 -8.90 35.70
N ASP F 290 -2.40 -10.14 35.30
CA ASP F 290 -1.33 -10.51 34.39
C ASP F 290 -1.63 -10.02 32.99
N CYS F 291 -1.12 -8.82 32.68
CA CYS F 291 -1.65 -8.00 31.60
C CYS F 291 -1.80 -8.75 30.28
N GLU F 292 -0.79 -9.54 29.92
CA GLU F 292 -0.87 -10.29 28.67
C GLU F 292 -2.05 -11.25 28.64
N THR F 293 -2.53 -11.69 29.79
CA THR F 293 -3.70 -12.56 29.81
C THR F 293 -5.00 -11.86 29.43
N LEU F 294 -5.07 -10.54 29.47
CA LEU F 294 -6.31 -9.84 29.16
C LEU F 294 -6.58 -9.70 27.67
N HIS F 295 -6.30 -10.76 26.90
CA HIS F 295 -6.18 -10.66 25.45
C HIS F 295 -7.54 -10.37 24.82
N GLU F 296 -7.52 -10.13 23.50
CA GLU F 296 -8.65 -9.60 22.72
C GLU F 296 -8.93 -8.12 23.02
N THR F 297 -7.86 -7.36 23.24
CA THR F 297 -7.94 -5.94 23.61
C THR F 297 -8.64 -5.08 22.56
N SER F 298 -8.82 -5.60 21.34
CA SER F 298 -9.53 -4.87 20.30
C SER F 298 -10.99 -4.56 20.64
N ASN F 299 -11.62 -5.37 21.47
CA ASN F 299 -13.00 -5.11 21.88
C ASN F 299 -13.00 -4.00 22.92
N LEU F 300 -13.02 -2.76 22.44
CA LEU F 300 -12.94 -1.61 23.34
C LEU F 300 -14.08 -1.59 24.34
N ASP F 301 -15.28 -1.97 23.91
CA ASP F 301 -16.45 -1.98 24.79
C ASP F 301 -16.23 -2.90 25.98
N LYS F 302 -15.95 -4.18 25.71
CA LYS F 302 -15.69 -5.14 26.77
C LYS F 302 -14.58 -4.66 27.70
N THR F 303 -13.46 -4.22 27.13
CA THR F 303 -12.33 -3.85 27.97
C THR F 303 -12.69 -2.67 28.85
N GLN F 304 -13.48 -1.73 28.33
CA GLN F 304 -13.95 -0.63 29.16
C GLN F 304 -14.80 -1.14 30.32
N LYS F 305 -15.58 -2.21 30.08
CA LYS F 305 -16.31 -2.79 31.20
C LYS F 305 -15.35 -3.40 32.22
N LEU F 306 -14.32 -4.07 31.72
CA LEU F 306 -13.30 -4.69 32.58
C LEU F 306 -12.65 -3.66 33.49
N ILE F 307 -12.18 -2.56 32.91
CA ILE F 307 -11.55 -1.49 33.68
C ILE F 307 -12.51 -0.92 34.71
N MET F 308 -13.76 -0.70 34.32
CA MET F 308 -14.72 -0.23 35.31
C MET F 308 -14.83 -1.22 36.46
N GLU F 309 -14.84 -2.51 36.14
CA GLU F 309 -14.93 -3.54 37.17
C GLU F 309 -13.79 -3.45 38.17
N TRP F 310 -12.55 -3.33 37.67
CA TRP F 310 -11.42 -3.15 38.58
C TRP F 310 -11.61 -1.95 39.48
N CYS F 311 -11.96 -0.80 38.88
CA CYS F 311 -12.08 0.39 39.71
C CYS F 311 -13.15 0.21 40.76
N SER F 312 -14.23 -0.48 40.41
CA SER F 312 -15.31 -0.74 41.35
C SER F 312 -14.84 -1.58 42.54
N PHE F 313 -14.09 -2.65 42.27
CA PHE F 313 -13.52 -3.38 43.40
C PHE F 313 -12.58 -2.51 44.21
N CYS F 314 -11.76 -1.71 43.53
CA CYS F 314 -10.73 -0.96 44.23
C CYS F 314 -11.36 -0.04 45.25
N TYR F 315 -12.41 0.68 44.85
CA TYR F 315 -13.00 1.62 45.79
C TYR F 315 -13.53 0.88 47.00
N TRP F 316 -13.89 -0.38 46.83
CA TRP F 316 -14.51 -1.16 47.90
C TRP F 316 -13.49 -1.61 48.92
N TYR F 317 -12.31 -2.04 48.48
CA TYR F 317 -11.39 -2.68 49.41
C TYR F 317 -10.58 -1.71 50.24
N GLY F 318 -10.94 -0.43 50.29
CA GLY F 318 -10.17 0.54 51.04
C GLY F 318 -8.78 0.73 50.47
N PRO F 319 -7.82 1.09 51.31
CA PRO F 319 -6.47 1.36 50.79
C PRO F 319 -5.95 0.15 50.03
N SER F 320 -5.65 0.37 48.76
CA SER F 320 -5.49 -0.72 47.82
C SER F 320 -4.48 -0.33 46.75
N LEU F 321 -4.02 -1.34 46.01
CA LEU F 321 -3.00 -1.13 45.00
C LEU F 321 -3.30 -1.97 43.78
N ILE F 322 -2.95 -1.44 42.61
CA ILE F 322 -3.09 -2.14 41.34
C ILE F 322 -1.73 -2.20 40.67
N VAL F 323 -1.51 -3.27 39.89
CA VAL F 323 -0.35 -3.35 39.00
C VAL F 323 -0.79 -3.94 37.68
N LEU F 324 0.01 -3.68 36.65
CA LEU F 324 -0.20 -4.23 35.32
C LEU F 324 1.14 -4.72 34.78
N ASP F 325 1.28 -6.05 34.68
CA ASP F 325 2.62 -6.62 34.54
C ASP F 325 3.29 -6.22 33.23
N ASN F 326 2.52 -5.91 32.20
CA ASN F 326 3.10 -5.49 30.92
C ASN F 326 2.18 -4.45 30.29
N VAL F 327 2.37 -3.19 30.68
CA VAL F 327 1.44 -2.14 30.29
C VAL F 327 1.45 -1.95 28.77
N GLU F 328 2.56 -2.33 28.12
CA GLU F 328 2.63 -2.23 26.67
C GLU F 328 1.46 -2.89 25.96
N ALA F 329 0.96 -4.01 26.51
CA ALA F 329 -0.16 -4.67 25.86
C ALA F 329 -1.45 -3.87 25.96
N LEU F 330 -1.70 -3.23 27.11
CA LEU F 330 -2.93 -2.47 27.24
C LEU F 330 -2.81 -1.08 26.63
N PHE F 331 -1.71 -0.38 26.87
CA PHE F 331 -1.69 1.05 26.64
C PHE F 331 -0.47 1.52 25.86
N GLY F 332 0.34 0.61 25.34
CA GLY F 332 1.46 1.00 24.52
C GLY F 332 0.96 1.64 23.25
N LYS F 333 1.40 2.86 22.96
CA LYS F 333 1.24 3.41 21.63
C LYS F 333 2.12 2.64 20.66
N PRO F 334 1.62 2.26 19.50
CA PRO F 334 2.49 1.62 18.51
C PRO F 334 3.64 2.55 18.14
N GLN F 335 4.86 2.01 18.21
CA GLN F 335 6.06 2.82 18.16
C GLN F 335 6.26 3.52 16.83
N ALA F 336 5.59 3.06 15.78
CA ALA F 336 5.84 3.57 14.43
C ALA F 336 5.37 5.00 14.26
N ASN F 337 4.51 5.49 15.17
CA ASN F 337 3.92 6.83 15.08
C ASN F 337 3.10 7.04 13.82
N ASP F 338 2.59 5.95 13.24
CA ASP F 338 2.07 5.99 11.87
C ASP F 338 0.74 5.23 11.78
N GLY F 339 -0.01 5.20 12.87
CA GLY F 339 -1.32 4.56 12.85
C GLY F 339 -2.32 5.32 12.00
N ASP F 340 -2.24 6.64 12.01
CA ASP F 340 -2.84 7.46 10.96
C ASP F 340 -1.93 8.65 10.73
N PRO F 341 -1.88 9.16 9.49
CA PRO F 341 -1.01 10.32 9.25
C PRO F 341 -1.54 11.61 9.86
N SER F 342 -2.86 11.76 9.96
CA SER F 342 -3.43 12.94 10.58
C SER F 342 -3.21 12.93 12.09
N ASN F 343 -3.55 14.08 12.69
CA ASN F 343 -3.45 14.31 14.12
C ASN F 343 -4.10 13.22 14.97
N ASN F 344 -5.15 12.56 14.46
CA ASN F 344 -5.85 11.54 15.25
C ASN F 344 -4.98 10.34 15.61
N GLY F 345 -3.76 10.25 15.07
CA GLY F 345 -2.77 9.34 15.62
C GLY F 345 -2.50 9.57 17.09
N GLN F 346 -2.85 10.75 17.59
CA GLN F 346 -2.85 11.05 19.02
C GLN F 346 -4.00 10.39 19.78
N TRP F 347 -5.01 9.83 19.08
CA TRP F 347 -6.08 9.05 19.73
C TRP F 347 -6.46 7.79 18.93
N ASP F 348 -5.52 6.86 18.86
CA ASP F 348 -5.85 5.48 18.52
C ASP F 348 -6.57 4.80 19.69
N ASN F 349 -7.12 3.62 19.37
CA ASN F 349 -7.97 2.86 20.29
C ASN F 349 -7.33 2.61 21.65
N ALA F 350 -6.04 2.28 21.65
CA ALA F 350 -5.37 2.02 22.92
C ALA F 350 -5.23 3.30 23.74
N SER F 351 -4.74 4.36 23.12
CA SER F 351 -4.63 5.61 23.84
C SER F 351 -5.99 6.05 24.35
N LYS F 352 -7.05 5.78 23.59
CA LYS F 352 -8.41 6.06 24.06
C LYS F 352 -8.73 5.30 25.33
N LEU F 353 -8.34 4.02 25.40
CA LEU F 353 -8.52 3.28 26.64
C LEU F 353 -7.74 3.92 27.77
N LEU F 354 -6.48 4.27 27.49
CA LEU F 354 -5.63 4.84 28.52
C LEU F 354 -6.22 6.12 29.07
N ASN F 355 -6.72 7.00 28.21
CA ASN F 355 -7.34 8.22 28.69
C ASN F 355 -8.56 7.92 29.55
N PHE F 356 -9.40 6.97 29.12
CA PHE F 356 -10.55 6.64 29.95
C PHE F 356 -10.13 6.19 31.34
N PHE F 357 -9.12 5.33 31.39
CA PHE F 357 -8.63 4.81 32.67
C PHE F 357 -8.10 5.94 33.54
N ILE F 358 -7.24 6.78 32.97
CA ILE F 358 -6.68 7.90 33.71
C ILE F 358 -7.77 8.83 34.21
N ASN F 359 -8.81 9.06 33.42
CA ASN F 359 -9.91 9.90 33.88
C ASN F 359 -10.60 9.30 35.10
N GLN F 360 -10.99 8.03 35.01
CA GLN F 360 -11.63 7.38 36.15
C GLN F 360 -10.76 7.46 37.40
N VAL F 361 -9.48 7.07 37.25
CA VAL F 361 -8.58 7.07 38.40
C VAL F 361 -8.42 8.48 38.95
N THR F 362 -8.18 9.46 38.10
CA THR F 362 -7.95 10.81 38.58
C THR F 362 -9.15 11.32 39.35
N LYS F 363 -10.37 11.02 38.86
CA LYS F 363 -11.56 11.46 39.54
C LYS F 363 -11.71 10.83 40.92
N ILE F 364 -11.48 9.52 41.03
CA ILE F 364 -11.56 8.89 42.35
C ILE F 364 -10.42 9.35 43.25
N PHE F 365 -9.23 9.51 42.70
CA PHE F 365 -8.07 9.94 43.46
C PHE F 365 -8.29 11.30 44.13
N ASN F 366 -8.84 12.25 43.39
CA ASN F 366 -9.10 13.56 43.98
C ASN F 366 -10.14 13.51 45.09
N LYS F 367 -10.90 12.44 45.21
CA LYS F 367 -11.78 12.31 46.35
C LYS F 367 -11.02 11.89 47.62
N ASP F 368 -10.04 11.00 47.49
CA ASP F 368 -9.28 10.53 48.66
C ASP F 368 -8.03 9.78 48.22
N ASN F 369 -6.86 10.43 48.32
CA ASN F 369 -5.64 9.87 47.76
C ASN F 369 -5.15 8.62 48.49
N LYS F 370 -5.71 8.32 49.66
CA LYS F 370 -5.32 7.10 50.37
C LYS F 370 -5.75 5.84 49.64
N ARG F 371 -6.74 5.93 48.76
CA ARG F 371 -7.47 4.73 48.34
C ARG F 371 -6.80 3.94 47.23
N ILE F 372 -6.36 4.58 46.16
CA ILE F 372 -5.80 3.83 45.03
C ILE F 372 -4.46 4.42 44.63
N ARG F 373 -3.49 3.53 44.40
CA ARG F 373 -2.28 3.83 43.66
C ARG F 373 -2.15 2.79 42.56
N VAL F 374 -1.25 3.00 41.62
CA VAL F 374 -1.04 2.00 40.58
C VAL F 374 0.44 1.93 40.18
N LEU F 375 0.89 0.73 39.85
CA LEU F 375 2.23 0.45 39.35
C LEU F 375 2.20 -0.08 37.91
N PHE F 376 2.96 0.57 37.03
CA PHE F 376 3.10 0.15 35.63
C PHE F 376 4.50 -0.42 35.45
N SER F 377 4.58 -1.63 34.90
CA SER F 377 5.87 -2.23 34.55
C SER F 377 6.02 -2.33 33.04
N GLY F 378 7.18 -1.89 32.53
CA GLY F 378 7.37 -1.80 31.10
C GLY F 378 8.81 -1.88 30.66
N LYS F 379 9.09 -1.52 29.41
CA LYS F 379 10.39 -1.76 28.81
C LYS F 379 11.32 -0.57 28.88
N GLN F 380 10.82 0.63 28.58
CA GLN F 380 11.64 1.84 28.55
C GLN F 380 10.75 3.01 28.95
N LYS F 381 11.20 3.74 29.98
CA LYS F 381 10.30 4.67 30.66
C LYS F 381 9.66 5.67 29.70
N THR F 382 10.37 6.08 28.68
CA THR F 382 9.79 6.99 27.69
C THR F 382 8.83 6.30 26.74
N GLN F 383 9.03 5.04 26.44
CA GLN F 383 8.35 4.40 25.32
C GLN F 383 6.95 3.93 25.65
N ILE F 384 6.41 4.21 26.83
CA ILE F 384 5.07 3.74 27.12
C ILE F 384 4.03 4.51 26.32
N ASN F 385 3.91 5.81 26.59
CA ASN F 385 2.77 6.58 26.09
C ASN F 385 2.95 8.08 26.34
N PRO F 386 2.52 8.93 25.42
CA PRO F 386 2.71 10.37 25.65
C PRO F 386 1.75 10.89 26.70
N LEU F 387 0.48 10.51 26.58
CA LEU F 387 -0.54 11.08 27.44
C LEU F 387 -0.30 10.77 28.91
N LEU F 388 0.31 9.62 29.18
CA LEU F 388 0.66 9.24 30.56
C LEU F 388 1.54 10.27 31.26
N PHE F 389 2.50 10.85 30.55
CA PHE F 389 3.26 11.96 31.12
C PHE F 389 2.56 13.30 31.00
N ASP F 390 1.92 13.56 29.85
CA ASP F 390 1.38 14.89 29.59
C ASP F 390 0.38 15.32 30.65
N LYS F 391 -0.41 14.39 31.17
CA LYS F 391 -1.39 14.70 32.20
C LYS F 391 -0.83 14.68 33.62
N HIS F 392 0.47 14.44 33.78
CA HIS F 392 1.08 14.27 35.10
C HIS F 392 0.36 13.22 35.94
N PHE F 393 -0.02 12.12 35.29
CA PHE F 393 -0.53 10.97 36.02
C PHE F 393 0.59 10.25 36.76
N VAL F 394 1.68 9.95 36.07
CA VAL F 394 2.87 9.35 36.69
C VAL F 394 3.69 10.41 37.42
N SER F 395 4.47 9.95 38.40
CA SER F 395 5.52 10.81 38.95
C SER F 395 6.74 10.03 39.44
N GLU F 396 6.76 9.72 40.74
CA GLU F 396 7.93 9.12 41.36
C GLU F 396 8.27 7.78 40.72
N THR F 397 9.56 7.53 40.49
CA THR F 397 9.95 6.49 39.54
C THR F 397 11.32 5.93 39.90
N TRP F 398 11.59 4.73 39.38
CA TRP F 398 12.73 3.91 39.71
C TRP F 398 13.10 3.09 38.48
N SER F 399 14.31 2.54 38.50
CA SER F 399 14.68 1.54 37.51
C SER F 399 15.65 0.53 38.11
N LEU F 400 15.57 -0.70 37.60
CA LEU F 400 16.53 -1.72 37.96
C LEU F 400 17.75 -1.63 37.05
N ARG F 401 18.91 -2.02 37.58
CA ARG F 401 20.15 -2.02 36.83
C ARG F 401 20.85 -3.36 36.99
N ALA F 402 21.72 -3.67 36.03
CA ALA F 402 22.49 -4.92 36.03
C ALA F 402 23.30 -5.06 37.31
N PRO F 403 22.99 -6.05 38.13
CA PRO F 403 23.48 -6.07 39.51
C PRO F 403 25.01 -6.11 39.59
N ASP F 404 25.53 -5.52 40.66
CA ASP F 404 26.97 -5.48 40.93
C ASP F 404 27.48 -6.83 41.41
N LYS F 405 28.80 -6.97 41.30
CA LYS F 405 29.49 -8.23 41.57
C LYS F 405 29.11 -8.88 42.90
N HIS F 406 28.94 -8.08 43.96
CA HIS F 406 28.63 -8.67 45.26
C HIS F 406 27.24 -9.29 45.27
N ALA F 407 26.25 -8.54 44.80
CA ALA F 407 24.92 -9.11 44.71
C ALA F 407 24.91 -10.26 43.70
N ARG F 408 25.65 -10.09 42.59
CA ARG F 408 25.75 -11.17 41.62
C ARG F 408 26.20 -12.47 42.26
N ALA F 409 27.19 -12.39 43.16
CA ALA F 409 27.62 -13.55 43.91
C ALA F 409 26.52 -14.11 44.79
N LYS F 410 25.83 -13.23 45.52
CA LYS F 410 24.77 -13.72 46.41
C LYS F 410 23.69 -14.45 45.62
N LEU F 411 23.29 -13.87 44.49
CA LEU F 411 22.37 -14.50 43.57
C LEU F 411 22.87 -15.88 43.16
N LEU F 412 24.09 -15.94 42.64
CA LEU F 412 24.61 -17.19 42.10
C LEU F 412 24.61 -18.26 43.18
N GLU F 413 25.08 -17.92 44.38
CA GLU F 413 25.07 -18.85 45.49
C GLU F 413 23.66 -19.36 45.78
N TYR F 414 22.68 -18.47 45.76
CA TYR F 414 21.31 -18.92 45.97
C TYR F 414 20.89 -19.91 44.87
N PHE F 415 21.21 -19.60 43.61
CA PHE F 415 20.86 -20.53 42.54
C PHE F 415 21.54 -21.89 42.71
N PHE F 416 22.83 -21.91 43.03
CA PHE F 416 23.48 -23.18 43.30
C PHE F 416 22.80 -23.94 44.44
N SER F 417 22.29 -23.22 45.43
CA SER F 417 21.55 -23.89 46.50
C SER F 417 20.17 -24.35 46.03
N LYS F 418 19.60 -23.71 45.02
CA LYS F 418 18.25 -24.05 44.60
C LYS F 418 18.20 -25.22 43.65
N ASN F 419 19.27 -25.46 42.89
CA ASN F 419 19.44 -26.76 42.26
C ASN F 419 19.49 -27.86 43.31
N GLN F 420 19.16 -29.07 42.87
CA GLN F 420 19.33 -30.25 43.71
C GLN F 420 20.75 -30.27 44.28
N ILE F 421 20.84 -30.60 45.56
CA ILE F 421 21.97 -30.20 46.40
C ILE F 421 23.30 -30.59 45.77
N MET F 422 24.14 -29.58 45.56
CA MET F 422 25.51 -29.74 45.10
C MET F 422 26.31 -28.57 45.68
N LYS F 423 27.64 -28.68 45.66
CA LYS F 423 28.44 -27.70 46.37
C LYS F 423 29.66 -27.29 45.55
N LEU F 424 30.03 -26.02 45.69
CA LEU F 424 31.35 -25.51 45.34
C LEU F 424 32.32 -25.88 46.45
N ASN F 425 32.95 -27.04 46.32
CA ASN F 425 33.75 -27.58 47.41
C ASN F 425 35.22 -27.22 47.31
N ARG F 426 35.76 -27.06 46.11
CA ARG F 426 37.17 -26.68 45.97
C ARG F 426 37.38 -25.23 46.44
N ASP F 427 38.65 -24.88 46.64
CA ASP F 427 39.07 -23.60 47.17
C ASP F 427 38.74 -22.40 46.29
N LEU F 428 38.08 -22.62 45.16
CA LEU F 428 37.49 -21.51 44.43
C LEU F 428 36.35 -20.90 45.22
N GLN F 429 36.25 -19.57 45.19
CA GLN F 429 35.19 -18.85 45.88
C GLN F 429 34.45 -17.94 44.91
N PHE F 430 33.16 -17.75 45.21
CA PHE F 430 32.19 -17.25 44.25
C PHE F 430 32.61 -15.95 43.59
N SER F 431 33.25 -15.06 44.34
CA SER F 431 33.67 -13.77 43.79
C SER F 431 34.53 -13.92 42.54
N ASP F 432 35.30 -15.00 42.45
CA ASP F 432 36.13 -15.22 41.26
C ASP F 432 35.30 -15.17 39.98
N LEU F 433 34.32 -16.07 39.88
CA LEU F 433 33.46 -16.08 38.72
C LEU F 433 32.50 -14.90 38.70
N SER F 434 32.22 -14.28 39.85
CA SER F 434 31.41 -13.08 39.83
C SER F 434 32.13 -11.98 39.07
N LEU F 435 33.41 -11.78 39.39
CA LEU F 435 34.25 -10.87 38.63
C LEU F 435 34.41 -11.35 37.19
N GLU F 436 34.26 -12.65 36.96
CA GLU F 436 34.34 -13.17 35.59
C GLU F 436 33.03 -13.01 34.81
N THR F 437 31.94 -12.61 35.45
CA THR F 437 30.61 -12.60 34.81
C THR F 437 29.92 -11.25 35.01
N GLU F 438 30.57 -10.17 34.57
CA GLU F 438 29.97 -8.84 34.73
C GLU F 438 28.68 -8.68 33.95
N GLY F 439 28.68 -9.04 32.67
CA GLY F 439 27.58 -8.69 31.80
C GLY F 439 26.39 -9.64 31.78
N PHE F 440 25.83 -9.96 32.94
CA PHE F 440 24.78 -10.97 33.01
C PHE F 440 23.57 -10.47 33.80
N SER F 441 22.39 -10.80 33.31
CA SER F 441 21.14 -10.62 34.05
C SER F 441 20.89 -11.82 34.96
N PRO F 442 20.00 -11.67 35.94
CA PRO F 442 19.60 -12.82 36.75
C PRO F 442 19.10 -14.02 35.98
N LEU F 443 18.26 -13.83 34.95
CA LEU F 443 17.80 -14.97 34.16
C LEU F 443 18.96 -15.66 33.47
N ASP F 444 19.90 -14.87 32.94
CA ASP F 444 21.09 -15.44 32.35
C ASP F 444 21.86 -16.27 33.37
N LEU F 445 21.98 -15.78 34.60
CA LEU F 445 22.73 -16.54 35.60
C LEU F 445 22.01 -17.84 35.96
N GLU F 446 20.69 -17.83 36.01
CA GLU F 446 19.95 -19.06 36.19
C GLU F 446 20.23 -20.06 35.07
N ILE F 447 20.30 -19.58 33.83
CA ILE F 447 20.60 -20.47 32.71
C ILE F 447 22.04 -20.97 32.79
N PHE F 448 22.99 -20.06 32.99
CA PHE F 448 24.40 -20.42 33.05
C PHE F 448 24.64 -21.48 34.11
N THR F 449 24.05 -21.30 35.28
CA THR F 449 24.17 -22.32 36.33
C THR F 449 23.51 -23.64 35.94
N GLU F 450 22.35 -23.61 35.28
CA GLU F 450 21.81 -24.88 34.79
C GLU F 450 22.76 -25.58 33.82
N LYS F 451 23.40 -24.81 32.96
CA LYS F 451 24.38 -25.37 32.03
C LYS F 451 25.56 -25.98 32.76
N ILE F 452 26.01 -25.34 33.84
CA ILE F 452 27.03 -25.98 34.67
C ILE F 452 26.50 -27.27 35.28
N PHE F 453 25.28 -27.24 35.81
CA PHE F 453 24.72 -28.41 36.48
C PHE F 453 24.67 -29.62 35.56
N TYR F 454 24.43 -29.40 34.27
CA TYR F 454 24.36 -30.54 33.37
C TYR F 454 25.67 -31.31 33.23
N ASP F 455 26.80 -30.73 33.65
CA ASP F 455 28.03 -31.49 33.86
C ASP F 455 27.80 -32.79 34.60
N LEU F 456 26.89 -32.75 35.58
CA LEU F 456 26.59 -33.88 36.48
C LEU F 456 26.21 -35.14 35.74
N GLN F 457 25.84 -35.05 34.48
CA GLN F 457 25.62 -36.25 33.70
C GLN F 457 26.27 -36.20 32.34
N LEU F 458 26.57 -35.02 31.80
CA LEU F 458 27.21 -34.97 30.49
C LEU F 458 28.65 -35.43 30.59
N GLU F 459 29.37 -35.01 31.65
CA GLU F 459 30.79 -35.34 31.68
C GLU F 459 31.17 -36.13 32.92
N ARG F 460 30.81 -35.67 34.11
CA ARG F 460 31.08 -36.45 35.30
C ARG F 460 30.02 -37.52 35.50
N ASP F 461 30.43 -38.61 36.14
CA ASP F 461 29.50 -39.62 36.62
C ASP F 461 29.12 -39.40 38.08
N CYS F 462 29.80 -38.48 38.76
CA CYS F 462 29.57 -38.24 40.17
C CYS F 462 28.24 -37.56 40.43
N ASP F 463 27.60 -37.94 41.54
CA ASP F 463 26.37 -37.32 42.00
C ASP F 463 26.57 -35.89 42.49
N ASN F 464 27.82 -35.43 42.61
CA ASN F 464 28.08 -34.05 42.99
C ASN F 464 29.20 -33.52 42.11
N VAL F 465 29.02 -32.31 41.61
CA VAL F 465 29.94 -31.72 40.61
C VAL F 465 30.96 -30.87 41.38
N VAL F 466 32.00 -31.53 41.87
CA VAL F 466 33.18 -30.80 42.28
C VAL F 466 33.70 -30.07 41.04
N THR F 467 33.88 -28.75 41.16
CA THR F 467 33.77 -27.88 40.00
C THR F 467 35.07 -27.66 39.26
N ARG F 468 36.21 -27.72 39.95
CA ARG F 468 37.55 -27.68 39.38
C ARG F 468 37.76 -26.63 38.28
N GLU F 469 37.19 -25.45 38.47
CA GLU F 469 37.26 -24.36 37.48
C GLU F 469 36.73 -24.76 36.10
N LEU F 470 35.84 -25.75 36.04
CA LEU F 470 35.19 -26.11 34.79
C LEU F 470 34.51 -24.91 34.13
N PHE F 471 34.08 -23.94 34.94
CA PHE F 471 33.58 -22.66 34.42
C PHE F 471 34.48 -22.09 33.34
N SER F 472 35.79 -22.18 33.52
CA SER F 472 36.71 -21.66 32.52
C SER F 472 36.60 -22.39 31.18
N LYS F 473 36.07 -23.60 31.17
CA LYS F 473 35.80 -24.28 29.90
C LYS F 473 34.47 -23.86 29.29
N SER F 474 33.41 -23.87 30.10
CA SER F 474 32.06 -23.65 29.58
C SER F 474 31.72 -22.18 29.40
N LEU F 475 32.15 -21.32 30.34
CA LEU F 475 31.83 -19.90 30.24
C LEU F 475 32.46 -19.21 29.03
N SER F 476 33.51 -19.81 28.47
CA SER F 476 34.00 -19.32 27.18
C SER F 476 33.01 -19.58 26.07
N ALA F 477 32.21 -20.66 26.16
CA ALA F 477 31.27 -21.00 25.11
C ALA F 477 29.87 -20.43 25.32
N PHE F 478 29.33 -20.51 26.53
CA PHE F 478 28.03 -19.91 26.79
C PHE F 478 28.12 -18.39 26.68
N THR F 479 26.96 -17.75 26.48
CA THR F 479 26.86 -16.30 26.42
C THR F 479 25.55 -15.86 27.05
N PRO F 480 25.49 -14.64 27.58
CA PRO F 480 24.22 -14.11 28.08
C PRO F 480 23.20 -13.87 26.97
N SER F 481 21.98 -13.51 27.40
CA SER F 481 20.98 -12.96 26.50
C SER F 481 21.34 -11.57 26.00
N ALA F 482 22.15 -10.83 26.74
CA ALA F 482 22.87 -9.70 26.17
C ALA F 482 23.86 -10.19 25.13
N LEU F 483 24.66 -9.27 24.60
CA LEU F 483 25.73 -9.62 23.65
C LEU F 483 25.16 -10.36 22.45
N ARG F 484 24.09 -9.80 21.88
CA ARG F 484 23.42 -10.36 20.72
C ARG F 484 23.56 -9.40 19.54
N GLY F 485 23.58 -9.99 18.34
CA GLY F 485 24.09 -9.31 17.16
C GLY F 485 25.60 -9.31 17.13
N VAL F 486 26.17 -9.39 15.94
CA VAL F 486 27.63 -9.43 15.77
C VAL F 486 28.21 -8.03 15.86
N LYS F 487 28.64 -7.64 17.06
CA LYS F 487 29.29 -6.35 17.28
C LYS F 487 30.44 -6.54 18.25
N LEU F 488 31.56 -5.88 17.95
CA LEU F 488 32.79 -6.11 18.70
C LEU F 488 33.58 -4.80 18.78
N THR F 489 34.39 -4.67 19.82
CA THR F 489 35.33 -3.57 19.92
C THR F 489 36.57 -3.92 20.73
N LYS F 490 36.40 -4.69 21.80
CA LYS F 490 37.47 -5.21 22.64
C LYS F 490 38.14 -6.45 22.08
N GLU F 491 37.75 -6.90 20.89
CA GLU F 491 38.22 -8.18 20.35
C GLU F 491 39.73 -8.27 20.28
N THR F 492 40.41 -7.20 19.85
CA THR F 492 41.86 -7.28 19.68
C THR F 492 42.58 -7.48 21.00
N ASN F 493 42.07 -6.91 22.08
CA ASN F 493 42.51 -7.21 23.46
C ASN F 493 44.04 -7.19 23.61
N ILE F 494 44.73 -6.35 22.84
CA ILE F 494 46.19 -6.32 22.89
C ILE F 494 46.74 -5.68 24.14
N LYS F 495 45.89 -5.01 24.94
CA LYS F 495 46.30 -4.31 26.16
C LYS F 495 47.26 -3.16 25.92
N TRP F 496 47.42 -2.31 26.94
CA TRP F 496 48.38 -1.21 26.91
C TRP F 496 49.80 -1.69 26.72
N GLY F 497 50.09 -2.96 27.02
CA GLY F 497 51.42 -3.50 26.76
C GLY F 497 51.83 -3.42 25.31
N ASP F 498 50.88 -3.44 24.40
CA ASP F 498 51.17 -3.43 22.96
C ASP F 498 51.19 -2.02 22.40
N ILE F 499 51.72 -1.06 23.17
CA ILE F 499 51.82 0.31 22.69
C ILE F 499 52.55 0.39 21.35
N GLY F 500 52.02 1.22 20.46
CA GLY F 500 52.72 1.62 19.25
C GLY F 500 53.77 2.69 19.46
N ALA F 501 54.55 2.58 20.54
CA ALA F 501 55.59 3.54 20.88
C ALA F 501 55.05 4.95 21.07
N LEU F 502 53.87 5.06 21.69
CA LEU F 502 53.27 6.37 21.98
C LEU F 502 53.97 7.05 23.14
N ALA F 503 55.31 7.02 23.13
CA ALA F 503 56.10 7.47 24.28
C ALA F 503 55.78 8.90 24.71
N ASN F 504 55.45 9.78 23.77
CA ASN F 504 55.14 11.16 24.11
C ASN F 504 53.65 11.42 24.31
N ALA F 505 52.83 10.38 24.31
CA ALA F 505 51.38 10.57 24.38
C ALA F 505 50.68 9.55 25.26
N LYS F 506 51.16 8.31 25.34
CA LYS F 506 50.47 7.27 26.10
C LYS F 506 50.33 7.66 27.55
N ASP F 507 51.33 8.36 28.09
CA ASP F 507 51.29 8.85 29.45
C ASP F 507 50.08 9.77 29.68
N VAL F 508 50.00 10.87 28.94
CA VAL F 508 48.91 11.82 29.16
C VAL F 508 47.56 11.17 28.87
N LEU F 509 47.48 10.34 27.83
CA LEU F 509 46.21 9.71 27.48
C LEU F 509 45.72 8.79 28.60
N LEU F 510 46.58 7.90 29.08
CA LEU F 510 46.21 6.99 30.15
C LEU F 510 45.98 7.73 31.47
N GLU F 511 46.74 8.79 31.74
CA GLU F 511 46.51 9.58 32.94
C GLU F 511 45.13 10.25 32.92
N THR F 512 44.83 10.95 31.82
CA THR F 512 43.55 11.62 31.68
C THR F 512 42.38 10.65 31.68
N LEU F 513 42.58 9.44 31.18
CA LEU F 513 41.56 8.41 31.33
C LEU F 513 41.42 7.93 32.76
N GLU F 514 42.54 7.65 33.44
CA GLU F 514 42.49 6.91 34.70
C GLU F 514 42.12 7.80 35.90
N TRP F 515 42.61 9.03 35.96
CA TRP F 515 42.34 9.83 37.16
C TRP F 515 40.85 9.99 37.47
N PRO F 516 39.96 10.25 36.51
CA PRO F 516 38.52 10.29 36.83
C PRO F 516 37.92 8.97 37.27
N THR F 517 38.72 7.92 37.43
CA THR F 517 38.18 6.63 37.83
C THR F 517 39.08 5.87 38.80
N LYS F 518 40.39 6.10 38.80
CA LYS F 518 41.30 5.49 39.77
C LYS F 518 41.42 6.34 41.04
N TYR F 519 41.56 7.65 40.89
CA TYR F 519 41.71 8.56 42.01
C TYR F 519 40.43 9.29 42.38
N GLU F 520 39.56 9.56 41.42
CA GLU F 520 38.20 10.03 41.69
C GLU F 520 37.49 9.28 42.81
N PRO F 521 37.55 7.94 42.88
CA PRO F 521 36.86 7.24 43.99
C PRO F 521 37.41 7.57 45.36
N ILE F 522 38.62 8.13 45.45
CA ILE F 522 39.17 8.60 46.71
C ILE F 522 39.21 10.11 46.78
N PHE F 523 38.84 10.80 45.70
CA PHE F 523 38.74 12.25 45.63
C PHE F 523 37.40 12.66 45.06
N VAL F 524 36.32 12.04 45.57
CA VAL F 524 34.99 12.16 44.99
C VAL F 524 34.46 13.59 44.98
N ASN F 525 35.09 14.50 45.71
CA ASN F 525 34.62 15.89 45.75
C ASN F 525 34.66 16.54 44.37
N CYS F 526 35.63 16.15 43.53
CA CYS F 526 35.72 16.54 42.12
C CYS F 526 35.42 18.02 41.88
N PRO F 527 36.35 18.90 42.24
CA PRO F 527 36.04 20.33 42.36
C PRO F 527 35.40 20.99 41.14
N LEU F 528 36.04 20.90 39.97
CA LEU F 528 35.67 21.77 38.85
C LEU F 528 35.43 21.07 37.52
N ARG F 529 35.79 21.73 36.43
CA ARG F 529 35.39 21.34 35.08
C ARG F 529 35.66 19.88 34.77
N LEU F 530 34.75 19.30 34.00
CA LEU F 530 34.85 17.94 33.48
C LEU F 530 35.89 17.83 32.37
N ARG F 531 36.38 16.61 32.19
CA ARG F 531 37.40 16.32 31.19
C ARG F 531 36.80 16.37 29.79
N SER F 532 37.44 17.11 28.90
CA SER F 532 37.02 17.22 27.50
C SER F 532 37.52 16.05 26.64
N GLY F 533 37.96 14.97 27.26
CA GLY F 533 38.25 13.74 26.54
C GLY F 533 39.53 13.78 25.72
N ILE F 534 39.44 13.26 24.49
CA ILE F 534 40.59 13.07 23.62
C ILE F 534 40.49 13.97 22.40
N LEU F 535 41.45 14.88 22.23
CA LEU F 535 41.75 15.48 20.94
C LEU F 535 43.07 14.91 20.44
N LEU F 536 43.04 13.65 20.02
CA LEU F 536 44.23 13.01 19.48
C LEU F 536 44.40 13.34 18.01
N TYR F 537 45.66 13.47 17.58
CA TYR F 537 46.00 13.43 16.17
C TYR F 537 47.29 12.63 16.02
N GLY F 538 47.60 12.28 14.78
CA GLY F 538 48.90 11.70 14.52
C GLY F 538 49.24 11.61 13.05
N TYR F 539 50.35 10.93 12.77
CA TYR F 539 50.65 10.49 11.43
C TYR F 539 49.58 9.54 10.90
N PRO F 540 49.40 9.47 9.59
CA PRO F 540 48.32 8.66 9.03
C PRO F 540 48.55 7.17 9.24
N GLY F 541 47.45 6.43 9.24
CA GLY F 541 47.49 4.98 9.25
C GLY F 541 47.93 4.31 10.52
N CYS F 542 48.07 5.05 11.62
CA CYS F 542 48.70 4.49 12.81
C CYS F 542 48.30 5.29 14.03
N GLY F 543 48.52 4.70 15.19
CA GLY F 543 48.65 5.46 16.42
C GLY F 543 47.37 5.69 17.21
N LYS F 544 46.27 5.02 16.88
CA LYS F 544 45.03 5.36 17.58
C LYS F 544 44.20 4.19 18.07
N THR F 545 43.59 3.41 17.16
CA THR F 545 42.65 2.38 17.57
C THR F 545 43.31 1.31 18.42
N LEU F 546 44.58 1.04 18.17
CA LEU F 546 45.34 0.12 19.01
C LEU F 546 45.43 0.59 20.46
N LEU F 547 45.37 1.91 20.70
CA LEU F 547 45.25 2.37 22.07
C LEU F 547 43.82 2.31 22.61
N ALA F 548 42.87 2.87 21.88
CA ALA F 548 41.51 2.99 22.41
C ALA F 548 40.86 1.62 22.65
N SER F 549 41.06 0.68 21.74
CA SER F 549 40.52 -0.67 21.95
C SER F 549 41.09 -1.36 23.18
N ALA F 550 42.26 -0.95 23.65
CA ALA F 550 42.74 -1.49 24.92
C ALA F 550 42.26 -0.69 26.12
N VAL F 551 42.18 0.64 25.97
CA VAL F 551 41.56 1.48 26.98
C VAL F 551 40.15 1.01 27.31
N ALA F 552 39.49 0.36 26.35
CA ALA F 552 38.19 -0.27 26.58
C ALA F 552 38.16 -1.20 27.80
N GLN F 553 39.32 -1.61 28.31
CA GLN F 553 39.35 -2.44 29.52
C GLN F 553 38.77 -1.73 30.75
N GLN F 554 38.73 -0.40 30.77
CA GLN F 554 38.31 0.31 31.97
C GLN F 554 37.37 1.47 31.67
N CYS F 555 36.96 1.64 30.41
CA CYS F 555 36.16 2.80 30.02
C CYS F 555 34.80 2.83 30.72
N GLY F 556 34.25 1.66 31.06
CA GLY F 556 32.83 1.55 31.33
C GLY F 556 32.22 0.35 30.62
N LEU F 557 31.12 0.53 29.91
CA LEU F 557 30.74 -0.53 29.00
C LEU F 557 31.61 -0.47 27.75
N ASN F 558 31.59 -1.57 26.99
CA ASN F 558 32.33 -1.65 25.73
C ASN F 558 31.84 -0.59 24.75
N PHE F 559 32.64 0.45 24.56
CA PHE F 559 32.14 1.74 24.08
C PHE F 559 31.71 1.63 22.61
N ILE F 560 30.84 2.55 22.21
CA ILE F 560 30.25 2.58 20.88
C ILE F 560 31.21 3.21 19.87
N SER F 561 32.13 2.40 19.36
CA SER F 561 33.20 2.84 18.47
C SER F 561 32.70 3.17 17.05
N VAL F 562 31.55 3.82 16.93
CA VAL F 562 31.07 4.23 15.61
C VAL F 562 32.00 5.31 15.05
N LYS F 563 32.25 5.23 13.74
CA LYS F 563 33.36 5.95 13.13
C LYS F 563 33.10 6.08 11.64
N GLY F 564 33.92 6.91 10.99
CA GLY F 564 33.91 7.05 9.56
C GLY F 564 32.68 7.74 8.98
N PRO F 565 32.24 7.29 7.81
CA PRO F 565 31.15 7.99 7.12
C PRO F 565 29.78 7.72 7.69
N GLU F 566 29.67 6.81 8.65
CA GLU F 566 28.38 6.23 9.03
C GLU F 566 27.38 7.30 9.45
N ILE F 567 27.86 8.44 9.92
CA ILE F 567 26.99 9.56 10.29
C ILE F 567 26.22 10.11 9.09
N LEU F 568 26.81 10.12 7.91
CA LEU F 568 26.29 10.93 6.82
C LEU F 568 25.14 10.23 6.10
N ASN F 569 24.12 9.84 6.87
CA ASN F 569 23.10 8.90 6.41
C ASN F 569 22.42 9.35 5.12
N LYS F 570 21.70 10.47 5.17
CA LYS F 570 20.95 10.93 4.02
C LYS F 570 20.63 12.41 4.17
N PHE F 571 20.12 12.98 3.07
CA PHE F 571 20.08 14.42 2.85
C PHE F 571 19.67 15.25 4.06
N ILE F 572 18.53 14.96 4.67
CA ILE F 572 18.04 15.77 5.79
C ILE F 572 17.60 14.90 6.95
N GLY F 573 17.93 15.34 8.17
CA GLY F 573 17.38 14.83 9.40
C GLY F 573 17.97 13.55 9.96
N ALA F 574 18.32 12.59 9.11
CA ALA F 574 18.68 11.26 9.59
C ALA F 574 19.92 11.30 10.47
N SER F 575 20.97 11.99 10.03
CA SER F 575 22.16 12.15 10.87
C SER F 575 21.84 12.89 12.16
N GLU F 576 20.97 13.88 12.09
CA GLU F 576 20.57 14.64 13.27
C GLU F 576 19.70 13.82 14.23
N GLN F 577 18.96 12.84 13.72
CA GLN F 577 18.35 11.84 14.58
C GLN F 577 19.39 10.91 15.19
N ASN F 578 20.17 10.25 14.34
CA ASN F 578 21.08 9.20 14.77
C ASN F 578 22.11 9.70 15.77
N ILE F 579 22.70 10.87 15.55
CA ILE F 579 23.67 11.38 16.51
C ILE F 579 23.04 11.57 17.89
N ARG F 580 21.80 12.05 17.92
CA ARG F 580 21.12 12.26 19.20
C ARG F 580 20.87 10.94 19.91
N GLU F 581 20.35 9.97 19.16
CA GLU F 581 20.10 8.68 19.78
C GLU F 581 21.41 7.98 20.12
N LEU F 582 22.48 8.29 19.40
CA LEU F 582 23.79 7.73 19.69
C LEU F 582 24.27 8.18 21.06
N PHE F 583 24.31 9.50 21.28
CA PHE F 583 24.70 10.02 22.58
C PHE F 583 23.79 9.52 23.71
N GLU F 584 22.48 9.49 23.46
CA GLU F 584 21.56 8.98 24.48
C GLU F 584 21.84 7.51 24.82
N ARG F 585 21.85 6.64 23.82
CA ARG F 585 21.99 5.21 24.08
C ARG F 585 23.40 4.83 24.52
N ALA F 586 24.41 5.63 24.17
CA ALA F 586 25.72 5.50 24.77
C ALA F 586 25.67 5.79 26.27
N GLN F 587 25.21 6.97 26.65
CA GLN F 587 25.35 7.37 28.04
C GLN F 587 24.38 6.64 28.97
N SER F 588 23.17 6.33 28.50
CA SER F 588 22.07 5.99 29.39
C SER F 588 22.29 4.67 30.15
N VAL F 589 23.25 3.85 29.72
CA VAL F 589 23.63 2.69 30.50
C VAL F 589 24.82 3.01 31.40
N LYS F 590 25.90 3.51 30.81
CA LYS F 590 27.18 3.59 31.48
C LYS F 590 28.00 4.67 30.79
N PRO F 591 29.09 5.13 31.40
CA PRO F 591 30.08 5.92 30.65
C PRO F 591 30.49 5.21 29.37
N CYS F 592 30.69 5.98 28.31
CA CYS F 592 30.89 5.42 26.98
C CYS F 592 31.58 6.45 26.10
N ILE F 593 32.68 6.03 25.46
CA ILE F 593 33.35 6.81 24.44
C ILE F 593 32.62 6.68 23.11
N LEU F 594 33.01 7.50 22.12
CA LEU F 594 32.66 7.35 20.72
C LEU F 594 33.95 7.35 19.92
N PHE F 595 33.84 7.32 18.58
CA PHE F 595 35.05 7.24 17.76
C PHE F 595 34.98 8.06 16.46
N PHE F 596 34.74 9.36 16.58
CA PHE F 596 34.63 10.20 15.39
C PHE F 596 35.90 10.23 14.57
N ASP F 597 37.06 9.95 15.19
CA ASP F 597 38.36 9.83 14.53
C ASP F 597 38.72 11.02 13.63
N GLU F 598 38.72 10.83 12.31
CA GLU F 598 38.86 11.96 11.39
C GLU F 598 37.59 12.79 11.27
N PHE F 599 37.77 14.10 11.33
CA PHE F 599 36.70 15.07 11.05
C PHE F 599 36.21 15.02 9.61
N ASP F 600 36.81 14.19 8.76
CA ASP F 600 36.14 13.84 7.51
C ASP F 600 34.81 13.17 7.77
N SER F 601 34.62 12.57 8.94
CA SER F 601 33.32 12.10 9.35
C SER F 601 32.34 13.24 9.56
N ILE F 602 32.76 14.29 10.27
CA ILE F 602 31.93 15.44 10.60
C ILE F 602 32.82 16.65 10.81
N ALA F 603 32.39 17.79 10.27
CA ALA F 603 33.01 19.10 10.46
C ALA F 603 34.41 19.27 9.88
N PRO F 604 34.63 18.93 8.60
CA PRO F 604 35.93 19.26 8.01
C PRO F 604 36.07 20.75 7.73
N LYS F 605 34.99 21.43 7.39
CA LYS F 605 34.97 22.86 7.13
C LYS F 605 33.51 23.31 7.13
N ARG F 606 33.31 24.61 7.24
CA ARG F 606 32.04 25.22 6.89
C ARG F 606 31.89 25.36 5.37
N GLY F 607 30.65 25.29 4.91
CA GLY F 607 30.39 25.08 3.50
C GLY F 607 30.78 23.70 3.04
N HIS F 608 31.01 23.58 1.72
CA HIS F 608 31.28 22.30 1.08
C HIS F 608 30.25 21.24 1.48
N ASP F 609 28.96 21.60 1.37
CA ASP F 609 27.89 20.70 1.76
C ASP F 609 26.80 20.72 0.72
N SER F 610 25.96 19.68 0.76
CA SER F 610 24.81 19.57 -0.11
C SER F 610 23.60 19.11 0.69
N THR F 611 22.46 19.77 0.44
CA THR F 611 21.20 19.49 1.12
C THR F 611 21.23 19.61 2.65
N GLY F 612 22.36 20.05 3.21
CA GLY F 612 22.47 20.13 4.67
C GLY F 612 23.05 18.92 5.35
N VAL F 613 23.66 17.99 4.60
CA VAL F 613 24.15 16.74 5.18
C VAL F 613 25.09 16.98 6.36
N THR F 614 26.10 17.82 6.16
CA THR F 614 27.15 17.96 7.18
C THR F 614 26.95 19.13 8.14
N ASP F 615 26.72 20.33 7.64
CA ASP F 615 27.03 21.50 8.47
C ASP F 615 26.06 21.64 9.64
N ARG F 616 24.77 21.36 9.40
CA ARG F 616 23.85 21.31 10.53
C ARG F 616 24.18 20.19 11.51
N VAL F 617 24.70 19.05 11.04
CA VAL F 617 25.05 18.04 12.03
C VAL F 617 26.31 18.43 12.79
N VAL F 618 27.17 19.27 12.21
CA VAL F 618 28.21 19.94 13.00
C VAL F 618 27.59 20.75 14.13
N ASN F 619 26.56 21.54 13.80
CA ASN F 619 25.97 22.36 14.87
C ASN F 619 25.22 21.48 15.86
N GLN F 620 24.75 20.33 15.40
CA GLN F 620 24.25 19.31 16.32
C GLN F 620 25.34 18.91 17.29
N LEU F 621 26.53 18.58 16.80
CA LEU F 621 27.61 18.14 17.69
C LEU F 621 27.88 19.20 18.77
N LEU F 622 27.97 20.45 18.33
CA LEU F 622 28.21 21.56 19.27
C LEU F 622 27.09 21.70 20.29
N THR F 623 25.86 21.27 19.96
CA THR F 623 24.80 21.36 20.96
C THR F 623 24.64 20.08 21.79
N GLN F 624 25.00 18.92 21.26
CA GLN F 624 25.02 17.71 22.08
C GLN F 624 26.09 17.80 23.16
N MET F 625 27.22 18.44 22.87
CA MET F 625 28.29 18.51 23.86
C MET F 625 28.03 19.52 24.98
N ASP F 626 26.98 19.26 25.76
CA ASP F 626 26.72 20.06 26.96
C ASP F 626 25.78 19.33 27.90
N GLY F 627 25.78 19.80 29.15
CA GLY F 627 24.68 19.74 30.09
C GLY F 627 24.30 18.43 30.78
N ALA F 628 24.23 17.32 30.06
CA ALA F 628 23.54 16.14 30.60
C ALA F 628 24.21 14.85 30.13
N GLU F 629 25.54 14.83 30.12
CA GLU F 629 26.29 13.66 29.66
C GLU F 629 26.07 12.46 30.57
N GLY F 630 25.33 12.64 31.66
CA GLY F 630 25.15 11.60 32.66
C GLY F 630 26.36 11.46 33.58
N LEU F 631 27.46 10.95 33.02
CA LEU F 631 28.75 10.88 33.67
C LEU F 631 29.80 11.48 32.73
N ASP F 632 30.71 12.27 33.30
CA ASP F 632 31.82 12.80 32.51
C ASP F 632 32.71 11.70 31.94
N GLY F 633 32.64 10.49 32.48
CA GLY F 633 33.26 9.34 31.85
C GLY F 633 32.71 8.95 30.49
N VAL F 634 31.81 9.76 29.93
CA VAL F 634 31.69 9.80 28.48
C VAL F 634 33.03 10.12 27.85
N TYR F 635 33.81 10.98 28.49
CA TYR F 635 34.97 11.66 27.91
C TYR F 635 34.60 12.20 26.53
N ILE F 636 35.60 12.31 25.67
CA ILE F 636 35.47 12.59 24.24
C ILE F 636 36.62 11.88 23.54
N LEU F 637 36.44 11.58 22.25
CA LEU F 637 37.52 10.97 21.49
C LEU F 637 37.41 11.41 20.04
N ALA F 638 38.40 12.20 19.61
CA ALA F 638 38.74 12.39 18.22
C ALA F 638 40.19 11.94 18.02
N ALA F 639 40.50 11.40 16.84
CA ALA F 639 41.78 10.75 16.65
C ALA F 639 42.42 11.07 15.30
N THR F 640 41.81 11.97 14.52
CA THR F 640 42.17 12.30 13.14
C THR F 640 43.66 12.24 12.83
N SER F 641 44.00 11.64 11.70
CA SER F 641 45.24 11.97 10.99
C SER F 641 45.27 13.46 10.65
N ARG F 642 46.48 13.97 10.37
CA ARG F 642 46.66 15.21 9.61
C ARG F 642 45.70 16.34 10.01
N PRO F 643 45.92 16.92 11.17
CA PRO F 643 44.88 17.67 11.88
C PRO F 643 44.55 19.04 11.28
N ASP F 644 45.07 19.36 10.10
CA ASP F 644 44.43 20.41 9.32
C ASP F 644 43.07 19.93 8.80
N LEU F 645 42.38 20.84 8.10
CA LEU F 645 41.02 20.61 7.63
C LEU F 645 40.07 20.33 8.80
N ILE F 646 40.06 21.25 9.77
CA ILE F 646 39.03 21.28 10.80
C ILE F 646 38.37 22.64 10.83
N ASP F 647 39.18 23.69 11.03
CA ASP F 647 38.74 25.08 10.96
C ASP F 647 37.39 25.31 11.61
N SER F 648 37.19 24.76 12.81
CA SER F 648 35.87 24.74 13.42
C SER F 648 35.97 25.03 14.90
N ALA F 649 34.94 25.68 15.43
CA ALA F 649 34.94 26.21 16.79
C ALA F 649 35.09 25.13 17.85
N LEU F 650 34.79 23.87 17.54
CA LEU F 650 34.89 22.80 18.52
C LEU F 650 36.29 22.63 19.10
N LEU F 651 37.29 23.29 18.51
CA LEU F 651 38.62 23.39 19.12
C LEU F 651 38.64 24.23 20.39
N ARG F 652 37.54 24.90 20.71
CA ARG F 652 37.41 25.61 21.97
C ARG F 652 37.69 24.66 23.14
N PRO F 653 38.40 25.15 24.17
CA PRO F 653 38.81 24.26 25.28
C PRO F 653 37.68 23.49 25.94
N GLY F 654 36.51 24.10 26.08
CA GLY F 654 35.34 23.47 26.64
C GLY F 654 34.63 22.52 25.72
N ARG F 655 35.16 22.31 24.53
CA ARG F 655 34.57 21.40 23.56
C ARG F 655 35.47 20.23 23.21
N LEU F 656 36.78 20.43 23.10
CA LEU F 656 37.73 19.33 23.05
C LEU F 656 39.00 19.70 23.83
N ASP F 657 39.71 18.68 24.29
CA ASP F 657 40.94 18.87 25.06
C ASP F 657 42.10 19.33 24.16
N LYS F 658 43.24 19.52 24.82
CA LYS F 658 44.51 19.84 24.18
C LYS F 658 44.94 18.80 23.15
N SER F 659 45.53 19.30 22.07
CA SER F 659 46.05 18.48 20.99
C SER F 659 47.24 17.65 21.47
N VAL F 660 47.33 16.42 20.95
CA VAL F 660 48.50 15.57 21.18
C VAL F 660 48.81 14.81 19.89
N ILE F 661 50.10 14.66 19.61
CA ILE F 661 50.60 14.01 18.40
C ILE F 661 50.96 12.56 18.65
N CYS F 662 50.61 11.70 17.70
CA CYS F 662 51.21 10.39 17.53
C CYS F 662 52.10 10.43 16.29
N ASN F 663 53.32 9.93 16.41
CA ASN F 663 54.32 10.21 15.39
C ASN F 663 55.20 9.00 15.15
N ILE F 664 55.84 8.98 13.99
CA ILE F 664 56.89 8.02 13.65
C ILE F 664 58.14 8.33 14.45
N PRO F 665 58.55 7.47 15.36
CA PRO F 665 59.73 7.73 16.19
C PRO F 665 61.01 7.38 15.44
N THR F 666 62.12 7.51 16.15
CA THR F 666 63.31 6.76 15.79
C THR F 666 63.06 5.26 15.92
N GLU F 667 63.96 4.49 15.32
CA GLU F 667 63.81 3.04 15.25
C GLU F 667 63.74 2.40 16.63
N SER F 668 64.31 3.06 17.65
CA SER F 668 64.73 2.38 18.87
C SER F 668 63.61 1.60 19.53
N GLU F 669 62.39 2.15 19.53
CA GLU F 669 61.26 1.44 20.12
C GLU F 669 60.84 0.20 19.33
N ARG F 670 61.36 0.01 18.12
CA ARG F 670 61.04 -1.20 17.37
C ARG F 670 61.44 -2.47 18.11
N LEU F 671 62.51 -2.45 18.90
CA LEU F 671 62.84 -3.63 19.69
C LEU F 671 61.73 -3.98 20.67
N ASP F 672 61.18 -2.97 21.36
CA ASP F 672 60.05 -3.20 22.24
C ASP F 672 58.85 -3.71 21.48
N ILE F 673 58.55 -3.06 20.34
CA ILE F 673 57.45 -3.49 19.50
C ILE F 673 57.60 -4.95 19.09
N LEU F 674 58.80 -5.32 18.61
CA LEU F 674 59.06 -6.67 18.14
C LEU F 674 58.91 -7.68 19.26
N GLN F 675 59.50 -7.41 20.42
CA GLN F 675 59.42 -8.37 21.52
C GLN F 675 57.98 -8.52 22.02
N ALA F 676 57.23 -7.43 22.10
CA ALA F 676 55.82 -7.52 22.43
C ALA F 676 55.06 -8.38 21.43
N ILE F 677 55.18 -8.06 20.14
CA ILE F 677 54.52 -8.85 19.09
C ILE F 677 54.91 -10.31 19.16
N VAL F 678 56.17 -10.60 19.50
CA VAL F 678 56.60 -11.99 19.67
C VAL F 678 55.93 -12.64 20.87
N ASN F 679 55.80 -11.92 21.98
CA ASN F 679 55.51 -12.57 23.25
C ASN F 679 54.19 -12.16 23.91
N SER F 680 53.50 -11.14 23.42
CA SER F 680 52.36 -10.62 24.17
C SER F 680 51.14 -11.53 24.00
N LYS F 681 50.86 -11.95 22.77
CA LYS F 681 49.64 -12.69 22.48
C LYS F 681 49.75 -14.11 23.03
N ASP F 682 48.92 -14.41 24.03
CA ASP F 682 49.07 -15.64 24.79
C ASP F 682 47.68 -16.23 25.04
N LYS F 683 47.65 -17.53 25.26
CA LYS F 683 46.42 -18.27 25.55
C LYS F 683 46.57 -19.01 26.86
N ASP F 684 46.95 -18.26 27.91
CA ASP F 684 47.31 -18.82 29.22
C ASP F 684 48.34 -19.94 29.07
N THR F 685 49.23 -19.76 28.10
CA THR F 685 50.10 -20.83 27.64
C THR F 685 51.57 -20.44 27.65
N GLY F 686 51.87 -19.14 27.67
CA GLY F 686 53.21 -18.64 27.45
C GLY F 686 53.68 -18.82 26.02
N GLN F 687 52.75 -18.92 25.08
CA GLN F 687 53.09 -19.13 23.69
C GLN F 687 53.75 -17.87 23.11
N LYS F 688 54.43 -18.05 21.98
CA LYS F 688 54.96 -16.96 21.18
C LYS F 688 54.29 -17.01 19.81
N LYS F 689 54.00 -15.84 19.23
CA LYS F 689 53.54 -15.83 17.85
C LYS F 689 54.62 -16.32 16.91
N PHE F 690 55.87 -15.89 17.13
CA PHE F 690 57.02 -16.25 16.30
C PHE F 690 58.13 -16.70 17.24
N ALA F 691 58.01 -17.92 17.75
CA ALA F 691 58.95 -18.40 18.76
C ALA F 691 60.37 -18.44 18.22
N LEU F 692 61.32 -18.10 19.09
CA LEU F 692 62.73 -18.24 18.77
C LEU F 692 63.51 -18.25 20.07
N GLU F 693 64.76 -18.70 19.97
CA GLU F 693 65.82 -18.27 20.87
C GLU F 693 66.72 -17.28 20.13
N LYS F 694 66.99 -16.14 20.76
CA LYS F 694 67.75 -15.08 20.13
C LYS F 694 69.12 -15.55 19.67
N ASN F 695 69.33 -15.59 18.35
CA ASN F 695 70.64 -15.96 17.82
C ASN F 695 71.68 -14.88 18.09
N ALA F 696 71.24 -13.63 18.13
CA ALA F 696 72.09 -12.50 18.51
C ALA F 696 71.18 -11.36 18.93
N ASP F 697 71.79 -10.30 19.48
CA ASP F 697 71.06 -9.07 19.71
C ASP F 697 70.51 -8.50 18.40
N LEU F 698 69.53 -7.61 18.54
CA LEU F 698 68.88 -7.01 17.37
C LEU F 698 69.83 -6.23 16.49
N LYS F 699 70.94 -5.74 17.04
CA LYS F 699 71.97 -5.01 16.31
C LYS F 699 71.40 -3.97 15.35
N LEU F 700 71.49 -4.21 14.04
CA LEU F 700 70.99 -3.27 13.06
C LEU F 700 69.48 -3.10 13.12
N ILE F 701 68.77 -4.09 13.64
CA ILE F 701 67.31 -4.10 13.60
C ILE F 701 66.75 -3.03 14.53
N ALA F 702 67.37 -2.87 15.70
CA ALA F 702 66.87 -1.91 16.69
C ALA F 702 67.10 -0.47 16.27
N GLU F 703 68.18 -0.17 15.53
CA GLU F 703 68.65 1.20 15.43
C GLU F 703 69.04 1.65 14.04
N LYS F 704 69.05 0.77 13.03
CA LYS F 704 69.64 1.16 11.75
C LYS F 704 69.02 0.41 10.57
N THR F 705 67.80 -0.11 10.71
CA THR F 705 67.40 -1.27 9.91
C THR F 705 67.15 -0.91 8.45
N ALA F 706 66.78 0.34 8.17
CA ALA F 706 66.59 0.80 6.80
C ALA F 706 66.60 2.32 6.79
N GLY F 707 66.34 2.89 5.62
CA GLY F 707 66.10 4.33 5.53
C GLY F 707 64.91 4.75 6.37
N PHE F 708 63.89 3.90 6.43
CA PHE F 708 62.91 3.90 7.52
C PHE F 708 62.18 5.23 7.64
N SER F 709 62.08 5.98 6.55
CA SER F 709 61.37 7.26 6.57
C SER F 709 59.89 7.05 6.86
N GLY F 710 59.24 6.21 6.06
CA GLY F 710 58.02 5.55 6.51
C GLY F 710 58.34 4.33 7.36
N ALA F 711 57.44 4.05 8.30
CA ALA F 711 57.61 2.87 9.14
C ALA F 711 57.43 1.62 8.31
N ASP F 712 58.16 0.57 8.70
CA ASP F 712 57.99 -0.75 8.10
C ASP F 712 56.87 -1.55 8.73
N LEU F 713 56.16 -0.99 9.72
CA LEU F 713 54.85 -1.45 10.14
C LEU F 713 54.89 -2.91 10.59
N GLN F 714 53.75 -3.60 10.57
CA GLN F 714 53.72 -5.06 10.67
C GLN F 714 54.47 -5.74 9.54
N GLY F 715 54.70 -5.05 8.42
CA GLY F 715 55.43 -5.62 7.30
C GLY F 715 56.88 -5.92 7.60
N LEU F 716 57.38 -5.52 8.76
CA LEU F 716 58.65 -6.03 9.24
C LEU F 716 58.57 -7.49 9.68
N CYS F 717 57.40 -7.96 10.11
CA CYS F 717 57.20 -9.34 10.53
C CYS F 717 56.39 -10.19 9.56
N TYR F 718 55.31 -9.64 9.02
CA TYR F 718 54.52 -10.33 8.01
C TYR F 718 55.33 -10.60 6.74
N ASN F 719 55.01 -11.72 6.10
CA ASN F 719 55.80 -12.38 5.05
C ASN F 719 57.19 -12.84 5.50
N ALA F 720 57.88 -12.02 6.30
CA ALA F 720 59.14 -12.46 6.87
C ALA F 720 58.95 -13.70 7.74
N TYR F 721 57.81 -13.78 8.42
CA TYR F 721 57.38 -15.01 9.09
C TYR F 721 57.40 -16.22 8.16
N LEU F 722 56.75 -16.11 6.99
CA LEU F 722 56.75 -17.24 6.06
C LEU F 722 58.14 -17.54 5.52
N LYS F 723 58.95 -16.50 5.29
CA LYS F 723 60.36 -16.72 4.95
C LYS F 723 61.08 -17.54 6.02
N SER F 724 60.88 -17.19 7.29
CA SER F 724 61.46 -17.95 8.39
C SER F 724 60.91 -19.37 8.48
N VAL F 725 59.63 -19.55 8.14
CA VAL F 725 59.04 -20.88 8.07
C VAL F 725 59.64 -21.71 6.95
N HIS F 726 59.99 -21.08 5.83
CA HIS F 726 60.57 -21.81 4.71
C HIS F 726 61.84 -22.56 5.10
N ARG F 727 62.70 -21.92 5.90
CA ARG F 727 63.91 -22.55 6.44
C ARG F 727 63.60 -23.64 7.47
N TRP F 728 62.33 -23.96 7.67
CA TRP F 728 61.95 -25.04 8.56
C TRP F 728 61.02 -26.06 7.93
N LEU F 729 60.32 -25.69 6.86
CA LEU F 729 59.34 -26.53 6.18
C LEU F 729 59.72 -26.92 4.77
N SER F 730 60.35 -26.05 3.99
CA SER F 730 60.64 -26.34 2.59
C SER F 730 62.06 -26.82 2.36
N ALA F 731 63.04 -26.19 3.01
CA ALA F 731 64.43 -26.60 2.85
C ALA F 731 64.64 -28.04 3.32
N ALA F 732 65.67 -28.67 2.74
CA ALA F 732 65.96 -30.08 2.94
C ALA F 732 64.79 -31.00 2.63
N ASP F 733 64.33 -31.77 3.63
CA ASP F 733 63.47 -32.93 3.44
C ASP F 733 62.33 -32.71 2.45
N GLN F 734 61.50 -31.70 2.69
CA GLN F 734 60.33 -31.48 1.84
C GLN F 734 60.73 -31.15 0.40
N SER F 735 61.92 -30.57 0.20
CA SER F 735 62.43 -30.36 -1.15
C SER F 735 63.05 -31.60 -1.76
N GLU F 736 63.20 -32.67 -0.99
CA GLU F 736 63.93 -33.86 -1.42
C GLU F 736 63.10 -35.13 -1.36
N VAL F 737 62.16 -35.22 -0.42
CA VAL F 737 61.45 -36.48 -0.15
C VAL F 737 60.14 -36.11 0.53
N VAL F 738 59.23 -37.07 0.66
CA VAL F 738 58.10 -36.95 1.58
C VAL F 738 58.51 -37.54 2.94
N PRO F 739 58.83 -36.70 3.92
CA PRO F 739 59.13 -37.22 5.26
C PRO F 739 57.89 -37.76 5.94
N GLY F 740 58.10 -38.76 6.79
CA GLY F 740 57.00 -39.38 7.51
C GLY F 740 57.51 -40.52 8.36
N ASN F 741 56.62 -41.01 9.22
CA ASN F 741 56.93 -42.08 10.14
C ASN F 741 55.67 -42.86 10.48
N ASP F 742 55.87 -44.11 10.93
CA ASP F 742 54.77 -45.00 11.28
C ASP F 742 53.84 -45.29 10.12
N ASN F 743 52.75 -46.03 10.41
CA ASN F 743 51.74 -46.46 9.45
C ASN F 743 52.33 -47.42 8.41
N ILE F 744 51.59 -47.67 7.33
CA ILE F 744 51.98 -48.66 6.32
C ILE F 744 53.39 -48.42 5.80
N GLU F 745 53.76 -47.15 5.62
CA GLU F 745 55.11 -46.75 5.21
C GLU F 745 55.50 -47.31 3.84
N TYR F 746 56.58 -46.79 3.27
CA TYR F 746 57.25 -47.41 2.14
C TYR F 746 57.88 -48.75 2.51
N PHE F 747 57.93 -49.67 1.54
CA PHE F 747 58.66 -50.91 1.69
C PHE F 747 59.24 -51.31 0.34
N SER F 748 60.39 -52.00 0.40
CA SER F 748 61.06 -52.58 -0.78
C SER F 748 60.35 -53.85 -1.24
N ILE F 749 59.20 -53.66 -1.91
CA ILE F 749 58.32 -54.78 -2.22
C ILE F 749 59.02 -55.80 -3.12
N ASN F 750 59.85 -55.32 -4.06
CA ASN F 750 60.69 -56.17 -4.92
C ASN F 750 59.91 -57.31 -5.58
N GLU F 751 58.62 -57.09 -5.84
CA GLU F 751 57.77 -58.18 -6.31
C GLU F 751 58.09 -58.57 -7.74
N HIS F 752 58.27 -57.60 -8.63
CA HIS F 752 58.58 -57.88 -10.02
C HIS F 752 59.24 -56.65 -10.64
N GLY F 753 59.91 -56.86 -11.77
CA GLY F 753 60.46 -55.74 -12.50
C GLY F 753 59.40 -54.73 -12.88
N ARG F 754 59.82 -53.45 -12.90
CA ARG F 754 58.87 -52.35 -13.01
C ARG F 754 58.25 -52.24 -14.40
N ARG F 755 58.95 -52.68 -15.46
CA ARG F 755 58.48 -52.31 -16.79
C ARG F 755 58.71 -53.41 -17.84
N GLU F 756 58.96 -54.65 -17.42
CA GLU F 756 59.47 -55.65 -18.35
C GLU F 756 58.39 -56.16 -19.29
N GLU F 757 57.30 -56.70 -18.73
CA GLU F 757 56.22 -57.19 -19.58
C GLU F 757 55.41 -56.04 -20.18
N ASN F 758 55.30 -54.93 -19.46
CA ASN F 758 54.67 -53.72 -19.97
C ASN F 758 55.16 -52.53 -19.14
N ARG F 759 54.92 -51.33 -19.66
CA ARG F 759 55.38 -50.10 -19.03
C ARG F 759 54.56 -49.70 -17.78
N LEU F 760 53.74 -50.59 -17.20
CA LEU F 760 52.78 -50.20 -16.18
C LEU F 760 52.73 -51.19 -15.02
N ARG F 761 53.71 -52.11 -14.92
CA ARG F 761 53.73 -53.08 -13.83
C ARG F 761 53.81 -52.40 -12.47
N LEU F 762 54.67 -51.39 -12.33
CA LEU F 762 54.83 -50.67 -11.07
C LEU F 762 53.52 -50.24 -10.44
N LYS F 763 53.47 -50.31 -9.11
CA LYS F 763 52.32 -49.96 -8.25
C LYS F 763 50.99 -50.56 -8.71
N THR F 764 51.02 -51.69 -9.42
CA THR F 764 49.76 -52.34 -9.77
C THR F 764 49.03 -52.87 -8.53
N LEU F 765 49.78 -53.44 -7.58
CA LEU F 765 49.20 -53.95 -6.34
C LEU F 765 48.84 -52.83 -5.36
N LEU F 766 47.77 -53.06 -4.60
CA LEU F 766 47.29 -52.10 -3.61
C LEU F 766 47.87 -52.38 -2.22
N GLN F 767 47.72 -51.38 -1.34
CA GLN F 767 48.18 -51.47 0.04
C GLN F 767 47.35 -52.47 0.85
N GLN F 768 47.95 -52.93 1.96
CA GLN F 768 47.43 -54.06 2.74
C GLN F 768 46.25 -53.67 3.61
N ASP F 769 46.31 -52.54 4.31
CA ASP F 769 45.26 -52.15 5.25
C ASP F 769 45.16 -50.64 5.35
N VAL F 770 43.94 -50.17 5.68
CA VAL F 770 43.72 -48.78 6.05
C VAL F 770 44.15 -48.53 7.49
N VAL F 771 44.67 -47.31 7.73
CA VAL F 771 45.15 -46.92 9.05
C VAL F 771 43.97 -46.75 10.02
N HIS F 772 44.17 -47.19 11.26
CA HIS F 772 43.17 -46.97 12.31
C HIS F 772 43.19 -45.52 12.80
N GLU F 773 44.27 -45.13 13.46
CA GLU F 773 44.45 -43.75 13.91
C GLU F 773 45.92 -43.52 14.22
N THR F 774 46.29 -42.24 14.37
CA THR F 774 47.65 -41.87 14.73
C THR F 774 47.62 -40.54 15.47
N LYS F 775 48.60 -40.35 16.36
CA LYS F 775 48.66 -39.21 17.28
C LYS F 775 50.03 -38.57 17.19
N THR F 776 50.06 -37.23 17.09
CA THR F 776 51.31 -36.47 17.03
C THR F 776 50.98 -35.00 17.27
N SER F 777 51.84 -34.32 18.02
CA SER F 777 51.64 -32.91 18.33
C SER F 777 51.78 -32.04 17.08
N THR F 778 51.04 -30.94 17.07
CA THR F 778 50.99 -30.06 15.89
C THR F 778 52.23 -29.17 15.75
N SER F 779 52.85 -28.74 16.86
CA SER F 779 54.01 -27.87 16.77
C SER F 779 54.88 -28.03 18.01
N ALA F 780 56.16 -27.71 17.86
CA ALA F 780 57.07 -27.62 19.00
C ALA F 780 58.25 -26.73 18.62
N ALA F 781 59.04 -26.38 19.64
CA ALA F 781 60.37 -25.81 19.39
C ALA F 781 61.24 -26.72 18.55
N SER F 782 60.98 -28.02 18.58
CA SER F 782 61.70 -28.99 17.75
C SER F 782 61.25 -29.01 16.30
N GLU F 783 60.00 -28.66 16.00
CA GLU F 783 59.49 -28.84 14.65
C GLU F 783 58.41 -27.81 14.35
N LEU F 784 58.35 -27.41 13.07
CA LEU F 784 57.26 -26.62 12.51
C LEU F 784 57.12 -25.22 13.11
N THR F 785 57.87 -24.89 14.16
CA THR F 785 57.85 -23.52 14.67
C THR F 785 58.63 -22.58 13.74
N ALA F 786 58.51 -21.28 14.05
CA ALA F 786 58.95 -20.21 13.15
C ALA F 786 60.47 -20.07 13.07
N VAL F 787 61.20 -20.45 14.12
CA VAL F 787 62.67 -20.46 14.18
C VAL F 787 63.25 -19.15 13.65
N VAL F 788 62.74 -18.03 14.16
CA VAL F 788 63.13 -16.71 13.66
C VAL F 788 64.62 -16.48 13.88
N THR F 789 65.25 -15.75 12.94
CA THR F 789 66.67 -15.43 13.03
C THR F 789 66.90 -13.98 12.62
N ILE F 790 68.05 -13.46 13.06
CA ILE F 790 68.48 -12.10 12.72
C ILE F 790 68.65 -11.92 11.21
N ASN F 791 69.14 -12.95 10.52
CA ASN F 791 69.30 -12.85 9.07
C ASN F 791 67.98 -12.93 8.30
N ASP F 792 66.95 -13.55 8.88
CA ASP F 792 65.62 -13.41 8.30
C ASP F 792 65.11 -11.98 8.43
N LEU F 793 65.38 -11.32 9.56
CA LEU F 793 65.03 -9.91 9.66
C LEU F 793 65.91 -9.03 8.78
N LEU F 794 67.15 -9.44 8.52
CA LEU F 794 67.98 -8.77 7.52
C LEU F 794 67.36 -8.84 6.13
N GLU F 795 66.86 -10.02 5.74
CA GLU F 795 66.11 -10.13 4.50
C GLU F 795 64.84 -9.28 4.52
N ALA F 796 64.12 -9.31 5.65
CA ALA F 796 62.90 -8.52 5.79
C ALA F 796 63.17 -7.03 5.59
N CYS F 797 64.25 -6.51 6.19
CA CYS F 797 64.55 -5.09 6.06
C CYS F 797 65.20 -4.76 4.72
N GLN F 798 65.84 -5.72 4.08
CA GLN F 798 66.18 -5.55 2.67
C GLN F 798 64.92 -5.37 1.82
N GLU F 799 63.86 -6.12 2.13
CA GLU F 799 62.55 -5.91 1.52
C GLU F 799 61.71 -4.87 2.27
N THR F 800 62.31 -3.70 2.56
CA THR F 800 61.56 -2.62 3.18
C THR F 800 60.51 -2.04 2.22
N LYS F 801 59.36 -1.67 2.79
CA LYS F 801 58.30 -0.91 2.10
C LYS F 801 57.83 0.21 3.01
N PRO F 802 58.53 1.34 3.01
CA PRO F 802 58.12 2.45 3.90
C PRO F 802 56.74 2.99 3.54
N SER F 803 55.90 3.12 4.57
CA SER F 803 54.51 3.50 4.38
C SER F 803 54.34 4.87 3.73
N ILE F 804 55.27 5.80 3.97
CA ILE F 804 55.20 7.13 3.41
C ILE F 804 56.61 7.57 3.00
N SER F 805 56.66 8.71 2.29
CA SER F 805 57.93 9.30 1.89
C SER F 805 57.95 10.79 2.23
N THR F 806 59.17 11.34 2.24
CA THR F 806 59.42 12.72 2.64
C THR F 806 58.67 13.71 1.76
N SER F 807 58.37 13.32 0.51
CA SER F 807 57.52 14.14 -0.35
C SER F 807 56.13 14.35 0.23
N GLU F 808 55.65 13.44 1.07
CA GLU F 808 54.48 13.76 1.86
C GLU F 808 54.83 14.42 3.19
N LEU F 809 55.80 13.88 3.92
CA LEU F 809 56.10 14.40 5.25
C LEU F 809 56.53 15.86 5.24
N VAL F 810 57.14 16.33 4.14
CA VAL F 810 57.43 17.76 4.03
C VAL F 810 56.16 18.59 4.09
N LYS F 811 55.06 18.07 3.56
CA LYS F 811 53.77 18.74 3.69
C LYS F 811 53.13 18.45 5.04
N LEU F 812 53.13 17.18 5.45
CA LEU F 812 52.49 16.78 6.70
C LEU F 812 53.18 17.39 7.92
N ARG F 813 54.51 17.53 7.89
CA ARG F 813 55.21 18.22 8.97
C ARG F 813 54.68 19.63 9.17
N GLY F 814 54.48 20.37 8.08
CA GLY F 814 53.82 21.66 8.20
C GLY F 814 52.45 21.54 8.82
N ILE F 815 51.65 20.60 8.32
CA ILE F 815 50.32 20.35 8.86
C ILE F 815 50.39 19.98 10.34
N TYR F 816 51.42 19.24 10.74
CA TYR F 816 51.61 18.96 12.16
C TYR F 816 51.95 20.22 12.96
N ASP F 817 53.06 20.88 12.64
CA ASP F 817 53.53 21.94 13.53
C ASP F 817 52.59 23.14 13.54
N ARG F 818 52.01 23.48 12.38
CA ARG F 818 51.08 24.60 12.30
C ARG F 818 49.79 24.36 13.07
N PHE F 819 49.56 23.12 13.52
CA PHE F 819 48.33 22.81 14.24
C PHE F 819 48.31 23.38 15.66
N GLN F 820 49.47 23.77 16.20
CA GLN F 820 49.51 24.30 17.55
C GLN F 820 50.45 25.49 17.63
N LYS F 821 50.21 26.33 18.63
CA LYS F 821 50.72 27.70 18.72
C LYS F 821 50.22 28.56 17.57
N ASP F 822 50.39 28.10 16.34
CA ASP F 822 49.52 28.48 15.24
C ASP F 822 48.16 27.78 15.36
N ARG F 823 47.19 28.31 14.64
CA ARG F 823 45.86 27.71 14.53
C ARG F 823 45.91 26.41 13.73
N UNK G 1 10.90 4.33 0.38
CA UNK G 1 11.43 5.31 -0.57
C UNK G 1 12.45 4.66 -1.50
N UNK G 2 12.68 5.30 -2.64
CA UNK G 2 13.68 4.85 -3.60
C UNK G 2 14.49 6.06 -4.06
N UNK G 3 15.78 5.80 -4.32
CA UNK G 3 16.73 6.88 -4.51
C UNK G 3 16.44 7.67 -5.78
N UNK G 4 16.66 8.98 -5.70
CA UNK G 4 16.63 9.84 -6.86
C UNK G 4 17.66 10.94 -6.64
N UNK G 5 18.15 11.52 -7.74
CA UNK G 5 19.27 12.44 -7.65
C UNK G 5 19.13 13.57 -8.64
N UNK G 6 19.75 14.70 -8.29
CA UNK G 6 19.99 15.81 -9.19
C UNK G 6 21.31 16.43 -8.77
N UNK G 7 22.06 16.94 -9.73
CA UNK G 7 23.39 17.45 -9.39
C UNK G 7 23.77 18.64 -10.25
N UNK G 8 24.38 19.62 -9.61
CA UNK G 8 25.04 20.77 -10.22
C UNK G 8 25.75 21.54 -9.11
N UNK G 9 26.99 21.93 -9.38
CA UNK G 9 27.67 22.91 -8.53
C UNK G 9 28.84 23.51 -9.28
#